data_8GN1
#
_entry.id   8GN1
#
_cell.length_a   122.185
_cell.length_b   228.462
_cell.length_c   286.626
_cell.angle_alpha   90.000
_cell.angle_beta   90.000
_cell.angle_gamma   90.000
#
_symmetry.space_group_name_H-M   'P 21 21 21'
#
loop_
_entity.id
_entity.type
_entity.pdbx_description
1 polymer 'Photosystem II protein D1'
2 polymer 'Photosystem II CP47 reaction center protein'
3 polymer 'Photosystem II CP43 reaction center protein'
4 polymer 'Photosystem II D2 protein'
5 polymer 'Cytochrome b559 subunit alpha'
6 polymer 'Cytochrome b559 subunit beta'
7 polymer 'Photosystem II reaction center protein H'
8 polymer 'Photosystem II reaction center protein I'
9 polymer 'Photosystem II reaction center protein J'
10 polymer 'Photosystem II reaction center protein K'
11 polymer 'Photosystem II reaction center protein L'
12 polymer 'Photosystem II reaction center protein M'
13 polymer 'Photosystem II manganese-stabilizing polypeptide'
14 polymer 'Photosystem II reaction center protein T'
15 polymer 'Photosystem II 12 kDa extrinsic protein'
16 polymer 'Cytochrome c-550'
17 polymer 'Photosystem II reaction center protein Ycf12'
18 polymer 'Photosystem II reaction center protein X'
19 polymer 'Photosystem II reaction center protein Z'
20 polymer 'Photosystem II protein Y'
21 non-polymer 'CA-MN4-O5 CLUSTER'
22 non-polymer 'FE (II) ION'
23 non-polymer 'CHLORIDE ION'
24 non-polymer 'CHLOROPHYLL A'
25 non-polymer 'PHEOPHYTIN A'
26 non-polymer BETA-CAROTENE
27 non-polymer 1,2-DI-O-ACYL-3-O-[6-DEOXY-6-SULFO-ALPHA-D-GLUCOPYRANOSYL]-SN-GLYCEROL
28 non-polymer 1,2-DISTEAROYL-MONOGALACTOSYL-DIGLYCERIDE
29 non-polymer DODECYL-BETA-D-MALTOSIDE
30 non-polymer 'UNKNOWN LIGAND'
31 non-polymer 2,3-DIMETHYL-5-(3,7,11,15,19,23,27,31,35-NONAMETHYL-2,6,10,14,18,22,26,30,34-HEXATRIACONTANONAENYL-2,5-CYCLOHEXADIENE-1,4-DIONE-2,3-DIMETHYL-5-SOLANESYL-1,4-BENZOQUINONE
32 non-polymer 2,5-bis(bromanyl)cyclohexa-2,5-diene-1,4-dione
33 non-polymer 'BICARBONATE ION'
34 non-polymer 'DIMETHYL SULFOXIDE'
35 non-polymer 'CALCIUM ION'
36 non-polymer 'heptyl 1-thio-beta-D-glucopyranoside'
37 non-polymer GLYCEROL
38 non-polymer 'DIGALACTOSYL DIACYL GLYCEROL (DGDG)'
39 non-polymer 1,2-DIPALMITOYL-PHOSPHATIDYL-GLYCEROLE
40 non-polymer 'PROTOPORPHYRIN IX CONTAINING FE'
41 non-polymer (3R)-beta,beta-caroten-3-ol
42 non-polymer 'MAGNESIUM ION'
43 non-polymer 'HEME C'
44 water water
#
loop_
_entity_poly.entity_id
_entity_poly.type
_entity_poly.pdbx_seq_one_letter_code
_entity_poly.pdbx_strand_id
1 'polypeptide(L)'
;MTTTLQRRESANLWERFCNWVTSTDNRLYVGWFGVIMIPTLLAATICFVIAFIAAPPVDIDGIREPVSGSLLYGNNIITG
AVVPSSNAIGLHFYPIWEAASLDEWLYNGGPYQLIIFHFLLGASCYMGRQWELSYRLGMRPWICVAYSAPLASAFAVFLI
YPIGQGSFSDGMPLGISGTFNFMIVFQAEHNILMHPFHQLGVAGVFGGALFCAMHGSLVTSSLIRETTETESANYGYKFG
QEEETYNIVAAHGYFGRLIFQYASFNNSRSLHFFLAAWPVVGVWFAALGISTMAFNLNGFNFNHSVIDAKGNVINTWADI
INRANLGMEVMHERNAHNFPLDLA
;
A,a
2 'polypeptide(L)'
;GLPWYRVHTVLINDPGRLIAAHLMHTALVAGWAGSMALYELATFDPSDPVLNPMWRQGMFVLPFMARLGVTGSWSGWSIT
GETGIDPGFWSFEGVALAHIVLSGLLFLAACWHWVYWDLELFRDPRTGEPALDLPKMFGIHLFLAGLLCFGFGAFHLTGL
FGPGMWVSDPYGLTGSVQPVAPEWGPDGFNPYNPGGVVAHHIAAGIVGIIAGLFHILVRPPQRLYKALRMGNIETVLSSS
IAAVFFAAFVVAGTMWYGSATTPIELFGPTRYQWDSSYFQQEINRRVQASLASGATLEEAWSAIPEKLAFYDYIGNNPAK
GGLFRTGPMNKGDGIAQAWKGHAVFRNKEGEELFVRRMPAFFESFPVILTDKNGVVKADIPFRRAESKYSFEQQGVTVSF
YGGELNGQTFTDPPTVKSYARKAIFGEIFEFDTETLNSDGIFRTSPRGWFTFAHAVFALLFFFGHIWHGARTLFRDVFSG
IDPELSPEQVEWGFYQKVGDVTTRK
;
B,b
3 'polypeptide(L)'
;NSIFATNRDQESSGFAWWAGNARLINLSGKLLGAHVAHAGLIVFWAGAMTLFELAHFIPEKPMYEQGLILIPHIATLGWG
VGPGGEVVDTFPFFVVGVVHLISSAVLGFGGVYHAIRGPETLEEYSSFFGYDWKDKNKMTTILGFHLIVLGIGALLLVAK
AMFFGGLYDTWAPGGGDVRVITNPTLDPRVIFGYLLKSPFGGEGWIVSVNNLEDVVGGHIWIGLICIAGGIWHILTTPFG
WARRAFIWSGEAYLSYSLGALSMMGFIATCFVWFNNTVYPSEFYGPTGPEASQAQAMTFLIRDQKLGANVGSAQGPTGLG
KYLMRSPTGEIIFGGETMRFWDFRGPWLEPLRGPNGLDLNKIKNDIQPWQERRAAEYMTHAPLGSLNSVGGVATEINSVN
FVSPRSWLATSHFVLAFFFLVGHLWHAGRARAAAAGFEKGIDRESEPVLSMPSLD
;
C,c
4 'polypeptide(L)'
;ERGWFDILDDWLKRDRFVFVGWSGILLFPCAYLALGGWLTGTTFVTSWYTHGLASSYLEGCNFLTVAVSTPANSMGHSLL
LLWGPEAQGDFTRWCQLGGLWTFIALHGAFGLIGFMLRQFEIARLVGVRPYNAIAFSAPIAVFVSVFLIYPLGQSSWFFA
PSFGVAAIFRFLLFFQGFHNWTLNPFHMMGVAGVLGGALLCAIHGATVENTLFQDGEGASTFRAFNPTQAEETYSMVTAN
RFWSQIFGIAFSNKRWLHFFMLFVPVTGLWMSAIGVVGLALNLRSYDFISQEIRAAEDPEFETFYTKNLLLNEGIRAWMA
PQDQP(HSK)ENFVFPEEVLPRGNAL
;
D,d
5 'polypeptide(L)'
;AGTTGERPFSDIITSVRYWVIHSITIPALFIAGWLFVSTGLAYDVFGTPRPDSYYAQEQRSIPLVTDRFEAKQQVETFLE
QLK
;
E,e
6 'polypeptide(L)' TSNTPNQEPVSYPIFTVRWVAVHTLAVPTIFFLGAIAAMQFIQR F,f
7 'polypeptide(L)' ARRTWLGDILRPLNSEYGKVAPGWGTTPLMAVFMGLFLVFLLIILEIYNSTLILDGVNVSWKA H,h
8 'polypeptide(L)' (FME)ETLKITVYIVVTFFVLLFVFGFLSGDPARNPKRKDLE I,i
9 'polypeptide(L)' MMSEGGRIPLWIVATVAGMGVIVIVGLFFYGAYAGLGSSL J,j
10 'polypeptide(L)' KLPEAYAIFDPLVDVLPVIPVLFLALAFVWQAAVGFR K,k
11 'polypeptide(L)' MEPNPNRQPVELNRTSLYLGLLLILVLALLFSSYFFN L,l
12 'polypeptide(L)' (FME)EVNQLGLIATALFVLVPSVFLIILYVQTESQQKSS M,m
13 'polypeptide(L)'
;QTLTYDDIVGTGLANKCPTLDDTARGAYPIDSSQTYRIARLCLQPTTFLVKEEPKNKRQEAEFVPTKLVTRETTSLDQIQ
GELKVNSDGSLTFVEEDGIDFQPVTVQMAGGERIPLLFTVKNLVASTQPNVTSITTSTDFKGEFNVPSYRTANFLDPKGR
GLASGYDSAIALPQAKEEELARANVKRFSLTKGQISLNVAKVDGRTGEIAGTFESEQLSDDDMGAHEPHEVKIQGVFYAS
IEPA
;
O,o
14 'polypeptide(L)' (FME)ETITYVFIFACIIALFFFAIFFREPPRITKK T,t
15 'polypeptide(L)'
;ATASTEEELVNVVDEKLGTAYGEKIDLNNTNIAAFIQYRGLYPTLAKLIVKNAPYESVEDVLNIPGLTERQKQILRENLE
HFTVTEVETALVEGGDRYNNGLYK
;
U,u
16 'polypeptide(L)'
;AELTPEVLTVPLNSEGKTITLTEKQYLEGKRLFQYACASCHVGGITKTNPSLDLRTETLALATPPRDNIEGLVDYMKNPT
TYDGEQEIAEVHPSLRSADIFPKMRNLTEKDLVAIAGHILVEPKILGDKWGGGKVYY
;
V,v
17 'polypeptide(L)' EVIAQLTMIAMIGIAGPMIIFLLAVRRGNL Y,y
18 'polypeptide(L)' TITPSLKGFFIGLLSGAVVLGLTFAVLIAISQIDKVQRSL X,x
19 'polypeptide(L)' (FME)TILFQLALAALVILSFVMVIGVPVAYASPQDWDRSKQLIFLGSGLWIALVLVVGVLNFFVV Z,z
20 'polypeptide(L)' MDWRVLVVLLPVLLAAGWAVRNILPYAVKQVQKLLQKAKAA R
#
# COMPACT_ATOMS: atom_id res chain seq x y z
N ALA A 11 56.86 -19.21 -18.09
CA ALA A 11 56.68 -19.54 -16.68
C ALA A 11 56.87 -18.31 -15.81
N ASN A 12 57.40 -17.23 -16.39
CA ASN A 12 57.54 -15.98 -15.67
C ASN A 12 56.16 -15.34 -15.50
N LEU A 13 56.02 -14.57 -14.42
CA LEU A 13 54.71 -14.06 -14.02
C LEU A 13 54.06 -13.20 -15.12
N TRP A 14 54.83 -12.29 -15.73
CA TRP A 14 54.26 -11.46 -16.80
C TRP A 14 53.83 -12.30 -18.01
N GLU A 15 54.58 -13.37 -18.31
CA GLU A 15 54.15 -14.29 -19.37
C GLU A 15 52.88 -15.04 -18.97
N ARG A 16 52.80 -15.52 -17.73
CA ARG A 16 51.60 -16.21 -17.27
C ARG A 16 50.40 -15.27 -17.24
N PHE A 17 50.61 -14.05 -16.75
CA PHE A 17 49.55 -13.06 -16.68
C PHE A 17 49.00 -12.75 -18.07
N CYS A 18 49.90 -12.52 -19.04
CA CYS A 18 49.46 -12.27 -20.41
C CYS A 18 48.62 -13.42 -20.94
N ASN A 19 48.98 -14.65 -20.57
CA ASN A 19 48.24 -15.81 -21.02
C ASN A 19 46.84 -15.85 -20.41
N TRP A 20 46.71 -15.50 -19.13
CA TRP A 20 45.38 -15.44 -18.54
C TRP A 20 44.56 -14.28 -19.11
N VAL A 21 45.19 -13.12 -19.31
CA VAL A 21 44.45 -11.96 -19.80
C VAL A 21 43.85 -12.25 -21.17
N THR A 22 44.65 -12.84 -22.06
CA THR A 22 44.24 -13.14 -23.42
C THR A 22 43.66 -14.54 -23.57
N SER A 23 43.33 -15.21 -22.46
CA SER A 23 42.84 -16.59 -22.53
C SER A 23 41.45 -16.66 -23.16
N THR A 24 41.30 -17.57 -24.12
CA THR A 24 39.97 -17.81 -24.69
C THR A 24 39.08 -18.69 -23.81
N ASP A 25 39.53 -19.08 -22.61
CA ASP A 25 38.76 -19.97 -21.76
C ASP A 25 38.11 -19.26 -20.59
N ASN A 26 38.33 -17.97 -20.41
CA ASN A 26 37.64 -17.26 -19.35
C ASN A 26 36.16 -17.13 -19.71
N ARG A 27 35.31 -17.29 -18.70
CA ARG A 27 33.87 -17.22 -18.90
C ARG A 27 33.48 -15.90 -19.57
N LEU A 28 34.11 -14.81 -19.15
CA LEU A 28 34.04 -13.52 -19.81
C LEU A 28 35.44 -13.18 -20.30
N TYR A 29 35.55 -12.85 -21.59
CA TYR A 29 36.87 -12.56 -22.13
C TYR A 29 37.40 -11.26 -21.53
N VAL A 30 38.66 -11.26 -21.12
CA VAL A 30 39.28 -10.03 -20.64
C VAL A 30 39.97 -9.33 -21.80
N GLY A 31 41.21 -9.72 -22.08
CA GLY A 31 41.96 -9.12 -23.17
C GLY A 31 42.50 -7.75 -22.81
N TRP A 32 43.35 -7.23 -23.71
CA TRP A 32 44.04 -5.98 -23.41
C TRP A 32 43.10 -4.80 -23.41
N PHE A 33 42.19 -4.73 -24.39
CA PHE A 33 41.14 -3.73 -24.29
C PHE A 33 40.34 -3.91 -23.00
N GLY A 34 40.16 -5.17 -22.57
CA GLY A 34 39.42 -5.44 -21.35
C GLY A 34 40.10 -4.88 -20.12
N VAL A 35 41.43 -4.80 -20.13
CA VAL A 35 42.20 -4.24 -19.02
C VAL A 35 41.86 -2.77 -18.79
N ILE A 36 41.54 -2.03 -19.84
CA ILE A 36 41.04 -0.67 -19.70
C ILE A 36 39.54 -0.66 -19.49
N MET A 37 38.82 -1.54 -20.19
CA MET A 37 37.36 -1.52 -20.17
C MET A 37 36.80 -1.77 -18.77
N ILE A 38 37.35 -2.76 -18.07
CA ILE A 38 36.75 -3.26 -16.83
C ILE A 38 36.83 -2.20 -15.73
N PRO A 39 38.00 -1.60 -15.43
CA PRO A 39 37.99 -0.57 -14.38
C PRO A 39 37.20 0.68 -14.77
N THR A 40 37.26 1.12 -16.04
CA THR A 40 36.54 2.34 -16.41
C THR A 40 35.02 2.15 -16.37
N LEU A 41 34.53 1.00 -16.84
CA LEU A 41 33.07 0.77 -16.79
C LEU A 41 32.57 0.55 -15.36
N LEU A 42 33.37 -0.10 -14.51
CA LEU A 42 32.97 -0.24 -13.11
C LEU A 42 32.89 1.11 -12.41
N ALA A 43 33.88 1.98 -12.65
CA ALA A 43 33.88 3.31 -12.06
C ALA A 43 32.65 4.10 -12.52
N ALA A 44 32.38 4.10 -13.83
CA ALA A 44 31.22 4.83 -14.35
C ALA A 44 29.91 4.26 -13.80
N THR A 45 29.81 2.93 -13.71
CA THR A 45 28.59 2.28 -13.24
C THR A 45 28.34 2.61 -11.78
N ILE A 46 29.39 2.51 -10.95
CA ILE A 46 29.23 2.74 -9.51
C ILE A 46 28.88 4.20 -9.25
N CYS A 47 29.57 5.13 -9.90
CA CYS A 47 29.24 6.53 -9.72
C CYS A 47 27.82 6.84 -10.20
N PHE A 48 27.44 6.31 -11.37
CA PHE A 48 26.09 6.53 -11.89
C PHE A 48 25.02 6.06 -10.90
N VAL A 49 25.15 4.82 -10.39
CA VAL A 49 24.12 4.27 -9.51
C VAL A 49 24.00 5.11 -8.24
N ILE A 50 25.14 5.44 -7.61
CA ILE A 50 25.11 6.25 -6.38
C ILE A 50 24.53 7.63 -6.65
N ALA A 51 24.98 8.28 -7.73
CA ALA A 51 24.48 9.63 -8.04
C ALA A 51 22.98 9.58 -8.36
N PHE A 52 22.55 8.60 -9.16
CA PHE A 52 21.15 8.51 -9.52
C PHE A 52 20.27 8.36 -8.28
N ILE A 53 20.77 7.67 -7.26
CA ILE A 53 19.97 7.45 -6.06
C ILE A 53 20.05 8.65 -5.13
N ALA A 54 21.24 9.22 -4.94
CA ALA A 54 21.45 10.10 -3.80
C ALA A 54 22.10 11.47 -4.08
N ALA A 55 22.49 11.80 -5.31
CA ALA A 55 23.20 13.08 -5.53
C ALA A 55 22.27 14.26 -5.28
N PRO A 56 22.76 15.35 -4.69
CA PRO A 56 21.94 16.56 -4.52
C PRO A 56 21.79 17.32 -5.83
N PRO A 57 20.95 18.36 -5.85
CA PRO A 57 20.70 19.09 -7.11
C PRO A 57 21.95 19.77 -7.67
N VAL A 58 21.99 19.88 -8.99
CA VAL A 58 23.16 20.31 -9.76
C VAL A 58 22.82 21.58 -10.53
N ASP A 59 23.70 22.58 -10.45
CA ASP A 59 23.48 23.85 -11.14
C ASP A 59 23.89 23.71 -12.61
N ILE A 60 23.05 22.99 -13.38
CA ILE A 60 23.42 22.64 -14.76
C ILE A 60 23.74 23.89 -15.59
N ASP A 61 22.91 24.93 -15.49
CA ASP A 61 23.08 26.07 -16.40
C ASP A 61 23.93 27.18 -15.81
N GLY A 62 24.64 26.92 -14.70
CA GLY A 62 25.56 27.89 -14.14
C GLY A 62 24.94 29.16 -13.63
N ILE A 63 23.63 29.15 -13.36
CA ILE A 63 22.93 30.36 -12.94
C ILE A 63 22.42 30.18 -11.51
N ARG A 64 23.09 29.32 -10.73
CA ARG A 64 22.72 29.08 -9.33
C ARG A 64 21.25 28.67 -9.23
N GLU A 65 20.84 27.77 -10.12
CA GLU A 65 19.46 27.27 -10.18
C GLU A 65 19.53 25.74 -10.24
N PRO A 66 19.85 25.09 -9.12
CA PRO A 66 20.18 23.65 -9.17
C PRO A 66 18.98 22.78 -9.47
N VAL A 67 19.19 21.83 -10.38
CA VAL A 67 18.14 20.92 -10.84
C VAL A 67 18.32 19.60 -10.10
N SER A 68 17.22 19.10 -9.51
CA SER A 68 17.28 17.85 -8.77
C SER A 68 17.19 16.67 -9.72
N GLY A 69 18.20 15.80 -9.67
CA GLY A 69 18.19 14.59 -10.48
C GLY A 69 17.93 13.27 -9.76
N SER A 70 18.20 13.16 -8.46
CA SER A 70 18.27 11.87 -7.79
C SER A 70 16.94 11.42 -7.17
N LEU A 71 16.84 10.10 -6.95
CA LEU A 71 15.65 9.53 -6.34
C LEU A 71 15.38 10.11 -4.95
N LEU A 72 16.41 10.16 -4.09
CA LEU A 72 16.20 10.64 -2.73
C LEU A 72 15.80 12.12 -2.66
N TYR A 73 16.07 12.89 -3.72
CA TYR A 73 15.73 14.31 -3.75
C TYR A 73 14.50 14.61 -4.59
N GLY A 74 13.55 13.67 -4.64
CA GLY A 74 12.23 13.94 -5.17
C GLY A 74 11.95 13.43 -6.58
N ASN A 75 12.78 12.54 -7.12
CA ASN A 75 12.57 12.05 -8.48
C ASN A 75 12.01 10.64 -8.46
N ASN A 76 11.43 10.23 -9.58
CA ASN A 76 11.10 8.84 -9.82
C ASN A 76 11.99 8.33 -10.96
N ILE A 77 11.73 7.11 -11.42
CA ILE A 77 12.57 6.54 -12.47
C ILE A 77 12.48 7.36 -13.75
N ILE A 78 11.31 7.92 -14.02
CA ILE A 78 11.13 8.64 -15.28
C ILE A 78 11.76 10.03 -15.24
N THR A 79 11.70 10.73 -14.10
CA THR A 79 12.21 12.09 -14.03
C THR A 79 13.67 12.16 -13.61
N GLY A 80 14.20 11.11 -12.97
CA GLY A 80 15.53 11.18 -12.41
C GLY A 80 16.61 11.19 -13.47
N ALA A 81 17.77 11.70 -13.08
CA ALA A 81 18.89 11.85 -14.00
C ALA A 81 20.17 12.09 -13.21
N VAL A 82 21.30 11.81 -13.84
CA VAL A 82 22.55 12.46 -13.45
C VAL A 82 22.71 13.71 -14.32
N VAL A 83 22.72 14.87 -13.69
CA VAL A 83 22.61 16.18 -14.34
C VAL A 83 23.96 16.62 -14.87
N PRO A 84 24.03 17.14 -16.10
CA PRO A 84 25.30 17.64 -16.66
C PRO A 84 25.96 18.71 -15.80
N SER A 85 27.28 18.82 -15.98
CA SER A 85 28.05 19.77 -15.19
C SER A 85 27.74 21.22 -15.60
N SER A 86 28.07 22.14 -14.69
CA SER A 86 27.65 23.54 -14.77
C SER A 86 28.16 24.25 -16.01
N ASN A 87 27.33 25.13 -16.56
CA ASN A 87 27.75 25.97 -17.68
C ASN A 87 28.93 26.86 -17.31
N ALA A 88 29.12 27.16 -16.02
CA ALA A 88 30.28 27.93 -15.60
C ALA A 88 31.59 27.19 -15.86
N ILE A 89 31.53 25.86 -15.83
CA ILE A 89 32.70 25.02 -16.11
C ILE A 89 33.00 24.99 -17.61
N GLY A 90 31.94 24.98 -18.44
CA GLY A 90 32.13 24.91 -19.87
C GLY A 90 32.77 23.58 -20.27
N LEU A 91 33.87 23.65 -21.01
CA LEU A 91 34.62 22.46 -21.40
C LEU A 91 35.82 22.21 -20.48
N HIS A 92 35.93 22.94 -19.38
CA HIS A 92 37.04 22.72 -18.45
C HIS A 92 36.95 21.33 -17.84
N PHE A 93 38.12 20.72 -17.64
CA PHE A 93 38.20 19.41 -17.00
C PHE A 93 37.96 19.56 -15.50
N TYR A 94 36.94 18.87 -14.97
CA TYR A 94 36.51 19.05 -13.59
C TYR A 94 36.54 17.73 -12.83
N PRO A 95 37.73 17.17 -12.57
CA PRO A 95 37.81 15.94 -11.76
C PRO A 95 37.56 16.27 -10.30
N ILE A 96 37.43 15.22 -9.48
CA ILE A 96 37.16 15.43 -8.06
C ILE A 96 38.24 16.29 -7.43
N TRP A 97 39.50 16.07 -7.81
CA TRP A 97 40.55 16.79 -7.10
C TRP A 97 40.67 18.26 -7.52
N GLU A 98 39.85 18.72 -8.48
CA GLU A 98 39.77 20.14 -8.79
C GLU A 98 38.82 20.89 -7.85
N ALA A 99 37.94 20.19 -7.15
CA ALA A 99 36.99 20.86 -6.27
C ALA A 99 37.60 21.06 -4.88
N ALA A 100 37.16 22.12 -4.21
CA ALA A 100 37.58 22.33 -2.83
C ALA A 100 36.99 21.29 -1.88
N SER A 101 35.90 20.66 -2.28
CA SER A 101 35.22 19.69 -1.44
C SER A 101 34.29 18.87 -2.32
N LEU A 102 33.92 17.71 -1.80
CA LEU A 102 32.90 16.90 -2.48
C LEU A 102 31.58 17.65 -2.57
N ASP A 103 31.25 18.47 -1.57
CA ASP A 103 30.02 19.24 -1.63
C ASP A 103 30.02 20.20 -2.81
N GLU A 104 31.16 20.86 -3.06
CA GLU A 104 31.27 21.72 -4.23
C GLU A 104 31.19 20.89 -5.50
N TRP A 105 31.93 19.77 -5.52
CA TRP A 105 31.96 18.88 -6.68
C TRP A 105 30.56 18.45 -7.08
N LEU A 106 29.73 18.11 -6.10
CA LEU A 106 28.37 17.67 -6.39
C LEU A 106 27.50 18.83 -6.88
N TYR A 107 27.60 20.00 -6.23
CA TYR A 107 26.82 21.15 -6.65
C TYR A 107 27.07 21.49 -8.11
N ASN A 108 28.30 21.28 -8.58
CA ASN A 108 28.68 21.73 -9.91
C ASN A 108 28.56 20.65 -10.98
N GLY A 109 28.03 19.48 -10.65
CA GLY A 109 27.85 18.45 -11.64
C GLY A 109 29.07 17.60 -11.94
N GLY A 110 30.00 17.51 -11.01
CA GLY A 110 31.13 16.63 -11.12
C GLY A 110 30.83 15.20 -11.53
N PRO A 111 29.84 14.55 -10.90
CA PRO A 111 29.55 13.14 -11.27
C PRO A 111 29.35 12.94 -12.77
N TYR A 112 28.71 13.89 -13.45
CA TYR A 112 28.44 13.75 -14.89
C TYR A 112 29.73 13.57 -15.67
N GLN A 113 30.72 14.43 -15.43
CA GLN A 113 31.98 14.31 -16.16
C GLN A 113 32.68 12.98 -15.85
N LEU A 114 32.72 12.57 -14.58
CA LEU A 114 33.36 11.30 -14.23
C LEU A 114 32.69 10.13 -14.97
N ILE A 115 31.36 10.10 -14.96
CA ILE A 115 30.64 9.00 -15.59
C ILE A 115 30.88 8.99 -17.10
N ILE A 116 30.66 10.13 -17.79
CA ILE A 116 30.70 10.07 -19.25
C ILE A 116 32.13 9.82 -19.74
N PHE A 117 33.14 10.35 -19.06
CA PHE A 117 34.49 10.10 -19.54
C PHE A 117 34.90 8.64 -19.35
N HIS A 118 34.62 8.07 -18.16
CA HIS A 118 34.90 6.64 -17.96
C HIS A 118 34.05 5.79 -18.90
N PHE A 119 32.79 6.16 -19.10
CA PHE A 119 31.92 5.39 -19.99
C PHE A 119 32.44 5.40 -21.42
N LEU A 120 32.74 6.60 -21.96
CA LEU A 120 33.17 6.69 -23.36
C LEU A 120 34.46 5.91 -23.59
N LEU A 121 35.41 6.00 -22.66
CA LEU A 121 36.62 5.20 -22.78
CA LEU A 121 36.63 5.20 -22.75
C LEU A 121 36.31 3.71 -22.69
N GLY A 122 35.48 3.31 -21.70
CA GLY A 122 35.15 1.91 -21.56
C GLY A 122 34.41 1.36 -22.76
N ALA A 123 33.50 2.17 -23.33
CA ALA A 123 32.73 1.68 -24.46
C ALA A 123 33.59 1.58 -25.71
N SER A 124 34.55 2.49 -25.88
CA SER A 124 35.52 2.37 -26.96
C SER A 124 36.34 1.11 -26.80
N CYS A 125 36.74 0.81 -25.57
CA CYS A 125 37.46 -0.43 -25.33
C CYS A 125 36.56 -1.65 -25.52
N TYR A 126 35.27 -1.54 -25.21
CA TYR A 126 34.32 -2.60 -25.51
C TYR A 126 34.35 -2.92 -27.00
N MET A 127 34.42 -1.88 -27.85
CA MET A 127 34.48 -2.08 -29.29
C MET A 127 35.78 -2.75 -29.70
N GLY A 128 36.91 -2.30 -29.18
CA GLY A 128 38.18 -2.97 -29.49
C GLY A 128 38.20 -4.41 -29.00
N ARG A 129 37.57 -4.67 -27.85
CA ARG A 129 37.47 -6.02 -27.30
C ARG A 129 36.70 -6.94 -28.24
N GLN A 130 35.67 -6.40 -28.90
CA GLN A 130 34.97 -7.19 -29.91
C GLN A 130 35.90 -7.56 -31.06
N TRP A 131 36.76 -6.63 -31.52
CA TRP A 131 37.78 -7.04 -32.50
C TRP A 131 38.65 -8.15 -31.91
N GLU A 132 39.11 -7.94 -30.68
CA GLU A 132 40.15 -8.80 -30.11
C GLU A 132 39.68 -10.24 -29.98
N LEU A 133 38.50 -10.46 -29.41
CA LEU A 133 38.04 -11.82 -29.25
C LEU A 133 37.81 -12.49 -30.60
N SER A 134 37.28 -11.74 -31.56
CA SER A 134 37.05 -12.32 -32.89
C SER A 134 38.35 -12.82 -33.49
N TYR A 135 39.44 -12.09 -33.28
CA TYR A 135 40.75 -12.55 -33.73
C TYR A 135 41.14 -13.83 -32.99
N ARG A 136 40.96 -13.86 -31.65
CA ARG A 136 41.36 -15.03 -30.88
C ARG A 136 40.53 -16.25 -31.26
N LEU A 137 39.28 -16.06 -31.68
CA LEU A 137 38.42 -17.18 -32.06
C LEU A 137 38.54 -17.56 -33.53
N GLY A 138 39.40 -16.92 -34.30
CA GLY A 138 39.50 -17.21 -35.72
C GLY A 138 38.29 -16.76 -36.51
N MET A 139 37.57 -15.75 -36.01
CA MET A 139 36.43 -15.16 -36.70
C MET A 139 36.87 -14.07 -37.67
N ARG A 140 35.97 -13.71 -38.59
CA ARG A 140 36.11 -12.48 -39.34
C ARG A 140 35.83 -11.31 -38.41
N PRO A 141 36.35 -10.11 -38.72
CA PRO A 141 36.58 -9.09 -37.68
C PRO A 141 35.53 -7.99 -37.51
N TRP A 142 34.44 -7.94 -38.26
CA TRP A 142 33.73 -6.67 -38.39
C TRP A 142 32.50 -6.51 -37.49
N ILE A 143 32.26 -7.40 -36.52
CA ILE A 143 31.19 -7.11 -35.57
C ILE A 143 31.45 -5.76 -34.89
N CYS A 144 32.72 -5.47 -34.59
CA CYS A 144 33.05 -4.20 -33.93
C CYS A 144 32.70 -3.01 -34.80
N VAL A 145 32.73 -3.18 -36.13
CA VAL A 145 32.31 -2.10 -37.03
C VAL A 145 30.81 -1.85 -36.90
N ALA A 146 30.02 -2.92 -36.73
CA ALA A 146 28.58 -2.71 -36.49
C ALA A 146 28.37 -1.95 -35.19
N TYR A 147 29.12 -2.29 -34.15
CA TYR A 147 28.97 -1.60 -32.88
C TYR A 147 29.42 -0.15 -32.94
N SER A 148 30.25 0.22 -33.93
CA SER A 148 30.69 1.61 -34.04
C SER A 148 29.53 2.58 -34.27
N ALA A 149 28.38 2.09 -34.76
CA ALA A 149 27.25 2.98 -34.98
C ALA A 149 26.62 3.44 -33.67
N PRO A 150 26.16 2.56 -32.77
CA PRO A 150 25.70 3.07 -31.46
C PRO A 150 26.79 3.83 -30.71
N LEU A 151 28.04 3.36 -30.77
CA LEU A 151 29.11 4.04 -30.04
C LEU A 151 29.30 5.48 -30.55
N ALA A 152 29.34 5.65 -31.89
CA ALA A 152 29.48 7.00 -32.43
C ALA A 152 28.34 7.88 -31.98
N SER A 153 27.15 7.30 -31.88
CA SER A 153 26.00 8.06 -31.41
C SER A 153 26.20 8.52 -29.98
N ALA A 154 26.80 7.67 -29.13
CA ALA A 154 27.06 8.07 -27.75
C ALA A 154 28.09 9.17 -27.70
N PHE A 155 29.16 9.05 -28.51
CA PHE A 155 30.14 10.14 -28.59
C PHE A 155 29.47 11.44 -29.02
N ALA A 156 28.50 11.36 -29.93
CA ALA A 156 27.87 12.56 -30.46
C ALA A 156 27.18 13.35 -29.37
N VAL A 157 26.36 12.69 -28.54
CA VAL A 157 25.56 13.41 -27.56
C VAL A 157 26.29 13.67 -26.24
N PHE A 158 27.37 12.94 -25.94
CA PHE A 158 28.08 13.15 -24.68
C PHE A 158 29.36 13.94 -24.85
N LEU A 159 29.94 13.98 -26.05
CA LEU A 159 31.23 14.65 -26.22
C LEU A 159 31.26 15.65 -27.37
N ILE A 160 30.87 15.25 -28.59
CA ILE A 160 31.07 16.14 -29.73
C ILE A 160 30.14 17.35 -29.63
N TYR A 161 28.85 17.10 -29.35
CA TYR A 161 27.92 18.22 -29.20
C TYR A 161 28.37 19.18 -28.11
N PRO A 162 28.77 18.72 -26.91
CA PRO A 162 29.37 19.66 -25.95
C PRO A 162 30.57 20.43 -26.51
N ILE A 163 31.47 19.78 -27.25
CA ILE A 163 32.63 20.51 -27.78
C ILE A 163 32.18 21.62 -28.71
N GLY A 164 31.30 21.31 -29.65
CA GLY A 164 30.86 22.30 -30.61
C GLY A 164 30.19 23.48 -29.95
N GLN A 165 29.40 23.23 -28.89
CA GLN A 165 28.65 24.28 -28.22
C GLN A 165 29.41 24.92 -27.06
N GLY A 166 30.57 24.38 -26.72
CA GLY A 166 31.40 24.98 -25.70
C GLY A 166 31.05 24.63 -24.26
N SER A 167 30.28 23.57 -24.02
CA SER A 167 29.95 23.25 -22.64
C SER A 167 29.38 21.84 -22.47
N PHE A 168 29.89 21.12 -21.47
CA PHE A 168 29.25 19.86 -21.12
C PHE A 168 27.86 20.02 -20.52
N SER A 169 27.47 21.25 -20.13
CA SER A 169 26.10 21.48 -19.69
C SER A 169 25.09 21.26 -20.82
N ASP A 170 25.54 21.24 -22.07
CA ASP A 170 24.67 20.91 -23.20
C ASP A 170 24.82 19.46 -23.67
N GLY A 171 25.62 18.65 -22.97
CA GLY A 171 25.61 17.22 -23.24
C GLY A 171 24.31 16.59 -22.80
N MET A 172 23.99 15.43 -23.38
CA MET A 172 22.73 14.80 -23.04
C MET A 172 22.73 14.36 -21.57
N PRO A 173 21.70 14.68 -20.79
CA PRO A 173 21.65 14.22 -19.40
C PRO A 173 21.52 12.70 -19.30
N LEU A 174 21.99 12.15 -18.19
CA LEU A 174 21.92 10.70 -17.95
C LEU A 174 20.61 10.37 -17.24
N GLY A 175 19.52 10.47 -18.00
CA GLY A 175 18.20 10.21 -17.44
C GLY A 175 17.14 10.27 -18.52
N ILE A 176 15.97 9.73 -18.18
CA ILE A 176 14.93 9.52 -19.19
C ILE A 176 14.27 10.84 -19.60
N SER A 177 13.79 11.62 -18.63
CA SER A 177 13.21 12.92 -18.98
C SER A 177 14.29 13.90 -19.44
N GLY A 178 15.50 13.78 -18.90
CA GLY A 178 16.58 14.63 -19.38
C GLY A 178 16.89 14.38 -20.85
N THR A 179 16.77 13.11 -21.28
CA THR A 179 16.92 12.80 -22.70
C THR A 179 15.89 13.56 -23.54
N PHE A 180 14.63 13.58 -23.09
CA PHE A 180 13.58 14.32 -23.81
C PHE A 180 13.88 15.82 -23.82
N ASN A 181 14.41 16.34 -22.72
CA ASN A 181 14.78 17.76 -22.67
C ASN A 181 15.83 18.08 -23.74
N PHE A 182 16.85 17.24 -23.83
CA PHE A 182 17.88 17.41 -24.85
C PHE A 182 17.28 17.37 -26.26
N MET A 183 16.35 16.42 -26.51
CA MET A 183 15.76 16.32 -27.84
C MET A 183 14.97 17.56 -28.22
N ILE A 184 14.16 18.07 -27.29
CA ILE A 184 13.28 19.20 -27.60
C ILE A 184 14.11 20.46 -27.84
N VAL A 185 15.09 20.72 -26.98
CA VAL A 185 15.96 21.87 -27.18
C VAL A 185 16.74 21.72 -28.48
N PHE A 186 17.21 20.49 -28.79
CA PHE A 186 17.94 20.27 -30.04
C PHE A 186 17.08 20.66 -31.24
N GLN A 187 15.82 20.25 -31.24
CA GLN A 187 14.90 20.61 -32.33
C GLN A 187 14.71 22.13 -32.42
N ALA A 188 14.62 22.81 -31.29
CA ALA A 188 14.45 24.26 -31.30
C ALA A 188 15.67 24.95 -31.92
N GLU A 189 16.87 24.45 -31.62
CA GLU A 189 18.10 25.15 -32.00
C GLU A 189 18.69 24.66 -33.31
N HIS A 190 18.25 23.51 -33.83
CA HIS A 190 18.86 22.96 -35.05
C HIS A 190 17.86 22.46 -36.06
N ASN A 191 16.56 22.46 -35.76
CA ASN A 191 15.54 21.91 -36.65
C ASN A 191 15.95 20.52 -37.15
N ILE A 192 16.32 19.65 -36.19
CA ILE A 192 16.91 18.35 -36.55
C ILE A 192 15.94 17.52 -37.38
N LEU A 193 14.63 17.70 -37.17
CA LEU A 193 13.66 16.93 -37.96
C LEU A 193 13.82 17.19 -39.45
N MET A 194 14.18 18.42 -39.83
CA MET A 194 14.39 18.78 -41.22
C MET A 194 15.82 18.53 -41.69
N HIS A 195 16.64 17.80 -40.90
CA HIS A 195 18.01 17.52 -41.35
C HIS A 195 18.06 16.16 -42.03
N PRO A 196 18.64 16.03 -43.23
CA PRO A 196 18.58 14.74 -43.91
C PRO A 196 19.34 13.62 -43.22
N PHE A 197 20.38 13.93 -42.41
CA PHE A 197 21.08 12.85 -41.70
C PHE A 197 20.21 12.27 -40.59
N HIS A 198 19.38 13.08 -39.92
CA HIS A 198 18.43 12.51 -38.97
C HIS A 198 17.35 11.72 -39.70
N GLN A 199 16.92 12.21 -40.88
CA GLN A 199 15.94 11.47 -41.66
C GLN A 199 16.50 10.11 -42.11
N LEU A 200 17.77 10.08 -42.52
CA LEU A 200 18.41 8.79 -42.79
C LEU A 200 18.46 7.93 -41.53
N GLY A 201 18.70 8.57 -40.37
CA GLY A 201 18.65 7.85 -39.11
C GLY A 201 17.33 7.17 -38.89
N VAL A 202 16.22 7.90 -39.11
CA VAL A 202 14.89 7.32 -38.96
C VAL A 202 14.69 6.18 -39.95
N ALA A 203 15.08 6.39 -41.21
CA ALA A 203 15.03 5.29 -42.17
C ALA A 203 15.87 4.11 -41.69
N GLY A 204 16.99 4.39 -41.02
CA GLY A 204 17.81 3.31 -40.48
C GLY A 204 17.10 2.52 -39.39
N VAL A 205 16.47 3.20 -38.42
CA VAL A 205 15.89 2.45 -37.31
C VAL A 205 14.50 1.94 -37.65
N PHE A 206 13.68 2.71 -38.37
CA PHE A 206 12.42 2.19 -38.87
C PHE A 206 12.68 0.98 -39.78
N GLY A 207 13.64 1.12 -40.69
CA GLY A 207 13.94 0.03 -41.60
C GLY A 207 14.58 -1.14 -40.88
N GLY A 208 15.47 -0.85 -39.93
CA GLY A 208 16.03 -1.93 -39.12
C GLY A 208 14.95 -2.72 -38.41
N ALA A 209 13.98 -2.01 -37.80
CA ALA A 209 12.87 -2.69 -37.15
C ALA A 209 12.04 -3.46 -38.15
N LEU A 210 11.78 -2.87 -39.32
CA LEU A 210 11.03 -3.55 -40.36
C LEU A 210 11.73 -4.83 -40.79
N PHE A 211 13.02 -4.72 -41.16
CA PHE A 211 13.72 -5.90 -41.66
C PHE A 211 13.94 -6.93 -40.55
N CYS A 212 14.05 -6.48 -39.30
CA CYS A 212 14.10 -7.40 -38.17
C CYS A 212 12.83 -8.24 -38.10
N ALA A 213 11.67 -7.59 -38.15
CA ALA A 213 10.41 -8.34 -38.18
C ALA A 213 10.31 -9.21 -39.42
N MET A 214 10.76 -8.67 -40.57
CA MET A 214 10.70 -9.40 -41.82
C MET A 214 11.54 -10.67 -41.77
N HIS A 215 12.84 -10.53 -41.47
CA HIS A 215 13.71 -11.69 -41.39
C HIS A 215 13.19 -12.68 -40.35
N GLY A 216 12.86 -12.18 -39.16
CA GLY A 216 12.28 -13.05 -38.14
C GLY A 216 11.08 -13.82 -38.65
N SER A 217 10.17 -13.14 -39.34
CA SER A 217 8.96 -13.82 -39.77
C SER A 217 9.26 -14.82 -40.90
N LEU A 218 10.19 -14.49 -41.78
CA LEU A 218 10.42 -15.36 -42.93
C LEU A 218 11.11 -16.65 -42.51
N VAL A 219 12.13 -16.56 -41.64
CA VAL A 219 12.80 -17.75 -41.13
C VAL A 219 11.83 -18.59 -40.30
N THR A 220 11.09 -17.93 -39.39
CA THR A 220 10.09 -18.64 -38.59
C THR A 220 9.05 -19.31 -39.48
N SER A 221 8.69 -18.67 -40.60
CA SER A 221 7.66 -19.24 -41.47
CA SER A 221 7.66 -19.24 -41.47
C SER A 221 8.13 -20.52 -42.15
N SER A 222 9.44 -20.69 -42.32
CA SER A 222 9.94 -21.81 -43.12
C SER A 222 10.69 -22.85 -42.29
N LEU A 223 10.49 -22.84 -40.97
CA LEU A 223 11.05 -23.88 -40.12
C LEU A 223 10.62 -25.25 -40.62
N ILE A 224 11.57 -26.16 -40.69
CA ILE A 224 11.26 -27.52 -41.10
C ILE A 224 10.62 -28.27 -39.94
N ARG A 225 9.57 -29.04 -40.24
CA ARG A 225 8.86 -29.77 -39.21
C ARG A 225 9.77 -30.79 -38.54
N GLU A 226 9.97 -30.63 -37.23
CA GLU A 226 10.83 -31.52 -36.46
C GLU A 226 10.24 -31.85 -35.10
N THR A 227 9.03 -31.39 -34.81
CA THR A 227 8.42 -31.49 -33.49
C THR A 227 6.96 -31.89 -33.65
N THR A 228 6.36 -32.25 -32.53
CA THR A 228 4.95 -32.63 -32.50
C THR A 228 4.08 -31.44 -32.13
N GLU A 229 2.77 -31.65 -32.27
CA GLU A 229 1.81 -30.58 -32.03
C GLU A 229 1.90 -30.01 -30.62
N THR A 230 2.42 -30.78 -29.65
CA THR A 230 2.44 -30.34 -28.26
C THR A 230 3.79 -29.75 -27.82
N GLU A 231 4.84 -29.90 -28.60
CA GLU A 231 6.14 -29.35 -28.23
C GLU A 231 6.35 -27.99 -28.88
N SER A 232 7.11 -27.12 -28.20
CA SER A 232 7.57 -25.90 -28.85
C SER A 232 8.43 -26.28 -30.05
N ALA A 233 8.21 -25.59 -31.17
CA ALA A 233 8.98 -25.88 -32.36
C ALA A 233 10.46 -25.55 -32.17
N ASN A 234 10.81 -24.77 -31.15
CA ASN A 234 12.21 -24.44 -30.89
C ASN A 234 13.02 -25.70 -30.57
N TYR A 235 12.37 -26.73 -30.02
CA TYR A 235 13.05 -28.01 -29.80
C TYR A 235 13.41 -28.71 -31.10
N GLY A 236 12.87 -28.25 -32.23
CA GLY A 236 13.29 -28.79 -33.52
C GLY A 236 14.68 -28.38 -33.96
N TYR A 237 15.30 -27.43 -33.27
CA TYR A 237 16.68 -27.02 -33.53
C TYR A 237 17.55 -27.45 -32.36
N LYS A 238 18.68 -28.08 -32.66
CA LYS A 238 19.67 -28.45 -31.66
C LYS A 238 20.92 -27.60 -31.86
N PHE A 239 21.40 -27.01 -30.77
CA PHE A 239 22.56 -26.14 -30.79
C PHE A 239 23.77 -26.83 -31.40
N GLY A 240 24.32 -26.23 -32.46
CA GLY A 240 25.49 -26.77 -33.10
C GLY A 240 25.24 -27.82 -34.15
N GLN A 241 23.98 -28.11 -34.48
CA GLN A 241 23.72 -29.02 -35.58
C GLN A 241 24.24 -28.41 -36.87
N GLU A 242 24.65 -29.28 -37.81
CA GLU A 242 25.26 -28.83 -39.05
C GLU A 242 24.24 -28.39 -40.08
N GLU A 243 23.05 -28.97 -40.07
CA GLU A 243 22.03 -28.63 -41.07
C GLU A 243 21.33 -27.31 -40.71
N GLU A 244 21.01 -26.53 -41.74
CA GLU A 244 20.16 -25.37 -41.51
C GLU A 244 18.78 -25.84 -41.06
N THR A 245 18.14 -25.02 -40.23
CA THR A 245 16.91 -25.40 -39.56
C THR A 245 15.66 -24.92 -40.28
N TYR A 246 15.81 -24.06 -41.27
CA TYR A 246 14.71 -23.57 -42.09
C TYR A 246 15.08 -23.70 -43.55
N ASN A 247 14.07 -23.61 -44.41
CA ASN A 247 14.21 -23.77 -45.87
C ASN A 247 14.18 -22.40 -46.54
N ILE A 248 15.36 -21.81 -46.77
CA ILE A 248 15.42 -20.48 -47.36
C ILE A 248 14.85 -20.45 -48.78
N VAL A 249 14.85 -21.59 -49.48
CA VAL A 249 14.24 -21.64 -50.81
C VAL A 249 12.73 -21.43 -50.71
N ALA A 250 12.10 -22.05 -49.69
CA ALA A 250 10.68 -21.80 -49.45
C ALA A 250 10.44 -20.35 -49.01
N ALA A 251 11.28 -19.84 -48.12
CA ALA A 251 11.11 -18.45 -47.67
C ALA A 251 11.23 -17.47 -48.84
N HIS A 252 12.25 -17.65 -49.68
CA HIS A 252 12.41 -16.78 -50.85
C HIS A 252 11.24 -16.96 -51.82
N GLY A 253 10.80 -18.21 -52.03
CA GLY A 253 9.64 -18.44 -52.88
C GLY A 253 8.41 -17.70 -52.40
N TYR A 254 8.25 -17.58 -51.08
CA TYR A 254 7.14 -16.80 -50.55
C TYR A 254 7.35 -15.31 -50.78
N PHE A 255 8.49 -14.78 -50.34
CA PHE A 255 8.67 -13.34 -50.36
C PHE A 255 8.84 -12.79 -51.78
N GLY A 256 9.49 -13.56 -52.65
CA GLY A 256 9.58 -13.15 -54.04
C GLY A 256 8.23 -13.08 -54.72
N ARG A 257 7.25 -13.85 -54.24
CA ARG A 257 5.91 -13.70 -54.78
C ARG A 257 5.14 -12.58 -54.09
N LEU A 258 5.49 -12.25 -52.85
CA LEU A 258 4.83 -11.15 -52.15
C LEU A 258 5.08 -9.84 -52.90
N ILE A 259 6.33 -9.59 -53.27
CA ILE A 259 6.69 -8.43 -54.08
C ILE A 259 6.86 -8.91 -55.51
N PHE A 260 8.11 -9.06 -55.97
CA PHE A 260 8.43 -9.80 -57.19
C PHE A 260 9.75 -10.51 -56.96
N GLN A 261 10.03 -11.50 -57.81
CA GLN A 261 11.10 -12.47 -57.52
C GLN A 261 12.42 -11.77 -57.20
N TYR A 262 12.81 -10.79 -58.02
CA TYR A 262 14.12 -10.15 -57.92
C TYR A 262 14.21 -9.15 -56.77
N ALA A 263 13.09 -8.79 -56.14
CA ALA A 263 13.12 -7.95 -54.96
C ALA A 263 13.50 -8.73 -53.71
N SER A 264 13.61 -10.06 -53.80
CA SER A 264 13.85 -10.94 -52.67
C SER A 264 15.26 -11.54 -52.74
N PHE A 265 15.83 -11.83 -51.56
CA PHE A 265 17.14 -12.46 -51.44
C PHE A 265 17.02 -13.98 -51.42
N ASN A 266 17.77 -14.65 -52.28
CA ASN A 266 17.95 -16.09 -52.11
C ASN A 266 19.30 -16.43 -51.50
N ASN A 267 20.24 -15.48 -51.47
CA ASN A 267 21.58 -15.68 -50.93
C ASN A 267 21.58 -15.23 -49.47
N SER A 268 21.76 -16.19 -48.56
CA SER A 268 21.77 -15.89 -47.13
C SER A 268 22.89 -14.92 -46.76
N ARG A 269 24.04 -15.00 -47.41
CA ARG A 269 25.14 -14.10 -47.09
C ARG A 269 24.78 -12.66 -47.50
N SER A 270 24.25 -12.51 -48.71
CA SER A 270 23.78 -11.20 -49.15
CA SER A 270 23.79 -11.19 -49.14
C SER A 270 22.70 -10.67 -48.22
N LEU A 271 21.73 -11.51 -47.89
CA LEU A 271 20.64 -11.14 -47.00
C LEU A 271 21.16 -10.61 -45.67
N HIS A 272 22.04 -11.39 -45.03
CA HIS A 272 22.49 -10.98 -43.71
C HIS A 272 23.42 -9.78 -43.79
N PHE A 273 24.15 -9.60 -44.90
CA PHE A 273 24.92 -8.37 -45.05
C PHE A 273 24.00 -7.17 -45.11
N PHE A 274 22.90 -7.28 -45.84
CA PHE A 274 21.93 -6.18 -45.91
C PHE A 274 21.38 -5.86 -44.53
N LEU A 275 21.02 -6.89 -43.77
CA LEU A 275 20.50 -6.71 -42.41
C LEU A 275 21.51 -5.99 -41.53
N ALA A 276 22.81 -6.30 -41.68
CA ALA A 276 23.81 -5.55 -40.94
C ALA A 276 23.90 -4.10 -41.45
N ALA A 277 23.98 -3.93 -42.77
CA ALA A 277 24.37 -2.64 -43.34
C ALA A 277 23.30 -1.57 -43.17
N TRP A 278 22.02 -1.92 -43.39
CA TRP A 278 20.98 -0.90 -43.41
C TRP A 278 20.88 -0.15 -42.08
N PRO A 279 20.70 -0.80 -40.92
CA PRO A 279 20.65 -0.01 -39.68
C PRO A 279 21.99 0.63 -39.33
N VAL A 280 23.12 -0.02 -39.63
CA VAL A 280 24.41 0.54 -39.25
C VAL A 280 24.68 1.83 -40.03
N VAL A 281 24.44 1.81 -41.34
CA VAL A 281 24.66 2.99 -42.16
C VAL A 281 23.73 4.12 -41.70
N GLY A 282 22.45 3.80 -41.51
CA GLY A 282 21.50 4.81 -41.09
C GLY A 282 21.88 5.45 -39.75
N VAL A 283 22.32 4.62 -38.80
CA VAL A 283 22.67 5.16 -37.49
C VAL A 283 23.99 5.93 -37.56
N TRP A 284 24.91 5.51 -38.43
CA TRP A 284 26.08 6.34 -38.73
C TRP A 284 25.65 7.75 -39.14
N PHE A 285 24.68 7.83 -40.05
CA PHE A 285 24.24 9.17 -40.45
C PHE A 285 23.53 9.88 -39.30
N ALA A 286 22.77 9.15 -38.47
CA ALA A 286 22.22 9.79 -37.27
C ALA A 286 23.33 10.42 -36.43
N ALA A 287 24.37 9.64 -36.13
CA ALA A 287 25.47 10.15 -35.32
C ALA A 287 26.13 11.36 -35.98
N LEU A 288 26.30 11.31 -37.30
CA LEU A 288 26.92 12.42 -38.01
C LEU A 288 25.99 13.64 -38.03
N GLY A 289 24.68 13.39 -38.00
CA GLY A 289 23.71 14.44 -37.83
C GLY A 289 23.98 15.23 -36.55
N ILE A 290 24.00 14.54 -35.40
CA ILE A 290 24.26 15.24 -34.15
C ILE A 290 25.64 15.88 -34.19
N SER A 291 26.64 15.16 -34.72
CA SER A 291 28.02 15.62 -34.71
C SER A 291 28.29 16.78 -35.66
N THR A 292 27.42 17.02 -36.65
CA THR A 292 27.60 18.19 -37.50
C THR A 292 26.67 19.34 -37.11
N MET A 293 25.49 19.04 -36.58
CA MET A 293 24.73 20.10 -35.92
C MET A 293 25.45 20.58 -34.66
N ALA A 294 26.42 19.79 -34.17
CA ALA A 294 27.31 20.27 -33.11
C ALA A 294 28.04 21.54 -33.54
N PHE A 295 28.26 21.71 -34.84
CA PHE A 295 28.89 22.91 -35.36
C PHE A 295 27.88 23.77 -36.13
N ASN A 296 26.60 23.64 -35.76
CA ASN A 296 25.52 24.55 -36.17
C ASN A 296 25.28 24.55 -37.67
N LEU A 297 25.51 23.43 -38.36
CA LEU A 297 25.00 23.28 -39.72
C LEU A 297 23.67 22.52 -39.58
N ASN A 298 22.58 23.26 -39.68
CA ASN A 298 21.31 22.77 -39.17
C ASN A 298 20.40 22.26 -40.29
N GLY A 299 19.23 21.78 -39.88
CA GLY A 299 18.27 21.26 -40.83
C GLY A 299 17.81 22.32 -41.82
N PHE A 300 17.18 21.85 -42.90
CA PHE A 300 16.68 22.77 -43.92
C PHE A 300 15.75 23.80 -43.30
N ASN A 301 15.86 25.04 -43.79
CA ASN A 301 15.05 26.17 -43.33
C ASN A 301 14.25 26.69 -44.52
N PHE A 302 12.96 26.36 -44.54
CA PHE A 302 12.05 26.89 -45.56
C PHE A 302 11.04 27.88 -44.98
N ASN A 303 11.44 28.60 -43.94
CA ASN A 303 10.56 29.58 -43.30
C ASN A 303 10.32 30.75 -44.25
N HIS A 304 9.06 30.99 -44.61
CA HIS A 304 8.67 32.04 -45.55
C HIS A 304 9.21 31.76 -46.96
N SER A 305 9.38 30.49 -47.33
CA SER A 305 9.88 30.15 -48.67
C SER A 305 8.84 30.39 -49.76
N VAL A 306 7.54 30.28 -49.45
CA VAL A 306 6.49 30.45 -50.46
C VAL A 306 5.84 31.81 -50.27
N ILE A 307 5.77 32.58 -51.35
CA ILE A 307 5.36 33.98 -51.38
C ILE A 307 4.39 34.15 -52.52
N ASP A 308 3.30 34.91 -52.30
CA ASP A 308 2.32 35.11 -53.37
C ASP A 308 2.72 36.30 -54.26
N ALA A 309 1.84 36.68 -55.18
CA ALA A 309 2.21 37.66 -56.20
C ALA A 309 2.50 39.03 -55.60
N LYS A 310 1.78 39.40 -54.54
CA LYS A 310 2.03 40.69 -53.90
C LYS A 310 3.25 40.65 -53.00
N GLY A 311 3.58 39.48 -52.45
CA GLY A 311 4.58 39.37 -51.41
C GLY A 311 4.04 38.87 -50.09
N ASN A 312 2.75 38.54 -49.98
CA ASN A 312 2.28 37.85 -48.78
C ASN A 312 2.97 36.52 -48.63
N VAL A 313 3.45 36.24 -47.42
CA VAL A 313 3.95 34.91 -47.10
C VAL A 313 2.78 33.93 -47.13
N ILE A 314 2.94 32.84 -47.86
CA ILE A 314 2.00 31.72 -47.84
C ILE A 314 2.64 30.61 -47.03
N ASN A 315 2.12 30.37 -45.83
CA ASN A 315 2.71 29.37 -44.95
C ASN A 315 2.63 27.96 -45.57
N THR A 316 3.63 27.16 -45.26
CA THR A 316 3.62 25.73 -45.47
C THR A 316 3.77 25.02 -44.14
N TRP A 317 3.73 23.68 -44.18
CA TRP A 317 3.95 22.92 -42.96
C TRP A 317 5.29 23.22 -42.32
N ALA A 318 6.29 23.66 -43.12
CA ALA A 318 7.55 24.08 -42.51
C ALA A 318 7.34 25.28 -41.57
N ASP A 319 6.46 26.20 -41.93
CA ASP A 319 6.22 27.37 -41.08
C ASP A 319 5.51 26.98 -39.80
N ILE A 320 4.64 25.97 -39.85
CA ILE A 320 4.03 25.50 -38.61
C ILE A 320 5.08 24.84 -37.72
N ILE A 321 5.98 24.05 -38.30
CA ILE A 321 7.09 23.52 -37.51
C ILE A 321 7.82 24.67 -36.83
N ASN A 322 8.06 25.76 -37.59
CA ASN A 322 8.80 26.89 -37.05
C ASN A 322 8.10 27.46 -35.83
N ARG A 323 6.77 27.58 -35.89
CA ARG A 323 6.03 28.11 -34.75
C ARG A 323 6.23 27.22 -33.52
N ALA A 324 6.21 25.89 -33.71
CA ALA A 324 6.47 25.00 -32.57
C ALA A 324 7.90 25.16 -32.05
N ASN A 325 8.87 25.25 -32.96
CA ASN A 325 10.27 25.47 -32.56
C ASN A 325 10.44 26.75 -31.73
N LEU A 326 9.73 27.82 -32.12
CA LEU A 326 9.78 29.10 -31.40
C LEU A 326 9.33 28.95 -29.95
N GLY A 327 8.22 28.24 -29.74
CA GLY A 327 7.76 27.99 -28.38
C GLY A 327 8.78 27.28 -27.51
N MET A 328 9.47 26.29 -28.07
CA MET A 328 10.57 25.65 -27.37
C MET A 328 11.68 26.63 -27.08
N GLU A 329 12.07 27.40 -28.11
CA GLU A 329 13.17 28.34 -28.01
C GLU A 329 12.95 29.35 -26.90
N VAL A 330 11.80 30.02 -26.90
CA VAL A 330 11.65 31.13 -25.95
C VAL A 330 11.51 30.63 -24.51
N MET A 331 11.07 29.38 -24.31
CA MET A 331 10.85 28.88 -22.95
C MET A 331 12.06 28.17 -22.36
N HIS A 332 12.94 27.59 -23.17
CA HIS A 332 13.99 26.76 -22.61
C HIS A 332 14.97 27.61 -21.82
N GLU A 333 15.41 27.08 -20.67
CA GLU A 333 16.38 27.76 -19.81
C GLU A 333 15.98 29.23 -19.59
N ARG A 334 14.76 29.39 -19.05
CA ARG A 334 14.03 30.64 -19.04
C ARG A 334 14.76 31.78 -18.29
N ASN A 335 15.77 31.47 -17.49
CA ASN A 335 16.49 32.50 -16.73
C ASN A 335 17.93 32.67 -17.17
N ALA A 336 18.37 31.92 -18.18
CA ALA A 336 19.80 31.89 -18.52
C ALA A 336 20.19 32.91 -19.59
N HIS A 337 19.28 33.42 -20.40
CA HIS A 337 19.64 34.31 -21.51
C HIS A 337 19.37 35.77 -21.14
N ASN A 338 20.38 36.62 -21.34
CA ASN A 338 20.29 38.07 -21.10
C ASN A 338 20.27 38.90 -22.37
N PHE A 339 20.70 38.34 -23.49
CA PHE A 339 20.83 39.03 -24.76
C PHE A 339 19.99 38.33 -25.82
N PRO A 340 19.64 39.03 -26.91
CA PRO A 340 18.51 38.56 -27.73
C PRO A 340 18.78 37.32 -28.57
N LEU A 341 20.02 36.94 -28.83
CA LEU A 341 20.29 35.78 -29.66
C LEU A 341 20.88 34.64 -28.82
N ASP A 342 20.38 33.43 -29.05
CA ASP A 342 20.94 32.24 -28.41
C ASP A 342 22.03 31.71 -29.34
N LEU A 343 23.27 32.11 -29.09
CA LEU A 343 24.35 31.82 -30.05
C LEU A 343 25.10 30.54 -29.72
N ALA A 344 24.83 29.92 -28.59
CA ALA A 344 25.32 28.56 -28.33
C ALA A 344 24.46 27.98 -27.24
N GLY B 1 7.34 -30.67 -22.73
CA GLY B 1 5.94 -30.49 -22.36
C GLY B 1 5.32 -29.33 -23.09
N LEU B 2 4.07 -29.02 -22.78
CA LEU B 2 3.45 -27.82 -23.32
C LEU B 2 4.13 -26.59 -22.75
N PRO B 3 4.52 -25.63 -23.58
CA PRO B 3 4.96 -24.33 -23.06
C PRO B 3 3.81 -23.57 -22.41
N TRP B 4 4.18 -22.58 -21.61
CA TRP B 4 3.19 -21.91 -20.76
C TRP B 4 2.06 -21.28 -21.56
N TYR B 5 2.34 -20.78 -22.77
CA TYR B 5 1.31 -20.07 -23.53
C TYR B 5 0.37 -21.03 -24.27
N ARG B 6 0.54 -22.35 -24.09
CA ARG B 6 -0.35 -23.34 -24.70
C ARG B 6 -1.09 -24.23 -23.70
N VAL B 7 -1.00 -23.96 -22.39
CA VAL B 7 -1.57 -24.92 -21.42
C VAL B 7 -3.06 -25.16 -21.68
N HIS B 8 -3.79 -24.15 -22.18
CA HIS B 8 -5.23 -24.34 -22.30
C HIS B 8 -5.63 -25.13 -23.53
N THR B 9 -4.68 -25.47 -24.40
CA THR B 9 -5.03 -26.29 -25.56
C THR B 9 -5.45 -27.70 -25.17
N VAL B 10 -5.24 -28.14 -23.92
CA VAL B 10 -5.71 -29.47 -23.55
C VAL B 10 -7.22 -29.59 -23.66
N LEU B 11 -7.94 -28.47 -23.79
CA LEU B 11 -9.39 -28.49 -23.89
C LEU B 11 -9.91 -28.69 -25.31
N ILE B 12 -9.04 -28.59 -26.31
CA ILE B 12 -9.47 -28.62 -27.71
C ILE B 12 -10.23 -29.90 -28.02
N ASN B 13 -9.74 -31.03 -27.50
CA ASN B 13 -10.35 -32.33 -27.77
C ASN B 13 -11.19 -32.85 -26.62
N ASP B 14 -11.64 -31.97 -25.73
CA ASP B 14 -12.33 -32.38 -24.50
C ASP B 14 -13.53 -31.46 -24.32
N PRO B 15 -14.65 -31.77 -24.99
CA PRO B 15 -15.80 -30.85 -24.93
C PRO B 15 -16.29 -30.61 -23.52
N GLY B 16 -16.32 -31.66 -22.69
CA GLY B 16 -16.81 -31.53 -21.33
C GLY B 16 -15.97 -30.61 -20.47
N ARG B 17 -14.65 -30.71 -20.58
CA ARG B 17 -13.81 -29.81 -19.79
C ARG B 17 -13.72 -28.43 -20.39
N LEU B 18 -13.97 -28.31 -21.70
CA LEU B 18 -14.13 -27.00 -22.31
C LEU B 18 -15.36 -26.30 -21.75
N ILE B 19 -16.49 -27.03 -21.64
CA ILE B 19 -17.67 -26.47 -21.01
C ILE B 19 -17.37 -26.09 -19.56
N ALA B 20 -16.63 -26.94 -18.83
CA ALA B 20 -16.25 -26.60 -17.46
C ALA B 20 -15.48 -25.28 -17.41
N ALA B 21 -14.47 -25.14 -18.28
CA ALA B 21 -13.69 -23.91 -18.31
C ALA B 21 -14.56 -22.71 -18.68
N HIS B 22 -15.50 -22.90 -19.61
CA HIS B 22 -16.38 -21.79 -19.95
C HIS B 22 -17.30 -21.43 -18.79
N LEU B 23 -17.77 -22.44 -18.05
CA LEU B 23 -18.56 -22.21 -16.84
C LEU B 23 -17.76 -21.45 -15.80
N MET B 24 -16.51 -21.85 -15.59
CA MET B 24 -15.66 -21.14 -14.64
C MET B 24 -15.45 -19.70 -15.08
N HIS B 25 -15.21 -19.47 -16.38
CA HIS B 25 -15.06 -18.10 -16.85
C HIS B 25 -16.35 -17.31 -16.63
N THR B 26 -17.50 -17.92 -16.92
CA THR B 26 -18.77 -17.25 -16.70
C THR B 26 -18.98 -16.97 -15.21
N ALA B 27 -18.56 -17.90 -14.35
CA ALA B 27 -18.66 -17.68 -12.90
C ALA B 27 -17.84 -16.48 -12.48
N LEU B 28 -16.62 -16.35 -13.01
CA LEU B 28 -15.76 -15.23 -12.64
C LEU B 28 -16.34 -13.91 -13.11
N VAL B 29 -16.93 -13.88 -14.30
CA VAL B 29 -17.45 -12.61 -14.82
C VAL B 29 -18.67 -12.17 -14.03
N ALA B 30 -19.59 -13.11 -13.78
CA ALA B 30 -20.76 -12.78 -12.96
C ALA B 30 -20.34 -12.41 -11.55
N GLY B 31 -19.30 -13.06 -11.03
CA GLY B 31 -18.80 -12.70 -9.70
C GLY B 31 -18.19 -11.32 -9.67
N TRP B 32 -17.50 -10.95 -10.75
CA TRP B 32 -17.00 -9.58 -10.86
C TRP B 32 -18.14 -8.57 -10.86
N ALA B 33 -19.19 -8.85 -11.64
CA ALA B 33 -20.33 -7.94 -11.70
C ALA B 33 -20.93 -7.73 -10.31
N GLY B 34 -21.21 -8.83 -9.60
CA GLY B 34 -21.77 -8.71 -8.26
C GLY B 34 -20.87 -7.94 -7.30
N SER B 35 -19.58 -8.29 -7.27
CA SER B 35 -18.63 -7.59 -6.39
CA SER B 35 -18.68 -7.59 -6.37
C SER B 35 -18.51 -6.12 -6.78
N MET B 36 -18.51 -5.84 -8.09
CA MET B 36 -18.36 -4.44 -8.52
C MET B 36 -19.55 -3.62 -8.07
N ALA B 37 -20.76 -4.16 -8.20
CA ALA B 37 -21.95 -3.44 -7.76
C ALA B 37 -21.92 -3.22 -6.25
N LEU B 38 -21.49 -4.22 -5.50
CA LEU B 38 -21.43 -4.04 -4.05
C LEU B 38 -20.43 -2.97 -3.67
N TYR B 39 -19.26 -2.94 -4.32
CA TYR B 39 -18.27 -1.91 -4.02
C TYR B 39 -18.82 -0.53 -4.35
N GLU B 40 -19.55 -0.40 -5.47
CA GLU B 40 -20.10 0.90 -5.82
C GLU B 40 -21.19 1.31 -4.83
N LEU B 41 -22.04 0.37 -4.42
CA LEU B 41 -23.05 0.67 -3.42
C LEU B 41 -22.42 1.08 -2.09
N ALA B 42 -21.28 0.49 -1.74
CA ALA B 42 -20.58 0.85 -0.51
C ALA B 42 -19.91 2.21 -0.61
N THR B 43 -19.80 2.78 -1.81
CA THR B 43 -19.16 4.09 -1.93
C THR B 43 -20.05 5.16 -2.56
N PHE B 44 -21.18 4.82 -3.16
CA PHE B 44 -21.99 5.80 -3.87
C PHE B 44 -22.71 6.72 -2.88
N ASP B 45 -22.67 8.03 -3.15
CA ASP B 45 -23.45 9.02 -2.42
C ASP B 45 -24.70 9.35 -3.22
N PRO B 46 -25.89 8.93 -2.79
CA PRO B 46 -27.11 9.17 -3.57
C PRO B 46 -27.80 10.49 -3.26
N SER B 47 -27.20 11.37 -2.48
CA SER B 47 -27.94 12.51 -1.97
C SER B 47 -28.06 13.68 -2.94
N ASP B 48 -27.43 13.66 -4.13
CA ASP B 48 -27.47 14.83 -5.02
C ASP B 48 -27.28 14.43 -6.47
N PRO B 49 -28.36 14.00 -7.14
CA PRO B 49 -28.26 13.72 -8.58
C PRO B 49 -28.04 14.98 -9.43
N VAL B 50 -28.12 16.17 -8.85
CA VAL B 50 -27.92 17.40 -9.61
C VAL B 50 -26.44 17.70 -9.76
N LEU B 51 -25.71 17.84 -8.66
CA LEU B 51 -24.30 18.20 -8.75
C LEU B 51 -23.33 17.11 -8.31
N ASN B 52 -23.83 15.98 -7.80
CA ASN B 52 -22.96 14.84 -7.53
C ASN B 52 -23.56 13.53 -8.05
N PRO B 53 -23.91 13.47 -9.37
CA PRO B 53 -24.47 12.22 -9.92
C PRO B 53 -23.43 11.13 -10.03
N MET B 54 -23.88 9.93 -10.42
CA MET B 54 -23.03 8.75 -10.42
C MET B 54 -21.76 8.95 -11.24
N TRP B 55 -21.85 9.66 -12.37
CA TRP B 55 -20.71 9.77 -13.26
C TRP B 55 -19.64 10.71 -12.72
N ARG B 56 -19.97 11.56 -11.74
CA ARG B 56 -18.95 12.32 -11.02
C ARG B 56 -18.20 11.46 -10.02
N GLN B 57 -18.76 10.30 -9.65
CA GLN B 57 -18.26 9.49 -8.55
C GLN B 57 -17.56 8.23 -9.02
N GLY B 58 -17.20 8.13 -10.29
CA GLY B 58 -16.46 6.97 -10.75
C GLY B 58 -17.29 5.71 -10.83
N MET B 59 -18.60 5.82 -10.96
CA MET B 59 -19.47 4.66 -11.00
C MET B 59 -19.49 4.09 -12.41
N PHE B 60 -19.20 2.81 -12.52
CA PHE B 60 -19.05 2.13 -13.79
C PHE B 60 -20.20 1.17 -14.07
N VAL B 61 -20.61 0.35 -13.10
CA VAL B 61 -21.72 -0.56 -13.37
C VAL B 61 -23.08 0.03 -12.96
N LEU B 62 -23.12 0.94 -11.98
CA LEU B 62 -24.38 1.60 -11.64
C LEU B 62 -25.14 2.16 -12.85
N PRO B 63 -24.51 2.89 -13.80
CA PRO B 63 -25.28 3.37 -14.96
C PRO B 63 -25.86 2.25 -15.82
N PHE B 64 -25.19 1.09 -15.85
CA PHE B 64 -25.72 -0.03 -16.63
C PHE B 64 -26.93 -0.67 -15.97
N MET B 65 -26.98 -0.69 -14.64
CA MET B 65 -28.21 -1.13 -13.98
C MET B 65 -29.34 -0.13 -14.22
N ALA B 66 -29.02 1.15 -14.12
CA ALA B 66 -30.02 2.21 -14.30
C ALA B 66 -30.52 2.25 -15.74
N ARG B 67 -29.64 2.01 -16.71
CA ARG B 67 -30.04 2.10 -18.11
C ARG B 67 -31.22 1.20 -18.41
N LEU B 68 -31.30 0.02 -17.77
CA LEU B 68 -32.32 -0.97 -18.09
C LEU B 68 -33.44 -1.03 -17.06
N GLY B 69 -33.46 -0.13 -16.09
CA GLY B 69 -34.61 -0.02 -15.21
C GLY B 69 -34.35 -0.26 -13.74
N VAL B 70 -33.14 -0.60 -13.32
CA VAL B 70 -32.84 -0.74 -11.89
C VAL B 70 -32.35 0.62 -11.39
N THR B 71 -33.22 1.33 -10.67
CA THR B 71 -32.96 2.70 -10.23
C THR B 71 -33.03 2.91 -8.73
N GLY B 72 -33.44 1.89 -7.96
CA GLY B 72 -33.65 2.07 -6.53
C GLY B 72 -32.80 1.19 -5.64
N SER B 73 -32.67 1.60 -4.39
CA SER B 73 -31.99 0.85 -3.35
C SER B 73 -33.00 0.31 -2.35
N TRP B 74 -32.67 -0.84 -1.76
CA TRP B 74 -33.46 -1.34 -0.63
C TRP B 74 -33.50 -0.33 0.51
N SER B 75 -32.48 0.50 0.63
CA SER B 75 -32.40 1.49 1.69
C SER B 75 -33.30 2.69 1.47
N GLY B 76 -34.04 2.76 0.35
CA GLY B 76 -35.11 3.73 0.19
C GLY B 76 -34.89 4.85 -0.85
N TRP B 77 -33.68 5.05 -1.35
CA TRP B 77 -33.43 6.10 -2.32
C TRP B 77 -33.51 5.57 -3.75
N SER B 78 -33.71 6.49 -4.69
CA SER B 78 -33.62 6.21 -6.11
C SER B 78 -32.62 7.17 -6.75
N ILE B 79 -32.07 6.80 -7.91
CA ILE B 79 -31.05 7.66 -8.51
C ILE B 79 -31.59 8.93 -9.11
N THR B 80 -32.90 9.07 -9.25
CA THR B 80 -33.46 10.35 -9.64
C THR B 80 -33.77 11.24 -8.44
N GLY B 81 -33.29 10.87 -7.26
CA GLY B 81 -33.42 11.68 -6.07
C GLY B 81 -34.68 11.45 -5.26
N GLU B 82 -35.41 10.38 -5.53
CA GLU B 82 -36.60 10.14 -4.74
C GLU B 82 -36.22 9.52 -3.39
N THR B 83 -37.15 9.65 -2.44
CA THR B 83 -37.06 9.04 -1.12
C THR B 83 -38.24 8.13 -0.88
N GLY B 84 -38.04 7.13 -0.03
CA GLY B 84 -39.12 6.22 0.34
C GLY B 84 -39.70 5.45 -0.82
N ILE B 85 -38.87 4.99 -1.76
CA ILE B 85 -39.35 4.17 -2.85
C ILE B 85 -39.17 2.70 -2.49
N ASP B 86 -40.09 1.86 -2.95
CA ASP B 86 -39.96 0.41 -2.79
C ASP B 86 -39.61 -0.21 -4.13
N PRO B 87 -38.35 -0.58 -4.35
CA PRO B 87 -37.98 -1.22 -5.63
C PRO B 87 -38.37 -2.68 -5.74
N GLY B 88 -38.91 -3.30 -4.69
CA GLY B 88 -39.04 -4.74 -4.77
C GLY B 88 -37.67 -5.40 -4.63
N PHE B 89 -37.60 -6.64 -5.12
CA PHE B 89 -36.33 -7.35 -5.02
C PHE B 89 -35.28 -6.73 -5.92
N TRP B 90 -35.68 -6.25 -7.09
CA TRP B 90 -34.73 -5.86 -8.14
C TRP B 90 -34.22 -4.43 -7.95
N SER B 91 -33.68 -4.20 -6.76
CA SER B 91 -32.86 -3.05 -6.45
C SER B 91 -31.44 -3.29 -6.94
N PHE B 92 -30.59 -2.26 -6.83
CA PHE B 92 -29.17 -2.45 -7.06
C PHE B 92 -28.64 -3.60 -6.22
N GLU B 93 -29.05 -3.68 -4.95
CA GLU B 93 -28.58 -4.74 -4.07
C GLU B 93 -29.06 -6.12 -4.53
N GLY B 94 -30.34 -6.23 -4.92
CA GLY B 94 -30.83 -7.51 -5.41
C GLY B 94 -30.11 -7.97 -6.67
N VAL B 95 -29.85 -7.03 -7.59
CA VAL B 95 -29.10 -7.37 -8.79
C VAL B 95 -27.73 -7.91 -8.41
N ALA B 96 -27.05 -7.26 -7.46
CA ALA B 96 -25.73 -7.72 -7.04
C ALA B 96 -25.80 -9.11 -6.43
N LEU B 97 -26.76 -9.32 -5.53
CA LEU B 97 -26.93 -10.62 -4.89
C LEU B 97 -27.20 -11.70 -5.94
N ALA B 98 -28.11 -11.43 -6.88
CA ALA B 98 -28.38 -12.41 -7.92
C ALA B 98 -27.11 -12.79 -8.68
N HIS B 99 -26.25 -11.82 -8.96
CA HIS B 99 -25.03 -12.15 -9.72
C HIS B 99 -24.08 -13.00 -8.88
N ILE B 100 -24.02 -12.72 -7.57
CA ILE B 100 -23.18 -13.52 -6.69
C ILE B 100 -23.70 -14.95 -6.62
N VAL B 101 -25.02 -15.11 -6.49
CA VAL B 101 -25.58 -16.46 -6.42
C VAL B 101 -25.36 -17.21 -7.74
N LEU B 102 -25.59 -16.52 -8.86
CA LEU B 102 -25.32 -17.13 -10.17
C LEU B 102 -23.88 -17.59 -10.26
N SER B 103 -22.94 -16.72 -9.86
CA SER B 103 -21.53 -17.06 -9.86
C SER B 103 -21.28 -18.38 -9.13
N GLY B 104 -21.89 -18.53 -7.94
CA GLY B 104 -21.71 -19.76 -7.16
C GLY B 104 -22.26 -20.99 -7.85
N LEU B 105 -23.49 -20.89 -8.38
CA LEU B 105 -24.09 -22.00 -9.10
C LEU B 105 -23.25 -22.38 -10.32
N LEU B 106 -22.74 -21.38 -11.05
CA LEU B 106 -21.91 -21.68 -12.21
C LEU B 106 -20.61 -22.37 -11.79
N PHE B 107 -20.03 -21.93 -10.67
CA PHE B 107 -18.83 -22.58 -10.14
C PHE B 107 -19.09 -24.06 -9.83
N LEU B 108 -20.24 -24.36 -9.21
CA LEU B 108 -20.55 -25.75 -8.90
C LEU B 108 -20.73 -26.58 -10.17
N ALA B 109 -21.43 -26.03 -11.17
CA ALA B 109 -21.60 -26.76 -12.43
C ALA B 109 -20.26 -26.99 -13.12
N ALA B 110 -19.34 -26.03 -13.01
CA ALA B 110 -18.02 -26.22 -13.60
C ALA B 110 -17.30 -27.42 -12.99
N CYS B 111 -17.38 -27.55 -11.65
CA CYS B 111 -16.79 -28.71 -10.97
C CYS B 111 -17.37 -30.03 -11.50
N TRP B 112 -18.69 -30.09 -11.64
CA TRP B 112 -19.33 -31.30 -12.14
C TRP B 112 -18.84 -31.64 -13.54
N HIS B 113 -18.83 -30.65 -14.43
CA HIS B 113 -18.45 -30.92 -15.82
C HIS B 113 -16.97 -31.23 -15.96
N TRP B 114 -16.15 -30.74 -15.04
CA TRP B 114 -14.73 -31.10 -15.02
C TRP B 114 -14.53 -32.55 -14.58
N VAL B 115 -15.26 -32.99 -13.54
CA VAL B 115 -15.12 -34.37 -13.07
C VAL B 115 -15.76 -35.32 -14.06
N TYR B 116 -17.00 -35.04 -14.46
CA TYR B 116 -17.72 -35.94 -15.38
C TYR B 116 -17.57 -35.47 -16.81
N TRP B 117 -16.31 -35.41 -17.28
CA TRP B 117 -16.01 -34.91 -18.62
C TRP B 117 -16.34 -35.92 -19.71
N ASP B 118 -16.36 -37.21 -19.37
CA ASP B 118 -16.43 -38.25 -20.39
C ASP B 118 -17.89 -38.68 -20.59
N LEU B 119 -18.69 -37.75 -21.08
CA LEU B 119 -20.10 -38.04 -21.34
C LEU B 119 -20.27 -38.57 -22.76
N GLU B 120 -21.16 -39.56 -22.90
CA GLU B 120 -21.43 -40.17 -24.20
C GLU B 120 -21.90 -39.13 -25.22
N LEU B 121 -22.57 -38.07 -24.74
CA LEU B 121 -23.03 -36.98 -25.60
C LEU B 121 -21.90 -36.37 -26.40
N PHE B 122 -20.72 -36.29 -25.82
CA PHE B 122 -19.59 -35.64 -26.48
C PHE B 122 -18.84 -36.55 -27.45
N ARG B 123 -19.29 -37.78 -27.64
CA ARG B 123 -18.62 -38.73 -28.52
C ARG B 123 -19.38 -38.85 -29.83
N ASP B 124 -18.65 -38.95 -30.92
CA ASP B 124 -19.27 -39.23 -32.20
C ASP B 124 -19.78 -40.66 -32.17
N PRO B 125 -21.09 -40.89 -32.38
CA PRO B 125 -21.61 -42.27 -32.32
C PRO B 125 -20.91 -43.22 -33.28
N ARG B 126 -20.47 -42.72 -34.43
CA ARG B 126 -19.79 -43.57 -35.40
C ARG B 126 -18.40 -43.96 -34.91
N THR B 127 -17.54 -42.98 -34.61
CA THR B 127 -16.14 -43.24 -34.37
C THR B 127 -15.78 -43.41 -32.90
N GLY B 128 -16.64 -42.99 -31.98
CA GLY B 128 -16.24 -42.95 -30.59
C GLY B 128 -15.23 -41.88 -30.25
N GLU B 129 -14.91 -40.97 -31.19
CA GLU B 129 -14.00 -39.88 -30.89
C GLU B 129 -14.77 -38.68 -30.35
N PRO B 130 -14.12 -37.81 -29.58
CA PRO B 130 -14.77 -36.54 -29.21
C PRO B 130 -15.15 -35.75 -30.45
N ALA B 131 -16.38 -35.21 -30.45
CA ALA B 131 -16.89 -34.52 -31.61
C ALA B 131 -17.99 -33.55 -31.19
N LEU B 132 -17.90 -32.31 -31.68
CA LEU B 132 -18.97 -31.32 -31.56
C LEU B 132 -19.42 -30.97 -32.97
N ASP B 133 -20.72 -31.10 -33.23
CA ASP B 133 -21.29 -30.70 -34.53
C ASP B 133 -21.51 -29.18 -34.49
N LEU B 134 -20.43 -28.43 -34.75
CA LEU B 134 -20.47 -26.97 -34.63
C LEU B 134 -21.51 -26.30 -35.53
N PRO B 135 -21.72 -26.69 -36.80
CA PRO B 135 -22.79 -26.05 -37.57
C PRO B 135 -24.16 -26.13 -36.90
N LYS B 136 -24.54 -27.29 -36.33
CA LYS B 136 -25.85 -27.39 -35.71
C LYS B 136 -25.89 -26.66 -34.37
N MET B 137 -24.78 -26.69 -33.63
CA MET B 137 -24.67 -25.89 -32.42
C MET B 137 -24.91 -24.42 -32.72
N PHE B 138 -24.36 -23.93 -33.84
CA PHE B 138 -24.57 -22.53 -34.19
C PHE B 138 -26.05 -22.23 -34.36
N GLY B 139 -26.76 -23.10 -35.09
CA GLY B 139 -28.19 -22.87 -35.29
C GLY B 139 -28.96 -22.85 -33.99
N ILE B 140 -28.67 -23.79 -33.09
CA ILE B 140 -29.33 -23.85 -31.80
C ILE B 140 -29.09 -22.55 -31.03
N HIS B 141 -27.82 -22.14 -30.95
CA HIS B 141 -27.48 -20.95 -30.17
C HIS B 141 -28.04 -19.68 -30.81
N LEU B 142 -28.03 -19.61 -32.15
CA LEU B 142 -28.58 -18.43 -32.83
C LEU B 142 -30.09 -18.34 -32.62
N PHE B 143 -30.78 -19.47 -32.71
CA PHE B 143 -32.21 -19.50 -32.40
C PHE B 143 -32.49 -18.97 -30.99
N LEU B 144 -31.74 -19.47 -29.99
CA LEU B 144 -31.91 -19.00 -28.62
C LEU B 144 -31.58 -17.52 -28.48
N ALA B 145 -30.50 -17.07 -29.11
CA ALA B 145 -30.15 -15.66 -29.08
C ALA B 145 -31.26 -14.82 -29.69
N GLY B 146 -31.84 -15.30 -30.80
CA GLY B 146 -32.93 -14.58 -31.43
C GLY B 146 -34.15 -14.45 -30.52
N LEU B 147 -34.55 -15.56 -29.87
CA LEU B 147 -35.67 -15.52 -28.95
C LEU B 147 -35.42 -14.50 -27.84
N LEU B 148 -34.24 -14.54 -27.24
CA LEU B 148 -33.93 -13.64 -26.14
C LEU B 148 -33.89 -12.20 -26.61
N CYS B 149 -33.27 -11.97 -27.76
CA CYS B 149 -33.21 -10.64 -28.33
C CYS B 149 -34.62 -10.09 -28.58
N PHE B 150 -35.46 -10.89 -29.22
CA PHE B 150 -36.85 -10.49 -29.44
C PHE B 150 -37.57 -10.21 -28.13
N GLY B 151 -37.42 -11.11 -27.16
CA GLY B 151 -38.12 -10.92 -25.89
C GLY B 151 -37.68 -9.68 -25.15
N PHE B 152 -36.38 -9.38 -25.20
CA PHE B 152 -35.86 -8.16 -24.59
C PHE B 152 -36.50 -6.92 -25.21
N GLY B 153 -36.62 -6.89 -26.54
CA GLY B 153 -37.22 -5.74 -27.19
C GLY B 153 -38.73 -5.70 -27.02
N ALA B 154 -39.39 -6.85 -27.20
CA ALA B 154 -40.84 -6.87 -27.25
C ALA B 154 -41.49 -6.73 -25.87
N PHE B 155 -40.82 -7.17 -24.81
CA PHE B 155 -41.40 -7.15 -23.47
C PHE B 155 -40.69 -6.20 -22.51
N HIS B 156 -39.36 -6.27 -22.43
CA HIS B 156 -38.65 -5.44 -21.47
C HIS B 156 -38.62 -3.98 -21.92
N LEU B 157 -38.13 -3.72 -23.13
CA LEU B 157 -37.95 -2.34 -23.57
C LEU B 157 -39.28 -1.62 -23.77
N THR B 158 -40.32 -2.33 -24.22
CA THR B 158 -41.65 -1.75 -24.38
C THR B 158 -42.35 -1.50 -23.07
N GLY B 159 -41.88 -2.08 -21.97
CA GLY B 159 -42.64 -2.07 -20.74
C GLY B 159 -43.85 -2.98 -20.75
N LEU B 160 -44.10 -3.69 -21.85
CA LEU B 160 -45.25 -4.60 -21.91
C LEU B 160 -45.15 -5.67 -20.82
N PHE B 161 -43.94 -6.13 -20.54
CA PHE B 161 -43.69 -7.02 -19.42
C PHE B 161 -42.23 -6.78 -19.02
N GLY B 162 -42.01 -5.70 -18.27
CA GLY B 162 -40.69 -5.23 -17.96
C GLY B 162 -40.72 -3.74 -17.73
N PRO B 163 -39.57 -3.15 -17.39
CA PRO B 163 -39.57 -1.75 -16.92
C PRO B 163 -39.35 -0.71 -18.01
N GLY B 164 -38.81 -1.10 -19.16
CA GLY B 164 -38.44 -0.12 -20.16
C GLY B 164 -36.96 0.22 -20.17
N MET B 165 -36.61 1.46 -20.47
CA MET B 165 -35.21 1.88 -20.51
C MET B 165 -35.11 3.36 -20.16
N TRP B 166 -33.88 3.78 -19.85
CA TRP B 166 -33.61 5.18 -19.52
C TRP B 166 -33.78 6.05 -20.77
N VAL B 167 -34.55 7.13 -20.63
CA VAL B 167 -34.72 8.12 -21.69
C VAL B 167 -34.61 9.50 -21.04
N SER B 168 -34.30 10.49 -21.85
CA SER B 168 -34.18 11.83 -21.29
C SER B 168 -34.46 12.88 -22.37
N ASP B 169 -34.60 14.11 -21.90
CA ASP B 169 -34.72 15.29 -22.75
C ASP B 169 -33.36 15.58 -23.38
N PRO B 170 -33.30 16.47 -24.38
CA PRO B 170 -32.01 16.74 -25.06
C PRO B 170 -30.93 17.33 -24.16
N TYR B 171 -31.24 17.84 -22.97
CA TYR B 171 -30.20 18.43 -22.14
C TYR B 171 -29.99 17.66 -20.85
N GLY B 172 -30.51 16.43 -20.78
CA GLY B 172 -30.20 15.54 -19.66
C GLY B 172 -30.57 16.11 -18.31
N LEU B 173 -31.75 16.72 -18.23
CA LEU B 173 -32.25 17.32 -16.99
C LEU B 173 -33.30 16.47 -16.30
N THR B 174 -34.09 15.68 -17.03
CA THR B 174 -35.26 15.02 -16.47
C THR B 174 -35.29 13.55 -16.83
N GLY B 175 -34.15 12.87 -16.80
CA GLY B 175 -34.11 11.48 -17.22
C GLY B 175 -34.84 10.56 -16.27
N SER B 176 -35.40 9.49 -16.83
CA SER B 176 -36.05 8.45 -16.03
C SER B 176 -36.21 7.21 -16.91
N VAL B 177 -36.58 6.11 -16.28
CA VAL B 177 -36.87 4.87 -17.00
C VAL B 177 -38.32 4.91 -17.46
N GLN B 178 -38.53 4.65 -18.75
CA GLN B 178 -39.85 4.73 -19.37
C GLN B 178 -40.05 3.56 -20.32
N PRO B 179 -41.30 3.17 -20.55
CA PRO B 179 -41.61 2.28 -21.68
C PRO B 179 -41.36 3.01 -22.99
N VAL B 180 -40.83 2.30 -23.98
CA VAL B 180 -40.48 2.91 -25.25
C VAL B 180 -41.08 2.09 -26.38
N ALA B 181 -41.88 2.73 -27.22
CA ALA B 181 -42.48 2.06 -28.36
C ALA B 181 -41.46 1.93 -29.49
N PRO B 182 -41.53 0.86 -30.28
CA PRO B 182 -40.61 0.74 -31.42
C PRO B 182 -40.90 1.80 -32.47
N GLU B 183 -39.82 2.27 -33.12
CA GLU B 183 -39.92 3.18 -34.25
C GLU B 183 -39.64 2.39 -35.54
N TRP B 184 -40.66 2.28 -36.40
CA TRP B 184 -40.54 1.43 -37.59
C TRP B 184 -40.25 2.21 -38.86
N GLY B 185 -40.16 3.54 -38.79
CA GLY B 185 -39.79 4.35 -39.94
C GLY B 185 -38.30 4.59 -39.98
N PRO B 186 -37.83 5.40 -40.94
CA PRO B 186 -36.38 5.60 -41.07
C PRO B 186 -35.72 6.23 -39.84
N ASP B 187 -36.46 6.96 -39.01
CA ASP B 187 -35.86 7.52 -37.81
C ASP B 187 -35.47 6.46 -36.79
N GLY B 188 -35.89 5.20 -36.99
CA GLY B 188 -35.41 4.14 -36.14
C GLY B 188 -33.92 3.91 -36.27
N PHE B 189 -33.31 4.36 -37.35
CA PHE B 189 -31.87 4.17 -37.54
C PHE B 189 -31.07 5.37 -37.07
N ASN B 190 -31.73 6.35 -36.48
CA ASN B 190 -31.11 7.45 -35.77
C ASN B 190 -30.56 6.97 -34.44
N PRO B 191 -29.25 7.06 -34.20
CA PRO B 191 -28.70 6.53 -32.93
C PRO B 191 -29.27 7.21 -31.70
N TYR B 192 -29.87 8.40 -31.82
CA TYR B 192 -30.45 9.14 -30.70
C TYR B 192 -31.94 8.87 -30.50
N ASN B 193 -32.56 8.07 -31.37
CA ASN B 193 -33.96 7.71 -31.20
C ASN B 193 -34.05 6.39 -30.41
N PRO B 194 -34.48 6.41 -29.14
CA PRO B 194 -34.56 5.16 -28.37
C PRO B 194 -35.54 4.17 -28.95
N GLY B 195 -36.59 4.64 -29.62
CA GLY B 195 -37.53 3.74 -30.26
C GLY B 195 -36.88 2.88 -31.32
N GLY B 196 -35.78 3.35 -31.91
CA GLY B 196 -35.02 2.51 -32.81
C GLY B 196 -34.34 1.36 -32.11
N VAL B 197 -33.94 1.54 -30.85
CA VAL B 197 -33.37 0.45 -30.08
C VAL B 197 -34.42 -0.63 -29.86
N VAL B 198 -35.67 -0.22 -29.61
CA VAL B 198 -36.74 -1.20 -29.41
C VAL B 198 -37.01 -1.94 -30.71
N ALA B 199 -37.17 -1.18 -31.80
CA ALA B 199 -37.41 -1.80 -33.10
C ALA B 199 -36.27 -2.74 -33.48
N HIS B 200 -35.02 -2.37 -33.17
CA HIS B 200 -33.89 -3.24 -33.50
C HIS B 200 -34.06 -4.62 -32.88
N HIS B 201 -34.33 -4.68 -31.57
CA HIS B 201 -34.31 -5.97 -30.91
C HIS B 201 -35.50 -6.84 -31.31
N ILE B 202 -36.64 -6.23 -31.66
CA ILE B 202 -37.75 -7.00 -32.20
C ILE B 202 -37.40 -7.56 -33.57
N ALA B 203 -36.90 -6.70 -34.46
CA ALA B 203 -36.66 -7.11 -35.85
C ALA B 203 -35.45 -8.05 -35.94
N ALA B 204 -34.34 -7.69 -35.30
CA ALA B 204 -33.17 -8.56 -35.34
C ALA B 204 -33.44 -9.89 -34.64
N GLY B 205 -34.23 -9.87 -33.56
CA GLY B 205 -34.55 -11.12 -32.89
C GLY B 205 -35.31 -12.08 -33.80
N ILE B 206 -36.30 -11.57 -34.52
CA ILE B 206 -37.05 -12.40 -35.46
C ILE B 206 -36.13 -12.93 -36.56
N VAL B 207 -35.24 -12.08 -37.06
CA VAL B 207 -34.27 -12.52 -38.06
C VAL B 207 -33.36 -13.59 -37.46
N GLY B 208 -32.94 -13.39 -36.21
CA GLY B 208 -32.13 -14.41 -35.55
C GLY B 208 -32.88 -15.71 -35.36
N ILE B 209 -34.18 -15.65 -35.10
CA ILE B 209 -34.99 -16.86 -34.97
C ILE B 209 -35.05 -17.60 -36.28
N ILE B 210 -35.30 -16.87 -37.37
CA ILE B 210 -35.41 -17.48 -38.68
C ILE B 210 -34.07 -18.05 -39.12
N ALA B 211 -33.01 -17.26 -38.98
CA ALA B 211 -31.69 -17.75 -39.36
C ALA B 211 -31.29 -18.94 -38.50
N GLY B 212 -31.62 -18.90 -37.21
CA GLY B 212 -31.37 -20.05 -36.35
C GLY B 212 -32.03 -21.32 -36.86
N LEU B 213 -33.31 -21.22 -37.23
CA LEU B 213 -34.00 -22.38 -37.78
C LEU B 213 -33.37 -22.86 -39.07
N PHE B 214 -32.99 -21.92 -39.94
CA PHE B 214 -32.24 -22.29 -41.14
C PHE B 214 -30.99 -23.08 -40.78
N HIS B 215 -30.19 -22.55 -39.85
CA HIS B 215 -28.92 -23.18 -39.51
C HIS B 215 -29.08 -24.47 -38.73
N ILE B 216 -30.26 -24.70 -38.14
CA ILE B 216 -30.52 -26.00 -37.53
C ILE B 216 -30.83 -27.04 -38.61
N LEU B 217 -31.55 -26.62 -39.66
CA LEU B 217 -32.16 -27.54 -40.60
C LEU B 217 -31.36 -27.77 -41.88
N VAL B 218 -30.48 -26.85 -42.25
CA VAL B 218 -29.73 -26.95 -43.49
C VAL B 218 -28.25 -27.12 -43.16
N ARG B 219 -27.64 -28.16 -43.73
CA ARG B 219 -26.22 -28.40 -43.52
C ARG B 219 -25.39 -27.41 -44.33
N PRO B 220 -24.17 -27.10 -43.88
CA PRO B 220 -23.32 -26.22 -44.67
C PRO B 220 -23.00 -26.84 -46.02
N PRO B 221 -22.85 -26.02 -47.05
CA PRO B 221 -22.33 -26.54 -48.33
C PRO B 221 -20.93 -27.11 -48.12
N GLN B 222 -20.63 -28.17 -48.88
CA GLN B 222 -19.31 -28.79 -48.79
C GLN B 222 -18.21 -27.76 -49.06
N ARG B 223 -18.40 -26.90 -50.06
CA ARG B 223 -17.40 -25.88 -50.38
C ARG B 223 -17.08 -24.99 -49.19
N LEU B 224 -18.12 -24.59 -48.44
CA LEU B 224 -17.88 -23.71 -47.30
C LEU B 224 -17.36 -24.48 -46.10
N TYR B 225 -17.83 -25.72 -45.93
CA TYR B 225 -17.36 -26.55 -44.83
C TYR B 225 -15.86 -26.77 -44.91
N LYS B 226 -15.36 -27.10 -46.10
CA LYS B 226 -13.93 -27.31 -46.28
C LYS B 226 -13.15 -26.00 -46.14
N ALA B 227 -13.63 -24.93 -46.77
CA ALA B 227 -12.84 -23.69 -46.82
C ALA B 227 -12.72 -23.04 -45.45
N LEU B 228 -13.77 -23.10 -44.64
CA LEU B 228 -13.68 -22.50 -43.32
C LEU B 228 -13.31 -23.51 -42.23
N ARG B 229 -13.06 -24.77 -42.61
CA ARG B 229 -12.67 -25.83 -41.66
C ARG B 229 -13.71 -25.98 -40.54
N MET B 230 -14.95 -26.23 -40.95
CA MET B 230 -16.04 -26.26 -39.97
C MET B 230 -15.98 -27.46 -39.03
N GLY B 231 -15.10 -28.42 -39.27
CA GLY B 231 -14.86 -29.46 -38.30
C GLY B 231 -13.87 -29.07 -37.21
N ASN B 232 -13.31 -27.85 -37.29
CA ASN B 232 -12.26 -27.38 -36.38
C ASN B 232 -12.81 -26.26 -35.50
N ILE B 233 -12.85 -26.51 -34.19
CA ILE B 233 -13.44 -25.56 -33.26
C ILE B 233 -12.70 -24.22 -33.26
N GLU B 234 -11.42 -24.22 -33.64
CA GLU B 234 -10.68 -22.98 -33.69
C GLU B 234 -11.18 -22.04 -34.79
N THR B 235 -11.87 -22.56 -35.83
CA THR B 235 -12.48 -21.64 -36.78
C THR B 235 -13.56 -20.80 -36.10
N VAL B 236 -14.29 -21.39 -35.17
CA VAL B 236 -15.32 -20.64 -34.46
C VAL B 236 -14.69 -19.58 -33.57
N LEU B 237 -13.58 -19.91 -32.91
CA LEU B 237 -12.89 -18.92 -32.12
C LEU B 237 -12.44 -17.73 -32.99
N SER B 238 -11.91 -18.02 -34.18
CA SER B 238 -11.45 -16.95 -35.06
CA SER B 238 -11.45 -16.97 -35.08
C SER B 238 -12.58 -16.00 -35.43
N SER B 239 -13.70 -16.53 -35.94
CA SER B 239 -14.75 -15.62 -36.39
C SER B 239 -15.51 -15.03 -35.21
N SER B 240 -15.61 -15.75 -34.08
CA SER B 240 -16.24 -15.17 -32.90
C SER B 240 -15.42 -13.99 -32.40
N ILE B 241 -14.09 -14.13 -32.40
CA ILE B 241 -13.25 -13.02 -31.95
C ILE B 241 -13.44 -11.84 -32.89
N ALA B 242 -13.58 -12.10 -34.19
CA ALA B 242 -13.83 -11.03 -35.15
C ALA B 242 -15.13 -10.30 -34.85
N ALA B 243 -16.21 -11.06 -34.60
CA ALA B 243 -17.49 -10.43 -34.29
C ALA B 243 -17.38 -9.60 -33.01
N VAL B 244 -16.60 -10.10 -32.05
CA VAL B 244 -16.52 -9.44 -30.76
C VAL B 244 -15.74 -8.13 -30.87
N PHE B 245 -14.69 -8.08 -31.71
CA PHE B 245 -13.98 -6.79 -31.82
C PHE B 245 -14.78 -5.79 -32.63
N PHE B 246 -15.59 -6.25 -33.59
CA PHE B 246 -16.52 -5.35 -34.26
C PHE B 246 -17.48 -4.73 -33.25
N ALA B 247 -18.12 -5.58 -32.45
CA ALA B 247 -19.04 -5.09 -31.44
C ALA B 247 -18.35 -4.13 -30.46
N ALA B 248 -17.11 -4.44 -30.07
CA ALA B 248 -16.39 -3.60 -29.13
C ALA B 248 -16.07 -2.23 -29.73
N PHE B 249 -15.66 -2.18 -30.99
CA PHE B 249 -15.46 -0.87 -31.63
C PHE B 249 -16.76 -0.08 -31.64
N VAL B 250 -17.88 -0.76 -31.89
CA VAL B 250 -19.17 -0.08 -31.97
C VAL B 250 -19.53 0.55 -30.63
N VAL B 251 -19.41 -0.23 -29.54
CA VAL B 251 -19.80 0.36 -28.25
C VAL B 251 -18.82 1.44 -27.83
N ALA B 252 -17.56 1.37 -28.25
CA ALA B 252 -16.65 2.47 -27.97
C ALA B 252 -17.09 3.73 -28.69
N GLY B 253 -17.51 3.59 -29.95
CA GLY B 253 -17.92 4.74 -30.74
C GLY B 253 -19.20 5.36 -30.20
N THR B 254 -20.20 4.53 -29.91
CA THR B 254 -21.45 5.10 -29.40
C THR B 254 -21.27 5.67 -27.99
N MET B 255 -20.32 5.15 -27.20
CA MET B 255 -20.03 5.80 -25.92
C MET B 255 -19.41 7.18 -26.13
N TRP B 256 -18.48 7.30 -27.09
CA TRP B 256 -17.77 8.56 -27.22
C TRP B 256 -18.62 9.65 -27.87
N TYR B 257 -19.42 9.31 -28.89
CA TYR B 257 -20.25 10.31 -29.58
C TYR B 257 -21.62 10.49 -28.96
N GLY B 258 -22.06 9.53 -28.14
CA GLY B 258 -23.38 9.59 -27.54
C GLY B 258 -24.44 8.92 -28.40
N SER B 259 -25.45 8.37 -27.73
CA SER B 259 -26.60 7.78 -28.41
C SER B 259 -27.70 7.61 -27.38
N ALA B 260 -28.85 7.12 -27.84
CA ALA B 260 -29.94 6.77 -26.93
C ALA B 260 -29.54 5.75 -25.88
N THR B 261 -28.46 4.98 -26.10
CA THR B 261 -28.06 4.00 -25.09
C THR B 261 -26.85 4.46 -24.27
N THR B 262 -26.35 5.68 -24.45
CA THR B 262 -25.30 6.24 -23.60
C THR B 262 -25.70 7.62 -23.10
N PRO B 263 -26.77 7.68 -22.27
CA PRO B 263 -27.32 8.98 -21.86
C PRO B 263 -26.43 9.71 -20.88
N ILE B 264 -26.45 11.05 -20.97
CA ILE B 264 -25.48 11.86 -20.25
C ILE B 264 -25.71 11.86 -18.73
N GLU B 265 -26.93 11.60 -18.26
CA GLU B 265 -27.15 11.52 -16.81
C GLU B 265 -26.56 10.26 -16.20
N LEU B 266 -26.25 9.25 -17.00
CA LEU B 266 -25.65 8.03 -16.52
C LEU B 266 -24.15 7.97 -16.71
N PHE B 267 -23.65 8.46 -17.85
CA PHE B 267 -22.22 8.39 -18.16
C PHE B 267 -21.53 9.74 -18.20
N GLY B 268 -22.28 10.84 -18.12
CA GLY B 268 -21.69 12.16 -18.18
C GLY B 268 -21.81 12.72 -19.60
N PRO B 269 -21.59 14.02 -19.74
CA PRO B 269 -21.69 14.64 -21.07
C PRO B 269 -20.57 14.16 -21.99
N THR B 270 -20.72 14.43 -23.29
CA THR B 270 -19.68 14.07 -24.25
C THR B 270 -18.73 15.26 -24.42
N ARG B 271 -17.55 14.97 -25.00
CA ARG B 271 -16.62 16.04 -25.34
C ARG B 271 -17.17 16.97 -26.42
N TYR B 272 -18.04 16.44 -27.30
CA TYR B 272 -18.52 17.26 -28.42
C TYR B 272 -19.52 18.30 -27.94
N GLN B 273 -20.16 18.07 -26.80
CA GLN B 273 -21.05 19.07 -26.25
C GLN B 273 -20.27 20.29 -25.78
N TRP B 274 -19.04 20.10 -25.27
CA TRP B 274 -18.16 21.24 -24.99
C TRP B 274 -17.67 21.89 -26.29
N ASP B 275 -17.22 21.07 -27.25
CA ASP B 275 -16.70 21.58 -28.53
C ASP B 275 -17.69 22.50 -29.22
N SER B 276 -18.98 22.16 -29.18
CA SER B 276 -20.00 22.93 -29.89
C SER B 276 -20.77 23.87 -28.97
N SER B 277 -20.35 24.00 -27.71
CA SER B 277 -21.04 24.88 -26.76
C SER B 277 -22.52 24.55 -26.71
N TYR B 278 -22.81 23.25 -26.69
CA TYR B 278 -24.19 22.76 -26.75
C TYR B 278 -25.02 23.30 -25.58
N PHE B 279 -24.49 23.16 -24.36
CA PHE B 279 -25.23 23.63 -23.19
C PHE B 279 -25.20 25.15 -23.06
N GLN B 280 -24.08 25.79 -23.44
CA GLN B 280 -24.02 27.25 -23.40
C GLN B 280 -25.08 27.87 -24.31
N GLN B 281 -25.31 27.28 -25.49
CA GLN B 281 -26.30 27.84 -26.41
C GLN B 281 -27.70 27.75 -25.82
N GLU B 282 -28.00 26.63 -25.15
CA GLU B 282 -29.33 26.47 -24.56
C GLU B 282 -29.50 27.37 -23.35
N ILE B 283 -28.45 27.49 -22.53
CA ILE B 283 -28.47 28.45 -21.43
C ILE B 283 -28.75 29.85 -21.97
N ASN B 284 -27.99 30.28 -22.98
CA ASN B 284 -28.16 31.62 -23.55
C ASN B 284 -29.55 31.80 -24.13
N ARG B 285 -30.08 30.75 -24.77
CA ARG B 285 -31.43 30.85 -25.31
C ARG B 285 -32.45 31.11 -24.22
N ARG B 286 -32.31 30.40 -23.08
CA ARG B 286 -33.30 30.54 -22.02
CA ARG B 286 -33.29 30.54 -22.01
C ARG B 286 -33.20 31.92 -21.36
N VAL B 287 -31.98 32.40 -21.13
CA VAL B 287 -31.80 33.74 -20.56
C VAL B 287 -32.43 34.80 -21.47
N GLN B 288 -32.17 34.70 -22.77
CA GLN B 288 -32.73 35.69 -23.70
C GLN B 288 -34.26 35.63 -23.74
N ALA B 289 -34.84 34.43 -23.64
CA ALA B 289 -36.30 34.34 -23.59
C ALA B 289 -36.84 34.96 -22.32
N SER B 290 -36.17 34.75 -21.18
CA SER B 290 -36.57 35.41 -19.94
C SER B 290 -36.52 36.94 -20.09
N LEU B 291 -35.42 37.46 -20.62
CA LEU B 291 -35.31 38.91 -20.80
C LEU B 291 -36.39 39.43 -21.73
N ALA B 292 -36.70 38.67 -22.78
CA ALA B 292 -37.74 39.07 -23.72
C ALA B 292 -39.10 39.12 -23.04
N SER B 293 -39.29 38.36 -21.98
CA SER B 293 -40.56 38.35 -21.26
C SER B 293 -40.57 39.33 -20.10
N GLY B 294 -39.55 40.19 -19.99
CA GLY B 294 -39.52 41.25 -19.00
C GLY B 294 -38.70 40.98 -17.77
N ALA B 295 -38.02 39.83 -17.69
CA ALA B 295 -37.23 39.51 -16.50
C ALA B 295 -36.04 40.45 -16.36
N THR B 296 -35.64 40.68 -15.11
CA THR B 296 -34.35 41.34 -14.88
C THR B 296 -33.23 40.34 -15.16
N LEU B 297 -32.01 40.87 -15.25
CA LEU B 297 -30.86 40.02 -15.51
C LEU B 297 -30.67 39.00 -14.39
N GLU B 298 -30.85 39.43 -13.14
CA GLU B 298 -30.76 38.51 -12.01
C GLU B 298 -31.83 37.42 -12.09
N GLU B 299 -33.07 37.80 -12.43
CA GLU B 299 -34.14 36.81 -12.53
C GLU B 299 -33.88 35.82 -13.65
N ALA B 300 -33.48 36.32 -14.82
CA ALA B 300 -33.24 35.47 -15.97
C ALA B 300 -32.18 34.40 -15.65
N TRP B 301 -31.07 34.83 -15.07
CA TRP B 301 -30.01 33.87 -14.75
C TRP B 301 -30.38 32.99 -13.55
N SER B 302 -31.13 33.54 -12.59
CA SER B 302 -31.59 32.71 -11.48
C SER B 302 -32.56 31.63 -11.96
N ALA B 303 -33.17 31.81 -13.13
CA ALA B 303 -34.05 30.78 -13.67
C ALA B 303 -33.31 29.62 -14.32
N ILE B 304 -31.99 29.70 -14.47
CA ILE B 304 -31.23 28.61 -15.09
C ILE B 304 -31.04 27.48 -14.08
N PRO B 305 -31.44 26.25 -14.39
CA PRO B 305 -31.21 25.14 -13.47
C PRO B 305 -29.72 24.92 -13.22
N GLU B 306 -29.37 24.64 -11.96
CA GLU B 306 -27.98 24.33 -11.64
C GLU B 306 -27.48 23.14 -12.43
N LYS B 307 -28.35 22.19 -12.73
CA LYS B 307 -27.94 21.00 -13.48
C LYS B 307 -27.53 21.37 -14.91
N LEU B 308 -28.26 22.31 -15.52
CA LEU B 308 -27.92 22.75 -16.86
C LEU B 308 -26.61 23.53 -16.88
N ALA B 309 -26.42 24.42 -15.89
CA ALA B 309 -25.17 25.16 -15.79
C ALA B 309 -23.99 24.22 -15.59
N PHE B 310 -24.18 23.16 -14.81
CA PHE B 310 -23.09 22.23 -14.48
C PHE B 310 -22.62 21.46 -15.71
N TYR B 311 -23.53 21.18 -16.66
CA TYR B 311 -23.09 20.56 -17.92
C TYR B 311 -22.21 21.50 -18.73
N ASP B 312 -22.38 22.81 -18.56
CA ASP B 312 -21.60 23.81 -19.29
C ASP B 312 -20.31 24.15 -18.56
N TYR B 313 -19.57 23.10 -18.16
CA TYR B 313 -18.35 23.26 -17.38
C TYR B 313 -17.35 22.19 -17.82
N ILE B 314 -16.10 22.61 -18.08
CA ILE B 314 -15.15 21.72 -18.71
C ILE B 314 -14.71 20.61 -17.78
N GLY B 315 -14.88 20.77 -16.46
CA GLY B 315 -14.51 19.67 -15.56
C GLY B 315 -15.37 18.43 -15.71
N ASN B 316 -16.47 18.53 -16.46
CA ASN B 316 -17.29 17.39 -16.78
C ASN B 316 -17.06 16.89 -18.20
N ASN B 317 -16.15 17.52 -18.92
CA ASN B 317 -15.78 17.09 -20.27
C ASN B 317 -14.91 15.85 -20.16
N PRO B 318 -15.29 14.73 -20.78
CA PRO B 318 -14.51 13.49 -20.63
C PRO B 318 -13.17 13.51 -21.33
N ALA B 319 -12.87 14.54 -22.11
CA ALA B 319 -11.61 14.66 -22.81
C ALA B 319 -10.60 15.52 -22.05
N LYS B 320 -10.77 15.68 -20.74
CA LYS B 320 -9.91 16.51 -19.92
C LYS B 320 -9.08 15.72 -18.92
N GLY B 321 -9.10 14.40 -18.98
CA GLY B 321 -8.50 13.56 -17.97
C GLY B 321 -7.07 13.16 -18.25
N GLY B 322 -6.64 12.11 -17.56
CA GLY B 322 -5.28 11.60 -17.72
C GLY B 322 -5.24 10.13 -17.45
N LEU B 323 -4.32 9.42 -18.12
CA LEU B 323 -4.28 7.97 -18.07
C LEU B 323 -4.02 7.47 -16.65
N PHE B 324 -3.19 8.18 -15.89
CA PHE B 324 -2.86 7.72 -14.55
C PHE B 324 -3.45 8.61 -13.47
N ARG B 325 -4.38 9.49 -13.83
CA ARG B 325 -5.19 10.26 -12.88
C ARG B 325 -6.40 9.40 -12.54
N THR B 326 -6.29 8.63 -11.46
CA THR B 326 -7.25 7.57 -11.17
C THR B 326 -8.40 8.09 -10.31
N GLY B 327 -9.52 7.38 -10.37
CA GLY B 327 -10.63 7.60 -9.46
C GLY B 327 -11.76 8.42 -10.05
N PRO B 328 -12.64 8.90 -9.18
CA PRO B 328 -13.78 9.70 -9.64
C PRO B 328 -13.35 11.10 -10.03
N MET B 329 -14.17 11.73 -10.88
CA MET B 329 -13.95 13.14 -11.19
C MET B 329 -13.87 13.99 -9.93
N ASN B 330 -14.62 13.60 -8.89
CA ASN B 330 -14.63 14.36 -7.63
C ASN B 330 -13.25 14.43 -7.02
N LYS B 331 -12.38 13.46 -7.30
CA LYS B 331 -11.01 13.49 -6.80
C LYS B 331 -10.19 14.63 -7.40
N GLY B 332 -10.63 15.21 -8.52
CA GLY B 332 -9.87 16.30 -9.12
C GLY B 332 -10.34 17.66 -8.66
N ASP B 333 -11.37 18.18 -9.31
CA ASP B 333 -11.84 19.52 -8.95
C ASP B 333 -12.60 19.53 -7.64
N GLY B 334 -13.07 18.38 -7.16
CA GLY B 334 -13.78 18.31 -5.90
C GLY B 334 -15.23 17.88 -6.09
N ILE B 335 -15.94 17.80 -4.97
CA ILE B 335 -17.38 17.52 -4.97
C ILE B 335 -18.12 18.85 -5.14
N ALA B 336 -18.79 18.99 -6.29
CA ALA B 336 -19.50 20.23 -6.58
C ALA B 336 -20.61 20.43 -5.55
N GLN B 337 -20.71 21.65 -5.02
CA GLN B 337 -21.67 22.02 -3.99
C GLN B 337 -22.80 22.89 -4.52
N ALA B 338 -22.46 23.90 -5.32
CA ALA B 338 -23.41 24.93 -5.75
C ALA B 338 -22.83 25.69 -6.94
N TRP B 339 -23.73 26.11 -7.83
CA TRP B 339 -23.41 27.11 -8.86
C TRP B 339 -23.12 28.44 -8.20
N LYS B 340 -22.02 29.08 -8.59
CA LYS B 340 -21.79 30.43 -8.10
C LYS B 340 -22.62 31.46 -8.82
N GLY B 341 -23.22 31.12 -9.95
CA GLY B 341 -23.90 32.10 -10.78
C GLY B 341 -23.07 32.47 -11.99
N HIS B 342 -23.72 33.18 -12.91
CA HIS B 342 -23.06 33.53 -14.18
C HIS B 342 -22.19 34.77 -13.97
N ALA B 343 -20.91 34.65 -14.27
CA ALA B 343 -20.01 35.80 -14.19
C ALA B 343 -20.11 36.64 -15.45
N VAL B 344 -20.34 37.95 -15.26
CA VAL B 344 -20.36 38.95 -16.33
C VAL B 344 -19.23 39.92 -16.07
N PHE B 345 -18.29 40.01 -17.02
CA PHE B 345 -17.13 40.87 -16.91
C PHE B 345 -17.35 42.15 -17.67
N ARG B 346 -16.86 43.27 -17.12
CA ARG B 346 -16.96 44.58 -17.74
CA ARG B 346 -16.95 44.56 -17.79
C ARG B 346 -15.68 45.36 -17.53
N ASN B 347 -15.32 46.19 -18.49
CA ASN B 347 -14.20 47.10 -18.30
C ASN B 347 -14.71 48.45 -17.76
N LYS B 348 -13.78 49.41 -17.60
CA LYS B 348 -14.15 50.70 -17.00
C LYS B 348 -15.15 51.45 -17.86
N GLU B 349 -15.10 51.27 -19.18
CA GLU B 349 -16.10 51.86 -20.06
C GLU B 349 -17.47 51.20 -19.89
N GLY B 350 -17.53 50.04 -19.25
CA GLY B 350 -18.81 49.39 -19.06
C GLY B 350 -19.19 48.43 -20.16
N GLU B 351 -18.31 48.16 -21.12
N GLU B 351 -18.32 48.15 -21.13
CA GLU B 351 -18.56 47.15 -22.14
CA GLU B 351 -18.64 47.18 -22.16
C GLU B 351 -18.54 45.76 -21.53
C GLU B 351 -18.51 45.76 -21.61
N GLU B 352 -19.47 44.91 -21.95
CA GLU B 352 -19.42 43.52 -21.51
C GLU B 352 -18.28 42.81 -22.23
N LEU B 353 -17.46 42.09 -21.47
CA LEU B 353 -16.34 41.34 -21.99
C LEU B 353 -16.55 39.86 -21.73
N PHE B 354 -16.04 39.01 -22.62
CA PHE B 354 -16.25 37.57 -22.57
C PHE B 354 -14.91 36.84 -22.50
N VAL B 355 -14.79 35.95 -21.52
CA VAL B 355 -13.57 35.16 -21.34
C VAL B 355 -13.50 34.09 -22.43
N ARG B 356 -12.35 33.99 -23.09
CA ARG B 356 -12.15 32.95 -24.09
C ARG B 356 -12.04 31.60 -23.39
N ARG B 357 -12.92 30.66 -23.72
CA ARG B 357 -12.92 29.35 -23.08
C ARG B 357 -11.77 28.48 -23.55
N MET B 358 -11.34 27.59 -22.66
CA MET B 358 -10.27 26.61 -22.90
C MET B 358 -10.75 25.49 -23.81
N PRO B 359 -10.07 25.22 -24.94
CA PRO B 359 -10.39 23.99 -25.68
C PRO B 359 -9.85 22.77 -24.95
N ALA B 360 -10.50 21.62 -25.20
CA ALA B 360 -10.13 20.39 -24.50
C ALA B 360 -8.66 20.03 -24.73
N PHE B 361 -8.07 20.45 -25.85
CA PHE B 361 -6.69 20.08 -26.16
C PHE B 361 -5.67 20.62 -25.14
N PHE B 362 -6.00 21.69 -24.43
CA PHE B 362 -5.00 22.48 -23.70
C PHE B 362 -5.00 22.15 -22.21
N GLU B 363 -3.86 21.63 -21.70
CA GLU B 363 -3.72 21.42 -20.26
C GLU B 363 -3.78 22.73 -19.49
N SER B 364 -3.26 23.81 -20.09
CA SER B 364 -3.29 25.15 -19.52
C SER B 364 -3.67 26.12 -20.62
N PHE B 365 -4.16 27.30 -20.22
CA PHE B 365 -4.68 28.21 -21.23
C PHE B 365 -4.62 29.63 -20.69
N PRO B 366 -4.30 30.61 -21.52
CA PRO B 366 -4.25 32.01 -21.05
C PRO B 366 -5.64 32.58 -20.80
N VAL B 367 -5.67 33.71 -20.11
CA VAL B 367 -6.90 34.44 -19.82
C VAL B 367 -6.97 35.65 -20.75
N ILE B 368 -7.90 35.62 -21.69
CA ILE B 368 -8.08 36.66 -22.69
C ILE B 368 -9.56 36.98 -22.74
N LEU B 369 -9.89 38.27 -22.71
CA LEU B 369 -11.26 38.75 -22.73
C LEU B 369 -11.50 39.59 -23.98
N THR B 370 -12.60 39.31 -24.68
CA THR B 370 -12.96 40.04 -25.90
C THR B 370 -14.31 40.72 -25.73
N ASP B 371 -14.58 41.71 -26.59
CA ASP B 371 -15.94 42.25 -26.65
C ASP B 371 -16.80 41.34 -27.50
N LYS B 372 -18.05 41.74 -27.74
CA LYS B 372 -18.96 40.87 -28.48
C LYS B 372 -18.50 40.60 -29.90
N ASN B 373 -17.61 41.42 -30.47
CA ASN B 373 -17.09 41.21 -31.81
C ASN B 373 -15.78 40.43 -31.85
N GLY B 374 -15.33 39.87 -30.73
CA GLY B 374 -14.08 39.15 -30.72
C GLY B 374 -12.83 40.01 -30.69
N VAL B 375 -12.97 41.31 -30.50
CA VAL B 375 -11.82 42.20 -30.32
C VAL B 375 -11.28 42.04 -28.92
N VAL B 376 -9.97 41.83 -28.80
CA VAL B 376 -9.35 41.68 -27.49
C VAL B 376 -9.48 42.98 -26.72
N LYS B 377 -9.89 42.90 -25.46
CA LYS B 377 -10.08 44.07 -24.63
C LYS B 377 -9.33 44.02 -23.30
N ALA B 378 -8.98 42.84 -22.79
CA ALA B 378 -8.24 42.70 -21.55
C ALA B 378 -7.64 41.30 -21.53
N ASP B 379 -6.59 41.14 -20.74
CA ASP B 379 -6.00 39.81 -20.57
C ASP B 379 -5.20 39.79 -19.28
N ILE B 380 -4.64 38.62 -18.98
CA ILE B 380 -3.68 38.52 -17.88
C ILE B 380 -2.30 38.35 -18.51
N PRO B 381 -1.46 39.38 -18.46
CA PRO B 381 -0.18 39.32 -19.18
C PRO B 381 0.79 38.36 -18.51
N PHE B 382 1.74 37.88 -19.30
CA PHE B 382 2.87 37.12 -18.79
C PHE B 382 3.99 38.12 -18.50
N ARG B 383 4.68 38.59 -19.53
CA ARG B 383 5.56 39.75 -19.37
C ARG B 383 4.74 40.99 -19.02
N ARG B 384 5.21 41.75 -18.04
CA ARG B 384 4.50 42.94 -17.59
C ARG B 384 4.98 44.23 -18.21
N ALA B 385 6.26 44.32 -18.60
CA ALA B 385 6.85 45.61 -18.93
C ALA B 385 6.20 46.29 -20.13
N GLU B 386 5.51 45.55 -20.98
CA GLU B 386 4.83 46.14 -22.13
C GLU B 386 3.35 45.77 -22.14
N SER B 387 2.81 45.49 -20.96
CA SER B 387 1.39 45.17 -20.87
C SER B 387 0.53 46.37 -21.27
N LYS B 388 -0.52 46.09 -22.03
CA LYS B 388 -1.49 47.10 -22.43
C LYS B 388 -2.92 46.74 -22.06
N TYR B 389 -3.19 45.48 -21.82
CA TYR B 389 -4.55 44.99 -21.64
C TYR B 389 -4.81 44.46 -20.24
N SER B 390 -3.95 44.73 -19.27
CA SER B 390 -4.12 44.16 -17.94
C SER B 390 -5.45 44.60 -17.32
N PHE B 391 -5.97 43.77 -16.42
CA PHE B 391 -7.21 44.10 -15.72
C PHE B 391 -7.09 45.40 -14.96
N GLU B 392 -5.89 45.71 -14.46
CA GLU B 392 -5.70 46.97 -13.74
C GLU B 392 -5.79 48.16 -14.68
N GLN B 393 -5.16 48.06 -15.86
CA GLN B 393 -5.22 49.16 -16.82
C GLN B 393 -6.63 49.35 -17.37
N GLN B 394 -7.38 48.26 -17.55
CA GLN B 394 -8.67 48.34 -18.22
C GLN B 394 -9.84 48.46 -17.25
N GLY B 395 -9.58 48.47 -15.93
CA GLY B 395 -10.61 48.59 -14.92
C GLY B 395 -11.64 47.48 -14.97
N VAL B 396 -11.19 46.23 -15.10
CA VAL B 396 -12.11 45.11 -15.30
C VAL B 396 -12.79 44.76 -13.97
N THR B 397 -14.11 44.65 -14.02
CA THR B 397 -14.91 44.18 -12.90
C THR B 397 -15.67 42.92 -13.31
N VAL B 398 -16.25 42.22 -12.32
CA VAL B 398 -17.08 41.05 -12.58
C VAL B 398 -18.31 41.10 -11.67
N SER B 399 -19.49 40.94 -12.26
CA SER B 399 -20.75 40.83 -11.53
C SER B 399 -21.38 39.46 -11.77
N PHE B 400 -22.03 38.92 -10.75
CA PHE B 400 -22.61 37.59 -10.83
C PHE B 400 -24.13 37.66 -10.85
N TYR B 401 -24.74 36.84 -11.70
CA TYR B 401 -26.19 36.77 -11.81
C TYR B 401 -26.62 35.32 -11.67
N GLY B 402 -27.57 35.08 -10.76
CA GLY B 402 -27.93 33.73 -10.38
C GLY B 402 -26.93 33.17 -9.40
N GLY B 403 -27.25 31.97 -8.90
CA GLY B 403 -26.35 31.20 -8.02
C GLY B 403 -26.03 31.88 -6.70
N GLU B 404 -24.98 31.36 -6.06
CA GLU B 404 -24.57 31.86 -4.73
C GLU B 404 -24.25 33.33 -4.75
N LEU B 405 -23.51 33.79 -5.75
CA LEU B 405 -22.98 35.14 -5.77
C LEU B 405 -23.92 36.13 -6.41
N ASN B 406 -25.16 35.72 -6.69
CA ASN B 406 -26.13 36.58 -7.35
C ASN B 406 -26.17 37.97 -6.73
N GLY B 407 -26.13 38.99 -7.59
CA GLY B 407 -26.24 40.37 -7.17
C GLY B 407 -24.96 40.99 -6.66
N GLN B 408 -23.85 40.26 -6.60
CA GLN B 408 -22.59 40.80 -6.12
C GLN B 408 -21.68 41.21 -7.27
N THR B 409 -20.82 42.19 -6.99
CA THR B 409 -19.86 42.75 -7.93
C THR B 409 -18.49 42.82 -7.26
N PHE B 410 -17.45 42.42 -7.99
CA PHE B 410 -16.08 42.44 -7.50
C PHE B 410 -15.24 43.37 -8.36
N THR B 411 -14.43 44.21 -7.70
CA THR B 411 -13.56 45.19 -8.38
C THR B 411 -12.10 45.03 -8.02
N ASP B 412 -11.76 44.29 -6.99
CA ASP B 412 -10.37 44.08 -6.61
C ASP B 412 -9.67 43.21 -7.65
N PRO B 413 -8.65 43.73 -8.34
CA PRO B 413 -8.10 43.04 -9.53
C PRO B 413 -7.71 41.60 -9.27
N PRO B 414 -7.02 41.26 -8.17
CA PRO B 414 -6.74 39.82 -7.94
C PRO B 414 -7.99 38.95 -7.85
N THR B 415 -9.04 39.47 -7.22
CA THR B 415 -10.29 38.73 -7.13
C THR B 415 -10.94 38.58 -8.51
N VAL B 416 -10.98 39.67 -9.28
CA VAL B 416 -11.54 39.61 -10.63
C VAL B 416 -10.75 38.63 -11.49
N LYS B 417 -9.41 38.62 -11.35
CA LYS B 417 -8.59 37.71 -12.13
C LYS B 417 -8.83 36.25 -11.73
N SER B 418 -9.04 35.99 -10.44
CA SER B 418 -9.32 34.61 -10.04
C SER B 418 -10.61 34.10 -10.66
N TYR B 419 -11.66 34.92 -10.66
CA TYR B 419 -12.90 34.51 -11.32
C TYR B 419 -12.68 34.33 -12.82
N ALA B 420 -11.87 35.18 -13.44
CA ALA B 420 -11.62 35.04 -14.87
C ALA B 420 -10.94 33.72 -15.18
N ARG B 421 -9.99 33.31 -14.31
CA ARG B 421 -9.33 32.02 -14.50
C ARG B 421 -10.33 30.86 -14.44
N LYS B 422 -11.34 30.96 -13.57
CA LYS B 422 -12.35 29.90 -13.52
C LYS B 422 -13.27 29.96 -14.73
N ALA B 423 -13.49 31.15 -15.28
CA ALA B 423 -14.39 31.31 -16.41
C ALA B 423 -13.85 30.68 -17.69
N ILE B 424 -12.54 30.40 -17.76
CA ILE B 424 -12.09 29.67 -18.95
C ILE B 424 -12.63 28.24 -18.93
N PHE B 425 -13.07 27.74 -17.77
CA PHE B 425 -13.70 26.43 -17.69
C PHE B 425 -15.20 26.48 -17.93
N GLY B 426 -15.76 27.66 -18.24
CA GLY B 426 -17.20 27.77 -18.39
C GLY B 426 -17.86 28.27 -17.11
N GLU B 427 -19.06 27.79 -16.81
CA GLU B 427 -19.76 28.23 -15.59
C GLU B 427 -18.95 27.86 -14.36
N ILE B 428 -19.04 28.71 -13.33
CA ILE B 428 -18.18 28.65 -12.14
C ILE B 428 -18.94 27.99 -10.98
N PHE B 429 -18.32 27.01 -10.33
CA PHE B 429 -18.92 26.28 -9.22
C PHE B 429 -18.06 26.34 -7.97
N GLU B 430 -18.72 26.19 -6.83
CA GLU B 430 -18.04 25.96 -5.55
C GLU B 430 -17.94 24.46 -5.32
N PHE B 431 -16.75 24.02 -4.92
CA PHE B 431 -16.42 22.62 -4.73
C PHE B 431 -15.96 22.39 -3.30
N ASP B 432 -16.31 21.22 -2.77
CA ASP B 432 -15.70 20.68 -1.56
C ASP B 432 -14.47 19.88 -2.00
N THR B 433 -13.28 20.46 -1.78
CA THR B 433 -12.02 19.80 -2.11
C THR B 433 -11.41 19.07 -0.92
N GLU B 434 -12.04 19.16 0.27
CA GLU B 434 -11.49 18.59 1.49
C GLU B 434 -11.90 17.15 1.73
N THR B 435 -13.17 16.82 1.51
CA THR B 435 -13.66 15.48 1.85
C THR B 435 -12.80 14.41 1.20
N LEU B 436 -12.46 14.57 -0.08
CA LEU B 436 -11.66 13.57 -0.77
C LEU B 436 -10.19 13.95 -0.88
N ASN B 437 -9.76 15.02 -0.24
CA ASN B 437 -8.40 15.55 -0.46
C ASN B 437 -8.13 15.71 -1.96
N SER B 438 -9.04 16.38 -2.65
CA SER B 438 -8.95 16.53 -4.09
C SER B 438 -7.70 17.32 -4.48
N ASP B 439 -7.10 16.97 -5.62
CA ASP B 439 -5.83 17.59 -5.97
C ASP B 439 -5.93 18.73 -6.97
N GLY B 440 -7.13 19.03 -7.50
CA GLY B 440 -7.30 20.15 -8.43
C GLY B 440 -6.97 19.85 -9.89
N ILE B 441 -6.84 18.59 -10.28
CA ILE B 441 -6.42 18.16 -11.62
C ILE B 441 -7.54 17.34 -12.25
N PHE B 442 -7.94 17.70 -13.47
CA PHE B 442 -9.12 17.09 -14.08
C PHE B 442 -8.94 15.59 -14.36
N ARG B 443 -10.01 14.84 -14.16
CA ARG B 443 -10.08 13.41 -14.45
C ARG B 443 -11.23 13.15 -15.40
N THR B 444 -11.16 12.03 -16.12
CA THR B 444 -12.25 11.72 -17.04
C THR B 444 -13.38 10.98 -16.30
N SER B 445 -14.52 10.85 -16.98
CA SER B 445 -15.73 10.25 -16.45
C SER B 445 -15.83 8.77 -16.84
N PRO B 446 -16.86 8.03 -16.39
CA PRO B 446 -17.08 6.68 -16.91
C PRO B 446 -17.18 6.63 -18.43
N ARG B 447 -17.72 7.67 -19.07
CA ARG B 447 -17.76 7.70 -20.53
C ARG B 447 -16.36 7.56 -21.12
N GLY B 448 -15.40 8.32 -20.58
CA GLY B 448 -14.03 8.23 -21.06
C GLY B 448 -13.38 6.89 -20.77
N TRP B 449 -13.51 6.41 -19.53
CA TRP B 449 -12.88 5.14 -19.18
C TRP B 449 -13.50 3.99 -19.96
N PHE B 450 -14.82 3.99 -20.13
CA PHE B 450 -15.43 2.95 -20.94
C PHE B 450 -14.86 2.97 -22.34
N THR B 451 -14.78 4.15 -22.94
CA THR B 451 -14.34 4.26 -24.33
C THR B 451 -12.90 3.77 -24.48
N PHE B 452 -12.02 4.17 -23.56
CA PHE B 452 -10.62 3.77 -23.63
C PHE B 452 -10.47 2.24 -23.60
N ALA B 453 -11.02 1.60 -22.55
CA ALA B 453 -10.87 0.16 -22.40
C ALA B 453 -11.41 -0.60 -23.59
N HIS B 454 -12.56 -0.17 -24.12
CA HIS B 454 -13.16 -0.97 -25.17
C HIS B 454 -12.49 -0.74 -26.53
N ALA B 455 -11.96 0.46 -26.79
CA ALA B 455 -11.18 0.63 -28.02
C ALA B 455 -9.88 -0.16 -27.94
N VAL B 456 -9.24 -0.15 -26.77
CA VAL B 456 -7.99 -0.89 -26.62
C VAL B 456 -8.26 -2.39 -26.77
N PHE B 457 -9.25 -2.91 -26.05
CA PHE B 457 -9.56 -4.33 -26.15
C PHE B 457 -9.97 -4.71 -27.58
N ALA B 458 -10.74 -3.84 -28.25
CA ALA B 458 -11.11 -4.12 -29.63
C ALA B 458 -9.89 -4.31 -30.51
N LEU B 459 -8.91 -3.41 -30.36
CA LEU B 459 -7.71 -3.50 -31.20
C LEU B 459 -6.91 -4.75 -30.91
N LEU B 460 -6.76 -5.10 -29.62
CA LEU B 460 -6.04 -6.31 -29.23
C LEU B 460 -6.74 -7.55 -29.78
N PHE B 461 -8.07 -7.56 -29.76
CA PHE B 461 -8.81 -8.70 -30.27
C PHE B 461 -8.68 -8.83 -31.79
N PHE B 462 -8.36 -7.74 -32.49
CA PHE B 462 -8.00 -7.89 -33.90
C PHE B 462 -6.82 -8.85 -34.05
N PHE B 463 -5.78 -8.67 -33.22
CA PHE B 463 -4.65 -9.61 -33.26
C PHE B 463 -5.12 -11.03 -32.96
N GLY B 464 -5.95 -11.20 -31.92
CA GLY B 464 -6.50 -12.52 -31.63
C GLY B 464 -7.19 -13.15 -32.83
N HIS B 465 -7.98 -12.37 -33.56
CA HIS B 465 -8.67 -12.88 -34.74
C HIS B 465 -7.66 -13.36 -35.78
N ILE B 466 -6.65 -12.53 -36.04
CA ILE B 466 -5.60 -12.82 -37.01
C ILE B 466 -4.88 -14.10 -36.63
N TRP B 467 -4.56 -14.23 -35.34
CA TRP B 467 -3.78 -15.36 -34.84
C TRP B 467 -4.57 -16.67 -34.97
N HIS B 468 -5.79 -16.71 -34.43
CA HIS B 468 -6.55 -17.96 -34.49
C HIS B 468 -7.07 -18.25 -35.90
N GLY B 469 -7.32 -17.23 -36.72
CA GLY B 469 -7.66 -17.49 -38.11
C GLY B 469 -6.50 -18.14 -38.85
N ALA B 470 -5.29 -17.62 -38.60
CA ALA B 470 -4.08 -18.25 -39.12
C ALA B 470 -3.95 -19.70 -38.61
N ARG B 471 -4.13 -19.92 -37.30
CA ARG B 471 -4.01 -21.27 -36.76
C ARG B 471 -5.00 -22.21 -37.44
N THR B 472 -6.22 -21.72 -37.71
CA THR B 472 -7.24 -22.55 -38.35
C THR B 472 -6.82 -22.95 -39.76
N LEU B 473 -6.42 -21.98 -40.57
CA LEU B 473 -6.20 -22.25 -41.98
C LEU B 473 -4.85 -22.91 -42.25
N PHE B 474 -3.92 -22.87 -41.30
CA PHE B 474 -2.59 -23.41 -41.47
C PHE B 474 -2.30 -24.50 -40.44
N ARG B 475 -3.35 -25.19 -39.97
CA ARG B 475 -3.17 -26.20 -38.93
C ARG B 475 -2.17 -27.28 -39.35
N ASP B 476 -2.19 -27.67 -40.63
CA ASP B 476 -1.29 -28.72 -41.10
C ASP B 476 0.19 -28.36 -40.97
N VAL B 477 0.53 -27.08 -40.92
CA VAL B 477 1.93 -26.68 -40.84
C VAL B 477 2.25 -26.02 -39.48
N PHE B 478 1.41 -26.23 -38.47
CA PHE B 478 1.64 -25.59 -37.19
C PHE B 478 3.01 -25.93 -36.61
N SER B 479 3.51 -27.14 -36.86
CA SER B 479 4.81 -27.56 -36.33
C SER B 479 5.95 -27.36 -37.30
N GLY B 480 5.70 -26.75 -38.46
CA GLY B 480 6.73 -26.57 -39.47
C GLY B 480 6.24 -27.03 -40.83
N ILE B 481 7.06 -26.71 -41.85
CA ILE B 481 6.71 -27.05 -43.22
C ILE B 481 7.19 -28.45 -43.52
N ASP B 482 6.65 -29.04 -44.59
CA ASP B 482 6.94 -30.40 -44.98
C ASP B 482 8.45 -30.61 -45.15
N PRO B 483 9.06 -31.58 -44.44
CA PRO B 483 10.50 -31.85 -44.63
C PRO B 483 10.89 -32.18 -46.07
N GLU B 484 9.99 -32.73 -46.87
CA GLU B 484 10.29 -33.06 -48.26
C GLU B 484 9.55 -32.10 -49.19
N LEU B 485 9.56 -30.82 -48.83
CA LEU B 485 8.90 -29.77 -49.60
C LEU B 485 9.51 -29.70 -51.00
N SER B 486 8.69 -29.96 -52.02
CA SER B 486 9.20 -29.98 -53.39
C SER B 486 9.75 -28.62 -53.78
N PRO B 487 11.05 -28.51 -54.10
CA PRO B 487 11.58 -27.21 -54.55
C PRO B 487 10.87 -26.65 -55.77
N GLU B 488 10.26 -27.50 -56.60
CA GLU B 488 9.53 -27.03 -57.78
C GLU B 488 8.27 -26.27 -57.43
N GLN B 489 7.73 -26.45 -56.22
CA GLN B 489 6.54 -25.74 -55.80
C GLN B 489 6.83 -24.30 -55.39
N VAL B 490 8.08 -23.98 -55.07
CA VAL B 490 8.45 -22.65 -54.61
C VAL B 490 9.31 -21.90 -55.61
N GLU B 491 9.86 -22.57 -56.60
CA GLU B 491 10.63 -21.91 -57.64
C GLU B 491 9.70 -21.53 -58.79
N TRP B 492 10.12 -20.55 -59.57
CA TRP B 492 9.26 -19.99 -60.59
C TRP B 492 9.32 -20.82 -61.88
N GLY B 493 8.19 -20.89 -62.57
CA GLY B 493 8.10 -21.49 -63.88
C GLY B 493 7.70 -22.96 -63.94
N PHE B 494 7.85 -23.71 -62.85
CA PHE B 494 7.55 -25.15 -62.91
C PHE B 494 6.05 -25.38 -63.05
N TYR B 495 5.25 -24.71 -62.25
CA TYR B 495 3.80 -24.85 -62.28
C TYR B 495 3.20 -23.58 -62.90
N GLN B 496 2.14 -23.75 -63.67
CA GLN B 496 1.45 -22.58 -64.20
C GLN B 496 0.68 -21.87 -63.10
N LYS B 497 0.02 -22.63 -62.24
CA LYS B 497 -0.70 -22.10 -61.09
C LYS B 497 0.09 -22.38 -59.82
N VAL B 498 0.27 -21.33 -59.00
CA VAL B 498 1.10 -21.44 -57.81
C VAL B 498 0.54 -22.53 -56.89
N GLY B 499 1.42 -23.41 -56.44
CA GLY B 499 1.02 -24.44 -55.48
C GLY B 499 0.03 -25.44 -56.01
N ASP B 500 0.11 -25.77 -57.29
CA ASP B 500 -0.80 -26.76 -57.86
C ASP B 500 0.05 -27.72 -58.71
N VAL B 501 0.29 -28.91 -58.17
CA VAL B 501 1.17 -29.88 -58.81
C VAL B 501 0.59 -30.35 -60.14
N THR B 502 -0.72 -30.22 -60.36
CA THR B 502 -1.33 -30.67 -61.60
C THR B 502 -1.14 -29.69 -62.75
N THR B 503 -0.49 -28.54 -62.52
CA THR B 503 -0.28 -27.54 -63.55
C THR B 503 1.20 -27.45 -63.98
N ARG B 504 1.99 -28.49 -63.66
CA ARG B 504 3.38 -28.57 -64.09
C ARG B 504 3.52 -28.33 -65.60
N LYS B 505 4.46 -27.45 -65.96
CA LYS B 505 4.74 -27.13 -67.35
C LYS B 505 5.53 -28.24 -68.04
N ALA C 5 43.23 -9.38 -70.23
CA ALA C 5 42.65 -8.84 -69.00
C ALA C 5 43.04 -9.69 -67.80
N THR C 6 44.26 -9.50 -67.30
CA THR C 6 44.72 -10.26 -66.14
C THR C 6 44.24 -9.60 -64.87
N ASN C 7 43.69 -10.41 -63.97
CA ASN C 7 43.24 -10.04 -62.63
C ASN C 7 42.05 -9.10 -62.64
N ARG C 8 41.37 -8.88 -63.78
CA ARG C 8 40.29 -7.91 -63.85
C ARG C 8 38.91 -8.57 -63.91
N ASP C 9 38.71 -9.60 -63.08
CA ASP C 9 37.42 -10.23 -62.86
C ASP C 9 37.49 -10.92 -61.52
N GLN C 10 36.33 -11.27 -60.98
CA GLN C 10 36.32 -11.91 -59.68
C GLN C 10 36.97 -13.29 -59.72
N GLU C 11 36.77 -14.03 -60.81
CA GLU C 11 37.26 -15.40 -60.90
C GLU C 11 38.78 -15.47 -60.74
N SER C 12 39.51 -14.63 -61.47
CA SER C 12 40.96 -14.68 -61.37
C SER C 12 41.47 -13.95 -60.13
N SER C 13 40.84 -12.85 -59.72
CA SER C 13 41.42 -12.03 -58.66
C SER C 13 40.92 -12.39 -57.29
N GLY C 14 39.75 -13.05 -57.19
CA GLY C 14 39.13 -13.28 -55.92
C GLY C 14 38.33 -12.12 -55.34
N PHE C 15 38.35 -10.95 -55.99
CA PHE C 15 37.63 -9.77 -55.48
C PHE C 15 36.51 -9.36 -56.42
N ALA C 16 35.32 -9.14 -55.87
CA ALA C 16 34.20 -8.67 -56.66
C ALA C 16 34.46 -7.26 -57.19
N TRP C 17 33.66 -6.84 -58.18
CA TRP C 17 33.84 -5.54 -58.81
C TRP C 17 33.79 -4.41 -57.79
N TRP C 18 32.92 -4.53 -56.77
CA TRP C 18 32.77 -3.47 -55.79
C TRP C 18 33.94 -3.42 -54.82
N ALA C 19 34.83 -4.40 -54.88
CA ALA C 19 36.10 -4.34 -54.17
C ALA C 19 37.24 -4.36 -55.18
N GLY C 20 36.99 -3.80 -56.37
CA GLY C 20 37.90 -3.98 -57.51
C GLY C 20 39.29 -3.43 -57.27
N ASN C 21 39.40 -2.32 -56.53
CA ASN C 21 40.72 -1.74 -56.29
C ASN C 21 41.60 -2.63 -55.41
N ALA C 22 41.02 -3.61 -54.71
CA ALA C 22 41.84 -4.59 -54.03
C ALA C 22 42.58 -5.52 -55.00
N ARG C 23 42.15 -5.60 -56.26
CA ARG C 23 42.89 -6.32 -57.29
C ARG C 23 44.25 -5.72 -57.59
N LEU C 24 44.53 -4.52 -57.07
CA LEU C 24 45.77 -3.80 -57.32
C LEU C 24 46.85 -4.03 -56.26
N ILE C 25 46.55 -4.80 -55.21
CA ILE C 25 47.44 -4.85 -54.05
C ILE C 25 48.87 -5.24 -54.44
N ASN C 26 49.01 -6.19 -55.37
CA ASN C 26 50.33 -6.67 -55.77
C ASN C 26 50.66 -6.32 -57.22
N LEU C 27 50.06 -5.24 -57.74
CA LEU C 27 50.35 -4.76 -59.09
C LEU C 27 50.94 -3.36 -58.96
N SER C 28 52.25 -3.31 -58.70
CA SER C 28 52.88 -2.05 -58.29
C SER C 28 52.74 -0.98 -59.37
N GLY C 29 52.81 -1.38 -60.64
CA GLY C 29 52.71 -0.41 -61.73
C GLY C 29 51.33 0.22 -61.83
N LYS C 30 50.29 -0.60 -61.93
CA LYS C 30 48.94 -0.05 -61.99
C LYS C 30 48.57 0.70 -60.71
N LEU C 31 49.01 0.19 -59.56
CA LEU C 31 48.73 0.88 -58.30
C LEU C 31 49.38 2.26 -58.25
N LEU C 32 50.60 2.38 -58.79
CA LEU C 32 51.22 3.69 -58.94
C LEU C 32 50.33 4.61 -59.76
N GLY C 33 49.79 4.10 -60.87
CA GLY C 33 48.89 4.89 -61.68
C GLY C 33 47.67 5.39 -60.91
N ALA C 34 47.04 4.50 -60.14
CA ALA C 34 45.88 4.91 -59.35
C ALA C 34 46.25 6.03 -58.38
N HIS C 35 47.41 5.90 -57.73
CA HIS C 35 47.82 6.91 -56.76
C HIS C 35 48.14 8.23 -57.45
N VAL C 36 48.87 8.18 -58.56
CA VAL C 36 49.24 9.41 -59.26
C VAL C 36 48.01 10.07 -59.86
N ALA C 37 47.12 9.26 -60.45
CA ALA C 37 45.88 9.84 -60.99
C ALA C 37 45.06 10.48 -59.88
N HIS C 38 45.03 9.84 -58.69
CA HIS C 38 44.27 10.40 -57.57
C HIS C 38 44.89 11.69 -57.07
N ALA C 39 46.22 11.74 -56.94
CA ALA C 39 46.86 13.00 -56.62
C ALA C 39 46.48 14.07 -57.63
N GLY C 40 46.35 13.68 -58.91
CA GLY C 40 45.87 14.62 -59.92
C GLY C 40 44.49 15.16 -59.61
N LEU C 41 43.58 14.29 -59.11
CA LEU C 41 42.25 14.75 -58.72
C LEU C 41 42.32 15.79 -57.61
N ILE C 42 43.16 15.55 -56.60
CA ILE C 42 43.27 16.52 -55.49
C ILE C 42 43.75 17.86 -56.01
N VAL C 43 44.80 17.84 -56.81
CA VAL C 43 45.38 19.07 -57.33
C VAL C 43 44.39 19.73 -58.28
N PHE C 44 43.66 18.93 -59.06
CA PHE C 44 42.61 19.48 -59.93
C PHE C 44 41.61 20.29 -59.13
N TRP C 45 41.08 19.70 -58.06
CA TRP C 45 40.07 20.40 -57.26
C TRP C 45 40.64 21.67 -56.66
N ALA C 46 41.87 21.62 -56.14
CA ALA C 46 42.46 22.83 -55.56
C ALA C 46 42.51 23.97 -56.57
N GLY C 47 42.95 23.66 -57.80
CA GLY C 47 43.05 24.70 -58.82
C GLY C 47 41.70 25.17 -59.31
N ALA C 48 40.84 24.23 -59.71
CA ALA C 48 39.53 24.61 -60.23
C ALA C 48 38.69 25.31 -59.17
N MET C 49 38.67 24.80 -57.94
CA MET C 49 37.87 25.42 -56.90
C MET C 49 38.35 26.83 -56.62
N THR C 50 39.68 27.03 -56.64
CA THR C 50 40.21 28.38 -56.46
C THR C 50 39.73 29.31 -57.56
N LEU C 51 39.83 28.87 -58.81
CA LEU C 51 39.39 29.74 -59.90
C LEU C 51 37.90 30.03 -59.80
N PHE C 52 37.11 29.02 -59.41
CA PHE C 52 35.68 29.23 -59.16
C PHE C 52 35.47 30.27 -58.07
N GLU C 53 36.15 30.10 -56.93
CA GLU C 53 36.04 31.08 -55.85
C GLU C 53 36.39 32.47 -56.33
N LEU C 54 37.51 32.61 -57.05
CA LEU C 54 37.95 33.91 -57.53
C LEU C 54 36.95 34.53 -58.50
N ALA C 55 36.43 33.73 -59.43
CA ALA C 55 35.42 34.24 -60.36
C ALA C 55 34.19 34.75 -59.62
N HIS C 56 33.86 34.16 -58.48
CA HIS C 56 32.66 34.55 -57.74
C HIS C 56 32.95 35.60 -56.68
N PHE C 57 34.19 36.09 -56.61
CA PHE C 57 34.66 36.86 -55.46
C PHE C 57 34.39 38.35 -55.67
N ILE C 58 33.67 38.95 -54.72
CA ILE C 58 33.46 40.39 -54.65
C ILE C 58 34.38 40.93 -53.56
N PRO C 59 35.47 41.63 -53.89
CA PRO C 59 36.52 41.87 -52.89
C PRO C 59 36.11 42.80 -51.75
N GLU C 60 35.08 43.63 -51.93
CA GLU C 60 34.62 44.49 -50.83
C GLU C 60 33.75 43.75 -49.82
N LYS C 61 33.22 42.58 -50.16
CA LYS C 61 32.51 41.76 -49.18
C LYS C 61 33.50 40.91 -48.39
N PRO C 62 33.22 40.65 -47.12
CA PRO C 62 34.06 39.71 -46.38
C PRO C 62 34.08 38.36 -47.08
N MET C 63 35.24 37.71 -47.05
CA MET C 63 35.33 36.38 -47.64
C MET C 63 34.26 35.46 -47.06
N TYR C 64 34.04 35.52 -45.75
CA TYR C 64 33.15 34.58 -45.11
C TYR C 64 31.69 34.82 -45.44
N GLU C 65 31.36 35.94 -46.09
CA GLU C 65 30.02 36.13 -46.62
C GLU C 65 29.83 35.51 -48.00
N GLN C 66 30.86 34.84 -48.53
CA GLN C 66 30.87 34.43 -49.94
C GLN C 66 31.16 32.95 -50.13
N GLY C 67 31.11 32.15 -49.06
CA GLY C 67 31.30 30.73 -49.23
C GLY C 67 32.68 30.33 -49.69
N LEU C 68 33.70 31.02 -49.21
CA LEU C 68 35.07 30.78 -49.63
C LEU C 68 35.81 29.99 -48.57
N ILE C 69 36.50 28.94 -48.98
CA ILE C 69 37.38 28.20 -48.08
C ILE C 69 38.82 28.17 -48.56
N LEU C 70 39.09 28.32 -49.86
CA LEU C 70 40.46 28.25 -50.36
C LEU C 70 41.16 29.60 -50.36
N ILE C 71 40.51 30.64 -50.87
CA ILE C 71 41.06 32.01 -50.85
C ILE C 71 41.42 32.39 -49.41
N PRO C 72 40.59 32.08 -48.40
CA PRO C 72 41.06 32.26 -47.00
C PRO C 72 42.38 31.57 -46.67
N HIS C 73 42.63 30.37 -47.21
CA HIS C 73 43.90 29.69 -46.98
C HIS C 73 45.07 30.44 -47.60
N ILE C 74 44.87 30.95 -48.82
CA ILE C 74 45.93 31.71 -49.51
C ILE C 74 46.17 33.03 -48.83
N ALA C 75 45.09 33.72 -48.42
CA ALA C 75 45.24 35.03 -47.79
C ALA C 75 45.94 34.92 -46.44
N THR C 76 45.69 33.83 -45.70
CA THR C 76 46.36 33.63 -44.42
C THR C 76 47.87 33.51 -44.59
N LEU C 77 48.33 33.04 -45.75
CA LEU C 77 49.75 32.99 -46.01
C LEU C 77 50.34 34.34 -46.36
N GLY C 78 49.54 35.41 -46.35
CA GLY C 78 50.02 36.74 -46.63
C GLY C 78 49.88 37.19 -48.06
N TRP C 79 49.35 36.36 -48.96
CA TRP C 79 49.23 36.72 -50.36
C TRP C 79 47.93 37.46 -50.59
N GLY C 80 48.01 38.63 -51.23
CA GLY C 80 46.85 39.30 -51.75
C GLY C 80 46.11 40.22 -50.80
N VAL C 81 46.55 40.33 -49.55
CA VAL C 81 45.80 41.05 -48.52
C VAL C 81 46.69 42.09 -47.86
N GLY C 82 46.04 43.06 -47.23
CA GLY C 82 46.71 44.13 -46.53
C GLY C 82 46.19 44.27 -45.12
N PRO C 83 46.37 45.46 -44.53
CA PRO C 83 45.92 45.69 -43.16
C PRO C 83 44.44 45.34 -42.97
N GLY C 84 44.14 44.72 -41.84
CA GLY C 84 42.77 44.36 -41.55
C GLY C 84 42.20 43.25 -42.41
N GLY C 85 43.00 42.64 -43.27
CA GLY C 85 42.50 41.59 -44.14
C GLY C 85 41.91 42.09 -45.44
N GLU C 86 42.05 43.37 -45.75
CA GLU C 86 41.49 43.91 -46.97
C GLU C 86 42.24 43.39 -48.18
N VAL C 87 41.50 43.08 -49.24
CA VAL C 87 42.11 42.51 -50.44
C VAL C 87 42.74 43.63 -51.25
N VAL C 88 44.05 43.53 -51.48
CA VAL C 88 44.76 44.53 -52.25
C VAL C 88 45.12 44.04 -53.65
N ASP C 89 45.10 42.74 -53.90
CA ASP C 89 45.51 42.20 -55.19
C ASP C 89 45.04 40.76 -55.32
N THR C 90 44.18 40.47 -56.28
CA THR C 90 43.66 39.11 -56.43
C THR C 90 44.56 38.24 -57.29
N PHE C 91 45.52 38.83 -57.99
CA PHE C 91 46.38 38.04 -58.88
C PHE C 91 47.05 36.87 -58.18
N PRO C 92 47.56 36.99 -56.94
CA PRO C 92 48.06 35.79 -56.26
C PRO C 92 47.05 34.65 -56.17
N PHE C 93 45.78 34.95 -55.90
CA PHE C 93 44.75 33.91 -55.91
C PHE C 93 44.68 33.24 -57.28
N PHE C 94 44.72 34.04 -58.34
CA PHE C 94 44.67 33.51 -59.70
C PHE C 94 45.85 32.59 -59.98
N VAL C 95 47.06 33.01 -59.58
CA VAL C 95 48.26 32.20 -59.82
C VAL C 95 48.13 30.84 -59.14
N VAL C 96 47.77 30.84 -57.86
CA VAL C 96 47.64 29.58 -57.14
C VAL C 96 46.64 28.67 -57.86
N GLY C 97 45.50 29.21 -58.30
CA GLY C 97 44.52 28.38 -58.98
C GLY C 97 45.03 27.82 -60.30
N VAL C 98 45.58 28.69 -61.16
CA VAL C 98 46.04 28.26 -62.48
C VAL C 98 47.15 27.22 -62.35
N VAL C 99 48.11 27.46 -61.46
CA VAL C 99 49.26 26.56 -61.40
C VAL C 99 48.83 25.18 -60.89
N HIS C 100 47.89 25.13 -59.95
CA HIS C 100 47.37 23.82 -59.54
C HIS C 100 46.63 23.14 -60.69
N LEU C 101 45.78 23.87 -61.42
CA LEU C 101 45.03 23.27 -62.52
C LEU C 101 45.96 22.75 -63.61
N ILE C 102 47.02 23.50 -63.94
CA ILE C 102 47.97 23.05 -64.96
C ILE C 102 48.72 21.80 -64.46
N SER C 103 49.14 21.82 -63.19
CA SER C 103 49.85 20.68 -62.63
C SER C 103 48.99 19.43 -62.63
N SER C 104 47.67 19.58 -62.43
CA SER C 104 46.80 18.40 -62.34
C SER C 104 46.77 17.64 -63.66
N ALA C 105 46.98 18.34 -64.78
CA ALA C 105 47.08 17.67 -66.07
C ALA C 105 48.32 16.79 -66.13
N VAL C 106 49.45 17.27 -65.59
CA VAL C 106 50.67 16.46 -65.56
C VAL C 106 50.45 15.20 -64.76
N LEU C 107 49.91 15.34 -63.54
CA LEU C 107 49.67 14.18 -62.68
C LEU C 107 48.64 13.26 -63.31
N GLY C 108 47.59 13.82 -63.91
CA GLY C 108 46.61 13.00 -64.57
C GLY C 108 47.23 12.22 -65.73
N PHE C 109 48.13 12.87 -66.46
CA PHE C 109 48.83 12.20 -67.55
C PHE C 109 49.61 10.99 -67.03
N GLY C 110 50.49 11.21 -66.04
CA GLY C 110 51.26 10.11 -65.47
C GLY C 110 50.41 9.04 -64.82
N GLY C 111 49.30 9.43 -64.20
CA GLY C 111 48.41 8.44 -63.62
C GLY C 111 47.77 7.56 -64.67
N VAL C 112 47.20 8.18 -65.71
CA VAL C 112 46.60 7.41 -66.78
C VAL C 112 47.65 6.54 -67.46
N TYR C 113 48.83 7.10 -67.73
CA TYR C 113 49.88 6.30 -68.35
C TYR C 113 50.19 5.05 -67.52
N HIS C 114 50.53 5.22 -66.24
CA HIS C 114 50.93 4.05 -65.45
C HIS C 114 49.76 3.09 -65.24
N ALA C 115 48.53 3.60 -65.20
CA ALA C 115 47.39 2.75 -64.86
C ALA C 115 46.99 1.84 -66.02
N ILE C 116 47.15 2.29 -67.27
CA ILE C 116 46.61 1.46 -68.35
C ILE C 116 47.62 1.21 -69.46
N ARG C 117 48.76 1.92 -69.46
CA ARG C 117 49.75 1.75 -70.53
C ARG C 117 51.08 1.18 -70.07
N GLY C 118 51.62 1.64 -68.93
CA GLY C 118 52.91 1.18 -68.48
C GLY C 118 52.86 -0.22 -67.92
N PRO C 119 54.01 -0.69 -67.46
CA PRO C 119 54.08 -2.05 -66.89
C PRO C 119 53.20 -2.20 -65.66
N GLU C 120 52.43 -3.30 -65.63
CA GLU C 120 51.52 -3.53 -64.52
C GLU C 120 52.26 -3.76 -63.22
N THR C 121 53.43 -4.37 -63.26
CA THR C 121 54.29 -4.53 -62.11
C THR C 121 55.63 -3.86 -62.40
N LEU C 122 56.24 -3.31 -61.36
CA LEU C 122 57.48 -2.58 -61.52
C LEU C 122 58.71 -3.42 -61.20
N GLU C 123 58.53 -4.58 -60.55
CA GLU C 123 59.67 -5.30 -60.00
C GLU C 123 60.57 -5.86 -61.10
N GLU C 124 59.98 -6.33 -62.20
CA GLU C 124 60.80 -6.80 -63.32
C GLU C 124 61.54 -5.65 -63.98
N TYR C 125 60.93 -4.46 -64.01
CA TYR C 125 61.51 -3.34 -64.71
C TYR C 125 62.55 -2.61 -63.87
N SER C 126 62.32 -2.48 -62.57
CA SER C 126 63.19 -1.66 -61.73
C SER C 126 63.23 -2.21 -60.32
N SER C 127 64.44 -2.44 -59.81
CA SER C 127 64.59 -2.77 -58.40
C SER C 127 64.39 -1.56 -57.52
N PHE C 128 64.61 -0.35 -58.05
CA PHE C 128 64.44 0.85 -57.25
C PHE C 128 62.96 1.14 -57.03
N PHE C 129 62.17 1.14 -58.11
CA PHE C 129 60.76 1.48 -58.02
C PHE C 129 59.86 0.30 -57.71
N GLY C 130 60.26 -0.93 -58.02
CA GLY C 130 59.50 -2.08 -57.58
C GLY C 130 59.56 -2.25 -56.08
N TYR C 131 58.55 -2.94 -55.53
CA TYR C 131 58.55 -3.16 -54.09
C TYR C 131 57.71 -4.38 -53.75
N ASP C 132 58.07 -4.98 -52.62
CA ASP C 132 57.29 -6.01 -51.96
C ASP C 132 56.81 -5.44 -50.65
N TRP C 133 55.48 -5.47 -50.43
CA TRP C 133 54.92 -5.00 -49.15
C TRP C 133 55.62 -5.65 -47.97
N LYS C 134 56.08 -6.89 -48.13
CA LYS C 134 56.74 -7.63 -47.04
C LYS C 134 58.21 -7.30 -46.91
N ASP C 135 58.76 -6.49 -47.81
CA ASP C 135 60.15 -6.07 -47.72
C ASP C 135 60.21 -4.88 -46.75
N LYS C 136 60.58 -5.16 -45.49
CA LYS C 136 60.52 -4.13 -44.47
C LYS C 136 61.50 -3.00 -44.75
N ASN C 137 62.68 -3.33 -45.27
CA ASN C 137 63.67 -2.27 -45.51
C ASN C 137 63.20 -1.36 -46.64
N LYS C 138 62.64 -1.91 -47.70
CA LYS C 138 62.15 -1.08 -48.78
C LYS C 138 60.97 -0.24 -48.32
N MET C 139 60.11 -0.80 -47.46
CA MET C 139 58.99 -0.02 -46.95
C MET C 139 59.46 1.17 -46.14
N THR C 140 60.45 0.99 -45.27
CA THR C 140 60.93 2.14 -44.49
C THR C 140 61.68 3.13 -45.37
N THR C 141 62.28 2.68 -46.47
CA THR C 141 62.97 3.58 -47.39
C THR C 141 61.99 4.50 -48.12
N ILE C 142 60.91 3.94 -48.66
CA ILE C 142 59.91 4.76 -49.32
C ILE C 142 59.26 5.71 -48.32
N LEU C 143 58.99 5.22 -47.11
CA LEU C 143 58.55 6.09 -46.02
C LEU C 143 59.58 7.20 -45.77
N GLY C 144 60.87 6.87 -45.85
CA GLY C 144 61.89 7.86 -45.60
C GLY C 144 61.89 8.97 -46.64
N PHE C 145 61.80 8.59 -47.93
CA PHE C 145 61.70 9.59 -48.99
C PHE C 145 60.57 10.57 -48.73
N HIS C 146 59.40 10.03 -48.36
CA HIS C 146 58.22 10.86 -48.19
C HIS C 146 58.30 11.72 -46.94
N LEU C 147 58.96 11.24 -45.88
CA LEU C 147 59.20 12.09 -44.73
C LEU C 147 60.05 13.31 -45.12
N ILE C 148 61.08 13.09 -45.95
CA ILE C 148 61.94 14.19 -46.39
C ILE C 148 61.11 15.20 -47.20
N VAL C 149 60.25 14.69 -48.08
CA VAL C 149 59.38 15.58 -48.86
C VAL C 149 58.50 16.40 -47.92
N LEU C 150 57.87 15.74 -46.94
CA LEU C 150 57.00 16.45 -46.00
C LEU C 150 57.79 17.50 -45.22
N GLY C 151 58.97 17.13 -44.73
CA GLY C 151 59.81 18.11 -44.04
C GLY C 151 60.12 19.31 -44.90
N ILE C 152 60.42 19.08 -46.18
CA ILE C 152 60.64 20.18 -47.10
C ILE C 152 59.40 21.07 -47.19
N GLY C 153 58.23 20.46 -47.29
CA GLY C 153 57.00 21.24 -47.31
C GLY C 153 56.85 22.14 -46.09
N ALA C 154 57.14 21.62 -44.90
CA ALA C 154 57.03 22.44 -43.70
C ALA C 154 58.00 23.62 -43.75
N LEU C 155 59.20 23.40 -44.31
CA LEU C 155 60.16 24.49 -44.38
C LEU C 155 59.78 25.51 -45.44
N LEU C 156 58.93 25.15 -46.40
CA LEU C 156 58.43 26.14 -47.34
C LEU C 156 57.54 27.15 -46.64
N LEU C 157 56.70 26.69 -45.72
CA LEU C 157 55.95 27.59 -44.86
C LEU C 157 56.88 28.52 -44.09
N VAL C 158 57.93 27.96 -43.48
CA VAL C 158 58.91 28.78 -42.77
C VAL C 158 59.52 29.83 -43.71
N ALA C 159 59.93 29.39 -44.90
CA ALA C 159 60.53 30.33 -45.86
C ALA C 159 59.55 31.42 -46.26
N LYS C 160 58.28 31.06 -46.48
CA LYS C 160 57.26 32.08 -46.77
C LYS C 160 57.19 33.10 -45.64
N ALA C 161 57.16 32.61 -44.40
CA ALA C 161 56.97 33.46 -43.24
C ALA C 161 58.17 34.36 -42.96
N MET C 162 59.38 33.89 -43.24
CA MET C 162 60.58 34.60 -42.83
C MET C 162 61.31 35.30 -43.97
N PHE C 163 61.17 34.84 -45.21
CA PHE C 163 61.94 35.38 -46.31
C PHE C 163 61.13 35.79 -47.54
N PHE C 164 59.84 35.49 -47.61
CA PHE C 164 59.08 35.85 -48.80
C PHE C 164 57.77 36.53 -48.45
N GLY C 165 57.84 37.56 -47.61
CA GLY C 165 56.72 38.43 -47.34
C GLY C 165 56.00 38.21 -46.02
N GLY C 166 56.21 37.09 -45.34
CA GLY C 166 55.56 36.85 -44.06
C GLY C 166 54.19 36.20 -44.19
N LEU C 167 53.41 36.33 -43.11
CA LEU C 167 52.10 35.70 -43.00
C LEU C 167 51.09 36.73 -42.52
N TYR C 168 49.80 36.46 -42.70
CA TYR C 168 48.80 37.36 -42.14
C TYR C 168 48.73 37.13 -40.63
N ASP C 169 48.90 38.22 -39.87
CA ASP C 169 48.99 38.20 -38.41
C ASP C 169 47.80 38.97 -37.84
N THR C 170 46.77 38.24 -37.42
CA THR C 170 45.60 38.87 -36.81
C THR C 170 45.97 39.62 -35.54
N TRP C 171 47.07 39.25 -34.88
CA TRP C 171 47.48 39.85 -33.60
C TRP C 171 48.43 41.03 -33.75
N ALA C 172 48.75 41.46 -34.98
CA ALA C 172 49.76 42.49 -35.18
C ALA C 172 49.37 43.77 -34.42
N PRO C 173 50.29 44.40 -33.70
CA PRO C 173 49.96 45.61 -32.96
C PRO C 173 49.47 46.71 -33.89
N GLY C 174 48.39 47.38 -33.48
CA GLY C 174 47.76 48.37 -34.31
C GLY C 174 46.72 47.83 -35.27
N GLY C 175 46.51 46.51 -35.29
CA GLY C 175 45.53 45.89 -36.16
C GLY C 175 46.16 44.79 -37.01
N GLY C 176 45.34 43.84 -37.45
CA GLY C 176 45.86 42.73 -38.24
C GLY C 176 46.55 43.21 -39.50
N ASP C 177 47.63 42.52 -39.87
CA ASP C 177 48.42 42.91 -41.03
C ASP C 177 49.35 41.75 -41.37
N VAL C 178 49.84 41.76 -42.60
CA VAL C 178 50.91 40.86 -43.01
C VAL C 178 52.20 41.27 -42.28
N ARG C 179 52.94 40.29 -41.79
CA ARG C 179 54.14 40.57 -41.02
C ARG C 179 55.19 39.50 -41.26
N VAL C 180 56.43 39.95 -41.40
CA VAL C 180 57.55 39.02 -41.54
C VAL C 180 57.93 38.53 -40.15
N ILE C 181 58.16 37.23 -40.03
CA ILE C 181 58.53 36.64 -38.74
C ILE C 181 60.04 36.55 -38.68
N THR C 182 60.64 37.25 -37.73
CA THR C 182 62.09 37.29 -37.65
C THR C 182 62.66 36.49 -36.50
N ASN C 183 61.88 36.29 -35.44
CA ASN C 183 62.32 35.52 -34.27
C ASN C 183 61.36 34.36 -34.01
N PRO C 184 61.38 33.34 -34.87
CA PRO C 184 60.55 32.15 -34.60
C PRO C 184 60.98 31.49 -33.29
N THR C 185 60.01 30.90 -32.61
CA THR C 185 60.27 30.25 -31.33
C THR C 185 61.03 28.94 -31.56
N LEU C 186 62.25 28.85 -31.03
CA LEU C 186 63.02 27.62 -31.15
C LEU C 186 63.12 26.83 -29.86
N ASP C 187 62.77 27.43 -28.72
CA ASP C 187 62.84 26.75 -27.42
C ASP C 187 61.99 25.50 -27.40
N PRO C 188 62.61 24.32 -27.28
CA PRO C 188 61.82 23.07 -27.25
C PRO C 188 60.86 23.02 -26.08
N ARG C 189 61.21 23.65 -24.97
CA ARG C 189 60.30 23.72 -23.85
C ARG C 189 58.98 24.38 -24.25
N VAL C 190 59.04 25.34 -25.18
CA VAL C 190 57.81 25.96 -25.66
C VAL C 190 57.17 25.10 -26.75
N ILE C 191 57.94 24.72 -27.77
CA ILE C 191 57.36 24.03 -28.93
C ILE C 191 56.72 22.72 -28.50
N PHE C 192 57.49 21.87 -27.80
CA PHE C 192 56.93 20.59 -27.37
C PHE C 192 56.05 20.74 -26.13
N GLY C 193 56.18 21.83 -25.38
CA GLY C 193 55.24 22.09 -24.30
C GLY C 193 53.80 22.11 -24.77
N TYR C 194 53.56 22.61 -25.99
CA TYR C 194 52.21 22.60 -26.56
C TYR C 194 51.65 21.18 -26.61
N LEU C 195 52.51 20.20 -26.90
CA LEU C 195 52.07 18.81 -27.03
C LEU C 195 51.60 18.23 -25.71
N LEU C 196 52.04 18.80 -24.59
CA LEU C 196 51.67 18.30 -23.28
C LEU C 196 50.53 19.08 -22.64
N LYS C 197 49.96 20.06 -23.34
CA LYS C 197 48.83 20.77 -22.78
C LYS C 197 47.58 19.90 -22.83
N SER C 198 46.79 19.95 -21.77
CA SER C 198 45.50 19.30 -21.75
C SER C 198 44.65 19.72 -22.94
N PRO C 199 43.83 18.83 -23.49
CA PRO C 199 42.89 19.24 -24.55
C PRO C 199 41.60 19.88 -24.06
N PHE C 200 41.41 20.01 -22.74
CA PHE C 200 40.16 20.53 -22.21
C PHE C 200 40.20 22.06 -22.12
N GLY C 201 39.10 22.63 -21.60
CA GLY C 201 38.86 24.05 -21.74
C GLY C 201 39.90 24.90 -21.03
N GLY C 202 40.21 26.05 -21.65
CA GLY C 202 41.26 26.93 -21.17
C GLY C 202 42.65 26.45 -21.47
N GLU C 203 42.79 25.27 -22.08
CA GLU C 203 44.08 24.70 -22.41
C GLU C 203 44.16 24.39 -23.90
N GLY C 204 43.37 23.44 -24.40
CA GLY C 204 43.18 23.25 -25.82
C GLY C 204 44.34 22.64 -26.57
N TRP C 205 45.32 22.07 -25.88
CA TRP C 205 46.39 21.33 -26.55
C TRP C 205 47.04 22.21 -27.62
N ILE C 206 47.35 21.64 -28.80
CA ILE C 206 48.02 22.46 -29.82
C ILE C 206 47.06 23.44 -30.48
N VAL C 207 45.75 23.22 -30.37
CA VAL C 207 44.76 24.15 -30.91
C VAL C 207 44.88 25.53 -30.27
N SER C 208 45.56 25.62 -29.14
CA SER C 208 45.70 26.89 -28.43
C SER C 208 46.76 27.82 -29.03
N VAL C 209 47.53 27.40 -30.03
CA VAL C 209 48.65 28.22 -30.50
C VAL C 209 48.13 29.58 -30.95
N ASN C 210 48.72 30.64 -30.41
CA ASN C 210 48.09 31.95 -30.49
C ASN C 210 49.04 33.05 -30.97
N ASN C 211 50.13 32.67 -31.65
CA ASN C 211 51.06 33.63 -32.20
C ASN C 211 51.88 32.95 -33.29
N LEU C 212 52.25 33.73 -34.31
CA LEU C 212 52.95 33.18 -35.47
C LEU C 212 54.38 32.78 -35.16
N GLU C 213 55.01 33.38 -34.14
CA GLU C 213 56.36 32.98 -33.80
C GLU C 213 56.41 31.52 -33.37
N ASP C 214 55.37 31.06 -32.64
CA ASP C 214 55.30 29.65 -32.27
C ASP C 214 54.95 28.77 -33.48
N VAL C 215 54.06 29.26 -34.36
CA VAL C 215 53.73 28.49 -35.57
C VAL C 215 54.98 28.25 -36.42
N VAL C 216 55.73 29.32 -36.72
CA VAL C 216 56.90 29.19 -37.59
C VAL C 216 57.95 28.29 -36.94
N GLY C 217 58.26 28.56 -35.67
CA GLY C 217 59.22 27.73 -34.97
C GLY C 217 58.78 26.28 -34.84
N GLY C 218 57.48 26.05 -34.69
CA GLY C 218 56.99 24.68 -34.71
C GLY C 218 57.28 24.01 -36.04
N HIS C 219 57.13 24.74 -37.15
CA HIS C 219 57.36 24.14 -38.46
C HIS C 219 58.83 24.01 -38.79
N ILE C 220 59.70 24.80 -38.15
CA ILE C 220 61.14 24.56 -38.25
C ILE C 220 61.47 23.22 -37.61
N TRP C 221 60.89 22.95 -36.43
CA TRP C 221 61.12 21.69 -35.73
C TRP C 221 60.57 20.51 -36.52
N ILE C 222 59.33 20.63 -37.01
CA ILE C 222 58.72 19.55 -37.78
C ILE C 222 59.51 19.28 -39.06
N GLY C 223 59.99 20.35 -39.71
CA GLY C 223 60.78 20.17 -40.92
C GLY C 223 62.04 19.36 -40.67
N LEU C 224 62.79 19.74 -39.64
CA LEU C 224 64.02 19.02 -39.33
C LEU C 224 63.73 17.61 -38.81
N ILE C 225 62.72 17.47 -37.94
CA ILE C 225 62.34 16.15 -37.45
C ILE C 225 61.99 15.22 -38.60
N CYS C 226 61.20 15.70 -39.56
CA CYS C 226 60.80 14.83 -40.67
C CYS C 226 61.98 14.47 -41.56
N ILE C 227 62.87 15.44 -41.82
CA ILE C 227 64.04 15.16 -42.66
C ILE C 227 64.97 14.20 -41.95
N ALA C 228 65.17 14.37 -40.64
CA ALA C 228 65.99 13.44 -39.87
C ALA C 228 65.38 12.04 -39.87
N GLY C 229 64.10 11.95 -39.48
CA GLY C 229 63.44 10.66 -39.47
C GLY C 229 63.43 9.99 -40.84
N GLY C 230 63.30 10.80 -41.89
CA GLY C 230 63.35 10.25 -43.24
C GLY C 230 64.70 9.64 -43.57
N ILE C 231 65.78 10.34 -43.22
CA ILE C 231 67.12 9.78 -43.43
C ILE C 231 67.31 8.55 -42.57
N TRP C 232 66.81 8.59 -41.33
CA TRP C 232 66.87 7.44 -40.44
C TRP C 232 66.22 6.21 -41.06
N HIS C 233 65.01 6.38 -41.60
CA HIS C 233 64.31 5.22 -42.14
C HIS C 233 64.89 4.77 -43.47
N ILE C 234 65.64 5.64 -44.15
CA ILE C 234 66.35 5.18 -45.35
C ILE C 234 67.57 4.35 -44.96
N LEU C 235 68.22 4.67 -43.85
CA LEU C 235 69.47 4.01 -43.49
C LEU C 235 69.29 2.84 -42.53
N THR C 236 68.08 2.60 -42.00
CA THR C 236 67.89 1.56 -41.01
C THR C 236 66.79 0.60 -41.46
N THR C 237 66.61 -0.45 -40.68
CA THR C 237 65.55 -1.43 -40.87
C THR C 237 64.88 -1.66 -39.52
N PRO C 238 63.59 -1.98 -39.51
CA PRO C 238 62.83 -2.01 -38.25
C PRO C 238 63.48 -2.90 -37.19
N PHE C 239 63.45 -2.42 -35.96
CA PHE C 239 63.98 -3.17 -34.83
C PHE C 239 63.11 -4.40 -34.55
N GLY C 240 63.69 -5.34 -33.80
CA GLY C 240 62.99 -6.58 -33.51
C GLY C 240 61.66 -6.35 -32.82
N TRP C 241 61.63 -5.45 -31.84
CA TRP C 241 60.38 -5.16 -31.14
C TRP C 241 59.34 -4.58 -32.09
N ALA C 242 59.77 -3.79 -33.09
CA ALA C 242 58.83 -3.28 -34.08
C ALA C 242 58.31 -4.42 -34.97
N ARG C 243 59.20 -5.32 -35.38
CA ARG C 243 58.78 -6.44 -36.21
C ARG C 243 57.74 -7.29 -35.51
N ARG C 244 57.84 -7.45 -34.19
CA ARG C 244 56.90 -8.31 -33.50
C ARG C 244 55.56 -7.62 -33.23
N ALA C 245 55.50 -6.30 -33.29
CA ALA C 245 54.28 -5.60 -32.90
C ALA C 245 53.30 -5.42 -34.04
N PHE C 246 53.77 -5.39 -35.29
CA PHE C 246 52.95 -4.95 -36.41
C PHE C 246 52.67 -6.07 -37.39
N ILE C 247 51.60 -5.88 -38.13
CA ILE C 247 51.33 -6.66 -39.32
C ILE C 247 52.01 -5.95 -40.48
N TRP C 248 52.67 -6.72 -41.34
CA TRP C 248 53.50 -6.18 -42.42
C TRP C 248 52.87 -6.58 -43.74
N SER C 249 51.96 -5.75 -44.24
CA SER C 249 51.22 -6.03 -45.47
C SER C 249 50.62 -4.74 -45.97
N GLY C 250 50.35 -4.70 -47.28
CA GLY C 250 49.76 -3.51 -47.87
C GLY C 250 48.50 -3.04 -47.16
N GLU C 251 47.60 -3.97 -46.86
CA GLU C 251 46.36 -3.56 -46.19
C GLU C 251 46.62 -3.11 -44.77
N ALA C 252 47.61 -3.70 -44.09
CA ALA C 252 47.94 -3.25 -42.75
C ALA C 252 48.46 -1.81 -42.76
N TYR C 253 49.39 -1.51 -43.67
CA TYR C 253 49.92 -0.14 -43.77
C TYR C 253 48.80 0.85 -44.10
N LEU C 254 47.91 0.48 -45.02
CA LEU C 254 46.76 1.33 -45.30
C LEU C 254 45.99 1.64 -44.02
N SER C 255 45.74 0.61 -43.19
CA SER C 255 44.95 0.83 -41.98
C SER C 255 45.65 1.77 -41.00
N TYR C 256 46.97 1.65 -40.87
CA TYR C 256 47.68 2.55 -39.96
C TYR C 256 47.50 4.00 -40.40
N SER C 257 47.68 4.25 -41.71
CA SER C 257 47.51 5.59 -42.27
C SER C 257 46.08 6.09 -42.13
N LEU C 258 45.09 5.19 -42.28
CA LEU C 258 43.69 5.58 -42.10
C LEU C 258 43.44 6.05 -40.68
N GLY C 259 43.96 5.33 -39.69
CA GLY C 259 43.84 5.79 -38.31
C GLY C 259 44.51 7.14 -38.11
N ALA C 260 45.67 7.34 -38.74
CA ALA C 260 46.37 8.63 -38.60
C ALA C 260 45.55 9.76 -39.22
N LEU C 261 45.01 9.53 -40.42
CA LEU C 261 44.23 10.58 -41.08
C LEU C 261 42.93 10.86 -40.32
N SER C 262 42.32 9.83 -39.74
CA SER C 262 41.13 10.06 -38.93
C SER C 262 41.45 11.01 -37.78
N MET C 263 42.54 10.71 -37.07
CA MET C 263 42.99 11.57 -35.98
C MET C 263 43.26 12.99 -36.43
N MET C 264 43.94 13.15 -37.58
CA MET C 264 44.24 14.48 -38.09
C MET C 264 42.96 15.22 -38.45
N GLY C 265 41.99 14.51 -39.03
CA GLY C 265 40.72 15.14 -39.35
C GLY C 265 40.00 15.68 -38.12
N PHE C 266 39.94 14.90 -37.04
CA PHE C 266 39.31 15.39 -35.81
C PHE C 266 40.06 16.63 -35.30
N ILE C 267 41.39 16.60 -35.38
CA ILE C 267 42.18 17.74 -34.94
C ILE C 267 41.88 18.96 -35.80
N ALA C 268 41.83 18.79 -37.12
CA ALA C 268 41.53 19.91 -38.01
C ALA C 268 40.15 20.49 -37.72
N THR C 269 39.19 19.62 -37.39
CA THR C 269 37.86 20.06 -36.99
C THR C 269 37.95 21.02 -35.79
N CYS C 270 38.72 20.62 -34.78
CA CYS C 270 38.84 21.49 -33.60
C CYS C 270 39.65 22.73 -33.92
N PHE C 271 40.66 22.61 -34.78
CA PHE C 271 41.47 23.76 -35.13
C PHE C 271 40.62 24.87 -35.74
N VAL C 272 39.84 24.54 -36.77
CA VAL C 272 39.07 25.57 -37.47
C VAL C 272 37.91 26.05 -36.60
N TRP C 273 37.48 25.25 -35.61
CA TRP C 273 36.35 25.68 -34.82
C TRP C 273 36.76 26.65 -33.71
N PHE C 274 37.95 26.48 -33.13
CA PHE C 274 38.37 27.28 -31.99
C PHE C 274 39.48 28.28 -32.30
N ASN C 275 40.41 27.95 -33.19
CA ASN C 275 41.61 28.75 -33.37
C ASN C 275 41.35 29.91 -34.32
N ASN C 276 41.69 31.12 -33.88
CA ASN C 276 41.54 32.30 -34.72
C ASN C 276 42.89 32.94 -35.03
N THR C 277 43.98 32.19 -34.91
CA THR C 277 45.29 32.69 -35.29
C THR C 277 45.67 32.20 -36.69
N VAL C 278 45.73 30.88 -36.88
CA VAL C 278 46.01 30.34 -38.20
C VAL C 278 44.75 30.19 -39.03
N TYR C 279 43.57 30.41 -38.44
CA TYR C 279 42.32 30.62 -39.18
C TYR C 279 41.84 32.01 -38.78
N PRO C 280 42.42 33.07 -39.35
CA PRO C 280 42.05 34.43 -38.93
C PRO C 280 40.57 34.69 -39.13
N SER C 281 39.94 35.30 -38.11
CA SER C 281 38.52 35.60 -38.21
C SER C 281 38.22 36.61 -39.31
N GLU C 282 39.21 37.41 -39.72
CA GLU C 282 39.02 38.32 -40.84
C GLU C 282 38.65 37.59 -42.13
N PHE C 283 39.12 36.35 -42.30
CA PHE C 283 38.91 35.56 -43.51
C PHE C 283 37.90 34.45 -43.34
N TYR C 284 37.87 33.82 -42.16
CA TYR C 284 37.03 32.66 -41.92
C TYR C 284 35.75 32.98 -41.17
N GLY C 285 35.59 34.22 -40.68
CA GLY C 285 34.49 34.60 -39.85
C GLY C 285 34.82 34.30 -38.39
N PRO C 286 34.02 34.81 -37.46
CA PRO C 286 34.30 34.58 -36.04
C PRO C 286 34.09 33.12 -35.64
N THR C 287 34.83 32.69 -34.61
CA THR C 287 34.51 31.40 -34.02
C THR C 287 33.19 31.50 -33.24
N GLY C 288 32.63 30.33 -32.94
CA GLY C 288 31.46 30.23 -32.10
C GLY C 288 31.61 30.95 -30.77
N PRO C 289 32.67 30.62 -30.01
CA PRO C 289 32.96 31.39 -28.79
C PRO C 289 33.05 32.89 -29.04
N GLU C 290 33.73 33.26 -30.14
CA GLU C 290 33.97 34.66 -30.46
C GLU C 290 32.67 35.44 -30.64
N ALA C 291 31.78 34.91 -31.47
CA ALA C 291 30.52 35.59 -31.74
C ALA C 291 29.67 35.71 -30.48
N SER C 292 29.70 34.67 -29.63
CA SER C 292 28.92 34.71 -28.40
C SER C 292 29.48 35.77 -27.45
N GLN C 293 30.79 35.84 -27.31
CA GLN C 293 31.40 36.93 -26.55
C GLN C 293 31.07 38.29 -27.18
N ALA C 294 31.08 38.36 -28.51
CA ALA C 294 30.82 39.64 -29.18
C ALA C 294 29.41 40.13 -28.90
N GLN C 295 28.45 39.23 -28.72
CA GLN C 295 27.10 39.65 -28.39
C GLN C 295 27.07 40.33 -27.02
N ALA C 296 27.75 39.74 -26.03
CA ALA C 296 27.80 40.36 -24.71
C ALA C 296 28.46 41.73 -24.78
N MET C 297 29.55 41.85 -25.55
CA MET C 297 30.20 43.15 -25.77
C MET C 297 29.23 44.17 -26.33
N THR C 298 28.46 43.75 -27.35
CA THR C 298 27.57 44.67 -28.05
C THR C 298 26.58 45.29 -27.08
N PHE C 299 25.92 44.47 -26.26
CA PHE C 299 24.90 45.06 -25.41
C PHE C 299 25.49 45.70 -24.17
N LEU C 300 26.67 45.26 -23.73
CA LEU C 300 27.40 46.03 -22.73
C LEU C 300 27.66 47.45 -23.24
N ILE C 301 28.16 47.57 -24.48
CA ILE C 301 28.43 48.89 -25.03
C ILE C 301 27.14 49.69 -25.16
N ARG C 302 26.10 49.08 -25.72
CA ARG C 302 24.85 49.80 -25.95
C ARG C 302 24.27 50.30 -24.63
N ASP C 303 24.10 49.39 -23.67
CA ASP C 303 23.42 49.74 -22.42
C ASP C 303 24.22 50.72 -21.60
N GLN C 304 25.55 50.56 -21.57
CA GLN C 304 26.40 51.57 -20.94
C GLN C 304 26.26 52.94 -21.60
N LYS C 305 26.15 52.98 -22.94
CA LYS C 305 25.91 54.27 -23.60
C LYS C 305 24.60 54.89 -23.15
N LEU C 306 23.60 54.06 -22.85
CA LEU C 306 22.34 54.54 -22.31
C LEU C 306 22.43 54.94 -20.84
N GLY C 307 23.55 54.65 -20.18
CA GLY C 307 23.75 55.07 -18.80
C GLY C 307 23.87 53.94 -17.80
N ALA C 308 23.82 52.68 -18.20
CA ALA C 308 23.91 51.60 -17.24
C ALA C 308 25.31 51.50 -16.63
N ASN C 309 25.37 51.23 -15.34
CA ASN C 309 26.62 50.88 -14.68
C ASN C 309 26.78 49.36 -14.80
N VAL C 310 27.56 48.91 -15.79
CA VAL C 310 27.59 47.50 -16.12
C VAL C 310 28.30 46.65 -15.07
N GLY C 311 29.16 47.26 -14.24
CA GLY C 311 29.78 46.49 -13.17
C GLY C 311 28.84 46.10 -12.05
N SER C 312 27.87 46.95 -11.73
CA SER C 312 27.00 46.71 -10.59
C SER C 312 25.61 46.21 -10.99
N ALA C 313 25.37 45.97 -12.27
CA ALA C 313 24.07 45.53 -12.76
C ALA C 313 23.88 44.04 -12.46
N GLN C 314 22.95 43.75 -11.55
CA GLN C 314 22.60 42.38 -11.19
C GLN C 314 21.55 41.85 -12.16
N GLY C 315 21.83 40.68 -12.76
CA GLY C 315 20.88 40.04 -13.64
C GLY C 315 19.81 39.26 -12.88
N PRO C 316 18.83 38.73 -13.62
CA PRO C 316 17.70 38.04 -12.97
C PRO C 316 18.09 36.90 -12.05
N THR C 317 19.19 36.20 -12.33
CA THR C 317 19.60 35.06 -11.50
C THR C 317 20.38 35.48 -10.27
N GLY C 318 20.80 36.74 -10.19
CA GLY C 318 21.73 37.19 -9.17
C GLY C 318 23.15 37.35 -9.66
N LEU C 319 23.53 36.64 -10.73
CA LEU C 319 24.80 36.89 -11.40
C LEU C 319 24.74 38.20 -12.16
N GLY C 320 25.92 38.80 -12.38
CA GLY C 320 26.01 40.03 -13.14
C GLY C 320 25.39 39.89 -14.52
N LYS C 321 24.59 40.89 -14.91
CA LYS C 321 23.95 40.84 -16.22
C LYS C 321 24.98 40.95 -17.35
N TYR C 322 26.03 41.75 -17.16
CA TYR C 322 27.06 41.97 -18.17
C TYR C 322 28.40 41.37 -17.77
N LEU C 323 28.72 41.40 -16.48
CA LEU C 323 30.02 41.00 -15.97
C LEU C 323 29.84 40.10 -14.76
N MET C 324 30.71 39.09 -14.66
CA MET C 324 30.69 38.15 -13.55
C MET C 324 32.10 37.59 -13.38
N ARG C 325 32.24 36.61 -12.50
CA ARG C 325 33.52 35.96 -12.26
C ARG C 325 33.54 34.55 -12.84
N SER C 326 34.69 34.18 -13.41
CA SER C 326 34.96 32.79 -13.74
C SER C 326 35.11 32.01 -12.44
N PRO C 327 35.05 30.67 -12.50
CA PRO C 327 35.24 29.87 -11.27
C PRO C 327 36.57 30.12 -10.58
N THR C 328 37.55 30.74 -11.25
CA THR C 328 38.80 31.09 -10.59
C THR C 328 38.95 32.60 -10.37
N GLY C 329 37.88 33.36 -10.55
CA GLY C 329 37.84 34.73 -10.11
C GLY C 329 38.01 35.78 -11.19
N GLU C 330 38.46 35.41 -12.38
CA GLU C 330 38.67 36.39 -13.43
C GLU C 330 37.35 37.05 -13.83
N ILE C 331 37.41 38.33 -14.17
CA ILE C 331 36.23 39.04 -14.65
C ILE C 331 35.95 38.64 -16.10
N ILE C 332 34.72 38.22 -16.36
CA ILE C 332 34.31 37.67 -17.65
C ILE C 332 32.91 38.18 -18.00
N PHE C 333 32.54 38.01 -19.26
CA PHE C 333 31.20 38.37 -19.71
C PHE C 333 30.15 37.42 -19.13
N GLY C 334 28.99 37.97 -18.77
CA GLY C 334 27.91 37.21 -18.18
C GLY C 334 26.90 36.73 -19.21
N GLY C 335 25.83 36.10 -18.69
CA GLY C 335 24.89 35.39 -19.53
C GLY C 335 25.48 34.06 -19.93
N GLU C 336 24.84 33.43 -20.93
CA GLU C 336 25.25 32.08 -21.29
C GLU C 336 26.70 32.03 -21.74
N THR C 337 27.23 33.15 -22.24
CA THR C 337 28.60 33.18 -22.73
C THR C 337 29.63 33.02 -21.61
N MET C 338 29.20 32.90 -20.36
CA MET C 338 30.12 32.56 -19.27
C MET C 338 30.96 31.33 -19.62
N ARG C 339 30.41 30.43 -20.45
CA ARG C 339 31.13 29.23 -20.87
C ARG C 339 32.29 29.55 -21.80
N PHE C 340 32.27 30.72 -22.44
CA PHE C 340 33.25 31.04 -23.48
C PHE C 340 34.38 31.95 -22.98
N TRP C 341 34.62 32.00 -21.67
CA TRP C 341 35.56 33.00 -21.14
C TRP C 341 37.01 32.70 -21.48
N ASP C 342 37.31 31.49 -21.97
CA ASP C 342 38.63 31.17 -22.50
C ASP C 342 38.88 31.83 -23.84
N PHE C 343 37.85 32.39 -24.47
CA PHE C 343 38.03 33.05 -25.75
C PHE C 343 39.06 34.17 -25.63
N ARG C 344 39.90 34.32 -26.66
CA ARG C 344 40.81 35.46 -26.78
C ARG C 344 40.81 35.92 -28.23
N GLY C 345 40.72 37.23 -28.43
CA GLY C 345 40.68 37.82 -29.76
C GLY C 345 41.18 39.26 -29.76
N PRO C 346 41.74 39.70 -30.88
CA PRO C 346 42.39 41.02 -30.92
C PRO C 346 41.45 42.19 -30.67
N TRP C 347 40.16 42.06 -30.97
CA TRP C 347 39.24 43.15 -30.68
C TRP C 347 38.85 43.23 -29.20
N LEU C 348 39.11 42.17 -28.42
CA LEU C 348 38.72 42.12 -27.02
C LEU C 348 39.89 42.30 -26.05
N GLU C 349 41.08 41.84 -26.41
CA GLU C 349 42.21 41.90 -25.47
C GLU C 349 42.57 43.31 -24.99
N PRO C 350 42.38 44.42 -25.75
CA PRO C 350 42.65 45.75 -25.15
C PRO C 350 41.88 46.00 -23.87
N LEU C 351 40.75 45.31 -23.66
CA LEU C 351 39.94 45.50 -22.47
C LEU C 351 40.35 44.60 -21.32
N ARG C 352 41.32 43.70 -21.51
CA ARG C 352 41.62 42.71 -20.49
C ARG C 352 42.85 43.13 -19.70
N GLY C 353 42.76 43.04 -18.38
CA GLY C 353 43.90 43.30 -17.53
C GLY C 353 44.26 42.06 -16.76
N PRO C 354 45.16 42.22 -15.77
CA PRO C 354 45.64 41.05 -15.02
C PRO C 354 44.53 40.24 -14.35
N ASN C 355 43.42 40.86 -13.95
CA ASN C 355 42.35 40.15 -13.28
C ASN C 355 41.19 39.78 -14.19
N GLY C 356 41.37 39.92 -15.50
CA GLY C 356 40.30 39.70 -16.45
C GLY C 356 39.86 41.01 -17.06
N LEU C 357 38.62 41.00 -17.59
CA LEU C 357 38.07 42.21 -18.17
C LEU C 357 38.13 43.33 -17.14
N ASP C 358 38.64 44.48 -17.56
CA ASP C 358 38.93 45.61 -16.68
C ASP C 358 37.80 46.62 -16.78
N LEU C 359 37.11 46.85 -15.67
CA LEU C 359 35.94 47.71 -15.67
C LEU C 359 36.28 49.15 -16.03
N ASN C 360 37.45 49.62 -15.59
CA ASN C 360 37.87 50.99 -15.93
CA ASN C 360 37.84 50.99 -15.94
C ASN C 360 38.08 51.13 -17.44
N LYS C 361 38.74 50.15 -18.05
CA LYS C 361 38.93 50.18 -19.49
C LYS C 361 37.60 50.05 -20.22
N ILE C 362 36.70 49.21 -19.69
CA ILE C 362 35.36 49.08 -20.26
C ILE C 362 34.61 50.41 -20.21
N LYS C 363 34.72 51.13 -19.08
CA LYS C 363 34.01 52.40 -18.93
C LYS C 363 34.57 53.50 -19.82
N ASN C 364 35.86 53.44 -20.16
CA ASN C 364 36.55 54.59 -20.73
C ASN C 364 37.20 54.34 -22.10
N ASP C 365 37.54 53.10 -22.45
CA ASP C 365 38.50 52.88 -23.54
C ASP C 365 37.94 52.10 -24.72
N ILE C 366 36.64 51.86 -24.77
CA ILE C 366 36.10 51.07 -25.88
C ILE C 366 36.02 51.97 -27.10
N GLN C 367 36.79 51.60 -28.13
CA GLN C 367 36.87 52.37 -29.37
C GLN C 367 35.75 51.98 -30.33
N PRO C 368 35.36 52.91 -31.21
CA PRO C 368 34.40 52.56 -32.26
C PRO C 368 34.74 51.31 -33.05
N TRP C 369 36.03 51.07 -33.35
CA TRP C 369 36.39 49.88 -34.11
C TRP C 369 36.08 48.60 -33.33
N GLN C 370 36.15 48.65 -32.00
CA GLN C 370 35.75 47.49 -31.22
C GLN C 370 34.25 47.27 -31.28
N GLU C 371 33.47 48.36 -31.14
CA GLU C 371 32.02 48.20 -31.27
C GLU C 371 31.66 47.65 -32.65
N ARG C 372 32.36 48.12 -33.70
CA ARG C 372 32.11 47.64 -35.05
C ARG C 372 32.40 46.16 -35.18
N ARG C 373 33.58 45.76 -34.72
CA ARG C 373 33.97 44.37 -34.85
C ARG C 373 33.02 43.46 -34.08
N ALA C 374 32.64 43.88 -32.86
CA ALA C 374 31.77 43.03 -32.05
C ALA C 374 30.39 42.90 -32.70
N ALA C 375 29.91 43.98 -33.32
CA ALA C 375 28.61 43.91 -33.99
C ALA C 375 28.68 43.02 -35.23
N GLU C 376 29.73 43.16 -36.01
CA GLU C 376 29.98 42.28 -37.14
C GLU C 376 30.01 40.81 -36.72
N TYR C 377 30.81 40.48 -35.70
CA TYR C 377 30.98 39.07 -35.35
C TYR C 377 29.71 38.49 -34.72
N MET C 378 29.03 39.26 -33.89
CA MET C 378 27.74 38.84 -33.33
C MET C 378 26.75 38.46 -34.42
N THR C 379 26.72 39.20 -35.53
CA THR C 379 25.76 38.99 -36.60
C THR C 379 26.29 38.10 -37.70
N HIS C 380 27.49 37.55 -37.54
CA HIS C 380 28.03 36.51 -38.40
C HIS C 380 28.44 35.30 -37.56
N ALA C 381 27.71 35.04 -36.49
CA ALA C 381 27.93 33.84 -35.71
C ALA C 381 27.84 32.62 -36.61
N PRO C 382 28.64 31.57 -36.36
CA PRO C 382 28.62 30.39 -37.24
C PRO C 382 27.40 29.50 -36.94
N LEU C 383 26.22 30.01 -37.30
CA LEU C 383 24.95 29.29 -37.22
C LEU C 383 24.20 29.49 -38.52
N GLY C 384 23.61 28.43 -39.04
CA GLY C 384 22.86 28.55 -40.29
C GLY C 384 22.38 27.17 -40.73
N SER C 385 21.47 27.19 -41.70
CA SER C 385 20.81 25.97 -42.15
C SER C 385 21.57 25.33 -43.31
N LEU C 386 21.19 24.08 -43.62
CA LEU C 386 21.87 23.34 -44.67
C LEU C 386 21.67 23.98 -46.04
N ASN C 387 20.53 24.64 -46.28
CA ASN C 387 20.35 25.43 -47.49
C ASN C 387 20.90 26.86 -47.35
N SER C 388 21.76 27.11 -46.35
CA SER C 388 22.48 28.37 -46.20
C SER C 388 21.57 29.58 -45.93
N VAL C 389 20.56 29.37 -45.06
CA VAL C 389 19.84 30.48 -44.43
C VAL C 389 20.57 30.80 -43.14
N GLY C 390 21.17 31.98 -43.05
CA GLY C 390 21.92 32.35 -41.87
C GLY C 390 21.02 32.63 -40.68
N GLY C 391 21.52 32.33 -39.50
CA GLY C 391 20.82 32.64 -38.27
C GLY C 391 20.47 31.39 -37.49
N VAL C 392 19.67 31.56 -36.45
CA VAL C 392 19.16 30.44 -35.65
C VAL C 392 18.15 29.66 -36.47
N ALA C 393 17.77 28.48 -35.99
CA ALA C 393 16.88 27.60 -36.75
C ALA C 393 15.51 28.22 -36.98
N THR C 394 15.09 29.14 -36.14
CA THR C 394 13.77 29.77 -36.29
C THR C 394 13.80 31.02 -37.15
N GLU C 395 14.98 31.40 -37.65
CA GLU C 395 15.15 32.58 -38.50
C GLU C 395 14.32 32.45 -39.79
N ILE C 396 13.79 33.59 -40.27
CA ILE C 396 13.16 33.62 -41.59
C ILE C 396 14.22 33.72 -42.69
N ASN C 397 13.83 33.33 -43.90
CA ASN C 397 14.72 33.53 -45.04
C ASN C 397 15.01 35.01 -45.22
N SER C 398 16.25 35.32 -45.64
CA SER C 398 16.74 36.65 -46.02
C SER C 398 18.25 36.66 -46.17
N VAL C 399 18.97 36.13 -45.19
CA VAL C 399 20.43 36.18 -45.17
C VAL C 399 20.97 34.84 -45.64
N ASN C 400 21.75 34.87 -46.71
CA ASN C 400 22.39 33.71 -47.35
C ASN C 400 23.76 33.54 -46.71
N PHE C 401 23.84 32.71 -45.66
CA PHE C 401 25.09 32.60 -44.89
C PHE C 401 25.19 31.28 -44.13
N VAL C 402 26.29 30.56 -44.36
CA VAL C 402 26.79 29.56 -43.41
C VAL C 402 28.29 29.79 -43.30
N SER C 403 28.77 29.97 -42.06
CA SER C 403 30.16 30.32 -41.83
C SER C 403 31.10 29.30 -42.45
N PRO C 404 32.21 29.74 -43.05
CA PRO C 404 33.27 28.79 -43.47
C PRO C 404 33.74 27.88 -42.33
N ARG C 405 33.68 28.36 -41.10
CA ARG C 405 34.07 27.52 -39.97
C ARG C 405 33.12 26.33 -39.82
N SER C 406 31.82 26.54 -40.06
CA SER C 406 30.88 25.43 -39.97
C SER C 406 31.08 24.44 -41.11
N TRP C 407 31.26 24.94 -42.34
CA TRP C 407 31.50 24.04 -43.46
C TRP C 407 32.75 23.21 -43.21
N LEU C 408 33.83 23.85 -42.77
CA LEU C 408 35.10 23.14 -42.62
C LEU C 408 35.05 22.15 -41.45
N ALA C 409 34.39 22.52 -40.36
CA ALA C 409 34.33 21.61 -39.20
C ALA C 409 33.44 20.41 -39.48
N THR C 410 32.26 20.64 -40.05
CA THR C 410 31.33 19.54 -40.28
C THR C 410 31.89 18.55 -41.29
N SER C 411 32.42 19.05 -42.41
CA SER C 411 32.98 18.19 -43.44
C SER C 411 34.09 17.31 -42.88
N HIS C 412 34.99 17.90 -42.09
CA HIS C 412 36.13 17.12 -41.63
C HIS C 412 35.81 16.23 -40.44
N PHE C 413 34.73 16.51 -39.69
CA PHE C 413 34.30 15.50 -38.73
C PHE C 413 33.72 14.30 -39.46
N VAL C 414 32.90 14.54 -40.48
CA VAL C 414 32.33 13.45 -41.27
C VAL C 414 33.44 12.58 -41.86
N LEU C 415 34.42 13.22 -42.50
CA LEU C 415 35.51 12.48 -43.12
C LEU C 415 36.36 11.75 -42.07
N ALA C 416 36.67 12.42 -40.94
CA ALA C 416 37.47 11.79 -39.89
C ALA C 416 36.77 10.57 -39.32
N PHE C 417 35.44 10.65 -39.14
CA PHE C 417 34.72 9.52 -38.60
C PHE C 417 34.77 8.33 -39.55
N PHE C 418 34.41 8.55 -40.82
CA PHE C 418 34.43 7.44 -41.77
C PHE C 418 35.85 6.88 -41.93
N PHE C 419 36.87 7.72 -41.78
CA PHE C 419 38.23 7.21 -41.84
C PHE C 419 38.60 6.38 -40.60
N LEU C 420 37.98 6.66 -39.45
CA LEU C 420 38.11 5.76 -38.30
C LEU C 420 37.45 4.41 -38.58
N VAL C 421 36.25 4.44 -39.19
CA VAL C 421 35.59 3.21 -39.60
C VAL C 421 36.47 2.44 -40.57
N GLY C 422 37.03 3.15 -41.56
CA GLY C 422 37.92 2.51 -42.51
C GLY C 422 39.13 1.92 -41.85
N HIS C 423 39.67 2.61 -40.84
CA HIS C 423 40.78 2.05 -40.08
C HIS C 423 40.39 0.74 -39.40
N LEU C 424 39.24 0.72 -38.72
CA LEU C 424 38.79 -0.52 -38.07
C LEU C 424 38.56 -1.60 -39.12
N TRP C 425 37.88 -1.25 -40.22
CA TRP C 425 37.61 -2.23 -41.26
C TRP C 425 38.90 -2.87 -41.74
N HIS C 426 39.87 -2.06 -42.16
CA HIS C 426 41.08 -2.58 -42.77
C HIS C 426 42.06 -3.16 -41.74
N ALA C 427 42.11 -2.61 -40.52
CA ALA C 427 42.98 -3.21 -39.50
C ALA C 427 42.48 -4.60 -39.12
N GLY C 428 41.18 -4.75 -38.92
CA GLY C 428 40.63 -6.06 -38.59
C GLY C 428 40.78 -7.05 -39.74
N ARG C 429 40.66 -6.56 -40.98
CA ARG C 429 40.83 -7.46 -42.12
C ARG C 429 42.29 -7.85 -42.28
N ALA C 430 43.22 -6.91 -42.13
CA ALA C 430 44.64 -7.24 -42.32
C ALA C 430 45.11 -8.25 -41.28
N ARG C 431 44.59 -8.16 -40.06
CA ARG C 431 44.92 -9.15 -39.03
C ARG C 431 44.35 -10.52 -39.39
N ALA C 432 43.10 -10.56 -39.84
CA ALA C 432 42.49 -11.85 -40.18
C ALA C 432 43.16 -12.47 -41.39
N ALA C 433 43.52 -11.64 -42.38
CA ALA C 433 44.19 -12.15 -43.58
C ALA C 433 45.60 -12.63 -43.26
N ALA C 434 46.32 -11.91 -42.39
CA ALA C 434 47.66 -12.35 -42.02
C ALA C 434 47.61 -13.67 -41.27
N ALA C 435 46.54 -13.93 -40.54
CA ALA C 435 46.40 -15.17 -39.81
C ALA C 435 45.69 -16.23 -40.63
N GLY C 436 45.14 -15.88 -41.80
CA GLY C 436 44.59 -16.88 -42.68
C GLY C 436 43.13 -17.24 -42.49
N PHE C 437 42.31 -16.39 -41.85
CA PHE C 437 40.89 -16.71 -41.76
C PHE C 437 39.99 -15.53 -42.19
N GLU C 438 40.47 -14.69 -43.11
CA GLU C 438 39.65 -13.59 -43.59
C GLU C 438 38.52 -14.03 -44.52
N LYS C 439 38.56 -15.25 -45.05
CA LYS C 439 37.50 -15.74 -45.92
C LYS C 439 36.48 -16.60 -45.18
N GLY C 440 36.66 -16.82 -43.88
CA GLY C 440 35.74 -17.58 -43.06
C GLY C 440 36.43 -18.70 -42.31
N ILE C 441 35.63 -19.43 -41.53
CA ILE C 441 36.12 -20.49 -40.66
C ILE C 441 36.25 -21.79 -41.45
N ASP C 442 37.38 -22.49 -41.30
CA ASP C 442 37.55 -23.82 -41.89
C ASP C 442 36.63 -24.81 -41.18
N ARG C 443 35.70 -25.41 -41.93
CA ARG C 443 34.75 -26.32 -41.29
C ARG C 443 35.47 -27.47 -40.58
N GLU C 444 36.53 -28.00 -41.18
CA GLU C 444 37.24 -29.11 -40.58
C GLU C 444 38.22 -28.67 -39.50
N SER C 445 38.40 -27.37 -39.28
CA SER C 445 39.36 -26.87 -38.31
C SER C 445 38.79 -25.67 -37.55
N GLU C 446 37.57 -25.81 -37.06
CA GLU C 446 36.92 -24.71 -36.39
C GLU C 446 37.52 -24.50 -35.01
N PRO C 447 38.25 -23.40 -34.78
CA PRO C 447 38.97 -23.26 -33.50
C PRO C 447 38.13 -23.53 -32.25
N VAL C 448 36.90 -23.02 -32.19
CA VAL C 448 36.10 -23.14 -30.98
C VAL C 448 35.77 -24.61 -30.67
N LEU C 449 35.67 -25.45 -31.69
CA LEU C 449 35.40 -26.86 -31.43
C LEU C 449 36.56 -27.55 -30.71
N SER C 450 37.77 -26.98 -30.76
CA SER C 450 38.91 -27.51 -30.04
CA SER C 450 38.90 -27.52 -30.04
C SER C 450 39.13 -26.82 -28.70
N MET C 451 38.16 -26.03 -28.23
CA MET C 451 38.33 -25.38 -26.95
C MET C 451 37.42 -26.01 -25.90
N PRO C 452 37.86 -26.02 -24.64
CA PRO C 452 36.97 -26.45 -23.56
C PRO C 452 35.73 -25.55 -23.48
N SER C 453 34.62 -26.16 -23.10
CA SER C 453 33.39 -25.41 -22.86
C SER C 453 33.62 -24.34 -21.79
N LEU C 454 32.88 -23.23 -21.92
CA LEU C 454 32.92 -22.19 -20.89
C LEU C 454 32.24 -22.64 -19.59
N ASP C 455 31.24 -23.52 -19.68
CA ASP C 455 30.53 -23.99 -18.50
C ASP C 455 29.81 -25.29 -18.82
N ARG D 2 -14.44 -28.23 -63.86
CA ARG D 2 -14.61 -27.23 -62.80
C ARG D 2 -15.35 -26.00 -63.32
N GLY D 3 -16.07 -25.35 -62.41
CA GLY D 3 -16.92 -24.22 -62.74
C GLY D 3 -16.17 -22.90 -62.89
N TRP D 4 -16.94 -21.85 -63.16
CA TRP D 4 -16.34 -20.55 -63.45
C TRP D 4 -15.53 -20.03 -62.27
N PHE D 5 -15.98 -20.29 -61.03
CA PHE D 5 -15.22 -19.84 -59.86
C PHE D 5 -13.82 -20.46 -59.84
N ASP D 6 -13.75 -21.76 -60.13
CA ASP D 6 -12.47 -22.45 -60.14
C ASP D 6 -11.62 -22.05 -61.34
N ILE D 7 -12.25 -21.81 -62.48
CA ILE D 7 -11.52 -21.25 -63.61
C ILE D 7 -10.94 -19.89 -63.23
N LEU D 8 -11.74 -19.04 -62.58
CA LEU D 8 -11.24 -17.75 -62.13
C LEU D 8 -10.11 -17.92 -61.12
N ASP D 9 -10.28 -18.85 -60.18
CA ASP D 9 -9.23 -19.13 -59.20
C ASP D 9 -7.92 -19.50 -59.88
N ASP D 10 -7.99 -20.36 -60.91
CA ASP D 10 -6.81 -20.73 -61.71
C ASP D 10 -6.08 -19.50 -62.24
N TRP D 11 -6.80 -18.63 -62.94
CA TRP D 11 -6.16 -17.47 -63.55
C TRP D 11 -5.62 -16.51 -62.50
N LEU D 12 -6.33 -16.34 -61.39
CA LEU D 12 -5.86 -15.42 -60.35
C LEU D 12 -4.53 -15.87 -59.75
N LYS D 13 -4.32 -17.19 -59.65
CA LYS D 13 -3.16 -17.75 -58.97
C LYS D 13 -2.07 -18.25 -59.90
N ARG D 14 -2.08 -17.81 -61.16
CA ARG D 14 -0.99 -18.14 -62.07
C ARG D 14 0.34 -17.60 -61.55
N ASP D 15 1.40 -18.36 -61.78
CA ASP D 15 2.75 -17.93 -61.41
C ASP D 15 3.23 -16.93 -62.45
N ARG D 16 3.19 -15.65 -62.12
CA ARG D 16 3.59 -14.58 -63.03
C ARG D 16 4.51 -13.61 -62.30
N PHE D 17 5.02 -12.63 -63.06
CA PHE D 17 6.00 -11.69 -62.51
C PHE D 17 5.45 -11.00 -61.26
N VAL D 18 4.22 -10.50 -61.34
CA VAL D 18 3.52 -9.92 -60.21
C VAL D 18 2.32 -10.82 -59.92
N PHE D 19 2.36 -11.50 -58.79
CA PHE D 19 1.27 -12.37 -58.39
C PHE D 19 0.02 -11.54 -58.12
N VAL D 20 -1.14 -12.05 -58.54
CA VAL D 20 -2.39 -11.33 -58.36
C VAL D 20 -3.16 -11.89 -57.17
N GLY D 21 -3.77 -13.06 -57.35
CA GLY D 21 -4.56 -13.70 -56.31
C GLY D 21 -5.93 -13.06 -56.09
N TRP D 22 -6.78 -13.72 -55.31
CA TRP D 22 -8.06 -13.12 -54.91
C TRP D 22 -7.83 -11.83 -54.12
N SER D 23 -6.81 -11.83 -53.26
CA SER D 23 -6.51 -10.63 -52.48
C SER D 23 -6.10 -9.47 -53.37
N GLY D 24 -5.58 -9.76 -54.57
CA GLY D 24 -5.18 -8.69 -55.48
C GLY D 24 -6.34 -7.84 -55.97
N ILE D 25 -7.55 -8.40 -55.99
CA ILE D 25 -8.73 -7.65 -56.41
C ILE D 25 -9.00 -6.48 -55.49
N LEU D 26 -8.72 -6.64 -54.19
CA LEU D 26 -8.82 -5.59 -53.21
C LEU D 26 -7.54 -4.76 -53.13
N LEU D 27 -6.38 -5.43 -53.13
CA LEU D 27 -5.09 -4.77 -52.88
C LEU D 27 -4.72 -3.77 -53.99
N PHE D 28 -4.76 -4.21 -55.24
CA PHE D 28 -4.14 -3.41 -56.30
C PHE D 28 -4.90 -2.12 -56.58
N PRO D 29 -6.23 -2.13 -56.74
CA PRO D 29 -6.93 -0.82 -56.85
C PRO D 29 -6.69 0.08 -55.65
N CYS D 30 -6.80 -0.44 -54.43
CA CYS D 30 -6.73 0.45 -53.26
C CYS D 30 -5.32 0.96 -53.04
N ALA D 31 -4.30 0.12 -53.20
CA ALA D 31 -2.92 0.58 -53.10
C ALA D 31 -2.61 1.61 -54.18
N TYR D 32 -3.06 1.36 -55.40
CA TYR D 32 -2.78 2.25 -56.51
C TYR D 32 -3.46 3.60 -56.30
N LEU D 33 -4.71 3.59 -55.84
CA LEU D 33 -5.42 4.84 -55.62
C LEU D 33 -4.82 5.61 -54.46
N ALA D 34 -4.44 4.94 -53.38
CA ALA D 34 -3.84 5.65 -52.26
C ALA D 34 -2.53 6.29 -52.67
N LEU D 35 -1.67 5.54 -53.37
CA LEU D 35 -0.41 6.11 -53.83
C LEU D 35 -0.66 7.17 -54.89
N GLY D 36 -1.53 6.87 -55.85
CA GLY D 36 -1.83 7.86 -56.89
C GLY D 36 -2.44 9.11 -56.30
N GLY D 37 -3.33 8.95 -55.32
CA GLY D 37 -3.90 10.10 -54.64
C GLY D 37 -2.85 10.96 -53.96
N TRP D 38 -1.84 10.33 -53.34
CA TRP D 38 -0.80 11.11 -52.68
C TRP D 38 0.03 11.89 -53.69
N LEU D 39 0.44 11.23 -54.77
CA LEU D 39 1.23 11.92 -55.80
C LEU D 39 0.42 13.03 -56.45
N THR D 40 -0.85 12.77 -56.77
CA THR D 40 -1.71 13.81 -57.33
C THR D 40 -1.80 15.01 -56.40
N GLY D 41 -2.15 14.78 -55.13
CA GLY D 41 -2.35 15.88 -54.21
C GLY D 41 -1.09 16.69 -53.95
N THR D 42 0.02 16.00 -53.63
CA THR D 42 1.28 16.70 -53.38
C THR D 42 1.81 17.40 -54.64
N THR D 43 1.35 17.01 -55.83
CA THR D 43 1.85 17.66 -57.03
C THR D 43 1.03 18.89 -57.40
N PHE D 44 -0.29 18.82 -57.22
CA PHE D 44 -1.20 19.78 -57.81
C PHE D 44 -2.15 20.49 -56.84
N VAL D 45 -2.35 19.98 -55.62
CA VAL D 45 -3.50 20.34 -54.79
C VAL D 45 -3.09 21.20 -53.59
N THR D 46 -3.90 22.23 -53.30
CA THR D 46 -3.60 23.17 -52.22
C THR D 46 -4.16 22.70 -50.88
N SER D 47 -3.75 23.38 -49.82
CA SER D 47 -4.40 23.28 -48.52
C SER D 47 -4.86 24.65 -48.04
N TRP D 48 -5.08 25.58 -48.97
CA TRP D 48 -5.39 26.95 -48.60
C TRP D 48 -6.73 27.04 -47.87
N TYR D 49 -7.74 26.31 -48.33
CA TYR D 49 -9.08 26.45 -47.77
C TYR D 49 -9.30 25.62 -46.51
N THR D 50 -8.47 24.61 -46.25
CA THR D 50 -8.59 23.78 -45.05
C THR D 50 -7.63 24.21 -43.94
N HIS D 51 -6.43 24.68 -44.29
CA HIS D 51 -5.40 25.00 -43.31
C HIS D 51 -4.83 26.40 -43.49
N GLY D 52 -5.11 27.09 -44.59
CA GLY D 52 -4.35 28.28 -44.92
C GLY D 52 -2.91 27.95 -45.27
N LEU D 53 -2.66 26.81 -45.91
CA LEU D 53 -1.30 26.40 -46.26
C LEU D 53 -1.17 26.09 -47.75
N ALA D 54 -0.02 26.44 -48.32
CA ALA D 54 0.39 25.84 -49.59
C ALA D 54 1.01 24.47 -49.34
N SER D 55 0.75 23.51 -50.25
CA SER D 55 1.14 22.14 -49.95
C SER D 55 1.48 21.30 -51.18
N SER D 56 1.70 21.89 -52.35
CA SER D 56 1.92 21.14 -53.58
C SER D 56 3.14 21.70 -54.31
N TYR D 57 3.71 20.88 -55.20
CA TYR D 57 4.76 21.36 -56.09
C TYR D 57 4.28 22.55 -56.90
N LEU D 58 3.03 22.50 -57.37
CA LEU D 58 2.47 23.58 -58.19
C LEU D 58 2.55 24.93 -57.49
N GLU D 59 2.45 24.95 -56.16
CA GLU D 59 2.48 26.20 -55.40
C GLU D 59 3.89 26.62 -55.00
N GLY D 60 4.90 25.77 -55.22
CA GLY D 60 6.26 26.08 -54.82
C GLY D 60 6.83 25.25 -53.68
N CYS D 61 6.08 24.29 -53.15
CA CYS D 61 6.64 23.43 -52.11
C CYS D 61 7.64 22.45 -52.71
N ASN D 62 8.48 21.89 -51.84
CA ASN D 62 9.44 20.87 -52.23
C ASN D 62 9.03 19.52 -51.65
N PHE D 63 9.83 18.49 -51.91
CA PHE D 63 9.49 17.15 -51.44
C PHE D 63 9.28 17.10 -49.93
N LEU D 64 10.04 17.89 -49.17
CA LEU D 64 9.87 17.84 -47.72
C LEU D 64 8.62 18.57 -47.23
N THR D 65 8.10 19.56 -47.97
CA THR D 65 6.99 20.35 -47.43
C THR D 65 5.65 20.07 -48.09
N VAL D 66 5.61 19.36 -49.21
CA VAL D 66 4.31 19.02 -49.81
C VAL D 66 3.54 18.08 -48.88
N ALA D 67 2.23 18.11 -49.02
CA ALA D 67 1.39 17.19 -48.27
C ALA D 67 0.03 17.09 -48.92
N VAL D 68 -0.66 16.00 -48.63
CA VAL D 68 -2.11 15.96 -48.75
C VAL D 68 -2.67 16.17 -47.35
N SER D 69 -3.21 17.36 -47.11
CA SER D 69 -3.59 17.79 -45.76
C SER D 69 -5.01 17.35 -45.42
N THR D 70 -5.26 17.25 -44.10
CA THR D 70 -6.57 16.88 -43.59
C THR D 70 -7.63 17.91 -43.95
N PRO D 71 -8.91 17.52 -43.91
CA PRO D 71 -9.99 18.51 -44.15
C PRO D 71 -10.07 19.53 -43.02
N ALA D 72 -10.83 20.60 -43.26
CA ALA D 72 -11.04 21.62 -42.23
C ALA D 72 -11.77 21.01 -41.02
N ASN D 73 -11.49 21.57 -39.84
CA ASN D 73 -12.13 21.06 -38.62
C ASN D 73 -13.65 21.07 -38.73
N SER D 74 -14.23 22.00 -39.49
CA SER D 74 -15.69 22.05 -39.62
C SER D 74 -16.24 20.88 -40.41
N MET D 75 -15.40 20.12 -41.10
CA MET D 75 -15.91 18.91 -41.73
C MET D 75 -16.17 17.79 -40.72
N GLY D 76 -15.72 17.93 -39.47
CA GLY D 76 -15.93 16.86 -38.50
C GLY D 76 -15.24 15.59 -38.93
N HIS D 77 -15.94 14.45 -38.78
CA HIS D 77 -15.44 13.17 -39.26
C HIS D 77 -16.18 12.70 -40.51
N SER D 78 -16.58 13.64 -41.35
CA SER D 78 -17.24 13.30 -42.60
C SER D 78 -16.35 12.38 -43.43
N LEU D 79 -16.97 11.36 -44.01
CA LEU D 79 -16.26 10.51 -44.95
C LEU D 79 -15.80 11.32 -46.15
N LEU D 80 -16.48 12.44 -46.43
CA LEU D 80 -16.10 13.34 -47.51
C LEU D 80 -16.05 12.59 -48.84
N LEU D 81 -17.08 11.78 -49.10
CA LEU D 81 -17.21 11.10 -50.37
C LEU D 81 -17.40 12.11 -51.48
N LEU D 82 -16.81 11.83 -52.65
CA LEU D 82 -16.96 12.76 -53.77
C LEU D 82 -18.43 13.04 -54.06
N TRP D 83 -19.29 12.03 -54.01
CA TRP D 83 -20.72 12.19 -54.24
C TRP D 83 -21.48 12.57 -52.96
N GLY D 84 -20.76 12.84 -51.87
CA GLY D 84 -21.39 13.14 -50.62
C GLY D 84 -21.98 14.56 -50.57
N PRO D 85 -22.57 14.91 -49.44
CA PRO D 85 -23.30 16.18 -49.34
C PRO D 85 -22.41 17.42 -49.28
N GLU D 86 -21.10 17.26 -49.07
CA GLU D 86 -20.20 18.41 -48.99
C GLU D 86 -19.69 18.83 -50.37
N ALA D 87 -19.13 17.90 -51.12
CA ALA D 87 -18.65 18.21 -52.47
C ALA D 87 -19.74 18.07 -53.52
N GLN D 88 -20.75 17.22 -53.28
CA GLN D 88 -21.91 17.08 -54.18
C GLN D 88 -21.48 16.78 -55.61
N GLY D 89 -20.43 15.97 -55.76
CA GLY D 89 -19.98 15.53 -57.06
C GLY D 89 -18.98 16.43 -57.75
N ASP D 90 -18.69 17.60 -57.18
CA ASP D 90 -17.79 18.57 -57.78
C ASP D 90 -16.36 18.20 -57.43
N PHE D 91 -15.60 17.73 -58.42
CA PHE D 91 -14.25 17.23 -58.17
C PHE D 91 -13.32 18.32 -57.66
N THR D 92 -13.42 19.52 -58.26
CA THR D 92 -12.59 20.65 -57.85
C THR D 92 -12.88 21.05 -56.41
N ARG D 93 -14.16 21.25 -56.08
CA ARG D 93 -14.53 21.57 -54.70
C ARG D 93 -14.06 20.49 -53.74
N TRP D 94 -14.24 19.22 -54.13
CA TRP D 94 -13.80 18.08 -53.31
C TRP D 94 -12.31 18.20 -52.96
N CYS D 95 -11.47 18.54 -53.93
CA CYS D 95 -10.05 18.70 -53.63
C CYS D 95 -9.83 19.86 -52.68
N GLN D 96 -10.53 20.98 -52.91
CA GLN D 96 -10.37 22.15 -52.05
C GLN D 96 -10.83 21.87 -50.62
N LEU D 97 -11.78 20.94 -50.44
CA LEU D 97 -12.33 20.62 -49.13
C LEU D 97 -11.53 19.57 -48.37
N GLY D 98 -10.48 19.00 -48.96
CA GLY D 98 -9.72 17.96 -48.31
C GLY D 98 -10.18 16.54 -48.65
N GLY D 99 -10.99 16.38 -49.70
CA GLY D 99 -11.48 15.06 -50.03
C GLY D 99 -10.39 14.05 -50.31
N LEU D 100 -9.25 14.50 -50.84
CA LEU D 100 -8.15 13.56 -51.08
C LEU D 100 -7.62 12.97 -49.78
N TRP D 101 -7.79 13.65 -48.64
CA TRP D 101 -7.29 13.08 -47.38
C TRP D 101 -8.05 11.81 -47.02
N THR D 102 -9.38 11.88 -46.99
CA THR D 102 -10.15 10.67 -46.68
C THR D 102 -9.99 9.62 -47.79
N PHE D 103 -9.91 10.07 -49.06
CA PHE D 103 -9.65 9.17 -50.17
C PHE D 103 -8.41 8.31 -49.92
N ILE D 104 -7.30 8.95 -49.53
CA ILE D 104 -6.06 8.22 -49.29
C ILE D 104 -6.16 7.37 -48.04
N ALA D 105 -6.70 7.94 -46.96
CA ALA D 105 -6.78 7.20 -45.70
C ALA D 105 -7.63 5.94 -45.85
N LEU D 106 -8.78 6.05 -46.53
CA LEU D 106 -9.68 4.90 -46.60
C LEU D 106 -9.19 3.88 -47.62
N HIS D 107 -8.77 4.33 -48.82
CA HIS D 107 -8.19 3.39 -49.76
C HIS D 107 -6.90 2.80 -49.20
N GLY D 108 -6.13 3.59 -48.45
CA GLY D 108 -4.94 3.04 -47.82
C GLY D 108 -5.27 1.96 -46.80
N ALA D 109 -6.32 2.18 -46.02
CA ALA D 109 -6.75 1.19 -45.03
C ALA D 109 -7.15 -0.11 -45.70
N PHE D 110 -7.99 -0.03 -46.75
CA PHE D 110 -8.37 -1.25 -47.44
C PHE D 110 -7.22 -1.85 -48.22
N GLY D 111 -6.30 -1.03 -48.70
CA GLY D 111 -5.11 -1.57 -49.32
C GLY D 111 -4.29 -2.40 -48.35
N LEU D 112 -4.12 -1.90 -47.12
CA LEU D 112 -3.37 -2.63 -46.10
C LEU D 112 -4.05 -3.95 -45.74
N ILE D 113 -5.39 -3.96 -45.70
CA ILE D 113 -6.11 -5.21 -45.54
C ILE D 113 -5.77 -6.15 -46.69
N GLY D 114 -5.80 -5.63 -47.92
CA GLY D 114 -5.50 -6.45 -49.08
C GLY D 114 -4.08 -7.01 -49.03
N PHE D 115 -3.14 -6.20 -48.54
CA PHE D 115 -1.76 -6.67 -48.49
C PHE D 115 -1.58 -7.80 -47.48
N MET D 116 -2.23 -7.69 -46.32
CA MET D 116 -2.13 -8.76 -45.33
C MET D 116 -2.85 -10.01 -45.82
N LEU D 117 -3.99 -9.84 -46.51
CA LEU D 117 -4.64 -10.99 -47.13
C LEU D 117 -3.73 -11.63 -48.17
N ARG D 118 -2.94 -10.81 -48.88
CA ARG D 118 -1.97 -11.33 -49.82
C ARG D 118 -0.93 -12.20 -49.12
N GLN D 119 -0.45 -11.75 -47.96
CA GLN D 119 0.53 -12.52 -47.21
C GLN D 119 -0.05 -13.87 -46.79
N PHE D 120 -1.31 -13.90 -46.33
CA PHE D 120 -1.95 -15.18 -46.03
C PHE D 120 -2.08 -16.03 -47.29
N GLU D 121 -2.55 -15.42 -48.38
CA GLU D 121 -2.85 -16.19 -49.58
C GLU D 121 -1.58 -16.82 -50.16
N ILE D 122 -0.49 -16.05 -50.24
CA ILE D 122 0.73 -16.59 -50.81
C ILE D 122 1.34 -17.65 -49.89
N ALA D 123 1.37 -17.38 -48.58
CA ALA D 123 1.86 -18.38 -47.63
C ALA D 123 1.09 -19.69 -47.79
N ARG D 124 -0.22 -19.62 -47.95
CA ARG D 124 -1.00 -20.84 -48.07
C ARG D 124 -0.68 -21.58 -49.37
N LEU D 125 -0.39 -20.85 -50.44
CA LEU D 125 -0.14 -21.47 -51.74
C LEU D 125 1.24 -22.10 -51.81
N VAL D 126 2.25 -21.49 -51.20
CA VAL D 126 3.57 -22.08 -51.23
C VAL D 126 3.79 -23.04 -50.07
N GLY D 127 2.91 -23.02 -49.06
CA GLY D 127 2.97 -23.99 -47.99
C GLY D 127 3.82 -23.60 -46.81
N VAL D 128 3.87 -22.30 -46.47
CA VAL D 128 4.62 -21.87 -45.30
C VAL D 128 3.66 -21.35 -44.24
N ARG D 129 4.14 -21.28 -43.01
CA ARG D 129 3.34 -20.73 -41.92
C ARG D 129 3.24 -19.21 -42.09
N PRO D 130 2.11 -18.61 -41.75
CA PRO D 130 1.87 -17.19 -42.10
C PRO D 130 2.35 -16.20 -41.04
N TYR D 131 3.58 -16.37 -40.56
CA TYR D 131 4.12 -15.44 -39.57
C TYR D 131 4.37 -14.06 -40.17
N ASN D 132 4.66 -13.98 -41.46
CA ASN D 132 4.86 -12.67 -42.08
C ASN D 132 3.58 -11.85 -42.01
N ALA D 133 2.44 -12.47 -42.32
CA ALA D 133 1.15 -11.79 -42.17
C ALA D 133 0.94 -11.38 -40.72
N ILE D 134 1.27 -12.28 -39.79
CA ILE D 134 1.09 -11.96 -38.37
C ILE D 134 1.96 -10.78 -37.96
N ALA D 135 3.22 -10.75 -38.43
CA ALA D 135 4.07 -9.61 -38.12
C ALA D 135 3.52 -8.32 -38.70
N PHE D 136 2.82 -8.40 -39.85
CA PHE D 136 2.26 -7.21 -40.47
C PHE D 136 1.11 -6.60 -39.67
N SER D 137 0.54 -7.32 -38.68
CA SER D 137 -0.49 -6.70 -37.86
C SER D 137 0.05 -5.48 -37.11
N ALA D 138 1.36 -5.40 -36.87
CA ALA D 138 1.89 -4.21 -36.19
C ALA D 138 1.79 -2.96 -37.06
N PRO D 139 2.30 -2.93 -38.30
CA PRO D 139 1.98 -1.79 -39.18
C PRO D 139 0.50 -1.46 -39.23
N ILE D 140 -0.38 -2.46 -39.23
CA ILE D 140 -1.80 -2.18 -39.34
C ILE D 140 -2.33 -1.54 -38.07
N ALA D 141 -1.89 -2.04 -36.90
CA ALA D 141 -2.29 -1.43 -35.63
C ALA D 141 -1.82 0.01 -35.54
N VAL D 142 -0.62 0.31 -36.04
CA VAL D 142 -0.15 1.68 -36.06
C VAL D 142 -0.99 2.52 -37.01
N PHE D 143 -1.24 2.03 -38.22
CA PHE D 143 -1.99 2.87 -39.18
C PHE D 143 -3.39 3.17 -38.67
N VAL D 144 -4.09 2.14 -38.19
CA VAL D 144 -5.48 2.29 -37.76
C VAL D 144 -5.58 3.18 -36.52
N SER D 145 -4.66 3.03 -35.57
CA SER D 145 -4.76 3.86 -34.36
C SER D 145 -4.42 5.32 -34.65
N VAL D 146 -3.43 5.58 -35.52
CA VAL D 146 -2.95 6.94 -35.72
C VAL D 146 -3.83 7.71 -36.73
N PHE D 147 -4.20 7.08 -37.84
CA PHE D 147 -4.90 7.78 -38.92
C PHE D 147 -6.40 7.66 -38.83
N LEU D 148 -6.92 6.74 -38.02
CA LEU D 148 -8.35 6.56 -37.88
C LEU D 148 -8.81 6.76 -36.44
N ILE D 149 -8.32 5.97 -35.49
CA ILE D 149 -8.88 6.04 -34.13
C ILE D 149 -8.57 7.40 -33.51
N TYR D 150 -7.32 7.86 -33.63
CA TYR D 150 -6.95 9.12 -33.00
C TYR D 150 -7.83 10.28 -33.46
N PRO D 151 -7.95 10.58 -34.77
CA PRO D 151 -8.85 11.69 -35.16
C PRO D 151 -10.30 11.42 -34.80
N LEU D 152 -10.72 10.14 -34.81
CA LEU D 152 -12.11 9.83 -34.46
C LEU D 152 -12.40 10.16 -33.00
N GLY D 153 -11.37 10.11 -32.15
CA GLY D 153 -11.57 10.52 -30.77
C GLY D 153 -11.51 12.00 -30.58
N GLN D 154 -10.83 12.72 -31.48
CA GLN D 154 -10.68 14.15 -31.40
C GLN D 154 -11.87 14.82 -32.07
N SER D 155 -11.77 16.13 -32.32
CA SER D 155 -12.94 16.85 -32.83
C SER D 155 -13.21 16.54 -34.29
N SER D 156 -12.18 16.16 -35.07
CA SER D 156 -12.38 15.98 -36.51
C SER D 156 -11.16 15.36 -37.14
N TRP D 157 -11.29 15.01 -38.44
CA TRP D 157 -10.13 14.54 -39.21
C TRP D 157 -9.00 15.56 -39.25
N PHE D 158 -9.30 16.86 -39.06
CA PHE D 158 -8.28 17.91 -39.13
C PHE D 158 -7.04 17.56 -38.30
N PHE D 159 -7.24 16.90 -37.16
CA PHE D 159 -6.14 16.62 -36.23
C PHE D 159 -5.48 15.26 -36.43
N ALA D 160 -5.90 14.50 -37.44
CA ALA D 160 -5.15 13.35 -37.94
C ALA D 160 -3.82 13.82 -38.52
N PRO D 161 -2.86 12.92 -38.75
CA PRO D 161 -1.67 13.35 -39.49
C PRO D 161 -2.03 13.68 -40.93
N SER D 162 -1.45 14.75 -41.43
CA SER D 162 -1.46 15.00 -42.86
C SER D 162 -0.35 14.21 -43.54
N PHE D 163 -0.60 13.83 -44.79
CA PHE D 163 0.28 12.91 -45.53
C PHE D 163 1.41 13.71 -46.18
N GLY D 164 2.45 13.98 -45.39
CA GLY D 164 3.58 14.72 -45.91
C GLY D 164 4.72 14.67 -44.93
N VAL D 165 5.92 14.94 -45.43
CA VAL D 165 7.12 14.81 -44.59
C VAL D 165 7.08 15.85 -43.46
N ALA D 166 7.06 17.14 -43.82
CA ALA D 166 7.01 18.17 -42.77
C ALA D 166 5.70 18.14 -42.00
N ALA D 167 4.59 17.79 -42.67
CA ALA D 167 3.32 17.64 -41.97
C ALA D 167 3.41 16.60 -40.85
N ILE D 168 4.13 15.51 -41.09
CA ILE D 168 4.29 14.47 -40.06
C ILE D 168 5.16 14.99 -38.92
N PHE D 169 6.22 15.75 -39.26
CA PHE D 169 7.05 16.36 -38.22
C PHE D 169 6.22 17.26 -37.31
N ARG D 170 5.32 18.04 -37.91
CA ARG D 170 4.41 18.85 -37.10
C ARG D 170 3.59 17.97 -36.17
N PHE D 171 3.14 16.82 -36.66
CA PHE D 171 2.38 15.88 -35.84
C PHE D 171 3.19 15.41 -34.64
N LEU D 172 4.46 15.09 -34.84
CA LEU D 172 5.34 14.76 -33.71
C LEU D 172 5.36 15.86 -32.67
N LEU D 173 5.61 17.11 -33.12
CA LEU D 173 5.77 18.23 -32.21
C LEU D 173 4.46 18.57 -31.52
N PHE D 174 3.35 18.48 -32.25
CA PHE D 174 2.04 18.64 -31.61
C PHE D 174 1.89 17.64 -30.46
N PHE D 175 2.29 16.40 -30.69
CA PHE D 175 2.11 15.38 -29.67
C PHE D 175 3.01 15.64 -28.47
N GLN D 176 4.21 16.19 -28.68
CA GLN D 176 5.03 16.57 -27.53
C GLN D 176 4.35 17.70 -26.75
N GLY D 177 3.96 18.77 -27.45
CA GLY D 177 3.47 19.95 -26.75
C GLY D 177 2.14 19.76 -26.06
N PHE D 178 1.21 19.06 -26.72
CA PHE D 178 -0.15 18.89 -26.21
C PHE D 178 -0.35 17.61 -25.41
N HIS D 179 0.29 16.50 -25.79
CA HIS D 179 0.05 15.22 -25.14
C HIS D 179 1.18 14.79 -24.20
N ASN D 180 2.32 15.50 -24.21
CA ASN D 180 3.54 15.05 -23.53
C ASN D 180 3.84 13.59 -23.87
N TRP D 181 3.75 13.27 -25.17
CA TRP D 181 3.78 11.89 -25.63
C TRP D 181 5.08 11.18 -25.29
N THR D 182 6.21 11.91 -25.19
CA THR D 182 7.46 11.22 -24.79
C THR D 182 7.34 10.64 -23.38
N LEU D 183 6.49 11.21 -22.53
CA LEU D 183 6.34 10.70 -21.17
C LEU D 183 5.51 9.42 -21.11
N ASN D 184 4.91 8.99 -22.20
CA ASN D 184 3.91 7.93 -22.13
C ASN D 184 4.59 6.55 -22.13
N PRO D 185 4.35 5.70 -21.14
CA PRO D 185 5.06 4.40 -21.11
C PRO D 185 4.71 3.51 -22.30
N PHE D 186 3.55 3.67 -22.94
CA PHE D 186 3.31 2.91 -24.16
C PHE D 186 4.16 3.41 -25.32
N HIS D 187 4.44 4.72 -25.40
CA HIS D 187 5.38 5.17 -26.43
C HIS D 187 6.79 4.67 -26.13
N MET D 188 7.19 4.68 -24.85
CA MET D 188 8.52 4.22 -24.47
C MET D 188 8.72 2.76 -24.86
N MET D 189 7.70 1.92 -24.66
CA MET D 189 7.78 0.54 -25.14
C MET D 189 7.91 0.49 -26.65
N GLY D 190 7.21 1.38 -27.36
CA GLY D 190 7.40 1.45 -28.79
C GLY D 190 8.84 1.75 -29.16
N VAL D 191 9.43 2.76 -28.52
CA VAL D 191 10.82 3.10 -28.80
C VAL D 191 11.73 1.89 -28.56
N ALA D 192 11.54 1.22 -27.42
CA ALA D 192 12.36 0.04 -27.11
C ALA D 192 12.21 -1.02 -28.20
N GLY D 193 10.98 -1.23 -28.69
CA GLY D 193 10.80 -2.24 -29.71
C GLY D 193 11.45 -1.86 -31.04
N VAL D 194 11.36 -0.58 -31.40
CA VAL D 194 11.94 -0.14 -32.66
C VAL D 194 13.47 -0.11 -32.58
N LEU D 195 14.02 0.52 -31.53
CA LEU D 195 15.47 0.57 -31.38
C LEU D 195 16.04 -0.83 -31.09
N GLY D 196 15.33 -1.65 -30.32
CA GLY D 196 15.77 -3.03 -30.13
C GLY D 196 15.67 -3.84 -31.41
N GLY D 197 14.64 -3.57 -32.22
CA GLY D 197 14.56 -4.23 -33.52
C GLY D 197 15.74 -3.85 -34.41
N ALA D 198 16.07 -2.56 -34.46
CA ALA D 198 17.21 -2.13 -35.27
C ALA D 198 18.50 -2.76 -34.76
N LEU D 199 18.65 -2.83 -33.44
CA LEU D 199 19.82 -3.47 -32.84
C LEU D 199 19.90 -4.95 -33.25
N LEU D 200 18.80 -5.69 -33.08
CA LEU D 200 18.81 -7.11 -33.46
C LEU D 200 19.14 -7.27 -34.94
N CYS D 201 18.54 -6.43 -35.78
CA CYS D 201 18.81 -6.46 -37.22
C CYS D 201 20.31 -6.35 -37.49
N ALA D 202 20.93 -5.31 -36.94
CA ALA D 202 22.36 -5.06 -37.13
C ALA D 202 23.21 -6.18 -36.55
N ILE D 203 22.90 -6.59 -35.31
CA ILE D 203 23.79 -7.50 -34.62
C ILE D 203 23.69 -8.90 -35.22
N HIS D 204 22.49 -9.31 -35.63
CA HIS D 204 22.34 -10.62 -36.27
C HIS D 204 23.03 -10.66 -37.63
N GLY D 205 22.78 -9.66 -38.47
CA GLY D 205 23.45 -9.60 -39.77
C GLY D 205 24.95 -9.60 -39.63
N ALA D 206 25.48 -8.77 -38.72
CA ALA D 206 26.93 -8.70 -38.52
C ALA D 206 27.50 -10.03 -37.99
N THR D 207 26.77 -10.70 -37.11
CA THR D 207 27.25 -11.94 -36.52
C THR D 207 27.33 -13.05 -37.56
N VAL D 208 26.26 -13.24 -38.34
CA VAL D 208 26.29 -14.21 -39.44
C VAL D 208 27.46 -13.92 -40.36
N GLU D 209 27.61 -12.66 -40.79
CA GLU D 209 28.65 -12.30 -41.74
C GLU D 209 30.05 -12.48 -41.20
N ASN D 210 30.22 -12.52 -39.87
CA ASN D 210 31.55 -12.64 -39.29
C ASN D 210 31.80 -13.99 -38.60
N THR D 211 30.88 -14.94 -38.75
CA THR D 211 31.11 -16.34 -38.36
C THR D 211 30.86 -17.28 -39.53
N LEU D 212 30.95 -16.76 -40.77
CA LEU D 212 30.84 -17.59 -41.96
C LEU D 212 31.93 -18.66 -42.00
N PHE D 213 31.57 -19.82 -42.54
CA PHE D 213 32.55 -20.82 -42.91
C PHE D 213 33.18 -20.44 -44.24
N GLN D 214 34.45 -20.82 -44.42
CA GLN D 214 35.06 -20.60 -45.72
C GLN D 214 34.56 -21.69 -46.64
N ASP D 215 33.60 -21.34 -47.50
CA ASP D 215 33.00 -22.32 -48.40
C ASP D 215 33.38 -22.05 -49.85
N GLY D 216 34.40 -21.22 -50.08
CA GLY D 216 34.92 -20.93 -51.40
C GLY D 216 36.28 -20.31 -51.27
N GLU D 217 36.92 -20.05 -52.42
CA GLU D 217 38.25 -19.49 -52.43
C GLU D 217 38.27 -17.97 -52.54
N GLY D 218 37.15 -17.35 -52.93
CA GLY D 218 37.13 -15.93 -53.15
C GLY D 218 37.28 -15.14 -51.85
N ALA D 219 38.01 -14.02 -51.95
CA ALA D 219 38.07 -13.05 -50.86
C ALA D 219 36.76 -12.28 -50.71
N SER D 220 35.96 -12.18 -51.77
CA SER D 220 34.57 -11.76 -51.64
C SER D 220 33.75 -13.02 -51.43
N THR D 221 33.05 -13.11 -50.30
CA THR D 221 32.55 -14.38 -49.78
C THR D 221 31.11 -14.67 -50.16
N PHE D 222 30.45 -13.79 -50.91
CA PHE D 222 29.02 -13.95 -51.20
C PHE D 222 28.76 -15.12 -52.13
N ARG D 223 29.67 -15.37 -53.07
CA ARG D 223 29.44 -16.45 -54.02
C ARG D 223 29.53 -17.83 -53.35
N ALA D 224 30.12 -17.93 -52.17
CA ALA D 224 30.26 -19.23 -51.53
C ALA D 224 29.02 -19.59 -50.73
N PHE D 225 27.84 -19.48 -51.36
CA PHE D 225 26.59 -19.93 -50.78
C PHE D 225 25.69 -20.49 -51.86
N ASN D 226 24.98 -21.57 -51.54
CA ASN D 226 24.03 -22.19 -52.46
C ASN D 226 22.70 -22.31 -51.73
N PRO D 227 21.61 -21.71 -52.24
CA PRO D 227 20.34 -21.73 -51.49
C PRO D 227 19.86 -23.14 -51.14
N THR D 228 20.14 -24.12 -52.00
CA THR D 228 19.67 -25.47 -51.74
C THR D 228 20.59 -26.25 -50.80
N GLN D 229 21.73 -25.69 -50.40
CA GLN D 229 22.67 -26.43 -49.56
C GLN D 229 22.03 -26.81 -48.24
N ALA D 230 22.48 -27.92 -47.67
CA ALA D 230 21.94 -28.39 -46.40
C ALA D 230 22.62 -27.71 -45.22
N GLU D 231 23.90 -27.37 -45.36
CA GLU D 231 24.72 -26.94 -44.22
C GLU D 231 24.48 -25.47 -43.87
N GLU D 232 24.51 -25.17 -42.58
CA GLU D 232 24.53 -23.79 -42.14
C GLU D 232 25.75 -23.09 -42.76
N THR D 233 25.55 -21.84 -43.21
CA THR D 233 26.63 -21.10 -43.85
C THR D 233 27.54 -20.39 -42.86
N TYR D 234 27.12 -20.26 -41.59
CA TYR D 234 27.94 -19.67 -40.53
C TYR D 234 27.91 -20.61 -39.33
N SER D 235 28.86 -20.41 -38.41
CA SER D 235 29.02 -21.27 -37.25
C SER D 235 28.23 -20.71 -36.07
N MET D 236 27.09 -21.34 -35.78
CA MET D 236 26.32 -20.99 -34.58
C MET D 236 27.14 -21.24 -33.32
N VAL D 237 27.97 -22.29 -33.30
CA VAL D 237 28.74 -22.59 -32.10
C VAL D 237 29.76 -21.47 -31.83
N THR D 238 30.47 -21.01 -32.86
CA THR D 238 31.44 -19.94 -32.64
C THR D 238 30.73 -18.64 -32.28
N ALA D 239 29.65 -18.32 -32.99
CA ALA D 239 28.86 -17.15 -32.66
C ALA D 239 28.42 -17.16 -31.20
N ASN D 240 27.97 -18.33 -30.73
CA ASN D 240 27.50 -18.43 -29.34
C ASN D 240 28.64 -18.18 -28.35
N ARG D 241 29.82 -18.73 -28.62
CA ARG D 241 30.93 -18.53 -27.69
C ARG D 241 31.37 -17.08 -27.67
N PHE D 242 31.47 -16.45 -28.84
CA PHE D 242 31.87 -15.05 -28.91
C PHE D 242 30.95 -14.17 -28.06
N TRP D 243 29.63 -14.28 -28.26
CA TRP D 243 28.75 -13.40 -27.52
C TRP D 243 28.68 -13.76 -26.04
N SER D 244 28.79 -15.05 -25.71
CA SER D 244 28.82 -15.47 -24.31
C SER D 244 29.99 -14.81 -23.60
N GLN D 245 31.14 -14.73 -24.26
CA GLN D 245 32.33 -14.15 -23.66
C GLN D 245 32.33 -12.61 -23.74
N ILE D 246 31.67 -12.03 -24.73
CA ILE D 246 31.66 -10.58 -24.89
C ILE D 246 30.60 -9.94 -24.00
N PHE D 247 29.38 -10.45 -24.09
CA PHE D 247 28.19 -9.84 -23.49
C PHE D 247 27.69 -10.60 -22.27
N GLY D 248 28.07 -11.87 -22.10
CA GLY D 248 27.62 -12.65 -20.96
C GLY D 248 26.57 -13.67 -21.36
N ILE D 249 25.69 -13.30 -22.29
CA ILE D 249 24.70 -14.25 -22.76
C ILE D 249 24.73 -14.25 -24.29
N ALA D 250 24.21 -15.33 -24.86
CA ALA D 250 24.20 -15.51 -26.30
C ALA D 250 23.00 -16.36 -26.66
N PHE D 251 22.54 -16.20 -27.90
CA PHE D 251 21.61 -17.18 -28.43
C PHE D 251 22.30 -18.54 -28.55
N SER D 252 21.53 -19.59 -28.36
CA SER D 252 21.96 -20.93 -28.74
C SER D 252 20.95 -21.65 -29.61
N ASN D 253 19.70 -21.21 -29.64
CA ASN D 253 18.64 -21.81 -30.44
C ASN D 253 18.28 -20.84 -31.57
N LYS D 254 18.55 -21.25 -32.80
CA LYS D 254 18.28 -20.43 -33.99
C LYS D 254 16.80 -20.18 -34.21
N ARG D 255 15.94 -21.12 -33.81
CA ARG D 255 14.51 -20.88 -33.96
C ARG D 255 14.04 -19.82 -32.98
N TRP D 256 14.51 -19.89 -31.73
CA TRP D 256 14.18 -18.83 -30.78
C TRP D 256 14.70 -17.47 -31.27
N LEU D 257 15.95 -17.42 -31.74
CA LEU D 257 16.54 -16.16 -32.22
C LEU D 257 15.65 -15.49 -33.25
N HIS D 258 15.22 -16.24 -34.26
CA HIS D 258 14.43 -15.61 -35.31
C HIS D 258 13.02 -15.33 -34.86
N PHE D 259 12.45 -16.13 -33.96
CA PHE D 259 11.16 -15.74 -33.42
C PHE D 259 11.29 -14.45 -32.62
N PHE D 260 12.37 -14.32 -31.84
CA PHE D 260 12.57 -13.12 -31.04
C PHE D 260 12.66 -11.87 -31.91
N MET D 261 13.26 -12.02 -33.10
CA MET D 261 13.37 -10.89 -34.04
C MET D 261 12.00 -10.47 -34.55
N LEU D 262 11.06 -11.40 -34.72
CA LEU D 262 9.67 -11.00 -34.98
C LEU D 262 9.08 -10.33 -33.76
N PHE D 263 9.25 -10.95 -32.58
CA PHE D 263 8.53 -10.53 -31.39
C PHE D 263 8.85 -9.08 -31.01
N VAL D 264 10.12 -8.69 -31.04
CA VAL D 264 10.54 -7.44 -30.42
C VAL D 264 9.96 -6.22 -31.16
N PRO D 265 10.20 -6.02 -32.46
CA PRO D 265 9.61 -4.86 -33.12
C PRO D 265 8.09 -4.92 -33.24
N VAL D 266 7.53 -6.12 -33.42
CA VAL D 266 6.09 -6.24 -33.58
C VAL D 266 5.38 -5.86 -32.28
N THR D 267 5.89 -6.32 -31.14
CA THR D 267 5.29 -5.98 -29.86
C THR D 267 5.47 -4.48 -29.57
N GLY D 268 6.63 -3.93 -29.89
CA GLY D 268 6.85 -2.50 -29.69
C GLY D 268 5.82 -1.66 -30.42
N LEU D 269 5.56 -1.97 -31.70
CA LEU D 269 4.59 -1.17 -32.46
C LEU D 269 3.20 -1.30 -31.87
N TRP D 270 2.83 -2.52 -31.44
CA TRP D 270 1.51 -2.75 -30.83
C TRP D 270 1.35 -1.91 -29.57
N MET D 271 2.39 -1.83 -28.74
CA MET D 271 2.30 -0.99 -27.55
C MET D 271 2.11 0.48 -27.90
N SER D 272 2.84 0.99 -28.90
CA SER D 272 2.69 2.41 -29.22
C SER D 272 1.27 2.69 -29.69
N ALA D 273 0.66 1.72 -30.39
CA ALA D 273 -0.73 1.86 -30.83
C ALA D 273 -1.68 2.02 -29.67
N ILE D 274 -1.44 1.28 -28.58
CA ILE D 274 -2.30 1.37 -27.41
C ILE D 274 -2.23 2.78 -26.81
N GLY D 275 -1.02 3.32 -26.69
CA GLY D 275 -0.88 4.68 -26.19
C GLY D 275 -1.63 5.69 -27.05
N VAL D 276 -1.56 5.54 -28.37
CA VAL D 276 -2.23 6.50 -29.26
C VAL D 276 -3.75 6.39 -29.10
N VAL D 277 -4.28 5.17 -28.91
CA VAL D 277 -5.70 5.03 -28.61
C VAL D 277 -6.07 5.84 -27.37
N GLY D 278 -5.19 5.85 -26.36
CA GLY D 278 -5.43 6.71 -25.21
C GLY D 278 -5.43 8.20 -25.58
N LEU D 279 -4.44 8.62 -26.38
CA LEU D 279 -4.36 10.03 -26.77
C LEU D 279 -5.55 10.46 -27.61
N ALA D 280 -6.23 9.51 -28.27
CA ALA D 280 -7.48 9.83 -28.95
C ALA D 280 -8.49 10.50 -28.00
N LEU D 281 -8.43 10.14 -26.72
CA LEU D 281 -9.34 10.65 -25.70
C LEU D 281 -8.69 11.71 -24.81
N ASN D 282 -7.50 12.20 -25.19
CA ASN D 282 -6.66 13.03 -24.32
C ASN D 282 -6.34 12.32 -23.00
N LEU D 283 -6.46 10.98 -22.97
CA LEU D 283 -6.02 10.19 -21.83
CA LEU D 283 -6.02 10.20 -21.82
C LEU D 283 -4.50 10.05 -21.91
N ARG D 284 -3.82 11.11 -21.49
CA ARG D 284 -2.37 11.24 -21.61
C ARG D 284 -1.67 10.74 -20.35
N SER D 285 -0.37 10.44 -20.49
CA SER D 285 0.54 10.49 -19.35
C SER D 285 1.20 11.85 -19.44
N TYR D 286 0.46 12.88 -19.00
CA TYR D 286 0.95 14.24 -19.10
C TYR D 286 1.75 14.65 -17.87
N ASP D 287 1.30 14.26 -16.67
CA ASP D 287 1.88 14.77 -15.44
C ASP D 287 2.18 13.64 -14.46
N PHE D 288 3.04 13.98 -13.48
CA PHE D 288 3.21 13.22 -12.25
C PHE D 288 2.66 14.09 -11.14
N ILE D 289 1.54 13.67 -10.53
CA ILE D 289 0.85 14.54 -9.59
C ILE D 289 1.75 14.90 -8.41
N SER D 290 2.52 13.93 -7.90
CA SER D 290 3.40 14.23 -6.78
C SER D 290 4.41 15.33 -7.14
N GLN D 291 4.91 15.32 -8.37
CA GLN D 291 5.80 16.37 -8.82
C GLN D 291 5.11 17.72 -8.80
N GLU D 292 3.88 17.78 -9.29
CA GLU D 292 3.19 19.06 -9.38
C GLU D 292 2.91 19.63 -8.00
N ILE D 293 2.55 18.76 -7.05
CA ILE D 293 2.26 19.22 -5.70
C ILE D 293 3.51 19.82 -5.06
N ARG D 294 4.62 19.09 -5.14
CA ARG D 294 5.88 19.58 -4.58
C ARG D 294 6.31 20.87 -5.26
N ALA D 295 6.25 20.90 -6.60
CA ALA D 295 6.70 22.09 -7.33
C ALA D 295 5.81 23.30 -7.05
N ALA D 296 4.50 23.09 -6.90
CA ALA D 296 3.62 24.22 -6.67
C ALA D 296 3.90 24.89 -5.31
N GLU D 297 4.23 24.09 -4.29
CA GLU D 297 4.48 24.57 -2.93
C GLU D 297 5.92 24.99 -2.70
N ASP D 298 6.86 24.51 -3.52
CA ASP D 298 8.29 24.71 -3.28
C ASP D 298 8.93 25.29 -4.54
N PRO D 299 9.08 26.61 -4.62
CA PRO D 299 9.61 27.23 -5.84
C PRO D 299 11.10 27.02 -6.06
N GLU D 300 11.79 26.28 -5.21
CA GLU D 300 13.17 25.90 -5.51
C GLU D 300 13.28 24.48 -6.05
N PHE D 301 12.16 23.77 -6.17
CA PHE D 301 12.19 22.38 -6.63
C PHE D 301 12.08 22.33 -8.15
N GLU D 302 13.08 21.74 -8.81
CA GLU D 302 13.11 21.67 -10.26
C GLU D 302 13.67 20.32 -10.72
N THR D 303 12.99 19.72 -11.69
CA THR D 303 13.47 18.50 -12.32
C THR D 303 13.39 18.65 -13.83
N PHE D 304 13.98 17.69 -14.55
CA PHE D 304 13.83 17.70 -16.01
C PHE D 304 12.37 17.50 -16.42
N TYR D 305 11.56 16.90 -15.56
CA TYR D 305 10.14 16.77 -15.85
C TYR D 305 9.46 18.14 -15.84
N THR D 306 9.75 18.98 -14.83
CA THR D 306 9.15 20.31 -14.83
C THR D 306 9.74 21.18 -15.95
N LYS D 307 11.01 20.98 -16.30
CA LYS D 307 11.58 21.75 -17.40
C LYS D 307 10.86 21.45 -18.72
N ASN D 308 10.49 20.18 -18.94
CA ASN D 308 9.89 19.84 -20.23
C ASN D 308 8.47 20.37 -20.33
N LEU D 309 7.75 20.49 -19.22
CA LEU D 309 6.41 21.06 -19.30
C LEU D 309 6.45 22.53 -19.72
N LEU D 310 7.49 23.27 -19.28
CA LEU D 310 7.62 24.65 -19.71
C LEU D 310 7.81 24.72 -21.23
N LEU D 311 8.64 23.83 -21.79
CA LEU D 311 8.76 23.70 -23.24
C LEU D 311 7.41 23.42 -23.87
N ASN D 312 6.64 22.48 -23.30
CA ASN D 312 5.30 22.18 -23.84
C ASN D 312 4.40 23.40 -23.83
N GLU D 313 4.45 24.18 -22.77
CA GLU D 313 3.60 25.37 -22.68
C GLU D 313 3.95 26.39 -23.75
N GLY D 314 5.25 26.54 -24.04
CA GLY D 314 5.65 27.37 -25.17
C GLY D 314 5.14 26.83 -26.50
N ILE D 315 5.30 25.52 -26.71
CA ILE D 315 4.84 24.93 -27.97
C ILE D 315 3.38 25.27 -28.20
N ARG D 316 2.54 25.02 -27.19
CA ARG D 316 1.10 25.23 -27.35
C ARG D 316 0.79 26.68 -27.68
N ALA D 317 1.37 27.61 -26.92
CA ALA D 317 1.01 29.02 -27.08
C ALA D 317 1.50 29.57 -28.41
N TRP D 318 2.70 29.16 -28.83
CA TRP D 318 3.31 29.75 -30.02
C TRP D 318 2.85 29.06 -31.30
N MET D 319 2.39 27.81 -31.22
CA MET D 319 2.00 27.11 -32.43
C MET D 319 0.49 27.10 -32.66
N ALA D 320 -0.32 27.18 -31.60
CA ALA D 320 -1.77 27.00 -31.76
C ALA D 320 -2.44 28.02 -32.71
N PRO D 321 -2.13 29.32 -32.68
CA PRO D 321 -2.89 30.25 -33.54
C PRO D 321 -2.82 29.89 -35.03
N GLN D 322 -1.64 29.55 -35.56
CA GLN D 322 -1.57 29.18 -36.97
C GLN D 322 -1.84 27.70 -37.22
N ASP D 323 -1.58 26.84 -36.24
CA ASP D 323 -1.83 25.41 -36.42
C ASP D 323 -3.31 25.06 -36.25
N GLN D 324 -4.10 25.89 -35.56
CA GLN D 324 -5.52 25.63 -35.36
C GLN D 324 -6.37 26.83 -35.79
N PRO D 325 -6.33 27.20 -37.10
CA PRO D 325 -6.96 28.46 -37.56
C PRO D 325 -8.46 28.53 -37.31
N GLU D 327 -9.97 28.00 -34.69
CA GLU D 327 -10.19 28.53 -33.34
C GLU D 327 -10.13 30.06 -33.27
N ASN D 328 -9.61 30.69 -34.33
CA ASN D 328 -9.46 32.15 -34.38
C ASN D 328 -8.74 32.67 -33.14
N PHE D 329 -7.66 32.01 -32.75
CA PHE D 329 -6.90 32.47 -31.58
C PHE D 329 -6.21 33.79 -31.88
N VAL D 330 -6.39 34.77 -31.00
CA VAL D 330 -5.56 35.96 -30.96
C VAL D 330 -4.93 36.02 -29.57
N PHE D 331 -3.62 35.81 -29.50
CA PHE D 331 -2.90 35.86 -28.25
C PHE D 331 -2.07 37.14 -28.29
N PRO D 332 -2.48 38.21 -27.62
CA PRO D 332 -1.64 39.42 -27.60
C PRO D 332 -0.24 39.08 -27.09
N GLU D 333 0.76 39.76 -27.65
CA GLU D 333 2.16 39.56 -27.27
C GLU D 333 2.38 39.39 -25.78
N GLU D 334 1.70 40.21 -24.97
CA GLU D 334 1.94 40.22 -23.53
C GLU D 334 1.57 38.90 -22.87
N VAL D 335 0.68 38.10 -23.47
CA VAL D 335 0.31 36.84 -22.82
C VAL D 335 1.21 35.68 -23.23
N LEU D 336 2.07 35.86 -24.21
CA LEU D 336 2.87 34.74 -24.68
C LEU D 336 3.92 34.35 -23.63
N PRO D 337 4.00 33.08 -23.24
CA PRO D 337 5.04 32.68 -22.27
C PRO D 337 6.40 32.72 -22.95
N ARG D 338 7.35 33.38 -22.29
CA ARG D 338 8.73 33.54 -22.75
C ARG D 338 9.63 33.63 -21.54
N GLY D 339 10.83 33.05 -21.66
CA GLY D 339 11.87 33.31 -20.68
C GLY D 339 12.48 34.68 -20.88
N ASN D 340 13.58 34.93 -20.18
CA ASN D 340 14.26 36.20 -20.31
C ASN D 340 14.90 36.35 -21.69
N ALA D 341 14.79 37.57 -22.26
CA ALA D 341 15.48 38.00 -23.47
C ALA D 341 14.91 37.37 -24.75
N LEU D 342 14.81 36.05 -24.78
CA LEU D 342 14.36 35.36 -25.98
C LEU D 342 12.88 35.66 -26.25
N THR E 3 11.63 -16.17 -64.29
CA THR E 3 11.38 -17.55 -64.70
C THR E 3 9.88 -17.81 -64.86
N THR E 4 9.09 -16.73 -64.99
CA THR E 4 7.64 -16.84 -65.05
C THR E 4 7.07 -16.69 -66.45
N GLY E 5 7.90 -16.60 -67.47
CA GLY E 5 7.42 -16.66 -68.84
C GLY E 5 7.32 -15.32 -69.55
N GLU E 6 7.41 -14.20 -68.83
CA GLU E 6 7.37 -12.93 -69.53
C GLU E 6 8.72 -12.68 -70.15
N ARG E 7 8.74 -11.86 -71.19
CA ARG E 7 10.01 -11.51 -71.80
C ARG E 7 10.87 -10.80 -70.77
N PRO E 8 12.17 -11.07 -70.72
CA PRO E 8 13.03 -10.37 -69.76
C PRO E 8 13.09 -8.87 -70.07
N PHE E 9 13.12 -8.06 -69.00
CA PHE E 9 13.17 -6.60 -69.19
C PHE E 9 14.44 -6.17 -69.93
N SER E 10 15.58 -6.81 -69.63
CA SER E 10 16.82 -6.42 -70.30
C SER E 10 16.74 -6.69 -71.79
N ASP E 11 16.05 -7.76 -72.19
CA ASP E 11 15.74 -7.98 -73.59
CA ASP E 11 15.77 -7.96 -73.60
C ASP E 11 14.95 -6.81 -74.16
N ILE E 12 13.87 -6.42 -73.47
CA ILE E 12 12.95 -5.42 -74.02
C ILE E 12 13.67 -4.07 -74.19
N ILE E 13 14.28 -3.58 -73.12
CA ILE E 13 14.80 -2.20 -73.14
C ILE E 13 16.12 -2.07 -73.86
N THR E 14 16.67 -3.16 -74.41
CA THR E 14 17.80 -3.08 -75.31
C THR E 14 17.42 -3.33 -76.76
N SER E 15 16.13 -3.48 -77.06
CA SER E 15 15.70 -3.71 -78.43
C SER E 15 15.38 -2.40 -79.13
N VAL E 16 15.61 -2.38 -80.44
CA VAL E 16 15.36 -1.19 -81.24
C VAL E 16 13.88 -0.86 -81.26
N ARG E 17 13.02 -1.89 -81.38
CA ARG E 17 11.59 -1.65 -81.47
C ARG E 17 11.07 -0.95 -80.23
N TYR E 18 11.54 -1.37 -79.05
CA TYR E 18 11.15 -0.69 -77.83
C TYR E 18 11.45 0.80 -77.93
N TRP E 19 12.66 1.14 -78.37
CA TRP E 19 13.05 2.54 -78.42
C TRP E 19 12.44 3.27 -79.61
N VAL E 20 12.06 2.56 -80.67
CA VAL E 20 11.26 3.22 -81.70
C VAL E 20 9.93 3.68 -81.11
N ILE E 21 9.29 2.81 -80.32
CA ILE E 21 8.01 3.18 -79.72
C ILE E 21 8.20 4.28 -78.68
N HIS E 22 9.13 4.09 -77.75
CA HIS E 22 9.16 4.93 -76.56
C HIS E 22 9.95 6.21 -76.77
N SER E 23 10.67 6.33 -77.88
CA SER E 23 11.20 7.64 -78.25
C SER E 23 10.09 8.59 -78.66
N ILE E 24 8.91 8.06 -78.97
CA ILE E 24 7.73 8.87 -79.23
C ILE E 24 6.88 9.05 -77.97
N THR E 25 6.57 7.94 -77.29
CA THR E 25 5.56 7.96 -76.23
C THR E 25 6.05 8.66 -74.98
N ILE E 26 7.31 8.45 -74.60
CA ILE E 26 7.83 9.06 -73.39
C ILE E 26 7.90 10.58 -73.56
N PRO E 27 8.55 11.12 -74.61
CA PRO E 27 8.53 12.59 -74.76
C PRO E 27 7.14 13.16 -74.90
N ALA E 28 6.24 12.46 -75.58
CA ALA E 28 4.86 12.93 -75.72
C ALA E 28 4.18 13.09 -74.38
N LEU E 29 4.33 12.10 -73.48
CA LEU E 29 3.74 12.21 -72.15
C LEU E 29 4.35 13.37 -71.37
N PHE E 30 5.67 13.54 -71.48
CA PHE E 30 6.37 14.61 -70.78
C PHE E 30 5.86 15.97 -71.22
N ILE E 31 5.69 16.15 -72.52
CA ILE E 31 5.21 17.42 -73.06
C ILE E 31 3.75 17.64 -72.68
N ALA E 32 2.95 16.58 -72.66
CA ALA E 32 1.58 16.73 -72.19
C ALA E 32 1.52 17.20 -70.74
N GLY E 33 2.38 16.64 -69.89
CA GLY E 33 2.42 17.11 -68.50
C GLY E 33 2.87 18.55 -68.38
N TRP E 34 3.88 18.93 -69.16
CA TRP E 34 4.32 20.32 -69.21
C TRP E 34 3.15 21.25 -69.55
N LEU E 35 2.45 20.96 -70.64
CA LEU E 35 1.34 21.80 -71.09
C LEU E 35 0.19 21.83 -70.09
N PHE E 36 -0.03 20.72 -69.36
CA PHE E 36 -1.03 20.71 -68.30
C PHE E 36 -0.77 21.84 -67.31
N VAL E 37 0.51 22.12 -67.02
CA VAL E 37 0.86 23.23 -66.16
C VAL E 37 0.89 24.55 -66.93
N SER E 38 1.64 24.60 -68.05
CA SER E 38 1.93 25.87 -68.70
C SER E 38 0.68 26.53 -69.28
N THR E 39 -0.35 25.75 -69.62
CA THR E 39 -1.61 26.35 -70.03
C THR E 39 -2.43 26.84 -68.86
N GLY E 40 -2.01 26.55 -67.63
CA GLY E 40 -2.79 26.88 -66.46
C GLY E 40 -3.91 25.92 -66.13
N LEU E 41 -4.08 24.86 -66.93
CA LEU E 41 -5.20 23.96 -66.75
C LEU E 41 -5.15 23.24 -65.40
N ALA E 42 -3.95 22.91 -64.92
CA ALA E 42 -3.83 22.25 -63.62
C ALA E 42 -4.48 23.08 -62.50
N TYR E 43 -4.36 24.42 -62.57
CA TYR E 43 -4.97 25.26 -61.54
C TYR E 43 -6.48 25.03 -61.45
N ASP E 44 -7.14 24.96 -62.59
CA ASP E 44 -8.60 24.95 -62.61
C ASP E 44 -9.18 23.57 -62.38
N VAL E 45 -8.46 22.52 -62.76
CA VAL E 45 -8.91 21.17 -62.46
C VAL E 45 -8.98 20.96 -60.95
N PHE E 46 -7.91 21.32 -60.25
CA PHE E 46 -7.77 21.01 -58.83
C PHE E 46 -8.16 22.17 -57.90
N GLY E 47 -8.44 23.35 -58.45
CA GLY E 47 -8.83 24.50 -57.64
C GLY E 47 -7.71 25.12 -56.84
N THR E 48 -6.49 25.07 -57.33
CA THR E 48 -5.30 25.58 -56.65
C THR E 48 -5.09 27.04 -56.99
N PRO E 49 -4.87 27.90 -55.99
CA PRO E 49 -4.70 29.35 -56.28
C PRO E 49 -3.44 29.60 -57.09
N ARG E 50 -3.58 30.42 -58.14
CA ARG E 50 -2.44 31.05 -58.76
C ARG E 50 -1.80 32.05 -57.79
N PRO E 51 -0.54 32.44 -58.02
CA PRO E 51 0.11 33.39 -57.10
C PRO E 51 -0.67 34.68 -56.87
N ASP E 52 -1.48 35.14 -57.82
CA ASP E 52 -2.26 36.34 -57.57
C ASP E 52 -3.66 36.04 -57.04
N SER E 53 -3.90 34.84 -56.53
CA SER E 53 -5.27 34.46 -56.22
C SER E 53 -5.42 33.90 -54.80
N TYR E 54 -4.41 34.03 -53.95
CA TYR E 54 -4.56 33.63 -52.55
C TYR E 54 -5.40 34.64 -51.78
N TYR E 55 -5.24 35.92 -52.08
CA TYR E 55 -5.89 36.99 -51.35
C TYR E 55 -6.46 38.02 -52.32
N ALA E 56 -7.54 38.68 -51.91
CA ALA E 56 -7.87 39.94 -52.57
C ALA E 56 -6.85 41.01 -52.18
N GLN E 57 -6.90 42.15 -52.88
CA GLN E 57 -5.82 43.13 -52.77
C GLN E 57 -5.68 43.66 -51.34
N GLU E 58 -6.78 43.88 -50.64
CA GLU E 58 -6.72 44.45 -49.31
C GLU E 58 -7.15 43.51 -48.20
N GLN E 59 -7.76 42.37 -48.51
CA GLN E 59 -8.21 41.45 -47.48
C GLN E 59 -7.02 40.86 -46.75
N ARG E 60 -7.13 40.73 -45.43
CA ARG E 60 -6.05 40.22 -44.60
C ARG E 60 -6.41 38.88 -43.95
N SER E 61 -7.49 38.26 -44.39
CA SER E 61 -8.02 37.06 -43.74
C SER E 61 -8.00 35.88 -44.71
N ILE E 62 -7.52 34.74 -44.22
CA ILE E 62 -7.45 33.52 -45.03
C ILE E 62 -8.87 32.98 -45.25
N PRO E 63 -9.22 32.51 -46.46
CA PRO E 63 -10.59 32.04 -46.72
C PRO E 63 -10.82 30.62 -46.21
N LEU E 64 -10.72 30.47 -44.89
CA LEU E 64 -10.90 29.16 -44.28
C LEU E 64 -12.36 28.72 -44.36
N VAL E 65 -12.55 27.45 -44.72
CA VAL E 65 -13.91 26.88 -44.74
C VAL E 65 -14.38 26.63 -43.32
N THR E 66 -15.59 27.11 -42.99
CA THR E 66 -16.11 27.01 -41.63
C THR E 66 -17.48 26.33 -41.54
N ASP E 67 -18.08 25.92 -42.65
CA ASP E 67 -19.42 25.33 -42.63
C ASP E 67 -19.39 24.04 -43.44
N ARG E 68 -19.70 22.91 -42.78
CA ARG E 68 -19.56 21.60 -43.42
C ARG E 68 -20.38 21.49 -44.70
N PHE E 69 -21.68 21.79 -44.62
CA PHE E 69 -22.58 21.43 -45.70
C PHE E 69 -22.75 22.53 -46.74
N GLU E 70 -22.39 23.77 -46.41
CA GLU E 70 -22.33 24.85 -47.39
C GLU E 70 -20.89 25.30 -47.64
N ALA E 71 -19.91 24.45 -47.31
CA ALA E 71 -18.51 24.74 -47.63
C ALA E 71 -18.31 24.92 -49.13
N LYS E 72 -19.04 24.16 -49.94
CA LYS E 72 -18.97 24.29 -51.38
C LYS E 72 -19.32 25.72 -51.82
N GLN E 73 -20.47 26.24 -51.36
CA GLN E 73 -20.82 27.62 -51.67
C GLN E 73 -19.88 28.61 -51.00
N GLN E 74 -19.33 28.23 -49.84
CA GLN E 74 -18.41 29.13 -49.14
C GLN E 74 -17.16 29.39 -49.97
N VAL E 75 -16.57 28.33 -50.55
CA VAL E 75 -15.43 28.52 -51.44
C VAL E 75 -15.84 29.33 -52.66
N GLU E 76 -17.03 29.09 -53.20
CA GLU E 76 -17.50 29.86 -54.36
C GLU E 76 -17.56 31.35 -54.03
N THR E 77 -18.08 31.69 -52.86
CA THR E 77 -18.13 33.08 -52.42
C THR E 77 -16.72 33.62 -52.19
N PHE E 78 -15.86 32.84 -51.53
CA PHE E 78 -14.47 33.23 -51.33
C PHE E 78 -13.79 33.51 -52.67
N LEU E 79 -14.14 32.76 -53.72
CA LEU E 79 -13.49 32.94 -55.02
C LEU E 79 -14.02 34.15 -55.76
N GLU E 80 -15.32 34.44 -55.63
CA GLU E 80 -15.87 35.61 -56.30
C GLU E 80 -15.36 36.91 -55.70
N GLN E 81 -14.91 36.90 -54.45
CA GLN E 81 -14.33 38.07 -53.81
C GLN E 81 -12.97 38.46 -54.37
N LEU E 82 -12.34 37.60 -55.17
CA LEU E 82 -11.04 37.90 -55.75
C LEU E 82 -11.17 38.82 -56.96
N SER F 11 9.36 -16.45 -78.79
CA SER F 11 8.08 -15.82 -79.12
C SER F 11 7.32 -15.44 -77.85
N TYR F 12 7.78 -14.36 -77.21
CA TYR F 12 7.21 -13.90 -75.96
C TYR F 12 5.94 -13.08 -76.21
N PRO F 13 4.96 -13.18 -75.32
CA PRO F 13 3.82 -12.26 -75.39
C PRO F 13 4.27 -10.85 -75.08
N ILE F 14 3.44 -9.89 -75.44
CA ILE F 14 3.75 -8.47 -75.28
C ILE F 14 2.89 -7.84 -74.18
N PHE F 15 1.58 -8.04 -74.22
CA PHE F 15 0.66 -7.45 -73.25
C PHE F 15 0.33 -8.52 -72.21
N THR F 16 0.91 -8.35 -71.03
CA THR F 16 0.76 -9.24 -69.90
C THR F 16 0.37 -8.41 -68.69
N VAL F 17 -0.01 -9.10 -67.61
CA VAL F 17 -0.26 -8.42 -66.34
C VAL F 17 0.91 -7.52 -65.99
N ARG F 18 2.14 -8.02 -66.16
CA ARG F 18 3.31 -7.21 -65.88
C ARG F 18 3.33 -5.95 -66.73
N TRP F 19 3.00 -6.09 -68.01
CA TRP F 19 2.95 -4.94 -68.90
C TRP F 19 1.97 -3.88 -68.38
N VAL F 20 0.77 -4.29 -67.99
CA VAL F 20 -0.20 -3.35 -67.44
C VAL F 20 0.34 -2.70 -66.18
N ALA F 21 0.84 -3.51 -65.24
CA ALA F 21 1.34 -2.97 -63.99
C ALA F 21 2.45 -1.96 -64.23
N VAL F 22 3.35 -2.25 -65.16
CA VAL F 22 4.44 -1.32 -65.48
C VAL F 22 3.87 0.02 -65.95
N HIS F 23 2.88 -0.01 -66.83
CA HIS F 23 2.43 1.23 -67.43
C HIS F 23 1.47 2.03 -66.53
N THR F 24 0.69 1.37 -65.65
CA THR F 24 -0.09 2.16 -64.70
C THR F 24 0.81 3.03 -63.83
N LEU F 25 2.05 2.61 -63.61
CA LEU F 25 3.01 3.44 -62.87
C LEU F 25 3.80 4.36 -63.80
N ALA F 26 4.33 3.82 -64.91
CA ALA F 26 5.27 4.57 -65.72
C ALA F 26 4.61 5.72 -66.46
N VAL F 27 3.39 5.49 -66.95
CA VAL F 27 2.73 6.50 -67.79
C VAL F 27 2.46 7.75 -66.97
N PRO F 28 1.77 7.67 -65.81
CA PRO F 28 1.62 8.90 -65.01
C PRO F 28 2.93 9.50 -64.53
N THR F 29 3.93 8.67 -64.21
CA THR F 29 5.19 9.22 -63.70
C THR F 29 5.82 10.19 -64.71
N ILE F 30 5.89 9.79 -65.98
CA ILE F 30 6.48 10.68 -66.98
C ILE F 30 5.63 11.93 -67.16
N PHE F 31 4.31 11.77 -67.17
CA PHE F 31 3.42 12.92 -67.26
C PHE F 31 3.66 13.87 -66.10
N PHE F 32 3.71 13.34 -64.87
CA PHE F 32 3.93 14.18 -63.70
C PHE F 32 5.28 14.88 -63.76
N LEU F 33 6.32 14.15 -64.19
CA LEU F 33 7.66 14.74 -64.23
C LEU F 33 7.71 15.89 -65.23
N GLY F 34 6.97 15.80 -66.34
CA GLY F 34 6.84 16.93 -67.23
C GLY F 34 6.13 18.09 -66.58
N ALA F 35 5.07 17.81 -65.80
CA ALA F 35 4.37 18.88 -65.12
C ALA F 35 5.28 19.59 -64.12
N ILE F 36 5.95 18.82 -63.26
CA ILE F 36 6.83 19.40 -62.25
C ILE F 36 8.00 20.13 -62.90
N ALA F 37 8.48 19.64 -64.03
CA ALA F 37 9.52 20.37 -64.77
C ALA F 37 9.02 21.75 -65.17
N ALA F 38 7.80 21.81 -65.72
CA ALA F 38 7.24 23.11 -66.11
C ALA F 38 7.16 24.06 -64.92
N MET F 39 6.82 23.52 -63.75
CA MET F 39 6.63 24.35 -62.57
C MET F 39 7.90 25.10 -62.19
N GLN F 40 9.07 24.56 -62.53
CA GLN F 40 10.30 25.21 -62.14
C GLN F 40 10.48 26.58 -62.79
N PHE F 41 9.66 26.91 -63.80
CA PHE F 41 9.75 28.20 -64.49
C PHE F 41 8.58 29.12 -64.13
N ILE F 42 7.73 28.74 -63.18
CA ILE F 42 6.69 29.64 -62.70
C ILE F 42 7.31 30.65 -61.77
N GLN F 43 6.97 31.92 -61.95
CA GLN F 43 7.35 33.00 -61.06
C GLN F 43 6.10 33.57 -60.42
N ARG F 44 6.24 34.07 -59.21
CA ARG F 44 5.09 34.70 -58.57
C ARG F 44 4.78 36.02 -59.28
N ALA G 1 -17.58 -44.03 -22.46
CA ALA G 1 -18.22 -42.80 -22.03
C ALA G 1 -19.48 -43.09 -21.20
N ARG G 2 -20.01 -42.04 -20.57
CA ARG G 2 -21.08 -42.17 -19.60
C ARG G 2 -22.38 -41.70 -20.22
N ARG G 3 -23.39 -42.56 -20.22
CA ARG G 3 -24.71 -42.13 -20.62
C ARG G 3 -25.43 -41.52 -19.43
N THR G 4 -26.18 -40.44 -19.70
CA THR G 4 -27.06 -39.85 -18.71
C THR G 4 -28.41 -39.63 -19.36
N TRP G 5 -29.41 -39.40 -18.53
CA TRP G 5 -30.76 -39.12 -19.01
C TRP G 5 -30.76 -37.91 -19.93
N LEU G 6 -30.15 -36.80 -19.50
CA LEU G 6 -30.10 -35.61 -20.33
C LEU G 6 -29.25 -35.83 -21.57
N GLY G 7 -28.13 -36.53 -21.42
CA GLY G 7 -27.31 -36.84 -22.57
C GLY G 7 -28.07 -37.61 -23.63
N ASP G 8 -28.87 -38.60 -23.21
CA ASP G 8 -29.63 -39.38 -24.18
C ASP G 8 -30.65 -38.50 -24.90
N ILE G 9 -31.29 -37.57 -24.19
CA ILE G 9 -32.25 -36.67 -24.81
C ILE G 9 -31.57 -35.78 -25.86
N LEU G 10 -30.38 -35.27 -25.54
CA LEU G 10 -29.69 -34.36 -26.44
C LEU G 10 -28.90 -35.07 -27.53
N ARG G 11 -28.70 -36.39 -27.40
CA ARG G 11 -27.85 -37.15 -28.32
C ARG G 11 -28.07 -36.81 -29.80
N PRO G 12 -29.30 -36.76 -30.32
CA PRO G 12 -29.46 -36.46 -31.76
C PRO G 12 -28.92 -35.09 -32.18
N LEU G 13 -28.96 -34.11 -31.29
CA LEU G 13 -28.47 -32.77 -31.64
C LEU G 13 -26.95 -32.72 -31.82
N ASN G 14 -26.21 -33.71 -31.34
CA ASN G 14 -24.76 -33.76 -31.52
C ASN G 14 -24.35 -35.00 -32.29
N SER G 15 -25.11 -35.32 -33.34
CA SER G 15 -24.93 -36.59 -34.04
C SER G 15 -24.52 -36.44 -35.50
N GLU G 16 -24.61 -35.24 -36.08
CA GLU G 16 -24.35 -35.08 -37.51
C GLU G 16 -23.02 -34.39 -37.80
N TYR G 17 -22.02 -34.61 -36.94
CA TYR G 17 -20.69 -34.06 -37.17
C TYR G 17 -20.21 -34.38 -38.58
N GLY G 18 -19.77 -33.36 -39.31
CA GLY G 18 -19.21 -33.55 -40.63
C GLY G 18 -20.20 -33.65 -41.78
N LYS G 19 -21.50 -33.67 -41.50
CA LYS G 19 -22.47 -33.75 -42.59
C LYS G 19 -22.52 -32.44 -43.35
N VAL G 20 -22.54 -32.52 -44.69
CA VAL G 20 -22.52 -31.34 -45.54
C VAL G 20 -23.57 -31.48 -46.63
N ALA G 21 -23.99 -30.31 -47.20
CA ALA G 21 -24.77 -30.37 -48.43
C ALA G 21 -23.84 -30.36 -49.64
N PRO G 22 -24.23 -30.98 -50.75
CA PRO G 22 -23.27 -31.17 -51.86
C PRO G 22 -22.84 -29.85 -52.49
N GLY G 23 -21.55 -29.75 -52.75
CA GLY G 23 -21.02 -28.66 -53.57
C GLY G 23 -21.21 -27.30 -52.96
N TRP G 24 -21.75 -26.38 -53.75
CA TRP G 24 -21.92 -24.99 -53.32
C TRP G 24 -23.18 -24.79 -52.48
N GLY G 25 -24.12 -25.72 -52.53
CA GLY G 25 -25.35 -25.61 -51.76
C GLY G 25 -25.98 -24.23 -51.80
N THR G 26 -26.20 -23.64 -50.63
CA THR G 26 -26.86 -22.35 -50.52
C THR G 26 -25.87 -21.17 -50.51
N THR G 27 -24.63 -21.38 -50.94
CA THR G 27 -23.68 -20.27 -51.01
C THR G 27 -24.21 -19.06 -51.76
N PRO G 28 -24.85 -19.19 -52.93
CA PRO G 28 -25.35 -17.98 -53.62
C PRO G 28 -26.34 -17.18 -52.80
N LEU G 29 -27.29 -17.86 -52.16
CA LEU G 29 -28.24 -17.17 -51.28
C LEU G 29 -27.51 -16.47 -50.15
N MET G 30 -26.54 -17.15 -49.53
CA MET G 30 -25.73 -16.55 -48.47
C MET G 30 -25.08 -15.26 -48.94
N ALA G 31 -24.54 -15.28 -50.16
CA ALA G 31 -23.86 -14.10 -50.70
C ALA G 31 -24.81 -12.93 -50.87
N VAL G 32 -26.06 -13.19 -51.27
CA VAL G 32 -27.05 -12.12 -51.38
C VAL G 32 -27.27 -11.46 -50.02
N PHE G 33 -27.50 -12.28 -48.98
CA PHE G 33 -27.72 -11.72 -47.64
C PHE G 33 -26.49 -10.97 -47.14
N MET G 34 -25.29 -11.47 -47.45
CA MET G 34 -24.08 -10.73 -47.11
C MET G 34 -24.04 -9.37 -47.81
N GLY G 35 -24.38 -9.34 -49.10
CA GLY G 35 -24.40 -8.07 -49.81
C GLY G 35 -25.39 -7.08 -49.24
N LEU G 36 -26.61 -7.55 -48.98
CA LEU G 36 -27.61 -6.68 -48.35
C LEU G 36 -27.12 -6.19 -47.00
N PHE G 37 -26.46 -7.06 -46.23
CA PHE G 37 -25.98 -6.65 -44.91
C PHE G 37 -24.91 -5.57 -45.04
N LEU G 38 -24.03 -5.70 -46.05
CA LEU G 38 -23.03 -4.67 -46.30
C LEU G 38 -23.70 -3.33 -46.60
N VAL G 39 -24.70 -3.34 -47.49
CA VAL G 39 -25.41 -2.10 -47.78
C VAL G 39 -26.05 -1.55 -46.51
N PHE G 40 -26.66 -2.42 -45.69
CA PHE G 40 -27.28 -1.99 -44.44
C PHE G 40 -26.28 -1.29 -43.53
N LEU G 41 -25.11 -1.91 -43.31
CA LEU G 41 -24.10 -1.28 -42.47
C LEU G 41 -23.64 0.04 -43.06
N LEU G 42 -23.53 0.10 -44.39
CA LEU G 42 -23.16 1.34 -45.05
C LEU G 42 -24.21 2.42 -44.82
N ILE G 43 -25.49 2.06 -44.88
CA ILE G 43 -26.57 3.01 -44.62
C ILE G 43 -26.47 3.54 -43.18
N ILE G 44 -26.42 2.63 -42.19
CA ILE G 44 -26.44 3.13 -40.80
C ILE G 44 -25.16 3.92 -40.51
N LEU G 45 -24.03 3.54 -41.10
CA LEU G 45 -22.81 4.32 -40.90
C LEU G 45 -22.97 5.72 -41.45
N GLU G 46 -23.52 5.86 -42.66
CA GLU G 46 -23.60 7.18 -43.29
C GLU G 46 -24.66 8.05 -42.64
N ILE G 47 -25.69 7.45 -42.05
CA ILE G 47 -26.63 8.25 -41.26
C ILE G 47 -25.94 8.82 -40.03
N TYR G 48 -25.21 7.97 -39.32
CA TYR G 48 -24.50 8.42 -38.13
C TYR G 48 -23.46 9.47 -38.48
N ASN G 49 -22.89 9.37 -39.68
CA ASN G 49 -21.78 10.21 -40.11
C ASN G 49 -22.25 11.54 -40.69
N SER G 50 -23.56 11.73 -40.91
CA SER G 50 -24.12 12.88 -41.60
C SER G 50 -23.64 12.93 -43.06
N THR G 51 -23.28 11.78 -43.61
CA THR G 51 -23.10 11.67 -45.05
C THR G 51 -24.42 11.34 -45.74
N LEU G 52 -25.30 10.61 -45.07
CA LEU G 52 -26.65 10.35 -45.57
C LEU G 52 -27.62 11.05 -44.64
N ILE G 53 -28.40 11.98 -45.20
CA ILE G 53 -29.27 12.87 -44.45
C ILE G 53 -30.70 12.68 -44.96
N LEU G 54 -31.59 12.24 -44.08
CA LEU G 54 -32.94 11.86 -44.44
C LEU G 54 -33.96 12.77 -43.79
N ASP G 55 -35.09 12.94 -44.48
CA ASP G 55 -36.20 13.72 -43.95
C ASP G 55 -36.71 13.10 -42.65
N GLY G 56 -36.86 13.95 -41.63
CA GLY G 56 -37.36 13.47 -40.35
C GLY G 56 -36.35 12.72 -39.51
N VAL G 57 -35.09 12.61 -39.96
CA VAL G 57 -34.04 11.94 -39.19
C VAL G 57 -33.01 12.98 -38.78
N ASN G 58 -33.18 13.56 -37.59
CA ASN G 58 -32.25 14.55 -37.05
C ASN G 58 -31.29 13.84 -36.10
N VAL G 59 -30.07 13.61 -36.57
CA VAL G 59 -29.08 12.87 -35.80
C VAL G 59 -28.43 13.81 -34.79
N SER G 60 -29.06 13.93 -33.63
CA SER G 60 -28.64 14.84 -32.58
C SER G 60 -29.41 14.46 -31.33
N TRP G 61 -28.88 14.86 -30.16
CA TRP G 61 -29.64 14.77 -28.92
C TRP G 61 -31.01 15.43 -29.06
N LYS G 62 -31.14 16.43 -29.95
CA LYS G 62 -32.40 17.16 -30.21
C LYS G 62 -33.46 16.32 -30.97
N ALA G 63 -33.28 15.00 -31.04
CA ALA G 63 -34.29 14.08 -31.57
C ALA G 63 -34.02 12.67 -31.07
N GLU H 2 44.82 16.20 -2.98
CA GLU H 2 46.14 15.94 -3.55
C GLU H 2 46.49 14.46 -3.54
N THR H 3 46.18 13.80 -2.43
CA THR H 3 46.39 12.35 -2.34
C THR H 3 45.50 11.61 -3.32
N LEU H 4 44.24 12.04 -3.44
CA LEU H 4 43.32 11.40 -4.37
C LEU H 4 43.85 11.50 -5.79
N LYS H 5 44.34 12.69 -6.16
CA LYS H 5 44.88 12.90 -7.49
C LYS H 5 46.08 12.00 -7.76
N ILE H 6 47.02 11.96 -6.80
CA ILE H 6 48.21 11.13 -6.98
C ILE H 6 47.81 9.67 -7.13
N THR H 7 46.87 9.22 -6.29
CA THR H 7 46.39 7.84 -6.33
C THR H 7 45.83 7.49 -7.70
N VAL H 8 44.94 8.35 -8.22
CA VAL H 8 44.32 8.09 -9.52
C VAL H 8 45.37 8.09 -10.63
N TYR H 9 46.32 9.03 -10.57
CA TYR H 9 47.37 9.07 -11.58
C TYR H 9 48.17 7.77 -11.60
N ILE H 10 48.49 7.25 -10.42
CA ILE H 10 49.21 5.98 -10.32
C ILE H 10 48.37 4.83 -10.88
N VAL H 11 47.10 4.78 -10.48
CA VAL H 11 46.18 3.75 -10.96
C VAL H 11 46.08 3.78 -12.49
N VAL H 12 45.87 4.97 -13.06
CA VAL H 12 45.68 5.07 -14.51
C VAL H 12 46.95 4.64 -15.24
N THR H 13 48.10 5.12 -14.78
CA THR H 13 49.38 4.76 -15.40
C THR H 13 49.58 3.25 -15.39
N PHE H 14 49.22 2.59 -14.30
CA PHE H 14 49.38 1.15 -14.19
C PHE H 14 48.60 0.44 -15.29
N PHE H 15 47.31 0.74 -15.40
CA PHE H 15 46.48 0.06 -16.40
C PHE H 15 46.89 0.44 -17.83
N VAL H 16 47.28 1.70 -18.06
CA VAL H 16 47.69 2.09 -19.40
C VAL H 16 48.96 1.35 -19.80
N LEU H 17 49.89 1.20 -18.85
CA LEU H 17 51.11 0.46 -19.13
C LEU H 17 50.81 -1.01 -19.40
N LEU H 18 49.89 -1.60 -18.63
CA LEU H 18 49.43 -2.96 -18.92
C LEU H 18 48.94 -3.07 -20.36
N PHE H 19 48.09 -2.13 -20.77
CA PHE H 19 47.53 -2.14 -22.12
C PHE H 19 48.64 -2.12 -23.18
N VAL H 20 49.59 -1.20 -23.04
CA VAL H 20 50.61 -1.02 -24.06
C VAL H 20 51.57 -2.19 -24.06
N PHE H 21 52.06 -2.58 -22.87
CA PHE H 21 52.97 -3.70 -22.82
C PHE H 21 52.27 -5.00 -23.18
N GLY H 22 50.97 -5.09 -22.89
CA GLY H 22 50.22 -6.26 -23.30
C GLY H 22 50.18 -6.45 -24.80
N PHE H 23 49.84 -5.38 -25.53
CA PHE H 23 49.79 -5.48 -26.99
C PHE H 23 51.18 -5.57 -27.62
N LEU H 24 52.23 -5.15 -26.90
CA LEU H 24 53.59 -5.38 -27.39
C LEU H 24 54.02 -6.83 -27.22
N SER H 25 53.34 -7.58 -26.36
CA SER H 25 53.77 -8.94 -26.01
C SER H 25 53.26 -9.96 -27.05
N GLY H 26 53.76 -9.82 -28.27
CA GLY H 26 53.54 -10.78 -29.33
C GLY H 26 52.08 -11.02 -29.66
N ASP H 27 51.30 -9.94 -29.79
CA ASP H 27 49.87 -10.09 -30.00
C ASP H 27 49.48 -10.70 -31.34
N PRO H 28 50.14 -10.39 -32.47
CA PRO H 28 49.79 -11.09 -33.73
C PRO H 28 49.76 -12.61 -33.59
N ALA H 29 50.68 -13.18 -32.82
CA ALA H 29 50.75 -14.63 -32.69
C ALA H 29 49.66 -15.21 -31.79
N ARG H 30 48.87 -14.37 -31.12
CA ARG H 30 47.79 -14.86 -30.27
C ARG H 30 46.49 -14.98 -31.08
N ASN H 31 46.49 -15.98 -31.96
CA ASN H 31 45.35 -16.35 -32.78
C ASN H 31 45.38 -17.86 -32.97
N PRO H 32 44.28 -18.47 -33.43
CA PRO H 32 44.25 -19.93 -33.51
C PRO H 32 44.85 -20.52 -34.78
N LYS H 33 45.27 -19.67 -35.73
CA LYS H 33 45.76 -20.18 -37.01
C LYS H 33 47.25 -19.89 -37.15
N ARG H 34 47.62 -19.06 -38.13
CA ARG H 34 49.05 -18.82 -38.38
C ARG H 34 49.67 -17.99 -37.27
N LYS H 35 50.74 -18.54 -36.68
CA LYS H 35 51.56 -17.81 -35.73
C LYS H 35 52.44 -16.87 -36.53
N ASP H 36 52.17 -15.56 -36.45
CA ASP H 36 52.82 -14.58 -37.33
C ASP H 36 54.33 -14.51 -37.15
N GLY I 5 16.40 -7.09 -80.47
CA GLY I 5 16.61 -8.06 -79.42
C GLY I 5 17.62 -7.64 -78.37
N GLY I 6 18.80 -7.20 -78.80
CA GLY I 6 19.88 -6.81 -77.90
C GLY I 6 20.77 -5.74 -78.49
N ARG I 7 20.30 -5.14 -79.59
CA ARG I 7 21.11 -4.22 -80.39
C ARG I 7 21.71 -3.06 -79.60
N ILE I 8 21.02 -2.54 -78.60
CA ILE I 8 21.49 -1.37 -77.85
C ILE I 8 22.07 -1.84 -76.52
N PRO I 9 23.38 -1.68 -76.30
CA PRO I 9 24.01 -2.27 -75.12
C PRO I 9 23.42 -1.72 -73.83
N LEU I 10 23.20 -2.64 -72.88
CA LEU I 10 22.57 -2.27 -71.62
C LEU I 10 23.33 -1.19 -70.88
N TRP I 11 24.66 -1.15 -71.02
CA TRP I 11 25.43 -0.14 -70.30
C TRP I 11 25.17 1.26 -70.85
N ILE I 12 24.87 1.38 -72.15
CA ILE I 12 24.53 2.69 -72.71
C ILE I 12 23.16 3.14 -72.22
N VAL I 13 22.19 2.22 -72.18
CA VAL I 13 20.86 2.54 -71.67
C VAL I 13 20.96 3.02 -70.21
N ALA I 14 21.71 2.29 -69.39
CA ALA I 14 21.89 2.70 -68.00
C ALA I 14 22.57 4.06 -67.91
N THR I 15 23.59 4.31 -68.74
CA THR I 15 24.28 5.59 -68.67
C THR I 15 23.36 6.73 -69.10
N VAL I 16 22.62 6.55 -70.19
CA VAL I 16 21.77 7.63 -70.69
C VAL I 16 20.61 7.86 -69.73
N ALA I 17 19.95 6.79 -69.29
CA ALA I 17 18.85 6.92 -68.33
C ALA I 17 19.34 7.60 -67.06
N GLY I 18 20.50 7.18 -66.54
CA GLY I 18 21.03 7.81 -65.34
C GLY I 18 21.28 9.29 -65.53
N MET I 19 21.84 9.67 -66.69
CA MET I 19 22.08 11.08 -66.96
C MET I 19 20.78 11.87 -67.03
N GLY I 20 19.74 11.25 -67.60
CA GLY I 20 18.43 11.90 -67.60
C GLY I 20 17.93 12.21 -66.20
N VAL I 21 18.08 11.26 -65.28
CA VAL I 21 17.65 11.47 -63.90
C VAL I 21 18.42 12.65 -63.29
N ILE I 22 19.74 12.68 -63.49
CA ILE I 22 20.54 13.77 -62.96
C ILE I 22 20.07 15.12 -63.51
N VAL I 23 19.74 15.17 -64.80
CA VAL I 23 19.27 16.42 -65.38
C VAL I 23 17.97 16.86 -64.72
N ILE I 24 17.00 15.95 -64.59
CA ILE I 24 15.69 16.34 -64.07
C ILE I 24 15.76 16.71 -62.59
N VAL I 25 16.56 15.98 -61.81
CA VAL I 25 16.73 16.32 -60.40
C VAL I 25 17.53 17.61 -60.27
N GLY I 26 18.53 17.80 -61.14
CA GLY I 26 19.23 19.07 -61.17
C GLY I 26 18.30 20.24 -61.47
N LEU I 27 17.37 20.06 -62.40
CA LEU I 27 16.38 21.10 -62.66
C LEU I 27 15.55 21.40 -61.41
N PHE I 28 15.18 20.36 -60.64
CA PHE I 28 14.36 20.58 -59.46
C PHE I 28 15.12 21.38 -58.41
N PHE I 29 16.43 21.14 -58.29
CA PHE I 29 17.21 21.92 -57.34
C PHE I 29 17.39 23.36 -57.82
N TYR I 30 17.54 23.55 -59.15
CA TYR I 30 17.57 24.90 -59.68
C TYR I 30 16.30 25.65 -59.30
N GLY I 31 15.14 24.99 -59.43
CA GLY I 31 13.87 25.62 -59.09
C GLY I 31 13.71 25.97 -57.62
N ALA I 32 14.50 25.33 -56.75
CA ALA I 32 14.48 25.72 -55.35
C ALA I 32 15.02 27.13 -55.15
N TYR I 33 15.78 27.65 -56.12
CA TYR I 33 16.42 28.95 -56.01
C TYR I 33 15.79 30.01 -56.91
N ALA I 34 14.76 29.66 -57.68
CA ALA I 34 14.18 30.58 -58.65
C ALA I 34 12.67 30.38 -58.69
N GLY I 35 11.94 31.48 -58.90
CA GLY I 35 10.50 31.41 -58.96
C GLY I 35 9.86 30.98 -57.63
N LEU I 36 8.73 30.31 -57.74
CA LEU I 36 7.99 29.87 -56.55
C LEU I 36 8.86 29.00 -55.66
N GLY I 37 8.73 29.21 -54.35
CA GLY I 37 9.45 28.42 -53.37
C GLY I 37 10.85 28.92 -53.07
N SER I 38 11.30 29.97 -53.75
CA SER I 38 12.66 30.47 -53.63
C SER I 38 12.83 31.45 -52.47
N SER I 39 11.75 31.80 -51.76
CA SER I 39 11.69 32.80 -50.69
C SER I 39 11.87 34.24 -51.18
N LEU I 40 12.13 34.45 -52.47
CA LEU I 40 12.42 35.78 -53.01
C LEU I 40 11.20 36.39 -53.68
N LYS J 1 36.22 38.52 -59.18
CA LYS J 1 36.14 38.25 -60.62
C LYS J 1 37.50 37.81 -61.15
N LEU J 2 37.49 37.05 -62.25
CA LEU J 2 38.71 36.75 -62.99
C LEU J 2 39.22 38.02 -63.68
N PRO J 3 40.52 38.10 -63.96
CA PRO J 3 41.00 39.22 -64.77
C PRO J 3 40.20 39.31 -66.05
N GLU J 4 39.95 40.55 -66.50
CA GLU J 4 38.96 40.79 -67.54
C GLU J 4 39.24 40.00 -68.81
N ALA J 5 40.52 39.78 -69.15
CA ALA J 5 40.85 39.04 -70.36
C ALA J 5 40.24 37.63 -70.34
N TYR J 6 40.06 37.03 -69.16
CA TYR J 6 39.56 35.66 -69.04
C TYR J 6 38.05 35.56 -68.92
N ALA J 7 37.34 36.70 -68.91
CA ALA J 7 35.91 36.70 -68.60
C ALA J 7 35.11 35.80 -69.54
N ILE J 8 35.56 35.64 -70.78
CA ILE J 8 34.89 34.77 -71.74
C ILE J 8 34.80 33.34 -71.23
N PHE J 9 35.76 32.93 -70.40
CA PHE J 9 35.80 31.57 -69.91
C PHE J 9 35.07 31.40 -68.60
N ASP J 10 34.36 32.43 -68.13
CA ASP J 10 33.59 32.32 -66.89
C ASP J 10 32.64 31.13 -66.85
N PRO J 11 31.83 30.85 -67.89
CA PRO J 11 30.93 29.68 -67.79
C PRO J 11 31.67 28.38 -67.69
N LEU J 12 32.85 28.29 -68.30
CA LEU J 12 33.67 27.09 -68.16
C LEU J 12 34.20 26.97 -66.74
N VAL J 13 34.69 28.06 -66.15
CA VAL J 13 35.21 28.05 -64.79
C VAL J 13 34.13 27.66 -63.80
N ASP J 14 32.86 27.99 -64.10
CA ASP J 14 31.78 27.64 -63.19
C ASP J 14 31.54 26.15 -63.09
N VAL J 15 31.97 25.35 -64.07
CA VAL J 15 31.68 23.93 -64.11
CA VAL J 15 31.68 23.93 -64.08
C VAL J 15 32.88 23.06 -63.75
N LEU J 16 34.11 23.55 -63.94
CA LEU J 16 35.30 22.74 -63.65
C LEU J 16 35.29 22.05 -62.30
N PRO J 17 34.95 22.70 -61.17
CA PRO J 17 35.10 22.01 -59.86
C PRO J 17 34.34 20.70 -59.74
N VAL J 18 33.28 20.49 -60.51
CA VAL J 18 32.50 19.28 -60.40
C VAL J 18 33.15 18.10 -61.12
N ILE J 19 34.12 18.36 -62.00
CA ILE J 19 34.73 17.30 -62.82
C ILE J 19 35.24 16.14 -61.97
N PRO J 20 35.96 16.37 -60.85
CA PRO J 20 36.40 15.22 -60.05
C PRO J 20 35.30 14.23 -59.72
N VAL J 21 34.10 14.73 -59.40
CA VAL J 21 32.98 13.85 -59.10
C VAL J 21 32.63 13.00 -60.31
N LEU J 22 32.79 13.55 -61.51
CA LEU J 22 32.48 12.78 -62.72
C LEU J 22 33.38 11.56 -62.85
N PHE J 23 34.59 11.61 -62.30
CA PHE J 23 35.47 10.43 -62.37
C PHE J 23 34.89 9.27 -61.59
N LEU J 24 34.23 9.53 -60.45
CA LEU J 24 33.60 8.44 -59.70
C LEU J 24 32.45 7.82 -60.49
N ALA J 25 31.63 8.64 -61.13
CA ALA J 25 30.56 8.11 -61.97
C ALA J 25 31.13 7.37 -63.17
N LEU J 26 32.23 7.89 -63.75
CA LEU J 26 32.86 7.23 -64.90
C LEU J 26 33.28 5.80 -64.58
N ALA J 27 33.73 5.56 -63.35
CA ALA J 27 34.11 4.20 -62.96
C ALA J 27 32.94 3.24 -63.11
N PHE J 28 31.72 3.71 -62.84
CA PHE J 28 30.55 2.84 -62.94
C PHE J 28 30.14 2.61 -64.40
N VAL J 29 30.31 3.64 -65.24
CA VAL J 29 30.12 3.47 -66.68
C VAL J 29 31.08 2.42 -67.22
N TRP J 30 32.36 2.57 -66.89
CA TRP J 30 33.35 1.59 -67.31
C TRP J 30 32.99 0.19 -66.82
N GLN J 31 32.65 0.06 -65.54
CA GLN J 31 32.34 -1.27 -65.02
C GLN J 31 31.11 -1.86 -65.69
N ALA J 32 30.10 -1.03 -65.98
CA ALA J 32 28.93 -1.52 -66.68
C ALA J 32 29.30 -2.05 -68.06
N ALA J 33 30.26 -1.40 -68.72
CA ALA J 33 30.66 -1.83 -70.06
C ALA J 33 31.40 -3.16 -70.04
N VAL J 34 32.04 -3.52 -68.93
CA VAL J 34 32.69 -4.82 -68.82
C VAL J 34 31.85 -5.77 -67.96
N GLY J 35 30.56 -5.48 -67.79
CA GLY J 35 29.67 -6.40 -67.11
C GLY J 35 29.93 -6.60 -65.65
N PHE J 36 30.63 -5.67 -64.99
CA PHE J 36 30.94 -5.79 -63.57
C PHE J 36 31.61 -7.13 -63.26
N ARG J 37 32.48 -7.58 -64.15
CA ARG J 37 33.05 -8.92 -64.04
C ARG J 37 33.98 -9.04 -62.83
N MET K 1 -12.89 -42.25 -11.09
CA MET K 1 -12.81 -41.47 -12.31
C MET K 1 -11.69 -41.97 -13.23
N GLU K 2 -12.06 -42.38 -14.43
CA GLU K 2 -11.07 -42.80 -15.42
C GLU K 2 -10.15 -41.64 -15.76
N PRO K 3 -8.88 -41.91 -16.06
CA PRO K 3 -7.93 -40.81 -16.28
C PRO K 3 -8.23 -40.07 -17.57
N ASN K 4 -8.13 -38.75 -17.52
CA ASN K 4 -8.42 -37.94 -18.69
C ASN K 4 -7.25 -38.04 -19.67
N PRO K 5 -7.45 -38.54 -20.89
CA PRO K 5 -6.33 -38.72 -21.81
C PRO K 5 -5.86 -37.43 -22.45
N ASN K 6 -6.47 -36.30 -22.13
CA ASN K 6 -6.07 -35.04 -22.75
C ASN K 6 -5.04 -34.27 -21.94
N ARG K 7 -4.72 -34.73 -20.73
CA ARG K 7 -3.70 -34.08 -19.93
C ARG K 7 -2.33 -34.17 -20.58
N GLN K 8 -1.50 -33.17 -20.30
CA GLN K 8 -0.15 -33.01 -20.83
C GLN K 8 0.71 -32.38 -19.74
N PRO K 9 1.98 -32.75 -19.64
CA PRO K 9 2.87 -32.00 -18.74
C PRO K 9 3.18 -30.61 -19.30
N VAL K 10 3.54 -29.72 -18.40
CA VAL K 10 3.85 -28.34 -18.74
C VAL K 10 5.31 -28.08 -18.38
N GLU K 11 5.96 -27.23 -19.18
CA GLU K 11 7.37 -26.93 -18.97
C GLU K 11 7.66 -25.43 -19.07
N LEU K 12 8.67 -25.01 -18.32
CA LEU K 12 9.27 -23.70 -18.43
C LEU K 12 10.75 -23.91 -18.15
N ASN K 13 11.60 -23.77 -19.17
CA ASN K 13 13.02 -24.01 -18.98
C ASN K 13 13.67 -22.80 -18.32
N ARG K 14 14.95 -22.96 -17.93
CA ARG K 14 15.59 -21.92 -17.12
C ARG K 14 15.70 -20.61 -17.90
N THR K 15 16.03 -20.70 -19.20
CA THR K 15 16.14 -19.49 -20.00
C THR K 15 14.80 -18.75 -20.04
N SER K 16 13.70 -19.48 -20.19
CA SER K 16 12.39 -18.85 -20.22
C SER K 16 12.08 -18.19 -18.89
N LEU K 17 12.52 -18.81 -17.79
CA LEU K 17 12.39 -18.18 -16.47
C LEU K 17 13.16 -16.86 -16.43
N TYR K 18 14.43 -16.88 -16.86
CA TYR K 18 15.23 -15.65 -16.81
C TYR K 18 14.62 -14.58 -17.72
N LEU K 19 14.17 -14.97 -18.92
CA LEU K 19 13.54 -14.02 -19.82
C LEU K 19 12.25 -13.47 -19.23
N GLY K 20 11.43 -14.34 -18.61
CA GLY K 20 10.18 -13.88 -18.03
C GLY K 20 10.39 -12.94 -16.86
N LEU K 21 11.33 -13.28 -15.98
CA LEU K 21 11.61 -12.40 -14.85
C LEU K 21 12.14 -11.05 -15.32
N LEU K 22 12.98 -11.05 -16.35
CA LEU K 22 13.46 -9.78 -16.90
C LEU K 22 12.30 -8.94 -17.42
N LEU K 23 11.40 -9.55 -18.21
CA LEU K 23 10.25 -8.81 -18.72
C LEU K 23 9.45 -8.20 -17.58
N ILE K 24 9.16 -9.01 -16.55
CA ILE K 24 8.30 -8.57 -15.46
CA ILE K 24 8.29 -8.56 -15.47
C ILE K 24 8.97 -7.46 -14.67
N LEU K 25 10.24 -7.67 -14.29
CA LEU K 25 10.95 -6.68 -13.49
C LEU K 25 11.14 -5.39 -14.28
N VAL K 26 11.47 -5.48 -15.57
CA VAL K 26 11.67 -4.27 -16.35
C VAL K 26 10.35 -3.54 -16.54
N LEU K 27 9.27 -4.29 -16.79
CA LEU K 27 7.95 -3.67 -16.84
C LEU K 27 7.62 -2.96 -15.54
N ALA K 28 7.93 -3.58 -14.40
CA ALA K 28 7.66 -2.94 -13.12
C ALA K 28 8.52 -1.70 -12.95
N LEU K 29 9.80 -1.78 -13.33
CA LEU K 29 10.65 -0.60 -13.24
C LEU K 29 10.12 0.53 -14.12
N LEU K 30 9.48 0.19 -15.23
CA LEU K 30 8.92 1.19 -16.13
C LEU K 30 7.62 1.78 -15.59
N PHE K 31 6.69 0.93 -15.16
CA PHE K 31 5.35 1.41 -14.79
C PHE K 31 5.23 1.86 -13.34
N SER K 32 6.18 1.52 -12.48
CA SER K 32 6.03 1.86 -11.06
C SER K 32 5.89 3.37 -10.86
N SER K 33 6.66 4.17 -11.61
CA SER K 33 6.57 5.64 -11.47
C SER K 33 5.13 6.13 -11.70
N TYR K 34 4.43 5.52 -12.64
CA TYR K 34 3.07 5.95 -12.97
C TYR K 34 2.08 5.44 -11.94
N PHE K 35 2.38 4.30 -11.30
CA PHE K 35 1.55 3.82 -10.20
C PHE K 35 1.68 4.73 -8.98
N PHE K 36 2.91 5.17 -8.66
CA PHE K 36 3.08 6.13 -7.57
C PHE K 36 2.55 7.51 -7.97
N ASN K 37 2.73 7.90 -9.23
CA ASN K 37 2.20 9.20 -9.74
C ASN K 37 2.69 10.40 -8.92
N GLU L 2 4.17 13.44 -2.22
CA GLU L 2 2.81 12.93 -2.02
C GLU L 2 2.39 11.95 -3.11
N VAL L 3 2.90 10.72 -3.02
CA VAL L 3 2.61 9.72 -4.02
C VAL L 3 1.30 9.01 -3.70
N ASN L 4 0.76 8.32 -4.70
CA ASN L 4 -0.45 7.52 -4.55
C ASN L 4 -0.19 6.37 -3.59
N GLN L 5 -1.05 6.25 -2.58
CA GLN L 5 -0.89 5.29 -1.49
C GLN L 5 -1.02 3.86 -2.00
N LEU L 6 -1.73 3.65 -3.09
CA LEU L 6 -1.87 2.33 -3.70
C LEU L 6 -0.73 1.98 -4.64
N GLY L 7 0.21 2.90 -4.88
CA GLY L 7 1.33 2.60 -5.76
C GLY L 7 2.19 1.45 -5.28
N LEU L 8 2.41 1.36 -3.97
CA LEU L 8 3.27 0.32 -3.43
C LEU L 8 2.66 -1.07 -3.64
N ILE L 9 1.42 -1.26 -3.18
CA ILE L 9 0.78 -2.57 -3.34
C ILE L 9 0.62 -2.90 -4.83
N ALA L 10 0.36 -1.88 -5.66
CA ALA L 10 0.23 -2.13 -7.09
C ALA L 10 1.55 -2.64 -7.66
N THR L 11 2.65 -1.96 -7.33
CA THR L 11 3.95 -2.41 -7.83
C THR L 11 4.30 -3.78 -7.26
N ALA L 12 4.03 -4.02 -5.97
CA ALA L 12 4.43 -5.27 -5.34
C ALA L 12 3.73 -6.47 -5.97
N LEU L 13 2.41 -6.37 -6.17
CA LEU L 13 1.67 -7.49 -6.78
C LEU L 13 2.02 -7.63 -8.25
N PHE L 14 2.28 -6.51 -8.94
CA PHE L 14 2.65 -6.55 -10.35
C PHE L 14 3.91 -7.36 -10.57
N VAL L 15 4.87 -7.23 -9.66
CA VAL L 15 6.08 -8.05 -9.70
C VAL L 15 5.82 -9.46 -9.22
N LEU L 16 5.19 -9.58 -8.05
CA LEU L 16 5.13 -10.86 -7.33
CA LEU L 16 5.18 -10.87 -7.37
C LEU L 16 4.28 -11.88 -8.08
N VAL L 17 3.09 -11.49 -8.50
CA VAL L 17 2.14 -12.47 -9.02
C VAL L 17 2.70 -13.15 -10.28
N PRO L 18 3.07 -12.42 -11.35
CA PRO L 18 3.62 -13.15 -12.49
C PRO L 18 4.97 -13.78 -12.21
N SER L 19 5.80 -13.18 -11.36
CA SER L 19 7.08 -13.81 -11.03
C SER L 19 6.88 -15.16 -10.37
N VAL L 20 5.97 -15.25 -9.39
CA VAL L 20 5.77 -16.53 -8.72
C VAL L 20 5.15 -17.53 -9.68
N PHE L 21 4.28 -17.08 -10.58
CA PHE L 21 3.76 -17.95 -11.62
C PHE L 21 4.90 -18.64 -12.38
N LEU L 22 5.91 -17.86 -12.78
CA LEU L 22 7.04 -18.42 -13.53
C LEU L 22 7.89 -19.36 -12.68
N ILE L 23 8.13 -18.99 -11.42
CA ILE L 23 8.94 -19.83 -10.54
C ILE L 23 8.25 -21.16 -10.29
N ILE L 24 6.93 -21.14 -10.04
CA ILE L 24 6.17 -22.38 -9.91
C ILE L 24 6.39 -23.27 -11.13
N LEU L 25 6.26 -22.71 -12.33
CA LEU L 25 6.39 -23.52 -13.54
C LEU L 25 7.82 -24.02 -13.73
N TYR L 26 8.80 -23.16 -13.44
CA TYR L 26 10.20 -23.57 -13.60
C TYR L 26 10.54 -24.74 -12.68
N VAL L 27 10.16 -24.63 -11.40
CA VAL L 27 10.59 -25.60 -10.41
C VAL L 27 9.96 -26.96 -10.69
N GLN L 28 8.66 -26.99 -11.03
CA GLN L 28 8.04 -28.26 -11.38
C GLN L 28 8.57 -28.82 -12.70
N THR L 29 9.20 -27.98 -13.55
CA THR L 29 9.88 -28.54 -14.72
C THR L 29 11.16 -29.26 -14.30
N GLU L 30 11.96 -28.60 -13.46
CA GLU L 30 13.20 -29.19 -12.95
C GLU L 30 12.97 -30.52 -12.26
N SER L 31 11.85 -30.65 -11.53
CA SER L 31 11.60 -31.84 -10.73
C SER L 31 11.05 -32.99 -11.56
N GLN L 32 10.76 -32.78 -12.84
CA GLN L 32 10.29 -33.86 -13.69
C GLN L 32 11.43 -34.82 -14.03
N GLN L 33 11.06 -36.08 -14.25
CA GLN L 33 12.06 -37.12 -14.53
C GLN L 33 12.86 -36.82 -15.81
N GLN M 1 58.52 41.94 -12.86
CA GLN M 1 57.89 41.60 -11.58
C GLN M 1 56.41 41.96 -11.58
N THR M 2 55.90 42.36 -12.75
CA THR M 2 54.51 42.75 -12.92
C THR M 2 53.76 41.64 -13.66
N LEU M 3 52.68 41.14 -13.07
CA LEU M 3 52.02 39.96 -13.59
C LEU M 3 50.97 40.34 -14.63
N THR M 4 50.77 39.45 -15.59
CA THR M 4 49.78 39.64 -16.65
C THR M 4 48.65 38.62 -16.49
N TYR M 5 47.59 38.84 -17.26
CA TYR M 5 46.44 37.94 -17.24
C TYR M 5 46.86 36.50 -17.39
N ASP M 6 47.81 36.22 -18.29
CA ASP M 6 48.21 34.83 -18.50
C ASP M 6 49.04 34.30 -17.32
N ASP M 7 49.69 35.18 -16.55
CA ASP M 7 50.34 34.74 -15.31
C ASP M 7 49.30 34.31 -14.27
N ILE M 8 48.12 34.89 -14.33
CA ILE M 8 47.15 34.81 -13.24
C ILE M 8 46.05 33.81 -13.57
N VAL M 9 45.76 33.63 -14.86
CA VAL M 9 44.52 32.94 -15.23
C VAL M 9 44.53 31.53 -14.69
N GLY M 10 43.44 31.15 -14.02
CA GLY M 10 43.28 29.81 -13.48
C GLY M 10 43.91 29.57 -12.13
N THR M 11 44.68 30.52 -11.59
CA THR M 11 45.38 30.31 -10.33
C THR M 11 44.52 30.57 -9.09
N GLY M 12 43.40 31.27 -9.23
CA GLY M 12 42.66 31.76 -8.08
C GLY M 12 43.09 33.14 -7.61
N LEU M 13 44.24 33.64 -8.07
CA LEU M 13 44.68 34.96 -7.62
C LEU M 13 43.70 36.04 -8.03
N ALA M 14 42.93 35.82 -9.10
CA ALA M 14 41.99 36.85 -9.56
C ALA M 14 40.89 37.10 -8.55
N ASN M 15 40.63 36.17 -7.64
CA ASN M 15 39.64 36.39 -6.59
C ASN M 15 40.27 36.91 -5.30
N LYS M 16 41.55 37.26 -5.31
CA LYS M 16 42.23 37.70 -4.10
C LYS M 16 42.48 39.20 -4.17
N CYS M 17 42.24 39.89 -3.04
CA CYS M 17 42.50 41.32 -3.00
C CYS M 17 44.00 41.56 -2.85
N PRO M 18 44.49 42.72 -3.29
CA PRO M 18 45.90 43.06 -3.07
C PRO M 18 46.24 43.11 -1.60
N THR M 19 47.50 42.85 -1.30
CA THR M 19 48.02 42.92 0.06
C THR M 19 49.11 43.98 0.13
N LEU M 20 49.45 44.36 1.36
CA LEU M 20 50.51 45.32 1.63
C LEU M 20 51.59 44.64 2.46
N ASP M 21 52.80 45.18 2.39
CA ASP M 21 53.91 44.60 3.13
C ASP M 21 53.75 44.84 4.63
N ASP M 22 54.49 44.06 5.41
CA ASP M 22 54.51 44.25 6.86
C ASP M 22 55.08 45.61 7.25
N THR M 23 55.80 46.26 6.32
CA THR M 23 56.35 47.59 6.55
C THR M 23 55.31 48.69 6.37
N ALA M 24 54.12 48.37 5.90
CA ALA M 24 53.07 49.37 5.66
C ALA M 24 52.32 49.66 6.96
N ARG M 25 53.00 50.38 7.84
CA ARG M 25 52.42 50.82 9.11
C ARG M 25 52.45 52.35 9.20
N GLY M 26 52.18 53.02 8.09
CA GLY M 26 52.27 54.47 8.00
C GLY M 26 50.98 55.20 8.31
N ALA M 27 50.86 56.41 7.73
CA ALA M 27 49.72 57.28 7.97
C ALA M 27 49.52 58.15 6.73
N TYR M 28 48.29 58.21 6.25
CA TYR M 28 47.96 58.97 5.05
C TYR M 28 47.27 60.26 5.43
N PRO M 29 47.88 61.42 5.23
CA PRO M 29 47.29 62.67 5.74
C PRO M 29 46.04 63.04 4.98
N ILE M 30 45.04 63.54 5.71
CA ILE M 30 43.82 64.07 5.12
C ILE M 30 43.85 65.58 5.24
N ASP M 31 43.79 66.25 4.09
CA ASP M 31 43.66 67.71 4.02
C ASP M 31 42.17 68.04 3.95
N SER M 32 41.62 68.59 5.04
CA SER M 32 40.18 68.85 5.10
C SER M 32 39.70 69.80 4.00
N SER M 33 40.62 70.44 3.30
CA SER M 33 40.26 71.28 2.16
C SER M 33 40.26 70.52 0.84
N GLN M 34 40.91 69.35 0.79
CA GLN M 34 40.96 68.56 -0.42
C GLN M 34 39.80 67.57 -0.49
N THR M 35 39.34 67.30 -1.71
CA THR M 35 38.35 66.25 -1.93
C THR M 35 39.07 64.96 -2.29
N TYR M 36 38.47 63.86 -1.87
CA TYR M 36 39.09 62.55 -2.00
C TYR M 36 38.05 61.57 -2.52
N ARG M 37 38.55 60.47 -3.08
CA ARG M 37 37.66 59.37 -3.42
C ARG M 37 38.42 58.08 -3.13
N ILE M 38 37.67 57.00 -3.00
CA ILE M 38 38.27 55.67 -3.00
C ILE M 38 38.25 55.21 -4.46
N ALA M 39 39.44 55.06 -5.04
CA ALA M 39 39.53 54.66 -6.43
C ALA M 39 39.26 53.17 -6.60
N ARG M 40 39.60 52.35 -5.61
CA ARG M 40 39.34 50.92 -5.70
C ARG M 40 39.17 50.39 -4.28
N LEU M 41 38.02 49.76 -4.03
CA LEU M 41 37.79 48.99 -2.82
C LEU M 41 37.59 47.54 -3.21
N CYS M 42 38.30 46.65 -2.55
CA CYS M 42 38.23 45.21 -2.79
C CYS M 42 37.90 44.51 -1.48
N LEU M 43 36.94 43.59 -1.52
CA LEU M 43 36.54 42.81 -0.35
C LEU M 43 36.61 41.34 -0.72
N GLN M 44 37.47 40.60 -0.02
CA GLN M 44 37.69 39.18 -0.27
C GLN M 44 37.19 38.39 0.94
N PRO M 45 36.04 37.73 0.85
CA PRO M 45 35.56 36.96 2.01
C PRO M 45 36.42 35.74 2.24
N THR M 46 36.76 35.51 3.52
CA THR M 46 37.49 34.33 3.92
C THR M 46 36.65 33.35 4.74
N THR M 47 35.56 33.80 5.35
CA THR M 47 34.67 32.92 6.12
C THR M 47 33.24 33.37 5.93
N PHE M 48 32.35 32.41 5.67
CA PHE M 48 30.91 32.65 5.71
C PHE M 48 30.33 31.90 6.91
N LEU M 49 29.59 32.62 7.76
CA LEU M 49 28.93 32.01 8.90
C LEU M 49 27.43 32.28 8.80
N VAL M 50 26.63 31.28 9.15
CA VAL M 50 25.17 31.40 9.11
C VAL M 50 24.63 31.16 10.51
N LYS M 51 23.71 32.03 10.94
CA LYS M 51 23.12 31.88 12.26
C LYS M 51 22.16 30.69 12.28
N GLU M 52 22.37 29.78 13.21
CA GLU M 52 21.46 28.65 13.36
C GLU M 52 20.09 29.14 13.82
N GLU M 53 19.04 28.42 13.41
CA GLU M 53 17.67 28.78 13.76
C GLU M 53 17.07 27.74 14.69
N PRO M 54 17.23 27.90 16.01
CA PRO M 54 16.82 26.84 16.94
C PRO M 54 15.33 26.83 17.21
N LYS M 55 14.87 25.68 17.72
CA LYS M 55 13.46 25.47 18.03
C LYS M 55 13.05 26.19 19.31
N ASN M 56 13.90 26.15 20.33
CA ASN M 56 13.53 26.64 21.66
C ASN M 56 13.08 28.09 21.61
N LYS M 57 13.80 28.93 20.86
CA LYS M 57 13.57 30.36 20.71
C LYS M 57 13.81 31.12 22.02
N ARG M 58 14.43 30.47 23.00
CA ARG M 58 14.95 31.14 24.18
C ARG M 58 16.43 30.85 24.36
N GLN M 59 16.97 29.89 23.63
CA GLN M 59 18.41 29.66 23.58
C GLN M 59 19.06 30.62 22.59
N GLU M 60 20.22 31.13 22.95
CA GLU M 60 20.95 32.05 22.08
C GLU M 60 21.51 31.29 20.88
N ALA M 61 21.04 31.66 19.69
CA ALA M 61 21.52 31.04 18.46
C ALA M 61 22.93 31.51 18.13
N GLU M 62 23.73 30.60 17.58
CA GLU M 62 25.10 30.90 17.22
C GLU M 62 25.30 30.88 15.71
N PHE M 63 26.34 31.59 15.28
CA PHE M 63 26.81 31.52 13.91
C PHE M 63 27.70 30.30 13.73
N VAL M 64 27.44 29.51 12.70
CA VAL M 64 28.20 28.26 12.53
C VAL M 64 28.92 28.26 11.19
N PRO M 65 30.01 27.50 11.05
CA PRO M 65 30.73 27.48 9.78
C PRO M 65 29.91 26.84 8.67
N THR M 66 30.28 27.18 7.44
CA THR M 66 29.61 26.70 6.25
C THR M 66 30.66 26.37 5.20
N LYS M 67 30.28 25.57 4.22
CA LYS M 67 31.17 25.15 3.14
C LYS M 67 30.73 25.89 1.89
N LEU M 68 31.66 26.61 1.28
CA LEU M 68 31.41 27.31 0.02
C LEU M 68 31.35 26.30 -1.12
N VAL M 69 30.28 26.36 -1.93
CA VAL M 69 30.13 25.42 -3.02
C VAL M 69 30.17 26.06 -4.40
N THR M 70 30.23 27.39 -4.48
CA THR M 70 30.24 28.09 -5.75
C THR M 70 31.62 28.60 -6.16
N ARG M 71 32.68 28.10 -5.51
CA ARG M 71 34.05 28.26 -5.98
C ARG M 71 34.53 29.70 -5.85
N GLU M 72 35.63 30.05 -6.52
CA GLU M 72 36.36 31.30 -6.27
C GLU M 72 35.73 32.49 -6.99
N THR M 73 34.47 32.76 -6.65
CA THR M 73 33.64 33.73 -7.35
C THR M 73 33.01 34.73 -6.37
N THR M 74 33.68 35.00 -5.26
CA THR M 74 33.03 35.62 -4.12
C THR M 74 33.42 37.06 -3.86
N SER M 75 34.52 37.55 -4.44
CA SER M 75 35.06 38.82 -3.98
C SER M 75 34.39 40.00 -4.65
N LEU M 76 34.31 41.10 -3.91
CA LEU M 76 33.82 42.37 -4.43
C LEU M 76 35.04 43.21 -4.80
N ASP M 77 34.97 43.91 -5.93
CA ASP M 77 36.16 44.63 -6.37
C ASP M 77 35.79 45.74 -7.34
N GLN M 78 36.80 46.57 -7.63
CA GLN M 78 36.67 47.72 -8.51
C GLN M 78 35.57 48.66 -8.03
N ILE M 79 35.37 48.71 -6.71
CA ILE M 79 34.37 49.58 -6.09
C ILE M 79 35.00 50.95 -5.89
N GLN M 80 34.22 51.99 -6.18
CA GLN M 80 34.72 53.36 -6.06
C GLN M 80 33.60 54.28 -5.59
N GLY M 81 34.00 55.44 -5.09
CA GLY M 81 33.02 56.41 -4.62
C GLY M 81 33.71 57.57 -3.92
N GLU M 82 32.88 58.52 -3.52
CA GLU M 82 33.39 59.73 -2.88
C GLU M 82 33.83 59.42 -1.46
N LEU M 83 34.92 60.06 -1.02
CA LEU M 83 35.38 59.97 0.36
C LEU M 83 35.30 61.37 0.96
N LYS M 84 34.21 61.65 1.67
CA LYS M 84 33.97 63.00 2.19
C LYS M 84 34.71 63.22 3.50
N VAL M 85 35.16 64.45 3.68
CA VAL M 85 35.67 64.93 4.96
C VAL M 85 34.55 65.69 5.64
N ASN M 86 34.08 65.19 6.77
CA ASN M 86 32.97 65.81 7.48
C ASN M 86 33.50 66.93 8.39
N SER M 87 32.59 67.82 8.78
CA SER M 87 33.00 68.97 9.60
C SER M 87 33.69 68.55 10.89
N ASP M 88 33.32 67.41 11.45
CA ASP M 88 33.95 66.94 12.68
C ASP M 88 35.23 66.15 12.43
N GLY M 89 35.77 66.18 11.22
CA GLY M 89 36.98 65.45 10.90
C GLY M 89 36.80 63.98 10.56
N SER M 90 35.60 63.42 10.72
CA SER M 90 35.41 62.06 10.28
C SER M 90 35.38 61.98 8.76
N LEU M 91 35.62 60.78 8.23
CA LEU M 91 35.53 60.53 6.80
C LEU M 91 34.31 59.64 6.53
N THR M 92 33.60 59.92 5.44
CA THR M 92 32.47 59.09 5.03
C THR M 92 32.71 58.65 3.59
N PHE M 93 32.72 57.34 3.38
CA PHE M 93 32.80 56.78 2.04
C PHE M 93 31.39 56.57 1.52
N VAL M 94 31.10 57.09 0.33
CA VAL M 94 29.79 56.93 -0.30
C VAL M 94 30.00 56.09 -1.56
N GLU M 95 29.64 54.80 -1.49
CA GLU M 95 29.81 53.91 -2.64
C GLU M 95 28.96 54.39 -3.81
N GLU M 96 29.55 54.40 -5.00
CA GLU M 96 28.81 54.79 -6.18
C GLU M 96 28.71 53.71 -7.25
N ASP M 97 29.74 52.88 -7.42
CA ASP M 97 29.74 51.90 -8.51
C ASP M 97 30.80 50.86 -8.25
N GLY M 98 30.72 49.76 -9.01
CA GLY M 98 31.75 48.76 -9.01
C GLY M 98 31.14 47.38 -9.09
N ILE M 99 31.99 46.36 -9.00
CA ILE M 99 31.50 44.99 -8.90
C ILE M 99 31.21 44.77 -7.42
N ASP M 100 30.02 45.21 -7.00
CA ASP M 100 29.70 45.40 -5.58
C ASP M 100 28.71 44.36 -5.07
N PHE M 101 28.59 43.23 -5.76
CA PHE M 101 27.76 42.10 -5.33
C PHE M 101 28.33 40.83 -5.91
N GLN M 102 28.06 39.69 -5.24
CA GLN M 102 28.32 38.35 -5.77
C GLN M 102 27.26 37.40 -5.23
N PRO M 103 26.54 36.67 -6.08
CA PRO M 103 25.75 35.57 -5.56
C PRO M 103 26.70 34.53 -5.00
N VAL M 104 26.33 33.97 -3.85
CA VAL M 104 27.14 32.99 -3.14
C VAL M 104 26.21 31.92 -2.58
N THR M 105 26.61 30.66 -2.69
CA THR M 105 25.92 29.57 -2.00
C THR M 105 26.88 28.85 -1.09
N VAL M 106 26.54 28.80 0.20
CA VAL M 106 27.25 28.01 1.19
C VAL M 106 26.30 26.92 1.72
N GLN M 107 26.91 25.89 2.29
CA GLN M 107 26.20 24.69 2.73
C GLN M 107 26.40 24.48 4.23
N MET M 108 25.31 24.35 4.98
CA MET M 108 25.38 23.98 6.40
C MET M 108 25.77 22.51 6.55
N ALA M 109 26.26 22.17 7.74
CA ALA M 109 26.36 20.77 8.14
C ALA M 109 25.03 20.08 7.90
N GLY M 110 25.07 18.92 7.25
CA GLY M 110 23.84 18.23 6.90
C GLY M 110 23.31 18.54 5.52
N GLY M 111 23.84 19.57 4.83
CA GLY M 111 23.57 19.78 3.43
C GLY M 111 22.70 20.98 3.06
N GLU M 112 22.07 21.66 4.01
CA GLU M 112 21.18 22.76 3.64
C GLU M 112 21.98 23.87 2.97
N ARG M 113 21.57 24.25 1.77
CA ARG M 113 22.26 25.27 1.00
C ARG M 113 21.67 26.64 1.29
N ILE M 114 22.54 27.59 1.53
CA ILE M 114 22.17 28.97 1.84
C ILE M 114 22.72 29.87 0.73
N PRO M 115 21.88 30.26 -0.24
CA PRO M 115 22.30 31.30 -1.19
C PRO M 115 22.12 32.68 -0.60
N LEU M 116 23.07 33.55 -0.92
CA LEU M 116 22.97 34.94 -0.52
C LEU M 116 23.60 35.81 -1.59
N LEU M 117 23.18 37.08 -1.60
CA LEU M 117 23.77 38.10 -2.45
C LEU M 117 24.77 38.86 -1.58
N PHE M 118 25.99 38.34 -1.50
CA PHE M 118 27.04 39.04 -0.77
C PHE M 118 27.32 40.38 -1.45
N THR M 119 27.16 41.49 -0.70
CA THR M 119 27.10 42.81 -1.34
C THR M 119 27.45 43.93 -0.36
N VAL M 120 27.83 45.09 -0.94
CA VAL M 120 27.89 46.36 -0.20
C VAL M 120 27.20 47.44 -1.01
N LYS M 121 26.13 47.07 -1.74
CA LYS M 121 25.44 48.03 -2.61
C LYS M 121 24.96 49.25 -1.82
N ASN M 122 25.24 50.44 -2.38
CA ASN M 122 24.88 51.74 -1.80
C ASN M 122 25.50 51.91 -0.42
N LEU M 123 26.72 51.38 -0.24
CA LEU M 123 27.42 51.52 1.03
C LEU M 123 27.67 52.98 1.38
N VAL M 124 27.33 53.34 2.61
CA VAL M 124 27.76 54.57 3.25
C VAL M 124 28.42 54.20 4.57
N ALA M 125 29.71 54.47 4.69
CA ALA M 125 30.45 54.05 5.86
C ALA M 125 31.33 55.20 6.35
N SER M 126 31.37 55.39 7.65
CA SER M 126 32.05 56.54 8.25
C SER M 126 33.05 56.11 9.30
N THR M 127 34.08 56.94 9.47
CA THR M 127 35.08 56.72 10.50
C THR M 127 34.68 57.45 11.77
N GLN M 128 35.54 57.35 12.77
CA GLN M 128 35.38 58.17 13.96
C GLN M 128 35.80 59.60 13.63
N PRO M 129 35.44 60.57 14.49
CA PRO M 129 35.77 61.97 14.20
C PRO M 129 37.27 62.24 14.23
N ASN M 130 37.64 63.40 13.71
CA ASN M 130 39.01 63.93 13.81
C ASN M 130 40.03 62.97 13.21
N VAL M 131 39.82 62.59 11.95
CA VAL M 131 40.77 61.74 11.23
C VAL M 131 41.67 62.69 10.43
N THR M 132 42.72 63.20 11.10
CA THR M 132 43.69 64.04 10.40
C THR M 132 44.61 63.21 9.51
N SER M 133 44.82 61.94 9.85
CA SER M 133 45.50 61.00 8.97
C SER M 133 44.85 59.63 9.10
N ILE M 134 44.75 58.90 8.00
CA ILE M 134 44.33 57.49 8.05
C ILE M 134 45.51 56.67 8.54
N THR M 135 45.30 55.94 9.63
CA THR M 135 46.32 55.12 10.28
C THR M 135 45.75 53.73 10.57
N THR M 136 46.59 52.86 11.14
CA THR M 136 46.13 51.53 11.54
C THR M 136 45.15 51.56 12.71
N SER M 137 44.80 52.74 13.21
CA SER M 137 43.75 52.89 14.21
C SER M 137 42.44 53.36 13.61
N THR M 138 42.39 53.59 12.31
CA THR M 138 41.17 54.03 11.65
C THR M 138 40.22 52.87 11.42
N ASP M 139 38.93 53.11 11.66
CA ASP M 139 37.88 52.13 11.40
C ASP M 139 36.80 52.79 10.54
N PHE M 140 36.16 51.99 9.71
CA PHE M 140 34.97 52.40 8.99
C PHE M 140 33.80 51.55 9.46
N LYS M 141 32.64 52.18 9.66
CA LYS M 141 31.44 51.44 10.00
C LYS M 141 30.28 52.00 9.21
N GLY M 142 29.43 51.13 8.68
CA GLY M 142 28.36 51.65 7.85
C GLY M 142 27.32 50.62 7.50
N GLU M 143 26.37 51.06 6.68
CA GLU M 143 25.22 50.27 6.24
C GLU M 143 25.17 50.26 4.73
N PHE M 144 24.48 49.26 4.19
CA PHE M 144 24.31 49.08 2.77
C PHE M 144 22.96 48.44 2.52
N ASN M 145 22.58 48.37 1.25
CA ASN M 145 21.31 47.77 0.85
C ASN M 145 21.50 46.33 0.36
N VAL M 146 20.50 45.51 0.62
CA VAL M 146 20.49 44.11 0.19
C VAL M 146 19.20 43.93 -0.61
N PRO M 147 19.25 44.07 -1.92
CA PRO M 147 18.08 43.79 -2.75
C PRO M 147 17.88 42.28 -2.91
N SER M 148 16.70 41.94 -3.43
CA SER M 148 16.35 40.56 -3.70
C SER M 148 17.47 39.87 -4.47
N TYR M 149 17.79 38.65 -4.04
CA TYR M 149 18.84 37.85 -4.67
C TYR M 149 18.54 37.57 -6.14
N ARG M 150 17.29 37.26 -6.47
CA ARG M 150 16.80 37.21 -7.85
C ARG M 150 16.14 38.55 -8.18
N THR M 151 16.33 39.06 -9.41
CA THR M 151 15.64 40.30 -9.76
C THR M 151 14.28 39.99 -10.38
N ALA M 152 13.53 41.02 -10.76
CA ALA M 152 12.09 40.86 -10.92
C ALA M 152 11.68 39.91 -12.06
N ASN M 153 12.54 39.68 -13.06
CA ASN M 153 12.19 38.77 -14.17
C ASN M 153 12.32 37.29 -13.84
N PHE M 154 13.00 36.95 -12.74
CA PHE M 154 13.34 35.55 -12.50
C PHE M 154 12.07 34.70 -12.39
N LEU M 155 12.02 33.61 -13.17
CA LEU M 155 10.88 32.68 -13.17
C LEU M 155 11.23 31.41 -12.40
N ASP M 156 10.32 30.96 -11.52
CA ASP M 156 10.53 29.72 -10.77
C ASP M 156 10.29 28.51 -11.68
N PRO M 157 10.54 27.27 -11.20
CA PRO M 157 10.46 26.10 -12.10
C PRO M 157 9.08 25.84 -12.67
N LYS M 158 8.02 26.43 -12.12
CA LYS M 158 6.71 26.31 -12.73
C LYS M 158 6.32 27.55 -13.51
N GLY M 159 7.27 28.45 -13.78
CA GLY M 159 7.02 29.57 -14.65
C GLY M 159 6.39 30.78 -13.98
N ARG M 160 6.33 30.81 -12.65
CA ARG M 160 5.75 31.95 -11.92
C ARG M 160 6.83 32.97 -11.62
N GLY M 161 6.48 34.25 -11.70
CA GLY M 161 7.42 35.32 -11.40
C GLY M 161 6.72 36.61 -11.01
N LEU M 162 7.54 37.64 -10.79
CA LEU M 162 7.08 38.95 -10.35
C LEU M 162 6.77 39.88 -11.53
N ALA M 163 7.81 40.28 -12.28
CA ALA M 163 7.60 41.13 -13.46
C ALA M 163 7.31 40.32 -14.72
N SER M 164 7.32 39.00 -14.64
CA SER M 164 6.95 38.13 -15.74
C SER M 164 6.41 36.85 -15.13
N GLY M 165 5.89 35.95 -15.96
CA GLY M 165 5.53 34.62 -15.52
C GLY M 165 4.04 34.45 -15.22
N TYR M 166 3.66 33.21 -14.94
CA TYR M 166 2.29 32.94 -14.51
C TYR M 166 2.06 33.50 -13.10
N ASP M 167 0.80 33.75 -12.77
CA ASP M 167 0.44 34.20 -11.43
C ASP M 167 -0.32 33.13 -10.67
N SER M 168 -0.30 31.89 -11.14
CA SER M 168 -0.94 30.81 -10.43
C SER M 168 -0.17 29.54 -10.71
N ALA M 169 -0.58 28.48 -10.04
CA ALA M 169 -0.02 27.14 -10.23
C ALA M 169 -0.85 26.47 -11.32
N ILE M 170 -0.41 26.63 -12.57
CA ILE M 170 -1.24 26.21 -13.69
C ILE M 170 -1.35 24.70 -13.77
N ALA M 171 -0.45 23.95 -13.14
CA ALA M 171 -0.59 22.50 -13.18
C ALA M 171 -1.68 21.97 -12.25
N LEU M 172 -2.26 22.82 -11.41
CA LEU M 172 -3.32 22.44 -10.48
C LEU M 172 -4.52 23.33 -10.77
N PRO M 173 -5.16 23.14 -11.92
CA PRO M 173 -6.10 24.16 -12.43
C PRO M 173 -7.26 24.47 -11.49
N GLN M 174 -7.73 23.51 -10.70
CA GLN M 174 -8.87 23.74 -9.83
C GLN M 174 -8.52 23.60 -8.35
N ALA M 175 -7.24 23.75 -7.98
CA ALA M 175 -6.92 23.75 -6.57
C ALA M 175 -7.29 25.10 -5.95
N LYS M 176 -7.46 25.10 -4.64
CA LYS M 176 -7.78 26.34 -3.94
C LYS M 176 -6.53 27.21 -3.84
N GLU M 177 -6.70 28.50 -4.08
CA GLU M 177 -5.54 29.35 -4.29
C GLU M 177 -4.92 29.85 -3.00
N GLU M 178 -5.72 29.91 -1.92
CA GLU M 178 -5.28 30.54 -0.67
C GLU M 178 -4.02 29.87 -0.11
N GLU M 179 -3.99 28.54 -0.15
CA GLU M 179 -2.86 27.80 0.41
C GLU M 179 -1.57 27.98 -0.38
N LEU M 180 -1.66 28.38 -1.65
CA LEU M 180 -0.48 28.56 -2.49
C LEU M 180 -0.09 30.03 -2.64
N ALA M 181 -0.69 30.92 -1.85
CA ALA M 181 -0.49 32.35 -2.08
C ALA M 181 0.98 32.74 -1.93
N ARG M 182 1.65 32.20 -0.90
CA ARG M 182 3.04 32.58 -0.67
C ARG M 182 3.95 32.11 -1.82
N ALA M 183 3.63 30.99 -2.44
CA ALA M 183 4.44 30.53 -3.55
C ALA M 183 4.04 31.20 -4.87
N ASN M 184 2.76 31.55 -4.99
CA ASN M 184 2.24 32.13 -6.23
C ASN M 184 2.53 33.62 -6.38
N VAL M 185 2.52 34.38 -5.27
CA VAL M 185 2.63 35.84 -5.33
C VAL M 185 4.07 36.19 -4.99
N LYS M 186 4.86 36.53 -6.01
CA LYS M 186 6.28 36.80 -5.80
C LYS M 186 6.45 38.18 -5.18
N ARG M 187 7.39 38.28 -4.24
CA ARG M 187 7.67 39.53 -3.56
C ARG M 187 9.16 39.82 -3.62
N PHE M 188 9.49 41.10 -3.69
CA PHE M 188 10.86 41.56 -3.93
C PHE M 188 11.41 42.13 -2.63
N SER M 189 12.44 41.48 -2.09
CA SER M 189 13.04 41.89 -0.83
C SER M 189 13.98 43.09 -0.98
N LEU M 190 13.99 43.96 0.04
CA LEU M 190 15.00 45.01 0.16
C LEU M 190 15.25 45.25 1.65
N THR M 191 16.45 44.90 2.12
CA THR M 191 16.78 45.00 3.55
C THR M 191 18.14 45.69 3.69
N LYS M 192 18.56 45.91 4.93
CA LYS M 192 19.80 46.58 5.23
C LYS M 192 20.82 45.58 5.77
N GLY M 193 22.11 45.85 5.47
CA GLY M 193 23.20 45.12 6.07
C GLY M 193 24.14 46.12 6.74
N GLN M 194 25.05 45.58 7.55
CA GLN M 194 26.01 46.39 8.29
C GLN M 194 27.41 45.83 8.06
N ILE M 195 28.42 46.71 8.04
CA ILE M 195 29.80 46.30 7.79
C ILE M 195 30.75 47.15 8.63
N SER M 196 31.81 46.51 9.12
CA SER M 196 32.92 47.20 9.77
C SER M 196 34.19 46.86 9.02
N LEU M 197 35.04 47.87 8.84
CA LEU M 197 36.34 47.73 8.21
C LEU M 197 37.41 48.15 9.21
N ASN M 198 38.31 47.23 9.53
CA ASN M 198 39.40 47.49 10.48
C ASN M 198 40.70 47.65 9.70
N VAL M 199 41.19 48.88 9.60
CA VAL M 199 42.46 49.13 8.92
C VAL M 199 43.58 48.48 9.72
N ALA M 200 44.39 47.65 9.05
CA ALA M 200 45.53 46.99 9.66
C ALA M 200 46.86 47.40 9.07
N LYS M 201 46.87 47.95 7.85
CA LYS M 201 48.10 48.35 7.18
C LYS M 201 47.80 49.60 6.37
N VAL M 202 48.77 50.52 6.32
CA VAL M 202 48.63 51.79 5.62
C VAL M 202 49.94 52.11 4.94
N ASP M 203 49.90 52.38 3.64
CA ASP M 203 51.06 52.94 2.92
C ASP M 203 50.81 54.43 2.72
N GLY M 204 51.44 55.26 3.56
CA GLY M 204 51.24 56.69 3.46
C GLY M 204 51.64 57.27 2.12
N ARG M 205 52.72 56.73 1.52
CA ARG M 205 53.22 57.24 0.25
C ARG M 205 52.19 57.07 -0.87
N THR M 206 51.58 55.89 -0.97
CA THR M 206 50.74 55.56 -2.12
C THR M 206 49.25 55.76 -1.86
N GLY M 207 48.84 56.02 -0.62
CA GLY M 207 47.42 56.13 -0.31
C GLY M 207 46.68 54.81 -0.23
N GLU M 208 47.40 53.70 -0.09
CA GLU M 208 46.77 52.38 -0.03
C GLU M 208 46.57 51.94 1.42
N ILE M 209 45.43 51.30 1.68
CA ILE M 209 45.15 50.70 2.97
C ILE M 209 44.60 49.31 2.77
N ALA M 210 44.79 48.47 3.79
CA ALA M 210 44.28 47.10 3.80
C ALA M 210 43.91 46.76 5.23
N GLY M 211 43.01 45.79 5.37
CA GLY M 211 42.68 45.31 6.70
C GLY M 211 41.72 44.15 6.68
N THR M 212 40.93 44.03 7.73
CA THR M 212 39.93 42.98 7.84
C THR M 212 38.55 43.63 7.88
N PHE M 213 37.54 42.88 7.47
CA PHE M 213 36.17 43.36 7.57
C PHE M 213 35.29 42.28 8.17
N GLU M 214 34.17 42.73 8.72
CA GLU M 214 33.09 41.84 9.07
C GLU M 214 31.81 42.51 8.63
N SER M 215 30.93 41.77 7.96
CA SER M 215 29.65 42.31 7.55
CA SER M 215 29.66 42.28 7.49
C SER M 215 28.54 41.32 7.89
N GLU M 216 27.32 41.85 8.02
CA GLU M 216 26.17 41.03 8.40
C GLU M 216 24.97 41.43 7.56
N GLN M 217 24.26 40.43 7.03
CA GLN M 217 23.16 40.70 6.11
C GLN M 217 22.29 39.46 6.02
N LEU M 218 21.11 39.63 5.43
CA LEU M 218 20.21 38.51 5.23
C LEU M 218 20.52 37.78 3.93
N SER M 219 20.13 36.51 3.91
CA SER M 219 20.37 35.65 2.75
C SER M 219 19.16 35.71 1.82
N ASP M 220 19.22 34.91 0.76
CA ASP M 220 18.12 34.82 -0.20
C ASP M 220 16.84 34.34 0.46
N ASP M 221 15.72 35.02 0.18
CA ASP M 221 14.42 34.56 0.62
C ASP M 221 13.60 33.95 -0.50
N ASP M 222 14.21 33.70 -1.66
CA ASP M 222 13.53 33.07 -2.81
C ASP M 222 12.26 33.82 -3.20
N MET M 223 12.42 35.14 -3.39
CA MET M 223 11.31 36.02 -3.80
CA MET M 223 11.32 36.02 -3.80
C MET M 223 10.12 35.88 -2.87
N GLY M 224 10.39 35.77 -1.57
CA GLY M 224 9.35 35.73 -0.57
C GLY M 224 8.81 34.35 -0.21
N ALA M 225 9.35 33.27 -0.80
CA ALA M 225 8.79 31.95 -0.55
C ALA M 225 9.13 31.43 0.84
N HIS M 226 10.22 31.89 1.44
CA HIS M 226 10.61 31.39 2.76
C HIS M 226 11.39 32.48 3.47
N GLU M 227 11.60 32.26 4.78
CA GLU M 227 12.32 33.26 5.56
C GLU M 227 13.81 33.20 5.24
N PRO M 228 14.48 34.34 5.13
CA PRO M 228 15.93 34.33 4.93
C PRO M 228 16.64 33.98 6.24
N HIS M 229 17.92 33.63 6.12
CA HIS M 229 18.80 33.44 7.26
C HIS M 229 19.72 34.64 7.44
N GLU M 230 20.26 34.77 8.64
CA GLU M 230 21.24 35.80 8.93
C GLU M 230 22.64 35.26 8.62
N VAL M 231 23.44 36.06 7.92
CA VAL M 231 24.76 35.64 7.49
C VAL M 231 25.78 36.63 8.03
N LYS M 232 26.91 36.13 8.51
CA LYS M 232 28.05 36.97 8.87
C LYS M 232 29.19 36.63 7.93
N ILE M 233 29.80 37.65 7.33
CA ILE M 233 30.89 37.45 6.38
C ILE M 233 32.14 38.12 6.94
N GLN M 234 33.23 37.38 6.96
CA GLN M 234 34.52 37.90 7.40
C GLN M 234 35.54 37.74 6.29
N GLY M 235 36.48 38.68 6.22
CA GLY M 235 37.49 38.60 5.19
C GLY M 235 38.49 39.74 5.30
N VAL M 236 39.20 39.97 4.21
CA VAL M 236 40.18 41.03 4.16
C VAL M 236 39.75 42.02 3.09
N PHE M 237 40.20 43.26 3.22
CA PHE M 237 39.86 44.28 2.25
C PHE M 237 41.11 45.06 1.89
N TYR M 238 41.03 45.72 0.75
CA TYR M 238 42.06 46.60 0.23
C TYR M 238 41.37 47.84 -0.31
N ALA M 239 42.00 49.00 -0.14
CA ALA M 239 41.47 50.22 -0.74
C ALA M 239 42.60 51.15 -1.14
N SER M 240 42.43 51.83 -2.26
CA SER M 240 43.35 52.88 -2.68
C SER M 240 42.60 54.20 -2.63
N ILE M 241 43.14 55.14 -1.87
CA ILE M 241 42.53 56.45 -1.70
C ILE M 241 43.30 57.42 -2.57
N GLU M 242 42.57 58.30 -3.26
CA GLU M 242 43.19 59.26 -4.15
C GLU M 242 42.59 60.65 -3.95
N PRO M 243 43.39 61.70 -4.11
CA PRO M 243 42.81 63.04 -4.29
C PRO M 243 41.98 63.05 -5.57
N ALA M 244 40.80 63.67 -5.51
CA ALA M 244 39.92 63.69 -6.66
C ALA M 244 39.56 65.10 -7.07
N GLU N 2 8.84 5.01 -2.14
CA GLU N 2 9.02 4.94 -3.59
C GLU N 2 10.48 4.65 -3.91
N THR N 3 11.39 5.40 -3.26
CA THR N 3 12.81 5.20 -3.53
C THR N 3 13.21 3.78 -3.23
N ILE N 4 12.80 3.26 -2.07
CA ILE N 4 13.07 1.86 -1.73
C ILE N 4 12.52 0.94 -2.82
N THR N 5 11.30 1.21 -3.28
CA THR N 5 10.72 0.34 -4.31
C THR N 5 11.54 0.36 -5.59
N TYR N 6 11.92 1.57 -6.06
CA TYR N 6 12.68 1.68 -7.31
C TYR N 6 14.02 0.96 -7.20
N VAL N 7 14.75 1.19 -6.10
CA VAL N 7 16.06 0.57 -5.90
C VAL N 7 15.92 -0.95 -5.73
N PHE N 8 14.82 -1.40 -5.10
CA PHE N 8 14.61 -2.83 -4.95
C PHE N 8 14.48 -3.52 -6.30
N ILE N 9 13.64 -2.97 -7.19
CA ILE N 9 13.45 -3.57 -8.51
C ILE N 9 14.77 -3.57 -9.28
N PHE N 10 15.47 -2.45 -9.27
CA PHE N 10 16.80 -2.38 -9.89
C PHE N 10 17.73 -3.45 -9.35
N ALA N 11 17.79 -3.60 -8.02
CA ALA N 11 18.68 -4.58 -7.42
C ALA N 11 18.31 -6.00 -7.85
N CYS N 12 17.02 -6.29 -7.97
CA CYS N 12 16.58 -7.61 -8.45
C CYS N 12 17.06 -7.86 -9.87
N ILE N 13 16.99 -6.83 -10.73
CA ILE N 13 17.44 -6.98 -12.11
C ILE N 13 18.93 -7.27 -12.17
N ILE N 14 19.73 -6.57 -11.36
CA ILE N 14 21.17 -6.84 -11.33
C ILE N 14 21.44 -8.25 -10.84
N ALA N 15 20.72 -8.68 -9.81
CA ALA N 15 20.86 -10.07 -9.38
C ALA N 15 20.49 -11.02 -10.51
N LEU N 16 19.42 -10.70 -11.24
CA LEU N 16 19.02 -11.55 -12.37
C LEU N 16 20.13 -11.65 -13.42
N PHE N 17 20.82 -10.52 -13.70
CA PHE N 17 21.95 -10.56 -14.63
C PHE N 17 22.99 -11.59 -14.19
N PHE N 18 23.32 -11.60 -12.89
CA PHE N 18 24.34 -12.49 -12.36
C PHE N 18 23.97 -13.95 -12.58
N PHE N 19 22.72 -14.31 -12.24
CA PHE N 19 22.29 -15.69 -12.39
C PHE N 19 22.16 -16.07 -13.86
N ALA N 20 21.64 -15.15 -14.67
CA ALA N 20 21.44 -15.45 -16.09
C ALA N 20 22.76 -15.67 -16.81
N ILE N 21 23.84 -15.05 -16.32
CA ILE N 21 25.14 -15.21 -16.93
C ILE N 21 25.86 -16.41 -16.33
N PHE N 22 26.06 -16.41 -15.02
CA PHE N 22 26.91 -17.43 -14.42
C PHE N 22 26.18 -18.70 -14.08
N PHE N 23 24.85 -18.66 -13.95
CA PHE N 23 24.05 -19.84 -13.67
C PHE N 23 23.04 -20.09 -14.78
N ARG N 24 23.47 -19.88 -16.00
CA ARG N 24 22.69 -20.15 -17.19
C ARG N 24 22.64 -21.64 -17.44
N GLU N 25 21.64 -22.05 -18.22
CA GLU N 25 21.61 -23.38 -18.78
C GLU N 25 22.75 -23.51 -19.79
N PRO N 26 23.73 -24.39 -19.56
CA PRO N 26 24.93 -24.40 -20.40
C PRO N 26 24.60 -24.85 -21.80
N PRO N 27 25.05 -24.13 -22.83
CA PRO N 27 24.85 -24.59 -24.20
C PRO N 27 25.64 -25.87 -24.44
N ARG N 28 24.96 -26.89 -24.97
CA ARG N 28 25.54 -28.20 -25.17
C ARG N 28 25.36 -28.58 -26.63
N ILE N 29 26.43 -29.08 -27.26
CA ILE N 29 26.35 -29.54 -28.64
C ILE N 29 25.89 -31.00 -28.60
N THR N 30 24.72 -31.27 -29.18
CA THR N 30 24.15 -32.61 -29.20
C THR N 30 23.93 -33.10 -30.63
N GLU O 8 -2.66 40.58 3.15
CA GLU O 8 -2.59 39.81 1.92
C GLU O 8 -1.28 40.04 1.16
N LEU O 9 -0.97 39.08 0.29
CA LEU O 9 0.22 39.12 -0.54
C LEU O 9 -0.14 39.72 -1.89
N VAL O 10 0.67 40.66 -2.37
CA VAL O 10 0.33 41.41 -3.56
C VAL O 10 1.52 41.47 -4.51
N ASN O 11 1.26 41.30 -5.79
CA ASN O 11 2.29 41.49 -6.81
C ASN O 11 2.39 42.99 -7.06
N VAL O 12 3.52 43.60 -6.66
CA VAL O 12 3.64 45.06 -6.73
C VAL O 12 3.73 45.55 -8.17
N VAL O 13 4.18 44.71 -9.11
CA VAL O 13 4.22 45.17 -10.49
C VAL O 13 2.82 45.25 -11.07
N ASP O 14 1.99 44.23 -10.83
CA ASP O 14 0.60 44.29 -11.29
C ASP O 14 -0.12 45.48 -10.68
N GLU O 15 0.09 45.73 -9.39
CA GLU O 15 -0.53 46.87 -8.72
C GLU O 15 -0.13 48.18 -9.39
N LYS O 16 1.16 48.33 -9.71
CA LYS O 16 1.63 49.53 -10.37
C LYS O 16 0.92 49.74 -11.69
N LEU O 17 0.51 48.65 -12.37
CA LEU O 17 -0.22 48.79 -13.62
C LEU O 17 -1.56 49.49 -13.44
N GLY O 18 -2.10 49.51 -12.21
CA GLY O 18 -3.32 50.23 -11.95
C GLY O 18 -3.15 51.70 -11.64
N THR O 19 -1.91 52.21 -11.60
CA THR O 19 -1.63 53.63 -11.40
C THR O 19 -1.30 54.29 -12.74
N ALA O 20 -0.87 55.56 -12.68
CA ALA O 20 -0.48 56.27 -13.89
C ALA O 20 0.70 55.60 -14.60
N TYR O 21 1.45 54.74 -13.90
CA TYR O 21 2.50 53.96 -14.53
C TYR O 21 1.95 53.13 -15.69
N GLY O 22 0.71 52.65 -15.57
CA GLY O 22 0.08 51.91 -16.64
C GLY O 22 -0.47 52.76 -17.77
N GLU O 23 -0.36 54.09 -17.68
CA GLU O 23 -0.94 54.98 -18.67
C GLU O 23 0.07 55.87 -19.37
N LYS O 24 1.15 56.26 -18.70
CA LYS O 24 2.11 57.21 -19.22
C LYS O 24 3.51 56.70 -18.92
N ILE O 25 4.51 57.43 -19.39
CA ILE O 25 5.89 57.15 -19.04
C ILE O 25 6.16 57.67 -17.64
N ASP O 26 6.44 56.77 -16.71
CA ASP O 26 6.76 57.14 -15.34
C ASP O 26 8.24 57.49 -15.26
N LEU O 27 8.55 58.77 -15.04
CA LEU O 27 9.94 59.20 -15.01
C LEU O 27 10.74 58.53 -13.89
N ASN O 28 10.08 57.96 -12.90
CA ASN O 28 10.77 57.36 -11.76
C ASN O 28 10.95 55.85 -11.89
N ASN O 29 10.32 55.21 -12.88
CA ASN O 29 10.26 53.75 -12.90
C ASN O 29 10.38 53.13 -14.29
N THR O 30 9.88 53.78 -15.33
CA THR O 30 9.69 53.13 -16.61
C THR O 30 11.03 52.86 -17.28
N ASN O 31 11.15 51.67 -17.87
CA ASN O 31 12.35 51.31 -18.61
C ASN O 31 12.59 52.30 -19.77
N ILE O 32 13.87 52.51 -20.09
CA ILE O 32 14.27 53.60 -20.96
C ILE O 32 13.79 53.44 -22.40
N ALA O 33 13.53 52.20 -22.87
CA ALA O 33 13.09 52.03 -24.26
C ALA O 33 11.75 52.70 -24.53
N ALA O 34 10.96 52.97 -23.48
CA ALA O 34 9.66 53.60 -23.66
C ALA O 34 9.76 55.03 -24.17
N PHE O 35 10.89 55.71 -24.00
CA PHE O 35 11.01 57.08 -24.49
C PHE O 35 11.07 57.13 -26.02
N ILE O 36 11.18 55.99 -26.68
CA ILE O 36 11.13 55.93 -28.14
C ILE O 36 9.72 56.23 -28.65
N GLN O 37 8.70 56.15 -27.78
CA GLN O 37 7.32 56.38 -28.23
C GLN O 37 7.09 57.80 -28.75
N TYR O 38 7.94 58.76 -28.37
CA TYR O 38 7.71 60.16 -28.73
C TYR O 38 8.95 60.73 -29.40
N ARG O 39 8.73 61.75 -30.23
CA ARG O 39 9.80 62.37 -30.97
C ARG O 39 10.78 63.09 -30.04
N GLY O 40 12.08 62.85 -30.26
CA GLY O 40 13.13 63.66 -29.68
C GLY O 40 13.62 63.26 -28.31
N LEU O 41 13.06 62.23 -27.70
CA LEU O 41 13.42 61.87 -26.33
C LEU O 41 14.59 60.89 -26.24
N TYR O 42 14.78 60.04 -27.25
CA TYR O 42 15.70 58.94 -27.12
C TYR O 42 16.82 59.07 -28.14
N PRO O 43 18.08 58.83 -27.75
CA PRO O 43 18.52 58.36 -26.43
C PRO O 43 18.97 59.43 -25.45
N THR O 44 19.21 60.66 -25.93
CA THR O 44 19.96 61.64 -25.15
C THR O 44 19.18 62.12 -23.93
N LEU O 45 17.96 62.62 -24.14
CA LEU O 45 17.15 63.05 -23.00
C LEU O 45 16.76 61.86 -22.12
N ALA O 46 16.45 60.71 -22.73
CA ALA O 46 16.06 59.53 -21.96
C ALA O 46 17.15 59.14 -20.98
N LYS O 47 18.40 59.17 -21.42
CA LYS O 47 19.51 58.84 -20.53
C LYS O 47 19.56 59.81 -19.36
N LEU O 48 19.48 61.11 -19.66
CA LEU O 48 19.50 62.14 -18.62
C LEU O 48 18.34 61.98 -17.65
N ILE O 49 17.15 61.69 -18.17
CA ILE O 49 15.97 61.55 -17.33
C ILE O 49 16.15 60.40 -16.34
N VAL O 50 16.53 59.23 -16.87
CA VAL O 50 16.71 58.07 -16.00
C VAL O 50 17.85 58.32 -15.03
N LYS O 51 18.93 58.96 -15.49
CA LYS O 51 20.09 59.15 -14.62
C LYS O 51 19.80 60.11 -13.46
N ASN O 52 18.91 61.08 -13.63
CA ASN O 52 18.63 62.06 -12.60
C ASN O 52 17.33 61.80 -11.83
N ALA O 53 16.74 60.64 -12.02
CA ALA O 53 15.55 60.24 -11.29
C ALA O 53 15.92 59.90 -9.83
N PRO O 54 14.95 59.96 -8.90
CA PRO O 54 13.53 60.25 -9.07
C PRO O 54 13.17 61.73 -9.00
N TYR O 55 11.92 62.01 -9.33
CA TYR O 55 11.38 63.36 -9.42
C TYR O 55 10.13 63.45 -8.57
N GLU O 56 10.01 64.57 -7.85
CA GLU O 56 8.82 64.82 -7.04
C GLU O 56 7.61 65.13 -7.91
N SER O 57 7.82 65.80 -9.03
CA SER O 57 6.77 66.07 -9.99
C SER O 57 7.37 66.04 -11.39
N VAL O 58 6.49 65.94 -12.40
CA VAL O 58 6.95 65.86 -13.78
C VAL O 58 7.76 67.09 -14.18
N GLU O 59 7.34 68.27 -13.73
CA GLU O 59 8.08 69.48 -14.14
C GLU O 59 9.51 69.50 -13.64
N ASP O 60 9.85 68.68 -12.63
CA ASP O 60 11.22 68.69 -12.13
C ASP O 60 12.23 68.21 -13.17
N VAL O 61 11.75 67.51 -14.21
CA VAL O 61 12.65 67.07 -15.27
C VAL O 61 13.31 68.25 -15.95
N LEU O 62 12.66 69.42 -15.94
CA LEU O 62 13.24 70.63 -16.54
C LEU O 62 14.44 71.16 -15.78
N ASN O 63 14.73 70.63 -14.59
CA ASN O 63 15.84 71.14 -13.78
C ASN O 63 17.12 70.34 -13.97
N ILE O 64 17.13 69.36 -14.87
CA ILE O 64 18.34 68.62 -15.20
C ILE O 64 19.41 69.60 -15.67
N PRO O 65 20.56 69.66 -15.02
CA PRO O 65 21.60 70.61 -15.44
C PRO O 65 22.20 70.25 -16.79
N GLY O 66 22.55 71.29 -17.55
CA GLY O 66 23.27 71.14 -18.79
C GLY O 66 22.44 71.11 -20.05
N LEU O 67 21.12 71.12 -19.92
CA LEU O 67 20.23 71.02 -21.08
C LEU O 67 20.43 72.18 -22.07
N THR O 68 20.37 71.87 -23.36
CA THR O 68 20.29 72.92 -24.36
C THR O 68 18.86 73.48 -24.33
N GLU O 69 18.69 74.65 -24.95
CA GLU O 69 17.36 75.26 -24.99
C GLU O 69 16.37 74.41 -25.75
N ARG O 70 16.80 73.81 -26.88
CA ARG O 70 15.95 72.89 -27.62
CA ARG O 70 15.92 72.92 -27.60
C ARG O 70 15.61 71.68 -26.77
N GLN O 71 16.58 71.18 -25.99
CA GLN O 71 16.29 70.03 -25.14
C GLN O 71 15.20 70.37 -24.15
N LYS O 72 15.28 71.56 -23.55
CA LYS O 72 14.24 72.00 -22.62
C LYS O 72 12.89 72.12 -23.34
N GLN O 73 12.90 72.60 -24.58
CA GLN O 73 11.64 72.74 -25.30
C GLN O 73 11.03 71.38 -25.61
N ILE O 74 11.86 70.39 -25.95
CA ILE O 74 11.36 69.04 -26.20
C ILE O 74 10.73 68.46 -24.93
N LEU O 75 11.37 68.67 -23.78
CA LEU O 75 10.77 68.20 -22.53
C LEU O 75 9.43 68.89 -22.29
N ARG O 76 9.37 70.21 -22.48
CA ARG O 76 8.12 70.92 -22.23
C ARG O 76 6.98 70.40 -23.11
N GLU O 77 7.26 70.15 -24.39
CA GLU O 77 6.26 69.60 -25.28
C GLU O 77 5.79 68.20 -24.88
N ASN O 78 6.57 67.47 -24.08
CA ASN O 78 6.22 66.09 -23.75
C ASN O 78 5.87 65.89 -22.29
N LEU O 79 5.76 66.96 -21.48
CA LEU O 79 5.34 66.77 -20.09
C LEU O 79 3.98 66.10 -20.00
N GLU O 80 3.08 66.40 -20.95
CA GLU O 80 1.75 65.78 -20.94
C GLU O 80 1.80 64.27 -21.10
N HIS O 81 2.92 63.71 -21.55
CA HIS O 81 3.07 62.27 -21.69
C HIS O 81 3.82 61.63 -20.52
N PHE O 82 4.23 62.41 -19.54
CA PHE O 82 4.99 61.91 -18.40
C PHE O 82 4.12 61.86 -17.16
N THR O 83 4.53 61.00 -16.22
CA THR O 83 3.95 60.95 -14.89
C THR O 83 5.08 60.64 -13.92
N VAL O 84 4.77 60.72 -12.62
CA VAL O 84 5.67 60.24 -11.58
C VAL O 84 4.85 59.45 -10.57
N THR O 85 5.37 58.29 -10.17
CA THR O 85 4.85 57.56 -9.03
C THR O 85 6.04 57.23 -8.14
N GLU O 86 5.75 56.70 -6.95
CA GLU O 86 6.82 56.28 -6.05
C GLU O 86 7.72 55.28 -6.73
N VAL O 87 9.03 55.38 -6.46
CA VAL O 87 9.98 54.42 -6.96
C VAL O 87 9.61 53.02 -6.48
N GLU O 88 9.49 52.09 -7.43
CA GLU O 88 9.24 50.69 -7.11
C GLU O 88 10.54 49.94 -7.26
N THR O 89 11.05 49.44 -6.12
CA THR O 89 12.33 48.74 -6.08
C THR O 89 12.43 47.66 -7.15
N ALA O 90 11.35 46.89 -7.36
CA ALA O 90 11.40 45.76 -8.28
C ALA O 90 11.56 46.22 -9.73
N LEU O 91 11.16 47.44 -10.05
CA LEU O 91 11.32 47.97 -11.39
C LEU O 91 12.66 48.66 -11.61
N VAL O 92 13.37 49.06 -10.55
CA VAL O 92 14.57 49.88 -10.73
C VAL O 92 15.86 49.15 -10.34
N GLU O 93 15.78 48.02 -9.65
CA GLU O 93 16.95 47.22 -9.37
C GLU O 93 17.41 46.46 -10.61
N GLY O 94 18.60 45.89 -10.51
CA GLY O 94 19.17 45.09 -11.58
C GLY O 94 19.51 45.84 -12.85
N GLY O 95 19.64 47.16 -12.79
CA GLY O 95 19.78 47.98 -13.98
C GLY O 95 18.61 47.87 -14.93
N ASP O 96 17.44 47.45 -14.43
CA ASP O 96 16.33 47.11 -15.32
C ASP O 96 15.77 48.32 -16.08
N ARG O 97 15.98 49.54 -15.58
CA ARG O 97 15.54 50.71 -16.36
C ARG O 97 16.35 50.88 -17.65
N TYR O 98 17.56 50.32 -17.70
CA TYR O 98 18.41 50.38 -18.88
C TYR O 98 18.25 49.16 -19.78
N ASN O 99 17.90 48.02 -19.21
CA ASN O 99 17.69 46.78 -19.97
C ASN O 99 16.84 45.90 -19.09
N ASN O 100 15.56 45.75 -19.43
CA ASN O 100 14.64 44.97 -18.61
C ASN O 100 14.42 43.56 -19.17
N GLY O 101 15.37 43.06 -19.97
CA GLY O 101 15.25 41.72 -20.52
C GLY O 101 14.22 41.56 -21.62
N LEU O 102 13.59 42.65 -22.08
CA LEU O 102 12.67 42.59 -23.21
C LEU O 102 13.36 43.12 -24.45
N TYR O 103 13.35 42.32 -25.50
CA TYR O 103 13.76 42.81 -26.80
C TYR O 103 12.52 42.73 -27.68
N LYS O 104 12.63 42.28 -28.93
CA LYS O 104 11.41 42.13 -29.72
C LYS O 104 10.65 40.86 -29.31
N ALA P 1 -3.90 38.80 -55.02
CA ALA P 1 -3.31 40.10 -54.69
C ALA P 1 -2.08 40.30 -55.58
N GLU P 2 -1.74 41.57 -55.85
CA GLU P 2 -0.63 41.89 -56.74
C GLU P 2 0.20 43.01 -56.15
N LEU P 3 1.45 43.09 -56.61
CA LEU P 3 2.34 44.21 -56.33
C LEU P 3 2.10 45.28 -57.38
N THR P 4 1.18 46.20 -57.09
CA THR P 4 0.63 47.20 -58.01
C THR P 4 1.39 48.52 -57.91
N PRO P 5 1.22 49.42 -58.89
CA PRO P 5 1.74 50.78 -58.73
C PRO P 5 1.34 51.47 -57.43
N GLU P 6 0.10 51.29 -56.96
CA GLU P 6 -0.33 51.89 -55.70
C GLU P 6 0.50 51.38 -54.51
N VAL P 7 0.73 50.06 -54.43
CA VAL P 7 1.60 49.53 -53.38
C VAL P 7 2.99 50.16 -53.48
N LEU P 8 3.50 50.31 -54.71
CA LEU P 8 4.84 50.83 -54.95
C LEU P 8 4.91 52.36 -54.90
N THR P 9 3.82 53.06 -54.55
CA THR P 9 3.85 54.51 -54.40
C THR P 9 4.11 54.86 -52.93
N VAL P 10 5.20 55.58 -52.67
CA VAL P 10 5.64 55.84 -51.30
C VAL P 10 6.03 57.31 -51.17
N PRO P 11 6.03 57.85 -49.95
CA PRO P 11 6.38 59.26 -49.77
C PRO P 11 7.82 59.55 -50.19
N LEU P 12 7.98 60.56 -51.05
CA LEU P 12 9.31 61.00 -51.46
C LEU P 12 9.96 61.92 -50.44
N ASN P 13 9.20 62.83 -49.84
CA ASN P 13 9.79 63.83 -48.95
C ASN P 13 8.81 64.14 -47.83
N SER P 14 9.23 65.03 -46.94
CA SER P 14 8.41 65.38 -45.79
C SER P 14 7.22 66.26 -46.16
N GLU P 15 7.26 66.90 -47.33
CA GLU P 15 6.18 67.79 -47.76
C GLU P 15 4.98 67.04 -48.33
N GLY P 16 5.04 65.73 -48.50
CA GLY P 16 3.91 64.99 -49.03
C GLY P 16 3.98 64.60 -50.50
N LYS P 17 5.06 64.94 -51.20
CA LYS P 17 5.26 64.41 -52.53
C LYS P 17 5.52 62.91 -52.47
N THR P 18 4.90 62.18 -53.40
CA THR P 18 5.11 60.74 -53.51
C THR P 18 5.93 60.44 -54.76
N ILE P 19 6.37 59.19 -54.83
CA ILE P 19 7.08 58.66 -55.97
C ILE P 19 6.62 57.21 -56.15
N THR P 20 6.47 56.79 -57.39
CA THR P 20 6.02 55.44 -57.69
C THR P 20 7.22 54.63 -58.19
N LEU P 21 7.65 53.64 -57.43
CA LEU P 21 8.80 52.85 -57.84
C LEU P 21 8.39 51.82 -58.89
N THR P 22 9.34 51.47 -59.75
CA THR P 22 9.12 50.35 -60.66
C THR P 22 9.34 49.02 -59.94
N GLU P 23 8.76 47.97 -60.53
CA GLU P 23 9.01 46.62 -60.05
C GLU P 23 10.49 46.27 -60.10
N LYS P 24 11.21 46.80 -61.10
CA LYS P 24 12.65 46.62 -61.16
C LYS P 24 13.31 47.23 -59.92
N GLN P 25 12.90 48.45 -59.57
CA GLN P 25 13.43 49.12 -58.38
C GLN P 25 13.12 48.31 -57.12
N TYR P 26 11.89 47.80 -57.00
CA TYR P 26 11.55 46.98 -55.85
C TYR P 26 12.49 45.78 -55.75
N LEU P 27 12.69 45.07 -56.87
CA LEU P 27 13.60 43.92 -56.87
C LEU P 27 15.02 44.36 -56.53
N GLU P 28 15.46 45.48 -57.10
CA GLU P 28 16.78 45.99 -56.78
C GLU P 28 16.88 46.32 -55.29
N GLY P 29 15.83 46.91 -54.71
CA GLY P 29 15.86 47.28 -53.31
C GLY P 29 15.97 46.09 -52.36
N LYS P 30 15.18 45.04 -52.63
CA LYS P 30 15.31 43.81 -51.84
C LYS P 30 16.72 43.24 -51.93
N ARG P 31 17.25 43.15 -53.15
CA ARG P 31 18.60 42.60 -53.36
C ARG P 31 19.64 43.39 -52.59
N LEU P 32 19.59 44.71 -52.73
CA LEU P 32 20.59 45.58 -52.10
C LEU P 32 20.41 45.63 -50.58
N PHE P 33 19.17 45.61 -50.10
CA PHE P 33 18.95 45.54 -48.66
C PHE P 33 19.54 44.25 -48.07
N GLN P 34 19.36 43.12 -48.75
CA GLN P 34 19.99 41.87 -48.31
C GLN P 34 21.51 41.97 -48.40
N TYR P 35 22.01 42.56 -49.48
CA TYR P 35 23.45 42.69 -49.67
C TYR P 35 24.10 43.46 -48.52
N ALA P 36 23.50 44.59 -48.14
CA ALA P 36 24.17 45.55 -47.27
C ALA P 36 23.56 45.70 -45.87
N CYS P 37 22.33 45.24 -45.66
CA CYS P 37 21.60 45.63 -44.45
C CYS P 37 20.98 44.47 -43.66
N ALA P 38 20.57 43.40 -44.36
CA ALA P 38 19.77 42.36 -43.72
C ALA P 38 20.51 41.66 -42.59
N SER P 39 21.85 41.63 -42.64
CA SER P 39 22.59 40.96 -41.56
C SER P 39 22.22 41.53 -40.20
N CYS P 40 21.82 42.80 -40.12
CA CYS P 40 21.29 43.32 -38.85
C CYS P 40 19.79 43.61 -38.89
N HIS P 41 19.21 43.90 -40.07
CA HIS P 41 17.85 44.38 -40.15
C HIS P 41 16.87 43.40 -40.79
N VAL P 42 17.20 42.10 -40.83
CA VAL P 42 16.29 41.10 -41.42
C VAL P 42 14.88 41.28 -40.82
N GLY P 43 13.87 41.32 -41.69
CA GLY P 43 12.51 41.44 -41.19
C GLY P 43 12.12 42.80 -40.64
N GLY P 44 12.96 43.81 -40.75
CA GLY P 44 12.62 45.14 -40.26
C GLY P 44 12.93 45.40 -38.79
N ILE P 45 13.60 44.47 -38.10
CA ILE P 45 14.06 44.72 -36.74
C ILE P 45 15.52 45.16 -36.79
N THR P 46 16.21 45.19 -35.65
CA THR P 46 17.61 45.56 -35.59
C THR P 46 18.30 44.67 -34.56
N LYS P 47 19.11 43.70 -35.03
CA LYS P 47 19.59 42.65 -34.12
C LYS P 47 20.51 43.21 -33.04
N THR P 48 21.30 44.21 -33.36
CA THR P 48 22.24 44.77 -32.39
C THR P 48 21.65 45.91 -31.57
N ASN P 49 20.39 46.28 -31.81
CA ASN P 49 19.69 47.21 -30.96
C ASN P 49 18.19 47.06 -31.17
N PRO P 50 17.56 46.06 -30.55
CA PRO P 50 16.15 45.75 -30.87
C PRO P 50 15.15 46.83 -30.49
N SER P 51 15.58 47.85 -29.75
CA SER P 51 14.67 48.95 -29.40
C SER P 51 14.26 49.76 -30.62
N LEU P 52 15.06 49.75 -31.69
CA LEU P 52 14.79 50.56 -32.87
C LEU P 52 14.53 49.62 -34.03
N ASP P 53 13.41 49.81 -34.72
CA ASP P 53 13.07 48.96 -35.86
C ASP P 53 12.89 49.82 -37.10
N LEU P 54 12.48 49.18 -38.21
CA LEU P 54 12.31 49.89 -39.47
C LEU P 54 10.85 50.06 -39.85
N ARG P 55 9.93 50.00 -38.89
CA ARG P 55 8.53 50.30 -39.16
C ARG P 55 8.37 51.76 -39.58
N THR P 56 7.41 52.01 -40.46
CA THR P 56 7.20 53.37 -40.95
C THR P 56 6.81 54.32 -39.82
N GLU P 57 6.01 53.85 -38.86
CA GLU P 57 5.62 54.70 -37.75
C GLU P 57 6.83 55.03 -36.87
N THR P 58 7.76 54.09 -36.70
CA THR P 58 8.98 54.43 -35.97
C THR P 58 9.81 55.46 -36.71
N LEU P 59 9.99 55.25 -38.02
CA LEU P 59 10.75 56.18 -38.84
C LEU P 59 10.11 57.57 -38.85
N ALA P 60 8.78 57.63 -38.78
CA ALA P 60 8.12 58.94 -38.80
C ALA P 60 8.45 59.74 -37.56
N LEU P 61 8.66 59.10 -36.41
CA LEU P 61 8.93 59.80 -35.16
C LEU P 61 10.42 59.98 -34.92
N ALA P 62 11.27 59.50 -35.81
CA ALA P 62 12.69 59.80 -35.74
C ALA P 62 12.92 61.29 -36.04
N THR P 63 14.09 61.79 -35.63
CA THR P 63 14.54 63.16 -35.93
C THR P 63 15.86 63.11 -36.68
N PRO P 64 15.96 63.72 -37.87
CA PRO P 64 14.84 64.22 -38.67
C PRO P 64 13.96 63.04 -39.13
N PRO P 65 12.75 63.30 -39.63
CA PRO P 65 11.87 62.20 -40.01
C PRO P 65 12.52 61.32 -41.08
N ARG P 66 12.36 60.01 -40.91
CA ARG P 66 12.95 59.02 -41.81
C ARG P 66 11.91 58.20 -42.57
N ASP P 67 10.64 58.59 -42.51
CA ASP P 67 9.54 57.87 -43.17
C ASP P 67 9.33 58.32 -44.62
N ASN P 68 10.41 58.61 -45.34
CA ASN P 68 10.29 59.02 -46.73
C ASN P 68 11.65 58.80 -47.41
N ILE P 69 11.63 58.86 -48.75
CA ILE P 69 12.84 58.52 -49.51
C ILE P 69 14.00 59.41 -49.10
N GLU P 70 13.78 60.75 -49.09
CA GLU P 70 14.89 61.66 -48.78
C GLU P 70 15.46 61.40 -47.39
N GLY P 71 14.59 61.15 -46.41
CA GLY P 71 15.07 60.86 -45.06
C GLY P 71 15.91 59.59 -45.00
N LEU P 72 15.46 58.53 -45.67
CA LEU P 72 16.21 57.29 -45.65
C LEU P 72 17.52 57.40 -46.42
N VAL P 73 17.49 58.08 -47.58
CA VAL P 73 18.71 58.30 -48.35
C VAL P 73 19.71 59.11 -47.55
N ASP P 74 19.24 60.16 -46.86
CA ASP P 74 20.14 60.92 -46.00
C ASP P 74 20.68 60.05 -44.86
N TYR P 75 19.85 59.18 -44.29
CA TYR P 75 20.32 58.30 -43.21
C TYR P 75 21.49 57.43 -43.68
N MET P 76 21.41 56.91 -44.90
CA MET P 76 22.45 56.05 -45.47
C MET P 76 23.72 56.80 -45.85
N LYS P 77 23.68 58.12 -45.89
CA LYS P 77 24.88 58.93 -46.07
C LYS P 77 25.47 59.42 -44.76
N ASN P 78 24.63 59.71 -43.77
CA ASN P 78 25.06 60.34 -42.52
C ASN P 78 24.09 59.93 -41.42
N PRO P 79 24.18 58.69 -40.94
CA PRO P 79 23.18 58.19 -39.97
C PRO P 79 23.32 58.87 -38.61
N THR P 80 22.19 58.99 -37.93
CA THR P 80 22.12 59.66 -36.65
C THR P 80 21.40 58.78 -35.64
N THR P 81 21.56 59.12 -34.35
CA THR P 81 20.70 58.49 -33.36
C THR P 81 19.26 58.94 -33.60
N TYR P 82 18.35 58.29 -32.88
CA TYR P 82 16.92 58.47 -33.12
C TYR P 82 16.50 59.91 -32.90
N ASP P 83 17.18 60.63 -32.02
CA ASP P 83 16.86 62.02 -31.76
C ASP P 83 17.66 62.98 -32.62
N GLY P 84 18.44 62.49 -33.57
CA GLY P 84 19.22 63.39 -34.42
C GLY P 84 20.42 64.02 -33.76
N GLU P 85 20.71 63.67 -32.49
CA GLU P 85 21.72 64.40 -31.72
C GLU P 85 23.15 63.97 -32.01
N GLN P 86 23.37 62.73 -32.45
CA GLN P 86 24.71 62.18 -32.63
C GLN P 86 24.83 61.54 -34.00
N GLU P 87 25.93 61.84 -34.70
CA GLU P 87 26.29 61.17 -35.93
C GLU P 87 27.01 59.86 -35.64
N ILE P 88 26.54 58.77 -36.24
CA ILE P 88 26.99 57.43 -35.84
C ILE P 88 27.64 56.68 -37.01
N ALA P 89 28.14 57.42 -38.01
CA ALA P 89 28.74 56.79 -39.17
C ALA P 89 29.88 55.86 -38.77
N GLU P 90 30.53 56.13 -37.63
CA GLU P 90 31.64 55.30 -37.19
C GLU P 90 31.21 53.90 -36.74
N VAL P 91 29.93 53.71 -36.41
CA VAL P 91 29.44 52.40 -36.00
C VAL P 91 28.24 51.94 -36.79
N HIS P 92 27.78 52.70 -37.79
CA HIS P 92 26.68 52.27 -38.65
C HIS P 92 27.09 52.45 -40.10
N PRO P 93 26.85 51.46 -40.96
CA PRO P 93 27.24 51.57 -42.37
C PRO P 93 26.65 52.81 -43.04
N SER P 94 27.47 53.49 -43.83
CA SER P 94 27.03 54.69 -44.56
C SER P 94 28.02 55.00 -45.67
N LEU P 95 27.60 55.86 -46.61
CA LEU P 95 28.54 56.33 -47.62
C LEU P 95 29.70 57.09 -46.99
N ARG P 96 29.42 57.81 -45.91
CA ARG P 96 30.47 58.55 -45.21
C ARG P 96 31.52 57.62 -44.59
N SER P 97 31.14 56.41 -44.23
CA SER P 97 32.04 55.46 -43.60
C SER P 97 32.29 54.23 -44.49
N ALA P 98 32.27 54.42 -45.81
CA ALA P 98 32.53 53.33 -46.74
C ALA P 98 33.95 52.77 -46.58
N ASP P 99 34.86 53.54 -45.99
CA ASP P 99 36.21 53.02 -45.74
C ASP P 99 36.21 51.89 -44.73
N ILE P 100 35.34 51.94 -43.72
CA ILE P 100 35.28 50.91 -42.68
C ILE P 100 34.10 49.98 -42.85
N PHE P 101 33.13 50.33 -43.71
CA PHE P 101 32.02 49.43 -44.07
C PHE P 101 32.14 49.23 -45.57
N PRO P 102 33.06 48.36 -46.01
CA PRO P 102 33.40 48.33 -47.45
C PRO P 102 32.26 47.94 -48.35
N LYS P 103 31.22 47.28 -47.84
CA LYS P 103 30.07 46.99 -48.70
C LYS P 103 29.33 48.24 -49.14
N MET P 104 29.58 49.39 -48.51
CA MET P 104 28.96 50.62 -48.99
C MET P 104 29.74 51.26 -50.13
N ARG P 105 30.95 50.77 -50.42
CA ARG P 105 31.84 51.44 -51.38
C ARG P 105 31.25 51.51 -52.78
N ASN P 106 30.43 50.54 -53.18
CA ASN P 106 29.91 50.49 -54.54
C ASN P 106 28.43 50.80 -54.62
N LEU P 107 27.86 51.37 -53.56
CA LEU P 107 26.45 51.72 -53.57
C LEU P 107 26.33 53.11 -54.21
N THR P 108 25.54 53.20 -55.28
CA THR P 108 25.31 54.45 -55.97
C THR P 108 24.09 55.14 -55.37
N GLU P 109 23.91 56.40 -55.75
CA GLU P 109 22.72 57.14 -55.35
C GLU P 109 21.47 56.38 -55.74
N LYS P 110 21.45 55.81 -56.95
CA LYS P 110 20.33 54.99 -57.40
C LYS P 110 20.10 53.80 -56.48
N ASP P 111 21.18 53.18 -55.99
CA ASP P 111 21.03 52.05 -55.08
C ASP P 111 20.38 52.47 -53.77
N LEU P 112 20.77 53.63 -53.24
CA LEU P 112 20.22 54.11 -51.98
C LEU P 112 18.71 54.34 -52.11
N VAL P 113 18.27 54.93 -53.23
CA VAL P 113 16.85 55.10 -53.46
C VAL P 113 16.14 53.75 -53.45
N ALA P 114 16.72 52.75 -54.12
CA ALA P 114 16.09 51.42 -54.14
C ALA P 114 16.00 50.82 -52.74
N ILE P 115 17.08 50.92 -51.96
CA ILE P 115 17.03 50.40 -50.59
C ILE P 115 15.96 51.14 -49.78
N ALA P 116 15.92 52.48 -49.91
CA ALA P 116 14.91 53.25 -49.20
C ALA P 116 13.50 52.81 -49.60
N GLY P 117 13.27 52.61 -50.89
CA GLY P 117 11.96 52.16 -51.34
C GLY P 117 11.59 50.78 -50.82
N HIS P 118 12.59 49.90 -50.68
CA HIS P 118 12.30 48.60 -50.08
C HIS P 118 11.82 48.76 -48.64
N ILE P 119 12.53 49.56 -47.84
CA ILE P 119 12.16 49.76 -46.45
C ILE P 119 10.76 50.35 -46.34
N LEU P 120 10.36 51.20 -47.28
CA LEU P 120 9.02 51.78 -47.19
C LEU P 120 7.94 50.87 -47.74
N VAL P 121 8.24 50.08 -48.77
CA VAL P 121 7.22 49.25 -49.38
C VAL P 121 6.91 48.01 -48.55
N GLU P 122 7.95 47.37 -48.00
CA GLU P 122 7.77 46.08 -47.33
C GLU P 122 6.69 46.07 -46.24
N PRO P 123 6.60 47.06 -45.33
CA PRO P 123 5.46 47.06 -44.39
C PRO P 123 4.12 47.21 -45.07
N LYS P 124 4.06 47.87 -46.22
CA LYS P 124 2.81 47.92 -46.98
C LYS P 124 2.42 46.52 -47.47
N ILE P 125 3.37 45.62 -47.63
CA ILE P 125 3.07 44.23 -47.95
C ILE P 125 2.81 43.40 -46.70
N LEU P 126 3.76 43.42 -45.77
CA LEU P 126 3.77 42.51 -44.64
C LEU P 126 3.05 43.02 -43.40
N GLY P 127 2.66 44.29 -43.35
CA GLY P 127 2.02 44.82 -42.16
C GLY P 127 2.89 44.70 -40.91
N ASP P 128 2.24 44.38 -39.78
CA ASP P 128 2.95 44.32 -38.50
C ASP P 128 4.02 43.25 -38.45
N LYS P 129 4.06 42.32 -39.42
CA LYS P 129 5.18 41.38 -39.52
CA LYS P 129 5.18 41.39 -39.47
C LYS P 129 6.49 42.13 -39.72
N TRP P 130 6.47 43.19 -40.52
CA TRP P 130 7.66 44.00 -40.73
C TRP P 130 7.99 44.71 -39.43
N GLY P 131 9.20 44.49 -38.92
CA GLY P 131 9.60 45.03 -37.64
C GLY P 131 8.99 44.35 -36.45
N GLY P 132 8.27 43.25 -36.66
CA GLY P 132 7.58 42.58 -35.58
C GLY P 132 8.44 41.58 -34.84
N GLY P 133 9.48 41.04 -35.48
CA GLY P 133 10.27 40.03 -34.84
C GLY P 133 9.57 38.68 -34.81
N LYS P 134 10.14 37.77 -33.98
CA LYS P 134 9.79 36.36 -34.02
C LYS P 134 8.32 36.10 -33.65
N VAL P 135 7.71 36.97 -32.86
CA VAL P 135 6.28 36.82 -32.54
C VAL P 135 5.47 36.68 -33.82
N TYR P 136 5.89 37.34 -34.91
CA TYR P 136 5.12 37.38 -36.14
C TYR P 136 5.63 36.45 -37.22
N TYR P 137 6.65 35.65 -36.94
CA TYR P 137 7.16 34.74 -37.96
C TYR P 137 6.07 33.77 -38.46
N GLU Q 1 26.09 33.64 -68.62
CA GLU Q 1 25.14 33.16 -69.61
C GLU Q 1 24.84 31.68 -69.39
N VAL Q 2 23.56 31.36 -69.18
CA VAL Q 2 23.20 30.01 -68.75
C VAL Q 2 23.34 29.00 -69.89
N ILE Q 3 23.09 29.43 -71.14
CA ILE Q 3 23.29 28.51 -72.26
C ILE Q 3 24.75 28.13 -72.37
N ALA Q 4 25.65 29.07 -72.10
CA ALA Q 4 27.07 28.78 -72.15
C ALA Q 4 27.45 27.71 -71.12
N GLN Q 5 27.01 27.89 -69.87
CA GLN Q 5 27.35 26.94 -68.81
C GLN Q 5 26.84 25.54 -69.15
N LEU Q 6 25.60 25.44 -69.66
CA LEU Q 6 25.01 24.14 -69.95
C LEU Q 6 25.77 23.43 -71.07
N THR Q 7 26.18 24.18 -72.11
CA THR Q 7 26.95 23.57 -73.19
C THR Q 7 28.26 23.00 -72.67
N MET Q 8 28.94 23.74 -71.79
CA MET Q 8 30.21 23.26 -71.25
C MET Q 8 30.01 21.94 -70.51
N ILE Q 9 29.09 21.92 -69.54
CA ILE Q 9 28.88 20.70 -68.75
C ILE Q 9 28.42 19.56 -69.65
N ALA Q 10 27.65 19.87 -70.70
CA ALA Q 10 27.21 18.82 -71.62
C ALA Q 10 28.39 18.18 -72.34
N MET Q 11 29.33 19.01 -72.82
CA MET Q 11 30.49 18.47 -73.54
C MET Q 11 31.44 17.77 -72.58
N ILE Q 12 31.66 18.35 -71.40
CA ILE Q 12 32.51 17.72 -70.40
C ILE Q 12 31.88 16.41 -69.91
N GLY Q 13 30.57 16.42 -69.69
CA GLY Q 13 29.91 15.23 -69.17
C GLY Q 13 29.86 14.10 -70.17
N ILE Q 14 29.87 14.43 -71.46
CA ILE Q 14 29.86 13.38 -72.47
C ILE Q 14 31.25 12.82 -72.72
N ALA Q 15 32.30 13.59 -72.41
CA ALA Q 15 33.67 13.13 -72.70
C ALA Q 15 33.95 11.77 -72.06
N GLY Q 16 33.50 11.56 -70.83
CA GLY Q 16 33.73 10.33 -70.11
C GLY Q 16 33.12 9.12 -70.79
N PRO Q 17 31.79 9.08 -70.91
CA PRO Q 17 31.16 7.97 -71.64
C PRO Q 17 31.67 7.84 -73.07
N MET Q 18 32.11 8.94 -73.69
CA MET Q 18 32.63 8.88 -75.05
C MET Q 18 33.90 8.03 -75.12
N ILE Q 19 34.80 8.20 -74.16
CA ILE Q 19 36.01 7.38 -74.12
C ILE Q 19 35.65 5.90 -74.06
N ILE Q 20 34.70 5.56 -73.19
CA ILE Q 20 34.29 4.15 -73.04
C ILE Q 20 33.67 3.66 -74.33
N PHE Q 21 32.80 4.46 -74.95
CA PHE Q 21 32.12 4.06 -76.17
C PHE Q 21 33.12 3.84 -77.30
N LEU Q 22 34.06 4.78 -77.48
CA LEU Q 22 35.05 4.64 -78.53
C LEU Q 22 35.87 3.38 -78.37
N LEU Q 23 36.28 3.07 -77.12
CA LEU Q 23 37.07 1.87 -76.88
C LEU Q 23 36.26 0.60 -77.08
N ALA Q 24 34.98 0.61 -76.67
CA ALA Q 24 34.13 -0.56 -76.85
C ALA Q 24 33.87 -0.85 -78.32
N VAL Q 25 33.77 0.20 -79.13
CA VAL Q 25 33.55 0.01 -80.56
C VAL Q 25 34.78 -0.63 -81.19
N ARG Q 26 35.97 -0.14 -80.83
CA ARG Q 26 37.17 -0.71 -81.40
C ARG Q 26 37.77 -1.84 -80.56
N ARG Q 27 36.96 -2.46 -79.69
CA ARG Q 27 37.37 -3.64 -78.92
C ARG Q 27 38.69 -3.40 -78.19
N GLY Q 28 38.77 -2.26 -77.49
CA GLY Q 28 39.98 -1.88 -76.79
C GLY Q 28 40.13 -2.57 -75.45
N ASN Q 29 41.20 -2.18 -74.75
CA ASN Q 29 41.63 -2.81 -73.51
C ASN Q 29 40.87 -2.26 -72.29
N LEU Q 30 39.55 -2.38 -72.35
CA LEU Q 30 38.67 -2.00 -71.25
C LEU Q 30 38.80 -2.94 -70.05
N THR R 1 -39.36 11.99 -48.58
CA THR R 1 -39.00 11.90 -49.99
C THR R 1 -37.54 11.51 -50.17
N ILE R 2 -37.00 11.79 -51.35
CA ILE R 2 -35.63 11.44 -51.70
C ILE R 2 -34.79 12.71 -51.62
N THR R 3 -33.97 12.82 -50.58
CA THR R 3 -33.12 13.98 -50.38
C THR R 3 -31.95 13.96 -51.34
N PRO R 4 -31.26 15.09 -51.51
CA PRO R 4 -30.06 15.07 -52.38
C PRO R 4 -29.02 14.05 -51.93
N SER R 5 -28.78 13.92 -50.62
CA SER R 5 -27.76 12.99 -50.15
C SER R 5 -28.20 11.54 -50.31
N LEU R 6 -29.51 11.27 -50.28
CA LEU R 6 -29.97 9.92 -50.62
C LEU R 6 -29.73 9.64 -52.09
N LYS R 7 -30.03 10.63 -52.96
CA LYS R 7 -29.67 10.50 -54.36
C LYS R 7 -28.17 10.29 -54.52
N GLY R 8 -27.37 11.08 -53.78
CA GLY R 8 -25.94 10.85 -53.78
C GLY R 8 -25.58 9.44 -53.31
N PHE R 9 -26.27 8.95 -52.28
CA PHE R 9 -26.04 7.59 -51.81
C PHE R 9 -26.28 6.57 -52.93
N PHE R 10 -27.39 6.73 -53.66
CA PHE R 10 -27.67 5.82 -54.77
C PHE R 10 -26.61 5.91 -55.85
N ILE R 11 -26.13 7.13 -56.13
CA ILE R 11 -25.08 7.30 -57.14
C ILE R 11 -23.82 6.55 -56.73
N GLY R 12 -23.40 6.73 -55.47
CA GLY R 12 -22.24 5.98 -54.99
C GLY R 12 -22.46 4.48 -55.03
N LEU R 13 -23.63 4.02 -54.59
CA LEU R 13 -23.91 2.59 -54.57
C LEU R 13 -23.86 2.01 -55.98
N LEU R 14 -24.51 2.68 -56.93
CA LEU R 14 -24.48 2.23 -58.32
C LEU R 14 -23.08 2.30 -58.90
N SER R 15 -22.33 3.36 -58.60
CA SER R 15 -20.96 3.49 -59.10
C SER R 15 -20.08 2.35 -58.62
N GLY R 16 -20.19 2.00 -57.34
CA GLY R 16 -19.41 0.89 -56.81
C GLY R 16 -19.81 -0.44 -57.43
N ALA R 17 -21.10 -0.63 -57.65
CA ALA R 17 -21.55 -1.87 -58.28
C ALA R 17 -21.02 -1.98 -59.70
N VAL R 18 -21.00 -0.86 -60.43
CA VAL R 18 -20.48 -0.88 -61.79
C VAL R 18 -19.00 -1.23 -61.79
N VAL R 19 -18.22 -0.59 -60.93
CA VAL R 19 -16.78 -0.88 -60.84
C VAL R 19 -16.56 -2.36 -60.53
N LEU R 20 -17.27 -2.90 -59.52
CA LEU R 20 -17.11 -4.31 -59.19
C LEU R 20 -17.64 -5.21 -60.29
N GLY R 21 -18.80 -4.88 -60.86
CA GLY R 21 -19.35 -5.68 -61.94
C GLY R 21 -18.42 -5.78 -63.12
N LEU R 22 -17.92 -4.62 -63.59
CA LEU R 22 -17.00 -4.61 -64.73
C LEU R 22 -15.71 -5.34 -64.40
N THR R 23 -15.20 -5.17 -63.18
CA THR R 23 -13.98 -5.85 -62.76
C THR R 23 -14.13 -7.37 -62.88
N PHE R 24 -15.21 -7.92 -62.32
CA PHE R 24 -15.36 -9.37 -62.32
C PHE R 24 -15.69 -9.90 -63.70
N ALA R 25 -16.53 -9.18 -64.46
CA ALA R 25 -16.83 -9.60 -65.83
C ALA R 25 -15.56 -9.67 -66.67
N VAL R 26 -14.67 -8.70 -66.51
CA VAL R 26 -13.41 -8.70 -67.25
C VAL R 26 -12.52 -9.88 -66.80
N LEU R 27 -12.37 -10.06 -65.49
CA LEU R 27 -11.54 -11.15 -64.97
C LEU R 27 -12.11 -12.51 -65.38
N ILE R 28 -13.42 -12.70 -65.22
CA ILE R 28 -14.04 -13.97 -65.61
C ILE R 28 -13.82 -14.23 -67.10
N ALA R 29 -14.07 -13.19 -67.92
CA ALA R 29 -13.86 -13.33 -69.36
C ALA R 29 -12.43 -13.73 -69.67
N ILE R 30 -11.46 -13.02 -69.10
CA ILE R 30 -10.06 -13.35 -69.33
C ILE R 30 -9.73 -14.75 -68.83
N SER R 31 -10.26 -15.14 -67.66
CA SER R 31 -9.94 -16.46 -67.13
C SER R 31 -10.48 -17.56 -68.03
N GLN R 32 -11.60 -17.31 -68.71
CA GLN R 32 -12.18 -18.32 -69.58
C GLN R 32 -11.38 -18.48 -70.86
N ILE R 33 -10.79 -17.40 -71.35
CA ILE R 33 -10.02 -17.43 -72.58
C ILE R 33 -8.67 -18.11 -72.37
N ASP R 34 -7.98 -17.76 -71.29
CA ASP R 34 -6.59 -18.18 -71.07
C ASP R 34 -6.53 -19.18 -69.92
N LYS R 35 -7.04 -20.38 -70.17
CA LYS R 35 -7.15 -21.38 -69.12
C LYS R 35 -5.79 -22.04 -68.86
N VAL R 36 -5.62 -22.55 -67.65
CA VAL R 36 -4.41 -23.30 -67.31
C VAL R 36 -4.51 -24.68 -67.96
N GLN R 37 -3.39 -25.18 -68.46
CA GLN R 37 -3.34 -26.50 -69.08
C GLN R 37 -3.03 -27.55 -68.03
N ARG R 38 -3.87 -28.59 -67.96
CA ARG R 38 -3.63 -29.70 -67.03
C ARG R 38 -3.56 -31.01 -67.81
N THR S 2 45.73 40.95 -77.45
CA THR S 2 44.45 40.42 -77.02
C THR S 2 43.89 39.35 -77.97
N ILE S 3 44.03 39.56 -79.28
CA ILE S 3 43.59 38.53 -80.22
C ILE S 3 44.50 37.30 -80.12
N LEU S 4 45.82 37.53 -80.06
CA LEU S 4 46.76 36.42 -79.91
C LEU S 4 46.47 35.62 -78.65
N PHE S 5 46.36 36.31 -77.51
CA PHE S 5 46.14 35.65 -76.23
C PHE S 5 44.83 34.85 -76.22
N GLN S 6 43.73 35.48 -76.62
CA GLN S 6 42.44 34.80 -76.58
C GLN S 6 42.41 33.61 -77.51
N LEU S 7 43.09 33.71 -78.66
CA LEU S 7 43.16 32.58 -79.56
C LEU S 7 44.02 31.47 -78.97
N ALA S 8 45.17 31.83 -78.39
CA ALA S 8 46.05 30.81 -77.84
C ALA S 8 45.37 30.06 -76.70
N LEU S 9 44.67 30.78 -75.84
CA LEU S 9 43.95 30.13 -74.74
C LEU S 9 42.82 29.25 -75.25
N ALA S 10 42.09 29.70 -76.28
CA ALA S 10 41.07 28.84 -76.87
C ALA S 10 41.69 27.58 -77.47
N ALA S 11 42.84 27.73 -78.14
CA ALA S 11 43.55 26.56 -78.65
C ALA S 11 43.95 25.62 -77.52
N LEU S 12 44.46 26.17 -76.43
CA LEU S 12 44.82 25.35 -75.27
C LEU S 12 43.62 24.56 -74.76
N VAL S 13 42.45 25.22 -74.66
CA VAL S 13 41.24 24.54 -74.20
C VAL S 13 40.86 23.43 -75.17
N ILE S 14 40.90 23.73 -76.47
CA ILE S 14 40.52 22.75 -77.48
C ILE S 14 41.47 21.56 -77.47
N LEU S 15 42.78 21.84 -77.53
CA LEU S 15 43.78 20.77 -77.47
C LEU S 15 43.62 19.92 -76.22
N SER S 16 43.35 20.55 -75.07
CA SER S 16 43.18 19.81 -73.84
C SER S 16 42.01 18.84 -73.96
N PHE S 17 40.90 19.30 -74.52
CA PHE S 17 39.73 18.44 -74.71
C PHE S 17 40.05 17.30 -75.67
N VAL S 18 40.86 17.56 -76.68
CA VAL S 18 41.24 16.51 -77.62
C VAL S 18 42.13 15.47 -76.94
N MET S 19 43.11 15.91 -76.14
CA MET S 19 43.95 14.99 -75.39
C MET S 19 43.13 14.20 -74.36
N VAL S 20 42.19 14.87 -73.68
CA VAL S 20 41.47 14.21 -72.60
C VAL S 20 40.73 12.98 -73.11
N ILE S 21 40.23 13.03 -74.34
CA ILE S 21 39.60 11.86 -74.94
C ILE S 21 40.62 10.99 -75.65
N GLY S 22 41.58 11.60 -76.36
CA GLY S 22 42.42 10.84 -77.26
C GLY S 22 43.47 9.98 -76.56
N VAL S 23 44.02 10.49 -75.46
CA VAL S 23 45.13 9.79 -74.80
C VAL S 23 44.66 8.47 -74.17
N PRO S 24 43.58 8.43 -73.39
CA PRO S 24 43.15 7.11 -72.87
C PRO S 24 42.71 6.14 -73.97
N VAL S 25 42.06 6.64 -75.01
CA VAL S 25 41.66 5.78 -76.12
C VAL S 25 42.90 5.20 -76.80
N ALA S 26 43.86 6.05 -77.14
CA ALA S 26 45.11 5.58 -77.74
C ALA S 26 45.81 4.56 -76.84
N TYR S 27 45.96 4.89 -75.56
CA TYR S 27 46.68 4.00 -74.64
C TYR S 27 46.02 2.63 -74.53
N ALA S 28 44.72 2.54 -74.79
CA ALA S 28 43.98 1.29 -74.60
C ALA S 28 43.56 0.64 -75.90
N SER S 29 44.05 1.15 -77.03
CA SER S 29 43.81 0.66 -78.37
C SER S 29 44.94 -0.25 -78.83
N PRO S 30 44.62 -1.36 -79.48
CA PRO S 30 45.67 -2.26 -79.96
C PRO S 30 46.39 -1.71 -81.18
N GLN S 31 45.63 -1.35 -82.21
CA GLN S 31 46.20 -0.93 -83.49
C GLN S 31 46.54 0.56 -83.50
N ASP S 32 47.28 0.96 -84.53
CA ASP S 32 47.67 2.35 -84.78
C ASP S 32 48.40 2.97 -83.60
N TRP S 33 49.01 2.16 -82.73
CA TRP S 33 49.76 2.68 -81.60
C TRP S 33 50.99 3.47 -82.05
N ASP S 34 51.63 3.03 -83.13
CA ASP S 34 52.80 3.73 -83.66
C ASP S 34 52.44 5.17 -84.04
N ARG S 35 51.34 5.35 -84.78
CA ARG S 35 50.92 6.70 -85.13
C ARG S 35 50.43 7.45 -83.90
N SER S 36 49.73 6.76 -83.00
CA SER S 36 49.23 7.41 -81.79
C SER S 36 50.37 7.86 -80.90
N LYS S 37 51.41 7.05 -80.75
CA LYS S 37 52.51 7.39 -79.86
C LYS S 37 53.15 8.72 -80.27
N GLN S 38 53.40 8.91 -81.56
CA GLN S 38 53.98 10.17 -82.00
C GLN S 38 53.00 11.32 -81.81
N LEU S 39 51.72 11.08 -82.09
CA LEU S 39 50.71 12.11 -81.87
C LEU S 39 50.66 12.53 -80.40
N ILE S 40 50.69 11.57 -79.48
CA ILE S 40 50.63 11.90 -78.06
C ILE S 40 51.82 12.75 -77.66
N PHE S 41 53.01 12.40 -78.16
CA PHE S 41 54.18 13.27 -77.98
C PHE S 41 53.93 14.65 -78.56
N LEU S 42 53.47 14.70 -79.82
CA LEU S 42 53.24 15.98 -80.49
C LEU S 42 52.25 16.83 -79.70
N GLY S 43 51.08 16.26 -79.39
CA GLY S 43 50.11 16.98 -78.58
C GLY S 43 50.67 17.44 -77.24
N SER S 44 51.46 16.57 -76.59
CA SER S 44 52.02 16.92 -75.28
C SER S 44 52.95 18.12 -75.38
N GLY S 45 53.88 18.09 -76.33
CA GLY S 45 54.78 19.22 -76.51
C GLY S 45 54.05 20.49 -76.92
N LEU S 46 53.03 20.36 -77.77
CA LEU S 46 52.23 21.51 -78.15
C LEU S 46 51.41 22.04 -76.98
N TRP S 47 50.88 21.15 -76.14
CA TRP S 47 50.14 21.57 -74.95
C TRP S 47 51.03 22.40 -74.03
N ILE S 48 52.22 21.86 -73.71
CA ILE S 48 53.19 22.58 -72.90
C ILE S 48 53.52 23.95 -73.50
N ALA S 49 53.75 24.00 -74.82
CA ALA S 49 54.07 25.28 -75.45
C ALA S 49 52.94 26.27 -75.28
N LEU S 50 51.69 25.83 -75.45
CA LEU S 50 50.56 26.73 -75.35
C LEU S 50 50.39 27.26 -73.92
N VAL S 51 50.67 26.44 -72.91
CA VAL S 51 50.63 26.93 -71.53
C VAL S 51 51.61 28.08 -71.37
N LEU S 52 52.83 27.89 -71.87
CA LEU S 52 53.85 28.93 -71.76
C LEU S 52 53.45 30.18 -72.53
N VAL S 53 52.88 30.01 -73.72
CA VAL S 53 52.44 31.15 -74.50
C VAL S 53 51.37 31.93 -73.74
N VAL S 54 50.34 31.22 -73.26
CA VAL S 54 49.26 31.90 -72.54
C VAL S 54 49.80 32.56 -71.28
N GLY S 55 50.74 31.91 -70.59
CA GLY S 55 51.31 32.49 -69.39
C GLY S 55 52.07 33.79 -69.66
N VAL S 56 52.88 33.81 -70.72
CA VAL S 56 53.60 35.04 -71.06
C VAL S 56 52.62 36.10 -71.54
N LEU S 57 51.72 35.74 -72.46
CA LEU S 57 50.79 36.73 -73.01
C LEU S 57 49.86 37.29 -71.94
N ASN S 58 49.62 36.53 -70.86
CA ASN S 58 48.81 37.03 -69.76
C ASN S 58 49.24 38.43 -69.34
N PHE S 59 50.55 38.69 -69.29
CA PHE S 59 51.02 39.95 -68.74
C PHE S 59 50.97 41.10 -69.72
N PHE S 60 50.50 40.84 -70.94
CA PHE S 60 50.29 41.88 -71.95
C PHE S 60 48.81 42.13 -72.19
N VAL S 61 47.95 41.39 -71.52
CA VAL S 61 46.51 41.64 -71.54
C VAL S 61 45.97 41.90 -70.13
N VAL S 62 46.79 41.76 -69.10
CA VAL S 62 46.42 42.07 -67.73
C VAL S 62 47.21 43.30 -67.31
N ALA T 11 -38.18 -48.02 -6.85
CA ALA T 11 -39.60 -48.33 -6.90
C ALA T 11 -40.42 -47.12 -6.53
N ASN T 12 -40.90 -47.09 -5.28
CA ASN T 12 -41.64 -45.93 -4.81
C ASN T 12 -40.70 -44.76 -4.56
N LEU T 13 -41.18 -43.55 -4.84
CA LEU T 13 -40.34 -42.36 -4.75
C LEU T 13 -39.89 -42.11 -3.30
N TRP T 14 -40.82 -42.20 -2.35
CA TRP T 14 -40.47 -42.02 -0.95
C TRP T 14 -39.48 -43.09 -0.49
N GLU T 15 -39.58 -44.29 -1.05
CA GLU T 15 -38.62 -45.34 -0.75
C GLU T 15 -37.22 -44.96 -1.22
N ARG T 16 -37.12 -44.45 -2.46
CA ARG T 16 -35.83 -44.05 -3.01
C ARG T 16 -35.23 -42.88 -2.22
N PHE T 17 -36.06 -41.89 -1.89
CA PHE T 17 -35.59 -40.71 -1.17
C PHE T 17 -35.04 -41.10 0.20
N CYS T 18 -35.80 -41.90 0.95
CA CYS T 18 -35.32 -42.38 2.25
C CYS T 18 -34.01 -43.16 2.12
N ASN T 19 -33.87 -43.93 1.04
CA ASN T 19 -32.62 -44.66 0.84
C ASN T 19 -31.48 -43.70 0.54
N TRP T 20 -31.73 -42.67 -0.27
CA TRP T 20 -30.69 -41.68 -0.52
C TRP T 20 -30.38 -40.86 0.73
N VAL T 21 -31.42 -40.47 1.48
CA VAL T 21 -31.18 -39.63 2.67
C VAL T 21 -30.30 -40.39 3.67
N THR T 22 -30.59 -41.67 3.89
CA THR T 22 -29.84 -42.48 4.83
C THR T 22 -28.68 -43.25 4.19
N SER T 23 -28.28 -42.93 2.97
CA SER T 23 -27.24 -43.69 2.30
C SER T 23 -25.89 -43.53 2.98
N THR T 24 -25.21 -44.65 3.24
CA THR T 24 -23.85 -44.61 3.73
C THR T 24 -22.84 -44.30 2.63
N ASP T 25 -23.29 -44.02 1.42
CA ASP T 25 -22.36 -43.79 0.32
C ASP T 25 -22.25 -42.32 -0.06
N ASN T 26 -23.04 -41.44 0.54
CA ASN T 26 -22.87 -40.02 0.24
C ASN T 26 -21.56 -39.51 0.84
N ARG T 27 -20.87 -38.65 0.08
CA ARG T 27 -19.60 -38.11 0.54
C ARG T 27 -19.75 -37.42 1.88
N LEU T 28 -20.85 -36.71 2.06
CA LEU T 28 -21.25 -36.16 3.35
C LEU T 28 -22.56 -36.84 3.71
N TYR T 29 -22.60 -37.46 4.89
CA TYR T 29 -23.82 -38.16 5.30
C TYR T 29 -24.93 -37.14 5.54
N VAL T 30 -26.11 -37.45 5.02
CA VAL T 30 -27.26 -36.57 5.23
C VAL T 30 -28.01 -37.07 6.45
N GLY T 31 -28.85 -38.08 6.28
CA GLY T 31 -29.61 -38.62 7.38
C GLY T 31 -30.80 -37.74 7.77
N TRP T 32 -31.63 -38.27 8.67
CA TRP T 32 -32.83 -37.54 9.06
C TRP T 32 -32.50 -36.32 9.92
N PHE T 33 -31.57 -36.45 10.87
CA PHE T 33 -31.09 -35.26 11.55
C PHE T 33 -30.51 -34.26 10.57
N GLY T 34 -29.87 -34.75 9.51
CA GLY T 34 -29.33 -33.86 8.50
C GLY T 34 -30.38 -33.09 7.73
N VAL T 35 -31.59 -33.65 7.60
CA VAL T 35 -32.67 -32.95 6.91
C VAL T 35 -33.04 -31.65 7.63
N ILE T 36 -32.90 -31.62 8.96
CA ILE T 36 -33.08 -30.39 9.75
C ILE T 36 -31.78 -29.59 9.84
N MET T 37 -30.66 -30.28 10.05
CA MET T 37 -29.37 -29.62 10.27
C MET T 37 -28.97 -28.76 9.08
N ILE T 38 -29.12 -29.28 7.87
CA ILE T 38 -28.55 -28.63 6.69
C ILE T 38 -29.24 -27.30 6.42
N PRO T 39 -30.57 -27.21 6.36
CA PRO T 39 -31.17 -25.89 6.13
C PRO T 39 -30.97 -24.92 7.30
N THR T 40 -31.05 -25.38 8.55
CA THR T 40 -30.92 -24.44 9.67
C THR T 40 -29.50 -23.89 9.76
N LEU T 41 -28.48 -24.74 9.57
CA LEU T 41 -27.11 -24.24 9.62
C LEU T 41 -26.78 -23.34 8.43
N LEU T 42 -27.36 -23.62 7.25
CA LEU T 42 -27.15 -22.72 6.11
C LEU T 42 -27.77 -21.36 6.37
N ALA T 43 -28.99 -21.33 6.91
CA ALA T 43 -29.65 -20.08 7.24
C ALA T 43 -28.83 -19.28 8.25
N ALA T 44 -28.40 -19.94 9.32
CA ALA T 44 -27.59 -19.27 10.34
C ALA T 44 -26.27 -18.78 9.78
N THR T 45 -25.61 -19.59 8.93
CA THR T 45 -24.32 -19.20 8.37
C THR T 45 -24.47 -17.99 7.45
N ILE T 46 -25.45 -18.03 6.55
CA ILE T 46 -25.62 -16.96 5.58
C ILE T 46 -25.98 -15.66 6.30
N CYS T 47 -26.93 -15.72 7.23
CA CYS T 47 -27.30 -14.51 7.96
C CYS T 47 -26.12 -13.96 8.74
N PHE T 48 -25.36 -14.85 9.39
CA PHE T 48 -24.19 -14.41 10.14
C PHE T 48 -23.21 -13.65 9.25
N VAL T 49 -22.85 -14.24 8.11
CA VAL T 49 -21.82 -13.65 7.25
C VAL T 49 -22.26 -12.29 6.75
N ILE T 50 -23.51 -12.20 6.30
CA ILE T 50 -24.05 -10.94 5.83
C ILE T 50 -24.07 -9.92 6.96
N ALA T 51 -24.53 -10.34 8.15
CA ALA T 51 -24.61 -9.41 9.27
C ALA T 51 -23.24 -8.94 9.70
N PHE T 52 -22.28 -9.87 9.81
CA PHE T 52 -20.93 -9.49 10.22
C PHE T 52 -20.32 -8.48 9.26
N ILE T 53 -20.66 -8.55 7.98
CA ILE T 53 -20.08 -7.62 7.02
C ILE T 53 -20.83 -6.30 7.00
N ALA T 54 -22.17 -6.34 7.03
CA ALA T 54 -22.96 -5.19 6.60
C ALA T 54 -24.07 -4.72 7.53
N ALA T 55 -24.31 -5.37 8.67
CA ALA T 55 -25.44 -4.94 9.50
C ALA T 55 -25.17 -3.57 10.11
N PRO T 56 -26.19 -2.71 10.22
CA PRO T 56 -26.00 -1.41 10.89
C PRO T 56 -25.98 -1.58 12.41
N PRO T 57 -25.69 -0.51 13.15
CA PRO T 57 -25.59 -0.65 14.62
C PRO T 57 -26.91 -1.09 15.27
N VAL T 58 -26.77 -1.82 16.38
CA VAL T 58 -27.88 -2.52 17.05
C VAL T 58 -28.02 -1.97 18.48
N ASP T 59 -29.26 -1.67 18.89
CA ASP T 59 -29.52 -1.14 20.23
C ASP T 59 -29.61 -2.28 21.26
N ILE T 60 -28.44 -2.87 21.56
CA ILE T 60 -28.43 -4.08 22.39
C ILE T 60 -29.11 -3.84 23.73
N ASP T 61 -28.81 -2.71 24.40
CA ASP T 61 -29.30 -2.56 25.76
C ASP T 61 -30.64 -1.82 25.84
N GLY T 62 -31.33 -1.65 24.72
CA GLY T 62 -32.67 -1.08 24.72
C GLY T 62 -32.75 0.37 25.17
N ILE T 63 -31.63 1.10 25.14
CA ILE T 63 -31.58 2.48 25.63
C ILE T 63 -31.27 3.42 24.46
N ARG T 64 -31.62 3.00 23.24
CA ARG T 64 -31.42 3.80 22.04
C ARG T 64 -29.97 4.24 21.94
N GLU T 65 -29.05 3.31 22.18
CA GLU T 65 -27.61 3.56 22.12
C GLU T 65 -26.98 2.48 21.24
N PRO T 66 -27.16 2.57 19.93
CA PRO T 66 -26.83 1.44 19.06
C PRO T 66 -25.33 1.18 18.98
N VAL T 67 -24.98 -0.09 19.07
CA VAL T 67 -23.59 -0.54 19.04
C VAL T 67 -23.28 -1.07 17.65
N SER T 68 -22.18 -0.60 17.07
CA SER T 68 -21.76 -1.05 15.73
C SER T 68 -21.00 -2.37 15.84
N GLY T 69 -21.49 -3.39 15.13
CA GLY T 69 -20.82 -4.68 15.05
C GLY T 69 -20.17 -5.03 13.72
N SER T 70 -20.62 -4.46 12.62
CA SER T 70 -20.22 -4.99 11.31
C SER T 70 -18.97 -4.29 10.76
N LEU T 71 -18.30 -5.00 9.86
CA LEU T 71 -17.07 -4.50 9.24
C LEU T 71 -17.30 -3.19 8.50
N LEU T 72 -18.37 -3.10 7.70
CA LEU T 72 -18.60 -1.88 6.90
C LEU T 72 -18.90 -0.67 7.78
N TYR T 73 -19.32 -0.88 9.03
CA TYR T 73 -19.62 0.22 9.92
C TYR T 73 -18.52 0.46 10.94
N GLY T 74 -17.28 0.18 10.58
CA GLY T 74 -16.13 0.61 11.36
C GLY T 74 -15.46 -0.44 12.22
N ASN T 75 -15.72 -1.73 12.01
CA ASN T 75 -15.09 -2.75 12.81
C ASN T 75 -13.97 -3.44 12.05
N ASN T 76 -13.11 -4.15 12.79
CA ASN T 76 -12.19 -5.09 12.20
C ASN T 76 -12.59 -6.51 12.64
N ILE T 77 -11.75 -7.50 12.34
CA ILE T 77 -12.09 -8.88 12.67
C ILE T 77 -12.22 -9.06 14.17
N ILE T 78 -11.38 -8.37 14.95
CA ILE T 78 -11.33 -8.54 16.39
C ILE T 78 -12.50 -7.82 17.07
N THR T 79 -12.90 -6.64 16.58
CA THR T 79 -13.97 -5.89 17.25
C THR T 79 -15.36 -6.24 16.71
N GLY T 80 -15.46 -6.83 15.52
CA GLY T 80 -16.76 -7.05 14.92
C GLY T 80 -17.58 -8.11 15.64
N ALA T 81 -18.89 -8.03 15.44
CA ALA T 81 -19.79 -8.97 16.10
C ALA T 81 -21.16 -8.86 15.44
N VAL T 82 -21.95 -9.92 15.57
CA VAL T 82 -23.39 -9.76 15.44
C VAL T 82 -23.94 -9.46 16.82
N VAL T 83 -24.55 -8.30 16.98
CA VAL T 83 -24.89 -7.77 18.30
C VAL T 83 -26.19 -8.40 18.79
N PRO T 84 -26.25 -8.85 20.08
CA PRO T 84 -27.51 -9.39 20.65
C PRO T 84 -28.72 -8.48 20.52
N SER T 85 -29.92 -9.06 20.56
CA SER T 85 -31.14 -8.28 20.37
C SER T 85 -31.44 -7.40 21.58
N SER T 86 -32.25 -6.37 21.34
CA SER T 86 -32.48 -5.29 22.29
C SER T 86 -33.04 -5.78 23.63
N ASN T 87 -32.61 -5.15 24.71
CA ASN T 87 -33.17 -5.42 26.03
C ASN T 87 -34.66 -5.10 26.12
N ALA T 88 -35.16 -4.20 25.26
CA ALA T 88 -36.59 -3.93 25.22
C ALA T 88 -37.38 -5.14 24.74
N ILE T 89 -36.75 -6.00 23.92
CA ILE T 89 -37.39 -7.24 23.48
C ILE T 89 -37.40 -8.26 24.61
N GLY T 90 -36.31 -8.32 25.39
CA GLY T 90 -36.21 -9.30 26.44
C GLY T 90 -36.16 -10.71 25.87
N LEU T 91 -37.06 -11.58 26.31
CA LEU T 91 -37.15 -12.93 25.79
C LEU T 91 -38.24 -13.07 24.73
N HIS T 92 -38.84 -11.98 24.30
CA HIS T 92 -39.87 -12.08 23.28
C HIS T 92 -39.29 -12.61 21.98
N PHE T 93 -40.09 -13.43 21.30
CA PHE T 93 -39.70 -13.99 20.01
C PHE T 93 -39.80 -12.90 18.95
N TYR T 94 -38.68 -12.60 18.29
CA TYR T 94 -38.58 -11.47 17.36
C TYR T 94 -38.14 -11.94 15.96
N PRO T 95 -39.00 -12.66 15.24
CA PRO T 95 -38.67 -13.04 13.86
C PRO T 95 -38.82 -11.83 12.94
N ILE T 96 -38.39 -12.00 11.68
CA ILE T 96 -38.45 -10.90 10.73
C ILE T 96 -39.88 -10.38 10.58
N TRP T 97 -40.85 -11.28 10.52
CA TRP T 97 -42.22 -10.85 10.24
C TRP T 97 -42.90 -10.17 11.43
N GLU T 98 -42.24 -10.11 12.60
CA GLU T 98 -42.73 -9.30 13.72
C GLU T 98 -42.33 -7.84 13.60
N ALA T 99 -41.36 -7.52 12.76
CA ALA T 99 -40.90 -6.15 12.59
C ALA T 99 -41.76 -5.46 11.56
N ALA T 100 -41.91 -4.15 11.71
CA ALA T 100 -42.61 -3.38 10.69
C ALA T 100 -41.79 -3.28 9.41
N SER T 101 -40.47 -3.49 9.49
CA SER T 101 -39.62 -3.33 8.34
C SER T 101 -38.29 -4.00 8.66
N LEU T 102 -37.52 -4.29 7.59
CA LEU T 102 -36.16 -4.75 7.80
C LEU T 102 -35.34 -3.72 8.56
N ASP T 103 -35.61 -2.42 8.34
CA ASP T 103 -34.89 -1.36 9.05
C ASP T 103 -35.11 -1.43 10.55
N GLU T 104 -36.36 -1.63 10.98
CA GLU T 104 -36.61 -1.83 12.40
C GLU T 104 -35.94 -3.11 12.90
N TRP T 105 -36.08 -4.21 12.14
CA TRP T 105 -35.52 -5.49 12.54
C TRP T 105 -34.01 -5.38 12.81
N LEU T 106 -33.30 -4.69 11.93
CA LEU T 106 -31.85 -4.52 12.08
C LEU T 106 -31.51 -3.68 13.30
N TYR T 107 -32.24 -2.56 13.51
CA TYR T 107 -31.99 -1.70 14.66
C TYR T 107 -32.13 -2.45 15.97
N ASN T 108 -33.05 -3.42 16.02
CA ASN T 108 -33.40 -4.09 17.26
C ASN T 108 -32.66 -5.41 17.48
N GLY T 109 -31.72 -5.76 16.60
CA GLY T 109 -30.96 -6.99 16.76
C GLY T 109 -31.63 -8.26 16.30
N GLY T 110 -32.57 -8.18 15.36
CA GLY T 110 -33.18 -9.34 14.75
C GLY T 110 -32.22 -10.42 14.28
N PRO T 111 -31.17 -10.03 13.53
CA PRO T 111 -30.24 -11.07 13.04
C PRO T 111 -29.73 -12.00 14.14
N TYR T 112 -29.47 -11.48 15.34
CA TYR T 112 -28.93 -12.30 16.42
C TYR T 112 -29.86 -13.45 16.75
N GLN T 113 -31.16 -13.16 16.94
CA GLN T 113 -32.10 -14.23 17.26
C GLN T 113 -32.20 -15.24 16.13
N LEU T 114 -32.26 -14.76 14.88
CA LEU T 114 -32.34 -15.69 13.75
C LEU T 114 -31.16 -16.63 13.74
N ILE T 115 -29.95 -16.09 13.93
CA ILE T 115 -28.73 -16.89 13.87
C ILE T 115 -28.67 -17.87 15.04
N ILE T 116 -28.86 -17.41 16.28
CA ILE T 116 -28.65 -18.34 17.40
C ILE T 116 -29.72 -19.43 17.41
N PHE T 117 -30.97 -19.11 17.06
CA PHE T 117 -31.99 -20.16 17.11
C PHE T 117 -31.74 -21.21 16.02
N HIS T 118 -31.41 -20.77 14.79
CA HIS T 118 -31.06 -21.74 13.76
C HIS T 118 -29.80 -22.49 14.12
N PHE T 119 -28.80 -21.78 14.69
CA PHE T 119 -27.56 -22.46 15.05
C PHE T 119 -27.80 -23.54 16.10
N LEU T 120 -28.52 -23.20 17.17
CA LEU T 120 -28.73 -24.19 18.23
C LEU T 120 -29.52 -25.39 17.73
N LEU T 121 -30.51 -25.17 16.86
CA LEU T 121 -31.24 -26.30 16.29
CA LEU T 121 -31.24 -26.31 16.30
C LEU T 121 -30.32 -27.14 15.42
N GLY T 122 -29.58 -26.49 14.53
CA GLY T 122 -28.70 -27.21 13.64
C GLY T 122 -27.63 -27.98 14.38
N ALA T 123 -27.07 -27.38 15.44
CA ALA T 123 -26.01 -28.06 16.19
C ALA T 123 -26.55 -29.22 17.02
N SER T 124 -27.78 -29.10 17.54
CA SER T 124 -28.40 -30.24 18.19
C SER T 124 -28.59 -31.38 17.20
N CYS T 125 -29.01 -31.07 15.98
CA CYS T 125 -29.14 -32.09 14.94
C CYS T 125 -27.77 -32.63 14.52
N TYR T 126 -26.74 -31.79 14.53
CA TYR T 126 -25.38 -32.29 14.32
C TYR T 126 -25.06 -33.42 15.29
N MET T 127 -25.45 -33.26 16.56
CA MET T 127 -25.19 -34.28 17.56
C MET T 127 -25.99 -35.55 17.27
N GLY T 128 -27.27 -35.41 16.93
CA GLY T 128 -28.05 -36.58 16.56
C GLY T 128 -27.52 -37.26 15.32
N ARG T 129 -27.03 -36.46 14.36
CA ARG T 129 -26.44 -36.99 13.14
C ARG T 129 -25.22 -37.84 13.46
N GLN T 130 -24.44 -37.43 14.46
CA GLN T 130 -23.31 -38.26 14.88
C GLN T 130 -23.79 -39.59 15.44
N TRP T 131 -24.88 -39.60 16.22
CA TRP T 131 -25.44 -40.90 16.61
C TRP T 131 -25.84 -41.69 15.36
N GLU T 132 -26.54 -41.03 14.44
CA GLU T 132 -27.17 -41.75 13.33
C GLU T 132 -26.14 -42.43 12.43
N LEU T 133 -25.09 -41.72 12.02
CA LEU T 133 -24.11 -42.36 11.14
C LEU T 133 -23.38 -43.49 11.85
N SER T 134 -23.09 -43.31 13.15
CA SER T 134 -22.41 -44.38 13.89
C SER T 134 -23.25 -45.65 13.87
N TYR T 135 -24.58 -45.49 13.98
CA TYR T 135 -25.50 -46.63 13.88
C TYR T 135 -25.44 -47.26 12.49
N ARG T 136 -25.45 -46.43 11.44
CA ARG T 136 -25.41 -46.96 10.07
C ARG T 136 -24.11 -47.68 9.78
N LEU T 137 -23.02 -47.26 10.41
CA LEU T 137 -21.72 -47.88 10.15
C LEU T 137 -21.44 -49.06 11.06
N GLY T 138 -22.38 -49.41 11.94
CA GLY T 138 -22.11 -50.46 12.91
C GLY T 138 -21.09 -50.10 13.97
N MET T 139 -20.95 -48.81 14.30
CA MET T 139 -20.07 -48.34 15.36
C MET T 139 -20.78 -48.33 16.71
N ARG T 140 -19.99 -48.21 17.77
CA ARG T 140 -20.56 -47.89 19.07
C ARG T 140 -21.00 -46.42 19.07
N PRO T 141 -21.96 -46.06 19.93
CA PRO T 141 -22.78 -44.87 19.67
C PRO T 141 -22.39 -43.56 20.35
N TRP T 142 -21.31 -43.47 21.11
CA TRP T 142 -21.21 -42.40 22.09
C TRP T 142 -20.32 -41.22 21.68
N ILE T 143 -19.86 -41.14 20.43
CA ILE T 143 -19.16 -39.93 20.01
C ILE T 143 -20.06 -38.72 20.23
N CYS T 144 -21.36 -38.88 19.98
CA CYS T 144 -22.28 -37.77 20.17
C CYS T 144 -22.33 -37.32 21.63
N VAL T 145 -22.08 -38.23 22.58
CA VAL T 145 -22.05 -37.85 23.99
C VAL T 145 -20.85 -36.95 24.27
N ALA T 146 -19.70 -37.22 23.63
CA ALA T 146 -18.56 -36.32 23.78
C ALA T 146 -18.89 -34.92 23.25
N TYR T 147 -19.53 -34.84 22.09
CA TYR T 147 -19.88 -33.56 21.50
C TYR T 147 -20.92 -32.82 22.33
N SER T 148 -21.67 -33.54 23.17
CA SER T 148 -22.66 -32.87 24.01
C SER T 148 -22.02 -31.88 24.96
N ALA T 149 -20.73 -32.02 25.25
CA ALA T 149 -20.06 -31.06 26.14
C ALA T 149 -19.93 -29.67 25.49
N PRO T 150 -19.30 -29.51 24.31
CA PRO T 150 -19.32 -28.18 23.66
C PRO T 150 -20.74 -27.71 23.35
N LEU T 151 -21.63 -28.60 22.91
CA LEU T 151 -22.99 -28.21 22.60
C LEU T 151 -23.70 -27.65 23.83
N ALA T 152 -23.56 -28.32 24.97
CA ALA T 152 -24.16 -27.82 26.21
C ALA T 152 -23.62 -26.44 26.55
N SER T 153 -22.34 -26.20 26.27
CA SER T 153 -21.74 -24.89 26.51
C SER T 153 -22.37 -23.83 25.60
N ALA T 154 -22.62 -24.16 24.34
CA ALA T 154 -23.25 -23.20 23.44
C ALA T 154 -24.66 -22.87 23.89
N PHE T 155 -25.44 -23.90 24.28
CA PHE T 155 -26.78 -23.65 24.82
C PHE T 155 -26.72 -22.74 26.05
N ALA T 156 -25.68 -22.91 26.87
CA ALA T 156 -25.61 -22.14 28.11
C ALA T 156 -25.47 -20.65 27.80
N VAL T 157 -24.53 -20.29 26.92
CA VAL T 157 -24.27 -18.87 26.73
C VAL T 157 -25.26 -18.24 25.77
N PHE T 158 -25.95 -19.02 24.92
CA PHE T 158 -26.86 -18.43 23.94
C PHE T 158 -28.33 -18.53 24.35
N LEU T 159 -28.70 -19.45 25.23
CA LEU T 159 -30.11 -19.66 25.55
C LEU T 159 -30.39 -19.67 27.05
N ILE T 160 -29.67 -20.49 27.81
CA ILE T 160 -30.02 -20.64 29.22
C ILE T 160 -29.74 -19.35 30.00
N TYR T 161 -28.55 -18.78 29.83
CA TYR T 161 -28.26 -17.53 30.53
C TYR T 161 -29.25 -16.41 30.17
N PRO T 162 -29.57 -16.16 28.89
CA PRO T 162 -30.66 -15.20 28.60
C PRO T 162 -31.98 -15.56 29.28
N ILE T 163 -32.36 -16.85 29.32
CA ILE T 163 -33.61 -17.21 29.99
C ILE T 163 -33.56 -16.83 31.46
N GLY T 164 -32.47 -17.20 32.15
CA GLY T 164 -32.35 -16.88 33.56
C GLY T 164 -32.34 -15.39 33.82
N GLN T 165 -31.69 -14.63 32.96
CA GLN T 165 -31.60 -13.19 33.18
C GLN T 165 -32.75 -12.42 32.54
N GLY T 166 -33.63 -13.08 31.78
CA GLY T 166 -34.79 -12.43 31.21
C GLY T 166 -34.56 -11.66 29.92
N SER T 167 -33.45 -11.90 29.21
CA SER T 167 -33.22 -11.16 27.97
C SER T 167 -32.13 -11.78 27.12
N PHE T 168 -32.41 -11.90 25.82
CA PHE T 168 -31.35 -12.27 24.89
C PHE T 168 -30.29 -11.18 24.73
N SER T 169 -30.55 -9.96 25.22
CA SER T 169 -29.49 -8.95 25.22
C SER T 169 -28.32 -9.32 26.13
N ASP T 170 -28.51 -10.25 27.05
CA ASP T 170 -27.40 -10.75 27.87
C ASP T 170 -26.85 -12.08 27.35
N GLY T 171 -27.30 -12.56 26.19
CA GLY T 171 -26.64 -13.69 25.56
C GLY T 171 -25.27 -13.30 25.05
N MET T 172 -24.40 -14.28 24.86
CA MET T 172 -23.05 -13.97 24.41
C MET T 172 -23.12 -13.40 22.99
N PRO T 173 -22.46 -12.27 22.72
CA PRO T 173 -22.44 -11.73 21.35
C PRO T 173 -21.67 -12.64 20.42
N LEU T 174 -22.01 -12.54 19.12
CA LEU T 174 -21.35 -13.36 18.09
C LEU T 174 -20.15 -12.61 17.53
N GLY T 175 -19.12 -12.49 18.35
CA GLY T 175 -17.92 -11.79 17.93
C GLY T 175 -16.85 -11.92 18.99
N ILE T 176 -15.62 -11.63 18.58
CA ILE T 176 -14.45 -11.91 19.42
C ILE T 176 -14.39 -10.95 20.62
N SER T 177 -14.45 -9.63 20.37
CA SER T 177 -14.45 -8.69 21.49
C SER T 177 -15.76 -8.77 22.27
N GLY T 178 -16.87 -9.07 21.60
CA GLY T 178 -18.12 -9.26 22.31
C GLY T 178 -18.06 -10.43 23.29
N THR T 179 -17.30 -11.48 22.94
CA THR T 179 -17.10 -12.60 23.87
C THR T 179 -16.41 -12.11 25.15
N PHE T 180 -15.34 -11.31 25.00
CA PHE T 180 -14.61 -10.80 26.17
C PHE T 180 -15.51 -9.91 27.02
N ASN T 181 -16.37 -9.12 26.38
CA ASN T 181 -17.33 -8.28 27.12
C ASN T 181 -18.25 -9.16 27.97
N PHE T 182 -18.77 -10.22 27.36
CA PHE T 182 -19.61 -11.17 28.09
C PHE T 182 -18.87 -11.77 29.28
N MET T 183 -17.61 -12.17 29.09
CA MET T 183 -16.84 -12.80 30.18
C MET T 183 -16.62 -11.82 31.33
N ILE T 184 -16.25 -10.56 31.03
CA ILE T 184 -15.91 -9.59 32.08
C ILE T 184 -17.15 -9.22 32.88
N VAL T 185 -18.26 -8.95 32.18
CA VAL T 185 -19.50 -8.66 32.88
C VAL T 185 -19.93 -9.85 33.73
N PHE T 186 -19.79 -11.06 33.18
CA PHE T 186 -20.12 -12.27 33.92
C PHE T 186 -19.33 -12.37 35.22
N GLN T 187 -18.03 -12.07 35.17
CA GLN T 187 -17.22 -12.10 36.38
C GLN T 187 -17.71 -11.07 37.40
N ALA T 188 -18.09 -9.88 36.93
CA ALA T 188 -18.59 -8.84 37.83
C ALA T 188 -19.88 -9.27 38.49
N GLU T 189 -20.75 -9.97 37.77
CA GLU T 189 -22.10 -10.26 38.26
C GLU T 189 -22.22 -11.64 38.92
N HIS T 190 -21.23 -12.52 38.74
CA HIS T 190 -21.33 -13.85 39.29
C HIS T 190 -20.05 -14.34 39.95
N ASN T 191 -18.95 -13.59 39.90
CA ASN T 191 -17.66 -14.03 40.42
C ASN T 191 -17.37 -15.45 39.93
N ILE T 192 -17.50 -15.65 38.61
CA ILE T 192 -17.42 -17.00 38.07
C ILE T 192 -16.07 -17.64 38.38
N LEU T 193 -15.00 -16.84 38.48
CA LEU T 193 -13.69 -17.43 38.77
C LEU T 193 -13.71 -18.21 40.09
N MET T 194 -14.48 -17.73 41.07
CA MET T 194 -14.61 -18.38 42.38
C MET T 194 -15.69 -19.44 42.39
N HIS T 195 -16.22 -19.83 41.20
CA HIS T 195 -17.24 -20.88 41.21
C HIS T 195 -16.60 -22.23 40.94
N PRO T 196 -16.87 -23.27 41.74
CA PRO T 196 -16.16 -24.54 41.54
C PRO T 196 -16.45 -25.21 40.21
N PHE T 197 -17.61 -24.98 39.59
CA PHE T 197 -17.88 -25.60 38.29
C PHE T 197 -17.02 -24.98 37.20
N HIS T 198 -16.74 -23.68 37.27
CA HIS T 198 -15.81 -23.07 36.31
C HIS T 198 -14.39 -23.57 36.58
N GLN T 199 -14.06 -23.78 37.86
CA GLN T 199 -12.76 -24.34 38.19
C GLN T 199 -12.60 -25.75 37.64
N LEU T 200 -13.65 -26.57 37.73
CA LEU T 200 -13.62 -27.88 37.08
C LEU T 200 -13.48 -27.72 35.57
N GLY T 201 -14.14 -26.71 35.00
CA GLY T 201 -13.97 -26.43 33.59
C GLY T 201 -12.52 -26.19 33.21
N VAL T 202 -11.84 -25.33 33.99
CA VAL T 202 -10.44 -25.03 33.71
C VAL T 202 -9.59 -26.30 33.81
N ALA T 203 -9.81 -27.08 34.89
CA ALA T 203 -9.14 -28.37 35.02
C ALA T 203 -9.43 -29.26 33.82
N GLY T 204 -10.65 -29.19 33.30
CA GLY T 204 -10.98 -29.96 32.10
C GLY T 204 -10.17 -29.55 30.89
N VAL T 205 -10.07 -28.23 30.61
CA VAL T 205 -9.42 -27.81 29.37
C VAL T 205 -7.90 -27.75 29.53
N PHE T 206 -7.39 -27.28 30.68
CA PHE T 206 -5.96 -27.43 30.99
C PHE T 206 -5.56 -28.90 30.96
N GLY T 207 -6.35 -29.76 31.61
CA GLY T 207 -6.03 -31.17 31.65
C GLY T 207 -6.17 -31.81 30.28
N GLY T 208 -7.23 -31.43 29.55
CA GLY T 208 -7.36 -31.92 28.18
C GLY T 208 -6.15 -31.59 27.33
N ALA T 209 -5.68 -30.33 27.41
CA ALA T 209 -4.49 -29.93 26.65
C ALA T 209 -3.24 -30.68 27.09
N LEU T 210 -3.06 -30.83 28.40
CA LEU T 210 -1.92 -31.59 28.93
C LEU T 210 -1.95 -33.04 28.43
N PHE T 211 -3.09 -33.71 28.58
CA PHE T 211 -3.15 -35.13 28.20
C PHE T 211 -3.06 -35.30 26.69
N CYS T 212 -3.56 -34.32 25.94
CA CYS T 212 -3.37 -34.30 24.48
C CYS T 212 -1.88 -34.31 24.14
N ALA T 213 -1.13 -33.37 24.71
CA ALA T 213 0.31 -33.30 24.47
C ALA T 213 0.99 -34.56 24.94
N MET T 214 0.55 -35.07 26.09
CA MET T 214 1.12 -36.26 26.68
C MET T 214 0.91 -37.47 25.78
N HIS T 215 -0.34 -37.74 25.43
CA HIS T 215 -0.64 -38.88 24.58
C HIS T 215 0.08 -38.75 23.24
N GLY T 216 -0.03 -37.57 22.62
CA GLY T 216 0.71 -37.33 21.39
C GLY T 216 2.18 -37.63 21.51
N SER T 217 2.81 -37.15 22.58
CA SER T 217 4.26 -37.32 22.69
C SER T 217 4.61 -38.77 22.97
N LEU T 218 3.79 -39.48 23.75
CA LEU T 218 4.16 -40.85 24.11
C LEU T 218 4.04 -41.79 22.92
N VAL T 219 2.96 -41.69 22.14
CA VAL T 219 2.82 -42.52 20.95
C VAL T 219 3.91 -42.18 19.93
N THR T 220 4.13 -40.88 19.69
CA THR T 220 5.19 -40.45 18.80
C THR T 220 6.54 -40.95 19.28
N SER T 221 6.76 -40.99 20.61
CA SER T 221 8.04 -41.45 21.14
CA SER T 221 8.05 -41.44 21.11
C SER T 221 8.32 -42.90 20.80
N SER T 222 7.27 -43.71 20.58
CA SER T 222 7.39 -45.16 20.46
CA SER T 222 7.40 -45.16 20.46
C SER T 222 7.04 -45.67 19.07
N LEU T 223 7.05 -44.79 18.06
CA LEU T 223 6.85 -45.26 16.69
C LEU T 223 7.90 -46.30 16.33
N ILE T 224 7.47 -47.38 15.71
CA ILE T 224 8.40 -48.41 15.26
C ILE T 224 9.12 -47.94 14.00
N ARG T 225 10.43 -48.14 13.95
CA ARG T 225 11.24 -47.68 12.83
C ARG T 225 10.81 -48.37 11.54
N GLU T 226 10.35 -47.56 10.58
CA GLU T 226 9.87 -48.06 9.30
C GLU T 226 10.35 -47.20 8.14
N THR T 227 11.17 -46.18 8.40
CA THR T 227 11.57 -45.19 7.41
C THR T 227 13.06 -44.92 7.56
N THR T 228 13.61 -44.23 6.56
CA THR T 228 15.01 -43.81 6.58
C THR T 228 15.10 -42.38 7.12
N GLU T 229 16.34 -41.93 7.36
CA GLU T 229 16.59 -40.63 7.99
C GLU T 229 16.03 -39.46 7.18
N THR T 230 15.87 -39.61 5.87
CA THR T 230 15.43 -38.49 5.04
C THR T 230 13.91 -38.47 4.81
N GLU T 231 13.21 -39.54 5.16
CA GLU T 231 11.76 -39.58 5.02
C GLU T 231 11.07 -39.18 6.32
N SER T 232 9.91 -38.54 6.18
CA SER T 232 9.04 -38.33 7.32
C SER T 232 8.62 -39.68 7.89
N ALA T 233 8.66 -39.80 9.21
CA ALA T 233 8.28 -41.06 9.86
C ALA T 233 6.82 -41.41 9.63
N ASN T 234 6.00 -40.41 9.25
CA ASN T 234 4.58 -40.64 8.99
C ASN T 234 4.35 -41.63 7.84
N TYR T 235 5.29 -41.70 6.90
CA TYR T 235 5.19 -42.69 5.84
C TYR T 235 5.39 -44.10 6.35
N GLY T 236 5.85 -44.27 7.59
CA GLY T 236 5.95 -45.58 8.22
C GLY T 236 4.62 -46.20 8.59
N TYR T 237 3.54 -45.44 8.49
CA TYR T 237 2.19 -45.94 8.72
C TYR T 237 1.43 -45.91 7.41
N LYS T 238 0.76 -47.01 7.09
CA LYS T 238 -0.11 -47.09 5.91
C LYS T 238 -1.56 -47.17 6.39
N PHE T 239 -2.42 -46.34 5.81
CA PHE T 239 -3.82 -46.26 6.19
C PHE T 239 -4.50 -47.63 6.11
N GLY T 240 -5.07 -48.08 7.23
CA GLY T 240 -5.78 -49.33 7.24
C GLY T 240 -4.94 -50.57 7.48
N GLN T 241 -3.64 -50.42 7.75
CA GLN T 241 -2.82 -51.57 8.10
C GLN T 241 -3.32 -52.22 9.37
N GLU T 242 -3.10 -53.53 9.49
CA GLU T 242 -3.64 -54.28 10.61
C GLU T 242 -2.78 -54.12 11.87
N GLU T 243 -1.48 -53.96 11.73
CA GLU T 243 -0.60 -53.87 12.89
C GLU T 243 -0.61 -52.47 13.49
N GLU T 244 -0.53 -52.40 14.82
CA GLU T 244 -0.34 -51.12 15.47
C GLU T 244 1.00 -50.53 15.05
N THR T 245 1.05 -49.20 14.98
CA THR T 245 2.21 -48.53 14.42
C THR T 245 3.23 -48.10 15.47
N TYR T 246 2.90 -48.20 16.76
CA TYR T 246 3.83 -47.89 17.84
C TYR T 246 3.84 -49.02 18.86
N ASN T 247 4.86 -48.99 19.73
CA ASN T 247 5.11 -50.00 20.76
C ASN T 247 4.61 -49.47 22.11
N ILE T 248 3.35 -49.78 22.44
CA ILE T 248 2.75 -49.27 23.69
C ILE T 248 3.43 -49.84 24.93
N VAL T 249 4.11 -50.99 24.82
CA VAL T 249 4.90 -51.47 25.95
C VAL T 249 6.09 -50.57 26.20
N ALA T 250 6.75 -50.11 25.13
CA ALA T 250 7.85 -49.17 25.27
C ALA T 250 7.37 -47.86 25.88
N ALA T 251 6.26 -47.33 25.36
CA ALA T 251 5.73 -46.07 25.86
C ALA T 251 5.37 -46.18 27.34
N HIS T 252 4.69 -47.26 27.71
CA HIS T 252 4.33 -47.49 29.11
C HIS T 252 5.58 -47.63 29.97
N GLY T 253 6.58 -48.38 29.51
CA GLY T 253 7.82 -48.52 30.25
C GLY T 253 8.51 -47.19 30.50
N TYR T 254 8.41 -46.27 29.54
CA TYR T 254 8.93 -44.92 29.77
C TYR T 254 8.09 -44.20 30.81
N PHE T 255 6.76 -44.16 30.61
CA PHE T 255 5.94 -43.30 31.45
C PHE T 255 5.87 -43.82 32.88
N GLY T 256 5.84 -45.15 33.04
CA GLY T 256 5.85 -45.73 34.36
C GLY T 256 7.10 -45.42 35.15
N ARG T 257 8.22 -45.19 34.47
CA ARG T 257 9.40 -44.78 35.22
C ARG T 257 9.43 -43.27 35.47
N LEU T 258 8.78 -42.47 34.60
CA LEU T 258 8.75 -41.02 34.79
C LEU T 258 8.02 -40.64 36.07
N ILE T 259 6.84 -41.21 36.29
CA ILE T 259 6.12 -41.06 37.55
C ILE T 259 6.45 -42.27 38.41
N PHE T 260 5.53 -43.24 38.46
CA PHE T 260 5.81 -44.57 39.00
C PHE T 260 4.95 -45.56 38.22
N GLN T 261 5.35 -46.84 38.31
CA GLN T 261 4.85 -47.87 37.38
C GLN T 261 3.34 -47.88 37.29
N TYR T 262 2.66 -47.88 38.45
CA TYR T 262 1.21 -48.04 38.46
C TYR T 262 0.47 -46.78 38.04
N ALA T 263 1.15 -45.64 37.92
CA ALA T 263 0.52 -44.40 37.47
C ALA T 263 0.26 -44.36 35.97
N SER T 264 0.71 -45.36 35.23
CA SER T 264 0.63 -45.36 33.78
C SER T 264 -0.43 -46.33 33.29
N PHE T 265 -1.02 -46.02 32.13
CA PHE T 265 -1.96 -46.92 31.48
C PHE T 265 -1.20 -47.86 30.56
N ASN T 266 -1.39 -49.17 30.76
CA ASN T 266 -0.95 -50.11 29.75
C ASN T 266 -2.09 -50.58 28.86
N ASN T 267 -3.35 -50.35 29.28
CA ASN T 267 -4.53 -50.75 28.52
C ASN T 267 -4.93 -49.57 27.64
N SER T 268 -4.81 -49.76 26.33
CA SER T 268 -5.13 -48.68 25.42
C SER T 268 -6.60 -48.28 25.53
N ARG T 269 -7.49 -49.23 25.83
CA ARG T 269 -8.90 -48.89 25.96
C ARG T 269 -9.16 -48.02 27.18
N SER T 270 -8.55 -48.35 28.33
CA SER T 270 -8.69 -47.48 29.50
C SER T 270 -8.10 -46.10 29.23
N LEU T 271 -6.90 -46.07 28.63
CA LEU T 271 -6.24 -44.82 28.30
C LEU T 271 -7.15 -43.93 27.46
N HIS T 272 -7.68 -44.47 26.35
CA HIS T 272 -8.46 -43.62 25.46
C HIS T 272 -9.81 -43.25 26.08
N PHE T 273 -10.37 -44.12 26.94
CA PHE T 273 -11.56 -43.71 27.69
C PHE T 273 -11.26 -42.51 28.57
N PHE T 274 -10.12 -42.53 29.28
CA PHE T 274 -9.72 -41.41 30.12
C PHE T 274 -9.58 -40.15 29.30
N LEU T 275 -8.93 -40.24 28.14
CA LEU T 275 -8.77 -39.07 27.27
C LEU T 275 -10.11 -38.49 26.86
N ALA T 276 -11.10 -39.34 26.61
CA ALA T 276 -12.44 -38.84 26.33
C ALA T 276 -13.06 -38.21 27.58
N ALA T 277 -12.96 -38.89 28.72
CA ALA T 277 -13.77 -38.55 29.89
C ALA T 277 -13.31 -37.25 30.55
N TRP T 278 -12.01 -37.05 30.70
CA TRP T 278 -11.53 -35.90 31.47
C TRP T 278 -11.99 -34.56 30.89
N PRO T 279 -11.72 -34.23 29.60
CA PRO T 279 -12.22 -32.93 29.10
C PRO T 279 -13.72 -32.88 28.98
N VAL T 280 -14.38 -33.98 28.63
CA VAL T 280 -15.83 -33.97 28.47
C VAL T 280 -16.52 -33.67 29.80
N VAL T 281 -16.10 -34.35 30.88
CA VAL T 281 -16.71 -34.11 32.19
C VAL T 281 -16.45 -32.67 32.66
N GLY T 282 -15.20 -32.22 32.55
CA GLY T 282 -14.87 -30.86 32.97
C GLY T 282 -15.67 -29.81 32.22
N VAL T 283 -15.86 -30.00 30.90
CA VAL T 283 -16.62 -29.02 30.12
C VAL T 283 -18.12 -29.13 30.40
N TRP T 284 -18.62 -30.34 30.70
CA TRP T 284 -19.96 -30.48 31.24
C TRP T 284 -20.14 -29.60 32.46
N PHE T 285 -19.16 -29.64 33.37
CA PHE T 285 -19.26 -28.80 34.54
C PHE T 285 -19.14 -27.33 34.18
N ALA T 286 -18.28 -26.99 33.22
CA ALA T 286 -18.23 -25.60 32.76
C ALA T 286 -19.60 -25.13 32.31
N ALA T 287 -20.24 -25.92 31.46
CA ALA T 287 -21.56 -25.58 30.93
C ALA T 287 -22.58 -25.44 32.06
N LEU T 288 -22.49 -26.31 33.07
CA LEU T 288 -23.42 -26.24 34.19
C LEU T 288 -23.15 -25.04 35.08
N GLY T 289 -21.89 -24.61 35.16
CA GLY T 289 -21.57 -23.35 35.81
C GLY T 289 -22.34 -22.17 35.21
N ILE T 290 -22.22 -21.99 33.89
CA ILE T 290 -22.95 -20.91 33.23
C ILE T 290 -24.45 -21.09 33.42
N SER T 291 -24.93 -22.33 33.27
CA SER T 291 -26.36 -22.62 33.32
C SER T 291 -26.95 -22.49 34.73
N THR T 292 -26.13 -22.54 35.78
CA THR T 292 -26.64 -22.33 37.13
C THR T 292 -26.38 -20.92 37.64
N MET T 293 -25.27 -20.30 37.23
CA MET T 293 -25.16 -18.87 37.47
C MET T 293 -26.19 -18.11 36.65
N ALA T 294 -26.77 -18.77 35.64
CA ALA T 294 -27.92 -18.22 34.93
C ALA T 294 -29.08 -17.94 35.88
N PHE T 295 -29.17 -18.67 36.98
CA PHE T 295 -30.17 -18.45 38.00
C PHE T 295 -29.54 -17.90 39.28
N ASN T 296 -28.40 -17.25 39.13
CA ASN T 296 -27.79 -16.41 40.17
C ASN T 296 -27.38 -17.20 41.40
N LEU T 297 -27.00 -18.47 41.25
CA LEU T 297 -26.26 -19.15 42.31
C LEU T 297 -24.80 -18.97 41.91
N ASN T 298 -24.10 -18.06 42.59
CA ASN T 298 -22.85 -17.50 42.09
C ASN T 298 -21.65 -18.10 42.81
N GLY T 299 -20.45 -17.66 42.39
CA GLY T 299 -19.21 -18.16 42.96
C GLY T 299 -19.10 -17.84 44.43
N PHE T 300 -18.16 -18.52 45.10
CA PHE T 300 -17.94 -18.27 46.53
C PHE T 300 -17.67 -16.79 46.80
N ASN T 301 -18.24 -16.31 47.90
CA ASN T 301 -18.09 -14.93 48.34
C ASN T 301 -17.40 -14.94 49.69
N PHE T 302 -16.11 -14.59 49.71
CA PHE T 302 -15.36 -14.47 50.96
C PHE T 302 -15.01 -13.00 51.26
N ASN T 303 -15.85 -12.07 50.80
CA ASN T 303 -15.62 -10.65 51.02
C ASN T 303 -15.75 -10.31 52.49
N HIS T 304 -14.66 -9.81 53.08
CA HIS T 304 -14.59 -9.49 54.52
C HIS T 304 -14.76 -10.74 55.39
N SER T 305 -14.31 -11.91 54.90
CA SER T 305 -14.45 -13.14 55.70
C SER T 305 -13.47 -13.18 56.87
N VAL T 306 -12.33 -12.50 56.76
CA VAL T 306 -11.31 -12.53 57.78
C VAL T 306 -11.34 -11.21 58.54
N ILE T 307 -11.45 -11.32 59.88
CA ILE T 307 -11.71 -10.22 60.81
C ILE T 307 -10.73 -10.35 61.96
N ASP T 308 -10.13 -9.24 62.42
CA ASP T 308 -9.18 -9.32 63.52
C ASP T 308 -9.92 -9.21 64.86
N ALA T 309 -9.17 -9.16 65.97
CA ALA T 309 -9.79 -9.26 67.30
C ALA T 309 -10.70 -8.06 67.59
N LYS T 310 -10.32 -6.87 67.10
CA LYS T 310 -11.19 -5.72 67.32
C LYS T 310 -12.40 -5.75 66.41
N GLY T 311 -12.27 -6.34 65.23
CA GLY T 311 -13.28 -6.24 64.21
C GLY T 311 -12.83 -5.57 62.93
N ASN T 312 -11.57 -5.14 62.81
CA ASN T 312 -11.07 -4.68 61.53
C ASN T 312 -11.11 -5.82 60.51
N VAL T 313 -11.60 -5.51 59.31
CA VAL T 313 -11.47 -6.46 58.21
C VAL T 313 -10.01 -6.58 57.83
N ILE T 314 -9.52 -7.81 57.75
CA ILE T 314 -8.19 -8.12 57.22
C ILE T 314 -8.39 -8.70 55.81
N ASN T 315 -8.00 -7.92 54.80
CA ASN T 315 -8.21 -8.35 53.42
C ASN T 315 -7.49 -9.64 53.08
N THR T 316 -8.09 -10.42 52.19
CA THR T 316 -7.44 -11.53 51.54
C THR T 316 -7.46 -11.31 50.03
N TRP T 317 -6.84 -12.23 49.28
CA TRP T 317 -6.88 -12.11 47.83
C TRP T 317 -8.31 -12.09 47.31
N ALA T 318 -9.26 -12.68 48.04
CA ALA T 318 -10.65 -12.59 47.61
C ALA T 318 -11.15 -11.14 47.61
N ASP T 319 -10.72 -10.34 48.60
CA ASP T 319 -11.14 -8.93 48.63
C ASP T 319 -10.54 -8.14 47.48
N ILE T 320 -9.33 -8.50 47.03
CA ILE T 320 -8.74 -7.84 45.87
C ILE T 320 -9.53 -8.18 44.61
N ILE T 321 -9.93 -9.45 44.45
CA ILE T 321 -10.82 -9.82 43.35
C ILE T 321 -12.08 -8.95 43.38
N ASN T 322 -12.64 -8.79 44.58
CA ASN T 322 -13.86 -7.99 44.74
C ASN T 322 -13.65 -6.56 44.25
N ARG T 323 -12.48 -5.96 44.55
CA ARG T 323 -12.22 -4.60 44.05
C ARG T 323 -12.21 -4.55 42.53
N ALA T 324 -11.61 -5.55 41.88
CA ALA T 324 -11.62 -5.57 40.42
C ALA T 324 -13.05 -5.78 39.89
N ASN T 325 -13.79 -6.72 40.49
CA ASN T 325 -15.18 -6.93 40.09
C ASN T 325 -16.00 -5.66 40.20
N LEU T 326 -15.79 -4.88 41.28
CA LEU T 326 -16.51 -3.61 41.45
C LEU T 326 -16.25 -2.66 40.28
N GLY T 327 -15.00 -2.54 39.86
CA GLY T 327 -14.69 -1.69 38.71
C GLY T 327 -15.44 -2.11 37.46
N MET T 328 -15.54 -3.41 37.22
CA MET T 328 -16.34 -3.93 36.10
C MET T 328 -17.81 -3.57 36.28
N GLU T 329 -18.33 -3.83 37.48
CA GLU T 329 -19.73 -3.60 37.79
C GLU T 329 -20.14 -2.16 37.56
N VAL T 330 -19.40 -1.21 38.14
CA VAL T 330 -19.88 0.18 38.10
C VAL T 330 -19.76 0.75 36.69
N MET T 331 -18.88 0.20 35.84
CA MET T 331 -18.68 0.78 34.51
C MET T 331 -19.54 0.14 33.42
N HIS T 332 -19.94 -1.11 33.54
CA HIS T 332 -20.60 -1.78 32.42
C HIS T 332 -21.97 -1.15 32.16
N GLU T 333 -22.32 -1.03 30.88
CA GLU T 333 -23.61 -0.49 30.46
C GLU T 333 -23.92 0.80 31.23
N ARG T 334 -22.98 1.75 31.09
CA ARG T 334 -22.90 2.93 31.95
C ARG T 334 -24.15 3.81 31.90
N ASN T 335 -25.02 3.65 30.91
CA ASN T 335 -26.22 4.49 30.82
C ASN T 335 -27.51 3.75 31.09
N ALA T 336 -27.45 2.46 31.43
CA ALA T 336 -28.63 1.61 31.46
C ALA T 336 -29.30 1.48 32.82
N HIS T 337 -28.59 1.74 33.92
CA HIS T 337 -29.14 1.52 35.25
C HIS T 337 -29.60 2.84 35.86
N ASN T 338 -30.84 2.86 36.37
CA ASN T 338 -31.39 4.04 37.05
C ASN T 338 -31.50 3.88 38.56
N PHE T 339 -31.46 2.65 39.04
CA PHE T 339 -31.69 2.29 40.44
C PHE T 339 -30.46 1.55 40.97
N PRO T 340 -30.28 1.51 42.29
CA PRO T 340 -28.95 1.19 42.84
C PRO T 340 -28.51 -0.26 42.72
N LEU T 341 -29.43 -1.22 42.53
CA LEU T 341 -29.05 -2.63 42.46
C LEU T 341 -29.21 -3.15 41.04
N ASP T 342 -28.21 -3.88 40.56
CA ASP T 342 -28.28 -4.55 39.26
C ASP T 342 -28.85 -5.94 39.55
N LEU T 343 -30.16 -6.06 39.38
CA LEU T 343 -30.87 -7.27 39.78
C LEU T 343 -31.03 -8.29 38.65
N ALA T 344 -30.67 -7.92 37.42
CA ALA T 344 -30.52 -8.85 36.29
C ALA T 344 -29.68 -8.16 35.25
N GLY U 1 10.54 -37.95 -0.34
CA GLY U 1 11.58 -36.93 -0.30
C GLY U 1 11.71 -36.29 1.07
N LEU U 2 12.60 -35.31 1.17
CA LEU U 2 12.73 -34.54 2.40
C LEU U 2 11.49 -33.68 2.61
N PRO U 3 10.90 -33.67 3.79
CA PRO U 3 9.86 -32.68 4.08
C PRO U 3 10.43 -31.26 4.14
N TRP U 4 9.52 -30.29 4.02
CA TRP U 4 9.97 -28.91 3.87
C TRP U 4 10.83 -28.45 5.04
N TYR U 5 10.54 -28.92 6.26
CA TYR U 5 11.29 -28.45 7.41
C TYR U 5 12.65 -29.14 7.55
N ARG U 6 13.03 -30.02 6.63
CA ARG U 6 14.34 -30.67 6.69
C ARG U 6 15.25 -30.34 5.52
N VAL U 7 14.89 -29.40 4.65
CA VAL U 7 15.63 -29.21 3.39
C VAL U 7 17.10 -28.92 3.65
N HIS U 8 17.42 -28.23 4.76
CA HIS U 8 18.79 -27.79 4.97
C HIS U 8 19.69 -28.88 5.55
N THR U 9 19.14 -30.04 5.91
CA THR U 9 19.98 -31.14 6.39
C THR U 9 20.91 -31.68 5.31
N VAL U 10 20.72 -31.34 4.04
CA VAL U 10 21.65 -31.80 3.01
C VAL U 10 23.06 -31.29 3.24
N LEU U 11 23.23 -30.30 4.12
CA LEU U 11 24.54 -29.72 4.42
C LEU U 11 25.29 -30.45 5.52
N ILE U 12 24.65 -31.37 6.24
CA ILE U 12 25.28 -31.96 7.42
C ILE U 12 26.59 -32.67 7.08
N ASN U 13 26.62 -33.40 5.98
CA ASN U 13 27.81 -34.15 5.59
CA ASN U 13 27.79 -34.16 5.56
C ASN U 13 28.55 -33.50 4.42
N ASP U 14 28.41 -32.18 4.28
CA ASP U 14 28.99 -31.44 3.15
C ASP U 14 29.62 -30.16 3.71
N PRO U 15 30.84 -30.25 4.23
CA PRO U 15 31.45 -29.07 4.86
C PRO U 15 31.60 -27.87 3.93
N GLY U 16 31.96 -28.11 2.67
CA GLY U 16 32.12 -26.98 1.76
C GLY U 16 30.83 -26.23 1.53
N ARG U 17 29.71 -26.96 1.39
CA ARG U 17 28.45 -26.27 1.19
C ARG U 17 27.88 -25.71 2.48
N LEU U 18 28.26 -26.27 3.62
CA LEU U 18 27.91 -25.65 4.90
C LEU U 18 28.60 -24.30 5.04
N ILE U 19 29.90 -24.25 4.71
CA ILE U 19 30.60 -22.96 4.68
C ILE U 19 29.92 -21.99 3.72
N ALA U 20 29.55 -22.48 2.52
CA ALA U 20 28.86 -21.62 1.57
C ALA U 20 27.58 -21.06 2.17
N ALA U 21 26.78 -21.92 2.82
CA ALA U 21 25.54 -21.47 3.45
C ALA U 21 25.83 -20.46 4.56
N HIS U 22 26.87 -20.72 5.37
CA HIS U 22 27.23 -19.78 6.42
C HIS U 22 27.72 -18.47 5.82
N LEU U 23 28.44 -18.55 4.70
CA LEU U 23 28.83 -17.34 3.98
C LEU U 23 27.60 -16.56 3.53
N MET U 24 26.61 -17.25 2.96
CA MET U 24 25.43 -16.54 2.48
C MET U 24 24.68 -15.89 3.63
N HIS U 25 24.56 -16.58 4.77
CA HIS U 25 23.91 -15.98 5.93
C HIS U 25 24.67 -14.74 6.38
N THR U 26 26.00 -14.84 6.41
CA THR U 26 26.80 -13.69 6.80
C THR U 26 26.62 -12.53 5.83
N ALA U 27 26.55 -12.81 4.53
CA ALA U 27 26.32 -11.73 3.57
C ALA U 27 24.99 -11.07 3.81
N LEU U 28 23.96 -11.87 4.10
CA LEU U 28 22.64 -11.29 4.32
C LEU U 28 22.63 -10.41 5.56
N VAL U 29 23.32 -10.83 6.62
CA VAL U 29 23.30 -10.06 7.86
C VAL U 29 24.07 -8.74 7.67
N ALA U 30 25.25 -8.81 7.06
CA ALA U 30 26.02 -7.60 6.81
C ALA U 30 25.28 -6.66 5.86
N GLY U 31 24.57 -7.22 4.87
CA GLY U 31 23.77 -6.38 3.99
C GLY U 31 22.63 -5.71 4.72
N TRP U 32 22.02 -6.41 5.67
CA TRP U 32 20.99 -5.80 6.50
C TRP U 32 21.56 -4.63 7.29
N ALA U 33 22.73 -4.81 7.90
CA ALA U 33 23.34 -3.73 8.68
C ALA U 33 23.57 -2.52 7.80
N GLY U 34 24.18 -2.72 6.62
CA GLY U 34 24.41 -1.62 5.69
C GLY U 34 23.12 -0.96 5.23
N SER U 35 22.14 -1.76 4.80
CA SER U 35 20.85 -1.23 4.40
C SER U 35 20.16 -0.48 5.53
N MET U 36 20.22 -1.03 6.74
CA MET U 36 19.56 -0.40 7.87
C MET U 36 20.18 0.95 8.17
N ALA U 37 21.51 1.01 8.12
CA ALA U 37 22.18 2.28 8.41
C ALA U 37 21.84 3.34 7.35
N LEU U 38 21.76 2.93 6.09
CA LEU U 38 21.42 3.89 5.03
C LEU U 38 20.00 4.41 5.19
N TYR U 39 19.05 3.53 5.51
CA TYR U 39 17.68 3.98 5.73
C TYR U 39 17.60 4.96 6.89
N GLU U 40 18.35 4.69 7.98
CA GLU U 40 18.30 5.59 9.11
C GLU U 40 18.91 6.93 8.77
N LEU U 41 20.04 6.94 8.05
CA LEU U 41 20.64 8.19 7.62
C LEU U 41 19.70 8.98 6.70
N ALA U 42 18.91 8.30 5.89
CA ALA U 42 17.95 8.98 5.03
C ALA U 42 16.77 9.55 5.80
N THR U 43 16.58 9.15 7.05
CA THR U 43 15.43 9.61 7.81
C THR U 43 15.84 10.36 9.07
N PHE U 44 17.09 10.25 9.50
CA PHE U 44 17.50 10.84 10.76
C PHE U 44 17.60 12.37 10.66
N ASP U 45 17.03 13.05 11.65
CA ASP U 45 17.17 14.50 11.79
C ASP U 45 18.27 14.82 12.80
N PRO U 46 19.43 15.30 12.36
CA PRO U 46 20.54 15.57 13.30
C PRO U 46 20.53 16.94 13.97
N SER U 47 19.47 17.74 13.81
CA SER U 47 19.53 19.14 14.19
C SER U 47 19.29 19.41 15.68
N ASP U 48 18.92 18.43 16.49
CA ASP U 48 18.58 18.70 17.89
C ASP U 48 18.82 17.47 18.77
N PRO U 49 20.06 17.26 19.20
CA PRO U 49 20.31 16.17 20.16
C PRO U 49 19.72 16.43 21.53
N VAL U 50 19.15 17.61 21.80
CA VAL U 50 18.56 17.87 23.11
C VAL U 50 17.15 17.33 23.18
N LEU U 51 16.26 17.79 22.29
CA LEU U 51 14.87 17.39 22.36
C LEU U 51 14.42 16.49 21.22
N ASN U 52 15.28 16.22 20.25
CA ASN U 52 15.00 15.22 19.22
C ASN U 52 16.19 14.31 18.97
N PRO U 53 16.72 13.67 20.01
CA PRO U 53 17.84 12.73 19.79
C PRO U 53 17.40 11.49 19.04
N MET U 54 18.39 10.65 18.69
CA MET U 54 18.13 9.47 17.86
C MET U 54 17.06 8.57 18.46
N TRP U 55 17.04 8.42 19.80
CA TRP U 55 16.13 7.45 20.39
C TRP U 55 14.67 7.91 20.37
N ARG U 56 14.42 9.18 20.10
CA ARG U 56 13.07 9.67 19.83
C ARG U 56 12.64 9.36 18.42
N GLN U 57 13.58 9.04 17.55
CA GLN U 57 13.32 8.94 16.12
C GLN U 57 13.31 7.49 15.64
N GLY U 58 13.24 6.53 16.56
CA GLY U 58 13.16 5.16 16.13
C GLY U 58 14.42 4.61 15.52
N MET U 59 15.58 5.19 15.89
CA MET U 59 16.86 4.75 15.34
C MET U 59 17.36 3.53 16.11
N PHE U 60 17.71 2.47 15.38
CA PHE U 60 18.09 1.19 15.95
C PHE U 60 19.59 0.90 15.80
N VAL U 61 20.16 1.09 14.60
CA VAL U 61 21.59 0.81 14.45
C VAL U 61 22.46 2.04 14.68
N LEU U 62 21.92 3.25 14.47
CA LEU U 62 22.66 4.46 14.80
C LEU U 62 23.27 4.44 16.21
N PRO U 63 22.55 4.08 17.29
CA PRO U 63 23.20 4.03 18.60
C PRO U 63 24.35 3.02 18.70
N PHE U 64 24.32 1.92 17.95
CA PHE U 64 25.41 0.97 18.02
C PHE U 64 26.67 1.49 17.32
N MET U 65 26.52 2.24 16.24
CA MET U 65 27.69 2.87 15.64
C MET U 65 28.29 3.91 16.60
N ALA U 66 27.43 4.72 17.22
CA ALA U 66 27.90 5.76 18.13
C ALA U 66 28.54 5.15 19.38
N ARG U 67 28.02 4.02 19.85
CA ARG U 67 28.53 3.42 21.07
C ARG U 67 30.04 3.16 20.97
N LEU U 68 30.52 2.79 19.79
CA LEU U 68 31.91 2.39 19.60
C LEU U 68 32.76 3.47 18.92
N GLY U 69 32.22 4.66 18.72
CA GLY U 69 33.03 5.79 18.26
C GLY U 69 32.66 6.37 16.92
N VAL U 70 31.69 5.83 16.19
CA VAL U 70 31.26 6.45 14.93
C VAL U 70 30.14 7.41 15.27
N THR U 71 30.47 8.70 15.29
CA THR U 71 29.53 9.73 15.70
C THR U 71 29.31 10.82 14.66
N GLY U 72 30.04 10.81 13.54
CA GLY U 72 29.93 11.91 12.60
C GLY U 72 29.46 11.50 11.22
N SER U 73 28.92 12.48 10.47
CA SER U 73 28.50 12.28 9.09
C SER U 73 29.47 12.97 8.15
N TRP U 74 29.64 12.39 6.95
CA TRP U 74 30.41 13.06 5.91
C TRP U 74 29.80 14.40 5.56
N SER U 75 28.53 14.61 5.90
CA SER U 75 27.85 15.87 5.60
CA SER U 75 27.84 15.86 5.60
C SER U 75 28.12 16.95 6.63
N GLY U 76 28.97 16.68 7.62
CA GLY U 76 29.47 17.70 8.51
C GLY U 76 28.92 17.72 9.92
N TRP U 77 27.84 17.01 10.22
CA TRP U 77 27.30 17.04 11.57
C TRP U 77 27.84 15.89 12.42
N SER U 78 27.73 16.05 13.74
CA SER U 78 28.02 15.00 14.69
C SER U 78 26.79 14.76 15.57
N ILE U 79 26.68 13.56 16.16
CA ILE U 79 25.48 13.29 16.94
C ILE U 79 25.49 14.02 18.28
N THR U 80 26.61 14.60 18.69
CA THR U 80 26.59 15.49 19.85
C THR U 80 26.28 16.94 19.46
N GLY U 81 25.83 17.20 18.23
CA GLY U 81 25.40 18.52 17.85
C GLY U 81 26.47 19.45 17.30
N GLU U 82 27.64 18.91 16.95
CA GLU U 82 28.69 19.75 16.40
C GLU U 82 28.50 20.00 14.91
N THR U 83 29.15 21.04 14.43
CA THR U 83 29.19 21.42 13.02
C THR U 83 30.65 21.41 12.54
N GLY U 84 30.82 21.17 11.25
CA GLY U 84 32.13 21.23 10.63
C GLY U 84 33.15 20.23 11.15
N ILE U 85 32.70 19.00 11.46
CA ILE U 85 33.63 17.96 11.88
C ILE U 85 34.01 17.13 10.66
N ASP U 86 35.26 16.66 10.65
CA ASP U 86 35.71 15.70 9.65
C ASP U 86 35.85 14.34 10.33
N PRO U 87 34.91 13.43 10.11
CA PRO U 87 35.03 12.09 10.70
C PRO U 87 36.01 11.18 9.97
N GLY U 88 36.60 11.64 8.87
CA GLY U 88 37.37 10.74 8.04
C GLY U 88 36.42 9.80 7.30
N PHE U 89 36.97 8.66 6.87
CA PHE U 89 36.13 7.69 6.18
C PHE U 89 35.09 7.08 7.12
N TRP U 90 35.45 6.88 8.39
CA TRP U 90 34.60 6.08 9.29
C TRP U 90 33.51 6.95 9.91
N SER U 91 32.73 7.55 9.02
CA SER U 91 31.46 8.16 9.32
C SER U 91 30.36 7.09 9.33
N PHE U 92 29.14 7.50 9.73
CA PHE U 92 27.99 6.60 9.56
C PHE U 92 27.90 6.09 8.14
N GLU U 93 28.08 6.99 7.15
CA GLU U 93 28.00 6.56 5.75
C GLU U 93 29.13 5.60 5.40
N GLY U 94 30.35 5.87 5.88
CA GLY U 94 31.44 4.96 5.60
C GLY U 94 31.20 3.58 6.20
N VAL U 95 30.70 3.53 7.42
CA VAL U 95 30.37 2.24 8.04
C VAL U 95 29.37 1.49 7.19
N ALA U 96 28.32 2.18 6.72
CA ALA U 96 27.32 1.53 5.91
C ALA U 96 27.91 1.01 4.61
N LEU U 97 28.71 1.84 3.94
CA LEU U 97 29.36 1.42 2.70
C LEU U 97 30.21 0.18 2.92
N ALA U 98 31.01 0.17 4.00
CA ALA U 98 31.86 -0.98 4.30
C ALA U 98 31.04 -2.27 4.43
N HIS U 99 29.88 -2.19 5.07
CA HIS U 99 29.06 -3.39 5.26
C HIS U 99 28.44 -3.87 3.95
N ILE U 100 28.05 -2.94 3.06
CA ILE U 100 27.52 -3.34 1.77
C ILE U 100 28.59 -4.03 0.93
N VAL U 101 29.80 -3.48 0.92
CA VAL U 101 30.88 -4.12 0.16
C VAL U 101 31.19 -5.49 0.74
N LEU U 102 31.30 -5.58 2.06
CA LEU U 102 31.52 -6.86 2.72
C LEU U 102 30.44 -7.87 2.33
N SER U 103 29.18 -7.43 2.34
CA SER U 103 28.09 -8.31 1.94
C SER U 103 28.33 -8.88 0.54
N GLY U 104 28.73 -8.04 -0.41
CA GLY U 104 28.96 -8.51 -1.77
C GLY U 104 30.10 -9.50 -1.86
N LEU U 105 31.23 -9.20 -1.20
CA LEU U 105 32.36 -10.11 -1.21
C LEU U 105 32.00 -11.45 -0.58
N LEU U 106 31.25 -11.43 0.51
CA LEU U 106 30.82 -12.69 1.14
C LEU U 106 29.90 -13.46 0.21
N PHE U 107 29.04 -12.74 -0.51
CA PHE U 107 28.16 -13.39 -1.48
C PHE U 107 28.98 -14.11 -2.56
N LEU U 108 30.02 -13.45 -3.07
CA LEU U 108 30.86 -14.07 -4.09
C LEU U 108 31.60 -15.29 -3.53
N ALA U 109 32.12 -15.19 -2.32
CA ALA U 109 32.78 -16.35 -1.70
C ALA U 109 31.80 -17.49 -1.49
N ALA U 110 30.54 -17.19 -1.17
CA ALA U 110 29.55 -18.26 -1.02
C ALA U 110 29.39 -19.03 -2.33
N CYS U 111 29.32 -18.32 -3.46
CA CYS U 111 29.22 -18.98 -4.76
C CYS U 111 30.38 -19.93 -5.00
N TRP U 112 31.61 -19.46 -4.73
CA TRP U 112 32.78 -20.28 -4.96
C TRP U 112 32.75 -21.54 -4.11
N HIS U 113 32.45 -21.40 -2.82
CA HIS U 113 32.46 -22.59 -1.97
C HIS U 113 31.29 -23.52 -2.30
N TRP U 114 30.19 -22.99 -2.83
CA TRP U 114 29.09 -23.85 -3.24
C TRP U 114 29.46 -24.69 -4.45
N VAL U 115 30.12 -24.10 -5.46
CA VAL U 115 30.52 -24.84 -6.65
C VAL U 115 31.67 -25.79 -6.32
N TYR U 116 32.71 -25.28 -5.67
CA TYR U 116 33.89 -26.11 -5.37
C TYR U 116 33.79 -26.69 -3.96
N TRP U 117 32.73 -27.46 -3.74
CA TRP U 117 32.48 -28.04 -2.43
C TRP U 117 33.43 -29.18 -2.10
N ASP U 118 33.97 -29.84 -3.11
CA ASP U 118 34.72 -31.08 -2.91
C ASP U 118 36.21 -30.78 -2.78
N LEU U 119 36.55 -30.11 -1.68
CA LEU U 119 37.94 -29.79 -1.41
C LEU U 119 38.58 -30.90 -0.62
N GLU U 120 39.84 -31.21 -0.96
CA GLU U 120 40.55 -32.27 -0.25
C GLU U 120 40.63 -31.98 1.24
N LEU U 121 40.66 -30.69 1.61
CA LEU U 121 40.70 -30.29 3.01
C LEU U 121 39.58 -30.92 3.84
N PHE U 122 38.40 -31.07 3.24
CA PHE U 122 37.22 -31.55 3.95
C PHE U 122 37.13 -33.07 4.02
N ARG U 123 38.11 -33.80 3.51
CA ARG U 123 38.09 -35.25 3.52
C ARG U 123 39.04 -35.76 4.59
N ASP U 124 38.63 -36.84 5.24
CA ASP U 124 39.49 -37.55 6.15
C ASP U 124 40.55 -38.28 5.34
N PRO U 125 41.84 -38.02 5.57
CA PRO U 125 42.87 -38.73 4.78
C PRO U 125 42.77 -40.24 4.90
N ARG U 126 42.39 -40.75 6.08
CA ARG U 126 42.28 -42.18 6.29
C ARG U 126 41.08 -42.77 5.53
N THR U 127 39.88 -42.26 5.79
CA THR U 127 38.68 -42.90 5.29
C THR U 127 38.23 -42.36 3.93
N GLY U 128 38.69 -41.18 3.55
CA GLY U 128 38.15 -40.52 2.39
C GLY U 128 36.74 -40.00 2.54
N GLU U 129 36.20 -40.06 3.73
CA GLU U 129 34.87 -39.52 4.01
C GLU U 129 34.99 -38.05 4.39
N PRO U 130 33.92 -37.27 4.20
CA PRO U 130 33.92 -35.91 4.73
C PRO U 130 34.12 -35.93 6.24
N ALA U 131 34.96 -35.02 6.73
CA ALA U 131 35.31 -35.02 8.14
C ALA U 131 35.77 -33.64 8.56
N LEU U 132 35.24 -33.16 9.68
CA LEU U 132 35.72 -31.96 10.35
C LEU U 132 36.18 -32.33 11.76
N ASP U 133 37.42 -31.97 12.09
CA ASP U 133 37.91 -32.21 13.45
C ASP U 133 37.39 -31.09 14.35
N LEU U 134 36.14 -31.25 14.78
CA LEU U 134 35.47 -30.22 15.56
C LEU U 134 36.19 -29.85 16.86
N PRO U 135 36.78 -30.76 17.62
CA PRO U 135 37.54 -30.30 18.81
C PRO U 135 38.65 -29.33 18.46
N LYS U 136 39.45 -29.59 17.41
CA LYS U 136 40.53 -28.67 17.09
C LYS U 136 39.99 -27.38 16.45
N MET U 137 38.94 -27.49 15.65
CA MET U 137 38.31 -26.29 15.14
C MET U 137 37.89 -25.38 16.27
N PHE U 138 37.35 -25.95 17.35
CA PHE U 138 36.97 -25.12 18.49
C PHE U 138 38.18 -24.37 19.05
N GLY U 139 39.31 -25.07 19.21
CA GLY U 139 40.51 -24.40 19.70
C GLY U 139 40.97 -23.29 18.78
N ILE U 140 41.02 -23.55 17.48
CA ILE U 140 41.43 -22.52 16.53
C ILE U 140 40.53 -21.31 16.63
N HIS U 141 39.21 -21.52 16.58
CA HIS U 141 38.27 -20.40 16.61
C HIS U 141 38.27 -19.69 17.97
N LEU U 142 38.47 -20.44 19.08
CA LEU U 142 38.54 -19.80 20.40
C LEU U 142 39.79 -18.94 20.53
N PHE U 143 40.93 -19.44 20.03
CA PHE U 143 42.14 -18.65 20.01
C PHE U 143 41.94 -17.35 19.23
N LEU U 144 41.34 -17.45 18.03
CA LEU U 144 41.08 -16.25 17.24
C LEU U 144 40.13 -15.31 17.96
N ALA U 145 39.07 -15.86 18.56
CA ALA U 145 38.14 -15.05 19.33
C ALA U 145 38.84 -14.36 20.50
N GLY U 146 39.76 -15.05 21.16
CA GLY U 146 40.51 -14.43 22.25
C GLY U 146 41.34 -13.26 21.78
N LEU U 147 42.03 -13.42 20.65
CA LEU U 147 42.88 -12.34 20.12
CA LEU U 147 42.88 -12.35 20.13
C LEU U 147 42.05 -11.13 19.76
N LEU U 148 40.94 -11.34 19.06
CA LEU U 148 40.09 -10.22 18.67
C LEU U 148 39.51 -9.53 19.90
N CYS U 149 39.05 -10.31 20.87
CA CYS U 149 38.51 -9.77 22.12
C CYS U 149 39.55 -8.95 22.86
N PHE U 150 40.76 -9.50 23.04
CA PHE U 150 41.83 -8.77 23.69
C PHE U 150 42.16 -7.48 22.95
N GLY U 151 42.38 -7.57 21.64
CA GLY U 151 42.75 -6.38 20.89
C GLY U 151 41.65 -5.33 20.94
N PHE U 152 40.40 -5.77 20.89
CA PHE U 152 39.29 -4.84 21.03
C PHE U 152 39.35 -4.08 22.34
N GLY U 153 39.65 -4.78 23.44
CA GLY U 153 39.74 -4.10 24.72
C GLY U 153 41.01 -3.27 24.87
N ALA U 154 42.16 -3.83 24.46
CA ALA U 154 43.44 -3.19 24.74
C ALA U 154 43.75 -2.02 23.81
N PHE U 155 43.20 -2.00 22.59
CA PHE U 155 43.49 -0.95 21.63
C PHE U 155 42.28 -0.07 21.33
N HIS U 156 41.12 -0.66 21.02
CA HIS U 156 39.98 0.16 20.65
C HIS U 156 39.40 0.87 21.87
N LEU U 157 39.01 0.12 22.89
CA LEU U 157 38.30 0.74 24.01
C LEU U 157 39.21 1.67 24.83
N THR U 158 40.50 1.35 24.94
CA THR U 158 41.43 2.22 25.66
C THR U 158 41.74 3.51 24.94
N GLY U 159 41.43 3.61 23.65
CA GLY U 159 41.93 4.68 22.81
C GLY U 159 43.39 4.57 22.42
N LEU U 160 44.08 3.54 22.89
CA LEU U 160 45.51 3.36 22.56
C LEU U 160 45.71 3.22 21.06
N PHE U 161 44.78 2.55 20.38
CA PHE U 161 44.79 2.53 18.92
C PHE U 161 43.33 2.30 18.50
N GLY U 162 42.56 3.38 18.53
CA GLY U 162 41.12 3.34 18.34
C GLY U 162 40.43 4.48 19.06
N PRO U 163 39.11 4.55 18.95
CA PRO U 163 38.40 5.77 19.37
C PRO U 163 37.92 5.77 20.82
N GLY U 164 37.84 4.60 21.46
CA GLY U 164 37.27 4.52 22.79
C GLY U 164 35.82 4.10 22.76
N MET U 165 35.01 4.59 23.70
CA MET U 165 33.60 4.19 23.74
C MET U 165 32.78 5.33 24.31
N TRP U 166 31.48 5.26 24.10
CA TRP U 166 30.57 6.27 24.63
C TRP U 166 30.50 6.17 26.14
N VAL U 167 30.69 7.33 26.79
CA VAL U 167 30.56 7.51 28.24
C VAL U 167 29.79 8.81 28.46
N SER U 168 29.17 8.92 29.64
CA SER U 168 28.39 10.10 29.96
C SER U 168 28.36 10.31 31.47
N ASP U 169 27.84 11.46 31.88
CA ASP U 169 27.57 11.77 33.28
C ASP U 169 26.36 10.96 33.75
N PRO U 170 26.11 10.88 35.06
CA PRO U 170 25.00 10.05 35.56
C PRO U 170 23.63 10.48 35.05
N TYR U 171 23.48 11.67 34.47
CA TYR U 171 22.16 12.11 34.01
C TYR U 171 22.08 12.25 32.50
N GLY U 172 23.03 11.69 31.77
CA GLY U 172 22.95 11.63 30.32
C GLY U 172 22.85 13.00 29.68
N LEU U 173 23.63 13.95 30.16
CA LEU U 173 23.62 15.30 29.62
C LEU U 173 24.79 15.60 28.71
N THR U 174 25.95 14.98 28.94
CA THR U 174 27.17 15.39 28.27
C THR U 174 27.91 14.21 27.68
N GLY U 175 27.19 13.28 27.06
CA GLY U 175 27.83 12.08 26.54
C GLY U 175 28.75 12.40 25.39
N SER U 176 29.82 11.61 25.29
CA SER U 176 30.75 11.68 24.16
C SER U 176 31.57 10.40 24.15
N VAL U 177 32.29 10.20 23.05
CA VAL U 177 33.21 9.08 22.94
C VAL U 177 34.53 9.47 23.56
N GLN U 178 35.04 8.61 24.44
CA GLN U 178 36.26 8.88 25.18
C GLN U 178 37.07 7.59 25.25
N PRO U 179 38.38 7.70 25.36
CA PRO U 179 39.18 6.53 25.75
C PRO U 179 38.85 6.15 27.18
N VAL U 180 38.84 4.84 27.46
CA VAL U 180 38.48 4.35 28.80
C VAL U 180 39.56 3.39 29.26
N ALA U 181 40.14 3.67 30.46
CA ALA U 181 41.13 2.80 31.08
C ALA U 181 40.46 1.61 31.76
N PRO U 182 41.12 0.46 31.80
CA PRO U 182 40.56 -0.68 32.51
C PRO U 182 40.49 -0.43 34.02
N GLU U 183 39.43 -0.93 34.64
CA GLU U 183 39.27 -0.92 36.09
C GLU U 183 39.55 -2.35 36.60
N TRP U 184 40.62 -2.51 37.38
CA TRP U 184 41.05 -3.83 37.81
C TRP U 184 40.64 -4.16 39.24
N GLY U 185 39.93 -3.27 39.92
CA GLY U 185 39.39 -3.57 41.22
C GLY U 185 37.97 -4.10 41.15
N PRO U 186 37.34 -4.33 42.31
CA PRO U 186 35.98 -4.90 42.30
C PRO U 186 34.95 -4.03 41.60
N ASP U 187 35.20 -2.72 41.46
CA ASP U 187 34.25 -1.90 40.71
C ASP U 187 34.24 -2.23 39.22
N GLY U 188 35.17 -3.06 38.74
CA GLY U 188 35.10 -3.55 37.37
C GLY U 188 33.90 -4.44 37.09
N PHE U 189 33.28 -4.99 38.12
CA PHE U 189 32.10 -5.84 37.95
C PHE U 189 30.80 -5.07 38.19
N ASN U 190 30.89 -3.77 38.43
CA ASN U 190 29.75 -2.86 38.44
C ASN U 190 29.29 -2.62 37.02
N PRO U 191 28.06 -3.01 36.64
CA PRO U 191 27.63 -2.85 35.24
C PRO U 191 27.62 -1.41 34.75
N TYR U 192 27.63 -0.43 35.64
CA TYR U 192 27.61 0.97 35.24
C TYR U 192 29.01 1.58 35.13
N ASN U 193 30.07 0.81 35.44
CA ASN U 193 31.44 1.28 35.30
C ASN U 193 32.01 0.90 33.93
N PRO U 194 32.24 1.86 33.02
CA PRO U 194 32.78 1.49 31.70
C PRO U 194 34.19 0.90 31.75
N GLY U 195 35.01 1.28 32.74
CA GLY U 195 36.33 0.67 32.85
C GLY U 195 36.27 -0.83 33.05
N GLY U 196 35.16 -1.33 33.62
CA GLY U 196 34.96 -2.76 33.72
C GLY U 196 34.75 -3.42 32.37
N VAL U 197 34.16 -2.69 31.41
CA VAL U 197 34.01 -3.23 30.07
C VAL U 197 35.38 -3.42 29.43
N VAL U 198 36.28 -2.46 29.67
CA VAL U 198 37.62 -2.55 29.11
C VAL U 198 38.40 -3.69 29.76
N ALA U 199 38.38 -3.75 31.09
CA ALA U 199 39.08 -4.83 31.80
C ALA U 199 38.55 -6.20 31.39
N HIS U 200 37.23 -6.32 31.24
CA HIS U 200 36.67 -7.60 30.80
C HIS U 200 37.30 -8.06 29.49
N HIS U 201 37.34 -7.18 28.48
CA HIS U 201 37.80 -7.66 27.18
C HIS U 201 39.29 -7.98 27.18
N ILE U 202 40.08 -7.26 27.98
CA ILE U 202 41.49 -7.59 28.12
C ILE U 202 41.66 -8.93 28.82
N ALA U 203 40.98 -9.12 29.96
CA ALA U 203 41.16 -10.33 30.76
C ALA U 203 40.52 -11.55 30.10
N ALA U 204 39.25 -11.42 29.69
CA ALA U 204 38.60 -12.56 29.04
C ALA U 204 39.28 -12.89 27.72
N GLY U 205 39.80 -11.86 27.03
CA GLY U 205 40.54 -12.12 25.81
C GLY U 205 41.78 -12.96 26.04
N ILE U 206 42.55 -12.62 27.09
CA ILE U 206 43.74 -13.40 27.41
C ILE U 206 43.35 -14.83 27.78
N VAL U 207 42.26 -14.98 28.54
CA VAL U 207 41.78 -16.31 28.90
C VAL U 207 41.39 -17.10 27.66
N GLY U 208 40.70 -16.44 26.72
CA GLY U 208 40.33 -17.11 25.48
C GLY U 208 41.53 -17.55 24.66
N ILE U 209 42.61 -16.76 24.70
CA ILE U 209 43.83 -17.18 24.01
C ILE U 209 44.42 -18.43 24.67
N ILE U 210 44.45 -18.45 26.00
CA ILE U 210 45.05 -19.57 26.71
C ILE U 210 44.19 -20.83 26.52
N ALA U 211 42.87 -20.70 26.72
CA ALA U 211 41.99 -21.83 26.52
C ALA U 211 42.00 -22.30 25.07
N GLY U 212 42.08 -21.36 24.13
CA GLY U 212 42.22 -21.74 22.73
C GLY U 212 43.45 -22.59 22.49
N LEU U 213 44.58 -22.17 23.05
CA LEU U 213 45.79 -22.95 22.89
C LEU U 213 45.63 -24.33 23.51
N PHE U 214 44.99 -24.39 24.68
CA PHE U 214 44.66 -25.68 25.30
C PHE U 214 43.84 -26.54 24.34
N HIS U 215 42.76 -25.97 23.78
CA HIS U 215 41.88 -26.78 22.95
C HIS U 215 42.50 -27.09 21.60
N ILE U 216 43.54 -26.35 21.20
CA ILE U 216 44.30 -26.72 20.01
C ILE U 216 45.20 -27.90 20.29
N LEU U 217 45.80 -27.94 21.49
CA LEU U 217 46.88 -28.85 21.78
C LEU U 217 46.49 -30.12 22.52
N VAL U 218 45.34 -30.14 23.22
CA VAL U 218 44.94 -31.27 24.04
C VAL U 218 43.66 -31.89 23.50
N ARG U 219 43.68 -33.20 23.26
CA ARG U 219 42.53 -33.91 22.73
C ARG U 219 41.44 -34.10 23.79
N PRO U 220 40.18 -34.18 23.37
CA PRO U 220 39.10 -34.41 24.33
C PRO U 220 39.27 -35.75 25.01
N PRO U 221 38.87 -35.85 26.27
CA PRO U 221 38.79 -37.18 26.90
C PRO U 221 37.83 -38.07 26.14
N GLN U 222 38.18 -39.35 26.04
CA GLN U 222 37.31 -40.33 25.41
C GLN U 222 35.93 -40.34 26.06
N ARG U 223 35.88 -40.23 27.40
CA ARG U 223 34.60 -40.14 28.10
C ARG U 223 33.76 -38.96 27.60
N LEU U 224 34.38 -37.79 27.39
CA LEU U 224 33.59 -36.64 26.96
C LEU U 224 33.28 -36.70 25.47
N TYR U 225 34.22 -37.21 24.66
CA TYR U 225 34.00 -37.34 23.22
C TYR U 225 32.78 -38.20 22.95
N LYS U 226 32.69 -39.33 23.65
CA LYS U 226 31.56 -40.25 23.50
C LYS U 226 30.28 -39.63 24.04
N ALA U 227 30.33 -39.08 25.25
CA ALA U 227 29.11 -38.58 25.90
C ALA U 227 28.54 -37.35 25.20
N LEU U 228 29.39 -36.45 24.68
CA LEU U 228 28.87 -35.28 24.00
C LEU U 228 28.80 -35.47 22.49
N ARG U 229 29.14 -36.66 21.99
CA ARG U 229 29.07 -36.98 20.56
C ARG U 229 29.89 -36.00 19.73
N MET U 230 31.16 -35.86 20.09
CA MET U 230 32.00 -34.85 19.46
C MET U 230 32.31 -35.15 18.00
N GLY U 231 31.94 -36.32 17.49
CA GLY U 231 32.00 -36.54 16.07
C GLY U 231 30.78 -36.06 15.31
N ASN U 232 29.77 -35.56 16.00
CA ASN U 232 28.51 -35.16 15.38
C ASN U 232 28.41 -33.62 15.40
N ILE U 233 28.41 -33.01 14.22
CA ILE U 233 28.39 -31.55 14.17
C ILE U 233 27.14 -30.99 14.84
N GLU U 234 26.07 -31.76 14.90
CA GLU U 234 24.87 -31.26 15.56
C GLU U 234 25.06 -31.08 17.06
N THR U 235 26.05 -31.75 17.67
CA THR U 235 26.31 -31.43 19.06
C THR U 235 26.75 -29.98 19.20
N VAL U 236 27.53 -29.50 18.25
CA VAL U 236 28.00 -28.12 18.32
C VAL U 236 26.83 -27.17 18.12
N LEU U 237 25.90 -27.51 17.22
CA LEU U 237 24.71 -26.68 17.06
C LEU U 237 23.92 -26.58 18.37
N SER U 238 23.84 -27.69 19.13
CA SER U 238 23.09 -27.66 20.39
CA SER U 238 23.11 -27.69 20.40
C SER U 238 23.72 -26.72 21.40
N SER U 239 25.01 -26.90 21.71
CA SER U 239 25.62 -26.09 22.75
C SER U 239 25.86 -24.66 22.28
N SER U 240 26.08 -24.44 20.98
CA SER U 240 26.18 -23.07 20.49
C SER U 240 24.87 -22.32 20.67
N ILE U 241 23.74 -22.98 20.39
CA ILE U 241 22.44 -22.33 20.55
C ILE U 241 22.22 -21.97 22.03
N ALA U 242 22.65 -22.85 22.94
CA ALA U 242 22.54 -22.55 24.38
C ALA U 242 23.37 -21.33 24.74
N ALA U 243 24.62 -21.26 24.27
CA ALA U 243 25.45 -20.10 24.57
C ALA U 243 24.80 -18.83 24.05
N VAL U 244 24.18 -18.93 22.88
CA VAL U 244 23.59 -17.77 22.23
C VAL U 244 22.32 -17.33 22.98
N PHE U 245 21.51 -18.27 23.49
CA PHE U 245 20.33 -17.77 24.19
C PHE U 245 20.72 -17.20 25.55
N PHE U 246 21.77 -17.74 26.16
CA PHE U 246 22.31 -17.13 27.37
C PHE U 246 22.72 -15.68 27.08
N ALA U 247 23.52 -15.46 26.03
CA ALA U 247 23.92 -14.10 25.66
C ALA U 247 22.72 -13.22 25.35
N ALA U 248 21.71 -13.76 24.67
CA ALA U 248 20.56 -12.94 24.31
C ALA U 248 19.79 -12.47 25.54
N PHE U 249 19.60 -13.34 26.54
CA PHE U 249 18.97 -12.93 27.79
C PHE U 249 19.79 -11.84 28.48
N VAL U 250 21.12 -11.98 28.47
CA VAL U 250 21.97 -11.00 29.13
C VAL U 250 21.83 -9.61 28.48
N VAL U 251 21.90 -9.54 27.14
CA VAL U 251 21.83 -8.22 26.50
C VAL U 251 20.43 -7.65 26.65
N ALA U 252 19.40 -8.51 26.71
CA ALA U 252 18.06 -8.00 27.01
C ALA U 252 18.01 -7.42 28.41
N GLY U 253 18.65 -8.06 29.38
CA GLY U 253 18.62 -7.56 30.74
C GLY U 253 19.36 -6.23 30.90
N THR U 254 20.56 -6.14 30.33
CA THR U 254 21.32 -4.90 30.46
C THR U 254 20.70 -3.77 29.66
N MET U 255 20.01 -4.08 28.57
CA MET U 255 19.26 -3.05 27.87
C MET U 255 18.12 -2.52 28.75
N TRP U 256 17.40 -3.41 29.44
CA TRP U 256 16.23 -2.95 30.18
C TRP U 256 16.60 -2.24 31.49
N TYR U 257 17.59 -2.74 32.22
CA TYR U 257 18.00 -2.11 33.48
C TYR U 257 19.04 -1.02 33.29
N GLY U 258 19.74 -1.01 32.17
CA GLY U 258 20.79 -0.03 31.95
C GLY U 258 22.15 -0.55 32.38
N SER U 259 23.17 -0.08 31.69
CA SER U 259 24.56 -0.38 32.01
C SER U 259 25.43 0.63 31.27
N ALA U 260 26.74 0.57 31.53
CA ALA U 260 27.70 1.38 30.80
C ALA U 260 27.62 1.14 29.31
N THR U 261 27.05 0.02 28.87
CA THR U 261 26.95 -0.24 27.44
C THR U 261 25.58 -0.01 26.85
N THR U 262 24.62 0.50 27.62
CA THR U 262 23.33 0.92 27.07
C THR U 262 23.00 2.34 27.54
N PRO U 263 23.78 3.33 27.10
CA PRO U 263 23.65 4.69 27.66
C PRO U 263 22.37 5.36 27.21
N ILE U 264 21.87 6.26 28.07
CA ILE U 264 20.54 6.81 27.87
C ILE U 264 20.49 7.81 26.71
N GLU U 265 21.62 8.43 26.35
CA GLU U 265 21.63 9.30 25.19
C GLU U 265 21.59 8.54 23.88
N LEU U 266 21.87 7.23 23.90
CA LEU U 266 21.82 6.45 22.68
C LEU U 266 20.53 5.64 22.54
N PHE U 267 20.04 5.08 23.65
CA PHE U 267 18.85 4.23 23.63
C PHE U 267 17.65 4.84 24.36
N GLY U 268 17.82 5.95 25.05
CA GLY U 268 16.76 6.57 25.80
C GLY U 268 16.82 6.16 27.27
N PRO U 269 16.09 6.86 28.12
CA PRO U 269 16.08 6.51 29.56
C PRO U 269 15.42 5.15 29.82
N THR U 270 15.63 4.64 31.04
CA THR U 270 15.01 3.38 31.43
C THR U 270 13.66 3.63 32.09
N ARG U 271 12.86 2.56 32.20
CA ARG U 271 11.60 2.68 32.94
C ARG U 271 11.86 2.91 34.42
N TYR U 272 12.99 2.42 34.95
CA TYR U 272 13.23 2.51 36.38
C TYR U 272 13.60 3.92 36.78
N GLN U 273 14.11 4.72 35.84
CA GLN U 273 14.37 6.12 36.17
C GLN U 273 13.07 6.88 36.42
N TRP U 274 12.00 6.54 35.69
CA TRP U 274 10.70 7.09 36.02
C TRP U 274 10.18 6.52 37.33
N ASP U 275 10.30 5.20 37.54
CA ASP U 275 9.82 4.56 38.77
C ASP U 275 10.38 5.23 40.01
N SER U 276 11.67 5.53 40.01
CA SER U 276 12.32 6.08 41.19
C SER U 276 12.45 7.59 41.13
N SER U 277 11.81 8.24 40.13
CA SER U 277 11.87 9.70 39.98
C SER U 277 13.32 10.19 39.99
N TYR U 278 14.16 9.48 39.24
CA TYR U 278 15.59 9.74 39.22
C TYR U 278 15.90 11.16 38.74
N PHE U 279 15.29 11.57 37.62
CA PHE U 279 15.56 12.89 37.10
C PHE U 279 14.86 13.98 37.89
N GLN U 280 13.64 13.73 38.37
CA GLN U 280 12.95 14.72 39.19
C GLN U 280 13.77 15.06 40.44
N GLN U 281 14.40 14.07 41.05
CA GLN U 281 15.21 14.32 42.25
C GLN U 281 16.41 15.21 41.94
N GLU U 282 17.04 15.00 40.79
CA GLU U 282 18.20 15.81 40.43
C GLU U 282 17.77 17.22 40.05
N ILE U 283 16.64 17.34 39.36
CA ILE U 283 16.10 18.66 39.06
C ILE U 283 15.82 19.42 40.36
N ASN U 284 15.13 18.78 41.30
CA ASN U 284 14.81 19.43 42.58
C ASN U 284 16.07 19.78 43.36
N ARG U 285 17.08 18.91 43.30
CA ARG U 285 18.34 19.21 43.98
C ARG U 285 18.99 20.46 43.40
N ARG U 286 18.99 20.60 42.07
CA ARG U 286 19.57 21.79 41.45
CA ARG U 286 19.58 21.80 41.47
C ARG U 286 18.76 23.03 41.79
N VAL U 287 17.43 22.91 41.75
CA VAL U 287 16.56 24.06 42.04
C VAL U 287 16.80 24.56 43.46
N GLN U 288 16.84 23.63 44.41
CA GLN U 288 17.05 24.02 45.81
C GLN U 288 18.43 24.63 46.02
N ALA U 289 19.45 24.11 45.33
CA ALA U 289 20.78 24.71 45.45
C ALA U 289 20.79 26.13 44.88
N SER U 290 20.11 26.35 43.75
CA SER U 290 19.96 27.69 43.21
C SER U 290 19.25 28.61 44.21
N LEU U 291 18.13 28.16 44.77
CA LEU U 291 17.40 28.97 45.74
C LEU U 291 18.25 29.25 46.97
N ALA U 292 18.99 28.25 47.44
CA ALA U 292 19.83 28.46 48.62
C ALA U 292 20.91 29.50 48.38
N SER U 293 21.30 29.70 47.12
CA SER U 293 22.32 30.69 46.80
C SER U 293 21.73 32.06 46.45
N GLY U 294 20.43 32.25 46.67
CA GLY U 294 19.81 33.55 46.47
C GLY U 294 19.05 33.71 45.17
N ALA U 295 18.95 32.67 44.34
CA ALA U 295 18.22 32.79 43.09
C ALA U 295 16.74 33.04 43.36
N THR U 296 16.10 33.76 42.44
CA THR U 296 14.66 33.77 42.43
C THR U 296 14.13 32.44 41.87
N LEU U 297 12.83 32.22 42.05
CA LEU U 297 12.23 30.98 41.56
C LEU U 297 12.34 30.89 40.05
N GLU U 298 12.10 32.01 39.35
CA GLU U 298 12.26 32.02 37.90
C GLU U 298 13.70 31.68 37.51
N GLU U 299 14.68 32.23 38.22
CA GLU U 299 16.07 31.95 37.93
C GLU U 299 16.42 30.49 38.21
N ALA U 300 15.98 29.95 39.36
CA ALA U 300 16.32 28.57 39.71
C ALA U 300 15.85 27.60 38.64
N TRP U 301 14.60 27.75 38.20
CA TRP U 301 14.07 26.83 37.20
C TRP U 301 14.65 27.10 35.81
N SER U 302 14.93 28.37 35.49
CA SER U 302 15.54 28.70 34.21
C SER U 302 16.96 28.14 34.07
N ALA U 303 17.63 27.87 35.18
CA ALA U 303 18.94 27.23 35.14
C ALA U 303 18.89 25.72 34.87
N ILE U 304 17.70 25.10 34.81
CA ILE U 304 17.61 23.67 34.54
C ILE U 304 17.74 23.43 33.03
N PRO U 305 18.68 22.59 32.59
CA PRO U 305 18.79 22.29 31.14
C PRO U 305 17.52 21.61 30.63
N GLU U 306 17.05 22.08 29.46
CA GLU U 306 15.91 21.44 28.80
CA GLU U 306 15.89 21.44 28.85
C GLU U 306 16.10 19.93 28.71
N LYS U 307 17.33 19.49 28.43
CA LYS U 307 17.60 18.08 28.27
C LYS U 307 17.30 17.31 29.55
N LEU U 308 17.63 17.89 30.70
CA LEU U 308 17.35 17.25 31.98
C LEU U 308 15.85 17.17 32.23
N ALA U 309 15.14 18.26 31.99
CA ALA U 309 13.69 18.26 32.13
C ALA U 309 13.03 17.22 31.24
N PHE U 310 13.57 17.05 30.02
CA PHE U 310 12.97 16.14 29.06
C PHE U 310 13.10 14.68 29.50
N TYR U 311 14.17 14.35 30.23
CA TYR U 311 14.27 13.01 30.78
C TYR U 311 13.17 12.75 31.83
N ASP U 312 12.70 13.80 32.48
CA ASP U 312 11.69 13.70 33.53
C ASP U 312 10.29 13.80 32.97
N TYR U 313 10.02 13.03 31.92
CA TYR U 313 8.76 13.07 31.19
C TYR U 313 8.41 11.66 30.76
N ILE U 314 7.15 11.26 31.02
CA ILE U 314 6.79 9.86 30.85
C ILE U 314 6.75 9.44 29.38
N GLY U 315 6.61 10.38 28.45
CA GLY U 315 6.64 9.99 27.04
C GLY U 315 7.98 9.46 26.58
N ASN U 316 9.01 9.59 27.41
CA ASN U 316 10.30 9.01 27.12
C ASN U 316 10.56 7.73 27.91
N ASN U 317 9.58 7.31 28.71
CA ASN U 317 9.64 6.05 29.44
C ASN U 317 9.39 4.89 28.50
N PRO U 318 10.33 3.93 28.37
CA PRO U 318 10.15 2.83 27.40
C PRO U 318 9.05 1.84 27.77
N ALA U 319 8.46 1.95 28.95
CA ALA U 319 7.38 1.08 29.38
C ALA U 319 6.01 1.70 29.13
N LYS U 320 5.91 2.67 28.22
CA LYS U 320 4.64 3.32 27.96
C LYS U 320 4.08 3.01 26.57
N GLY U 321 4.68 2.06 25.86
CA GLY U 321 4.32 1.79 24.47
C GLY U 321 3.25 0.72 24.25
N GLY U 322 3.23 0.21 23.03
CA GLY U 322 2.26 -0.82 22.64
C GLY U 322 2.85 -1.67 21.53
N LEU U 323 2.45 -2.96 21.51
CA LEU U 323 3.05 -3.92 20.59
C LEU U 323 2.89 -3.52 19.13
N PHE U 324 1.75 -2.93 18.78
CA PHE U 324 1.47 -2.56 17.41
C PHE U 324 1.44 -1.05 17.17
N ARG U 325 1.89 -0.25 18.13
CA ARG U 325 2.10 1.17 17.95
C ARG U 325 3.50 1.33 17.37
N THR U 326 3.58 1.40 16.05
CA THR U 326 4.86 1.26 15.36
C THR U 326 5.55 2.60 15.15
N GLY U 327 6.86 2.54 14.97
CA GLY U 327 7.61 3.68 14.51
C GLY U 327 8.29 4.41 15.64
N PRO U 328 8.73 5.64 15.35
CA PRO U 328 9.45 6.43 16.34
C PRO U 328 8.52 6.99 17.40
N MET U 329 9.09 7.28 18.56
CA MET U 329 8.33 7.97 19.61
C MET U 329 7.70 9.27 19.10
N ASN U 330 8.37 9.96 18.18
CA ASN U 330 7.84 11.22 17.66
C ASN U 330 6.48 11.03 17.01
N LYS U 331 6.20 9.82 16.51
CA LYS U 331 4.91 9.52 15.90
C LYS U 331 3.78 9.57 16.92
N GLY U 332 4.09 9.46 18.21
CA GLY U 332 3.08 9.49 19.24
C GLY U 332 2.82 10.88 19.79
N ASP U 333 3.61 11.30 20.78
CA ASP U 333 3.35 12.61 21.36
C ASP U 333 3.79 13.77 20.47
N GLY U 334 4.62 13.53 19.46
CA GLY U 334 5.07 14.56 18.54
C GLY U 334 6.57 14.77 18.63
N ILE U 335 7.06 15.69 17.80
CA ILE U 335 8.47 16.08 17.85
C ILE U 335 8.59 17.19 18.90
N ALA U 336 9.33 16.90 19.98
CA ALA U 336 9.46 17.89 21.04
C ALA U 336 10.17 19.12 20.54
N GLN U 337 9.62 20.29 20.88
CA GLN U 337 10.15 21.59 20.44
C GLN U 337 10.83 22.37 21.55
N ALA U 338 10.19 22.45 22.73
CA ALA U 338 10.69 23.30 23.81
C ALA U 338 10.03 22.87 25.11
N TRP U 339 10.78 23.00 26.20
CA TRP U 339 10.20 22.90 27.53
C TRP U 339 9.25 24.08 27.76
N LYS U 340 8.05 23.80 28.23
CA LYS U 340 7.19 24.91 28.60
C LYS U 340 7.59 25.55 29.92
N GLY U 341 8.45 24.89 30.69
CA GLY U 341 8.77 25.36 32.04
C GLY U 341 8.03 24.55 33.09
N HIS U 342 8.46 24.75 34.33
CA HIS U 342 7.91 23.99 35.46
C HIS U 342 6.61 24.63 35.94
N ALA U 343 5.55 23.83 35.94
CA ALA U 343 4.24 24.25 36.43
C ALA U 343 4.17 24.09 37.94
N VAL U 344 3.79 25.18 38.61
CA VAL U 344 3.55 25.20 40.05
C VAL U 344 2.07 25.51 40.25
N PHE U 345 1.36 24.59 40.86
CA PHE U 345 -0.07 24.71 41.10
C PHE U 345 -0.32 25.22 42.52
N ARG U 346 -1.29 26.12 42.66
CA ARG U 346 -1.66 26.65 43.97
CA ARG U 346 -1.66 26.69 43.95
C ARG U 346 -3.18 26.74 44.05
N ASN U 347 -3.69 26.57 45.27
CA ASN U 347 -5.11 26.77 45.51
C ASN U 347 -5.37 28.24 45.89
N LYS U 348 -6.62 28.59 46.20
CA LYS U 348 -6.96 29.99 46.47
C LYS U 348 -6.27 30.50 47.72
N GLU U 349 -5.99 29.60 48.67
CA GLU U 349 -5.25 29.94 49.88
C GLU U 349 -3.78 30.19 49.60
N GLY U 350 -3.27 29.82 48.42
CA GLY U 350 -1.87 30.03 48.09
C GLY U 350 -0.95 28.86 48.39
N GLU U 351 -1.47 27.72 48.87
CA GLU U 351 -0.64 26.55 49.13
CA GLU U 351 -0.62 26.57 49.12
C GLU U 351 -0.23 25.88 47.82
N GLU U 352 1.05 25.48 47.74
CA GLU U 352 1.51 24.75 46.58
C GLU U 352 0.95 23.33 46.59
N LEU U 353 0.41 22.91 45.45
CA LEU U 353 -0.18 21.60 45.25
C LEU U 353 0.62 20.84 44.21
N PHE U 354 0.66 19.52 44.35
CA PHE U 354 1.48 18.69 43.48
C PHE U 354 0.61 17.66 42.77
N VAL U 355 0.73 17.60 41.44
CA VAL U 355 -0.05 16.65 40.66
C VAL U 355 0.52 15.25 40.84
N ARG U 356 -0.35 14.30 41.17
CA ARG U 356 0.08 12.92 41.32
C ARG U 356 0.46 12.36 39.94
N ARG U 357 1.70 11.92 39.81
CA ARG U 357 2.17 11.45 38.51
C ARG U 357 1.61 10.08 38.13
N MET U 358 1.55 9.85 36.82
CA MET U 358 1.08 8.59 36.25
C MET U 358 2.13 7.49 36.41
N PRO U 359 1.81 6.36 37.03
CA PRO U 359 2.70 5.18 36.98
C PRO U 359 2.68 4.53 35.60
N ALA U 360 3.80 3.86 35.27
CA ALA U 360 3.92 3.25 33.94
C ALA U 360 2.80 2.25 33.65
N PHE U 361 2.22 1.63 34.70
CA PHE U 361 1.22 0.59 34.50
C PHE U 361 -0.07 1.09 33.84
N PHE U 362 -0.38 2.39 33.95
CA PHE U 362 -1.71 2.92 33.67
C PHE U 362 -1.80 3.58 32.28
N GLU U 363 -2.65 3.04 31.41
CA GLU U 363 -2.91 3.70 30.13
C GLU U 363 -3.56 5.07 30.31
N SER U 364 -4.40 5.20 31.35
CA SER U 364 -5.04 6.47 31.69
C SER U 364 -4.95 6.61 33.21
N PHE U 365 -5.10 7.86 33.70
CA PHE U 365 -4.91 8.11 35.12
C PHE U 365 -5.66 9.36 35.55
N PRO U 366 -6.28 9.40 36.73
CA PRO U 366 -7.01 10.59 37.16
C PRO U 366 -6.07 11.75 37.50
N VAL U 367 -6.63 12.95 37.62
CA VAL U 367 -5.91 14.16 37.98
C VAL U 367 -6.24 14.49 39.44
N ILE U 368 -5.25 14.31 40.33
CA ILE U 368 -5.38 14.51 41.77
C ILE U 368 -4.19 15.33 42.23
N LEU U 369 -4.45 16.37 43.02
CA LEU U 369 -3.42 17.27 43.51
C LEU U 369 -3.39 17.18 45.02
N THR U 370 -2.18 17.05 45.60
CA THR U 370 -1.99 16.98 47.04
C THR U 370 -1.08 18.13 47.51
N ASP U 371 -1.15 18.43 48.81
CA ASP U 371 -0.18 19.35 49.40
C ASP U 371 1.13 18.62 49.66
N LYS U 372 2.08 19.32 50.28
CA LYS U 372 3.39 18.72 50.49
C LYS U 372 3.33 17.50 51.42
N ASN U 373 2.29 17.38 52.25
CA ASN U 373 2.13 16.25 53.16
C ASN U 373 1.30 15.13 52.58
N GLY U 374 0.99 15.16 51.29
CA GLY U 374 0.18 14.13 50.69
C GLY U 374 -1.32 14.23 50.92
N VAL U 375 -1.81 15.30 51.52
CA VAL U 375 -3.26 15.47 51.69
C VAL U 375 -3.87 15.94 50.37
N VAL U 376 -4.93 15.25 49.93
CA VAL U 376 -5.60 15.66 48.70
C VAL U 376 -6.23 17.03 48.91
N LYS U 377 -6.01 17.91 47.95
CA LYS U 377 -6.51 19.28 47.99
C LYS U 377 -7.32 19.68 46.78
N ALA U 378 -7.18 18.99 45.66
CA ALA U 378 -7.98 19.29 44.47
C ALA U 378 -7.92 18.09 43.54
N ASP U 379 -8.88 18.01 42.63
CA ASP U 379 -8.87 16.98 41.61
C ASP U 379 -9.78 17.41 40.46
N ILE U 380 -9.85 16.58 39.44
CA ILE U 380 -10.83 16.74 38.37
C ILE U 380 -11.88 15.66 38.57
N PRO U 381 -13.09 16.01 38.98
CA PRO U 381 -14.10 14.99 39.31
C PRO U 381 -14.64 14.30 38.06
N PHE U 382 -15.12 13.08 38.27
CA PHE U 382 -15.87 12.33 37.27
C PHE U 382 -17.35 12.68 37.44
N ARG U 383 -18.00 12.08 38.43
CA ARG U 383 -19.30 12.60 38.88
C ARG U 383 -19.14 14.00 39.48
N ARG U 384 -20.04 14.90 39.09
CA ARG U 384 -20.00 16.29 39.55
C ARG U 384 -20.90 16.57 40.72
N ALA U 385 -22.01 15.83 40.87
CA ALA U 385 -23.05 16.27 41.79
C ALA U 385 -22.58 16.32 43.24
N GLU U 386 -21.52 15.60 43.59
CA GLU U 386 -21.02 15.63 44.97
C GLU U 386 -19.55 16.00 45.00
N SER U 387 -19.11 16.75 44.00
CA SER U 387 -17.73 17.22 43.93
C SER U 387 -17.43 18.16 45.09
N LYS U 388 -16.26 17.97 45.67
CA LYS U 388 -15.77 18.83 46.74
C LYS U 388 -14.41 19.42 46.46
N TYR U 389 -13.64 18.83 45.55
CA TYR U 389 -12.25 19.21 45.33
C TYR U 389 -12.03 19.78 43.94
N SER U 390 -13.08 20.16 43.22
CA SER U 390 -12.88 20.65 41.86
C SER U 390 -11.98 21.88 41.85
N PHE U 391 -11.29 22.07 40.72
CA PHE U 391 -10.44 23.26 40.58
C PHE U 391 -11.24 24.54 40.76
N GLU U 392 -12.52 24.53 40.35
CA GLU U 392 -13.34 25.71 40.50
C GLU U 392 -13.66 25.99 41.97
N GLN U 393 -13.97 24.94 42.76
CA GLN U 393 -14.24 25.14 44.18
C GLN U 393 -12.99 25.57 44.94
N GLN U 394 -11.84 25.07 44.55
CA GLN U 394 -10.61 25.29 45.29
C GLN U 394 -9.78 26.43 44.74
N GLY U 395 -10.23 27.06 43.66
CA GLY U 395 -9.54 28.18 43.04
C GLY U 395 -8.14 27.87 42.57
N VAL U 396 -7.95 26.72 41.90
CA VAL U 396 -6.61 26.29 41.56
C VAL U 396 -6.06 27.14 40.43
N THR U 397 -4.84 27.64 40.60
CA THR U 397 -4.10 28.34 39.56
C THR U 397 -2.81 27.59 39.26
N VAL U 398 -2.16 27.95 38.16
CA VAL U 398 -0.86 27.38 37.80
C VAL U 398 0.06 28.51 37.33
N SER U 399 1.28 28.54 37.86
CA SER U 399 2.34 29.46 37.45
C SER U 399 3.51 28.67 36.89
N PHE U 400 4.16 29.21 35.87
CA PHE U 400 5.26 28.53 35.21
C PHE U 400 6.58 29.24 35.49
N TYR U 401 7.62 28.45 35.77
CA TYR U 401 8.96 28.97 36.01
C TYR U 401 9.94 28.23 35.11
N GLY U 402 10.76 28.99 34.39
CA GLY U 402 11.61 28.44 33.35
C GLY U 402 10.81 28.23 32.08
N GLY U 403 11.53 27.85 31.01
CA GLY U 403 10.93 27.45 29.73
C GLY U 403 10.11 28.54 29.04
N GLU U 404 9.30 28.09 28.08
CA GLU U 404 8.52 29.03 27.26
C GLU U 404 7.59 29.90 28.11
N LEU U 405 6.92 29.31 29.09
CA LEU U 405 5.88 30.02 29.82
C LEU U 405 6.40 30.72 31.05
N ASN U 406 7.71 30.81 31.20
CA ASN U 406 8.32 31.40 32.39
C ASN U 406 7.68 32.73 32.75
N GLY U 407 7.32 32.86 34.03
CA GLY U 407 6.74 34.07 34.53
C GLY U 407 5.26 34.23 34.28
N GLN U 408 4.61 33.28 33.62
CA GLN U 408 3.19 33.39 33.33
C GLN U 408 2.35 32.63 34.34
N THR U 409 1.13 33.11 34.55
CA THR U 409 0.18 32.54 35.48
C THR U 409 -1.17 32.42 34.78
N PHE U 410 -1.81 31.26 34.97
CA PHE U 410 -3.11 30.97 34.38
C PHE U 410 -4.12 30.72 35.51
N THR U 411 -5.32 31.27 35.35
CA THR U 411 -6.40 31.13 36.33
C THR U 411 -7.70 30.59 35.75
N ASP U 412 -7.87 30.58 34.43
CA ASP U 412 -9.08 30.04 33.80
C ASP U 412 -9.13 28.53 34.01
N PRO U 413 -10.14 28.00 34.70
CA PRO U 413 -10.09 26.59 35.16
C PRO U 413 -9.85 25.59 34.04
N PRO U 414 -10.54 25.70 32.88
CA PRO U 414 -10.21 24.73 31.81
C PRO U 414 -8.75 24.75 31.41
N THR U 415 -8.14 25.95 31.34
CA THR U 415 -6.72 26.02 31.01
C THR U 415 -5.86 25.41 32.13
N VAL U 416 -6.17 25.72 33.38
CA VAL U 416 -5.43 25.15 34.51
C VAL U 416 -5.57 23.63 34.52
N LYS U 417 -6.77 23.13 34.23
CA LYS U 417 -6.99 21.70 34.17
C LYS U 417 -6.21 21.05 33.03
N SER U 418 -6.10 21.73 31.88
CA SER U 418 -5.34 21.16 30.77
C SER U 418 -3.87 20.99 31.14
N TYR U 419 -3.28 22.01 31.77
CA TYR U 419 -1.89 21.87 32.21
C TYR U 419 -1.75 20.77 33.27
N ALA U 420 -2.73 20.64 34.15
CA ALA U 420 -2.66 19.60 35.17
C ALA U 420 -2.66 18.22 34.54
N ARG U 421 -3.45 18.03 33.47
CA ARG U 421 -3.45 16.77 32.74
C ARG U 421 -2.10 16.47 32.12
N LYS U 422 -1.36 17.50 31.70
CA LYS U 422 0.00 17.28 31.21
C LYS U 422 0.96 16.96 32.34
N ALA U 423 0.72 17.52 33.53
CA ALA U 423 1.62 17.34 34.67
C ALA U 423 1.64 15.90 35.20
N ILE U 424 0.62 15.10 34.93
CA ILE U 424 0.72 13.71 35.36
C ILE U 424 1.80 12.99 34.58
N PHE U 425 2.24 13.55 33.45
CA PHE U 425 3.33 12.97 32.66
C PHE U 425 4.71 13.47 33.10
N GLY U 426 4.79 14.31 34.13
CA GLY U 426 6.06 14.91 34.52
C GLY U 426 6.20 16.30 33.94
N GLU U 427 7.42 16.72 33.58
CA GLU U 427 7.62 18.05 33.01
C GLU U 427 6.90 18.19 31.67
N ILE U 428 6.43 19.42 31.39
CA ILE U 428 5.53 19.71 30.28
C ILE U 428 6.32 20.30 29.11
N PHE U 429 6.06 19.77 27.91
CA PHE U 429 6.74 20.21 26.68
C PHE U 429 5.74 20.62 25.61
N GLU U 430 6.21 21.45 24.70
CA GLU U 430 5.50 21.75 23.47
C GLU U 430 5.98 20.83 22.35
N PHE U 431 5.03 20.28 21.60
CA PHE U 431 5.34 19.32 20.56
C PHE U 431 4.82 19.79 19.20
N ASP U 432 5.59 19.47 18.14
CA ASP U 432 5.12 19.56 16.77
C ASP U 432 4.42 18.24 16.45
N THR U 433 3.09 18.26 16.43
CA THR U 433 2.29 17.08 16.12
C THR U 433 1.87 17.01 14.65
N GLU U 434 2.20 18.02 13.84
CA GLU U 434 1.74 18.07 12.45
C GLU U 434 2.70 17.40 11.48
N THR U 435 4.00 17.58 11.66
CA THR U 435 4.98 17.09 10.68
C THR U 435 4.81 15.59 10.42
N LEU U 436 4.64 14.79 11.47
CA LEU U 436 4.48 13.35 11.28
C LEU U 436 3.02 12.93 11.36
N ASN U 437 2.10 13.87 11.47
CA ASN U 437 0.71 13.53 11.76
C ASN U 437 0.63 12.62 12.99
N SER U 438 1.25 13.07 14.08
CA SER U 438 1.29 12.28 15.31
C SER U 438 -0.12 12.06 15.85
N ASP U 439 -0.33 10.90 16.47
CA ASP U 439 -1.67 10.53 16.94
C ASP U 439 -1.88 10.75 18.42
N GLY U 440 -0.85 11.17 19.16
CA GLY U 440 -1.00 11.44 20.58
C GLY U 440 -0.95 10.23 21.49
N ILE U 441 -0.48 9.08 21.00
CA ILE U 441 -0.48 7.82 21.75
C ILE U 441 0.95 7.35 21.93
N PHE U 442 1.35 7.06 23.17
CA PHE U 442 2.76 6.83 23.49
C PHE U 442 3.30 5.58 22.80
N ARG U 443 4.56 5.65 22.39
CA ARG U 443 5.30 4.55 21.80
C ARG U 443 6.57 4.29 22.61
N THR U 444 7.12 3.09 22.50
CA THR U 444 8.36 2.80 23.22
C THR U 444 9.58 3.21 22.38
N SER U 445 10.73 3.19 23.04
CA SER U 445 12.00 3.62 22.44
C SER U 445 12.77 2.44 21.89
N PRO U 446 13.92 2.69 21.22
CA PRO U 446 14.81 1.57 20.86
C PRO U 446 15.16 0.69 22.05
N ARG U 447 15.26 1.27 23.25
CA ARG U 447 15.51 0.45 24.44
C ARG U 447 14.41 -0.58 24.62
N GLY U 448 13.15 -0.15 24.47
CA GLY U 448 12.05 -1.10 24.57
C GLY U 448 12.07 -2.15 23.47
N TRP U 449 12.25 -1.71 22.20
CA TRP U 449 12.17 -2.65 21.09
C TRP U 449 13.32 -3.64 21.12
N PHE U 450 14.53 -3.19 21.45
CA PHE U 450 15.65 -4.13 21.53
C PHE U 450 15.35 -5.21 22.57
N THR U 451 14.85 -4.80 23.74
CA THR U 451 14.60 -5.73 24.85
C THR U 451 13.56 -6.78 24.43
N PHE U 452 12.48 -6.34 23.80
CA PHE U 452 11.43 -7.25 23.38
C PHE U 452 11.96 -8.31 22.41
N ALA U 453 12.58 -7.85 21.32
CA ALA U 453 13.07 -8.79 20.32
C ALA U 453 14.05 -9.79 20.91
N HIS U 454 14.93 -9.33 21.81
CA HIS U 454 15.97 -10.25 22.28
C HIS U 454 15.47 -11.16 23.40
N ALA U 455 14.49 -10.74 24.20
CA ALA U 455 13.89 -11.67 25.16
C ALA U 455 13.09 -12.74 24.43
N VAL U 456 12.33 -12.34 23.40
CA VAL U 456 11.56 -13.31 22.63
C VAL U 456 12.48 -14.28 21.90
N PHE U 457 13.47 -13.75 21.18
CA PHE U 457 14.40 -14.63 20.46
C PHE U 457 15.14 -15.55 21.43
N ALA U 458 15.53 -15.04 22.59
CA ALA U 458 16.21 -15.86 23.58
C ALA U 458 15.34 -17.05 23.99
N LEU U 459 14.06 -16.81 24.26
CA LEU U 459 13.18 -17.89 24.69
C LEU U 459 12.98 -18.91 23.58
N LEU U 460 12.77 -18.44 22.34
CA LEU U 460 12.61 -19.33 21.21
C LEU U 460 13.86 -20.18 21.00
N PHE U 461 15.04 -19.58 21.20
CA PHE U 461 16.25 -20.35 21.03
C PHE U 461 16.44 -21.41 22.12
N PHE U 462 15.80 -21.26 23.29
CA PHE U 462 15.78 -22.37 24.25
C PHE U 462 15.19 -23.62 23.62
N PHE U 463 14.07 -23.47 22.89
CA PHE U 463 13.52 -24.62 22.18
C PHE U 463 14.50 -25.19 21.16
N GLY U 464 15.16 -24.33 20.38
CA GLY U 464 16.18 -24.82 19.45
C GLY U 464 17.25 -25.65 20.12
N HIS U 465 17.74 -25.20 21.27
CA HIS U 465 18.77 -25.94 22.01
C HIS U 465 18.26 -27.31 22.42
N ILE U 466 17.07 -27.36 23.01
CA ILE U 466 16.45 -28.61 23.44
C ILE U 466 16.28 -29.54 22.25
N TRP U 467 15.83 -29.00 21.12
CA TRP U 467 15.54 -29.81 19.94
C TRP U 467 16.81 -30.46 19.40
N HIS U 468 17.83 -29.64 19.11
CA HIS U 468 19.05 -30.16 18.54
C HIS U 468 19.87 -30.95 19.55
N GLY U 469 19.76 -30.62 20.84
CA GLY U 469 20.39 -31.46 21.85
C GLY U 469 19.78 -32.84 21.90
N ALA U 470 18.45 -32.92 21.80
CA ALA U 470 17.79 -34.22 21.67
C ALA U 470 18.25 -34.94 20.40
N ARG U 471 18.28 -34.24 19.26
CA ARG U 471 18.70 -34.87 18.01
C ARG U 471 20.09 -35.46 18.12
N THR U 472 20.99 -34.76 18.83
CA THR U 472 22.35 -35.25 19.00
C THR U 472 22.37 -36.53 19.82
N LEU U 473 21.71 -36.52 20.98
CA LEU U 473 21.84 -37.62 21.93
C LEU U 473 20.98 -38.82 21.57
N PHE U 474 20.00 -38.65 20.68
CA PHE U 474 19.07 -39.70 20.28
C PHE U 474 19.14 -39.96 18.77
N ARG U 475 20.31 -39.74 18.18
CA ARG U 475 20.46 -39.90 16.73
C ARG U 475 20.07 -41.30 16.27
N ASP U 476 20.44 -42.34 17.03
CA ASP U 476 20.16 -43.72 16.63
C ASP U 476 18.67 -44.03 16.51
N VAL U 477 17.79 -43.27 17.18
CA VAL U 477 16.37 -43.57 17.15
C VAL U 477 15.56 -42.49 16.43
N PHE U 478 16.22 -41.64 15.62
CA PHE U 478 15.52 -40.54 14.96
C PHE U 478 14.35 -41.03 14.09
N SER U 479 14.49 -42.19 13.44
CA SER U 479 13.46 -42.73 12.55
C SER U 479 12.56 -43.76 13.24
N GLY U 480 12.71 -43.96 14.54
CA GLY U 480 11.93 -44.92 15.28
C GLY U 480 12.78 -45.80 16.16
N ILE U 481 12.10 -46.52 17.05
CA ILE U 481 12.78 -47.37 18.01
C ILE U 481 12.99 -48.75 17.38
N ASP U 482 13.85 -49.55 18.01
CA ASP U 482 14.24 -50.85 17.49
C ASP U 482 12.99 -51.64 17.12
N PRO U 483 12.90 -52.15 15.89
CA PRO U 483 11.74 -52.96 15.51
C PRO U 483 11.51 -54.15 16.44
N GLU U 484 12.56 -54.71 17.02
CA GLU U 484 12.48 -55.81 17.96
C GLU U 484 12.94 -55.40 19.36
N LEU U 485 12.45 -54.26 19.85
CA LEU U 485 12.87 -53.80 21.17
C LEU U 485 12.49 -54.83 22.22
N SER U 486 13.50 -55.41 22.86
CA SER U 486 13.30 -56.49 23.81
C SER U 486 12.42 -56.02 24.96
N PRO U 487 11.26 -56.64 25.18
CA PRO U 487 10.39 -56.24 26.30
C PRO U 487 11.10 -56.25 27.65
N GLU U 488 12.20 -57.01 27.78
CA GLU U 488 12.93 -57.04 29.04
C GLU U 488 13.58 -55.71 29.37
N GLN U 489 13.87 -54.87 28.37
CA GLN U 489 14.46 -53.55 28.61
C GLN U 489 13.42 -52.49 28.96
N VAL U 490 12.15 -52.71 28.61
CA VAL U 490 11.10 -51.73 28.90
C VAL U 490 10.12 -52.23 29.96
N GLU U 491 10.07 -53.52 30.26
CA GLU U 491 9.25 -54.05 31.32
C GLU U 491 10.07 -54.16 32.61
N TRP U 492 9.35 -54.21 33.73
CA TRP U 492 9.97 -54.18 35.05
C TRP U 492 10.41 -55.57 35.49
N GLY U 493 11.50 -55.60 36.26
CA GLY U 493 11.96 -56.82 36.90
C GLY U 493 13.01 -57.60 36.13
N PHE U 494 13.10 -57.41 34.82
CA PHE U 494 14.05 -58.19 34.02
C PHE U 494 15.49 -57.73 34.25
N TYR U 495 15.74 -56.43 34.18
CA TYR U 495 17.08 -55.87 34.35
C TYR U 495 17.19 -55.14 35.69
N GLN U 496 18.35 -55.27 36.33
CA GLN U 496 18.59 -54.55 37.59
C GLN U 496 18.88 -53.07 37.34
N LYS U 497 19.71 -52.78 36.35
CA LYS U 497 20.00 -51.40 35.95
C LYS U 497 19.23 -51.09 34.68
N VAL U 498 18.51 -49.96 34.69
CA VAL U 498 17.69 -49.59 33.54
C VAL U 498 18.60 -49.39 32.32
N GLY U 499 18.21 -50.01 31.21
CA GLY U 499 18.95 -49.86 29.96
C GLY U 499 20.36 -50.43 29.98
N ASP U 500 20.56 -51.54 30.69
CA ASP U 500 21.86 -52.21 30.76
C ASP U 500 21.62 -53.71 30.60
N VAL U 501 21.94 -54.25 29.43
CA VAL U 501 21.69 -55.66 29.16
C VAL U 501 22.57 -56.56 30.03
N THR U 502 23.68 -56.05 30.57
CA THR U 502 24.59 -56.83 31.39
C THR U 502 24.15 -56.92 32.85
N THR U 503 23.03 -56.31 33.22
CA THR U 503 22.55 -56.31 34.61
C THR U 503 21.28 -57.14 34.83
N ASN V 1 -16.36 -70.16 50.01
CA ASN V 1 -16.21 -71.08 48.89
C ASN V 1 -15.25 -70.49 47.85
N SER V 2 -15.82 -70.01 46.74
CA SER V 2 -15.07 -69.29 45.71
C SER V 2 -15.69 -67.93 45.50
N ILE V 3 -14.86 -66.92 45.25
CA ILE V 3 -15.36 -65.56 45.12
C ILE V 3 -16.20 -65.41 43.86
N PHE V 4 -15.98 -66.26 42.87
CA PHE V 4 -16.64 -66.16 41.58
C PHE V 4 -17.83 -67.10 41.45
N ALA V 5 -18.31 -67.69 42.55
CA ALA V 5 -19.29 -68.77 42.47
C ALA V 5 -20.72 -68.29 42.29
N THR V 6 -21.01 -67.02 42.58
CA THR V 6 -22.32 -66.43 42.38
C THR V 6 -22.43 -65.89 40.95
N ASN V 7 -23.64 -65.50 40.56
CA ASN V 7 -23.82 -64.77 39.31
C ASN V 7 -23.56 -63.27 39.45
N ARG V 8 -22.99 -62.83 40.57
CA ARG V 8 -22.81 -61.40 40.90
C ARG V 8 -21.36 -60.98 40.69
N ASP V 9 -20.89 -61.18 39.46
CA ASP V 9 -19.53 -60.82 39.08
C ASP V 9 -19.49 -60.63 37.57
N GLN V 10 -18.41 -60.01 37.09
CA GLN V 10 -18.30 -59.78 35.66
C GLN V 10 -18.22 -61.09 34.92
N GLU V 11 -17.59 -62.10 35.54
CA GLU V 11 -17.39 -63.40 34.90
C GLU V 11 -18.72 -64.03 34.47
N SER V 12 -19.72 -64.01 35.35
CA SER V 12 -21.03 -64.55 34.96
C SER V 12 -21.86 -63.56 34.15
N SER V 13 -21.81 -62.28 34.49
CA SER V 13 -22.79 -61.32 33.96
C SER V 13 -22.32 -60.60 32.70
N GLY V 14 -21.01 -60.53 32.46
CA GLY V 14 -20.49 -59.70 31.40
C GLY V 14 -20.36 -58.23 31.73
N PHE V 15 -20.78 -57.80 32.92
CA PHE V 15 -20.72 -56.38 33.32
C PHE V 15 -19.75 -56.20 34.49
N ALA V 16 -18.89 -55.20 34.38
CA ALA V 16 -18.00 -54.84 35.49
C ALA V 16 -18.80 -54.25 36.65
N TRP V 17 -18.15 -54.18 37.81
CA TRP V 17 -18.79 -53.69 39.02
C TRP V 17 -19.35 -52.29 38.83
N TRP V 18 -18.65 -51.44 38.07
CA TRP V 18 -19.11 -50.06 37.91
C TRP V 18 -20.32 -49.95 36.99
N ALA V 19 -20.71 -51.04 36.32
CA ALA V 19 -21.98 -51.13 35.62
C ALA V 19 -22.84 -52.24 36.23
N GLY V 20 -22.64 -52.48 37.53
CA GLY V 20 -23.19 -53.66 38.17
C GLY V 20 -24.70 -53.75 38.12
N ASN V 21 -25.39 -52.61 38.19
CA ASN V 21 -26.85 -52.65 38.15
C ASN V 21 -27.36 -53.10 36.79
N ALA V 22 -26.52 -53.08 35.76
CA ALA V 22 -26.91 -53.67 34.48
C ALA V 22 -27.05 -55.18 34.57
N ARG V 23 -26.41 -55.81 35.58
CA ARG V 23 -26.59 -57.24 35.82
C ARG V 23 -28.03 -57.59 36.19
N LEU V 24 -28.87 -56.60 36.49
CA LEU V 24 -30.23 -56.85 36.93
C LEU V 24 -31.25 -56.84 35.80
N ILE V 25 -30.83 -56.56 34.56
CA ILE V 25 -31.78 -56.33 33.46
C ILE V 25 -32.80 -57.46 33.36
N ASN V 26 -32.35 -58.71 33.52
CA ASN V 26 -33.25 -59.86 33.38
C ASN V 26 -33.46 -60.60 34.70
N LEU V 27 -33.31 -59.93 35.84
CA LEU V 27 -33.59 -60.52 37.15
C LEU V 27 -34.73 -59.74 37.78
N SER V 28 -35.97 -60.10 37.40
CA SER V 28 -37.11 -59.25 37.73
C SER V 28 -37.33 -59.13 39.24
N GLY V 29 -37.06 -60.19 39.99
CA GLY V 29 -37.26 -60.11 41.44
C GLY V 29 -36.31 -59.13 42.11
N LYS V 30 -35.01 -59.31 41.90
CA LYS V 30 -34.05 -58.39 42.50
C LYS V 30 -34.23 -56.98 41.93
N LEU V 31 -34.51 -56.87 40.63
CA LEU V 31 -34.74 -55.55 40.05
C LEU V 31 -35.96 -54.89 40.68
N LEU V 32 -37.00 -55.67 40.98
CA LEU V 32 -38.10 -55.15 41.77
C LEU V 32 -37.60 -54.62 43.11
N GLY V 33 -36.73 -55.39 43.77
CA GLY V 33 -36.18 -54.94 45.04
C GLY V 33 -35.44 -53.62 44.93
N ALA V 34 -34.58 -53.49 43.92
CA ALA V 34 -33.85 -52.24 43.73
C ALA V 34 -34.82 -51.08 43.58
N HIS V 35 -35.88 -51.27 42.80
CA HIS V 35 -36.81 -50.18 42.57
C HIS V 35 -37.56 -49.81 43.84
N VAL V 36 -38.06 -50.82 44.57
CA VAL V 36 -38.83 -50.52 45.77
C VAL V 36 -37.94 -49.90 46.85
N ALA V 37 -36.72 -50.40 46.99
CA ALA V 37 -35.77 -49.78 47.93
C ALA V 37 -35.44 -48.34 47.52
N HIS V 38 -35.34 -48.07 46.21
CA HIS V 38 -35.04 -46.69 45.80
C HIS V 38 -36.22 -45.77 46.11
N ALA V 39 -37.45 -46.23 45.86
CA ALA V 39 -38.61 -45.45 46.26
C ALA V 39 -38.55 -45.13 47.75
N GLY V 40 -38.12 -46.09 48.57
CA GLY V 40 -37.97 -45.81 49.99
C GLY V 40 -37.02 -44.67 50.28
N LEU V 41 -35.90 -44.59 49.55
CA LEU V 41 -34.96 -43.49 49.70
C LEU V 41 -35.62 -42.16 49.38
N ILE V 42 -36.41 -42.10 48.30
CA ILE V 42 -37.11 -40.87 47.94
C ILE V 42 -38.04 -40.46 49.08
N VAL V 43 -38.87 -41.42 49.54
CA VAL V 43 -39.83 -41.16 50.60
C VAL V 43 -39.10 -40.84 51.90
N PHE V 44 -38.01 -41.55 52.19
CA PHE V 44 -37.19 -41.24 53.35
C PHE V 44 -36.77 -39.78 53.33
N TRP V 45 -36.22 -39.32 52.20
CA TRP V 45 -35.75 -37.95 52.13
C TRP V 45 -36.90 -36.96 52.35
N ALA V 46 -38.06 -37.18 51.73
CA ALA V 46 -39.17 -36.25 51.93
C ALA V 46 -39.55 -36.16 53.41
N GLY V 47 -39.60 -37.30 54.10
CA GLY V 47 -39.97 -37.28 55.52
C GLY V 47 -38.90 -36.65 56.40
N ALA V 48 -37.67 -37.14 56.29
CA ALA V 48 -36.58 -36.63 57.11
C ALA V 48 -36.29 -35.16 56.83
N MET V 49 -36.30 -34.75 55.55
CA MET V 49 -36.03 -33.36 55.21
C MET V 49 -37.09 -32.43 55.77
N THR V 50 -38.36 -32.84 55.71
CA THR V 50 -39.44 -32.02 56.30
C THR V 50 -39.23 -31.83 57.79
N LEU V 51 -38.91 -32.91 58.50
CA LEU V 51 -38.70 -32.80 59.95
C LEU V 51 -37.52 -31.89 60.25
N PHE V 52 -36.46 -31.98 59.45
CA PHE V 52 -35.32 -31.09 59.62
C PHE V 52 -35.74 -29.64 59.42
N GLU V 53 -36.43 -29.36 58.30
CA GLU V 53 -36.94 -28.02 58.05
C GLU V 53 -37.80 -27.55 59.22
N LEU V 54 -38.76 -28.38 59.66
CA LEU V 54 -39.64 -27.97 60.75
C LEU V 54 -38.85 -27.73 62.04
N ALA V 55 -37.90 -28.61 62.36
CA ALA V 55 -37.08 -28.38 63.55
C ALA V 55 -36.31 -27.06 63.46
N HIS V 56 -35.94 -26.63 62.26
CA HIS V 56 -35.17 -25.42 62.09
C HIS V 56 -36.04 -24.20 61.81
N PHE V 57 -37.35 -24.35 61.83
CA PHE V 57 -38.28 -23.35 61.33
C PHE V 57 -38.64 -22.35 62.42
N ILE V 58 -38.40 -21.07 62.15
CA ILE V 58 -38.87 -19.97 62.98
C ILE V 58 -40.09 -19.36 62.28
N PRO V 59 -41.31 -19.57 62.78
CA PRO V 59 -42.50 -19.26 61.97
C PRO V 59 -42.74 -17.77 61.75
N GLU V 60 -42.18 -16.90 62.58
CA GLU V 60 -42.33 -15.47 62.34
C GLU V 60 -41.42 -14.99 61.22
N LYS V 61 -40.41 -15.76 60.89
CA LYS V 61 -39.49 -15.45 59.81
C LYS V 61 -40.06 -15.97 58.48
N PRO V 62 -39.86 -15.25 57.38
CA PRO V 62 -40.31 -15.78 56.08
C PRO V 62 -39.61 -17.10 55.80
N MET V 63 -40.36 -18.05 55.22
CA MET V 63 -39.77 -19.32 54.84
C MET V 63 -38.54 -19.11 53.97
N TYR V 64 -38.63 -18.20 52.99
CA TYR V 64 -37.55 -18.05 52.03
C TYR V 64 -36.28 -17.45 52.62
N GLU V 65 -36.35 -16.96 53.86
CA GLU V 65 -35.16 -16.56 54.59
C GLU V 65 -34.51 -17.73 55.33
N GLN V 66 -35.06 -18.93 55.21
CA GLN V 66 -34.68 -20.04 56.08
C GLN V 66 -34.26 -21.30 55.32
N GLY V 67 -34.02 -21.22 54.02
CA GLY V 67 -33.53 -22.37 53.28
C GLY V 67 -34.51 -23.51 53.19
N LEU V 68 -35.80 -23.22 53.10
CA LEU V 68 -36.84 -24.22 53.08
C LEU V 68 -37.33 -24.44 51.64
N ILE V 69 -37.44 -25.71 51.24
CA ILE V 69 -38.06 -26.02 49.97
C ILE V 69 -39.27 -26.94 50.10
N LEU V 70 -39.38 -27.73 51.18
CA LEU V 70 -40.48 -28.68 51.33
C LEU V 70 -41.69 -28.05 52.03
N ILE V 71 -41.48 -27.39 53.17
CA ILE V 71 -42.58 -26.70 53.84
C ILE V 71 -43.26 -25.73 52.87
N PRO V 72 -42.54 -24.99 52.01
CA PRO V 72 -43.25 -24.24 50.95
C PRO V 72 -44.18 -25.08 50.09
N HIS V 73 -43.78 -26.32 49.75
CA HIS V 73 -44.67 -27.19 48.99
C HIS V 73 -45.94 -27.55 49.78
N ILE V 74 -45.80 -27.84 51.07
CA ILE V 74 -46.96 -28.21 51.87
C ILE V 74 -47.85 -26.98 52.08
N ALA V 75 -47.24 -25.82 52.33
CA ALA V 75 -48.02 -24.61 52.56
C ALA V 75 -48.81 -24.20 51.33
N THR V 76 -48.24 -24.42 50.13
CA THR V 76 -48.94 -24.08 48.90
C THR V 76 -50.22 -24.91 48.74
N LEU V 77 -50.26 -26.12 49.30
CA LEU V 77 -51.46 -26.94 49.28
C LEU V 77 -52.51 -26.50 50.29
N GLY V 78 -52.28 -25.40 51.01
CA GLY V 78 -53.23 -24.88 51.97
C GLY V 78 -53.02 -25.33 53.40
N TRP V 79 -52.04 -26.18 53.67
CA TRP V 79 -51.83 -26.71 55.01
C TRP V 79 -50.95 -25.77 55.84
N GLY V 80 -51.45 -25.39 57.02
CA GLY V 80 -50.65 -24.71 58.01
C GLY V 80 -50.61 -23.19 57.91
N VAL V 81 -51.26 -22.59 56.92
CA VAL V 81 -51.09 -21.18 56.65
C VAL V 81 -52.43 -20.47 56.60
N GLY V 82 -52.37 -19.14 56.77
CA GLY V 82 -53.53 -18.30 56.72
C GLY V 82 -53.35 -17.13 55.77
N PRO V 83 -54.11 -16.06 55.98
CA PRO V 83 -54.01 -14.89 55.10
C PRO V 83 -52.57 -14.40 54.98
N GLY V 84 -52.18 -14.02 53.76
CA GLY V 84 -50.83 -13.53 53.52
C GLY V 84 -49.74 -14.57 53.62
N GLY V 85 -50.08 -15.85 53.82
CA GLY V 85 -49.08 -16.87 53.99
C GLY V 85 -48.56 -17.04 55.40
N GLU V 86 -49.17 -16.38 56.37
CA GLU V 86 -48.69 -16.49 57.73
C GLU V 86 -48.94 -17.89 58.27
N VAL V 87 -47.95 -18.42 58.98
CA VAL V 87 -48.06 -19.76 59.54
C VAL V 87 -48.96 -19.69 60.76
N VAL V 88 -50.05 -20.44 60.73
CA VAL V 88 -50.99 -20.50 61.84
C VAL V 88 -50.89 -21.81 62.61
N ASP V 89 -50.27 -22.85 62.05
CA ASP V 89 -50.21 -24.16 62.66
C ASP V 89 -49.16 -25.01 61.95
N THR V 90 -48.11 -25.43 62.67
CA THR V 90 -47.04 -26.23 62.08
C THR V 90 -47.32 -27.73 62.11
N PHE V 91 -48.32 -28.17 62.88
CA PHE V 91 -48.61 -29.60 62.97
C PHE V 91 -48.82 -30.27 61.62
N PRO V 92 -49.53 -29.68 60.65
CA PRO V 92 -49.61 -30.33 59.33
C PRO V 92 -48.25 -30.63 58.71
N PHE V 93 -47.29 -29.71 58.83
CA PHE V 93 -45.93 -30.00 58.38
C PHE V 93 -45.38 -31.22 59.10
N PHE V 94 -45.59 -31.29 60.42
CA PHE V 94 -45.11 -32.42 61.21
C PHE V 94 -45.73 -33.73 60.72
N VAL V 95 -47.04 -33.72 60.47
CA VAL V 95 -47.72 -34.93 60.00
C VAL V 95 -47.12 -35.41 58.68
N VAL V 96 -46.98 -34.48 57.71
CA VAL V 96 -46.45 -34.86 56.40
C VAL V 96 -45.07 -35.50 56.57
N GLY V 97 -44.21 -34.90 57.39
CA GLY V 97 -42.88 -35.43 57.57
C GLY V 97 -42.88 -36.81 58.21
N VAL V 98 -43.60 -36.96 59.33
CA VAL V 98 -43.63 -38.23 60.05
C VAL V 98 -44.20 -39.32 59.16
N VAL V 99 -45.30 -39.04 58.46
CA VAL V 99 -45.96 -40.09 57.70
C VAL V 99 -45.09 -40.55 56.53
N HIS V 100 -44.38 -39.61 55.87
CA HIS V 100 -43.43 -40.06 54.85
C HIS V 100 -42.30 -40.88 55.48
N LEU V 101 -41.77 -40.41 56.62
CA LEU V 101 -40.64 -41.12 57.23
C LEU V 101 -41.01 -42.53 57.67
N ILE V 102 -42.21 -42.71 58.24
CA ILE V 102 -42.68 -44.04 58.62
C ILE V 102 -42.93 -44.89 57.39
N SER V 103 -43.50 -44.30 56.33
CA SER V 103 -43.76 -45.05 55.12
C SER V 103 -42.48 -45.55 54.45
N SER V 104 -41.38 -44.78 54.57
CA SER V 104 -40.12 -45.19 53.95
C SER V 104 -39.59 -46.48 54.56
N ALA V 105 -39.92 -46.74 55.83
CA ALA V 105 -39.53 -48.00 56.46
C ALA V 105 -40.21 -49.19 55.81
N VAL V 106 -41.50 -49.07 55.48
CA VAL V 106 -42.21 -50.13 54.78
C VAL V 106 -41.58 -50.41 53.43
N LEU V 107 -41.32 -49.34 52.66
CA LEU V 107 -40.73 -49.49 51.33
C LEU V 107 -39.32 -50.05 51.40
N GLY V 108 -38.53 -49.62 52.37
CA GLY V 108 -37.20 -50.18 52.53
C GLY V 108 -37.25 -51.66 52.89
N PHE V 109 -38.20 -52.04 53.74
CA PHE V 109 -38.36 -53.45 54.09
C PHE V 109 -38.65 -54.27 52.84
N GLY V 110 -39.72 -53.93 52.12
CA GLY V 110 -40.03 -54.66 50.90
C GLY V 110 -38.93 -54.60 49.88
N GLY V 111 -38.20 -53.48 49.81
CA GLY V 111 -37.08 -53.40 48.89
C GLY V 111 -35.96 -54.34 49.27
N VAL V 112 -35.54 -54.31 50.53
CA VAL V 112 -34.48 -55.18 50.98
C VAL V 112 -34.89 -56.65 50.84
N TYR V 113 -36.14 -56.97 51.22
CA TYR V 113 -36.63 -58.33 51.06
C TYR V 113 -36.50 -58.80 49.61
N HIS V 114 -37.09 -58.05 48.68
CA HIS V 114 -37.06 -58.48 47.27
C HIS V 114 -35.65 -58.47 46.71
N ALA V 115 -34.77 -57.62 47.24
CA ALA V 115 -33.43 -57.50 46.66
C ALA V 115 -32.52 -58.66 47.05
N ILE V 116 -32.65 -59.22 48.26
CA ILE V 116 -31.67 -60.22 48.67
C ILE V 116 -32.28 -61.50 49.23
N ARG V 117 -33.57 -61.49 49.55
CA ARG V 117 -34.19 -62.66 50.15
C ARG V 117 -35.22 -63.35 49.27
N GLY V 118 -36.08 -62.59 48.59
CA GLY V 118 -37.11 -63.16 47.75
C GLY V 118 -36.54 -63.73 46.46
N PRO V 119 -37.43 -64.25 45.61
CA PRO V 119 -36.97 -64.85 44.35
C PRO V 119 -36.31 -63.83 43.43
N GLU V 120 -35.16 -64.23 42.86
CA GLU V 120 -34.41 -63.38 41.94
C GLU V 120 -35.18 -63.10 40.66
N THR V 121 -35.91 -64.08 40.16
CA THR V 121 -36.76 -63.89 38.99
C THR V 121 -38.18 -64.21 39.42
N LEU V 122 -39.14 -63.48 38.87
CA LEU V 122 -40.52 -63.63 39.30
C LEU V 122 -41.31 -64.55 38.38
N GLU V 123 -40.80 -64.86 37.19
CA GLU V 123 -41.60 -65.51 36.18
C GLU V 123 -41.97 -66.94 36.58
N GLU V 124 -41.07 -67.65 37.25
CA GLU V 124 -41.41 -68.99 37.74
C GLU V 124 -42.46 -68.91 38.85
N TYR V 125 -42.44 -67.84 39.64
CA TYR V 125 -43.35 -67.75 40.77
C TYR V 125 -44.73 -67.24 40.36
N SER V 126 -44.80 -66.31 39.42
CA SER V 126 -46.06 -65.66 39.10
C SER V 126 -46.08 -65.24 37.64
N SER V 127 -47.13 -65.62 36.93
CA SER V 127 -47.33 -65.11 35.58
C SER V 127 -47.77 -63.65 35.60
N PHE V 128 -48.37 -63.19 36.70
CA PHE V 128 -48.84 -61.80 36.77
C PHE V 128 -47.67 -60.85 37.01
N PHE V 129 -46.84 -61.12 38.01
CA PHE V 129 -45.75 -60.23 38.38
C PHE V 129 -44.49 -60.45 37.56
N GLY V 130 -44.28 -61.65 37.02
CA GLY V 130 -43.19 -61.84 36.09
C GLY V 130 -43.45 -61.11 34.78
N TYR V 131 -42.35 -60.81 34.06
CA TYR V 131 -42.47 -60.10 32.80
C TYR V 131 -41.24 -60.36 31.95
N ASP V 132 -41.44 -60.26 30.64
CA ASP V 132 -40.39 -60.25 29.64
C ASP V 132 -40.40 -58.87 28.97
N TRP V 133 -39.24 -58.19 29.01
CA TRP V 133 -39.15 -56.87 28.37
C TRP V 133 -39.65 -56.90 26.93
N LYS V 134 -39.47 -58.02 26.23
CA LYS V 134 -39.90 -58.12 24.84
C LYS V 134 -41.37 -58.48 24.68
N ASP V 135 -42.08 -58.71 25.79
CA ASP V 135 -43.51 -58.93 25.73
C ASP V 135 -44.20 -57.57 25.69
N LYS V 136 -44.57 -57.13 24.49
CA LYS V 136 -45.08 -55.78 24.30
C LYS V 136 -46.40 -55.58 25.04
N ASN V 137 -47.23 -56.63 25.08
CA ASN V 137 -48.53 -56.53 25.74
C ASN V 137 -48.37 -56.43 27.25
N LYS V 138 -47.45 -57.21 27.83
CA LYS V 138 -47.18 -57.10 29.27
C LYS V 138 -46.60 -55.73 29.62
N MET V 139 -45.74 -55.21 28.75
CA MET V 139 -45.14 -53.91 29.02
C MET V 139 -46.20 -52.81 29.03
N THR V 140 -47.13 -52.82 28.06
CA THR V 140 -48.18 -51.80 28.07
C THR V 140 -49.15 -52.00 29.24
N THR V 141 -49.31 -53.24 29.71
CA THR V 141 -50.19 -53.49 30.85
C THR V 141 -49.64 -52.87 32.13
N ILE V 142 -48.34 -53.07 32.39
CA ILE V 142 -47.73 -52.47 33.57
C ILE V 142 -47.70 -50.94 33.42
N LEU V 143 -47.41 -50.45 32.22
CA LEU V 143 -47.53 -49.03 31.94
C LEU V 143 -48.92 -48.52 32.28
N GLY V 144 -49.95 -49.30 31.95
CA GLY V 144 -51.31 -48.87 32.22
C GLY V 144 -51.65 -48.79 33.70
N PHE V 145 -51.25 -49.80 34.48
CA PHE V 145 -51.43 -49.77 35.93
C PHE V 145 -50.89 -48.48 36.51
N HIS V 146 -49.68 -48.12 36.09
CA HIS V 146 -49.02 -46.94 36.64
C HIS V 146 -49.66 -45.65 36.12
N LEU V 147 -50.15 -45.66 34.87
CA LEU V 147 -50.93 -44.53 34.39
C LEU V 147 -52.15 -44.29 35.28
N ILE V 148 -52.84 -45.37 35.64
CA ILE V 148 -54.01 -45.23 36.51
C ILE V 148 -53.60 -44.66 37.87
N VAL V 149 -52.47 -45.13 38.40
CA VAL V 149 -51.98 -44.61 39.68
C VAL V 149 -51.73 -43.10 39.59
N LEU V 150 -51.04 -42.68 38.52
CA LEU V 150 -50.73 -41.26 38.34
C LEU V 150 -52.00 -40.44 38.22
N GLY V 151 -52.99 -40.93 37.46
CA GLY V 151 -54.27 -40.24 37.34
C GLY V 151 -54.93 -40.01 38.69
N ILE V 152 -54.91 -41.04 39.54
CA ILE V 152 -55.44 -40.91 40.90
C ILE V 152 -54.69 -39.81 41.63
N GLY V 153 -53.35 -39.80 41.51
CA GLY V 153 -52.57 -38.75 42.15
C GLY V 153 -53.02 -37.36 41.75
N ALA V 154 -53.27 -37.16 40.46
CA ALA V 154 -53.73 -35.85 40.00
C ALA V 154 -55.08 -35.50 40.61
N LEU V 155 -55.96 -36.50 40.74
CA LEU V 155 -57.26 -36.25 41.34
C LEU V 155 -57.17 -36.02 42.84
N LEU V 156 -56.07 -36.44 43.48
CA LEU V 156 -55.88 -36.09 44.88
C LEU V 156 -55.64 -34.60 45.05
N LEU V 157 -54.86 -34.00 44.15
CA LEU V 157 -54.72 -32.55 44.14
C LEU V 157 -56.09 -31.89 43.98
N VAL V 158 -56.88 -32.34 43.01
CA VAL V 158 -58.22 -31.81 42.81
C VAL V 158 -59.05 -31.94 44.08
N ALA V 159 -59.00 -33.12 44.71
CA ALA V 159 -59.78 -33.34 45.94
C ALA V 159 -59.37 -32.37 47.04
N LYS V 160 -58.06 -32.16 47.21
CA LYS V 160 -57.60 -31.18 48.19
C LYS V 160 -58.18 -29.80 47.88
N ALA V 161 -58.13 -29.39 46.60
CA ALA V 161 -58.51 -28.03 46.22
C ALA V 161 -60.00 -27.77 46.37
N MET V 162 -60.83 -28.79 46.14
CA MET V 162 -62.27 -28.63 46.07
C MET V 162 -63.02 -29.14 47.29
N PHE V 163 -62.49 -30.13 48.00
CA PHE V 163 -63.23 -30.72 49.10
C PHE V 163 -62.49 -30.80 50.42
N PHE V 164 -61.21 -30.50 50.47
CA PHE V 164 -60.49 -30.66 51.73
C PHE V 164 -59.65 -29.43 52.05
N GLY V 165 -60.29 -28.26 52.00
CA GLY V 165 -59.68 -27.05 52.50
C GLY V 165 -59.17 -26.08 51.44
N GLY V 166 -59.04 -26.51 50.20
CA GLY V 166 -58.59 -25.60 49.15
C GLY V 166 -57.07 -25.52 49.06
N LEU V 167 -56.62 -24.46 48.38
CA LEU V 167 -55.20 -24.23 48.12
C LEU V 167 -54.87 -22.80 48.53
N TYR V 168 -53.58 -22.52 48.72
CA TYR V 168 -53.19 -21.15 48.96
C TYR V 168 -53.23 -20.37 47.65
N ASP V 169 -53.96 -19.27 47.65
CA ASP V 169 -54.22 -18.48 46.45
C ASP V 169 -53.57 -17.13 46.62
N THR V 170 -52.40 -16.94 45.99
CA THR V 170 -51.73 -15.65 46.07
C THR V 170 -52.56 -14.54 45.43
N TRP V 171 -53.48 -14.87 44.53
CA TRP V 171 -54.29 -13.89 43.81
C TRP V 171 -55.63 -13.61 44.49
N ALA V 172 -55.88 -14.22 45.63
CA ALA V 172 -57.18 -14.10 46.27
C ALA V 172 -57.54 -12.63 46.51
N PRO V 173 -58.76 -12.21 46.18
CA PRO V 173 -59.13 -10.81 46.39
C PRO V 173 -58.96 -10.42 47.85
N GLY V 174 -58.38 -9.24 48.05
CA GLY V 174 -58.07 -8.77 49.38
C GLY V 174 -56.73 -9.21 49.91
N GLY V 175 -55.98 -10.03 49.16
CA GLY V 175 -54.69 -10.49 49.63
C GLY V 175 -54.63 -12.00 49.57
N GLY V 176 -53.42 -12.54 49.52
CA GLY V 176 -53.27 -13.98 49.43
C GLY V 176 -53.91 -14.70 50.61
N ASP V 177 -54.52 -15.84 50.33
CA ASP V 177 -55.22 -16.61 51.36
C ASP V 177 -55.51 -17.99 50.81
N VAL V 178 -55.73 -18.93 51.74
CA VAL V 178 -56.23 -20.24 51.35
C VAL V 178 -57.63 -20.08 50.80
N ARG V 179 -57.93 -20.79 49.71
CA ARG V 179 -59.24 -20.66 49.08
C ARG V 179 -59.68 -22.00 48.49
N VAL V 180 -60.96 -22.32 48.69
CA VAL V 180 -61.56 -23.52 48.12
C VAL V 180 -61.95 -23.24 46.67
N ILE V 181 -61.61 -24.15 45.77
CA ILE V 181 -61.90 -23.99 44.35
C ILE V 181 -63.21 -24.70 44.02
N THR V 182 -64.20 -23.94 43.55
CA THR V 182 -65.54 -24.45 43.26
C THR V 182 -65.88 -24.52 41.78
N ASN V 183 -65.24 -23.71 40.94
CA ASN V 183 -65.50 -23.70 39.50
C ASN V 183 -64.21 -23.97 38.74
N PRO V 184 -63.71 -25.19 38.75
CA PRO V 184 -62.51 -25.51 37.98
C PRO V 184 -62.75 -25.30 36.49
N THR V 185 -61.71 -24.85 35.80
CA THR V 185 -61.81 -24.65 34.36
C THR V 185 -61.84 -26.00 33.66
N LEU V 186 -62.95 -26.32 33.00
CA LEU V 186 -63.06 -27.57 32.26
C LEU V 186 -63.04 -27.39 30.75
N ASP V 187 -63.23 -26.17 30.27
CA ASP V 187 -63.25 -25.89 28.83
C ASP V 187 -61.92 -26.33 28.20
N PRO V 188 -61.94 -27.32 27.31
CA PRO V 188 -60.67 -27.77 26.70
C PRO V 188 -59.97 -26.68 25.92
N ARG V 189 -60.71 -25.73 25.33
CA ARG V 189 -60.05 -24.61 24.65
C ARG V 189 -59.13 -23.84 25.60
N VAL V 190 -59.47 -23.76 26.88
CA VAL V 190 -58.55 -23.12 27.82
C VAL V 190 -57.44 -24.09 28.22
N ILE V 191 -57.81 -25.28 28.69
CA ILE V 191 -56.83 -26.20 29.25
C ILE V 191 -55.75 -26.54 28.24
N PHE V 192 -56.15 -27.00 27.06
CA PHE V 192 -55.16 -27.36 26.04
C PHE V 192 -54.66 -26.14 25.30
N GLY V 193 -55.37 -25.01 25.37
CA GLY V 193 -54.82 -23.77 24.86
C GLY V 193 -53.47 -23.43 25.46
N TYR V 194 -53.28 -23.75 26.75
CA TYR V 194 -51.98 -23.53 27.37
C TYR V 194 -50.89 -24.30 26.64
N LEU V 195 -51.20 -25.52 26.20
CA LEU V 195 -50.20 -26.38 25.58
C LEU V 195 -49.72 -25.85 24.24
N LEU V 196 -50.50 -25.00 23.58
CA LEU V 196 -50.13 -24.46 22.29
C LEU V 196 -49.58 -23.04 22.37
N LYS V 197 -49.42 -22.49 23.57
CA LYS V 197 -48.81 -21.16 23.72
C LYS V 197 -47.33 -21.24 23.46
N SER V 198 -46.80 -20.21 22.79
CA SER V 198 -45.37 -20.05 22.60
C SER V 198 -44.65 -20.09 23.93
N PRO V 199 -43.44 -20.65 23.98
CA PRO V 199 -42.63 -20.58 25.21
C PRO V 199 -41.85 -19.28 25.36
N PHE V 200 -41.98 -18.34 24.41
CA PHE V 200 -41.17 -17.14 24.45
C PHE V 200 -41.83 -16.05 25.31
N GLY V 201 -41.17 -14.90 25.38
CA GLY V 201 -41.54 -13.91 26.37
C GLY V 201 -42.95 -13.38 26.15
N GLY V 202 -43.63 -13.11 27.27
CA GLY V 202 -45.01 -12.67 27.22
C GLY V 202 -46.00 -13.77 26.94
N GLU V 203 -45.53 -14.99 26.69
CA GLU V 203 -46.40 -16.14 26.44
C GLU V 203 -46.09 -17.23 27.46
N GLY V 204 -44.91 -17.85 27.38
CA GLY V 204 -44.43 -18.71 28.46
C GLY V 204 -45.08 -20.07 28.56
N TRP V 205 -45.77 -20.53 27.51
CA TRP V 205 -46.29 -21.90 27.46
C TRP V 205 -47.14 -22.20 28.70
N ILE V 206 -47.00 -23.39 29.29
CA ILE V 206 -47.80 -23.72 30.47
C ILE V 206 -47.30 -23.03 31.72
N VAL V 207 -46.06 -22.53 31.72
CA VAL V 207 -45.51 -21.80 32.86
C VAL V 207 -46.32 -20.52 33.15
N SER V 208 -47.14 -20.08 32.19
CA SER V 208 -47.93 -18.87 32.37
C SER V 208 -49.20 -19.08 33.20
N VAL V 209 -49.50 -20.30 33.64
CA VAL V 209 -50.75 -20.53 34.34
C VAL V 209 -50.79 -19.65 35.57
N ASN V 210 -51.87 -18.85 35.70
CA ASN V 210 -51.86 -17.72 36.62
C ASN V 210 -53.10 -17.68 37.51
N ASN V 211 -53.81 -18.80 37.65
CA ASN V 211 -54.97 -18.86 38.53
C ASN V 211 -55.27 -20.32 38.85
N LEU V 212 -55.79 -20.54 40.05
CA LEU V 212 -55.97 -21.89 40.55
C LEU V 212 -57.07 -22.64 39.81
N GLU V 213 -58.06 -21.94 39.25
CA GLU V 213 -59.13 -22.62 38.51
C GLU V 213 -58.59 -23.34 37.28
N ASP V 214 -57.61 -22.74 36.59
CA ASP V 214 -56.98 -23.42 35.48
C ASP V 214 -56.11 -24.59 35.97
N VAL V 215 -55.41 -24.39 37.10
CA VAL V 215 -54.58 -25.46 37.65
C VAL V 215 -55.43 -26.66 38.00
N VAL V 216 -56.49 -26.43 38.78
CA VAL V 216 -57.31 -27.54 39.25
C VAL V 216 -57.99 -28.23 38.08
N GLY V 217 -58.62 -27.46 37.19
CA GLY V 217 -59.26 -28.04 36.02
C GLY V 217 -58.29 -28.78 35.12
N GLY V 218 -57.06 -28.27 35.02
CA GLY V 218 -56.03 -29.00 34.28
C GLY V 218 -55.75 -30.37 34.87
N HIS V 219 -55.77 -30.47 36.21
CA HIS V 219 -55.52 -31.75 36.86
C HIS V 219 -56.72 -32.68 36.81
N ILE V 220 -57.93 -32.13 36.65
CA ILE V 220 -59.08 -32.97 36.33
C ILE V 220 -58.88 -33.63 34.97
N TRP V 221 -58.42 -32.85 33.98
CA TRP V 221 -58.17 -33.39 32.65
C TRP V 221 -57.04 -34.41 32.67
N ILE V 222 -55.92 -34.09 33.32
CA ILE V 222 -54.79 -35.01 33.37
C ILE V 222 -55.19 -36.29 34.09
N GLY V 223 -55.99 -36.16 35.14
CA GLY V 223 -56.44 -37.34 35.86
C GLY V 223 -57.22 -38.30 34.97
N LEU V 224 -58.20 -37.78 34.25
CA LEU V 224 -58.99 -38.63 33.37
C LEU V 224 -58.17 -39.14 32.19
N ILE V 225 -57.33 -38.28 31.60
CA ILE V 225 -56.48 -38.72 30.50
C ILE V 225 -55.63 -39.93 30.93
N CYS V 226 -55.04 -39.85 32.12
CA CYS V 226 -54.15 -40.92 32.57
C CYS V 226 -54.92 -42.20 32.88
N ILE V 227 -56.08 -42.09 33.52
CA ILE V 227 -56.87 -43.27 33.84
C ILE V 227 -57.42 -43.92 32.57
N ALA V 228 -57.89 -43.11 31.62
CA ALA V 228 -58.33 -43.64 30.33
C ALA V 228 -57.17 -44.30 29.60
N GLY V 229 -56.06 -43.59 29.45
CA GLY V 229 -54.90 -44.17 28.79
C GLY V 229 -54.42 -45.44 29.47
N GLY V 230 -54.51 -45.49 30.81
CA GLY V 230 -54.12 -46.70 31.51
C GLY V 230 -55.01 -47.88 31.18
N ILE V 231 -56.33 -47.64 31.13
CA ILE V 231 -57.27 -48.69 30.72
C ILE V 231 -57.01 -49.08 29.26
N TRP V 232 -56.73 -48.10 28.41
CA TRP V 232 -56.40 -48.37 27.01
C TRP V 232 -55.23 -49.32 26.89
N HIS V 233 -54.14 -49.07 27.64
CA HIS V 233 -52.95 -49.89 27.48
C HIS V 233 -53.06 -51.27 28.14
N ILE V 234 -53.99 -51.43 29.09
CA ILE V 234 -54.20 -52.75 29.65
C ILE V 234 -55.01 -53.62 28.69
N LEU V 235 -55.92 -53.02 27.93
CA LEU V 235 -56.82 -53.73 27.04
C LEU V 235 -56.30 -53.82 25.61
N THR V 236 -55.18 -53.17 25.29
CA THR V 236 -54.69 -53.19 23.91
C THR V 236 -53.23 -53.64 23.89
N THR V 237 -52.72 -53.77 22.67
CA THR V 237 -51.34 -54.10 22.35
C THR V 237 -50.87 -53.15 21.26
N PRO V 238 -49.58 -52.84 21.23
CA PRO V 238 -49.09 -51.81 20.29
C PRO V 238 -49.44 -52.10 18.84
N PHE V 239 -49.82 -51.04 18.12
CA PHE V 239 -50.10 -51.13 16.71
C PHE V 239 -48.82 -51.39 15.91
N GLY V 240 -49.02 -51.86 14.67
CA GLY V 240 -47.88 -52.20 13.83
C GLY V 240 -46.93 -51.03 13.64
N TRP V 241 -47.48 -49.83 13.42
CA TRP V 241 -46.62 -48.67 13.28
C TRP V 241 -45.82 -48.40 14.56
N ALA V 242 -46.42 -48.68 15.72
CA ALA V 242 -45.67 -48.52 16.96
C ALA V 242 -44.60 -49.59 17.10
N ARG V 243 -44.93 -50.83 16.71
CA ARG V 243 -43.94 -51.91 16.78
C ARG V 243 -42.73 -51.62 15.90
N ARG V 244 -42.95 -51.00 14.74
CA ARG V 244 -41.85 -50.78 13.81
C ARG V 244 -41.05 -49.53 14.15
N ALA V 245 -41.59 -48.64 14.98
CA ALA V 245 -40.96 -47.36 15.28
C ALA V 245 -39.98 -47.41 16.44
N PHE V 246 -40.15 -48.36 17.35
CA PHE V 246 -39.44 -48.37 18.63
C PHE V 246 -38.49 -49.55 18.73
N ILE V 247 -37.52 -49.43 19.64
CA ILE V 247 -36.75 -50.56 20.13
C ILE V 247 -37.44 -51.10 21.37
N TRP V 248 -37.52 -52.43 21.48
CA TRP V 248 -38.28 -53.08 22.54
C TRP V 248 -37.29 -53.82 23.42
N SER V 249 -36.82 -53.14 24.47
CA SER V 249 -35.86 -53.70 25.41
C SER V 249 -35.88 -52.86 26.68
N GLY V 250 -35.47 -53.50 27.77
CA GLY V 250 -35.38 -52.80 29.04
C GLY V 250 -34.57 -51.51 28.96
N GLU V 251 -33.43 -51.55 28.26
CA GLU V 251 -32.60 -50.35 28.20
C GLU V 251 -33.24 -49.26 27.34
N ALA V 252 -33.93 -49.66 26.26
CA ALA V 252 -34.61 -48.67 25.44
C ALA V 252 -35.72 -47.99 26.23
N TYR V 253 -36.52 -48.78 26.98
CA TYR V 253 -37.57 -48.19 27.80
C TYR V 253 -36.97 -47.24 28.82
N LEU V 254 -35.87 -47.63 29.45
CA LEU V 254 -35.19 -46.73 30.36
C LEU V 254 -34.81 -45.43 29.65
N SER V 255 -34.26 -45.53 28.44
CA SER V 255 -33.83 -44.34 27.72
C SER V 255 -35.01 -43.42 27.38
N TYR V 256 -36.16 -43.99 27.03
CA TYR V 256 -37.31 -43.14 26.75
C TYR V 256 -37.70 -42.33 27.99
N SER V 257 -37.77 -43.00 29.15
CA SER V 257 -38.14 -42.33 30.39
C SER V 257 -37.11 -41.26 30.79
N LEU V 258 -35.83 -41.52 30.54
CA LEU V 258 -34.80 -40.54 30.83
C LEU V 258 -34.99 -39.28 29.99
N GLY V 259 -35.30 -39.45 28.70
CA GLY V 259 -35.62 -38.30 27.87
C GLY V 259 -36.82 -37.53 28.40
N ALA V 260 -37.84 -38.26 28.86
CA ALA V 260 -39.03 -37.63 29.43
C ALA V 260 -38.71 -36.89 30.72
N LEU V 261 -37.94 -37.51 31.62
CA LEU V 261 -37.63 -36.85 32.89
C LEU V 261 -36.73 -35.63 32.68
N SER V 262 -35.79 -35.71 31.73
CA SER V 262 -34.96 -34.56 31.41
C SER V 262 -35.81 -33.38 30.97
N MET V 263 -36.73 -33.63 30.05
CA MET V 263 -37.63 -32.59 29.60
C MET V 263 -38.44 -32.02 30.77
N MET V 264 -38.95 -32.91 31.63
CA MET V 264 -39.73 -32.43 32.78
C MET V 264 -38.88 -31.61 33.74
N GLY V 265 -37.62 -31.98 33.94
CA GLY V 265 -36.74 -31.20 34.79
C GLY V 265 -36.53 -29.78 34.28
N PHE V 266 -36.28 -29.64 32.98
CA PHE V 266 -36.14 -28.31 32.37
C PHE V 266 -37.40 -27.48 32.54
N ILE V 267 -38.56 -28.13 32.39
CA ILE V 267 -39.84 -27.45 32.59
C ILE V 267 -39.97 -27.00 34.04
N ALA V 268 -39.60 -27.87 34.98
CA ALA V 268 -39.67 -27.50 36.39
C ALA V 268 -38.77 -26.32 36.71
N THR V 269 -37.57 -26.29 36.10
CA THR V 269 -36.65 -25.18 36.30
C THR V 269 -37.30 -23.85 35.94
N CYS V 270 -37.98 -23.80 34.79
CA CYS V 270 -38.65 -22.58 34.35
C CYS V 270 -39.89 -22.28 35.19
N PHE V 271 -40.60 -23.30 35.62
CA PHE V 271 -41.79 -23.09 36.45
C PHE V 271 -41.42 -22.34 37.73
N VAL V 272 -40.42 -22.84 38.45
CA VAL V 272 -40.07 -22.22 39.73
C VAL V 272 -39.36 -20.89 39.53
N TRP V 273 -38.79 -20.66 38.34
CA TRP V 273 -38.09 -19.39 38.15
C TRP V 273 -39.07 -18.27 37.79
N PHE V 274 -40.12 -18.56 37.01
CA PHE V 274 -41.02 -17.52 36.51
C PHE V 274 -42.39 -17.51 37.17
N ASN V 275 -42.93 -18.68 37.55
CA ASN V 275 -44.32 -18.77 38.01
C ASN V 275 -44.41 -18.40 39.49
N ASN V 276 -45.33 -17.49 39.83
CA ASN V 276 -45.59 -17.12 41.22
C ASN V 276 -47.01 -17.46 41.64
N THR V 277 -47.68 -18.37 40.93
CA THR V 277 -49.01 -18.85 41.29
C THR V 277 -48.95 -20.19 42.02
N VAL V 278 -48.38 -21.22 41.39
CA VAL V 278 -48.20 -22.50 42.10
C VAL V 278 -46.89 -22.54 42.86
N TYR V 279 -46.05 -21.52 42.70
CA TYR V 279 -44.91 -21.26 43.58
C TYR V 279 -45.13 -19.86 44.16
N PRO V 280 -46.00 -19.73 45.16
CA PRO V 280 -46.32 -18.40 45.70
C PRO V 280 -45.07 -17.71 46.24
N SER V 281 -44.91 -16.43 45.87
CA SER V 281 -43.75 -15.66 46.33
C SER V 281 -43.75 -15.47 47.85
N GLU V 282 -44.93 -15.54 48.49
CA GLU V 282 -44.99 -15.52 49.94
C GLU V 282 -44.16 -16.64 50.57
N PHE V 283 -44.04 -17.78 49.88
CA PHE V 283 -43.36 -18.96 50.40
C PHE V 283 -42.00 -19.20 49.77
N TYR V 284 -41.85 -18.92 48.49
CA TYR V 284 -40.63 -19.18 47.74
C TYR V 284 -39.75 -17.95 47.55
N GLY V 285 -40.25 -16.77 47.91
CA GLY V 285 -39.55 -15.53 47.63
C GLY V 285 -39.93 -15.02 46.25
N PRO V 286 -39.57 -13.78 45.94
CA PRO V 286 -39.92 -13.21 44.64
C PRO V 286 -39.16 -13.88 43.52
N THR V 287 -39.75 -13.88 42.32
CA THR V 287 -38.97 -14.26 41.16
C THR V 287 -37.98 -13.16 40.80
N GLY V 288 -37.03 -13.51 39.94
CA GLY V 288 -36.08 -12.59 39.37
C GLY V 288 -36.75 -11.38 38.75
N PRO V 289 -37.65 -11.60 37.80
CA PRO V 289 -38.44 -10.47 37.26
C PRO V 289 -39.12 -9.66 38.34
N GLU V 290 -39.72 -10.35 39.32
CA GLU V 290 -40.52 -9.72 40.37
C GLU V 290 -39.68 -8.76 41.20
N ALA V 291 -38.51 -9.23 41.64
CA ALA V 291 -37.65 -8.39 42.45
C ALA V 291 -37.14 -7.19 41.65
N SER V 292 -36.83 -7.39 40.37
CA SER V 292 -36.36 -6.29 39.54
C SER V 292 -37.46 -5.25 39.36
N GLN V 293 -38.70 -5.69 39.11
CA GLN V 293 -39.82 -4.75 39.05
C GLN V 293 -40.02 -4.03 40.39
N ALA V 294 -39.87 -4.77 41.49
CA ALA V 294 -40.10 -4.20 42.81
C ALA V 294 -39.10 -3.11 43.14
N GLN V 295 -37.88 -3.20 42.59
CA GLN V 295 -36.92 -2.11 42.79
C GLN V 295 -37.39 -0.83 42.11
N ALA V 296 -37.84 -0.93 40.86
CA ALA V 296 -38.34 0.26 40.18
C ALA V 296 -39.54 0.83 40.92
N MET V 297 -40.44 -0.05 41.39
CA MET V 297 -41.56 0.39 42.19
C MET V 297 -41.09 1.12 43.45
N THR V 298 -40.07 0.58 44.13
CA THR V 298 -39.60 1.18 45.38
C THR V 298 -39.15 2.63 45.16
N PHE V 299 -38.34 2.89 44.13
CA PHE V 299 -37.81 4.23 43.96
C PHE V 299 -38.80 5.14 43.25
N LEU V 300 -39.72 4.59 42.46
CA LEU V 300 -40.85 5.39 42.04
C LEU V 300 -41.60 5.93 43.26
N ILE V 301 -41.88 5.05 44.22
CA ILE V 301 -42.61 5.46 45.41
C ILE V 301 -41.82 6.51 46.20
N ARG V 302 -40.53 6.22 46.43
CA ARG V 302 -39.71 7.15 47.22
C ARG V 302 -39.62 8.51 46.54
N ASP V 303 -39.26 8.54 45.26
CA ASP V 303 -39.01 9.82 44.60
C ASP V 303 -40.30 10.62 44.42
N GLN V 304 -41.41 9.93 44.11
CA GLN V 304 -42.69 10.62 44.06
C GLN V 304 -43.04 11.25 45.40
N LYS V 305 -42.73 10.55 46.52
CA LYS V 305 -42.95 11.15 47.82
C LYS V 305 -42.13 12.42 48.02
N LEU V 306 -40.93 12.48 47.42
CA LEU V 306 -40.10 13.67 47.47
C LEU V 306 -40.59 14.77 46.55
N GLY V 307 -41.57 14.50 45.70
CA GLY V 307 -42.16 15.48 44.82
C GLY V 307 -41.95 15.24 43.34
N ALA V 308 -41.30 14.15 42.93
CA ALA V 308 -41.04 13.91 41.51
C ALA V 308 -42.34 13.63 40.76
N ASN V 309 -42.43 14.18 39.55
CA ASN V 309 -43.47 13.79 38.59
C ASN V 309 -42.94 12.63 37.78
N VAL V 310 -43.28 11.41 38.20
CA VAL V 310 -42.61 10.24 37.65
C VAL V 310 -43.02 9.96 36.21
N GLY V 311 -44.20 10.44 35.79
CA GLY V 311 -44.61 10.27 34.40
C GLY V 311 -43.81 11.10 33.43
N SER V 312 -43.37 12.29 33.84
CA SER V 312 -42.66 13.20 32.95
C SER V 312 -41.15 13.19 33.16
N ALA V 313 -40.64 12.36 34.07
CA ALA V 313 -39.21 12.36 34.38
C ALA V 313 -38.45 11.63 33.29
N GLN V 314 -37.65 12.39 32.54
CA GLN V 314 -36.81 11.84 31.47
C GLN V 314 -35.51 11.31 32.07
N GLY V 315 -35.16 10.07 31.76
CA GLY V 315 -33.90 9.51 32.19
C GLY V 315 -32.74 9.93 31.30
N PRO V 316 -31.53 9.55 31.72
CA PRO V 316 -30.34 9.99 30.97
C PRO V 316 -30.34 9.57 29.50
N THR V 317 -30.96 8.45 29.16
CA THR V 317 -30.95 7.97 27.78
C THR V 317 -32.01 8.63 26.92
N GLY V 318 -32.97 9.34 27.53
CA GLY V 318 -34.13 9.87 26.85
C GLY V 318 -35.40 9.08 27.13
N LEU V 319 -35.26 7.79 27.47
CA LEU V 319 -36.36 7.01 27.98
C LEU V 319 -36.73 7.46 29.38
N GLY V 320 -38.00 7.23 29.75
CA GLY V 320 -38.44 7.56 31.09
C GLY V 320 -37.62 6.88 32.17
N LYS V 321 -37.24 7.66 33.18
CA LYS V 321 -36.46 7.12 34.29
C LYS V 321 -37.25 6.11 35.10
N TYR V 322 -38.56 6.35 35.27
CA TYR V 322 -39.43 5.46 36.04
C TYR V 322 -40.43 4.71 35.19
N LEU V 323 -40.93 5.35 34.13
CA LEU V 323 -42.00 4.78 33.32
C LEU V 323 -41.68 4.99 31.85
N MET V 324 -42.00 3.98 31.03
CA MET V 324 -41.75 4.03 29.60
C MET V 324 -42.79 3.13 28.91
N ARG V 325 -42.61 2.93 27.61
CA ARG V 325 -43.50 2.06 26.84
C ARG V 325 -42.79 0.76 26.48
N SER V 326 -43.53 -0.35 26.53
CA SER V 326 -43.08 -1.59 25.90
C SER V 326 -43.08 -1.43 24.38
N PRO V 327 -42.46 -2.35 23.65
CA PRO V 327 -42.47 -2.24 22.17
C PRO V 327 -43.86 -2.23 21.56
N THR V 328 -44.89 -2.67 22.29
CA THR V 328 -46.26 -2.57 21.78
C THR V 328 -47.08 -1.48 22.50
N GLY V 329 -46.43 -0.60 23.27
CA GLY V 329 -47.06 0.62 23.73
C GLY V 329 -47.51 0.63 25.18
N GLU V 330 -47.60 -0.53 25.85
CA GLU V 330 -48.06 -0.57 27.23
C GLU V 330 -47.11 0.23 28.13
N ILE V 331 -47.67 0.91 29.13
CA ILE V 331 -46.88 1.66 30.11
C ILE V 331 -46.24 0.67 31.09
N ILE V 332 -44.91 0.72 31.21
CA ILE V 332 -44.12 -0.24 31.97
C ILE V 332 -43.08 0.51 32.79
N PHE V 333 -42.47 -0.19 33.74
CA PHE V 333 -41.38 0.38 34.53
C PHE V 333 -40.13 0.58 33.68
N GLY V 334 -39.39 1.67 33.97
CA GLY V 334 -38.19 2.01 33.22
C GLY V 334 -36.91 1.44 33.84
N GLY V 335 -35.76 1.78 33.22
CA GLY V 335 -34.49 1.13 33.56
C GLY V 335 -34.36 -0.27 32.96
N GLU V 336 -33.37 -1.03 33.45
CA GLU V 336 -33.12 -2.35 32.89
C GLU V 336 -34.33 -3.25 33.02
N THR V 337 -35.20 -3.00 33.99
CA THR V 337 -36.38 -3.83 34.18
C THR V 337 -37.39 -3.69 33.04
N MET V 338 -37.12 -2.85 32.03
CA MET V 338 -37.93 -2.87 30.81
C MET V 338 -38.04 -4.29 30.25
N ARG V 339 -37.05 -5.15 30.50
CA ARG V 339 -37.08 -6.52 30.02
C ARG V 339 -38.12 -7.35 30.75
N PHE V 340 -38.52 -6.95 31.95
CA PHE V 340 -39.36 -7.78 32.81
C PHE V 340 -40.81 -7.33 32.80
N TRP V 341 -41.23 -6.60 31.77
CA TRP V 341 -42.56 -6.03 31.79
C TRP V 341 -43.66 -7.07 31.67
N ASP V 342 -43.34 -8.32 31.32
CA ASP V 342 -44.34 -9.38 31.32
C ASP V 342 -44.68 -9.84 32.73
N PHE V 343 -43.92 -9.40 33.73
CA PHE V 343 -44.20 -9.79 35.09
C PHE V 343 -45.62 -9.39 35.50
N ARG V 344 -46.27 -10.26 36.27
CA ARG V 344 -47.54 -9.97 36.91
C ARG V 344 -47.48 -10.49 38.33
N GLY V 345 -47.95 -9.69 39.29
CA GLY V 345 -47.98 -10.09 40.68
C GLY V 345 -49.06 -9.35 41.43
N PRO V 346 -49.60 -9.95 42.49
CA PRO V 346 -50.76 -9.33 43.17
C PRO V 346 -50.48 -7.98 43.81
N TRP V 347 -49.23 -7.69 44.20
CA TRP V 347 -48.93 -6.38 44.77
C TRP V 347 -48.86 -5.27 43.72
N LEU V 348 -48.72 -5.63 42.45
CA LEU V 348 -48.56 -4.66 41.38
C LEU V 348 -49.83 -4.47 40.54
N GLU V 349 -50.61 -5.53 40.34
CA GLU V 349 -51.77 -5.44 39.46
C GLU V 349 -52.78 -4.35 39.84
N PRO V 350 -53.00 -3.99 41.11
CA PRO V 350 -53.92 -2.85 41.37
C PRO V 350 -53.51 -1.56 40.66
N LEU V 351 -52.23 -1.41 40.32
CA LEU V 351 -51.75 -0.21 39.65
C LEU V 351 -51.89 -0.28 38.13
N ARG V 352 -52.36 -1.41 37.60
CA ARG V 352 -52.40 -1.65 36.17
C ARG V 352 -53.79 -1.43 35.60
N GLY V 353 -53.85 -0.76 34.44
CA GLY V 353 -55.08 -0.59 33.72
C GLY V 353 -55.01 -1.11 32.29
N PRO V 354 -56.03 -0.78 31.50
CA PRO V 354 -56.06 -1.28 30.11
C PRO V 354 -54.84 -0.92 29.28
N ASN V 355 -54.18 0.21 29.55
CA ASN V 355 -53.01 0.61 28.78
C ASN V 355 -51.70 0.32 29.48
N GLY V 356 -51.73 -0.43 30.56
CA GLY V 356 -50.55 -0.67 31.36
C GLY V 356 -50.62 0.05 32.69
N LEU V 357 -49.45 0.32 33.25
CA LEU V 357 -49.39 1.02 34.52
C LEU V 357 -50.14 2.34 34.40
N ASP V 358 -50.99 2.61 35.38
CA ASP V 358 -51.90 3.75 35.34
C ASP V 358 -51.32 4.88 36.18
N LEU V 359 -51.00 6.00 35.52
CA LEU V 359 -50.35 7.12 36.21
C LEU V 359 -51.26 7.76 37.27
N ASN V 360 -52.58 7.79 37.03
CA ASN V 360 -53.50 8.23 38.08
C ASN V 360 -53.40 7.33 39.32
N LYS V 361 -53.43 6.02 39.12
CA LYS V 361 -53.35 5.09 40.25
C LYS V 361 -51.99 5.15 40.93
N ILE V 362 -50.93 5.32 40.14
CA ILE V 362 -49.59 5.49 40.70
C ILE V 362 -49.52 6.74 41.57
N LYS V 363 -50.11 7.85 41.12
CA LYS V 363 -50.04 9.09 41.89
C LYS V 363 -50.87 9.02 43.18
N ASN V 364 -51.95 8.26 43.18
CA ASN V 364 -52.94 8.41 44.25
C ASN V 364 -53.21 7.17 45.08
N ASP V 365 -52.98 5.96 44.56
CA ASP V 365 -53.57 4.77 45.17
C ASP V 365 -52.55 3.75 45.67
N ILE V 366 -51.26 4.07 45.70
CA ILE V 366 -50.29 3.09 46.18
C ILE V 366 -50.38 3.01 47.70
N GLN V 367 -50.76 1.82 48.23
CA GLN V 367 -50.96 1.58 49.65
C GLN V 367 -49.65 1.21 50.33
N PRO V 368 -49.56 1.50 51.62
CA PRO V 368 -48.39 1.05 52.40
C PRO V 368 -48.06 -0.43 52.25
N TRP V 369 -49.05 -1.32 52.19
CA TRP V 369 -48.72 -2.73 52.03
C TRP V 369 -48.03 -2.99 50.69
N GLN V 370 -48.36 -2.22 49.66
CA GLN V 370 -47.62 -2.36 48.41
C GLN V 370 -46.20 -1.86 48.54
N GLU V 371 -45.98 -0.71 49.18
CA GLU V 371 -44.62 -0.25 49.42
C GLU V 371 -43.84 -1.27 50.22
N ARG V 372 -44.48 -1.86 51.23
CA ARG V 372 -43.83 -2.90 52.05
C ARG V 372 -43.43 -4.09 51.21
N ARG V 373 -44.37 -4.60 50.42
CA ARG V 373 -44.09 -5.79 49.61
C ARG V 373 -42.99 -5.51 48.59
N ALA V 374 -43.02 -4.33 47.96
CA ALA V 374 -42.02 -4.02 46.94
C ALA V 374 -40.62 -3.94 47.55
N ALA V 375 -40.51 -3.35 48.75
CA ALA V 375 -39.21 -3.22 49.41
C ALA V 375 -38.68 -4.59 49.85
N GLU V 376 -39.54 -5.40 50.45
CA GLU V 376 -39.21 -6.79 50.79
C GLU V 376 -38.72 -7.56 49.57
N TYR V 377 -39.45 -7.48 48.45
CA TYR V 377 -39.08 -8.30 47.30
C TYR V 377 -37.82 -7.79 46.62
N MET V 378 -37.65 -6.46 46.55
CA MET V 378 -36.41 -5.88 46.08
C MET V 378 -35.20 -6.39 46.87
N THR V 379 -35.35 -6.54 48.18
CA THR V 379 -34.26 -6.92 49.06
C THR V 379 -34.16 -8.41 49.30
N HIS V 380 -34.99 -9.20 48.62
CA HIS V 380 -34.84 -10.65 48.60
C HIS V 380 -34.79 -11.16 47.17
N ALA V 381 -34.22 -10.35 46.26
CA ALA V 381 -34.01 -10.79 44.90
C ALA V 381 -33.23 -12.10 44.89
N PRO V 382 -33.52 -12.99 43.95
CA PRO V 382 -32.82 -14.30 43.94
C PRO V 382 -31.41 -14.20 43.38
N LEU V 383 -30.53 -13.53 44.13
CA LEU V 383 -29.11 -13.43 43.81
C LEU V 383 -28.33 -13.75 45.08
N GLY V 384 -27.26 -14.51 44.96
CA GLY V 384 -26.46 -14.87 46.13
C GLY V 384 -25.36 -15.84 45.75
N SER V 385 -24.43 -16.02 46.69
CA SER V 385 -23.27 -16.87 46.44
C SER V 385 -23.53 -18.33 46.84
N LEU V 386 -22.63 -19.22 46.38
CA LEU V 386 -22.77 -20.63 46.69
C LEU V 386 -22.67 -20.89 48.19
N ASN V 387 -21.91 -20.07 48.92
CA ASN V 387 -21.89 -20.18 50.38
C ASN V 387 -23.01 -19.37 51.04
N SER V 388 -24.03 -19.00 50.27
CA SER V 388 -25.25 -18.35 50.80
C SER V 388 -24.97 -16.97 51.41
N VAL V 389 -24.12 -16.19 50.75
CA VAL V 389 -24.04 -14.75 51.00
C VAL V 389 -25.03 -14.07 50.07
N GLY V 390 -26.09 -13.50 50.63
CA GLY V 390 -27.09 -12.85 49.80
C GLY V 390 -26.56 -11.59 49.15
N GLY V 391 -27.04 -11.30 47.94
CA GLY V 391 -26.73 -10.07 47.25
C GLY V 391 -26.01 -10.28 45.93
N VAL V 392 -25.56 -9.17 45.35
CA VAL V 392 -24.76 -9.20 44.13
C VAL V 392 -23.42 -9.84 44.46
N ALA V 393 -22.64 -10.21 43.45
CA ALA V 393 -21.37 -10.87 43.71
C ALA V 393 -20.38 -9.98 44.46
N THR V 394 -20.53 -8.67 44.42
CA THR V 394 -19.61 -7.78 45.11
C THR V 394 -20.05 -7.46 46.54
N GLU V 395 -21.18 -8.00 46.97
CA GLU V 395 -21.71 -7.76 48.31
C GLU V 395 -20.71 -8.21 49.38
N ILE V 396 -20.68 -7.48 50.51
CA ILE V 396 -19.90 -7.95 51.66
C ILE V 396 -20.71 -9.01 52.42
N ASN V 397 -20.00 -9.81 53.22
CA ASN V 397 -20.68 -10.75 54.10
C ASN V 397 -21.56 -9.99 55.10
N SER V 398 -22.71 -10.60 55.44
CA SER V 398 -23.69 -10.13 56.42
C SER V 398 -25.01 -10.87 56.31
N VAL V 399 -25.55 -11.00 55.10
CA VAL V 399 -26.88 -11.57 54.89
C VAL V 399 -26.71 -13.00 54.43
N ASN V 400 -27.28 -13.93 55.18
CA ASN V 400 -27.24 -15.37 54.88
C ASN V 400 -28.49 -15.68 54.06
N PHE V 401 -28.38 -15.69 52.73
CA PHE V 401 -29.56 -15.83 51.88
C PHE V 401 -29.20 -16.33 50.48
N VAL V 402 -29.83 -17.44 50.09
CA VAL V 402 -30.00 -17.80 48.69
C VAL V 402 -31.45 -18.23 48.52
N SER V 403 -32.14 -17.61 47.58
CA SER V 403 -33.57 -17.84 47.38
C SER V 403 -33.87 -19.32 47.14
N PRO V 404 -34.98 -19.83 47.66
CA PRO V 404 -35.43 -21.17 47.25
C PRO V 404 -35.59 -21.31 45.75
N ARG V 405 -35.95 -20.23 45.05
CA ARG V 405 -36.10 -20.33 43.60
C ARG V 405 -34.76 -20.60 42.93
N SER V 406 -33.68 -20.01 43.45
CA SER V 406 -32.37 -20.29 42.85
C SER V 406 -31.93 -21.73 43.14
N TRP V 407 -32.10 -22.19 44.38
CA TRP V 407 -31.75 -23.58 44.72
C TRP V 407 -32.52 -24.58 43.86
N LEU V 408 -33.84 -24.37 43.75
CA LEU V 408 -34.68 -25.30 43.01
C LEU V 408 -34.40 -25.26 41.52
N ALA V 409 -34.13 -24.06 40.97
CA ALA V 409 -33.90 -23.93 39.53
C ALA V 409 -32.55 -24.54 39.13
N THR V 410 -31.48 -24.24 39.88
CA THR V 410 -30.15 -24.73 39.53
C THR V 410 -30.07 -26.25 39.68
N SER V 411 -30.55 -26.78 40.81
CA SER V 411 -30.52 -28.23 41.02
C SER V 411 -31.22 -28.94 39.88
N HIS V 412 -32.40 -28.47 39.50
CA HIS V 412 -33.15 -29.20 38.50
C HIS V 412 -32.66 -28.92 37.08
N PHE V 413 -31.92 -27.83 36.85
CA PHE V 413 -31.25 -27.74 35.56
C PHE V 413 -30.12 -28.74 35.46
N VAL V 414 -29.31 -28.84 36.52
CA VAL V 414 -28.22 -29.80 36.53
C VAL V 414 -28.74 -31.21 36.32
N LEU V 415 -29.80 -31.58 37.04
CA LEU V 415 -30.35 -32.93 36.92
C LEU V 415 -30.95 -33.16 35.54
N ALA V 416 -31.69 -32.19 34.99
CA ALA V 416 -32.26 -32.36 33.67
C ALA V 416 -31.18 -32.55 32.62
N PHE V 417 -30.07 -31.80 32.74
CA PHE V 417 -29.02 -31.93 31.73
C PHE V 417 -28.42 -33.32 31.74
N PHE V 418 -28.00 -33.80 32.92
CA PHE V 418 -27.40 -35.13 32.97
C PHE V 418 -28.38 -36.21 32.56
N PHE V 419 -29.67 -36.02 32.83
CA PHE V 419 -30.64 -37.01 32.36
C PHE V 419 -30.79 -36.98 30.84
N LEU V 420 -30.55 -35.83 30.21
CA LEU V 420 -30.44 -35.81 28.75
C LEU V 420 -29.21 -36.57 28.29
N VAL V 421 -28.08 -36.39 28.98
CA VAL V 421 -26.90 -37.20 28.67
C VAL V 421 -27.21 -38.68 28.84
N GLY V 422 -27.90 -39.02 29.93
CA GLY V 422 -28.29 -40.40 30.17
C GLY V 422 -29.21 -40.93 29.09
N HIS V 423 -30.14 -40.11 28.61
CA HIS V 423 -30.99 -40.53 27.50
C HIS V 423 -30.16 -40.87 26.28
N LEU V 424 -29.23 -39.97 25.89
CA LEU V 424 -28.40 -40.24 24.72
C LEU V 424 -27.57 -41.50 24.93
N TRP V 425 -26.97 -41.65 26.11
CA TRP V 425 -26.14 -42.80 26.42
C TRP V 425 -26.92 -44.10 26.24
N HIS V 426 -28.06 -44.20 26.92
CA HIS V 426 -28.81 -45.45 26.91
C HIS V 426 -29.59 -45.63 25.61
N ALA V 427 -30.02 -44.54 24.97
CA ALA V 427 -30.69 -44.68 23.68
C ALA V 427 -29.72 -45.19 22.62
N GLY V 428 -28.51 -44.63 22.59
CA GLY V 428 -27.53 -45.10 21.63
C GLY V 428 -27.10 -46.54 21.93
N ARG V 429 -27.00 -46.89 23.20
CA ARG V 429 -26.62 -48.26 23.55
C ARG V 429 -27.73 -49.24 23.21
N ALA V 430 -28.98 -48.86 23.47
CA ALA V 430 -30.10 -49.76 23.17
C ALA V 430 -30.20 -50.03 21.66
N ARG V 431 -29.97 -49.01 20.84
CA ARG V 431 -29.97 -49.23 19.39
C ARG V 431 -28.82 -50.13 18.98
N ALA V 432 -27.63 -49.90 19.56
CA ALA V 432 -26.45 -50.69 19.18
C ALA V 432 -26.57 -52.15 19.65
N ALA V 433 -27.14 -52.36 20.83
CA ALA V 433 -27.29 -53.72 21.36
C ALA V 433 -28.36 -54.51 20.62
N ALA V 434 -29.48 -53.86 20.29
CA ALA V 434 -30.53 -54.55 19.54
C ALA V 434 -30.03 -54.97 18.16
N ALA V 435 -29.08 -54.22 17.59
CA ALA V 435 -28.53 -54.56 16.28
C ALA V 435 -27.31 -55.46 16.36
N GLY V 436 -26.78 -55.70 17.56
CA GLY V 436 -25.69 -56.65 17.75
C GLY V 436 -24.27 -56.12 17.63
N PHE V 437 -24.03 -54.80 17.77
CA PHE V 437 -22.64 -54.34 17.73
C PHE V 437 -22.29 -53.39 18.88
N GLU V 438 -22.97 -53.53 20.01
CA GLU V 438 -22.64 -52.69 21.17
C GLU V 438 -21.32 -53.09 21.82
N LYS V 439 -20.76 -54.25 21.49
CA LYS V 439 -19.47 -54.66 22.03
C LYS V 439 -18.31 -54.41 21.09
N GLY V 440 -18.56 -53.84 19.92
CA GLY V 440 -17.51 -53.49 18.98
C GLY V 440 -17.77 -54.05 17.60
N ILE V 441 -16.84 -53.75 16.69
CA ILE V 441 -16.96 -54.12 15.29
C ILE V 441 -16.42 -55.55 15.12
N ASP V 442 -17.19 -56.39 14.40
CA ASP V 442 -16.72 -57.74 14.07
C ASP V 442 -15.56 -57.67 13.08
N ARG V 443 -14.38 -58.12 13.51
CA ARG V 443 -13.20 -58.03 12.65
C ARG V 443 -13.42 -58.78 11.34
N GLU V 444 -14.09 -59.93 11.39
CA GLU V 444 -14.31 -60.71 10.18
C GLU V 444 -15.45 -60.16 9.33
N SER V 445 -16.21 -59.20 9.82
CA SER V 445 -17.35 -58.69 9.08
C SER V 445 -17.48 -57.18 9.31
N GLU V 446 -16.39 -56.46 9.10
CA GLU V 446 -16.41 -55.02 9.35
C GLU V 446 -17.25 -54.33 8.28
N PRO V 447 -18.41 -53.76 8.63
CA PRO V 447 -19.30 -53.19 7.59
C PRO V 447 -18.63 -52.23 6.62
N VAL V 448 -17.78 -51.32 7.10
CA VAL V 448 -17.19 -50.30 6.21
C VAL V 448 -16.32 -50.94 5.13
N LEU V 449 -15.67 -52.06 5.42
CA LEU V 449 -14.85 -52.71 4.41
C LEU V 449 -15.68 -53.22 3.23
N SER V 450 -16.99 -53.40 3.41
CA SER V 450 -17.87 -53.78 2.31
C SER V 450 -18.46 -52.59 1.57
N MET V 451 -18.15 -51.36 2.00
CA MET V 451 -18.77 -50.22 1.34
C MET V 451 -17.84 -49.67 0.26
N PRO V 452 -18.43 -49.11 -0.78
CA PRO V 452 -17.62 -48.37 -1.77
C PRO V 452 -16.91 -47.19 -1.13
N SER V 453 -15.73 -46.87 -1.68
CA SER V 453 -15.02 -45.67 -1.26
C SER V 453 -15.90 -44.44 -1.43
N LEU V 454 -15.69 -43.48 -0.53
CA LEU V 454 -16.36 -42.20 -0.69
C LEU V 454 -15.81 -41.45 -1.89
N ASP V 455 -14.53 -41.68 -2.20
CA ASP V 455 -13.87 -41.01 -3.30
C ASP V 455 -12.65 -41.83 -3.70
N GLU W 1 38.15 -53.56 38.50
CA GLU W 1 37.63 -52.57 39.44
C GLU W 1 37.15 -51.32 38.71
N ARG W 2 35.85 -51.24 38.45
CA ARG W 2 35.28 -50.05 37.81
C ARG W 2 35.24 -48.89 38.79
N GLY W 3 35.36 -47.67 38.25
CA GLY W 3 35.54 -46.53 39.12
C GLY W 3 34.25 -46.03 39.76
N TRP W 4 34.43 -45.08 40.68
CA TRP W 4 33.32 -44.65 41.52
C TRP W 4 32.22 -43.98 40.71
N PHE W 5 32.57 -43.26 39.64
CA PHE W 5 31.55 -42.63 38.83
C PHE W 5 30.63 -43.68 38.21
N ASP W 6 31.20 -44.76 37.69
CA ASP W 6 30.39 -45.82 37.09
C ASP W 6 29.59 -46.58 38.13
N ILE W 7 30.18 -46.81 39.31
CA ILE W 7 29.45 -47.43 40.41
C ILE W 7 28.25 -46.57 40.81
N LEU W 8 28.46 -45.26 40.91
CA LEU W 8 27.37 -44.35 41.22
C LEU W 8 26.34 -44.32 40.10
N ASP W 9 26.78 -44.34 38.84
CA ASP W 9 25.85 -44.36 37.73
C ASP W 9 24.94 -45.59 37.81
N ASP W 10 25.53 -46.75 38.10
CA ASP W 10 24.78 -47.99 38.32
C ASP W 10 23.68 -47.81 39.35
N TRP W 11 24.04 -47.34 40.55
CA TRP W 11 23.06 -47.23 41.61
C TRP W 11 21.96 -46.23 41.26
N LEU W 12 22.34 -45.11 40.63
CA LEU W 12 21.35 -44.08 40.29
C LEU W 12 20.31 -44.60 39.31
N LYS W 13 20.71 -45.51 38.42
CA LYS W 13 19.84 -45.96 37.34
C LYS W 13 19.25 -47.35 37.62
N ARG W 14 19.33 -47.83 38.85
CA ARG W 14 18.69 -49.07 39.19
C ARG W 14 17.18 -48.96 38.93
N ASP W 15 16.58 -50.05 38.49
CA ASP W 15 15.15 -50.10 38.29
C ASP W 15 14.49 -50.26 39.66
N ARG W 16 13.89 -49.20 40.17
CA ARG W 16 13.22 -49.21 41.47
C ARG W 16 11.87 -48.53 41.32
N PHE W 17 11.06 -48.58 42.38
CA PHE W 17 9.70 -48.05 42.31
C PHE W 17 9.68 -46.61 41.83
N VAL W 18 10.54 -45.77 42.40
CA VAL W 18 10.70 -44.39 41.92
C VAL W 18 12.12 -44.28 41.39
N PHE W 19 12.23 -44.11 40.08
CA PHE W 19 13.52 -43.96 39.42
C PHE W 19 14.19 -42.68 39.90
N VAL W 20 15.52 -42.75 40.12
CA VAL W 20 16.27 -41.61 40.60
C VAL W 20 17.03 -40.95 39.46
N GLY W 21 18.11 -41.60 39.01
CA GLY W 21 18.92 -41.07 37.91
C GLY W 21 19.78 -39.89 38.32
N TRP W 22 20.71 -39.49 37.45
CA TRP W 22 21.45 -38.25 37.71
C TRP W 22 20.51 -37.07 37.82
N SER W 23 19.47 -37.03 36.98
CA SER W 23 18.53 -35.90 37.02
C SER W 23 17.82 -35.80 38.36
N GLY W 24 17.63 -36.92 39.06
CA GLY W 24 16.96 -36.88 40.35
C GLY W 24 17.72 -36.10 41.40
N ILE W 25 19.05 -36.00 41.26
CA ILE W 25 19.84 -35.22 42.23
C ILE W 25 19.40 -33.77 42.22
N LEU W 26 19.03 -33.24 41.06
CA LEU W 26 18.49 -31.89 40.94
C LEU W 26 16.97 -31.87 41.17
N LEU W 27 16.26 -32.84 40.59
CA LEU W 27 14.80 -32.80 40.57
C LEU W 27 14.22 -32.92 41.98
N PHE W 28 14.64 -33.93 42.73
CA PHE W 28 13.89 -34.28 43.94
C PHE W 28 14.03 -33.24 45.04
N PRO W 29 15.22 -32.76 45.38
CA PRO W 29 15.29 -31.64 46.35
C PRO W 29 14.50 -30.40 45.91
N CYS W 30 14.65 -29.96 44.65
CA CYS W 30 14.04 -28.69 44.24
C CYS W 30 12.52 -28.81 44.15
N ALA W 31 12.02 -29.93 43.62
CA ALA W 31 10.58 -30.16 43.59
C ALA W 31 10.01 -30.26 45.00
N TYR W 32 10.73 -30.93 45.89
CA TYR W 32 10.22 -31.10 47.25
C TYR W 32 10.19 -29.76 47.98
N LEU W 33 11.25 -28.97 47.84
CA LEU W 33 11.28 -27.66 48.48
C LEU W 33 10.24 -26.72 47.89
N ALA W 34 10.03 -26.77 46.57
CA ALA W 34 8.99 -25.94 45.98
C ALA W 34 7.62 -26.29 46.53
N LEU W 35 7.28 -27.57 46.53
CA LEU W 35 5.99 -28.01 47.05
C LEU W 35 5.88 -27.77 48.55
N GLY W 36 6.93 -28.16 49.29
CA GLY W 36 6.91 -27.95 50.73
C GLY W 36 6.84 -26.49 51.12
N GLY W 37 7.54 -25.63 50.38
CA GLY W 37 7.43 -24.20 50.61
C GLY W 37 6.02 -23.69 50.42
N TRP W 38 5.33 -24.18 49.39
CA TRP W 38 3.95 -23.73 49.14
C TRP W 38 3.02 -24.17 50.27
N LEU W 39 3.11 -25.44 50.67
CA LEU W 39 2.26 -25.95 51.74
C LEU W 39 2.58 -25.25 53.06
N THR W 40 3.87 -25.07 53.38
CA THR W 40 4.24 -24.33 54.59
C THR W 40 3.65 -22.91 54.58
N GLY W 41 3.88 -22.18 53.49
CA GLY W 41 3.44 -20.79 53.45
C GLY W 41 1.92 -20.64 53.51
N THR W 42 1.21 -21.40 52.66
CA THR W 42 -0.25 -21.32 52.70
C THR W 42 -0.83 -21.80 54.03
N THR W 43 -0.08 -22.61 54.80
CA THR W 43 -0.61 -23.07 56.09
C THR W 43 -0.31 -22.08 57.20
N PHE W 44 0.89 -21.48 57.19
CA PHE W 44 1.38 -20.76 58.36
C PHE W 44 1.74 -19.29 58.14
N VAL W 45 1.98 -18.82 56.91
CA VAL W 45 2.70 -17.57 56.69
C VAL W 45 1.75 -16.49 56.17
N THR W 46 1.92 -15.27 56.70
CA THR W 46 1.09 -14.11 56.37
C THR W 46 1.61 -13.37 55.14
N SER W 47 0.79 -12.43 54.64
CA SER W 47 1.21 -11.43 53.64
C SER W 47 0.93 -10.01 54.15
N TRP W 48 0.90 -9.84 55.47
CA TRP W 48 0.53 -8.55 56.07
C TRP W 48 1.55 -7.48 55.74
N TYR W 49 2.84 -7.79 55.84
CA TYR W 49 3.88 -6.77 55.67
C TYR W 49 4.22 -6.50 54.22
N THR W 50 3.89 -7.41 53.32
CA THR W 50 4.17 -7.24 51.91
C THR W 50 2.97 -6.73 51.12
N HIS W 51 1.75 -7.12 51.53
CA HIS W 51 0.53 -6.80 50.80
C HIS W 51 -0.59 -6.22 51.64
N GLY W 52 -0.50 -6.27 52.97
CA GLY W 52 -1.67 -5.98 53.79
C GLY W 52 -2.75 -7.02 53.64
N LEU W 53 -2.37 -8.28 53.46
CA LEU W 53 -3.31 -9.37 53.25
C LEU W 53 -3.05 -10.54 54.19
N ALA W 54 -4.12 -11.16 54.68
CA ALA W 54 -4.00 -12.48 55.29
C ALA W 54 -3.98 -13.53 54.18
N SER W 55 -3.19 -14.59 54.38
CA SER W 55 -2.97 -15.52 53.27
C SER W 55 -2.74 -16.97 53.70
N SER W 56 -3.04 -17.34 54.95
CA SER W 56 -2.73 -18.68 55.44
C SER W 56 -3.92 -19.28 56.17
N TYR W 57 -3.92 -20.61 56.27
CA TYR W 57 -4.90 -21.28 57.11
C TYR W 57 -4.85 -20.75 58.54
N LEU W 58 -3.64 -20.51 59.06
CA LEU W 58 -3.48 -20.02 60.43
C LEU W 58 -4.25 -18.73 60.66
N GLU W 59 -4.35 -17.87 59.64
CA GLU W 59 -5.03 -16.60 59.75
C GLU W 59 -6.52 -16.68 59.48
N GLY W 60 -7.03 -17.82 59.01
CA GLY W 60 -8.44 -17.96 58.69
C GLY W 60 -8.77 -18.06 57.21
N CYS W 61 -7.77 -18.09 56.33
CA CYS W 61 -8.06 -18.29 54.91
C CYS W 61 -8.45 -19.75 54.67
N ASN W 62 -9.06 -19.99 53.50
CA ASN W 62 -9.42 -21.33 53.05
C ASN W 62 -8.58 -21.72 51.84
N PHE W 63 -8.81 -22.93 51.33
CA PHE W 63 -7.99 -23.43 50.23
C PHE W 63 -8.05 -22.49 49.01
N LEU W 64 -9.20 -21.87 48.76
CA LEU W 64 -9.27 -20.95 47.61
C LEU W 64 -8.57 -19.64 47.87
N THR W 65 -8.41 -19.20 49.13
CA THR W 65 -7.88 -17.87 49.34
C THR W 65 -6.46 -17.85 49.90
N VAL W 66 -5.91 -18.99 50.38
CA VAL W 66 -4.52 -18.98 50.83
C VAL W 66 -3.59 -18.74 49.65
N ALA W 67 -2.40 -18.24 49.95
CA ALA W 67 -1.39 -18.02 48.92
C ALA W 67 -0.03 -17.88 49.58
N VAL W 68 1.03 -18.10 48.81
CA VAL W 68 2.35 -17.57 49.12
C VAL W 68 2.53 -16.33 48.25
N SER W 69 2.45 -15.15 48.86
CA SER W 69 2.37 -13.92 48.10
C SER W 69 3.78 -13.41 47.76
N THR W 70 3.84 -12.60 46.68
CA THR W 70 5.09 -11.99 46.25
C THR W 70 5.63 -11.01 47.29
N PRO W 71 6.94 -10.74 47.26
CA PRO W 71 7.51 -9.74 48.20
C PRO W 71 6.99 -8.34 47.93
N ALA W 72 7.25 -7.44 48.89
CA ALA W 72 6.85 -6.04 48.73
C ALA W 72 7.56 -5.40 47.53
N ASN W 73 6.87 -4.44 46.90
CA ASN W 73 7.45 -3.79 45.73
C ASN W 73 8.79 -3.15 46.03
N SER W 74 9.02 -2.75 47.28
CA SER W 74 10.29 -2.12 47.64
C SER W 74 11.45 -3.09 47.64
N MET W 75 11.19 -4.39 47.57
CA MET W 75 12.28 -5.34 47.44
C MET W 75 12.85 -5.39 46.02
N GLY W 76 12.21 -4.76 45.04
CA GLY W 76 12.72 -4.84 43.69
C GLY W 76 12.72 -6.27 43.17
N HIS W 77 13.80 -6.64 42.49
CA HIS W 77 13.98 -8.01 42.03
C HIS W 77 15.05 -8.72 42.85
N SER W 78 15.12 -8.39 44.13
CA SER W 78 16.04 -9.06 45.04
C SER W 78 15.83 -10.58 45.01
N LEU W 79 16.94 -11.30 44.98
CA LEU W 79 16.87 -12.75 45.12
C LEU W 79 16.27 -13.13 46.46
N LEU W 80 16.39 -12.23 47.46
CA LEU W 80 15.82 -12.42 48.78
C LEU W 80 16.29 -13.74 49.40
N LEU W 81 17.60 -13.99 49.29
CA LEU W 81 18.20 -15.17 49.89
C LEU W 81 18.08 -15.06 51.41
N LEU W 82 17.85 -16.20 52.08
CA LEU W 82 17.73 -16.18 53.54
C LEU W 82 18.94 -15.49 54.17
N TRP W 83 20.14 -15.77 53.67
CA TRP W 83 21.37 -15.15 54.17
C TRP W 83 21.67 -13.82 53.50
N GLY W 84 20.76 -13.31 52.67
CA GLY W 84 21.00 -12.10 51.94
C GLY W 84 20.92 -10.86 52.81
N PRO W 85 21.11 -9.70 52.19
CA PRO W 85 21.19 -8.45 52.96
C PRO W 85 19.85 -7.97 53.49
N GLU W 86 18.74 -8.54 53.05
CA GLU W 86 17.44 -8.11 53.56
C GLU W 86 17.02 -8.89 54.80
N ALA W 87 17.02 -10.22 54.74
CA ALA W 87 16.64 -11.02 55.90
C ALA W 87 17.82 -11.25 56.84
N GLN W 88 19.04 -11.22 56.30
CA GLN W 88 20.26 -11.31 57.12
C GLN W 88 20.25 -12.52 58.04
N GLY W 89 19.70 -13.64 57.54
CA GLY W 89 19.73 -14.89 58.25
C GLY W 89 18.55 -15.16 59.15
N ASP W 90 17.65 -14.20 59.31
CA ASP W 90 16.52 -14.33 60.23
C ASP W 90 15.36 -15.00 59.51
N PHE W 91 15.08 -16.26 59.85
CA PHE W 91 14.05 -17.02 59.14
C PHE W 91 12.67 -16.38 59.27
N THR W 92 12.33 -15.91 60.48
CA THR W 92 11.03 -15.27 60.69
C THR W 92 10.89 -14.01 59.83
N ARG W 93 11.89 -13.13 59.88
CA ARG W 93 11.87 -11.94 59.03
C ARG W 93 11.79 -12.31 57.56
N TRP W 94 12.56 -13.31 57.16
CA TRP W 94 12.56 -13.79 55.78
C TRP W 94 11.14 -14.14 55.32
N CYS W 95 10.38 -14.87 56.15
CA CYS W 95 9.00 -15.18 55.79
C CYS W 95 8.17 -13.90 55.71
N GLN W 96 8.33 -13.01 56.68
CA GLN W 96 7.55 -11.77 56.68
C GLN W 96 7.88 -10.90 55.48
N LEU W 97 9.11 -10.99 54.97
CA LEU W 97 9.54 -10.18 53.83
C LEU W 97 9.18 -10.81 52.49
N GLY W 98 8.62 -12.02 52.47
CA GLY W 98 8.30 -12.68 51.21
C GLY W 98 9.35 -13.61 50.66
N GLY W 99 10.36 -13.98 51.46
CA GLY W 99 11.41 -14.84 50.96
C GLY W 99 10.91 -16.18 50.44
N LEU W 100 9.79 -16.68 50.97
CA LEU W 100 9.25 -17.94 50.47
C LEU W 100 8.81 -17.85 49.03
N TRP W 101 8.48 -16.64 48.54
CA TRP W 101 8.06 -16.52 47.14
C TRP W 101 9.23 -16.81 46.21
N THR W 102 10.37 -16.14 46.41
CA THR W 102 11.52 -16.44 45.55
C THR W 102 12.04 -17.85 45.81
N PHE W 103 11.96 -18.32 47.06
CA PHE W 103 12.28 -19.71 47.39
C PHE W 103 11.53 -20.69 46.48
N ILE W 104 10.21 -20.51 46.40
CA ILE W 104 9.37 -21.40 45.60
C ILE W 104 9.63 -21.19 44.12
N ALA W 105 9.71 -19.93 43.67
CA ALA W 105 9.90 -19.68 42.24
C ALA W 105 11.23 -20.24 41.76
N LEU W 106 12.31 -20.07 42.54
CA LEU W 106 13.63 -20.49 42.09
C LEU W 106 13.80 -22.00 42.21
N HIS W 107 13.41 -22.58 43.34
CA HIS W 107 13.44 -24.05 43.43
C HIS W 107 12.50 -24.69 42.42
N GLY W 108 11.36 -24.05 42.15
CA GLY W 108 10.45 -24.58 41.13
C GLY W 108 11.07 -24.55 39.74
N ALA W 109 11.77 -23.47 39.42
CA ALA W 109 12.43 -23.36 38.11
C ALA W 109 13.46 -24.47 37.94
N PHE W 110 14.31 -24.65 38.94
CA PHE W 110 15.32 -25.71 38.84
C PHE W 110 14.69 -27.09 38.94
N GLY W 111 13.57 -27.23 39.67
CA GLY W 111 12.84 -28.49 39.65
C GLY W 111 12.31 -28.84 38.28
N LEU W 112 11.75 -27.85 37.57
CA LEU W 112 11.25 -28.07 36.21
C LEU W 112 12.39 -28.45 35.28
N ILE W 113 13.56 -27.82 35.45
CA ILE W 113 14.74 -28.25 34.70
C ILE W 113 15.05 -29.71 35.00
N GLY W 114 15.02 -30.08 36.28
CA GLY W 114 15.30 -31.45 36.66
C GLY W 114 14.29 -32.42 36.07
N PHE W 115 13.02 -32.02 35.99
CA PHE W 115 12.01 -32.93 35.47
C PHE W 115 12.19 -33.16 33.96
N MET W 116 12.46 -32.10 33.21
CA MET W 116 12.73 -32.27 31.79
CA MET W 116 12.72 -32.30 31.78
C MET W 116 13.99 -33.09 31.57
N LEU W 117 15.00 -32.89 32.42
CA LEU W 117 16.21 -33.72 32.33
C LEU W 117 15.88 -35.17 32.63
N ARG W 118 14.96 -35.41 33.57
CA ARG W 118 14.47 -36.75 33.85
C ARG W 118 13.80 -37.37 32.63
N GLN W 119 12.98 -36.58 31.93
CA GLN W 119 12.34 -37.10 30.72
C GLN W 119 13.38 -37.50 29.67
N PHE W 120 14.42 -36.69 29.49
CA PHE W 120 15.51 -37.08 28.61
C PHE W 120 16.19 -38.35 29.11
N GLU W 121 16.49 -38.40 30.41
CA GLU W 121 17.30 -39.50 30.96
C GLU W 121 16.55 -40.83 30.86
N ILE W 122 15.27 -40.84 31.20
CA ILE W 122 14.51 -42.07 31.11
C ILE W 122 14.32 -42.48 29.66
N ALA W 123 13.98 -41.53 28.79
CA ALA W 123 13.83 -41.85 27.37
C ALA W 123 15.10 -42.51 26.84
N ARG W 124 16.27 -41.98 27.21
CA ARG W 124 17.51 -42.54 26.71
C ARG W 124 17.76 -43.94 27.26
N LEU W 125 17.34 -44.22 28.50
CA LEU W 125 17.60 -45.52 29.09
C LEU W 125 16.70 -46.61 28.52
N VAL W 126 15.44 -46.28 28.21
CA VAL W 126 14.53 -47.29 27.65
C VAL W 126 14.55 -47.33 26.14
N GLY W 127 15.12 -46.32 25.47
CA GLY W 127 15.28 -46.36 24.03
C GLY W 127 14.17 -45.76 23.22
N VAL W 128 13.47 -44.75 23.73
CA VAL W 128 12.44 -44.08 22.95
C VAL W 128 12.93 -42.68 22.60
N ARG W 129 12.31 -42.11 21.56
CA ARG W 129 12.62 -40.73 21.20
C ARG W 129 12.05 -39.78 22.24
N PRO W 130 12.73 -38.68 22.54
CA PRO W 130 12.35 -37.84 23.69
C PRO W 130 11.31 -36.75 23.37
N TYR W 131 10.24 -37.14 22.68
CA TYR W 131 9.21 -36.15 22.36
C TYR W 131 8.48 -35.67 23.61
N ASN W 132 8.36 -36.52 24.62
CA ASN W 132 7.72 -36.08 25.86
C ASN W 132 8.48 -34.94 26.49
N ALA W 133 9.81 -35.04 26.53
CA ALA W 133 10.62 -33.91 26.97
C ALA W 133 10.40 -32.69 26.10
N ILE W 134 10.34 -32.88 24.78
CA ILE W 134 10.15 -31.74 23.90
C ILE W 134 8.80 -31.09 24.16
N ALA W 135 7.76 -31.90 24.39
CA ALA W 135 6.46 -31.34 24.70
C ALA W 135 6.49 -30.54 26.01
N PHE W 136 7.29 -30.97 26.99
CA PHE W 136 7.36 -30.27 28.27
C PHE W 136 8.00 -28.89 28.16
N SER W 137 8.65 -28.55 27.05
CA SER W 137 9.19 -27.21 26.89
C SER W 137 8.10 -26.15 26.93
N ALA W 138 6.85 -26.51 26.63
CA ALA W 138 5.76 -25.53 26.69
C ALA W 138 5.44 -25.15 28.13
N PRO W 139 5.18 -26.08 29.06
CA PRO W 139 5.08 -25.69 30.49
C PRO W 139 6.27 -24.88 30.97
N ILE W 140 7.49 -25.21 30.49
CA ILE W 140 8.65 -24.47 30.98
C ILE W 140 8.64 -23.05 30.44
N ALA W 141 8.29 -22.88 29.15
CA ALA W 141 8.19 -21.54 28.57
C ALA W 141 7.13 -20.71 29.29
N VAL W 142 6.00 -21.34 29.65
CA VAL W 142 4.98 -20.61 30.39
C VAL W 142 5.50 -20.20 31.76
N PHE W 143 6.11 -21.14 32.49
CA PHE W 143 6.54 -20.81 33.84
C PHE W 143 7.61 -19.72 33.82
N VAL W 144 8.59 -19.83 32.93
CA VAL W 144 9.70 -18.89 32.87
C VAL W 144 9.21 -17.50 32.47
N SER W 145 8.30 -17.43 31.50
CA SER W 145 7.84 -16.13 31.03
C SER W 145 6.93 -15.45 32.05
N VAL W 146 6.07 -16.21 32.71
CA VAL W 146 5.08 -15.63 33.61
C VAL W 146 5.67 -15.34 34.99
N PHE W 147 6.45 -16.27 35.53
CA PHE W 147 6.93 -16.11 36.91
C PHE W 147 8.31 -15.47 36.99
N LEU W 148 9.05 -15.37 35.89
CA LEU W 148 10.38 -14.77 35.93
C LEU W 148 10.50 -13.56 35.02
N ILE W 149 10.30 -13.73 33.71
CA ILE W 149 10.53 -12.63 32.76
C ILE W 149 9.56 -11.49 33.00
N TYR W 150 8.27 -11.81 33.17
CA TYR W 150 7.27 -10.75 33.36
C TYR W 150 7.60 -9.86 34.56
N PRO W 151 7.77 -10.37 35.79
CA PRO W 151 8.15 -9.47 36.89
C PRO W 151 9.49 -8.78 36.68
N LEU W 152 10.44 -9.42 36.00
CA LEU W 152 11.73 -8.81 35.76
C LEU W 152 11.64 -7.62 34.81
N GLY W 153 10.62 -7.59 33.94
CA GLY W 153 10.39 -6.42 33.13
C GLY W 153 9.65 -5.33 33.87
N GLN W 154 8.88 -5.71 34.89
CA GLN W 154 8.13 -4.74 35.68
C GLN W 154 9.00 -4.19 36.82
N SER W 155 8.37 -3.50 37.76
CA SER W 155 9.17 -2.82 38.78
C SER W 155 9.77 -3.79 39.79
N SER W 156 9.14 -4.96 40.02
CA SER W 156 9.62 -5.86 41.08
C SER W 156 8.88 -7.19 41.02
N TRP W 157 9.35 -8.15 41.86
CA TRP W 157 8.63 -9.42 41.98
C TRP W 157 7.19 -9.22 42.44
N PHE W 158 6.89 -8.10 43.10
CA PHE W 158 5.56 -7.85 43.63
C PHE W 158 4.47 -8.12 42.59
N PHE W 159 4.72 -7.79 41.33
CA PHE W 159 3.70 -7.94 40.30
C PHE W 159 3.76 -9.27 39.56
N ALA W 160 4.65 -10.19 39.95
CA ALA W 160 4.55 -11.58 39.53
C ALA W 160 3.27 -12.21 40.06
N PRO W 161 2.84 -13.38 39.57
CA PRO W 161 1.70 -14.06 40.21
C PRO W 161 2.12 -14.52 41.60
N SER W 162 1.22 -14.34 42.56
CA SER W 162 1.37 -14.99 43.85
C SER W 162 0.85 -16.42 43.76
N PHE W 163 1.44 -17.32 44.56
CA PHE W 163 1.15 -18.76 44.48
C PHE W 163 -0.10 -19.08 45.29
N GLY W 164 -1.26 -18.93 44.66
CA GLY W 164 -2.52 -19.25 45.31
C GLY W 164 -3.67 -19.20 44.33
N VAL W 165 -4.77 -19.83 44.72
CA VAL W 165 -5.91 -19.92 43.81
C VAL W 165 -6.50 -18.54 43.54
N ALA W 166 -6.99 -17.85 44.58
CA ALA W 166 -7.56 -16.52 44.40
C ALA W 166 -6.50 -15.51 43.96
N ALA W 167 -5.26 -15.67 44.45
CA ALA W 167 -4.17 -14.80 44.00
C ALA W 167 -3.99 -14.90 42.48
N ILE W 168 -4.10 -16.11 41.93
CA ILE W 168 -3.98 -16.29 40.49
C ILE W 168 -5.18 -15.66 39.77
N PHE W 169 -6.38 -15.77 40.35
CA PHE W 169 -7.53 -15.07 39.76
C PHE W 169 -7.29 -13.57 39.68
N ARG W 170 -6.77 -12.98 40.76
CA ARG W 170 -6.43 -11.56 40.73
C ARG W 170 -5.48 -11.25 39.56
N PHE W 171 -4.50 -12.13 39.33
CA PHE W 171 -3.54 -11.96 38.23
C PHE W 171 -4.26 -11.91 36.87
N LEU W 172 -5.22 -12.82 36.66
CA LEU W 172 -6.03 -12.76 35.44
C LEU W 172 -6.69 -11.39 35.27
N LEU W 173 -7.37 -10.91 36.33
CA LEU W 173 -8.16 -9.70 36.21
C LEU W 173 -7.27 -8.47 36.05
N PHE W 174 -6.13 -8.45 36.76
CA PHE W 174 -5.13 -7.40 36.55
C PHE W 174 -4.70 -7.34 35.10
N PHE W 175 -4.47 -8.50 34.47
CA PHE W 175 -4.01 -8.50 33.09
C PHE W 175 -5.11 -8.02 32.15
N GLN W 176 -6.38 -8.30 32.45
CA GLN W 176 -7.44 -7.70 31.67
C GLN W 176 -7.46 -6.18 31.82
N GLY W 177 -7.48 -5.71 33.08
CA GLY W 177 -7.68 -4.28 33.33
C GLY W 177 -6.51 -3.43 32.88
N PHE W 178 -5.28 -3.90 33.13
CA PHE W 178 -4.11 -3.10 32.83
C PHE W 178 -3.51 -3.41 31.45
N HIS W 179 -3.53 -4.67 31.02
CA HIS W 179 -2.89 -5.04 29.76
C HIS W 179 -3.87 -5.26 28.62
N ASN W 180 -5.18 -5.29 28.87
CA ASN W 180 -6.14 -5.74 27.85
C ASN W 180 -5.67 -7.05 27.22
N TRP W 181 -5.24 -7.99 28.07
CA TRP W 181 -4.57 -9.21 27.61
C TRP W 181 -5.47 -10.05 26.69
N THR W 182 -6.80 -10.01 26.88
CA THR W 182 -7.65 -10.79 25.97
C THR W 182 -7.54 -10.31 24.52
N LEU W 183 -7.21 -9.03 24.29
CA LEU W 183 -7.09 -8.51 22.94
C LEU W 183 -5.79 -8.97 22.24
N ASN W 184 -4.91 -9.65 22.96
CA ASN W 184 -3.57 -9.90 22.45
C ASN W 184 -3.57 -11.14 21.54
N PRO W 185 -3.13 -11.04 20.28
CA PRO W 185 -3.20 -12.21 19.40
C PRO W 185 -2.33 -13.37 19.85
N PHE W 186 -1.27 -13.11 20.63
CA PHE W 186 -0.52 -14.22 21.19
C PHE W 186 -1.30 -14.96 22.27
N HIS W 187 -2.11 -14.24 23.08
CA HIS W 187 -2.97 -14.96 24.01
C HIS W 187 -4.04 -15.75 23.27
N MET W 188 -4.59 -15.16 22.19
CA MET W 188 -5.61 -15.83 21.38
C MET W 188 -5.06 -17.14 20.79
N MET W 189 -3.83 -17.12 20.27
CA MET W 189 -3.27 -18.38 19.80
C MET W 189 -3.11 -19.36 20.96
N GLY W 190 -2.76 -18.87 22.15
CA GLY W 190 -2.71 -19.74 23.32
C GLY W 190 -4.06 -20.36 23.62
N VAL W 191 -5.13 -19.54 23.62
CA VAL W 191 -6.48 -20.08 23.84
C VAL W 191 -6.79 -21.16 22.80
N ALA W 192 -6.49 -20.88 21.52
CA ALA W 192 -6.76 -21.84 20.47
C ALA W 192 -6.04 -23.16 20.71
N GLY W 193 -4.78 -23.11 21.17
CA GLY W 193 -4.04 -24.33 21.43
C GLY W 193 -4.59 -25.13 22.61
N VAL W 194 -5.04 -24.44 23.64
CA VAL W 194 -5.55 -25.14 24.83
C VAL W 194 -6.92 -25.73 24.53
N LEU W 195 -7.83 -24.92 23.97
CA LEU W 195 -9.16 -25.43 23.64
C LEU W 195 -9.08 -26.44 22.50
N GLY W 196 -8.22 -26.20 21.51
CA GLY W 196 -8.03 -27.18 20.45
C GLY W 196 -7.40 -28.46 20.98
N GLY W 197 -6.47 -28.33 21.93
CA GLY W 197 -5.89 -29.51 22.57
C GLY W 197 -6.93 -30.31 23.34
N ALA W 198 -7.77 -29.63 24.12
CA ALA W 198 -8.84 -30.32 24.84
C ALA W 198 -9.81 -30.99 23.87
N LEU W 199 -10.09 -30.33 22.75
CA LEU W 199 -10.94 -30.90 21.72
C LEU W 199 -10.32 -32.16 21.14
N LEU W 200 -9.04 -32.10 20.76
CA LEU W 200 -8.36 -33.27 20.22
C LEU W 200 -8.37 -34.41 21.23
N CYS W 201 -8.08 -34.11 22.50
CA CYS W 201 -8.09 -35.13 23.56
C CYS W 201 -9.44 -35.84 23.62
N ALA W 202 -10.52 -35.06 23.71
CA ALA W 202 -11.86 -35.63 23.81
C ALA W 202 -12.21 -36.43 22.57
N ILE W 203 -11.96 -35.86 21.39
CA ILE W 203 -12.48 -36.47 20.16
C ILE W 203 -11.69 -37.72 19.81
N HIS W 204 -10.38 -37.71 20.08
CA HIS W 204 -9.59 -38.91 19.82
C HIS W 204 -9.99 -40.03 20.77
N GLY W 205 -10.07 -39.72 22.07
CA GLY W 205 -10.48 -40.74 23.02
C GLY W 205 -11.84 -41.32 22.69
N ALA W 206 -12.80 -40.45 22.37
CA ALA W 206 -14.14 -40.93 22.04
C ALA W 206 -14.14 -41.76 20.77
N THR W 207 -13.32 -41.37 19.78
CA THR W 207 -13.32 -42.07 18.51
C THR W 207 -12.76 -43.49 18.67
N VAL W 208 -11.62 -43.62 19.34
CA VAL W 208 -11.06 -44.95 19.62
C VAL W 208 -12.10 -45.80 20.32
N GLU W 209 -12.71 -45.25 21.38
CA GLU W 209 -13.64 -46.02 22.20
C GLU W 209 -14.91 -46.41 21.45
N ASN W 210 -15.23 -45.74 20.34
CA ASN W 210 -16.45 -46.04 19.61
C ASN W 210 -16.18 -46.67 18.25
N THR W 211 -14.93 -47.02 17.95
CA THR W 211 -14.59 -47.82 16.78
C THR W 211 -13.80 -49.07 17.17
N LEU W 212 -13.90 -49.49 18.43
CA LEU W 212 -13.24 -50.71 18.90
C LEU W 212 -13.75 -51.92 18.12
N PHE W 213 -12.84 -52.85 17.86
CA PHE W 213 -13.26 -54.17 17.40
C PHE W 213 -13.80 -54.96 18.57
N GLN W 214 -14.73 -55.87 18.29
CA GLN W 214 -15.22 -56.75 19.36
C GLN W 214 -14.19 -57.84 19.57
N ASP W 215 -13.36 -57.71 20.60
CA ASP W 215 -12.29 -58.66 20.84
C ASP W 215 -12.52 -59.50 22.08
N GLY W 216 -13.75 -59.52 22.59
CA GLY W 216 -14.15 -60.34 23.72
C GLY W 216 -15.66 -60.40 23.78
N GLU W 217 -16.17 -61.16 24.76
CA GLU W 217 -17.60 -61.33 24.97
C GLU W 217 -18.21 -60.39 26.00
N GLY W 218 -17.39 -59.70 26.79
CA GLY W 218 -17.93 -58.83 27.83
C GLY W 218 -18.66 -57.61 27.27
N ALA W 219 -19.73 -57.22 27.97
CA ALA W 219 -20.39 -55.96 27.69
C ALA W 219 -19.55 -54.77 28.11
N SER W 220 -18.71 -54.95 29.13
CA SER W 220 -17.66 -54.00 29.45
C SER W 220 -16.43 -54.41 28.65
N THR W 221 -15.94 -53.51 27.79
CA THR W 221 -15.02 -53.88 26.71
C THR W 221 -13.55 -53.69 27.06
N PHE W 222 -13.23 -53.22 28.26
CA PHE W 222 -11.86 -52.88 28.61
C PHE W 222 -10.96 -54.12 28.69
N ARG W 223 -11.52 -55.25 29.13
CA ARG W 223 -10.69 -56.43 29.30
C ARG W 223 -10.24 -57.05 27.98
N ALA W 224 -10.90 -56.72 26.87
CA ALA W 224 -10.56 -57.30 25.58
C ALA W 224 -9.43 -56.52 24.91
N PHE W 225 -8.35 -56.29 25.64
CA PHE W 225 -7.14 -55.69 25.09
C PHE W 225 -5.93 -56.31 25.77
N ASN W 226 -4.86 -56.54 25.00
CA ASN W 226 -3.62 -57.08 25.55
C ASN W 226 -2.48 -56.17 25.12
N PRO W 227 -1.70 -55.61 26.05
CA PRO W 227 -0.67 -54.63 25.65
C PRO W 227 0.30 -55.15 24.61
N THR W 228 0.59 -56.45 24.61
CA THR W 228 1.53 -57.02 23.68
C THR W 228 0.91 -57.36 22.32
N GLN W 229 -0.40 -57.20 22.15
CA GLN W 229 -1.03 -57.63 20.90
C GLN W 229 -0.50 -56.83 19.71
N ALA W 230 -0.51 -57.47 18.54
CA ALA W 230 -0.03 -56.82 17.33
C ALA W 230 -1.09 -55.96 16.66
N GLU W 231 -2.36 -56.35 16.76
CA GLU W 231 -3.42 -55.70 16.00
C GLU W 231 -3.88 -54.42 16.67
N GLU W 232 -4.23 -53.44 15.85
CA GLU W 232 -4.95 -52.28 16.36
C GLU W 232 -6.20 -52.74 17.08
N THR W 233 -6.50 -52.09 18.20
CA THR W 233 -7.69 -52.43 18.98
C THR W 233 -8.95 -51.74 18.47
N TYR W 234 -8.80 -50.74 17.60
CA TYR W 234 -9.93 -50.05 16.99
C TYR W 234 -9.70 -49.95 15.48
N SER W 235 -10.78 -49.65 14.75
CA SER W 235 -10.75 -49.60 13.29
C SER W 235 -10.44 -48.18 12.80
N MET W 236 -9.20 -47.98 12.33
CA MET W 236 -8.87 -46.71 11.70
C MET W 236 -9.70 -46.49 10.44
N VAL W 237 -9.99 -47.55 9.69
CA VAL W 237 -10.74 -47.40 8.45
C VAL W 237 -12.17 -46.92 8.74
N THR W 238 -12.82 -47.49 9.74
CA THR W 238 -14.19 -47.06 10.06
C THR W 238 -14.20 -45.64 10.66
N ALA W 239 -13.27 -45.34 11.57
CA ALA W 239 -13.15 -43.99 12.10
C ALA W 239 -12.96 -42.96 10.99
N ASN W 240 -12.11 -43.28 10.01
CA ASN W 240 -11.85 -42.33 8.94
C ASN W 240 -13.12 -42.07 8.13
N ARG W 241 -13.90 -43.12 7.85
CA ARG W 241 -15.09 -42.92 7.04
C ARG W 241 -16.12 -42.09 7.80
N PHE W 242 -16.30 -42.40 9.09
CA PHE W 242 -17.26 -41.65 9.91
C PHE W 242 -16.96 -40.16 9.91
N TRP W 243 -15.71 -39.79 10.20
CA TRP W 243 -15.39 -38.36 10.28
C TRP W 243 -15.39 -37.70 8.91
N SER W 244 -14.99 -38.44 7.86
CA SER W 244 -15.05 -37.90 6.50
C SER W 244 -16.48 -37.50 6.14
N GLN W 245 -17.45 -38.33 6.53
CA GLN W 245 -18.86 -38.10 6.22
C GLN W 245 -19.53 -37.12 7.16
N ILE W 246 -19.07 -37.03 8.41
CA ILE W 246 -19.69 -36.13 9.38
C ILE W 246 -19.13 -34.72 9.23
N PHE W 247 -17.81 -34.61 9.22
CA PHE W 247 -17.11 -33.34 9.32
C PHE W 247 -16.48 -32.91 8.01
N GLY W 248 -16.31 -33.82 7.05
CA GLY W 248 -15.73 -33.46 5.78
C GLY W 248 -14.31 -33.96 5.62
N ILE W 249 -13.55 -33.93 6.70
CA ILE W 249 -12.19 -34.44 6.68
C ILE W 249 -11.98 -35.34 7.88
N ALA W 250 -10.94 -36.18 7.79
CA ALA W 250 -10.62 -37.12 8.84
C ALA W 250 -9.13 -37.40 8.79
N PHE W 251 -8.59 -37.84 9.92
CA PHE W 251 -7.25 -38.39 9.89
C PHE W 251 -7.25 -39.69 9.07
N SER W 252 -6.14 -39.95 8.39
CA SER W 252 -5.89 -41.27 7.85
C SER W 252 -4.55 -41.83 8.28
N ASN W 253 -3.65 -41.01 8.79
CA ASN W 253 -2.34 -41.43 9.22
C ASN W 253 -2.27 -41.33 10.74
N LYS W 254 -2.14 -42.49 11.41
CA LYS W 254 -2.11 -42.53 12.87
C LYS W 254 -0.88 -41.82 13.44
N ARG W 255 0.24 -41.83 12.71
CA ARG W 255 1.43 -41.14 13.21
C ARG W 255 1.23 -39.63 13.14
N TRP W 256 0.72 -39.12 12.02
CA TRP W 256 0.41 -37.71 11.93
C TRP W 256 -0.58 -37.29 13.00
N LEU W 257 -1.62 -38.10 13.22
CA LEU W 257 -2.62 -37.79 14.25
C LEU W 257 -1.95 -37.52 15.58
N HIS W 258 -1.09 -38.43 16.01
CA HIS W 258 -0.53 -38.26 17.35
C HIS W 258 0.53 -37.17 17.39
N PHE W 259 1.26 -36.94 16.29
CA PHE W 259 2.15 -35.78 16.31
C PHE W 259 1.36 -34.48 16.40
N PHE W 260 0.25 -34.40 15.68
CA PHE W 260 -0.59 -33.20 15.73
C PHE W 260 -1.10 -32.95 17.15
N MET W 261 -1.38 -34.02 17.90
CA MET W 261 -1.82 -33.88 19.29
C MET W 261 -0.73 -33.28 20.16
N LEU W 262 0.54 -33.62 19.90
CA LEU W 262 1.64 -32.91 20.53
C LEU W 262 1.68 -31.46 20.04
N PHE W 263 1.63 -31.26 18.71
CA PHE W 263 1.93 -29.96 18.13
C PHE W 263 0.97 -28.86 18.63
N VAL W 264 -0.32 -29.16 18.72
CA VAL W 264 -1.32 -28.10 18.91
C VAL W 264 -1.22 -27.45 20.28
N PRO W 265 -1.36 -28.18 21.40
CA PRO W 265 -1.25 -27.49 22.71
C PRO W 265 0.13 -26.97 23.00
N VAL W 266 1.18 -27.65 22.52
CA VAL W 266 2.55 -27.19 22.77
C VAL W 266 2.80 -25.86 22.07
N THR W 267 2.35 -25.73 20.81
CA THR W 267 2.52 -24.48 20.09
C THR W 267 1.69 -23.37 20.73
N GLY W 268 0.45 -23.68 21.13
CA GLY W 268 -0.37 -22.69 21.79
C GLY W 268 0.29 -22.09 23.02
N LEU W 269 0.82 -22.95 23.89
CA LEU W 269 1.43 -22.43 25.11
C LEU W 269 2.65 -21.58 24.80
N TRP W 270 3.44 -21.99 23.80
CA TRP W 270 4.62 -21.21 23.39
C TRP W 270 4.21 -19.83 22.90
N MET W 271 3.14 -19.74 22.10
CA MET W 271 2.68 -18.44 21.64
C MET W 271 2.24 -17.56 22.81
N SER W 272 1.52 -18.12 23.80
CA SER W 272 1.11 -17.30 24.93
C SER W 272 2.32 -16.77 25.71
N ALA W 273 3.36 -17.59 25.83
CA ALA W 273 4.58 -17.13 26.50
C ALA W 273 5.18 -15.91 25.81
N ILE W 274 5.12 -15.88 24.47
CA ILE W 274 5.67 -14.75 23.73
C ILE W 274 4.90 -13.47 24.05
N GLY W 275 3.57 -13.55 24.08
CA GLY W 275 2.78 -12.38 24.45
C GLY W 275 3.13 -11.84 25.84
N VAL W 276 3.33 -12.75 26.80
CA VAL W 276 3.65 -12.33 28.17
C VAL W 276 5.02 -11.65 28.21
N VAL W 277 5.98 -12.15 27.43
CA VAL W 277 7.26 -11.46 27.33
C VAL W 277 7.04 -10.01 26.86
N GLY W 278 6.13 -9.80 25.91
CA GLY W 278 5.77 -8.43 25.53
C GLY W 278 5.19 -7.65 26.70
N LEU W 279 4.26 -8.28 27.44
CA LEU W 279 3.66 -7.61 28.58
C LEU W 279 4.68 -7.31 29.68
N ALA W 280 5.79 -8.04 29.75
CA ALA W 280 6.83 -7.68 30.71
C ALA W 280 7.27 -6.23 30.55
N LEU W 281 7.19 -5.71 29.32
CA LEU W 281 7.61 -4.37 28.98
C LEU W 281 6.43 -3.42 28.78
N ASN W 282 5.22 -3.84 29.17
CA ASN W 282 3.97 -3.16 28.85
C ASN W 282 3.76 -3.03 27.35
N LEU W 283 4.42 -3.87 26.55
CA LEU W 283 4.20 -3.89 25.10
CA LEU W 283 4.19 -3.88 25.11
C LEU W 283 2.92 -4.68 24.86
N ARG W 284 1.79 -4.00 25.09
CA ARG W 284 0.48 -4.59 25.02
C ARG W 284 -0.13 -4.50 23.64
N SER W 285 -1.06 -5.41 23.39
CA SER W 285 -2.09 -5.18 22.39
CA SER W 285 -2.09 -5.17 22.39
C SER W 285 -3.27 -4.50 23.10
N TYR W 286 -3.07 -3.20 23.42
CA TYR W 286 -4.08 -2.51 24.22
C TYR W 286 -5.17 -1.88 23.38
N ASP W 287 -4.81 -1.21 22.27
CA ASP W 287 -5.77 -0.39 21.53
C ASP W 287 -5.69 -0.68 20.04
N PHE W 288 -6.74 -0.26 19.33
CA PHE W 288 -6.71 -0.13 17.87
C PHE W 288 -6.78 1.38 17.59
N ILE W 289 -5.70 1.94 17.05
CA ILE W 289 -5.62 3.40 16.92
C ILE W 289 -6.76 3.94 16.06
N SER W 290 -7.10 3.26 14.97
CA SER W 290 -8.21 3.74 14.14
C SER W 290 -9.52 3.82 14.93
N GLN W 291 -9.77 2.85 15.82
CA GLN W 291 -10.97 2.90 16.66
C GLN W 291 -10.97 4.13 17.56
N GLU W 292 -9.83 4.46 18.16
CA GLU W 292 -9.79 5.57 19.10
C GLU W 292 -9.96 6.91 18.39
N ILE W 293 -9.38 7.04 17.21
CA ILE W 293 -9.52 8.29 16.45
C ILE W 293 -10.99 8.51 16.10
N ARG W 294 -11.65 7.48 15.59
CA ARG W 294 -13.06 7.58 15.23
C ARG W 294 -13.94 7.88 16.45
N ALA W 295 -13.72 7.16 17.55
CA ALA W 295 -14.55 7.34 18.74
C ALA W 295 -14.31 8.70 19.37
N ALA W 296 -13.07 9.18 19.37
CA ALA W 296 -12.80 10.48 19.99
C ALA W 296 -13.52 11.61 19.23
N GLU W 297 -13.62 11.51 17.92
CA GLU W 297 -14.26 12.52 17.09
C GLU W 297 -15.76 12.34 16.95
N ASP W 298 -16.27 11.12 17.15
CA ASP W 298 -17.66 10.77 16.85
C ASP W 298 -18.28 10.14 18.09
N PRO W 299 -18.96 10.94 18.93
CA PRO W 299 -19.52 10.40 20.18
C PRO W 299 -20.71 9.47 19.99
N GLU W 300 -21.13 9.14 18.77
CA GLU W 300 -22.16 8.11 18.57
C GLU W 300 -21.57 6.78 18.13
N PHE W 301 -20.25 6.69 17.95
CA PHE W 301 -19.60 5.48 17.48
C PHE W 301 -19.23 4.61 18.69
N GLU W 302 -19.75 3.38 18.72
CA GLU W 302 -19.50 2.47 19.84
C GLU W 302 -19.37 1.06 19.32
N THR W 303 -18.38 0.32 19.84
CA THR W 303 -18.18 -1.08 19.51
C THR W 303 -17.92 -1.87 20.79
N PHE W 304 -17.92 -3.20 20.67
CA PHE W 304 -17.58 -4.00 21.85
C PHE W 304 -16.15 -3.70 22.31
N TYR W 305 -15.28 -3.27 21.38
CA TYR W 305 -13.92 -2.92 21.77
C TYR W 305 -13.90 -1.69 22.69
N THR W 306 -14.65 -0.63 22.36
CA THR W 306 -14.67 0.53 23.26
C THR W 306 -15.39 0.21 24.56
N LYS W 307 -16.41 -0.66 24.52
CA LYS W 307 -17.09 -1.04 25.76
C LYS W 307 -16.13 -1.71 26.72
N ASN W 308 -15.21 -2.55 26.22
CA ASN W 308 -14.31 -3.26 27.14
C ASN W 308 -13.27 -2.33 27.75
N LEU W 309 -12.85 -1.29 27.04
CA LEU W 309 -11.90 -0.33 27.61
C LEU W 309 -12.50 0.40 28.81
N LEU W 310 -13.81 0.69 28.76
CA LEU W 310 -14.46 1.29 29.93
C LEU W 310 -14.43 0.34 31.12
N LEU W 311 -14.68 -0.94 30.88
CA LEU W 311 -14.52 -1.94 31.93
C LEU W 311 -13.10 -1.94 32.49
N ASN W 312 -12.10 -1.88 31.60
CA ASN W 312 -10.71 -1.86 32.06
C ASN W 312 -10.44 -0.65 32.94
N GLU W 313 -10.96 0.52 32.54
CA GLU W 313 -10.74 1.74 33.31
C GLU W 313 -11.39 1.63 34.69
N GLY W 314 -12.55 0.98 34.76
CA GLY W 314 -13.13 0.70 36.06
C GLY W 314 -12.24 -0.21 36.88
N ILE W 315 -11.75 -1.30 36.28
CA ILE W 315 -10.88 -2.21 37.01
C ILE W 315 -9.70 -1.45 37.59
N ARG W 316 -9.00 -0.67 36.77
CA ARG W 316 -7.79 0.01 37.24
C ARG W 316 -8.10 0.92 38.41
N ALA W 317 -9.12 1.76 38.27
CA ALA W 317 -9.38 2.76 39.29
C ALA W 317 -9.86 2.12 40.59
N TRP W 318 -10.68 1.06 40.49
CA TRP W 318 -11.28 0.48 41.68
C TRP W 318 -10.40 -0.53 42.40
N MET W 319 -9.45 -1.16 41.69
CA MET W 319 -8.60 -2.16 42.31
C MET W 319 -7.22 -1.64 42.69
N ALA W 320 -6.71 -0.59 42.02
CA ALA W 320 -5.33 -0.17 42.25
C ALA W 320 -4.99 0.24 43.69
N PRO W 321 -5.84 0.99 44.43
CA PRO W 321 -5.40 1.42 45.77
C PRO W 321 -5.10 0.27 46.72
N GLN W 322 -5.93 -0.78 46.76
CA GLN W 322 -5.62 -1.91 47.64
C GLN W 322 -4.68 -2.92 47.00
N ASP W 323 -4.69 -3.02 45.66
CA ASP W 323 -3.81 -3.97 44.97
C ASP W 323 -2.38 -3.48 44.87
N GLN W 324 -2.15 -2.16 44.91
CA GLN W 324 -0.81 -1.58 44.84
C GLN W 324 -0.58 -0.67 46.04
N PRO W 325 -0.57 -1.23 47.27
CA PRO W 325 -0.53 -0.38 48.47
C PRO W 325 0.72 0.49 48.55
N GLU W 327 1.93 2.34 46.43
CA GLU W 327 1.67 3.58 45.69
C GLU W 327 0.94 4.62 46.56
N ASN W 328 0.37 4.19 47.69
CA ASN W 328 -0.39 5.09 48.56
C ASN W 328 -1.43 5.88 47.78
N PHE W 329 -2.19 5.19 46.92
CA PHE W 329 -3.23 5.86 46.16
C PHE W 329 -4.37 6.29 47.08
N VAL W 330 -4.76 7.55 46.99
CA VAL W 330 -6.01 8.03 47.54
C VAL W 330 -6.82 8.61 46.38
N PHE W 331 -7.91 7.92 46.03
CA PHE W 331 -8.77 8.36 44.95
C PHE W 331 -10.06 8.85 45.60
N PRO W 332 -10.24 10.16 45.75
CA PRO W 332 -11.51 10.66 46.31
C PRO W 332 -12.67 10.11 45.49
N GLU W 333 -13.76 9.82 46.18
CA GLU W 333 -14.96 9.26 45.56
C GLU W 333 -15.29 9.92 44.22
N GLU W 334 -15.20 11.26 44.17
CA GLU W 334 -15.66 11.99 42.99
C GLU W 334 -14.85 11.65 41.75
N VAL W 335 -13.62 11.14 41.89
CA VAL W 335 -12.82 10.84 40.70
C VAL W 335 -13.02 9.42 40.19
N LEU W 336 -13.70 8.57 40.93
CA LEU W 336 -13.85 7.19 40.49
C LEU W 336 -14.78 7.11 39.29
N PRO W 337 -14.38 6.47 38.19
CA PRO W 337 -15.29 6.36 37.04
C PRO W 337 -16.44 5.42 37.38
N ARG W 338 -17.67 5.85 37.11
CA ARG W 338 -18.86 5.06 37.39
C ARG W 338 -19.93 5.42 36.38
N GLY W 339 -20.70 4.42 35.97
CA GLY W 339 -21.88 4.68 35.17
C GLY W 339 -22.99 5.24 36.04
N ASN W 340 -24.17 5.33 35.44
CA ASN W 340 -25.32 5.84 36.18
C ASN W 340 -25.73 4.86 37.27
N ALA W 341 -26.10 5.42 38.43
CA ALA W 341 -26.72 4.68 39.52
C ALA W 341 -25.79 3.71 40.24
N LEU W 342 -25.10 2.84 39.52
CA LEU W 342 -24.24 1.84 40.16
C LEU W 342 -23.00 2.48 40.79
N GLY X 5 12.13 -57.17 43.96
CA GLY X 5 11.75 -55.80 44.28
C GLY X 5 11.19 -55.62 45.67
N GLU X 6 10.58 -54.47 45.91
CA GLU X 6 9.97 -54.19 47.19
C GLU X 6 8.55 -54.76 47.25
N ARG X 7 8.09 -55.01 48.48
CA ARG X 7 6.76 -55.54 48.72
C ARG X 7 5.69 -54.57 48.23
N PRO X 8 4.57 -55.10 47.71
CA PRO X 8 3.48 -54.21 47.29
C PRO X 8 2.89 -53.46 48.48
N PHE X 9 2.49 -52.21 48.24
CA PHE X 9 1.90 -51.39 49.30
C PHE X 9 0.69 -52.08 49.91
N SER X 10 -0.09 -52.79 49.09
CA SER X 10 -1.27 -53.48 49.60
C SER X 10 -0.91 -54.57 50.59
N ASP X 11 0.27 -55.21 50.44
CA ASP X 11 0.73 -56.15 51.45
C ASP X 11 1.13 -55.44 52.74
N ILE X 12 1.76 -54.27 52.61
CA ILE X 12 2.27 -53.57 53.78
C ILE X 12 1.13 -53.06 54.63
N ILE X 13 0.19 -52.32 54.04
CA ILE X 13 -0.85 -51.66 54.83
C ILE X 13 -1.99 -52.59 55.22
N THR X 14 -1.92 -53.86 54.88
CA THR X 14 -2.87 -54.84 55.40
C THR X 14 -2.23 -55.74 56.45
N SER X 15 -0.99 -55.47 56.84
CA SER X 15 -0.27 -56.27 57.81
C SER X 15 -0.42 -55.70 59.21
N VAL X 16 -0.34 -56.59 60.20
CA VAL X 16 -0.44 -56.18 61.60
C VAL X 16 0.74 -55.30 61.98
N ARG X 17 1.94 -55.65 61.52
CA ARG X 17 3.12 -54.90 61.92
C ARG X 17 3.01 -53.45 61.50
N TYR X 18 2.56 -53.19 60.28
CA TYR X 18 2.41 -51.82 59.81
C TYR X 18 1.49 -51.02 60.72
N TRP X 19 0.36 -51.60 61.12
CA TRP X 19 -0.59 -50.86 61.95
C TRP X 19 -0.16 -50.75 63.41
N VAL X 20 0.63 -51.70 63.92
CA VAL X 20 1.19 -51.53 65.26
C VAL X 20 2.11 -50.31 65.28
N ILE X 21 2.96 -50.18 64.28
CA ILE X 21 3.88 -49.03 64.20
C ILE X 21 3.08 -47.75 64.01
N HIS X 22 2.16 -47.74 63.06
CA HIS X 22 1.54 -46.49 62.65
C HIS X 22 0.33 -46.11 63.49
N SER X 23 -0.18 -47.00 64.34
CA SER X 23 -1.18 -46.56 65.32
C SER X 23 -0.53 -45.68 66.38
N ILE X 24 0.79 -45.72 66.51
CA ILE X 24 1.49 -44.81 67.39
C ILE X 24 1.96 -43.56 66.65
N THR X 25 2.64 -43.73 65.50
CA THR X 25 3.32 -42.59 64.90
C THR X 25 2.36 -41.60 64.27
N ILE X 26 1.29 -42.08 63.64
CA ILE X 26 0.35 -41.19 62.98
C ILE X 26 -0.38 -40.31 64.01
N PRO X 27 -0.98 -40.85 65.07
CA PRO X 27 -1.60 -39.93 66.05
C PRO X 27 -0.60 -38.99 66.69
N ALA X 28 0.62 -39.48 66.97
CA ALA X 28 1.63 -38.62 67.57
C ALA X 28 1.94 -37.41 66.68
N LEU X 29 2.12 -37.65 65.37
CA LEU X 29 2.37 -36.54 64.46
C LEU X 29 1.18 -35.58 64.43
N PHE X 30 -0.03 -36.12 64.45
CA PHE X 30 -1.23 -35.28 64.41
C PHE X 30 -1.28 -34.37 65.63
N ILE X 31 -1.02 -34.93 66.82
CA ILE X 31 -1.09 -34.18 68.07
C ILE X 31 0.03 -33.14 68.15
N ALA X 32 1.22 -33.49 67.64
CA ALA X 32 2.31 -32.51 67.60
C ALA X 32 1.96 -31.32 66.70
N GLY X 33 1.34 -31.59 65.54
CA GLY X 33 0.90 -30.48 64.70
C GLY X 33 -0.17 -29.65 65.38
N TRP X 34 -1.11 -30.32 66.05
CA TRP X 34 -2.11 -29.63 66.85
C TRP X 34 -1.45 -28.69 67.86
N LEU X 35 -0.52 -29.23 68.66
CA LEU X 35 0.14 -28.43 69.69
C LEU X 35 0.98 -27.31 69.11
N PHE X 36 1.59 -27.53 67.94
CA PHE X 36 2.34 -26.47 67.28
C PHE X 36 1.49 -25.22 67.11
N VAL X 37 0.20 -25.38 66.81
CA VAL X 37 -0.72 -24.26 66.70
C VAL X 37 -1.27 -23.87 68.08
N SER X 38 -1.76 -24.84 68.85
CA SER X 38 -2.53 -24.51 70.05
C SER X 38 -1.68 -23.85 71.13
N THR X 39 -0.37 -24.10 71.14
CA THR X 39 0.51 -23.36 72.04
C THR X 39 0.89 -21.99 71.49
N GLY X 40 0.51 -21.69 70.24
CA GLY X 40 0.88 -20.43 69.62
C GLY X 40 2.26 -20.36 69.02
N LEU X 41 3.04 -21.45 69.08
CA LEU X 41 4.40 -21.43 68.57
C LEU X 41 4.44 -21.14 67.07
N ALA X 42 3.44 -21.59 66.31
CA ALA X 42 3.43 -21.34 64.88
C ALA X 42 3.45 -19.84 64.60
N TYR X 43 2.77 -19.05 65.42
CA TYR X 43 2.79 -17.60 65.22
C TYR X 43 4.22 -17.07 65.28
N ASP X 44 5.02 -17.55 66.24
CA ASP X 44 6.32 -16.94 66.48
C ASP X 44 7.41 -17.48 65.57
N VAL X 45 7.30 -18.73 65.14
CA VAL X 45 8.25 -19.26 64.15
C VAL X 45 8.13 -18.50 62.84
N PHE X 46 6.90 -18.29 62.37
CA PHE X 46 6.68 -17.72 61.05
C PHE X 46 6.41 -16.22 61.06
N GLY X 47 6.21 -15.61 62.22
CA GLY X 47 5.98 -14.18 62.27
C GLY X 47 4.61 -13.74 61.81
N THR X 48 3.61 -14.57 61.99
CA THR X 48 2.23 -14.36 61.57
C THR X 48 1.45 -13.64 62.67
N PRO X 49 0.73 -12.57 62.37
CA PRO X 49 -0.03 -11.87 63.43
C PRO X 49 -1.11 -12.76 64.01
N ARG X 50 -1.19 -12.78 65.35
CA ARG X 50 -2.37 -13.25 66.05
C ARG X 50 -3.51 -12.27 65.78
N PRO X 51 -4.76 -12.67 66.02
CA PRO X 51 -5.88 -11.75 65.73
C PRO X 51 -5.78 -10.37 66.40
N ASP X 52 -5.10 -10.25 67.53
CA ASP X 52 -4.95 -8.94 68.16
C ASP X 52 -3.66 -8.22 67.77
N SER X 53 -2.99 -8.65 66.69
CA SER X 53 -1.66 -8.14 66.40
C SER X 53 -1.49 -7.61 64.97
N TYR X 54 -2.58 -7.41 64.23
CA TYR X 54 -2.47 -6.77 62.92
C TYR X 54 -2.29 -5.26 63.05
N TYR X 55 -2.96 -4.66 64.03
CA TYR X 55 -2.97 -3.22 64.25
C TYR X 55 -2.75 -2.91 65.72
N ALA X 56 -2.11 -1.77 65.98
CA ALA X 56 -2.25 -1.18 67.32
C ALA X 56 -3.68 -0.67 67.49
N GLN X 57 -4.02 -0.32 68.72
CA GLN X 57 -5.43 -0.12 69.08
C GLN X 57 -6.07 1.00 68.26
N GLU X 58 -5.33 2.09 67.99
CA GLU X 58 -5.88 3.24 67.29
C GLU X 58 -5.26 3.46 65.92
N GLN X 59 -4.17 2.79 65.58
CA GLN X 59 -3.53 3.01 64.30
C GLN X 59 -4.42 2.57 63.15
N ARG X 60 -4.38 3.33 62.06
CA ARG X 60 -5.19 3.05 60.88
C ARG X 60 -4.36 2.69 59.66
N SER X 61 -3.06 2.45 59.81
CA SER X 61 -2.17 2.24 58.68
C SER X 61 -1.56 0.85 58.71
N ILE X 62 -1.62 0.16 57.57
CA ILE X 62 -1.05 -1.18 57.45
C ILE X 62 0.47 -1.10 57.49
N PRO X 63 1.16 -1.98 58.19
CA PRO X 63 2.63 -1.88 58.29
C PRO X 63 3.33 -2.42 57.04
N LEU X 64 3.10 -1.76 55.91
CA LEU X 64 3.75 -2.15 54.67
C LEU X 64 5.24 -1.82 54.72
N VAL X 65 6.05 -2.77 54.29
CA VAL X 65 7.49 -2.56 54.21
C VAL X 65 7.83 -1.70 52.99
N THR X 66 8.60 -0.64 53.20
CA THR X 66 8.91 0.32 52.16
C THR X 66 10.41 0.50 51.92
N ASP X 67 11.25 -0.20 52.65
CA ASP X 67 12.70 -0.01 52.57
C ASP X 67 13.37 -1.36 52.38
N ARG X 68 14.04 -1.54 51.23
CA ARG X 68 14.58 -2.86 50.90
C ARG X 68 15.57 -3.36 51.96
N PHE X 69 16.55 -2.54 52.31
CA PHE X 69 17.68 -3.04 53.08
C PHE X 69 17.53 -2.89 54.59
N GLU X 70 16.63 -2.03 55.06
CA GLU X 70 16.29 -1.98 56.48
C GLU X 70 14.86 -2.46 56.73
N ALA X 71 14.30 -3.24 55.80
CA ALA X 71 12.99 -3.84 56.01
C ALA X 71 12.96 -4.70 57.27
N LYS X 72 14.07 -5.37 57.56
CA LYS X 72 14.18 -6.16 58.79
C LYS X 72 13.95 -5.28 60.02
N GLN X 73 14.69 -4.17 60.12
CA GLN X 73 14.46 -3.24 61.21
C GLN X 73 13.09 -2.59 61.12
N GLN X 74 12.58 -2.40 59.90
CA GLN X 74 11.27 -1.79 59.73
C GLN X 74 10.17 -2.65 60.33
N VAL X 75 10.21 -3.96 60.09
CA VAL X 75 9.24 -4.86 60.70
C VAL X 75 9.41 -4.86 62.22
N GLU X 76 10.66 -4.88 62.69
CA GLU X 76 10.91 -4.87 64.13
C GLU X 76 10.30 -3.63 64.78
N THR X 77 10.44 -2.47 64.14
CA THR X 77 9.83 -1.24 64.64
C THR X 77 8.32 -1.34 64.63
N PHE X 78 7.74 -1.81 63.52
CA PHE X 78 6.29 -1.98 63.44
C PHE X 78 5.76 -2.87 64.57
N LEU X 79 6.55 -3.85 64.99
CA LEU X 79 6.10 -4.79 66.02
C LEU X 79 6.17 -4.18 67.41
N GLU X 80 7.18 -3.34 67.65
CA GLU X 80 7.26 -2.65 68.95
C GLU X 80 6.20 -1.57 69.10
N GLN X 81 5.65 -1.06 68.00
CA GLN X 81 4.57 -0.09 68.07
C GLN X 81 3.24 -0.72 68.51
N LEU X 82 3.15 -2.06 68.59
CA LEU X 82 1.90 -2.66 69.00
C LEU X 82 1.68 -2.54 70.50
N LYS X 83 2.74 -2.61 71.29
CA LYS X 83 2.73 -2.29 72.73
C LYS X 83 1.57 -2.92 73.49
N PRO Y 13 18.99 -51.38 60.31
CA PRO Y 13 18.28 -50.24 59.72
C PRO Y 13 18.41 -50.19 58.20
N ILE Y 14 17.45 -50.78 57.48
CA ILE Y 14 17.52 -50.91 56.02
C ILE Y 14 16.42 -50.05 55.43
N PHE Y 15 16.79 -48.89 54.89
CA PHE Y 15 15.82 -48.00 54.26
C PHE Y 15 15.90 -48.16 52.75
N THR Y 16 14.81 -47.80 52.07
CA THR Y 16 14.80 -47.83 50.62
C THR Y 16 14.41 -46.46 50.10
N VAL Y 17 14.72 -46.22 48.83
CA VAL Y 17 14.33 -44.97 48.20
C VAL Y 17 12.81 -44.77 48.32
N ARG Y 18 12.04 -45.82 48.02
CA ARG Y 18 10.59 -45.72 48.12
C ARG Y 18 10.15 -45.37 49.54
N TRP Y 19 10.73 -46.02 50.54
CA TRP Y 19 10.39 -45.72 51.93
C TRP Y 19 10.67 -44.25 52.24
N VAL Y 20 11.86 -43.79 51.87
CA VAL Y 20 12.23 -42.39 52.10
C VAL Y 20 11.26 -41.45 51.37
N ALA Y 21 10.99 -41.72 50.10
CA ALA Y 21 10.09 -40.83 49.35
C ALA Y 21 8.71 -40.78 50.00
N VAL Y 22 8.21 -41.93 50.44
CA VAL Y 22 6.88 -41.99 51.06
C VAL Y 22 6.84 -41.10 52.30
N HIS Y 23 7.87 -41.19 53.15
CA HIS Y 23 7.79 -40.50 54.43
C HIS Y 23 8.12 -39.01 54.33
N THR Y 24 8.98 -38.60 53.39
CA THR Y 24 9.16 -37.16 53.20
C THR Y 24 7.84 -36.47 52.88
N LEU Y 25 6.90 -37.17 52.26
CA LEU Y 25 5.58 -36.60 52.02
C LEU Y 25 4.61 -36.86 53.17
N ALA Y 26 4.58 -38.10 53.66
CA ALA Y 26 3.53 -38.51 54.60
C ALA Y 26 3.68 -37.90 55.98
N VAL Y 27 4.91 -37.79 56.47
CA VAL Y 27 5.13 -37.32 57.85
C VAL Y 27 4.71 -35.84 57.97
N PRO Y 28 5.21 -34.92 57.11
CA PRO Y 28 4.71 -33.54 57.21
C PRO Y 28 3.21 -33.42 57.00
N THR Y 29 2.63 -34.22 56.09
CA THR Y 29 1.20 -34.13 55.81
C THR Y 29 0.38 -34.34 57.07
N ILE Y 30 0.68 -35.39 57.84
CA ILE Y 30 -0.09 -35.65 59.06
C ILE Y 30 0.13 -34.54 60.08
N PHE Y 31 1.38 -34.09 60.24
CA PHE Y 31 1.66 -32.97 61.12
C PHE Y 31 0.88 -31.73 60.71
N PHE Y 32 0.88 -31.41 59.41
CA PHE Y 32 0.16 -30.24 58.93
C PHE Y 32 -1.34 -30.38 59.17
N LEU Y 33 -1.88 -31.58 58.96
CA LEU Y 33 -3.32 -31.79 59.15
C LEU Y 33 -3.72 -31.64 60.61
N GLY Y 34 -2.85 -32.05 61.55
CA GLY Y 34 -3.13 -31.77 62.96
C GLY Y 34 -3.13 -30.28 63.26
N ALA Y 35 -2.20 -29.54 62.64
CA ALA Y 35 -2.13 -28.10 62.79
C ALA Y 35 -3.39 -27.44 62.24
N ILE Y 36 -3.78 -27.81 61.02
CA ILE Y 36 -4.97 -27.20 60.43
C ILE Y 36 -6.22 -27.58 61.21
N ALA Y 37 -6.27 -28.80 61.76
CA ALA Y 37 -7.38 -29.19 62.63
C ALA Y 37 -7.48 -28.26 63.84
N ALA Y 38 -6.35 -28.01 64.51
CA ALA Y 38 -6.37 -27.14 65.68
C ALA Y 38 -6.85 -25.73 65.31
N MET Y 39 -6.47 -25.26 64.11
CA MET Y 39 -6.82 -23.90 63.69
C MET Y 39 -8.34 -23.72 63.62
N GLN Y 40 -9.09 -24.81 63.41
CA GLN Y 40 -10.53 -24.67 63.28
C GLN Y 40 -11.21 -24.19 64.57
N PHE Y 41 -10.50 -24.23 65.70
CA PHE Y 41 -11.06 -23.82 66.98
C PHE Y 41 -10.49 -22.48 67.47
N ILE Y 42 -9.73 -21.78 66.64
CA ILE Y 42 -9.24 -20.45 66.99
C ILE Y 42 -10.37 -19.44 66.79
N GLN Y 43 -10.53 -18.56 67.77
CA GLN Y 43 -11.46 -17.44 67.71
C GLN Y 43 -10.66 -16.16 67.69
N ARG Y 44 -11.21 -15.13 67.04
CA ARG Y 44 -10.56 -13.83 67.04
C ARG Y 44 -10.71 -13.21 68.44
N ALA Z 1 38.60 -35.59 -4.62
CA ALA Z 1 38.54 -34.24 -4.08
C ALA Z 1 39.62 -33.35 -4.70
N ARG Z 2 39.49 -32.04 -4.48
CA ARG Z 2 40.32 -31.04 -5.13
C ARG Z 2 41.33 -30.49 -4.13
N ARG Z 3 42.61 -30.63 -4.44
CA ARG Z 3 43.67 -30.02 -3.66
C ARG Z 3 43.89 -28.59 -4.13
N THR Z 4 44.13 -27.70 -3.19
CA THR Z 4 44.51 -26.32 -3.47
C THR Z 4 45.70 -25.95 -2.60
N TRP Z 5 46.34 -24.85 -2.99
CA TRP Z 5 47.47 -24.32 -2.24
C TRP Z 5 47.09 -24.04 -0.78
N LEU Z 6 45.99 -23.33 -0.57
CA LEU Z 6 45.55 -23.05 0.80
C LEU Z 6 45.10 -24.34 1.51
N GLY Z 7 44.43 -25.23 0.79
CA GLY Z 7 44.03 -26.50 1.39
C GLY Z 7 45.22 -27.30 1.89
N ASP Z 8 46.30 -27.36 1.10
CA ASP Z 8 47.48 -28.09 1.55
C ASP Z 8 48.08 -27.45 2.78
N ILE Z 9 48.06 -26.12 2.86
CA ILE Z 9 48.58 -25.43 4.03
C ILE Z 9 47.76 -25.76 5.27
N LEU Z 10 46.45 -25.82 5.12
CA LEU Z 10 45.59 -26.06 6.27
C LEU Z 10 45.48 -27.53 6.65
N ARG Z 11 45.97 -28.44 5.82
CA ARG Z 11 45.79 -29.89 6.04
C ARG Z 11 46.03 -30.36 7.46
N PRO Z 12 47.15 -30.04 8.13
CA PRO Z 12 47.35 -30.61 9.48
C PRO Z 12 46.28 -30.19 10.48
N LEU Z 13 45.71 -29.00 10.34
CA LEU Z 13 44.72 -28.54 11.29
C LEU Z 13 43.41 -29.33 11.22
N ASN Z 14 43.17 -30.06 10.13
CA ASN Z 14 41.97 -30.89 10.01
C ASN Z 14 42.35 -32.35 9.78
N SER Z 15 43.33 -32.85 10.54
CA SER Z 15 43.89 -34.17 10.29
C SER Z 15 43.71 -35.16 11.42
N GLU Z 16 43.32 -34.73 12.62
CA GLU Z 16 43.20 -35.61 13.77
C GLU Z 16 41.75 -35.89 14.15
N TYR Z 17 40.86 -35.95 13.16
CA TYR Z 17 39.47 -36.29 13.40
C TYR Z 17 39.35 -37.56 14.23
N GLY Z 18 38.54 -37.50 15.29
CA GLY Z 18 38.24 -38.66 16.10
C GLY Z 18 39.29 -39.04 17.12
N LYS Z 19 40.44 -38.37 17.14
CA LYS Z 19 41.48 -38.69 18.12
C LYS Z 19 41.06 -38.24 19.51
N VAL Z 20 41.30 -39.09 20.51
CA VAL Z 20 40.89 -38.81 21.87
C VAL Z 20 42.04 -39.08 22.82
N ALA Z 21 41.97 -38.46 24.01
CA ALA Z 21 42.85 -38.84 25.11
C ALA Z 21 42.21 -39.96 25.93
N PRO Z 22 43.02 -40.83 26.54
CA PRO Z 22 42.45 -42.02 27.19
C PRO Z 22 41.57 -41.68 28.39
N GLY Z 23 40.42 -42.36 28.46
CA GLY Z 23 39.61 -42.34 29.67
C GLY Z 23 39.05 -40.98 30.01
N TRP Z 24 39.25 -40.57 31.27
CA TRP Z 24 38.71 -39.31 31.75
C TRP Z 24 39.56 -38.11 31.39
N GLY Z 25 40.82 -38.33 31.00
CA GLY Z 25 41.73 -37.25 30.63
C GLY Z 25 41.70 -36.06 31.59
N THR Z 26 41.46 -34.87 31.04
CA THR Z 26 41.47 -33.64 31.82
C THR Z 26 40.07 -33.26 32.35
N THR Z 27 39.13 -34.20 32.39
CA THR Z 27 37.80 -33.93 32.96
C THR Z 27 37.86 -33.33 34.36
N PRO Z 28 38.64 -33.85 35.31
CA PRO Z 28 38.63 -33.24 36.65
C PRO Z 28 39.03 -31.78 36.65
N LEU Z 29 40.08 -31.42 35.90
CA LEU Z 29 40.47 -30.03 35.75
C LEU Z 29 39.35 -29.21 35.13
N MET Z 30 38.73 -29.73 34.08
CA MET Z 30 37.59 -29.05 33.47
C MET Z 30 36.52 -28.76 34.51
N ALA Z 31 36.22 -29.76 35.35
CA ALA Z 31 35.19 -29.60 36.37
C ALA Z 31 35.55 -28.49 37.34
N VAL Z 32 36.84 -28.36 37.70
CA VAL Z 32 37.26 -27.25 38.55
C VAL Z 32 36.95 -25.91 37.89
N PHE Z 33 37.36 -25.75 36.62
CA PHE Z 33 37.12 -24.49 35.93
C PHE Z 33 35.63 -24.21 35.81
N MET Z 34 34.82 -25.26 35.56
CA MET Z 34 33.37 -25.06 35.52
C MET Z 34 32.86 -24.56 36.86
N GLY Z 35 33.34 -25.15 37.96
CA GLY Z 35 32.93 -24.69 39.28
C GLY Z 35 33.33 -23.25 39.54
N LEU Z 36 34.58 -22.90 39.21
CA LEU Z 36 35.00 -21.50 39.33
C LEU Z 36 34.11 -20.59 38.50
N PHE Z 37 33.75 -21.02 37.29
CA PHE Z 37 32.92 -20.20 36.39
C PHE Z 37 31.53 -19.98 36.98
N LEU Z 38 30.96 -21.03 37.58
CA LEU Z 38 29.65 -20.91 38.21
C LEU Z 38 29.67 -19.89 39.33
N VAL Z 39 30.67 -19.96 40.21
CA VAL Z 39 30.80 -18.99 41.30
C VAL Z 39 30.96 -17.58 40.75
N PHE Z 40 31.78 -17.44 39.68
CA PHE Z 40 31.95 -16.13 39.06
C PHE Z 40 30.61 -15.56 38.60
N LEU Z 41 29.81 -16.38 37.90
CA LEU Z 41 28.51 -15.90 37.44
C LEU Z 41 27.62 -15.53 38.62
N LEU Z 42 27.68 -16.32 39.70
CA LEU Z 42 26.90 -16.01 40.89
C LEU Z 42 27.33 -14.66 41.48
N ILE Z 43 28.64 -14.39 41.50
CA ILE Z 43 29.13 -13.11 42.03
C ILE Z 43 28.59 -11.94 41.20
N ILE Z 44 28.79 -11.97 39.87
CA ILE Z 44 28.36 -10.80 39.10
C ILE Z 44 26.83 -10.68 39.10
N LEU Z 45 26.11 -11.80 39.15
CA LEU Z 45 24.65 -11.70 39.28
C LEU Z 45 24.26 -11.04 40.59
N GLU Z 46 24.93 -11.39 41.69
CA GLU Z 46 24.50 -10.84 42.96
C GLU Z 46 24.96 -9.40 43.14
N ILE Z 47 26.06 -9.01 42.50
CA ILE Z 47 26.43 -7.60 42.51
C ILE Z 47 25.39 -6.77 41.75
N TYR Z 48 25.01 -7.23 40.56
CA TYR Z 48 24.00 -6.52 39.77
C TYR Z 48 22.64 -6.49 40.47
N ASN Z 49 22.34 -7.53 41.25
CA ASN Z 49 21.06 -7.70 41.92
C ASN Z 49 21.02 -6.95 43.24
N SER Z 50 22.15 -6.44 43.71
CA SER Z 50 22.30 -5.82 45.03
C SER Z 50 22.05 -6.82 46.16
N THR Z 51 22.28 -8.11 45.88
CA THR Z 51 22.35 -9.09 46.96
C THR Z 51 23.76 -9.14 47.56
N LEU Z 52 24.77 -8.86 46.77
CA LEU Z 52 26.14 -8.70 47.22
C LEU Z 52 26.54 -7.24 47.04
N ILE Z 53 26.89 -6.57 48.13
CA ILE Z 53 27.15 -5.15 48.13
C ILE Z 53 28.57 -4.94 48.65
N LEU Z 54 29.42 -4.33 47.82
CA LEU Z 54 30.84 -4.19 48.11
C LEU Z 54 31.20 -2.71 48.29
N ASP Z 55 32.16 -2.45 49.18
CA ASP Z 55 32.64 -1.09 49.40
C ASP Z 55 33.23 -0.51 48.11
N GLY Z 56 32.80 0.70 47.77
CA GLY Z 56 33.25 1.33 46.56
C GLY Z 56 32.58 0.83 45.30
N VAL Z 57 31.62 -0.09 45.42
CA VAL Z 57 30.88 -0.57 44.25
C VAL Z 57 29.44 -0.10 44.36
N ASN Z 58 29.16 1.07 43.77
CA ASN Z 58 27.82 1.64 43.78
C ASN Z 58 27.15 1.26 42.45
N VAL Z 59 26.26 0.27 42.52
CA VAL Z 59 25.62 -0.21 41.30
C VAL Z 59 24.48 0.74 40.93
N SER Z 60 24.83 1.78 40.20
CA SER Z 60 23.89 2.82 39.84
C SER Z 60 24.52 3.63 38.73
N TRP Z 61 23.69 4.35 38.00
CA TRP Z 61 24.21 5.34 37.08
C TRP Z 61 25.18 6.28 37.78
N LYS Z 62 24.97 6.53 39.08
CA LYS Z 62 25.86 7.38 39.86
C LYS Z 62 27.19 6.72 40.18
N ALA Z 63 27.50 5.57 39.56
CA ALA Z 63 28.85 4.97 39.59
C ALA Z 63 29.02 3.94 38.49
N GLU AA 2 -46.30 -10.72 6.06
CA GLU AA 2 -47.27 -11.81 6.18
C GLU AA 2 -46.92 -12.94 5.20
N THR AA 3 -46.57 -12.56 3.96
CA THR AA 3 -46.14 -13.55 2.98
C THR AA 3 -44.86 -14.26 3.42
N LEU AA 4 -43.90 -13.50 3.97
CA LEU AA 4 -42.68 -14.12 4.46
C LEU AA 4 -42.99 -15.13 5.56
N LYS AA 5 -43.90 -14.77 6.47
CA LYS AA 5 -44.25 -15.66 7.57
C LYS AA 5 -44.85 -16.97 7.06
N ILE AA 6 -45.82 -16.87 6.15
CA ILE AA 6 -46.46 -18.07 5.62
C ILE AA 6 -45.44 -18.94 4.92
N THR AA 7 -44.56 -18.33 4.14
CA THR AA 7 -43.50 -19.05 3.44
C THR AA 7 -42.62 -19.83 4.40
N VAL AA 8 -42.13 -19.17 5.46
CA VAL AA 8 -41.27 -19.86 6.42
C VAL AA 8 -42.03 -20.98 7.12
N TYR AA 9 -43.30 -20.74 7.46
CA TYR AA 9 -44.10 -21.77 8.13
C TYR AA 9 -44.24 -23.01 7.25
N ILE AA 10 -44.50 -22.81 5.95
CA ILE AA 10 -44.62 -23.93 5.03
C ILE AA 10 -43.29 -24.67 4.93
N VAL AA 11 -42.21 -23.92 4.73
CA VAL AA 11 -40.86 -24.48 4.66
C VAL AA 11 -40.54 -25.30 5.90
N VAL AA 12 -40.79 -24.72 7.07
CA VAL AA 12 -40.46 -25.41 8.32
C VAL AA 12 -41.32 -26.67 8.46
N THR AA 13 -42.61 -26.54 8.18
CA THR AA 13 -43.50 -27.70 8.26
C THR AA 13 -43.02 -28.84 7.36
N PHE AA 14 -42.58 -28.50 6.16
CA PHE AA 14 -42.11 -29.52 5.22
C PHE AA 14 -40.97 -30.34 5.81
N PHE AA 15 -39.91 -29.67 6.29
CA PHE AA 15 -38.74 -30.40 6.77
C PHE AA 15 -39.06 -31.19 8.04
N VAL AA 16 -39.90 -30.65 8.91
CA VAL AA 16 -40.22 -31.36 10.15
C VAL AA 16 -40.96 -32.65 9.85
N LEU AA 17 -41.85 -32.64 8.84
CA LEU AA 17 -42.53 -33.86 8.44
C LEU AA 17 -41.57 -34.86 7.82
N LEU AA 18 -40.64 -34.39 6.97
CA LEU AA 18 -39.59 -35.27 6.46
C LEU AA 18 -38.86 -35.95 7.60
N PHE AA 19 -38.50 -35.18 8.63
CA PHE AA 19 -37.82 -35.74 9.80
C PHE AA 19 -38.69 -36.81 10.46
N VAL AA 20 -39.97 -36.51 10.69
CA VAL AA 20 -40.81 -37.43 11.46
C VAL AA 20 -41.11 -38.68 10.66
N PHE AA 21 -41.53 -38.52 9.40
CA PHE AA 21 -41.85 -39.69 8.60
C PHE AA 21 -40.60 -40.48 8.24
N GLY AA 22 -39.47 -39.80 8.10
CA GLY AA 22 -38.22 -40.51 7.83
C GLY AA 22 -37.87 -41.47 8.94
N PHE AA 23 -37.91 -41.02 10.20
CA PHE AA 23 -37.59 -41.90 11.32
C PHE AA 23 -38.69 -42.93 11.58
N LEU AA 24 -39.91 -42.69 11.09
CA LEU AA 24 -40.93 -43.71 11.16
C LEU AA 24 -40.73 -44.80 10.11
N SER AA 25 -39.97 -44.53 9.05
CA SER AA 25 -39.83 -45.45 7.93
C SER AA 25 -38.78 -46.53 8.23
N GLY AA 26 -39.06 -47.32 9.25
CA GLY AA 26 -38.25 -48.50 9.56
C GLY AA 26 -36.80 -48.20 9.84
N ASP AA 27 -36.53 -47.16 10.63
CA ASP AA 27 -35.15 -46.74 10.89
C ASP AA 27 -34.38 -47.80 11.68
N PRO AA 28 -34.99 -48.50 12.66
CA PRO AA 28 -34.25 -49.59 13.34
C PRO AA 28 -33.58 -50.56 12.37
N ALA AA 29 -34.25 -50.93 11.28
CA ALA AA 29 -33.68 -51.89 10.34
C ALA AA 29 -32.60 -51.29 9.44
N ARG AA 30 -32.40 -49.96 9.47
CA ARG AA 30 -31.35 -49.33 8.67
C ARG AA 30 -30.03 -49.32 9.43
N ASN AA 31 -29.46 -50.52 9.54
CA ASN AA 31 -28.16 -50.74 10.14
C ASN AA 31 -27.53 -51.91 9.40
N PRO AA 32 -26.22 -52.12 9.54
CA PRO AA 32 -25.56 -53.18 8.75
C PRO AA 32 -25.64 -54.58 9.35
N LYS AA 33 -26.24 -54.76 10.54
CA LYS AA 33 -26.28 -56.08 11.18
C LYS AA 33 -27.74 -56.54 11.26
N ARG AA 34 -28.28 -56.71 12.47
CA ARG AA 34 -29.63 -57.25 12.65
C ARG AA 34 -30.68 -56.23 12.19
N LYS AA 35 -31.56 -56.63 11.26
CA LYS AA 35 -32.73 -55.82 10.92
C LYS AA 35 -33.82 -56.03 11.96
N ASP AA 36 -34.04 -54.99 12.78
CA ASP AA 36 -34.94 -55.04 13.91
C ASP AA 36 -36.40 -55.19 13.48
N MET BA 2 3.22 -59.44 62.77
CA MET BA 2 3.82 -60.03 61.59
C MET BA 2 3.72 -59.09 60.40
N SER BA 3 4.63 -59.26 59.44
CA SER BA 3 4.63 -58.50 58.21
C SER BA 3 3.74 -59.11 57.13
N GLU BA 4 3.01 -60.17 57.45
CA GLU BA 4 2.21 -60.86 56.44
C GLU BA 4 1.09 -59.96 55.91
N GLY BA 5 1.00 -59.85 54.59
CA GLY BA 5 -0.01 -59.02 53.98
C GLY BA 5 -1.36 -59.72 53.91
N GLY BA 6 -2.41 -58.92 54.05
CA GLY BA 6 -3.79 -59.38 54.02
C GLY BA 6 -4.39 -59.78 55.35
N ARG BA 7 -3.64 -59.67 56.45
CA ARG BA 7 -4.20 -60.00 57.76
C ARG BA 7 -5.36 -59.06 58.10
N ILE BA 8 -5.26 -57.79 57.72
CA ILE BA 8 -6.29 -56.80 57.94
C ILE BA 8 -6.95 -56.54 56.57
N PRO BA 9 -8.21 -56.90 56.37
CA PRO BA 9 -8.76 -56.87 55.01
C PRO BA 9 -8.74 -55.46 54.43
N LEU BA 10 -8.33 -55.37 53.16
CA LEU BA 10 -8.18 -54.08 52.52
C LEU BA 10 -9.47 -53.29 52.51
N TRP BA 11 -10.63 -53.95 52.44
CA TRP BA 11 -11.86 -53.18 52.37
C TRP BA 11 -12.14 -52.46 53.68
N ILE BA 12 -11.72 -53.03 54.81
CA ILE BA 12 -11.87 -52.34 56.09
C ILE BA 12 -10.90 -51.16 56.16
N VAL BA 13 -9.67 -51.36 55.69
CA VAL BA 13 -8.70 -50.27 55.65
C VAL BA 13 -9.25 -49.09 54.86
N ALA BA 14 -9.74 -49.36 53.64
CA ALA BA 14 -10.28 -48.31 52.79
C ALA BA 14 -11.49 -47.63 53.43
N THR BA 15 -12.37 -48.41 54.06
CA THR BA 15 -13.55 -47.82 54.69
C THR BA 15 -13.16 -46.90 55.83
N VAL BA 16 -12.26 -47.37 56.69
CA VAL BA 16 -11.86 -46.59 57.86
C VAL BA 16 -11.11 -45.34 57.43
N ALA BA 17 -10.14 -45.49 56.52
CA ALA BA 17 -9.41 -44.33 56.02
C ALA BA 17 -10.35 -43.31 55.40
N GLY BA 18 -11.28 -43.77 54.56
CA GLY BA 18 -12.23 -42.86 53.93
C GLY BA 18 -13.05 -42.09 54.95
N MET BA 19 -13.55 -42.78 55.98
CA MET BA 19 -14.32 -42.10 57.02
C MET BA 19 -13.44 -41.08 57.74
N GLY BA 20 -12.17 -41.41 57.96
CA GLY BA 20 -11.25 -40.43 58.52
C GLY BA 20 -11.13 -39.19 57.65
N VAL BA 21 -11.01 -39.39 56.34
CA VAL BA 21 -10.94 -38.27 55.41
C VAL BA 21 -12.20 -37.43 55.51
N ILE BA 22 -13.36 -38.10 55.51
CA ILE BA 22 -14.63 -37.40 55.64
C ILE BA 22 -14.67 -36.59 56.93
N VAL BA 23 -14.19 -37.16 58.03
CA VAL BA 23 -14.20 -36.45 59.30
C VAL BA 23 -13.33 -35.19 59.23
N ILE BA 24 -12.09 -35.34 58.73
CA ILE BA 24 -11.16 -34.21 58.75
C ILE BA 24 -11.63 -33.09 57.81
N VAL BA 25 -12.14 -33.47 56.63
CA VAL BA 25 -12.66 -32.46 55.71
C VAL BA 25 -13.92 -31.83 56.28
N GLY BA 26 -14.76 -32.62 56.94
CA GLY BA 26 -15.92 -32.06 57.63
C GLY BA 26 -15.55 -31.04 58.69
N LEU BA 27 -14.49 -31.33 59.47
CA LEU BA 27 -14.02 -30.37 60.45
C LEU BA 27 -13.62 -29.06 59.79
N PHE BA 28 -12.97 -29.14 58.62
CA PHE BA 28 -12.54 -27.93 57.92
C PHE BA 28 -13.75 -27.13 57.44
N PHE BA 29 -14.81 -27.81 57.01
CA PHE BA 29 -15.99 -27.06 56.58
C PHE BA 29 -16.69 -26.43 57.78
N TYR BA 30 -16.71 -27.12 58.93
CA TYR BA 30 -17.22 -26.51 60.15
C TYR BA 30 -16.46 -25.24 60.48
N GLY BA 31 -15.14 -25.27 60.35
CA GLY BA 31 -14.33 -24.10 60.65
C GLY BA 31 -14.60 -22.93 59.73
N ALA BA 32 -15.17 -23.18 58.55
CA ALA BA 32 -15.56 -22.09 57.67
C ALA BA 32 -16.68 -21.24 58.25
N TYR BA 33 -17.43 -21.78 59.22
CA TYR BA 33 -18.57 -21.07 59.81
C TYR BA 33 -18.32 -20.63 61.25
N ALA BA 34 -17.14 -20.90 61.82
CA ALA BA 34 -16.87 -20.62 63.22
C ALA BA 34 -15.42 -20.14 63.37
N GLY BA 35 -15.22 -19.21 64.30
CA GLY BA 35 -13.89 -18.68 64.56
C GLY BA 35 -13.36 -17.91 63.36
N LEU BA 36 -12.03 -17.96 63.19
CA LEU BA 36 -11.39 -17.23 62.11
C LEU BA 36 -11.95 -17.63 60.77
N GLY BA 37 -12.12 -16.63 59.89
CA GLY BA 37 -12.58 -16.87 58.53
C GLY BA 37 -14.08 -16.98 58.36
N SER BA 38 -14.86 -16.88 59.43
CA SER BA 38 -16.30 -17.07 59.37
C SER BA 38 -17.05 -15.79 59.00
N SER BA 39 -16.35 -14.67 58.87
CA SER BA 39 -16.88 -13.32 58.65
C SER BA 39 -17.60 -12.79 59.89
N LEU BA 40 -17.72 -13.56 60.96
CA LEU BA 40 -18.47 -13.12 62.14
C LEU BA 40 -17.57 -12.57 63.24
N LYS CA 1 -39.77 -25.09 64.96
CA LYS CA 1 -39.33 -26.09 65.93
C LYS CA 1 -40.27 -27.30 65.91
N LEU CA 2 -39.76 -28.45 66.31
CA LEU CA 2 -40.63 -29.59 66.52
C LEU CA 2 -41.53 -29.31 67.70
N PRO CA 3 -42.69 -29.97 67.77
CA PRO CA 3 -43.51 -29.89 68.98
C PRO CA 3 -42.67 -30.22 70.21
N GLU CA 4 -42.96 -29.51 71.31
CA GLU CA 4 -42.06 -29.52 72.47
C GLU CA 4 -41.80 -30.93 72.99
N ALA CA 5 -42.80 -31.81 72.93
CA ALA CA 5 -42.63 -33.17 73.43
C ALA CA 5 -41.50 -33.89 72.71
N TYR CA 6 -41.28 -33.56 71.44
CA TYR CA 6 -40.28 -34.24 70.62
C TYR CA 6 -38.91 -33.58 70.67
N ALA CA 7 -38.77 -32.49 71.44
CA ALA CA 7 -37.55 -31.68 71.39
C ALA CA 7 -36.30 -32.49 71.72
N ILE CA 8 -36.44 -33.51 72.56
CA ILE CA 8 -35.28 -34.32 72.94
C ILE CA 8 -34.63 -34.93 71.72
N PHE CA 9 -35.40 -35.14 70.65
CA PHE CA 9 -34.93 -35.80 69.45
C PHE CA 9 -34.41 -34.83 68.39
N ASP CA 10 -34.30 -33.54 68.70
CA ASP CA 10 -33.76 -32.57 67.75
C ASP CA 10 -32.40 -32.98 67.17
N PRO CA 11 -31.42 -33.42 67.97
CA PRO CA 11 -30.14 -33.83 67.36
C PRO CA 11 -30.28 -35.02 66.44
N LEU CA 12 -31.23 -35.92 66.69
CA LEU CA 12 -31.44 -37.01 65.75
C LEU CA 12 -32.05 -36.51 64.45
N VAL CA 13 -33.06 -35.64 64.54
CA VAL CA 13 -33.69 -35.07 63.36
C VAL CA 13 -32.69 -34.30 62.51
N ASP CA 14 -31.68 -33.68 63.13
CA ASP CA 14 -30.71 -32.90 62.38
C ASP CA 14 -29.83 -33.74 61.47
N VAL CA 15 -29.64 -35.03 61.77
CA VAL CA 15 -28.72 -35.85 60.98
C VAL CA 15 -29.44 -36.78 60.00
N LEU CA 16 -30.71 -37.12 60.24
CA LEU CA 16 -31.44 -38.03 59.36
C LEU CA 16 -31.35 -37.68 57.87
N PRO CA 17 -31.50 -36.42 57.44
CA PRO CA 17 -31.56 -36.16 55.99
C PRO CA 17 -30.35 -36.65 55.22
N VAL CA 18 -29.18 -36.81 55.85
CA VAL CA 18 -28.02 -37.25 55.09
C VAL CA 18 -27.98 -38.76 54.89
N ILE CA 19 -28.79 -39.52 55.64
CA ILE CA 19 -28.75 -40.99 55.58
C ILE CA 19 -28.85 -41.49 54.14
N PRO CA 20 -29.78 -40.97 53.31
CA PRO CA 20 -29.79 -41.43 51.90
C PRO CA 20 -28.43 -41.35 51.23
N VAL CA 21 -27.63 -40.33 51.54
CA VAL CA 21 -26.30 -40.25 50.96
C VAL CA 21 -25.45 -41.44 51.40
N LEU CA 22 -25.62 -41.88 52.66
CA LEU CA 22 -24.83 -42.99 53.17
C LEU CA 22 -25.06 -44.29 52.39
N PHE CA 23 -26.25 -44.48 51.80
CA PHE CA 23 -26.53 -45.68 51.04
C PHE CA 23 -25.64 -45.77 49.80
N LEU CA 24 -25.38 -44.62 49.15
CA LEU CA 24 -24.47 -44.62 48.01
C LEU CA 24 -23.07 -45.00 48.45
N ALA CA 25 -22.63 -44.49 49.61
CA ALA CA 25 -21.32 -44.84 50.13
C ALA CA 25 -21.27 -46.31 50.55
N LEU CA 26 -22.37 -46.83 51.12
CA LEU CA 26 -22.43 -48.22 51.50
C LEU CA 26 -22.22 -49.16 50.31
N ALA CA 27 -22.71 -48.76 49.12
CA ALA CA 27 -22.53 -49.63 47.96
C ALA CA 27 -21.06 -49.89 47.69
N PHE CA 28 -20.20 -48.91 47.97
CA PHE CA 28 -18.77 -49.06 47.71
C PHE CA 28 -18.08 -49.90 48.78
N VAL CA 29 -18.50 -49.75 50.05
CA VAL CA 29 -18.00 -50.64 51.11
C VAL CA 29 -18.33 -52.09 50.77
N TRP CA 30 -19.59 -52.33 50.41
CA TRP CA 30 -20.02 -53.66 50.00
C TRP CA 30 -19.19 -54.15 48.81
N GLN CA 31 -19.05 -53.34 47.76
CA GLN CA 31 -18.30 -53.81 46.61
C GLN CA 31 -16.85 -54.09 46.97
N ALA CA 32 -16.28 -53.27 47.86
CA ALA CA 32 -14.91 -53.52 48.29
C ALA CA 32 -14.79 -54.87 49.00
N ALA CA 33 -15.81 -55.25 49.77
CA ALA CA 33 -15.76 -56.49 50.53
C ALA CA 33 -15.84 -57.72 49.64
N VAL CA 34 -16.40 -57.62 48.44
CA VAL CA 34 -16.41 -58.73 47.49
C VAL CA 34 -15.40 -58.50 46.37
N GLY CA 35 -14.42 -57.63 46.60
CA GLY CA 35 -13.32 -57.45 45.67
C GLY CA 35 -13.67 -56.84 44.33
N PHE CA 36 -14.78 -56.10 44.24
CA PHE CA 36 -15.23 -55.48 42.98
C PHE CA 36 -15.30 -56.51 41.85
N ARG CA 37 -15.74 -57.72 42.20
CA ARG CA 37 -15.69 -58.87 41.29
C ARG CA 37 -16.67 -58.74 40.12
N GLU DA 2 31.93 -32.41 -10.87
CA GLU DA 2 31.33 -33.66 -10.42
C GLU DA 2 30.05 -33.39 -9.62
N PRO DA 3 29.07 -34.29 -9.74
CA PRO DA 3 27.77 -34.05 -9.10
C PRO DA 3 27.83 -34.21 -7.58
N ASN DA 4 27.12 -33.33 -6.88
CA ASN DA 4 27.13 -33.35 -5.42
C ASN DA 4 26.26 -34.49 -4.90
N PRO DA 5 26.81 -35.46 -4.17
CA PRO DA 5 26.02 -36.61 -3.73
C PRO DA 5 25.14 -36.34 -2.52
N ASN DA 6 25.13 -35.12 -2.00
CA ASN DA 6 24.34 -34.80 -0.83
C ASN DA 6 22.95 -34.25 -1.16
N ARG DA 7 22.66 -34.03 -2.45
CA ARG DA 7 21.35 -33.55 -2.86
C ARG DA 7 20.26 -34.60 -2.56
N GLN DA 8 19.05 -34.11 -2.32
CA GLN DA 8 17.88 -34.92 -2.02
C GLN DA 8 16.68 -34.22 -2.63
N PRO DA 9 15.69 -34.95 -3.13
CA PRO DA 9 14.44 -34.29 -3.53
C PRO DA 9 13.64 -33.83 -2.31
N VAL DA 10 12.76 -32.86 -2.54
CA VAL DA 10 11.91 -32.27 -1.51
CA VAL DA 10 11.92 -32.26 -1.52
C VAL DA 10 10.46 -32.56 -1.87
N GLU DA 11 9.63 -32.69 -0.85
CA GLU DA 11 8.24 -33.06 -1.08
C GLU DA 11 7.32 -32.26 -0.18
N LEU DA 12 6.12 -31.99 -0.70
CA LEU DA 12 5.01 -31.43 0.08
C LEU DA 12 3.74 -32.04 -0.49
N ASN DA 13 3.12 -32.95 0.24
CA ASN DA 13 1.94 -33.62 -0.28
C ASN DA 13 0.73 -32.70 -0.16
N ARG DA 14 -0.40 -33.14 -0.74
CA ARG DA 14 -1.54 -32.23 -0.85
C ARG DA 14 -2.10 -31.87 0.52
N THR DA 15 -2.17 -32.83 1.42
CA THR DA 15 -2.68 -32.55 2.76
C THR DA 15 -1.83 -31.50 3.45
N SER DA 16 -0.50 -31.59 3.28
CA SER DA 16 0.38 -30.59 3.86
C SER DA 16 0.15 -29.23 3.24
N LEU DA 17 -0.11 -29.20 1.93
CA LEU DA 17 -0.46 -27.93 1.28
C LEU DA 17 -1.71 -27.34 1.92
N TYR DA 18 -2.76 -28.15 2.09
CA TYR DA 18 -4.00 -27.64 2.68
C TYR DA 18 -3.77 -27.19 4.13
N LEU DA 19 -2.99 -27.96 4.89
CA LEU DA 19 -2.69 -27.61 6.27
C LEU DA 19 -1.92 -26.30 6.35
N GLY DA 20 -0.93 -26.13 5.46
CA GLY DA 20 -0.14 -24.91 5.46
C GLY DA 20 -0.93 -23.68 5.04
N LEU DA 21 -1.72 -23.82 3.97
CA LEU DA 21 -2.55 -22.69 3.54
C LEU DA 21 -3.53 -22.29 4.64
N LEU DA 22 -4.10 -23.27 5.34
CA LEU DA 22 -5.00 -22.96 6.43
C LEU DA 22 -4.27 -22.18 7.52
N LEU DA 23 -3.08 -22.64 7.92
CA LEU DA 23 -2.28 -21.94 8.90
C LEU DA 23 -2.00 -20.50 8.49
N ILE DA 24 -1.56 -20.30 7.23
CA ILE DA 24 -1.21 -18.97 6.76
CA ILE DA 24 -1.20 -18.97 6.77
C ILE DA 24 -2.44 -18.07 6.70
N LEU DA 25 -3.51 -18.57 6.09
CA LEU DA 25 -4.70 -17.73 5.94
C LEU DA 25 -5.31 -17.37 7.30
N VAL DA 26 -5.35 -18.33 8.24
CA VAL DA 26 -5.95 -18.03 9.55
C VAL DA 26 -5.06 -17.09 10.34
N LEU DA 27 -3.74 -17.29 10.27
CA LEU DA 27 -2.81 -16.33 10.87
C LEU DA 27 -3.02 -14.93 10.29
N ALA DA 28 -3.20 -14.83 8.97
CA ALA DA 28 -3.43 -13.53 8.34
C ALA DA 28 -4.76 -12.94 8.80
N LEU DA 29 -5.79 -13.78 8.87
CA LEU DA 29 -7.08 -13.30 9.36
C LEU DA 29 -6.97 -12.81 10.81
N LEU DA 30 -6.07 -13.42 11.58
CA LEU DA 30 -5.88 -13.01 12.98
C LEU DA 30 -5.07 -11.74 13.08
N PHE DA 31 -3.95 -11.67 12.37
CA PHE DA 31 -3.04 -10.55 12.56
C PHE DA 31 -3.37 -9.32 11.74
N SER DA 32 -4.22 -9.43 10.71
CA SER DA 32 -4.45 -8.28 9.82
C SER DA 32 -5.03 -7.09 10.58
N SER DA 33 -5.97 -7.32 11.52
CA SER DA 33 -6.55 -6.20 12.28
C SER DA 33 -5.46 -5.39 12.98
N TYR DA 34 -4.43 -6.06 13.50
CA TYR DA 34 -3.35 -5.39 14.21
C TYR DA 34 -2.38 -4.72 13.25
N PHE DA 35 -2.25 -5.26 12.03
CA PHE DA 35 -1.46 -4.56 11.02
C PHE DA 35 -2.16 -3.28 10.59
N PHE DA 36 -3.48 -3.32 10.39
CA PHE DA 36 -4.21 -2.08 10.10
C PHE DA 36 -4.30 -1.18 11.32
N ASN DA 37 -4.48 -1.75 12.51
CA ASN DA 37 -4.52 -0.98 13.76
C ASN DA 37 -5.56 0.15 13.74
N GLU EA 2 -9.25 5.46 9.99
CA GLU EA 2 -7.87 5.85 9.68
C GLU EA 2 -6.89 4.74 10.06
N VAL EA 3 -6.81 3.74 9.22
CA VAL EA 3 -5.97 2.58 9.48
C VAL EA 3 -4.55 2.87 9.01
N ASN EA 4 -3.61 2.07 9.51
CA ASN EA 4 -2.21 2.17 9.11
C ASN EA 4 -2.09 1.85 7.63
N GLN EA 5 -1.45 2.76 6.88
CA GLN EA 5 -1.39 2.63 5.44
C GLN EA 5 -0.54 1.44 5.00
N LEU EA 6 0.40 0.99 5.83
CA LEU EA 6 1.20 -0.18 5.52
C LEU EA 6 0.49 -1.48 5.89
N GLY EA 7 -0.69 -1.39 6.51
CA GLY EA 7 -1.41 -2.60 6.87
C GLY EA 7 -1.74 -3.47 5.66
N LEU EA 8 -2.10 -2.83 4.54
CA LEU EA 8 -2.49 -3.57 3.35
C LEU EA 8 -1.33 -4.37 2.79
N ILE EA 9 -0.20 -3.72 2.52
CA ILE EA 9 0.94 -4.44 1.93
C ILE EA 9 1.45 -5.50 2.92
N ALA EA 10 1.40 -5.20 4.22
CA ALA EA 10 1.88 -6.16 5.20
C ALA EA 10 1.02 -7.43 5.17
N THR EA 11 -0.29 -7.27 5.15
CA THR EA 11 -1.17 -8.43 5.12
C THR EA 11 -1.01 -9.19 3.80
N ALA EA 12 -0.91 -8.44 2.69
CA ALA EA 12 -0.81 -9.09 1.39
C ALA EA 12 0.46 -9.92 1.30
N LEU EA 13 1.59 -9.35 1.71
CA LEU EA 13 2.83 -10.12 1.66
C LEU EA 13 2.81 -11.27 2.67
N PHE EA 14 2.20 -11.05 3.83
CA PHE EA 14 2.08 -12.10 4.84
C PHE EA 14 1.34 -13.32 4.30
N VAL EA 15 0.29 -13.09 3.50
CA VAL EA 15 -0.42 -14.20 2.87
C VAL EA 15 0.38 -14.78 1.72
N LEU EA 16 0.89 -13.91 0.83
CA LEU EA 16 1.33 -14.40 -0.47
CA LEU EA 16 1.34 -14.36 -0.48
C LEU EA 16 2.68 -15.09 -0.41
N VAL EA 17 3.63 -14.54 0.34
CA VAL EA 17 4.97 -15.11 0.35
C VAL EA 17 4.95 -16.55 0.87
N PRO EA 18 4.45 -16.86 2.08
CA PRO EA 18 4.44 -18.28 2.48
C PRO EA 18 3.47 -19.14 1.68
N SER EA 19 2.31 -18.61 1.26
CA SER EA 19 1.42 -19.44 0.43
C SER EA 19 2.12 -19.87 -0.85
N VAL EA 20 2.83 -18.93 -1.48
CA VAL EA 20 3.51 -19.23 -2.74
C VAL EA 20 4.63 -20.22 -2.51
N PHE EA 21 5.32 -20.10 -1.37
CA PHE EA 21 6.32 -21.10 -0.99
C PHE EA 21 5.72 -22.50 -0.99
N LEU EA 22 4.53 -22.66 -0.39
CA LEU EA 22 3.94 -24.00 -0.32
C LEU EA 22 3.47 -24.46 -1.69
N ILE EA 23 2.89 -23.56 -2.48
CA ILE EA 23 2.41 -23.94 -3.80
C ILE EA 23 3.57 -24.42 -4.67
N ILE EA 24 4.70 -23.73 -4.62
CA ILE EA 24 5.89 -24.17 -5.36
C ILE EA 24 6.25 -25.60 -4.98
N LEU EA 25 6.32 -25.88 -3.67
CA LEU EA 25 6.73 -27.21 -3.19
C LEU EA 25 5.73 -28.29 -3.56
N TYR EA 26 4.43 -27.97 -3.46
CA TYR EA 26 3.40 -28.95 -3.81
C TYR EA 26 3.47 -29.31 -5.29
N VAL EA 27 3.50 -28.30 -6.18
CA VAL EA 27 3.40 -28.55 -7.62
C VAL EA 27 4.62 -29.32 -8.11
N GLN EA 28 5.81 -28.94 -7.65
CA GLN EA 28 7.00 -29.72 -8.03
C GLN EA 28 7.02 -31.08 -7.36
N THR EA 29 6.22 -31.31 -6.32
CA THR EA 29 6.06 -32.70 -5.84
C THR EA 29 5.18 -33.50 -6.79
N GLU EA 30 4.03 -32.93 -7.19
CA GLU EA 30 3.13 -33.61 -8.13
C GLU EA 30 3.84 -33.98 -9.43
N SER EA 31 4.74 -33.12 -9.91
CA SER EA 31 5.36 -33.34 -11.21
C SER EA 31 6.50 -34.34 -11.19
N GLN EA 32 6.92 -34.81 -10.02
CA GLN EA 32 7.98 -35.81 -9.96
C GLN EA 32 7.45 -37.15 -10.46
N GLN EA 33 8.36 -37.96 -11.00
CA GLN EA 33 7.97 -39.21 -11.63
C GLN EA 33 7.26 -40.14 -10.65
N LYS EA 34 6.22 -40.80 -11.14
CA LYS EA 34 5.37 -41.64 -10.31
C LYS EA 34 5.41 -43.11 -10.75
N THR FA 2 -65.74 -2.34 26.55
CA THR FA 2 -64.64 -1.88 27.38
C THR FA 2 -63.63 -3.00 27.66
N LEU FA 3 -62.39 -2.74 27.25
CA LEU FA 3 -61.31 -3.72 27.23
C LEU FA 3 -60.47 -3.66 28.51
N THR FA 4 -59.84 -4.79 28.82
CA THR FA 4 -58.93 -4.93 29.94
C THR FA 4 -57.50 -5.08 29.42
N TYR FA 5 -56.53 -4.98 30.34
CA TYR FA 5 -55.12 -5.13 29.95
C TYR FA 5 -54.88 -6.39 29.14
N ASP FA 6 -55.44 -7.52 29.57
CA ASP FA 6 -55.15 -8.76 28.87
C ASP FA 6 -55.82 -8.83 27.51
N ASP FA 7 -56.91 -8.09 27.29
CA ASP FA 7 -57.43 -7.97 25.93
C ASP FA 7 -56.47 -7.18 25.04
N ILE FA 8 -55.66 -6.31 25.64
CA ILE FA 8 -54.91 -5.29 24.90
C ILE FA 8 -53.45 -5.69 24.72
N VAL FA 9 -52.90 -6.42 25.69
CA VAL FA 9 -51.44 -6.54 25.78
C VAL FA 9 -50.90 -7.18 24.50
N GLY FA 10 -49.86 -6.56 23.95
CA GLY FA 10 -49.21 -7.11 22.77
C GLY FA 10 -49.86 -6.78 21.45
N THR FA 11 -51.06 -6.17 21.45
CA THR FA 11 -51.78 -5.91 20.21
C THR FA 11 -51.33 -4.63 19.50
N GLY FA 12 -50.59 -3.75 20.17
CA GLY FA 12 -50.34 -2.43 19.63
C GLY FA 12 -51.38 -1.39 19.97
N LEU FA 13 -52.54 -1.79 20.50
CA LEU FA 13 -53.57 -0.82 20.85
C LEU FA 13 -53.13 0.11 21.97
N ALA FA 14 -52.19 -0.32 22.83
CA ALA FA 14 -51.77 0.53 23.94
C ALA FA 14 -51.04 1.79 23.47
N ASN FA 15 -50.53 1.81 22.24
CA ASN FA 15 -49.90 3.00 21.69
C ASN FA 15 -50.86 3.87 20.89
N LYS FA 16 -52.16 3.59 20.92
CA LYS FA 16 -53.15 4.34 20.15
C LYS FA 16 -54.05 5.17 21.05
N CYS FA 17 -54.32 6.43 20.64
CA CYS FA 17 -55.19 7.28 21.44
C CYS FA 17 -56.67 6.89 21.27
N PRO FA 18 -57.50 7.16 22.27
CA PRO FA 18 -58.94 6.92 22.11
C PRO FA 18 -59.51 7.74 20.97
N THR FA 19 -60.58 7.23 20.38
CA THR FA 19 -61.27 7.92 19.29
C THR FA 19 -62.73 8.19 19.67
N LEU FA 20 -63.39 9.03 18.85
CA LEU FA 20 -64.81 9.32 18.95
C LEU FA 20 -65.48 8.93 17.64
N ASP FA 21 -66.79 8.67 17.69
CA ASP FA 21 -67.52 8.24 16.50
C ASP FA 21 -67.74 9.40 15.53
N ASP FA 22 -68.15 9.04 14.30
CA ASP FA 22 -68.51 10.04 13.30
C ASP FA 22 -69.68 10.91 13.74
N THR FA 23 -70.47 10.44 14.70
CA THR FA 23 -71.61 11.22 15.17
C THR FA 23 -71.22 12.28 16.19
N ALA FA 24 -69.97 12.27 16.68
CA ALA FA 24 -69.54 13.23 17.69
C ALA FA 24 -69.14 14.54 17.02
N ARG FA 25 -70.15 15.28 16.58
CA ARG FA 25 -69.98 16.57 15.93
C ARG FA 25 -70.71 17.66 16.71
N GLY FA 26 -70.67 17.58 18.04
CA GLY FA 26 -71.39 18.48 18.92
C GLY FA 26 -70.60 19.70 19.34
N ALA FA 27 -70.93 20.21 20.52
CA ALA FA 27 -70.30 21.42 21.04
C ALA FA 27 -70.31 21.38 22.56
N TYR FA 28 -69.17 21.68 23.17
CA TYR FA 28 -69.02 21.60 24.62
C TYR FA 28 -69.09 23.00 25.19
N PRO FA 29 -70.13 23.32 25.97
CA PRO FA 29 -70.28 24.70 26.46
C PRO FA 29 -69.21 25.06 27.47
N ILE FA 30 -68.74 26.29 27.40
CA ILE FA 30 -67.78 26.82 28.35
C ILE FA 30 -68.49 27.83 29.25
N ASP FA 31 -68.48 27.57 30.56
CA ASP FA 31 -69.01 28.49 31.55
C ASP FA 31 -67.86 29.35 32.06
N SER FA 32 -67.83 30.62 31.66
CA SER FA 32 -66.72 31.52 31.97
C SER FA 32 -66.51 31.75 33.47
N SER FA 33 -67.46 31.36 34.32
CA SER FA 33 -67.27 31.49 35.76
C SER FA 33 -66.69 30.25 36.42
N GLN FA 34 -66.81 29.09 35.78
CA GLN FA 34 -66.26 27.85 36.31
C GLN FA 34 -64.83 27.67 35.83
N THR FA 35 -64.03 26.97 36.62
CA THR FA 35 -62.69 26.62 36.21
C THR FA 35 -62.67 25.24 35.57
N TYR FA 36 -61.74 25.06 34.62
CA TYR FA 36 -61.67 23.86 33.82
C TYR FA 36 -60.25 23.31 33.82
N ARG FA 37 -60.16 22.02 33.52
CA ARG FA 37 -58.89 21.32 33.33
C ARG FA 37 -59.02 20.32 32.19
N ILE FA 38 -57.88 19.99 31.60
CA ILE FA 38 -57.78 18.84 30.71
C ILE FA 38 -57.35 17.66 31.57
N ALA FA 39 -58.25 16.68 31.74
CA ALA FA 39 -57.96 15.52 32.58
C ALA FA 39 -57.05 14.55 31.86
N ARG FA 40 -57.15 14.47 30.54
CA ARG FA 40 -56.29 13.58 29.76
C ARG FA 40 -56.11 14.16 28.37
N LEU FA 41 -54.86 14.34 27.95
CA LEU FA 41 -54.50 14.65 26.57
C LEU FA 41 -53.63 13.52 26.03
N CYS FA 42 -53.97 13.01 24.85
CA CYS FA 42 -53.24 11.92 24.22
C CYS FA 42 -52.85 12.38 22.82
N LEU FA 43 -51.61 12.13 22.43
CA LEU FA 43 -51.12 12.49 21.10
C LEU FA 43 -50.44 11.29 20.48
N GLN FA 44 -50.97 10.84 19.35
CA GLN FA 44 -50.51 9.62 18.69
C GLN FA 44 -49.89 9.98 17.34
N PRO FA 45 -48.56 9.96 17.21
CA PRO FA 45 -47.95 10.31 15.92
C PRO FA 45 -48.19 9.22 14.88
N THR FA 46 -48.60 9.64 13.68
CA THR FA 46 -48.77 8.76 12.54
C THR FA 46 -47.77 9.01 11.42
N THR FA 47 -47.11 10.16 11.39
CA THR FA 47 -46.10 10.45 10.39
C THR FA 47 -44.97 11.24 11.02
N PHE FA 48 -43.73 10.82 10.79
CA PHE FA 48 -42.56 11.62 11.09
C PHE FA 48 -41.91 12.06 9.79
N LEU FA 49 -41.70 13.37 9.64
CA LEU FA 49 -41.03 13.93 8.46
C LEU FA 49 -39.81 14.72 8.91
N VAL FA 50 -38.74 14.61 8.15
CA VAL FA 50 -37.48 15.30 8.45
C VAL FA 50 -37.13 16.20 7.28
N LYS FA 51 -36.78 17.45 7.60
CA LYS FA 51 -36.41 18.41 6.57
C LYS FA 51 -35.04 18.05 6.01
N GLU FA 52 -34.97 17.89 4.69
CA GLU FA 52 -33.69 17.63 4.04
C GLU FA 52 -32.77 18.82 4.20
N GLU FA 53 -31.47 18.54 4.26
CA GLU FA 53 -30.47 19.60 4.40
C GLU FA 53 -29.65 19.70 3.12
N PRO FA 54 -30.12 20.43 2.12
CA PRO FA 54 -29.46 20.42 0.81
C PRO FA 54 -28.21 21.28 0.78
N LYS FA 55 -27.37 21.00 -0.22
CA LYS FA 55 -26.10 21.69 -0.34
C LYS FA 55 -26.26 23.11 -0.90
N ASN FA 56 -27.12 23.27 -1.91
CA ASN FA 56 -27.21 24.54 -2.63
C ASN FA 56 -27.60 25.68 -1.70
N LYS FA 57 -28.57 25.45 -0.82
CA LYS FA 57 -29.09 26.42 0.14
C LYS FA 57 -29.82 27.59 -0.53
N ARG FA 58 -30.17 27.43 -1.81
CA ARG FA 58 -31.07 28.35 -2.49
C ARG FA 58 -32.32 27.64 -2.99
N GLN FA 59 -32.33 26.31 -2.96
CA GLN FA 59 -33.56 25.56 -3.11
C GLN FA 59 -34.25 25.47 -1.75
N GLU FA 60 -35.57 25.56 -1.75
CA GLU FA 60 -36.32 25.39 -0.52
C GLU FA 60 -36.23 23.93 -0.10
N ALA FA 61 -35.70 23.67 1.08
CA ALA FA 61 -35.60 22.29 1.55
C ALA FA 61 -36.98 21.76 1.90
N GLU FA 62 -37.20 20.48 1.62
CA GLU FA 62 -38.51 19.90 1.90
C GLU FA 62 -38.40 18.88 3.01
N PHE FA 63 -39.54 18.67 3.68
CA PHE FA 63 -39.70 17.59 4.62
C PHE FA 63 -39.98 16.30 3.84
N VAL FA 64 -39.29 15.23 4.20
CA VAL FA 64 -39.38 13.97 3.46
C VAL FA 64 -39.82 12.88 4.43
N PRO FA 65 -40.42 11.81 3.91
CA PRO FA 65 -40.84 10.70 4.79
C PRO FA 65 -39.67 9.97 5.40
N THR FA 66 -39.95 9.25 6.49
CA THR FA 66 -38.94 8.48 7.21
C THR FA 66 -39.56 7.18 7.69
N LYS FA 67 -38.70 6.24 8.08
CA LYS FA 67 -39.10 4.93 8.59
C LYS FA 67 -38.88 4.84 10.10
N LEU FA 68 -39.94 4.55 10.84
CA LEU FA 68 -39.84 4.35 12.28
C LEU FA 68 -39.14 3.03 12.58
N VAL FA 69 -38.10 3.08 13.42
CA VAL FA 69 -37.36 1.88 13.76
C VAL FA 69 -37.46 1.52 15.25
N THR FA 70 -38.12 2.35 16.06
CA THR FA 70 -38.21 2.07 17.49
C THR FA 70 -39.59 1.55 17.89
N ARG FA 71 -40.40 1.09 16.92
CA ARG FA 71 -41.61 0.30 17.19
C ARG FA 71 -42.68 1.14 17.87
N GLU FA 72 -43.68 0.49 18.47
CA GLU FA 72 -44.90 1.18 18.91
C GLU FA 72 -44.73 1.84 20.28
N THR FA 73 -43.79 2.78 20.34
CA THR FA 73 -43.36 3.40 21.60
C THR FA 73 -43.41 4.92 21.53
N THR FA 74 -44.30 5.47 20.70
CA THR FA 74 -44.18 6.85 20.25
C THR FA 74 -45.19 7.82 20.84
N SER FA 75 -46.28 7.36 21.46
CA SER FA 75 -47.37 8.25 21.81
C SER FA 75 -47.18 8.95 23.16
N LEU FA 76 -47.73 10.15 23.25
CA LEU FA 76 -47.82 10.93 24.49
C LEU FA 76 -49.21 10.77 25.06
N ASP FA 77 -49.30 10.61 26.38
CA ASP FA 77 -50.60 10.33 26.99
C ASP FA 77 -50.56 10.65 28.47
N GLN FA 78 -51.75 10.60 29.08
CA GLN FA 78 -51.96 10.87 30.51
C GLN FA 78 -51.43 12.26 30.89
N ILE FA 79 -51.50 13.16 29.93
CA ILE FA 79 -51.10 14.55 30.07
C ILE FA 79 -52.27 15.34 30.64
N GLN FA 80 -52.01 16.21 31.61
CA GLN FA 80 -53.07 16.97 32.24
C GLN FA 80 -52.59 18.39 32.54
N GLY FA 81 -53.54 19.27 32.77
CA GLY FA 81 -53.21 20.64 33.08
C GLY FA 81 -54.44 21.52 33.10
N GLU FA 82 -54.20 22.78 33.44
CA GLU FA 82 -55.26 23.77 33.56
C GLU FA 82 -55.74 24.22 32.17
N LEU FA 83 -57.04 24.42 32.06
CA LEU FA 83 -57.66 24.97 30.85
C LEU FA 83 -58.26 26.33 31.25
N LYS FA 84 -57.52 27.41 31.02
CA LYS FA 84 -57.96 28.74 31.45
C LYS FA 84 -58.96 29.33 30.46
N VAL FA 85 -59.92 30.08 30.98
CA VAL FA 85 -60.78 30.93 30.16
C VAL FA 85 -60.24 32.35 30.26
N ASN FA 86 -59.79 32.89 29.14
CA ASN FA 86 -59.15 34.20 29.09
C ASN FA 86 -60.18 35.31 28.90
N SER FA 87 -59.74 36.55 29.15
CA SER FA 87 -60.63 37.70 29.06
C SER FA 87 -61.31 37.80 27.70
N ASP FA 88 -60.61 37.44 26.63
CA ASP FA 88 -61.17 37.54 25.29
C ASP FA 88 -61.99 36.34 24.88
N GLY FA 89 -62.33 35.45 25.81
CA GLY FA 89 -63.11 34.26 25.49
C GLY FA 89 -62.30 33.10 24.96
N SER FA 90 -61.03 33.29 24.64
CA SER FA 90 -60.20 32.17 24.23
C SER FA 90 -59.88 31.27 25.44
N LEU FA 91 -59.46 30.05 25.14
CA LEU FA 91 -59.02 29.10 26.14
C LEU FA 91 -57.51 28.88 26.01
N THR FA 92 -56.83 28.75 27.14
CA THR FA 92 -55.41 28.43 27.15
C THR FA 92 -55.16 27.18 27.99
N PHE FA 93 -54.55 26.17 27.36
CA PHE FA 93 -54.14 24.97 28.06
C PHE FA 93 -52.70 25.13 28.54
N VAL FA 94 -52.49 24.89 29.83
CA VAL FA 94 -51.16 24.96 30.46
C VAL FA 94 -50.81 23.56 30.93
N GLU FA 95 -49.94 22.89 30.20
CA GLU FA 95 -49.54 21.53 30.55
C GLU FA 95 -48.81 21.52 31.89
N GLU FA 96 -49.18 20.57 32.76
CA GLU FA 96 -48.53 20.46 34.05
C GLU FA 96 -47.83 19.13 34.29
N ASP FA 97 -48.34 18.02 33.75
CA ASP FA 97 -47.74 16.72 34.03
C ASP FA 97 -48.23 15.72 32.99
N GLY FA 98 -47.54 14.59 32.93
CA GLY FA 98 -47.98 13.47 32.13
C GLY FA 98 -46.82 12.76 31.45
N ILE FA 99 -47.14 11.72 30.67
CA ILE FA 99 -46.13 11.06 29.87
C ILE FA 99 -45.99 11.89 28.60
N ASP FA 100 -45.19 12.96 28.68
CA ASP FA 100 -45.24 14.04 27.71
C ASP FA 100 -44.02 14.08 26.80
N PHE FA 101 -43.28 12.98 26.73
CA PHE FA 101 -42.13 12.82 25.86
C PHE FA 101 -42.01 11.36 25.49
N GLN FA 102 -41.43 11.08 24.33
CA GLN FA 102 -41.03 9.76 23.90
C GLN FA 102 -39.79 9.96 23.05
N PRO FA 103 -38.69 9.29 23.36
CA PRO FA 103 -37.59 9.21 22.39
C PRO FA 103 -38.04 8.40 21.20
N VAL FA 104 -37.65 8.85 20.02
CA VAL FA 104 -38.02 8.23 18.75
C VAL FA 104 -36.82 8.26 17.83
N THR FA 105 -36.56 7.14 17.14
CA THR FA 105 -35.58 7.14 16.06
C THR FA 105 -36.28 6.77 14.77
N VAL FA 106 -36.14 7.63 13.77
CA VAL FA 106 -36.60 7.35 12.43
C VAL FA 106 -35.38 7.33 11.51
N GLN FA 107 -35.56 6.72 10.34
CA GLN FA 107 -34.47 6.52 9.39
C GLN FA 107 -34.82 7.18 8.06
N MET FA 108 -33.88 7.95 7.54
CA MET FA 108 -34.15 8.51 6.24
CA MET FA 108 -34.03 8.55 6.23
C MET FA 108 -33.76 7.52 5.14
N ALA FA 109 -34.26 7.79 3.94
CA ALA FA 109 -33.85 7.01 2.79
C ALA FA 109 -32.33 7.00 2.72
N GLY FA 110 -31.74 5.83 2.57
CA GLY FA 110 -30.30 5.71 2.60
C GLY FA 110 -29.72 5.32 3.95
N GLY FA 111 -30.50 5.34 5.03
CA GLY FA 111 -30.08 4.75 6.28
C GLY FA 111 -29.76 5.72 7.40
N GLU FA 112 -29.65 7.01 7.14
CA GLU FA 112 -29.30 7.93 8.22
C GLU FA 112 -30.38 7.96 9.30
N ARG FA 113 -29.97 7.72 10.54
CA ARG FA 113 -30.89 7.65 11.67
C ARG FA 113 -31.02 9.01 12.35
N ILE FA 114 -32.26 9.41 12.61
CA ILE FA 114 -32.58 10.66 13.25
C ILE FA 114 -33.28 10.37 14.57
N PRO FA 115 -32.55 10.42 15.69
CA PRO FA 115 -33.23 10.38 17.00
C PRO FA 115 -33.80 11.76 17.32
N LEU FA 116 -34.96 11.78 17.98
CA LEU FA 116 -35.57 13.01 18.46
C LEU FA 116 -36.33 12.71 19.75
N LEU FA 117 -36.52 13.76 20.56
CA LEU FA 117 -37.34 13.70 21.76
C LEU FA 117 -38.71 14.28 21.40
N PHE FA 118 -39.59 13.42 20.90
CA PHE FA 118 -40.96 13.86 20.61
C PHE FA 118 -41.66 14.26 21.90
N THR FA 119 -42.08 15.52 21.99
CA THR FA 119 -42.48 16.03 23.29
C THR FA 119 -43.44 17.20 23.14
N VAL FA 120 -44.21 17.45 24.21
CA VAL FA 120 -44.96 18.70 24.37
C VAL FA 120 -44.72 19.24 25.77
N LYS FA 121 -43.51 19.04 26.31
CA LYS FA 121 -43.19 19.49 27.66
C LYS FA 121 -43.43 20.98 27.82
N ASN FA 122 -44.11 21.36 28.90
CA ASN FA 122 -44.42 22.75 29.24
C ASN FA 122 -45.25 23.43 28.15
N LEU FA 123 -46.12 22.65 27.49
CA LEU FA 123 -46.97 23.23 26.47
C LEU FA 123 -47.87 24.31 27.07
N VAL FA 124 -47.92 25.46 26.39
CA VAL FA 124 -48.97 26.44 26.60
C VAL FA 124 -49.60 26.68 25.24
N ALA FA 125 -50.87 26.33 25.10
CA ALA FA 125 -51.54 26.39 23.81
C ALA FA 125 -52.91 27.01 23.98
N SER FA 126 -53.26 27.91 23.06
CA SER FA 126 -54.45 28.72 23.19
C SER FA 126 -55.32 28.63 21.95
N THR FA 127 -56.61 28.82 22.14
CA THR FA 127 -57.54 28.84 21.02
C THR FA 127 -57.70 30.26 20.47
N GLN FA 128 -58.57 30.38 19.48
CA GLN FA 128 -58.98 31.67 19.00
C GLN FA 128 -59.92 32.30 20.03
N PRO FA 129 -60.15 33.61 19.95
CA PRO FA 129 -61.04 34.26 20.94
C PRO FA 129 -62.49 33.78 20.79
N ASN FA 130 -63.27 34.13 21.82
CA ASN FA 130 -64.73 33.91 21.85
C ASN FA 130 -65.11 32.45 21.64
N VAL FA 131 -64.50 31.58 22.44
CA VAL FA 131 -64.89 30.17 22.42
C VAL FA 131 -65.90 29.97 23.54
N THR FA 132 -67.16 30.29 23.26
CA THR FA 132 -68.22 30.04 24.24
C THR FA 132 -68.56 28.57 24.31
N SER FA 133 -68.30 27.83 23.23
CA SER FA 133 -68.36 26.37 23.23
C SER FA 133 -67.21 25.84 22.38
N ILE FA 134 -66.64 24.72 22.80
CA ILE FA 134 -65.66 24.03 21.98
C ILE FA 134 -66.41 23.25 20.90
N THR FA 135 -66.05 23.48 19.63
CA THR FA 135 -66.68 22.83 18.49
C THR FA 135 -65.60 22.31 17.56
N THR FA 136 -66.03 21.66 16.47
CA THR FA 136 -65.09 21.16 15.48
C THR FA 136 -64.42 22.28 14.69
N SER FA 137 -64.74 23.54 15.00
CA SER FA 137 -64.07 24.70 14.43
C SER FA 137 -63.03 25.29 15.38
N THR FA 138 -62.92 24.73 16.58
CA THR FA 138 -61.94 25.21 17.54
C THR FA 138 -60.57 24.66 17.20
N ASP FA 139 -59.56 25.53 17.34
CA ASP FA 139 -58.17 25.14 17.14
C ASP FA 139 -57.38 25.58 18.36
N PHE FA 140 -56.32 24.84 18.65
CA PHE FA 140 -55.33 25.23 19.64
C PHE FA 140 -54.01 25.45 18.95
N LYS FA 141 -53.30 26.50 19.35
CA LYS FA 141 -51.95 26.76 18.84
C LYS FA 141 -51.08 27.17 20.01
N GLY FA 142 -49.85 26.67 20.05
CA GLY FA 142 -49.03 26.98 21.19
C GLY FA 142 -47.61 26.48 21.00
N GLU FA 143 -46.80 26.68 22.04
CA GLU FA 143 -45.39 26.33 22.01
C GLU FA 143 -45.05 25.47 23.22
N PHE FA 144 -43.93 24.75 23.11
CA PHE FA 144 -43.47 23.87 24.17
C PHE FA 144 -41.96 23.85 24.14
N ASN FA 145 -41.38 23.26 25.18
CA ASN FA 145 -39.93 23.17 25.31
C ASN FA 145 -39.42 21.82 24.84
N VAL FA 146 -38.23 21.85 24.26
CA VAL FA 146 -37.56 20.64 23.79
C VAL FA 146 -36.20 20.57 24.48
N PRO FA 147 -36.10 19.88 25.61
CA PRO FA 147 -34.79 19.71 26.24
C PRO FA 147 -33.94 18.68 25.50
N SER FA 148 -32.67 18.65 25.89
CA SER FA 148 -31.71 17.72 25.34
C SER FA 148 -32.24 16.30 25.34
N TYR FA 149 -32.05 15.61 24.23
CA TYR FA 149 -32.52 14.22 24.09
C TYR FA 149 -31.90 13.32 25.14
N ARG FA 150 -30.61 13.46 25.41
CA ARG FA 150 -29.99 12.82 26.55
C ARG FA 150 -29.92 13.84 27.68
N THR FA 151 -30.14 13.41 28.93
CA THR FA 151 -29.99 14.32 30.04
C THR FA 151 -28.56 14.25 30.54
N ALA FA 152 -28.27 15.01 31.61
CA ALA FA 152 -26.89 15.46 31.90
C ALA FA 152 -25.94 14.32 32.28
N ASN FA 153 -26.45 13.20 32.82
CA ASN FA 153 -25.57 12.11 33.24
C ASN FA 153 -25.07 11.23 32.09
N PHE FA 154 -25.67 11.34 30.91
CA PHE FA 154 -25.39 10.41 29.82
C PHE FA 154 -23.92 10.43 29.39
N LEU FA 155 -23.30 9.26 29.32
CA LEU FA 155 -21.89 9.13 28.96
C LEU FA 155 -21.75 8.62 27.53
N ASP FA 156 -20.86 9.24 26.75
CA ASP FA 156 -20.62 8.78 25.39
C ASP FA 156 -19.75 7.51 25.43
N PRO FA 157 -19.55 6.86 24.28
CA PRO FA 157 -18.86 5.55 24.28
C PRO FA 157 -17.42 5.59 24.79
N LYS FA 158 -16.82 6.77 24.87
CA LYS FA 158 -15.50 6.90 25.45
C LYS FA 158 -15.55 7.43 26.89
N GLY FA 159 -16.74 7.45 27.50
CA GLY FA 159 -16.88 7.82 28.89
C GLY FA 159 -16.98 9.31 29.17
N ARG FA 160 -17.18 10.15 28.16
CA ARG FA 160 -17.28 11.60 28.35
C ARG FA 160 -18.73 12.02 28.57
N GLY FA 161 -18.94 12.97 29.49
CA GLY FA 161 -20.27 13.47 29.75
C GLY FA 161 -20.27 14.88 30.29
N LEU FA 162 -21.46 15.38 30.61
CA LEU FA 162 -21.66 16.76 31.10
C LEU FA 162 -21.63 16.80 32.63
N ALA FA 163 -22.61 16.18 33.28
CA ALA FA 163 -22.66 16.11 34.73
C ALA FA 163 -21.87 14.92 35.29
N SER FA 164 -21.30 14.09 34.43
CA SER FA 164 -20.42 13.00 34.85
C SER FA 164 -19.45 12.72 33.71
N GLY FA 165 -18.47 11.85 33.96
CA GLY FA 165 -17.63 11.37 32.89
C GLY FA 165 -16.32 12.14 32.74
N TYR FA 166 -15.48 11.63 31.84
CA TYR FA 166 -14.22 12.30 31.53
C TYR FA 166 -14.47 13.60 30.78
N ASP FA 167 -13.47 14.48 30.83
CA ASP FA 167 -13.55 15.74 30.12
C ASP FA 167 -12.58 15.78 28.95
N SER FA 168 -11.99 14.64 28.58
CA SER FA 168 -11.06 14.62 27.48
C SER FA 168 -11.12 13.28 26.79
N ALA FA 169 -10.39 13.16 25.69
CA ALA FA 169 -10.23 11.89 24.98
C ALA FA 169 -9.05 11.19 25.61
N ILE FA 170 -9.32 10.36 26.64
CA ILE FA 170 -8.25 9.75 27.41
C ILE FA 170 -7.45 8.71 26.62
N ALA FA 171 -7.99 8.18 25.51
CA ALA FA 171 -7.26 7.22 24.69
C ALA FA 171 -6.20 7.88 23.80
N LEU FA 172 -6.16 9.21 23.76
CA LEU FA 172 -5.19 9.98 22.97
C LEU FA 172 -4.48 10.96 23.92
N PRO FA 173 -3.67 10.45 24.85
CA PRO FA 173 -3.23 11.27 25.99
C PRO FA 173 -2.47 12.52 25.60
N GLN FA 174 -1.74 12.52 24.48
CA GLN FA 174 -0.96 13.68 24.07
C GLN FA 174 -1.45 14.30 22.77
N ALA FA 175 -2.71 14.07 22.41
CA ALA FA 175 -3.25 14.77 21.25
C ALA FA 175 -3.62 16.20 21.62
N LYS FA 176 -3.66 17.06 20.62
CA LYS FA 176 -4.06 18.46 20.81
C LYS FA 176 -5.57 18.54 21.00
N GLU FA 177 -6.00 19.34 21.98
CA GLU FA 177 -7.38 19.29 22.46
C GLU FA 177 -8.36 20.15 21.67
N GLU FA 178 -7.87 21.21 21.01
CA GLU FA 178 -8.74 22.19 20.38
C GLU FA 178 -9.63 21.55 19.32
N GLU FA 179 -9.06 20.66 18.51
CA GLU FA 179 -9.82 19.99 17.47
C GLU FA 179 -10.86 19.03 18.02
N LEU FA 180 -10.73 18.62 19.28
CA LEU FA 180 -11.69 17.69 19.88
C LEU FA 180 -12.68 18.39 20.80
N ALA FA 181 -12.67 19.73 20.85
CA ALA FA 181 -13.44 20.45 21.85
C ALA FA 181 -14.93 20.17 21.70
N ARG FA 182 -15.44 20.15 20.47
CA ARG FA 182 -16.89 19.94 20.30
C ARG FA 182 -17.32 18.54 20.76
N ALA FA 183 -16.43 17.54 20.64
CA ALA FA 183 -16.74 16.21 21.14
C ALA FA 183 -16.44 16.06 22.63
N ASN FA 184 -15.46 16.81 23.14
CA ASN FA 184 -15.06 16.69 24.54
C ASN FA 184 -15.96 17.48 25.47
N VAL FA 185 -16.48 18.61 25.02
CA VAL FA 185 -17.20 19.54 25.88
C VAL FA 185 -18.69 19.36 25.59
N LYS FA 186 -19.39 18.67 26.47
CA LYS FA 186 -20.81 18.37 26.25
C LYS FA 186 -21.67 19.59 26.56
N ARG FA 187 -22.70 19.78 25.75
CA ARG FA 187 -23.61 20.91 25.92
C ARG FA 187 -25.05 20.41 25.95
N PHE FA 188 -25.87 21.06 26.73
CA PHE FA 188 -27.25 20.64 26.98
C PHE FA 188 -28.18 21.58 26.22
N SER FA 189 -28.85 21.05 25.20
CA SER FA 189 -29.72 21.86 24.35
C SER FA 189 -31.06 22.14 25.03
N LEU FA 190 -31.64 23.29 24.71
CA LEU FA 190 -33.02 23.61 25.09
C LEU FA 190 -33.61 24.50 24.02
N THR FA 191 -34.61 24.02 23.28
CA THR FA 191 -35.17 24.77 22.18
C THR FA 191 -36.68 24.77 22.31
N LYS FA 192 -37.34 25.46 21.39
CA LYS FA 192 -38.80 25.57 21.38
C LYS FA 192 -39.35 24.78 20.21
N GLY FA 193 -40.55 24.23 20.40
CA GLY FA 193 -41.30 23.62 19.32
C GLY FA 193 -42.66 24.28 19.22
N GLN FA 194 -43.34 24.01 18.11
CA GLN FA 194 -44.66 24.57 17.87
C GLN FA 194 -45.61 23.44 17.54
N ILE FA 195 -46.88 23.59 17.94
CA ILE FA 195 -47.89 22.58 17.67
C ILE FA 195 -49.22 23.26 17.40
N SER FA 196 -49.99 22.70 16.46
CA SER FA 196 -51.37 23.08 16.22
C SER FA 196 -52.25 21.85 16.41
N LEU FA 197 -53.39 22.05 17.08
CA LEU FA 197 -54.38 20.99 17.29
C LEU FA 197 -55.66 21.42 16.58
N ASN FA 198 -56.10 20.63 15.62
CA ASN FA 198 -57.31 20.88 14.88
C ASN FA 198 -58.39 19.95 15.41
N VAL FA 199 -59.34 20.51 16.15
CA VAL FA 199 -60.45 19.72 16.66
C VAL FA 199 -61.33 19.28 15.49
N ALA FA 200 -61.56 17.98 15.39
CA ALA FA 200 -62.41 17.41 14.35
C ALA FA 200 -63.67 16.76 14.90
N LYS FA 201 -63.70 16.41 16.18
CA LYS FA 201 -64.85 15.74 16.77
C LYS FA 201 -65.02 16.24 18.20
N VAL FA 202 -66.27 16.38 18.62
CA VAL FA 202 -66.60 16.86 19.97
C VAL FA 202 -67.82 16.09 20.46
N ASP FA 203 -67.72 15.50 21.65
CA ASP FA 203 -68.85 14.91 22.32
C ASP FA 203 -69.31 15.92 23.37
N GLY FA 204 -70.40 16.63 23.07
CA GLY FA 204 -70.88 17.65 23.98
C GLY FA 204 -71.24 17.11 25.35
N ARG FA 205 -71.84 15.91 25.39
CA ARG FA 205 -72.26 15.35 26.66
C ARG FA 205 -71.08 15.05 27.57
N THR FA 206 -70.04 14.42 27.01
CA THR FA 206 -68.97 13.86 27.81
C THR FA 206 -67.77 14.79 27.99
N GLY FA 207 -67.71 15.90 27.25
CA GLY FA 207 -66.55 16.75 27.34
C GLY FA 207 -65.31 16.22 26.64
N GLU FA 208 -65.47 15.25 25.75
CA GLU FA 208 -64.33 14.68 25.02
C GLU FA 208 -64.21 15.32 23.64
N ILE FA 209 -62.98 15.56 23.22
CA ILE FA 209 -62.70 16.07 21.88
C ILE FA 209 -61.57 15.25 21.27
N ALA FA 210 -61.56 15.23 19.93
CA ALA FA 210 -60.50 14.55 19.19
C ALA FA 210 -60.25 15.30 17.89
N GLY FA 211 -59.05 15.10 17.36
CA GLY FA 211 -58.70 15.66 16.06
C GLY FA 211 -57.33 15.25 15.59
N THR FA 212 -56.70 16.13 14.81
CA THR FA 212 -55.37 15.96 14.27
C THR FA 212 -54.43 17.03 14.81
N PHE FA 213 -53.14 16.71 14.81
CA PHE FA 213 -52.13 17.67 15.23
C PHE FA 213 -50.99 17.72 14.24
N GLU FA 214 -50.27 18.83 14.25
CA GLU FA 214 -48.99 18.94 13.57
C GLU FA 214 -48.05 19.68 14.50
N SER FA 215 -46.88 19.11 14.74
CA SER FA 215 -45.88 19.70 15.60
CA SER FA 215 -45.88 19.74 15.58
C SER FA 215 -44.56 19.80 14.86
N GLU FA 216 -43.75 20.81 15.22
CA GLU FA 216 -42.44 21.02 14.61
C GLU FA 216 -41.43 21.27 15.71
N GLN FA 217 -40.28 20.60 15.62
CA GLN FA 217 -39.28 20.69 16.67
C GLN FA 217 -37.97 20.18 16.11
N LEU FA 218 -36.89 20.41 16.85
CA LEU FA 218 -35.57 19.93 16.47
C LEU FA 218 -35.33 18.51 17.00
N SER FA 219 -34.41 17.81 16.34
CA SER FA 219 -34.06 16.46 16.71
C SER FA 219 -32.87 16.49 17.69
N ASP FA 220 -32.40 15.30 18.05
CA ASP FA 220 -31.26 15.17 18.94
C ASP FA 220 -30.03 15.83 18.33
N ASP FA 221 -29.29 16.59 19.14
CA ASP FA 221 -28.02 17.12 18.68
C ASP FA 221 -26.82 16.42 19.31
N ASP FA 222 -27.05 15.30 19.99
CA ASP FA 222 -26.01 14.49 20.63
C ASP FA 222 -25.15 15.33 21.58
N MET FA 223 -25.84 16.02 22.49
CA MET FA 223 -25.21 16.89 23.48
CA MET FA 223 -25.18 16.88 23.49
C MET FA 223 -24.22 17.87 22.84
N GLY FA 224 -24.65 18.49 21.74
CA GLY FA 224 -23.84 19.47 21.04
C GLY FA 224 -22.83 18.93 20.04
N ALA FA 225 -22.82 17.62 19.77
CA ALA FA 225 -21.80 17.07 18.89
C ALA FA 225 -22.03 17.41 17.42
N HIS FA 226 -23.29 17.65 17.03
CA HIS FA 226 -23.60 17.93 15.64
C HIS FA 226 -24.88 18.75 15.60
N GLU FA 227 -25.18 19.29 14.43
CA GLU FA 227 -26.36 20.12 14.28
C GLU FA 227 -27.62 19.24 14.28
N PRO FA 228 -28.67 19.67 14.95
CA PRO FA 228 -29.93 18.91 14.90
C PRO FA 228 -30.62 19.09 13.55
N HIS FA 229 -31.60 18.22 13.28
CA HIS FA 229 -32.46 18.36 12.13
C HIS FA 229 -33.84 18.85 12.55
N GLU FA 230 -34.56 19.46 11.61
CA GLU FA 230 -35.95 19.87 11.83
C GLU FA 230 -36.88 18.72 11.52
N VAL FA 231 -37.84 18.48 12.43
CA VAL FA 231 -38.76 17.36 12.31
C VAL FA 231 -40.18 17.91 12.34
N LYS FA 232 -41.04 17.36 11.49
CA LYS FA 232 -42.46 17.63 11.52
C LYS FA 232 -43.19 16.35 11.89
N ILE FA 233 -44.04 16.42 12.90
CA ILE FA 233 -44.80 15.28 13.39
C ILE FA 233 -46.27 15.54 13.14
N GLN FA 234 -46.93 14.56 12.52
CA GLN FA 234 -48.36 14.63 12.29
C GLN FA 234 -49.01 13.40 12.92
N GLY FA 235 -50.22 13.59 13.42
CA GLY FA 235 -50.91 12.49 14.07
C GLY FA 235 -52.29 12.89 14.51
N VAL FA 236 -52.86 12.09 15.41
CA VAL FA 236 -54.20 12.31 15.93
C VAL FA 236 -54.09 12.56 17.43
N PHE FA 237 -55.09 13.24 17.98
CA PHE FA 237 -55.10 13.53 19.42
C PHE FA 237 -56.48 13.29 20.00
N TYR FA 238 -56.48 13.10 21.31
CA TYR FA 238 -57.67 12.94 22.11
C TYR FA 238 -57.49 13.73 23.40
N ALA FA 239 -58.56 14.36 23.87
CA ALA FA 239 -58.54 15.08 25.13
C ALA FA 239 -59.91 15.04 25.77
N SER FA 240 -59.94 14.90 27.09
CA SER FA 240 -61.17 15.02 27.86
C SER FA 240 -61.06 16.23 28.78
N ILE FA 241 -62.06 17.12 28.72
CA ILE FA 241 -62.10 18.34 29.52
C ILE FA 241 -63.07 18.16 30.66
N GLU FA 242 -62.69 18.65 31.84
CA GLU FA 242 -63.54 18.50 33.02
C GLU FA 242 -63.63 19.81 33.80
N PRO FA 243 -64.79 20.10 34.38
CA PRO FA 243 -64.86 21.19 35.36
C PRO FA 243 -63.98 20.86 36.57
N ALA FA 244 -63.27 21.87 37.06
CA ALA FA 244 -62.37 21.68 38.19
C ALA FA 244 -62.80 22.55 39.36
N GLU GA 2 -9.74 -2.07 4.17
CA GLU GA 2 -9.59 -3.03 5.27
C GLU GA 2 -10.71 -4.08 5.18
N THR GA 3 -11.96 -3.62 4.97
CA THR GA 3 -13.08 -4.55 4.85
C THR GA 3 -12.86 -5.53 3.70
N ILE GA 4 -12.44 -5.02 2.54
CA ILE GA 4 -12.12 -5.88 1.40
C ILE GA 4 -11.08 -6.92 1.79
N THR GA 5 -10.04 -6.48 2.50
CA THR GA 5 -8.98 -7.41 2.91
C THR GA 5 -9.52 -8.51 3.82
N TYR GA 6 -10.31 -8.14 4.84
CA TYR GA 6 -10.88 -9.14 5.74
C TYR GA 6 -11.79 -10.11 4.99
N VAL GA 7 -12.66 -9.59 4.14
CA VAL GA 7 -13.59 -10.46 3.43
C VAL GA 7 -12.85 -11.33 2.42
N PHE GA 8 -11.76 -10.82 1.82
CA PHE GA 8 -10.98 -11.62 0.89
C PHE GA 8 -10.36 -12.83 1.57
N ILE GA 9 -9.69 -12.62 2.71
CA ILE GA 9 -9.05 -13.72 3.43
C ILE GA 9 -10.10 -14.74 3.87
N PHE GA 10 -11.22 -14.27 4.42
CA PHE GA 10 -12.32 -15.17 4.77
C PHE GA 10 -12.75 -16.02 3.56
N ALA GA 11 -12.96 -15.37 2.40
CA ALA GA 11 -13.41 -16.09 1.22
C ALA GA 11 -12.39 -17.14 0.77
N CYS GA 12 -11.10 -16.81 0.87
CA CYS GA 12 -10.07 -17.78 0.53
C CYS GA 12 -10.14 -18.99 1.46
N ILE GA 13 -10.41 -18.75 2.74
CA ILE GA 13 -10.52 -19.84 3.70
C ILE GA 13 -11.69 -20.76 3.35
N ILE GA 14 -12.84 -20.17 3.01
CA ILE GA 14 -13.99 -20.98 2.63
C ILE GA 14 -13.68 -21.80 1.36
N ALA GA 15 -13.01 -21.17 0.39
CA ALA GA 15 -12.58 -21.91 -0.81
C ALA GA 15 -11.65 -23.07 -0.44
N LEU GA 16 -10.72 -22.83 0.48
CA LEU GA 16 -9.82 -23.91 0.92
C LEU GA 16 -10.62 -25.06 1.55
N PHE GA 17 -11.65 -24.76 2.34
CA PHE GA 17 -12.51 -25.80 2.91
C PHE GA 17 -13.06 -26.67 1.79
N PHE GA 18 -13.53 -26.03 0.72
CA PHE GA 18 -14.14 -26.75 -0.40
C PHE GA 18 -13.12 -27.70 -1.05
N PHE GA 19 -11.92 -27.20 -1.33
CA PHE GA 19 -10.92 -28.07 -1.96
C PHE GA 19 -10.43 -29.15 -1.00
N ALA GA 20 -10.29 -28.81 0.29
CA ALA GA 20 -9.77 -29.78 1.25
C ALA GA 20 -10.73 -30.94 1.45
N ILE GA 21 -12.03 -30.71 1.27
CA ILE GA 21 -13.02 -31.76 1.44
C ILE GA 21 -13.20 -32.53 0.13
N PHE GA 22 -13.59 -31.82 -0.94
CA PHE GA 22 -13.98 -32.52 -2.16
C PHE GA 22 -12.81 -32.85 -3.07
N PHE GA 23 -11.69 -32.17 -2.93
CA PHE GA 23 -10.51 -32.46 -3.73
C PHE GA 23 -9.36 -32.89 -2.82
N ARG GA 24 -9.69 -33.67 -1.80
CA ARG GA 24 -8.66 -34.20 -0.91
C ARG GA 24 -7.90 -35.32 -1.59
N GLU GA 25 -6.72 -35.60 -1.07
CA GLU GA 25 -6.01 -36.80 -1.45
C GLU GA 25 -6.80 -38.01 -0.90
N PRO GA 26 -7.35 -38.87 -1.74
CA PRO GA 26 -8.30 -39.90 -1.25
C PRO GA 26 -7.61 -40.92 -0.36
N PRO GA 27 -8.19 -41.22 0.81
CA PRO GA 27 -7.62 -42.26 1.67
C PRO GA 27 -7.71 -43.62 0.98
N ARG GA 28 -6.57 -44.32 0.93
CA ARG GA 28 -6.47 -45.59 0.21
C ARG GA 28 -5.86 -46.66 1.11
N ILE GA 29 -6.48 -47.83 1.09
CA ILE GA 29 -5.95 -49.00 1.79
C ILE GA 29 -5.00 -49.74 0.85
N THR GA 30 -3.83 -50.09 1.36
CA THR GA 30 -2.80 -50.72 0.53
C THR GA 30 -2.59 -52.16 0.98
N GLU HA 8 -16.19 29.24 23.04
CA GLU HA 8 -17.64 29.21 23.20
C GLU HA 8 -18.13 27.88 23.78
N LEU HA 9 -17.24 26.88 23.82
CA LEU HA 9 -17.58 25.57 24.35
C LEU HA 9 -17.11 25.47 25.80
N VAL HA 10 -18.07 25.39 26.70
CA VAL HA 10 -17.85 25.40 28.14
C VAL HA 10 -18.76 24.35 28.74
N ASN HA 11 -18.26 23.61 29.73
CA ASN HA 11 -19.08 22.69 30.50
C ASN HA 11 -19.80 23.50 31.57
N VAL HA 12 -21.11 23.63 31.47
CA VAL HA 12 -21.82 24.52 32.37
C VAL HA 12 -21.88 23.96 33.78
N VAL HA 13 -21.76 22.64 33.96
CA VAL HA 13 -21.78 22.11 35.32
C VAL HA 13 -20.48 22.44 36.04
N ASP HA 14 -19.33 22.25 35.38
CA ASP HA 14 -18.07 22.66 35.99
C ASP HA 14 -18.06 24.16 36.27
N GLU HA 15 -18.59 24.95 35.36
CA GLU HA 15 -18.71 26.38 35.60
C GLU HA 15 -19.52 26.66 36.86
N LYS HA 16 -20.65 25.96 37.02
CA LYS HA 16 -21.50 26.20 38.18
C LYS HA 16 -20.77 25.90 39.48
N LEU HA 17 -19.81 24.97 39.45
CA LEU HA 17 -19.01 24.63 40.62
C LEU HA 17 -18.14 25.80 41.08
N GLY HA 18 -17.86 26.77 40.21
CA GLY HA 18 -17.15 27.97 40.61
C GLY HA 18 -18.03 29.07 41.19
N THR HA 19 -19.34 28.87 41.24
CA THR HA 19 -20.22 29.84 41.84
C THR HA 19 -20.58 29.36 43.24
N ALA HA 20 -21.49 30.09 43.89
CA ALA HA 20 -21.94 29.68 45.22
C ALA HA 20 -22.57 28.29 45.21
N TYR HA 21 -22.96 27.79 44.03
CA TYR HA 21 -23.45 26.41 43.95
C TYR HA 21 -22.41 25.40 44.44
N GLY HA 22 -21.12 25.67 44.22
CA GLY HA 22 -20.10 24.79 44.73
C GLY HA 22 -19.81 24.94 46.20
N GLU HA 23 -20.50 25.85 46.89
CA GLU HA 23 -20.22 26.14 48.29
C GLU HA 23 -21.40 25.89 49.22
N LYS HA 24 -22.64 26.07 48.74
CA LYS HA 24 -23.81 25.96 49.61
C LYS HA 24 -24.89 25.17 48.87
N ILE HA 25 -26.02 24.95 49.54
CA ILE HA 25 -27.18 24.35 48.87
C ILE HA 25 -27.85 25.44 48.04
N ASP HA 26 -27.82 25.29 46.72
CA ASP HA 26 -28.45 26.22 45.79
C ASP HA 26 -29.93 25.85 45.70
N LEU HA 27 -30.79 26.72 46.23
CA LEU HA 27 -32.22 26.42 46.27
C LEU HA 27 -32.82 26.27 44.88
N ASN HA 28 -32.13 26.73 43.84
CA ASN HA 28 -32.65 26.67 42.48
C ASN HA 28 -32.12 25.49 41.67
N ASN HA 29 -31.14 24.75 42.17
CA ASN HA 29 -30.46 23.75 41.35
C ASN HA 29 -30.07 22.48 42.08
N THR HA 30 -29.72 22.54 43.36
CA THR HA 30 -29.07 21.41 43.99
C THR HA 30 -30.05 20.25 44.17
N ASN HA 31 -29.56 19.04 43.93
CA ASN HA 31 -30.39 17.85 44.12
C ASN HA 31 -30.86 17.75 45.57
N ILE HA 32 -32.06 17.19 45.75
CA ILE HA 32 -32.79 17.28 47.01
C ILE HA 32 -32.11 16.52 48.14
N ALA HA 33 -31.26 15.53 47.84
CA ALA HA 33 -30.58 14.80 48.90
C ALA HA 33 -29.62 15.69 49.70
N ALA HA 34 -29.20 16.82 49.14
CA ALA HA 34 -28.26 17.66 49.86
C ALA HA 34 -28.84 18.25 51.14
N PHE HA 35 -30.17 18.35 51.25
CA PHE HA 35 -30.79 18.91 52.45
C PHE HA 35 -30.64 18.04 53.68
N ILE HA 36 -30.15 16.79 53.52
CA ILE HA 36 -29.86 15.92 54.65
C ILE HA 36 -28.67 16.42 55.44
N GLN HA 37 -27.87 17.33 54.87
CA GLN HA 37 -26.67 17.84 55.55
C GLN HA 37 -26.98 18.60 56.83
N TYR HA 38 -28.19 19.13 56.99
CA TYR HA 38 -28.54 19.97 58.14
C TYR HA 38 -29.83 19.47 58.79
N ARG HA 39 -29.95 19.75 60.08
CA ARG HA 39 -31.07 19.28 60.87
C ARG HA 39 -32.39 19.90 60.41
N GLY HA 40 -33.40 19.05 60.28
CA GLY HA 40 -34.77 19.50 60.17
C GLY HA 40 -35.28 19.79 58.77
N LEU HA 41 -34.43 19.68 57.75
CA LEU HA 41 -34.78 20.09 56.40
C LEU HA 41 -35.38 18.98 55.54
N TYR HA 42 -35.07 17.72 55.81
CA TYR HA 42 -35.43 16.62 54.92
C TYR HA 42 -36.36 15.64 55.63
N PRO HA 43 -37.44 15.17 54.97
CA PRO HA 43 -37.80 15.43 53.57
C PRO HA 43 -38.84 16.56 53.38
N THR HA 44 -39.48 17.00 54.46
CA THR HA 44 -40.69 17.82 54.33
C THR HA 44 -40.35 19.19 53.74
N LEU HA 45 -39.46 19.93 54.37
CA LEU HA 45 -39.07 21.22 53.82
C LEU HA 45 -38.33 21.04 52.49
N ALA HA 46 -37.51 20.00 52.39
CA ALA HA 46 -36.75 19.77 51.16
C ALA HA 46 -37.67 19.66 49.96
N LYS HA 47 -38.79 18.94 50.11
CA LYS HA 47 -39.77 18.83 49.03
C LYS HA 47 -40.38 20.19 48.70
N LEU HA 48 -40.80 20.93 49.72
CA LEU HA 48 -41.41 22.23 49.49
C LEU HA 48 -40.44 23.16 48.78
N ILE HA 49 -39.16 23.13 49.16
CA ILE HA 49 -38.20 24.04 48.54
C ILE HA 49 -38.04 23.72 47.05
N VAL HA 50 -37.76 22.46 46.73
CA VAL HA 50 -37.56 22.07 45.34
C VAL HA 50 -38.82 22.32 44.53
N LYS HA 51 -39.99 22.04 45.14
CA LYS HA 51 -41.26 22.15 44.42
C LYS HA 51 -41.59 23.61 44.09
N ASN HA 52 -41.21 24.57 44.93
CA ASN HA 52 -41.59 25.95 44.71
C ASN HA 52 -40.46 26.78 44.11
N ALA HA 53 -39.37 26.16 43.69
CA ALA HA 53 -38.27 26.87 43.05
C ALA HA 53 -38.71 27.39 41.69
N PRO HA 54 -38.01 28.39 41.13
CA PRO HA 54 -36.82 29.09 41.65
C PRO HA 54 -37.14 30.29 42.53
N TYR HA 55 -36.10 30.83 43.16
CA TYR HA 55 -36.20 31.94 44.09
C TYR HA 55 -35.26 33.04 43.64
N GLU HA 56 -35.74 34.29 43.69
CA GLU HA 56 -34.87 35.42 43.33
C GLU HA 56 -33.77 35.62 44.37
N SER HA 57 -34.10 35.39 45.64
CA SER HA 57 -33.11 35.46 46.70
C SER HA 57 -33.43 34.36 47.68
N VAL HA 58 -32.44 34.05 48.52
CA VAL HA 58 -32.60 32.94 49.46
C VAL HA 58 -33.79 33.20 50.38
N GLU HA 59 -33.98 34.46 50.80
CA GLU HA 59 -35.04 34.78 51.75
C GLU HA 59 -36.43 34.50 51.20
N ASP HA 60 -36.56 34.42 49.88
CA ASP HA 60 -37.84 34.11 49.27
C ASP HA 60 -38.32 32.72 49.68
N VAL HA 61 -37.41 31.84 50.08
CA VAL HA 61 -37.79 30.50 50.50
C VAL HA 61 -38.76 30.57 51.68
N LEU HA 62 -38.70 31.66 52.45
CA LEU HA 62 -39.59 31.87 53.59
C LEU HA 62 -41.02 32.14 53.19
N ASN HA 63 -41.26 32.46 51.92
CA ASN HA 63 -42.57 32.86 51.43
C ASN HA 63 -43.34 31.72 50.78
N ILE HA 64 -42.80 30.49 50.80
CA ILE HA 64 -43.48 29.31 50.26
C ILE HA 64 -44.86 29.24 50.90
N PRO HA 65 -45.92 29.18 50.11
CA PRO HA 65 -47.26 29.16 50.71
C PRO HA 65 -47.44 27.87 51.50
N GLY HA 66 -48.08 28.00 52.65
CA GLY HA 66 -48.43 26.87 53.48
C GLY HA 66 -47.44 26.54 54.57
N LEU HA 67 -46.26 27.15 54.60
CA LEU HA 67 -45.28 26.83 55.63
C LEU HA 67 -45.85 27.11 57.01
N THR HA 68 -45.57 26.22 57.95
CA THR HA 68 -45.90 26.46 59.35
C THR HA 68 -44.93 27.47 59.95
N GLU HA 69 -45.32 27.99 61.12
CA GLU HA 69 -44.46 28.93 61.82
C GLU HA 69 -43.14 28.25 62.23
N ARG HA 70 -43.22 27.02 62.72
CA ARG HA 70 -42.01 26.30 63.06
C ARG HA 70 -41.13 26.09 61.84
N GLN HA 71 -41.75 25.77 60.70
CA GLN HA 71 -40.98 25.57 59.47
C GLN HA 71 -40.25 26.84 59.06
N LYS HA 72 -40.93 28.00 59.16
CA LYS HA 72 -40.28 29.26 58.82
C LYS HA 72 -39.09 29.51 59.75
N GLN HA 73 -39.21 29.14 61.02
CA GLN HA 73 -38.09 29.32 61.94
C GLN HA 73 -36.94 28.39 61.58
N ILE HA 74 -37.23 27.14 61.22
CA ILE HA 74 -36.16 26.22 60.84
C ILE HA 74 -35.44 26.73 59.60
N LEU HA 75 -36.20 27.22 58.61
CA LEU HA 75 -35.59 27.79 57.43
C LEU HA 75 -34.67 28.94 57.80
N ARG HA 76 -35.12 29.82 58.71
CA ARG HA 76 -34.29 30.97 59.10
C ARG HA 76 -32.97 30.53 59.71
N GLU HA 77 -32.98 29.48 60.54
CA GLU HA 77 -31.74 28.93 61.09
C GLU HA 77 -30.79 28.43 60.01
N ASN HA 78 -31.29 28.11 58.81
CA ASN HA 78 -30.45 27.51 57.78
C ASN HA 78 -30.21 28.41 56.57
N LEU HA 79 -30.67 29.66 56.57
CA LEU HA 79 -30.39 30.54 55.45
C LEU HA 79 -28.89 30.70 55.22
N GLU HA 80 -28.10 30.64 56.29
CA GLU HA 80 -26.65 30.73 56.13
C GLU HA 80 -26.07 29.57 55.31
N HIS HA 81 -26.80 28.48 55.14
CA HIS HA 81 -26.32 27.35 54.35
C HIS HA 81 -26.90 27.32 52.95
N PHE HA 82 -27.75 28.29 52.61
CA PHE HA 82 -28.43 28.31 51.32
C PHE HA 82 -27.83 29.38 50.42
N THR HA 83 -28.00 29.18 49.11
CA THR HA 83 -27.70 30.22 48.12
C THR HA 83 -28.72 30.08 47.01
N VAL HA 84 -28.71 31.04 46.09
CA VAL HA 84 -29.46 30.93 44.84
C VAL HA 84 -28.54 31.36 43.73
N THR HA 85 -28.54 30.60 42.63
CA THR HA 85 -27.96 31.08 41.38
C THR HA 85 -28.99 30.85 40.27
N GLU HA 86 -28.67 31.35 39.08
CA GLU HA 86 -29.54 31.15 37.93
C GLU HA 86 -29.85 29.66 37.75
N VAL HA 87 -31.10 29.36 37.39
CA VAL HA 87 -31.46 27.97 37.09
C VAL HA 87 -30.59 27.47 35.94
N GLU HA 88 -29.98 26.30 36.14
CA GLU HA 88 -29.22 25.63 35.10
C GLU HA 88 -30.04 24.47 34.55
N THR HA 89 -30.44 24.58 33.28
CA THR HA 89 -31.28 23.56 32.64
C THR HA 89 -30.74 22.16 32.84
N ALA HA 90 -29.41 21.99 32.73
CA ALA HA 90 -28.81 20.66 32.84
C ALA HA 90 -28.95 20.06 34.23
N LEU HA 91 -29.08 20.89 35.27
CA LEU HA 91 -29.23 20.38 36.62
C LEU HA 91 -30.67 20.13 37.01
N VAL HA 92 -31.65 20.71 36.32
CA VAL HA 92 -33.04 20.61 36.76
C VAL HA 92 -33.92 19.77 35.83
N GLU HA 93 -33.47 19.48 34.61
CA GLU HA 93 -34.23 18.62 33.73
C GLU HA 93 -34.10 17.18 34.18
N GLY HA 94 -34.90 16.31 33.55
CA GLY HA 94 -34.88 14.90 33.84
C GLY HA 94 -35.33 14.55 35.24
N GLY HA 95 -36.02 15.45 35.93
CA GLY HA 95 -36.31 15.22 37.34
C GLY HA 95 -35.08 15.05 38.20
N ASP HA 96 -33.93 15.58 37.76
CA ASP HA 96 -32.66 15.30 38.42
C ASP HA 96 -32.55 15.90 39.82
N ARG HA 97 -33.32 16.95 40.12
CA ARG HA 97 -33.30 17.47 41.49
C ARG HA 97 -33.93 16.49 42.47
N TYR HA 98 -34.78 15.58 41.99
CA TYR HA 98 -35.38 14.55 42.85
C TYR HA 98 -34.59 13.25 42.84
N ASN HA 99 -33.86 12.97 41.76
CA ASN HA 99 -33.05 11.75 41.66
C ASN HA 99 -32.03 12.03 40.57
N ASN HA 100 -30.76 12.21 40.96
CA ASN HA 100 -29.73 12.59 40.00
C ASN HA 100 -28.86 11.42 39.59
N GLY HA 101 -29.33 10.19 39.79
CA GLY HA 101 -28.56 9.02 39.41
C GLY HA 101 -27.41 8.68 40.33
N LEU HA 102 -27.26 9.38 41.45
CA LEU HA 102 -26.25 9.06 42.44
C LEU HA 102 -26.92 8.44 43.66
N TYR HA 103 -26.41 7.29 44.06
CA TYR HA 103 -26.76 6.70 45.35
C TYR HA 103 -25.48 6.68 46.18
N LYS HA 104 -25.22 5.61 46.91
CA LYS HA 104 -23.96 5.53 47.62
C LYS HA 104 -22.87 5.21 46.61
N ALA IA 1 -4.88 -4.89 68.04
CA ALA IA 1 -6.12 -4.19 68.39
C ALA IA 1 -7.13 -5.14 69.02
N GLU IA 2 -7.99 -4.61 69.88
CA GLU IA 2 -8.95 -5.40 70.63
C GLU IA 2 -10.28 -4.66 70.68
N LEU IA 3 -11.34 -5.40 70.98
CA LEU IA 3 -12.64 -4.80 71.25
C LEU IA 3 -12.69 -4.49 72.75
N THR IA 4 -12.28 -3.28 73.12
CA THR IA 4 -12.08 -2.93 74.52
C THR IA 4 -13.33 -2.32 75.14
N PRO IA 5 -13.40 -2.27 76.48
CA PRO IA 5 -14.49 -1.53 77.13
C PRO IA 5 -14.65 -0.12 76.62
N GLU IA 6 -13.55 0.58 76.33
CA GLU IA 6 -13.66 1.94 75.81
C GLU IA 6 -14.39 1.94 74.47
N VAL IA 7 -14.01 1.03 73.56
CA VAL IA 7 -14.72 0.92 72.29
C VAL IA 7 -16.20 0.66 72.52
N LEU IA 8 -16.52 -0.18 73.50
CA LEU IA 8 -17.90 -0.56 73.77
C LEU IA 8 -18.67 0.47 74.60
N THR IA 9 -18.08 1.62 74.90
CA THR IA 9 -18.76 2.67 75.66
C THR IA 9 -19.38 3.67 74.69
N VAL IA 10 -20.70 3.81 74.75
CA VAL IA 10 -21.43 4.60 73.76
C VAL IA 10 -22.43 5.50 74.48
N PRO IA 11 -22.81 6.62 73.86
CA PRO IA 11 -23.77 7.53 74.51
C PRO IA 11 -25.11 6.86 74.73
N LEU IA 12 -25.61 6.96 75.96
CA LEU IA 12 -26.94 6.46 76.29
C LEU IA 12 -28.02 7.45 75.88
N ASN IA 13 -27.77 8.75 76.06
CA ASN IA 13 -28.79 9.76 75.74
C ASN IA 13 -28.11 11.03 75.28
N SER IA 14 -28.94 12.04 74.96
CA SER IA 14 -28.43 13.31 74.44
C SER IA 14 -27.74 14.14 75.51
N GLU IA 15 -28.00 13.88 76.78
CA GLU IA 15 -27.41 14.66 77.85
C GLU IA 15 -25.97 14.28 78.14
N GLY IA 16 -25.45 13.23 77.49
CA GLY IA 16 -24.07 12.84 77.69
C GLY IA 16 -23.85 11.65 78.59
N LYS IA 17 -24.91 11.05 79.14
CA LYS IA 17 -24.75 9.80 79.87
C LYS IA 17 -24.32 8.70 78.91
N THR IA 18 -23.36 7.88 79.35
CA THR IA 18 -22.89 6.76 78.56
C THR IA 18 -23.35 5.45 79.16
N ILE IA 19 -23.12 4.38 78.40
CA ILE IA 19 -23.32 3.01 78.84
C ILE IA 19 -22.18 2.19 78.27
N THR IA 20 -21.69 1.23 79.03
CA THR IA 20 -20.63 0.35 78.58
C THR IA 20 -21.24 -1.00 78.26
N LEU IA 21 -21.21 -1.38 76.99
CA LEU IA 21 -21.77 -2.64 76.57
C LEU IA 21 -20.84 -3.78 76.96
N THR IA 22 -21.42 -4.94 77.23
CA THR IA 22 -20.62 -6.14 77.38
C THR IA 22 -20.26 -6.69 76.00
N GLU IA 23 -19.23 -7.51 75.97
CA GLU IA 23 -18.93 -8.21 74.72
C GLU IA 23 -20.10 -9.09 74.30
N LYS IA 24 -20.81 -9.67 75.27
CA LYS IA 24 -22.01 -10.44 74.96
C LYS IA 24 -23.08 -9.56 74.32
N GLN IA 25 -23.29 -8.36 74.89
CA GLN IA 25 -24.30 -7.44 74.34
C GLN IA 25 -23.99 -7.09 72.89
N TYR IA 26 -22.74 -6.78 72.60
CA TYR IA 26 -22.35 -6.44 71.24
C TYR IA 26 -22.62 -7.58 70.27
N LEU IA 27 -22.19 -8.79 70.61
CA LEU IA 27 -22.40 -9.93 69.72
C LEU IA 27 -23.88 -10.21 69.51
N GLU IA 28 -24.68 -10.14 70.58
CA GLU IA 28 -26.13 -10.27 70.43
C GLU IA 28 -26.69 -9.17 69.53
N GLY IA 29 -26.20 -7.95 69.67
CA GLY IA 29 -26.69 -6.86 68.84
C GLY IA 29 -26.38 -7.09 67.37
N LYS IA 30 -25.16 -7.54 67.09
CA LYS IA 30 -24.79 -7.88 65.72
C LYS IA 30 -25.69 -8.98 65.18
N ARG IA 31 -25.92 -10.04 65.97
CA ARG IA 31 -26.76 -11.13 65.50
C ARG IA 31 -28.17 -10.64 65.22
N LEU IA 32 -28.73 -9.86 66.14
CA LEU IA 32 -30.10 -9.38 65.97
C LEU IA 32 -30.21 -8.38 64.82
N PHE IA 33 -29.17 -7.55 64.63
CA PHE IA 33 -29.14 -6.62 63.50
C PHE IA 33 -29.16 -7.39 62.18
N GLN IA 34 -28.40 -8.48 62.08
CA GLN IA 34 -28.48 -9.34 60.89
C GLN IA 34 -29.85 -9.97 60.76
N TYR IA 35 -30.41 -10.44 61.87
CA TYR IA 35 -31.71 -11.11 61.85
C TYR IA 35 -32.80 -10.19 61.31
N ALA IA 36 -32.81 -8.94 61.76
CA ALA IA 36 -33.95 -8.07 61.52
C ALA IA 36 -33.68 -6.88 60.61
N CYS IA 37 -32.42 -6.52 60.36
CA CYS IA 37 -32.14 -5.22 59.74
C CYS IA 37 -31.21 -5.28 58.54
N ALA IA 38 -30.28 -6.23 58.54
CA ALA IA 38 -29.21 -6.19 57.54
C ALA IA 38 -29.72 -6.33 56.11
N SER IA 39 -30.91 -6.93 55.92
CA SER IA 39 -31.43 -7.08 54.57
C SER IA 39 -31.57 -5.72 53.88
N CYS IA 40 -31.78 -4.66 54.65
CA CYS IA 40 -31.76 -3.31 54.10
C CYS IA 40 -30.55 -2.49 54.52
N HIS IA 41 -29.95 -2.75 55.69
CA HIS IA 41 -28.93 -1.86 56.24
C HIS IA 41 -27.53 -2.47 56.30
N VAL IA 42 -27.24 -3.50 55.49
CA VAL IA 42 -25.91 -4.13 55.49
C VAL IA 42 -24.82 -3.07 55.38
N GLY IA 43 -23.83 -3.14 56.25
CA GLY IA 43 -22.73 -2.19 56.17
C GLY IA 43 -23.06 -0.76 56.55
N GLY IA 44 -24.26 -0.49 57.10
CA GLY IA 44 -24.61 0.85 57.52
C GLY IA 44 -25.25 1.73 56.46
N ILE IA 45 -25.55 1.19 55.28
CA ILE IA 45 -26.25 1.98 54.26
C ILE IA 45 -27.74 1.66 54.35
N THR IA 46 -28.53 2.07 53.35
CA THR IA 46 -29.95 1.74 53.30
C THR IA 46 -30.35 1.45 51.86
N LYS IA 47 -30.59 0.18 51.55
CA LYS IA 47 -30.75 -0.20 50.15
C LYS IA 47 -31.99 0.42 49.52
N THR IA 48 -33.08 0.57 50.29
CA THR IA 48 -34.31 1.11 49.72
C THR IA 48 -34.39 2.63 49.82
N ASN IA 49 -33.39 3.28 50.41
CA ASN IA 49 -33.30 4.73 50.39
C ASN IA 49 -31.85 5.14 50.66
N PRO IA 50 -30.97 5.11 49.64
CA PRO IA 50 -29.54 5.31 49.91
C PRO IA 50 -29.19 6.69 50.44
N SER IA 51 -30.12 7.65 50.42
CA SER IA 51 -29.82 8.99 50.93
C SER IA 51 -29.61 9.01 52.44
N LEU IA 52 -30.15 8.04 53.17
CA LEU IA 52 -30.07 7.97 54.62
C LEU IA 52 -29.24 6.78 55.03
N ASP IA 53 -28.24 6.99 55.89
CA ASP IA 53 -27.40 5.89 56.32
C ASP IA 53 -27.40 5.83 57.85
N LEU IA 54 -26.59 4.93 58.39
CA LEU IA 54 -26.55 4.71 59.84
C LEU IA 54 -25.27 5.25 60.47
N ARG IA 55 -24.59 6.18 59.79
CA ARG IA 55 -23.44 6.83 60.38
C ARG IA 55 -23.84 7.63 61.61
N THR IA 56 -22.94 7.67 62.59
CA THR IA 56 -23.26 8.36 63.84
C THR IA 56 -23.50 9.85 63.59
N GLU IA 57 -22.73 10.47 62.69
CA GLU IA 57 -22.94 11.89 62.39
C GLU IA 57 -24.28 12.12 61.70
N THR IA 58 -24.72 11.17 60.87
CA THR IA 58 -26.06 11.28 60.29
C THR IA 58 -27.13 11.16 61.37
N LEU IA 59 -26.99 10.16 62.26
CA LEU IA 59 -27.93 10.00 63.36
C LEU IA 59 -27.97 11.21 64.27
N ALA IA 60 -26.83 11.89 64.45
CA ALA IA 60 -26.78 13.05 65.32
C ALA IA 60 -27.64 14.19 64.78
N LEU IA 61 -27.75 14.29 63.46
CA LEU IA 61 -28.53 15.35 62.83
C LEU IA 61 -29.98 14.97 62.52
N ALA IA 62 -30.39 13.73 62.81
CA ALA IA 62 -31.81 13.37 62.72
C ALA IA 62 -32.61 14.07 63.82
N THR IA 63 -33.92 14.15 63.63
CA THR IA 63 -34.84 14.71 64.62
C THR IA 63 -35.85 13.64 65.01
N PRO IA 64 -35.96 13.29 66.30
CA PRO IA 64 -35.06 13.70 67.39
C PRO IA 64 -33.71 13.02 67.16
N PRO IA 65 -32.66 13.41 67.89
CA PRO IA 65 -31.35 12.81 67.65
C PRO IA 65 -31.38 11.30 67.87
N ARG IA 66 -30.68 10.57 67.00
CA ARG IA 66 -30.61 9.12 67.06
C ARG IA 66 -29.20 8.61 67.35
N ASP IA 67 -28.28 9.50 67.74
CA ASP IA 67 -26.89 9.15 67.95
C ASP IA 67 -26.63 8.65 69.37
N ASN IA 68 -27.58 7.92 69.93
CA ASN IA 68 -27.46 7.42 71.29
C ASN IA 68 -28.46 6.28 71.46
N ILE IA 69 -28.27 5.51 72.53
CA ILE IA 69 -29.04 4.27 72.73
C ILE IA 69 -30.53 4.55 72.78
N GLU IA 70 -30.95 5.46 73.66
CA GLU IA 70 -32.38 5.74 73.82
C GLU IA 70 -32.99 6.26 72.53
N GLY IA 71 -32.26 7.08 71.79
CA GLY IA 71 -32.77 7.55 70.51
C GLY IA 71 -33.00 6.41 69.53
N LEU IA 72 -32.04 5.48 69.45
CA LEU IA 72 -32.15 4.35 68.53
C LEU IA 72 -33.23 3.36 68.98
N VAL IA 73 -33.31 3.12 70.30
CA VAL IA 73 -34.37 2.25 70.84
C VAL IA 73 -35.74 2.83 70.55
N ASP IA 74 -35.90 4.15 70.74
CA ASP IA 74 -37.15 4.82 70.41
C ASP IA 74 -37.46 4.70 68.93
N TYR IA 75 -36.43 4.79 68.08
CA TYR IA 75 -36.67 4.64 66.64
C TYR IA 75 -37.23 3.26 66.32
N MET IA 76 -36.70 2.22 66.97
CA MET IA 76 -37.19 0.87 66.71
C MET IA 76 -38.58 0.63 67.24
N LYS IA 77 -39.10 1.51 68.09
CA LYS IA 77 -40.48 1.39 68.53
C LYS IA 77 -41.43 2.24 67.71
N ASN IA 78 -40.96 3.42 67.26
CA ASN IA 78 -41.82 4.39 66.58
C ASN IA 78 -40.96 5.20 65.62
N PRO IA 79 -40.61 4.61 64.49
CA PRO IA 79 -39.70 5.29 63.56
C PRO IA 79 -40.37 6.48 62.90
N THR IA 80 -39.56 7.50 62.60
CA THR IA 80 -40.01 8.74 61.99
C THR IA 80 -39.14 9.05 60.78
N THR IA 81 -39.60 10.00 59.97
CA THR IA 81 -38.75 10.55 58.94
C THR IA 81 -37.57 11.29 59.59
N TYR IA 82 -36.61 11.69 58.74
CA TYR IA 82 -35.37 12.28 59.24
C TYR IA 82 -35.63 13.56 60.00
N ASP IA 83 -36.68 14.30 59.63
CA ASP IA 83 -37.02 15.54 60.29
C ASP IA 83 -38.02 15.35 61.42
N GLY IA 84 -38.36 14.11 61.75
CA GLY IA 84 -39.29 13.85 62.83
C GLY IA 84 -40.73 14.17 62.53
N GLU IA 85 -41.06 14.57 61.31
CA GLU IA 85 -42.39 15.08 61.02
C GLU IA 85 -43.42 13.98 60.80
N GLN IA 86 -43.00 12.80 60.36
CA GLN IA 86 -43.94 11.77 59.95
C GLN IA 86 -43.53 10.43 60.55
N GLU IA 87 -44.50 9.75 61.17
CA GLU IA 87 -44.29 8.41 61.69
C GLU IA 87 -44.44 7.39 60.58
N ILE IA 88 -43.45 6.51 60.45
CA ILE IA 88 -43.36 5.65 59.27
C ILE IA 88 -43.43 4.17 59.62
N ALA IA 89 -44.04 3.81 60.77
CA ALA IA 89 -44.09 2.41 61.19
C ALA IA 89 -44.76 1.52 60.15
N GLU IA 90 -45.68 2.07 59.35
CA GLU IA 90 -46.40 1.29 58.34
C GLU IA 90 -45.49 0.79 57.23
N VAL IA 91 -44.32 1.40 57.05
CA VAL IA 91 -43.38 0.98 56.02
C VAL IA 91 -41.98 0.73 56.56
N HIS IA 92 -41.76 0.87 57.87
CA HIS IA 92 -40.47 0.57 58.44
C HIS IA 92 -40.67 -0.35 59.64
N PRO IA 93 -39.88 -1.41 59.76
CA PRO IA 93 -40.06 -2.36 60.88
C PRO IA 93 -39.93 -1.67 62.23
N SER IA 94 -40.84 -2.03 63.15
CA SER IA 94 -40.82 -1.48 64.49
C SER IA 94 -41.70 -2.33 65.38
N LEU IA 95 -41.56 -2.13 66.71
CA LEU IA 95 -42.47 -2.78 67.65
C LEU IA 95 -43.91 -2.35 67.40
N ARG IA 96 -44.10 -1.09 67.03
CA ARG IA 96 -45.43 -0.58 66.76
C ARG IA 96 -46.08 -1.28 65.56
N SER IA 97 -45.27 -1.75 64.61
CA SER IA 97 -45.78 -2.43 63.42
C SER IA 97 -45.31 -3.88 63.36
N ALA IA 98 -45.12 -4.53 64.51
CA ALA IA 98 -44.69 -5.93 64.54
C ALA IA 98 -45.73 -6.89 63.95
N ASP IA 99 -46.99 -6.46 63.86
CA ASP IA 99 -48.01 -7.28 63.21
C ASP IA 99 -47.71 -7.47 61.71
N ILE IA 100 -47.16 -6.45 61.05
CA ILE IA 100 -46.82 -6.52 59.64
C ILE IA 100 -45.33 -6.72 59.38
N PHE IA 101 -44.49 -6.56 60.41
CA PHE IA 101 -43.06 -6.86 60.34
C PHE IA 101 -42.78 -7.92 61.40
N PRO IA 102 -43.12 -9.20 61.14
CA PRO IA 102 -43.16 -10.19 62.23
C PRO IA 102 -41.81 -10.45 62.87
N LYS IA 103 -40.71 -10.15 62.20
CA LYS IA 103 -39.42 -10.33 62.86
C LYS IA 103 -39.22 -9.41 64.06
N MET IA 104 -40.06 -8.37 64.23
CA MET IA 104 -40.02 -7.54 65.43
C MET IA 104 -40.88 -8.08 66.56
N ARG IA 105 -41.67 -9.12 66.31
CA ARG IA 105 -42.67 -9.57 67.28
C ARG IA 105 -42.08 -10.03 68.60
N ASN IA 106 -40.88 -10.59 68.59
CA ASN IA 106 -40.36 -11.20 69.82
C ASN IA 106 -39.19 -10.41 70.42
N LEU IA 107 -39.00 -9.17 69.99
CA LEU IA 107 -37.87 -8.37 70.46
C LEU IA 107 -38.18 -7.70 71.78
N THR IA 108 -37.31 -7.92 72.77
CA THR IA 108 -37.45 -7.29 74.09
C THR IA 108 -36.70 -5.95 74.12
N GLU IA 109 -36.94 -5.21 75.21
CA GLU IA 109 -36.19 -3.99 75.48
C GLU IA 109 -34.68 -4.23 75.42
N LYS IA 110 -34.23 -5.33 76.05
CA LYS IA 110 -32.82 -5.67 76.01
C LYS IA 110 -32.35 -5.86 74.57
N ASP IA 111 -33.16 -6.49 73.73
CA ASP IA 111 -32.79 -6.71 72.34
C ASP IA 111 -32.61 -5.41 71.59
N LEU IA 112 -33.53 -4.46 71.80
CA LEU IA 112 -33.42 -3.17 71.12
C LEU IA 112 -32.16 -2.44 71.56
N VAL IA 113 -31.86 -2.47 72.86
CA VAL IA 113 -30.63 -1.86 73.37
C VAL IA 113 -29.42 -2.49 72.69
N ALA IA 114 -29.40 -3.82 72.57
CA ALA IA 114 -28.29 -4.50 71.93
C ALA IA 114 -28.13 -4.10 70.47
N ILE IA 115 -29.24 -4.03 69.72
CA ILE IA 115 -29.16 -3.60 68.33
C ILE IA 115 -28.62 -2.18 68.25
N ALA IA 116 -29.12 -1.29 69.11
CA ALA IA 116 -28.66 0.10 69.10
C ALA IA 116 -27.16 0.18 69.38
N GLY IA 117 -26.68 -0.60 70.35
CA GLY IA 117 -25.26 -0.58 70.67
C GLY IA 117 -24.40 -1.08 69.52
N HIS IA 118 -24.91 -2.02 68.72
CA HIS IA 118 -24.18 -2.43 67.53
C HIS IA 118 -24.08 -1.29 66.53
N ILE IA 119 -25.19 -0.60 66.27
CA ILE IA 119 -25.19 0.53 65.33
C ILE IA 119 -24.23 1.63 65.78
N LEU IA 120 -24.07 1.82 67.09
CA LEU IA 120 -23.15 2.86 67.55
C LEU IA 120 -21.70 2.39 67.60
N VAL IA 121 -21.46 1.11 67.88
CA VAL IA 121 -20.09 0.63 68.02
C VAL IA 121 -19.43 0.40 66.66
N GLU IA 122 -20.19 -0.11 65.69
CA GLU IA 122 -19.61 -0.51 64.41
C GLU IA 122 -18.79 0.58 63.72
N PRO IA 123 -19.25 1.84 63.60
CA PRO IA 123 -18.38 2.89 63.05
C PRO IA 123 -17.13 3.15 63.89
N LYS IA 124 -17.18 2.96 65.21
CA LYS IA 124 -15.96 3.10 66.00
C LYS IA 124 -14.93 2.04 65.61
N ILE IA 125 -15.38 0.89 65.11
CA ILE IA 125 -14.47 -0.12 64.60
C ILE IA 125 -14.08 0.18 63.15
N LEU IA 126 -15.09 0.33 62.29
CA LEU IA 126 -14.91 0.34 60.84
C LEU IA 126 -14.71 1.74 60.25
N GLY IA 127 -14.94 2.81 61.03
CA GLY IA 127 -14.77 4.15 60.48
C GLY IA 127 -15.68 4.39 59.30
N ASP IA 128 -15.15 5.12 58.30
CA ASP IA 128 -15.96 5.51 57.14
C ASP IA 128 -16.49 4.33 56.36
N LYS IA 129 -15.91 3.13 56.52
CA LYS IA 129 -16.49 1.94 55.89
C LYS IA 129 -17.95 1.75 56.29
N TRP IA 130 -18.29 2.04 57.55
CA TRP IA 130 -19.68 1.96 58.00
C TRP IA 130 -20.48 3.09 57.35
N GLY IA 131 -21.54 2.73 56.63
CA GLY IA 131 -22.33 3.68 55.86
C GLY IA 131 -21.67 4.17 54.59
N GLY IA 132 -20.52 3.60 54.22
CA GLY IA 132 -19.79 4.09 53.06
C GLY IA 132 -20.19 3.48 51.73
N GLY IA 133 -20.79 2.28 51.76
CA GLY IA 133 -21.14 1.57 50.54
C GLY IA 133 -19.96 0.95 49.81
N LYS IA 134 -20.21 0.56 48.56
CA LYS IA 134 -19.26 -0.27 47.82
C LYS IA 134 -17.92 0.42 47.60
N VAL IA 135 -17.91 1.76 47.60
CA VAL IA 135 -16.64 2.49 47.46
C VAL IA 135 -15.64 2.03 48.52
N TYR IA 136 -16.12 1.68 49.71
CA TYR IA 136 -15.26 1.34 50.83
C TYR IA 136 -15.12 -0.17 51.05
N TYR IA 137 -15.71 -1.00 50.21
CA TYR IA 137 -15.61 -2.46 50.39
C TYR IA 137 -14.17 -2.94 50.38
N VAL JA 2 -23.05 -30.13 69.04
CA VAL JA 2 -23.33 -30.81 70.29
C VAL JA 2 -22.92 -32.28 70.24
N ILE JA 3 -22.59 -32.82 71.42
CA ILE JA 3 -22.18 -34.22 71.55
C ILE JA 3 -23.29 -35.15 71.07
N ALA JA 4 -24.54 -34.75 71.28
CA ALA JA 4 -25.67 -35.57 70.86
C ALA JA 4 -25.65 -35.81 69.35
N GLN JA 5 -25.49 -34.73 68.56
CA GLN JA 5 -25.48 -34.86 67.10
C GLN JA 5 -24.34 -35.75 66.62
N LEU JA 6 -23.13 -35.55 67.17
CA LEU JA 6 -21.98 -36.32 66.71
C LEU JA 6 -22.14 -37.80 67.05
N THR JA 7 -22.64 -38.11 68.25
CA THR JA 7 -22.87 -39.49 68.64
C THR JA 7 -23.89 -40.18 67.75
N MET JA 8 -24.98 -39.48 67.43
CA MET JA 8 -25.97 -40.03 66.50
C MET JA 8 -25.32 -40.34 65.16
N ILE JA 9 -24.60 -39.36 64.60
CA ILE JA 9 -23.99 -39.53 63.29
C ILE JA 9 -23.01 -40.69 63.30
N ALA JA 10 -22.28 -40.87 64.41
CA ALA JA 10 -21.35 -42.00 64.52
C ALA JA 10 -22.09 -43.34 64.52
N MET JA 11 -23.19 -43.43 65.27
CA MET JA 11 -23.92 -44.70 65.35
C MET JA 11 -24.62 -45.02 64.06
N ILE JA 12 -25.26 -44.03 63.43
CA ILE JA 12 -25.90 -44.26 62.16
C ILE JA 12 -24.87 -44.57 61.09
N GLY JA 13 -23.76 -43.84 61.09
CA GLY JA 13 -22.74 -44.03 60.06
C GLY JA 13 -22.00 -45.35 60.18
N ILE JA 14 -21.92 -45.89 61.40
CA ILE JA 14 -21.25 -47.17 61.57
C ILE JA 14 -22.18 -48.34 61.25
N ALA JA 15 -23.50 -48.13 61.31
CA ALA JA 15 -24.45 -49.22 61.09
C ALA JA 15 -24.24 -49.90 59.75
N GLY JA 16 -24.00 -49.12 58.70
CA GLY JA 16 -23.79 -49.63 57.36
C GLY JA 16 -22.61 -50.59 57.25
N PRO JA 17 -21.40 -50.08 57.50
CA PRO JA 17 -20.23 -50.98 57.49
C PRO JA 17 -20.35 -52.15 58.47
N MET JA 18 -21.09 -51.97 59.57
CA MET JA 18 -21.28 -53.07 60.51
C MET JA 18 -22.02 -54.23 59.87
N ILE JA 19 -23.05 -53.93 59.06
CA ILE JA 19 -23.78 -54.98 58.35
C ILE JA 19 -22.85 -55.75 57.42
N ILE JA 20 -21.99 -55.06 56.68
CA ILE JA 20 -21.07 -55.75 55.80
C ILE JA 20 -20.10 -56.61 56.60
N PHE JA 21 -19.56 -56.07 57.70
CA PHE JA 21 -18.59 -56.83 58.49
C PHE JA 21 -19.22 -58.06 59.13
N LEU JA 22 -20.42 -57.91 59.69
CA LEU JA 22 -21.10 -59.06 60.27
C LEU JA 22 -21.33 -60.16 59.24
N LEU JA 23 -21.73 -59.78 58.03
CA LEU JA 23 -21.95 -60.80 57.00
C LEU JA 23 -20.63 -61.40 56.53
N ALA JA 24 -19.58 -60.59 56.43
CA ALA JA 24 -18.29 -61.14 56.03
C ALA JA 24 -17.76 -62.13 57.05
N VAL JA 25 -17.99 -61.86 58.34
CA VAL JA 25 -17.48 -62.75 59.37
C VAL JA 25 -18.19 -64.10 59.34
N ARG JA 26 -19.51 -64.08 59.21
CA ARG JA 26 -20.29 -65.31 59.18
C ARG JA 26 -20.51 -65.82 57.75
N ARG JA 27 -19.65 -65.42 56.81
CA ARG JA 27 -19.63 -65.94 55.44
C ARG JA 27 -21.01 -65.87 54.78
N GLY JA 28 -21.66 -64.72 54.93
CA GLY JA 28 -23.00 -64.55 54.40
C GLY JA 28 -23.02 -64.26 52.91
N ASN JA 29 -24.23 -64.07 52.42
CA ASN JA 29 -24.48 -63.97 50.99
C ASN JA 29 -24.23 -62.55 50.47
N LEU JA 30 -22.99 -62.08 50.67
CA LEU JA 30 -22.57 -60.77 50.18
C LEU JA 30 -22.49 -60.73 48.66
N THR KA 1 38.25 -5.15 53.36
CA THR KA 1 36.93 -4.78 53.88
C THR KA 1 35.88 -5.81 53.46
N ILE KA 2 35.37 -6.57 54.43
CA ILE KA 2 34.35 -7.58 54.19
C ILE KA 2 33.03 -7.04 54.72
N THR KA 3 32.14 -6.66 53.81
CA THR KA 3 30.85 -6.13 54.20
C THR KA 3 29.97 -7.26 54.73
N PRO KA 4 28.88 -6.93 55.44
CA PRO KA 4 27.95 -7.99 55.85
C PRO KA 4 27.43 -8.83 54.70
N SER KA 5 27.14 -8.24 53.55
CA SER KA 5 26.61 -9.05 52.46
C SER KA 5 27.68 -9.96 51.86
N LEU KA 6 28.95 -9.55 51.91
CA LEU KA 6 30.01 -10.47 51.49
C LEU KA 6 30.14 -11.64 52.46
N LYS KA 7 30.05 -11.36 53.75
CA LYS KA 7 29.98 -12.44 54.73
C LYS KA 7 28.78 -13.33 54.45
N GLY KA 8 27.63 -12.73 54.16
CA GLY KA 8 26.47 -13.51 53.77
C GLY KA 8 26.73 -14.34 52.52
N PHE KA 9 27.42 -13.76 51.53
CA PHE KA 9 27.75 -14.50 50.32
C PHE KA 9 28.57 -15.75 50.66
N PHE KA 10 29.58 -15.59 51.51
CA PHE KA 10 30.40 -16.73 51.89
C PHE KA 10 29.57 -17.77 52.65
N ILE KA 11 28.63 -17.32 53.48
CA ILE KA 11 27.76 -18.25 54.19
C ILE KA 11 26.93 -19.05 53.20
N GLY KA 12 26.33 -18.35 52.23
CA GLY KA 12 25.57 -19.06 51.21
C GLY KA 12 26.44 -20.03 50.43
N LEU KA 13 27.65 -19.61 50.06
CA LEU KA 13 28.53 -20.46 49.28
C LEU KA 13 28.90 -21.73 50.05
N LEU KA 14 29.41 -21.58 51.26
CA LEU KA 14 29.78 -22.75 52.05
CA LEU KA 14 29.78 -22.76 52.03
C LEU KA 14 28.57 -23.64 52.30
N SER KA 15 27.42 -23.03 52.57
CA SER KA 15 26.19 -23.80 52.80
C SER KA 15 25.85 -24.66 51.60
N GLY KA 16 25.94 -24.07 50.40
CA GLY KA 16 25.67 -24.84 49.20
C GLY KA 16 26.67 -25.95 48.97
N ALA KA 17 27.94 -25.67 49.23
CA ALA KA 17 28.96 -26.70 49.07
C ALA KA 17 28.73 -27.85 50.03
N VAL KA 18 28.33 -27.55 51.27
CA VAL KA 18 28.07 -28.60 52.26
C VAL KA 18 26.92 -29.49 51.80
N VAL KA 19 25.82 -28.88 51.36
CA VAL KA 19 24.66 -29.66 50.90
C VAL KA 19 25.08 -30.57 49.75
N LEU KA 20 25.78 -30.02 48.76
CA LEU KA 20 26.22 -30.85 47.63
C LEU KA 20 27.26 -31.88 48.05
N GLY KA 21 28.24 -31.47 48.85
CA GLY KA 21 29.27 -32.40 49.29
C GLY KA 21 28.69 -33.59 50.04
N LEU KA 22 27.83 -33.31 51.02
CA LEU KA 22 27.19 -34.40 51.77
C LEU KA 22 26.32 -35.25 50.87
N THR KA 23 25.57 -34.63 49.96
CA THR KA 23 24.72 -35.41 49.06
C THR KA 23 25.55 -36.42 48.28
N PHE KA 24 26.66 -35.97 47.70
CA PHE KA 24 27.44 -36.89 46.87
C PHE KA 24 28.20 -37.91 47.70
N ALA KA 25 28.74 -37.50 48.84
CA ALA KA 25 29.41 -38.47 49.72
C ALA KA 25 28.46 -39.58 50.13
N VAL KA 26 27.22 -39.23 50.48
CA VAL KA 26 26.23 -40.22 50.86
C VAL KA 26 25.88 -41.11 49.67
N LEU KA 27 25.58 -40.49 48.53
CA LEU KA 27 25.24 -41.27 47.35
C LEU KA 27 26.38 -42.20 46.96
N ILE KA 28 27.61 -41.68 46.95
CA ILE KA 28 28.76 -42.52 46.63
C ILE KA 28 28.88 -43.64 47.65
N ALA KA 29 28.74 -43.32 48.94
CA ALA KA 29 28.83 -44.35 49.98
C ALA KA 29 27.80 -45.45 49.76
N ILE KA 30 26.54 -45.06 49.54
CA ILE KA 30 25.48 -46.04 49.32
C ILE KA 30 25.79 -46.88 48.08
N SER KA 31 26.23 -46.24 46.99
CA SER KA 31 26.49 -46.97 45.75
C SER KA 31 27.63 -47.97 45.91
N GLN KA 32 28.61 -47.68 46.79
CA GLN KA 32 29.71 -48.61 47.00
C GLN KA 32 29.26 -49.82 47.82
N ILE KA 33 28.31 -49.61 48.74
CA ILE KA 33 27.82 -50.69 49.57
C ILE KA 33 26.91 -51.60 48.76
N ASP KA 34 26.00 -51.00 48.01
CA ASP KA 34 24.86 -51.65 47.40
C ASP KA 34 25.11 -51.79 45.90
N LYS KA 35 26.12 -52.59 45.55
CA LYS KA 35 26.54 -52.69 44.15
C LYS KA 35 25.63 -53.62 43.35
N VAL KA 36 25.54 -53.33 42.04
CA VAL KA 36 24.81 -54.17 41.09
C VAL KA 36 25.65 -55.37 40.70
N GLN KA 37 25.02 -56.54 40.62
CA GLN KA 37 25.70 -57.78 40.31
C GLN KA 37 25.78 -57.99 38.80
N ARG KA 38 26.98 -58.31 38.32
CA ARG KA 38 27.20 -58.62 36.91
C ARG KA 38 27.81 -60.01 36.75
N THR LA 2 -46.13 -37.45 79.95
CA THR LA 2 -45.19 -36.93 78.97
C THR LA 2 -43.98 -37.84 78.88
N ILE LA 3 -43.52 -38.31 80.05
CA ILE LA 3 -42.41 -39.26 80.09
C ILE LA 3 -42.83 -40.60 79.51
N LEU LA 4 -44.07 -41.03 79.79
CA LEU LA 4 -44.59 -42.27 79.23
C LEU LA 4 -44.50 -42.26 77.71
N PHE LA 5 -44.99 -41.19 77.10
CA PHE LA 5 -44.87 -41.04 75.65
C PHE LA 5 -43.42 -41.07 75.22
N GLN LA 6 -42.55 -40.37 75.96
CA GLN LA 6 -41.13 -40.32 75.61
C GLN LA 6 -40.51 -41.70 75.57
N LEU LA 7 -40.96 -42.61 76.45
CA LEU LA 7 -40.40 -43.96 76.47
C LEU LA 7 -40.79 -44.74 75.23
N ALA LA 8 -42.06 -44.69 74.83
CA ALA LA 8 -42.52 -45.46 73.67
C ALA LA 8 -41.80 -45.02 72.40
N LEU LA 9 -41.63 -43.71 72.21
CA LEU LA 9 -40.91 -43.21 71.04
C LEU LA 9 -39.46 -43.65 71.05
N ALA LA 10 -38.81 -43.59 72.22
CA ALA LA 10 -37.44 -44.09 72.33
C ALA LA 10 -37.37 -45.59 72.02
N ALA LA 11 -38.36 -46.35 72.48
CA ALA LA 11 -38.42 -47.77 72.17
C ALA LA 11 -38.48 -47.99 70.66
N LEU LA 12 -39.34 -47.22 69.98
CA LEU LA 12 -39.43 -47.31 68.53
C LEU LA 12 -38.08 -47.03 67.88
N VAL LA 13 -37.37 -46.01 68.35
CA VAL LA 13 -36.07 -45.67 67.78
C VAL LA 13 -35.07 -46.82 67.97
N ILE LA 14 -35.06 -47.41 69.17
CA ILE LA 14 -34.15 -48.52 69.47
C ILE LA 14 -34.50 -49.74 68.63
N LEU LA 15 -35.77 -50.15 68.67
CA LEU LA 15 -36.21 -51.26 67.83
C LEU LA 15 -35.88 -51.00 66.36
N SER LA 16 -36.05 -49.75 65.90
CA SER LA 16 -35.73 -49.42 64.52
C SER LA 16 -34.26 -49.68 64.22
N PHE LA 17 -33.37 -49.20 65.10
CA PHE LA 17 -31.94 -49.39 64.89
C PHE LA 17 -31.56 -50.87 64.91
N VAL LA 18 -32.24 -51.66 65.75
CA VAL LA 18 -31.97 -53.09 65.80
C VAL LA 18 -32.42 -53.76 64.51
N MET LA 19 -33.60 -53.38 64.00
CA MET LA 19 -34.07 -53.94 62.73
C MET LA 19 -33.18 -53.53 61.57
N VAL LA 20 -32.72 -52.27 61.56
CA VAL LA 20 -31.96 -51.76 60.44
C VAL LA 20 -30.70 -52.58 60.22
N ILE LA 21 -30.08 -53.03 61.31
CA ILE LA 21 -28.92 -53.91 61.17
C ILE LA 21 -29.34 -55.36 61.09
N GLY LA 22 -30.37 -55.75 61.85
CA GLY LA 22 -30.68 -57.16 62.00
C GLY LA 22 -31.31 -57.80 60.77
N VAL LA 23 -32.19 -57.06 60.09
CA VAL LA 23 -32.93 -57.61 58.96
C VAL LA 23 -32.01 -57.93 57.77
N PRO LA 24 -31.12 -57.04 57.34
CA PRO LA 24 -30.22 -57.43 56.24
C PRO LA 24 -29.30 -58.58 56.60
N VAL LA 25 -28.81 -58.60 57.84
CA VAL LA 25 -27.94 -59.70 58.26
C VAL LA 25 -28.71 -61.01 58.24
N ALA LA 26 -29.88 -61.04 58.86
CA ALA LA 26 -30.70 -62.25 58.85
C ALA LA 26 -31.02 -62.70 57.43
N TYR LA 27 -31.47 -61.77 56.58
CA TYR LA 27 -31.86 -62.15 55.22
C TYR LA 27 -30.71 -62.73 54.42
N ALA LA 28 -29.46 -62.40 54.76
CA ALA LA 28 -28.31 -62.86 53.99
C ALA LA 28 -27.45 -63.86 54.74
N SER LA 29 -27.91 -64.33 55.91
CA SER LA 29 -27.24 -65.31 56.78
C SER LA 29 -27.74 -66.72 56.48
N PRO LA 30 -26.81 -67.67 56.43
CA PRO LA 30 -27.20 -69.06 56.15
C PRO LA 30 -27.91 -69.74 57.32
N GLN LA 31 -27.29 -69.74 58.49
CA GLN LA 31 -27.81 -70.50 59.61
C GLN LA 31 -28.88 -69.72 60.36
N ASP LA 32 -29.61 -70.43 61.23
CA ASP LA 32 -30.63 -69.87 62.12
C ASP LA 32 -31.68 -69.08 61.37
N TRP LA 33 -31.89 -69.37 60.08
CA TRP LA 33 -32.89 -68.64 59.32
C TRP LA 33 -34.30 -68.90 59.85
N ASP LA 34 -34.59 -70.13 60.25
CA ASP LA 34 -35.89 -70.42 60.83
C ASP LA 34 -36.13 -69.57 62.07
N ARG LA 35 -35.12 -69.45 62.94
CA ARG LA 35 -35.24 -68.59 64.11
C ARG LA 35 -35.31 -67.12 63.70
N SER LA 36 -34.54 -66.73 62.67
CA SER LA 36 -34.54 -65.33 62.24
C SER LA 36 -35.89 -64.93 61.68
N LYS LA 37 -36.53 -65.81 60.90
CA LYS LA 37 -37.80 -65.48 60.26
C LYS LA 37 -38.85 -65.11 61.31
N GLN LA 38 -38.95 -65.90 62.38
CA GLN LA 38 -39.90 -65.57 63.44
C GLN LA 38 -39.50 -64.30 64.18
N LEU LA 39 -38.20 -64.09 64.40
CA LEU LA 39 -37.74 -62.84 65.00
C LEU LA 39 -38.15 -61.65 64.16
N ILE LA 40 -37.94 -61.73 62.84
CA ILE LA 40 -38.28 -60.62 61.96
C ILE LA 40 -39.78 -60.36 61.97
N PHE LA 41 -40.59 -61.43 61.98
CA PHE LA 41 -42.02 -61.28 62.20
C PHE LA 41 -42.29 -60.54 63.51
N LEU LA 42 -41.66 -61.01 64.60
CA LEU LA 42 -41.86 -60.38 65.90
C LEU LA 42 -41.45 -58.92 65.89
N GLY LA 43 -40.20 -58.64 65.46
CA GLY LA 43 -39.75 -57.26 65.40
C GLY LA 43 -40.67 -56.37 64.59
N SER LA 44 -41.12 -56.87 63.44
CA SER LA 44 -41.99 -56.09 62.57
C SER LA 44 -43.31 -55.74 63.25
N GLY LA 45 -43.96 -56.74 63.84
CA GLY LA 45 -45.22 -56.48 64.51
C GLY LA 45 -45.09 -55.54 65.68
N LEU LA 46 -43.99 -55.66 66.44
CA LEU LA 46 -43.77 -54.72 67.54
C LEU LA 46 -43.52 -53.32 67.01
N TRP LA 47 -42.81 -53.19 65.87
CA TRP LA 47 -42.55 -51.88 65.28
C TRP LA 47 -43.86 -51.19 64.91
N ILE LA 48 -44.71 -51.89 64.17
CA ILE LA 48 -46.02 -51.34 63.80
C ILE LA 48 -46.79 -50.91 65.03
N ALA LA 49 -46.79 -51.73 66.08
CA ALA LA 49 -47.51 -51.41 67.30
C ALA LA 49 -46.97 -50.13 67.94
N LEU LA 50 -45.65 -49.98 67.98
CA LEU LA 50 -45.07 -48.79 68.61
C LEU LA 50 -45.39 -47.51 67.83
N VAL LA 51 -45.45 -47.59 66.49
CA VAL LA 51 -45.85 -46.43 65.71
C VAL LA 51 -47.26 -46.00 66.08
N LEU LA 52 -48.18 -46.96 66.19
CA LEU LA 52 -49.54 -46.64 66.60
C LEU LA 52 -49.58 -46.09 68.01
N VAL LA 53 -48.78 -46.67 68.92
CA VAL LA 53 -48.72 -46.18 70.29
C VAL LA 53 -48.25 -44.73 70.32
N VAL LA 54 -47.14 -44.43 69.62
CA VAL LA 54 -46.63 -43.07 69.60
C VAL LA 54 -47.64 -42.13 68.95
N GLY LA 55 -48.30 -42.58 67.88
CA GLY LA 55 -49.30 -41.75 67.22
C GLY LA 55 -50.47 -41.41 68.12
N VAL LA 56 -50.98 -42.39 68.85
CA VAL LA 56 -52.07 -42.13 69.78
C VAL LA 56 -51.60 -41.25 70.92
N LEU LA 57 -50.47 -41.62 71.54
CA LEU LA 57 -49.96 -40.86 72.68
C LEU LA 57 -49.56 -39.44 72.29
N ASN LA 58 -49.23 -39.21 71.01
CA ASN LA 58 -48.90 -37.86 70.55
C ASN LA 58 -49.93 -36.85 71.03
N PHE LA 59 -51.21 -37.21 70.95
CA PHE LA 59 -52.28 -36.27 71.22
C PHE LA 59 -52.53 -36.04 72.70
N PHE LA 60 -51.70 -36.63 73.57
CA PHE LA 60 -51.72 -36.34 75.00
C PHE LA 60 -50.53 -35.52 75.45
N VAL LA 61 -49.54 -35.28 74.60
CA VAL LA 61 -48.44 -34.39 74.93
C VAL LA 61 -48.30 -33.28 73.89
N ASP MA 2 -13.05 23.09 -73.18
CA ASP MA 2 -11.83 23.85 -73.03
C ASP MA 2 -10.78 23.41 -74.06
N TRP MA 3 -10.18 24.39 -74.75
CA TRP MA 3 -9.12 24.09 -75.71
C TRP MA 3 -7.91 23.45 -75.02
N ARG MA 4 -7.65 23.82 -73.76
CA ARG MA 4 -6.46 23.36 -73.06
C ARG MA 4 -6.45 21.85 -72.85
N VAL MA 5 -7.63 21.21 -72.85
CA VAL MA 5 -7.68 19.75 -72.73
C VAL MA 5 -7.26 19.09 -74.04
N LEU MA 6 -7.69 19.66 -75.18
CA LEU MA 6 -7.28 19.12 -76.46
C LEU MA 6 -5.81 19.39 -76.74
N VAL MA 7 -5.28 20.50 -76.21
CA VAL MA 7 -3.86 20.82 -76.39
C VAL MA 7 -2.99 19.91 -75.54
N VAL MA 8 -3.47 19.50 -74.36
CA VAL MA 8 -2.71 18.64 -73.47
C VAL MA 8 -2.89 17.15 -73.81
N LEU MA 9 -4.08 16.74 -74.25
CA LEU MA 9 -4.31 15.34 -74.57
C LEU MA 9 -3.82 14.94 -75.97
N LEU MA 10 -3.70 15.91 -76.89
CA LEU MA 10 -3.23 15.57 -78.24
C LEU MA 10 -1.81 15.02 -78.26
N PRO MA 11 -0.85 15.53 -77.48
CA PRO MA 11 0.44 14.82 -77.40
C PRO MA 11 0.31 13.38 -76.94
N VAL MA 12 -0.48 13.13 -75.89
CA VAL MA 12 -0.64 11.76 -75.40
C VAL MA 12 -1.43 10.91 -76.39
N LEU MA 13 -2.37 11.53 -77.12
CA LEU MA 13 -3.16 10.77 -78.08
C LEU MA 13 -2.35 10.41 -79.32
N LEU MA 14 -1.44 11.30 -79.75
CA LEU MA 14 -0.59 10.99 -80.89
C LEU MA 14 0.42 9.90 -80.57
N ALA MA 15 0.74 9.72 -79.28
CA ALA MA 15 1.68 8.69 -78.89
C ALA MA 15 1.02 7.30 -78.87
N ALA MA 16 -0.22 7.22 -78.41
CA ALA MA 16 -0.93 5.95 -78.42
C ALA MA 16 -1.23 5.46 -79.84
N GLY MA 17 -1.28 6.36 -80.81
CA GLY MA 17 -1.50 5.97 -82.19
C GLY MA 17 -0.25 5.40 -82.85
N TRP MA 18 0.91 5.99 -82.54
CA TRP MA 18 2.15 5.51 -83.12
C TRP MA 18 2.61 4.20 -82.50
N ALA MA 19 2.15 3.90 -81.29
CA ALA MA 19 2.60 2.69 -80.60
C ALA MA 19 1.78 1.48 -81.00
N VAL MA 20 0.48 1.66 -81.27
CA VAL MA 20 -0.31 0.57 -81.82
C VAL MA 20 0.06 0.32 -83.27
N ARG MA 21 0.53 1.36 -83.97
CA ARG MA 21 0.88 1.22 -85.38
C ARG MA 21 2.11 0.33 -85.55
N ASN MA 22 3.11 0.47 -84.68
CA ASN MA 22 4.31 -0.34 -84.74
C ASN MA 22 4.18 -1.65 -83.96
N ILE MA 23 3.09 -1.84 -83.22
CA ILE MA 23 2.84 -3.08 -82.49
C ILE MA 23 1.71 -3.88 -83.11
N LEU MA 24 1.02 -3.32 -84.11
CA LEU MA 24 -0.07 -4.05 -84.76
C LEU MA 24 0.38 -5.34 -85.41
N PRO MA 25 1.54 -5.41 -86.08
CA PRO MA 25 1.98 -6.70 -86.63
C PRO MA 25 2.24 -7.76 -85.58
N TYR MA 26 2.35 -7.35 -84.31
CA TYR MA 26 2.63 -8.28 -83.22
C TYR MA 26 1.52 -8.32 -82.17
N ALA MA 27 0.60 -7.36 -82.16
CA ALA MA 27 -0.52 -7.40 -81.22
C ALA MA 27 -1.60 -8.36 -81.72
N VAL MA 28 -1.94 -8.28 -83.01
CA VAL MA 28 -2.90 -9.21 -83.59
C VAL MA 28 -2.29 -10.62 -83.68
N LYS MA 29 -0.97 -10.71 -83.84
CA LYS MA 29 -0.30 -12.01 -83.84
C LYS MA 29 -0.47 -12.70 -82.49
N GLN MA 30 -0.24 -11.96 -81.39
CA GLN MA 30 -0.49 -12.52 -80.06
C GLN MA 30 -1.96 -12.84 -79.86
N VAL MA 31 -2.86 -12.04 -80.42
CA VAL MA 31 -4.29 -12.22 -80.20
C VAL MA 31 -4.78 -13.50 -80.88
N GLN MA 32 -4.33 -13.76 -82.10
CA GLN MA 32 -4.76 -14.94 -82.83
C GLN MA 32 -4.22 -16.25 -82.25
N LYS MA 33 -3.20 -16.18 -81.39
CA LYS MA 33 -2.63 -17.39 -80.81
C LYS MA 33 -3.49 -17.93 -79.67
N LEU MA 34 -3.93 -17.05 -78.77
CA LEU MA 34 -4.77 -17.48 -77.65
C LEU MA 34 -6.10 -18.03 -78.15
N LEU MA 35 -6.73 -17.31 -79.07
CA LEU MA 35 -8.02 -17.71 -79.61
C LEU MA 35 -7.86 -18.66 -80.79
#